data_3DY4
#
_entry.id   3DY4
#
_cell.length_a   135.160
_cell.length_b   301.973
_cell.length_c   144.050
_cell.angle_alpha   90.00
_cell.angle_beta   112.86
_cell.angle_gamma   90.00
#
_symmetry.space_group_name_H-M   'P 1 21 1'
#
loop_
_entity.id
_entity.type
_entity.pdbx_description
1 polymer 'Proteasome component Y7'
2 polymer 'Proteasome component Y13'
3 polymer 'Proteasome component PRE6'
4 polymer 'Proteasome component PUP2'
5 polymer 'Proteasome component PRE5'
6 polymer 'Proteasome component C1'
7 polymer 'Proteasome component C7-alpha'
8 polymer 'Proteasome component PUP1'
9 polymer 'Proteasome component PUP3'
10 polymer 'Proteasome component C11'
11 polymer 'Proteasome component PRE2'
12 polymer 'Proteasome component C5'
13 polymer 'Proteasome component PRE4'
14 polymer 'Proteasome component PRE3'
15 non-polymer 'Omuralide, open form'
16 water water
#
loop_
_entity_poly.entity_id
_entity_poly.type
_entity_poly.pdbx_seq_one_letter_code
_entity_poly.pdbx_strand_id
1 'polypeptide(L)'
;MTDRYSFSLTTFSPSGKLGQIDYALTAVKQGVTSLGIKATNGVVIATEKKSSSPLAMSETLSKVSLLTPDIGAVYSGMGP
DYRVLVDKSRKVAHTSYKRIYGEYPPTKLLVSEVAKIMQEATQSGGVRPFGVSLLIAGHDEFNGFSLYQVDPSGSYFPWK
ATAIGKGSVAAKTFLEKRWNDELELEDAIHIALLTLKESVEGEFNGDTIELAIIGDENPDLLGYTGIPTDKGPRFRKLTS
QEINDRLEAL
;
A,O
2 'polypeptide(L)'
;GSRRYDSRTTIFSPEGRLYQVEYALESISHAGTAIGIMASDGIVLAAERKVTSTLLEQDTSTEKLYKLNDKIAVAVAGLT
ADAEILINTARIHAQNYLKTYNEDIPVEILVRRLSDIKQGYTQHGGLRPFGVSFIYAGYDDRYGYQLYTSNPSGNYTGWK
AISVGANTSAAQTLLQMDYKDDMKVDDAIELALKTLSKTTDSSALTYDRLEFATIRKGANDGEVYQKIFKPQEIKDILVK
TGIT
;
B,P
3 'polypeptide(L)'
;GYDRALSIFSPDGHIFQVEYALEAVKRGTCAVGVKGKNCVVLGCERRSTLKLQDTRITPSKVSKIDSHVVLSFSGLNADS
RILIEKARVEAQSHRLTLEDPVTVEYLTRYVAGVQQRYTQSGGVRPFGVSTLIAGFDPRDDEPKLYQTEPSGIYSSWSAQ
TIGRNSKTVREFLEKNYDRKEPPATVEECVKLTVRSLLEVVQTGAKNIEITVVKPDSDIVALSSEEINQYVTQIEQEKQE
Q
;
C,Q
4 'polypeptide(L)'
;DRGVSTFSPEGRLFQVEYSLEAIKLGSTAIGIATKEGVVLGVEKRATSPLLESDSIEKIVEIDRHIGCAMSGLTADARSM
IEHARTAAVTHNLYYDEDINVESLTQSVCDLALRFGEGASGEERLMSRPFGVALLIAGHDADDGYQLFHAEPSGTFYRYN
AKAIGSGSEGAQAELLNEWHSSLTLKEAELLVLKILKQVMEEKLDENNAQLSCITKQDGFKIYDNEKTAELIKELKEKEA
AE
;
D,R
5 'polypeptide(L)'
;FRNNYDGDTVTFSPTGRLFQVEYALEAIKQGSVTVGLRSNTHAVLVALKRNADELSSYQKKIIKCDEHMGLSLAGLAPDA
RVLSNYLRQQCNYSSLVFNRKLAVERAGHLLCDKAQKNTQSYGGRPYGVGLLIIGYDKSGAHLLEFQPSGNVTELYGTAI
GARSQGAKTYLERTLDTFIKIDGNPDELIKAGVEAISQSLRDESLTVDNLSIAIVGKDTPFTIYDGEAVAKYI
;
E,S
6 'polypeptide(L)'
;GTGYDLSNSVFSPDGRNFQVEYAVKAVENGTTSIGIKCNDGVVFAVEKLITSKLLVPQKNVKIQVVDRHIGCVYSGLIPD
GRHLVNRGREEAASFKKLYKTPIPIPAFADRLGQYVQAHTLYNSVRPFGVSTIFGGVDKNGAHLYMLEPSGSYWGYKGAA
TGKGRQSAKAELEKLVDHHPEGLSAREAVKQAAKIIYLAHEDNKEKDFELEISWCSLSETNGLHKFVKGDLLQEAIDFAQ
KEIN
;
F,T
7 'polypeptide(L)'
;AGYDRHITIFSPEGRLYQVEYAFKATNQTNINSLAVRGKDCTVVISQKKVPDKLLDPTTVSYIFCISRTIGMVVNGPIPD
ARNAALRAKAEAAEFRYKYGYDMPCDVLAKRMANLSQIYTQRAYMRPLGVILTFVSVDEELGPSIYKTDPAGYYVGYKAT
ATGPKQQEITTNLENHFKKSKIDHINEESWEKVVEFAITHMIDALGTEFSKNDLEVGVATKDKFFTLSAENIEERLVAIA
EQD
;
G,U
8 'polypeptide(L)'
;TTIVGVKFNNGVVIAADTRSTQGPIVADKNCAKLHRISPKIWCAGAGTAADTEAVTQLIGSNIELHSLYTSREPRVVSAL
QMLKQHLFKYQGHIGAYLIVAGVDPTGSHLFSIHAHGSTDVGYYLSLGSGSLAAMAVLESHWKQDLTKEEAIKLASDAIQ
AGIWNDLGSGSNVDVCVMEIGKDAEYLRNYLTPNVREEKQKSYKFPRGTTAVLKESIVNICD
;
H,V
9 'polypeptide(L)'
;SDPSSINGGIVVAMTGKDCVAIACDLRLGSQSLGVSNKFEKIFHYGHVFLGITGLATDVTTLNEMFRYKTNLYKLKEERA
IEPETFTQLVSSSLYERRFGPYFVGPVVAGINSKSGKPFIAGFDLIGCIDEAKDFIVSGTASDQLFGMCESLYEPNLEPE
DLFETISQALLNAADRDALSGWGAVVYIIKKDEVVKRYLKMRQD
;
I,W
10 'polypeptide(L)'
;MDIILGIRVQDSVILASSKAVTRGISVLKDSDDKTRQLSPHTLMSFAGEAGDTVQFAEYIQANIQLYSIREDYELSPQAV
SSFVRQELAKSIRSRRPYQVNVLIGGYDKKKNKPELYQIDYLGTKVELPYGAHGYSGFYTFSLLDHHYRPDMTTEEGLDL
LKLCVQELEKRMPMDFKGVIVKIVDKDGIRQVDDFQAQ
;
J,X
11 'polypeptide(L)'
;TTTLAFRFQGGIIVAVDSRATAGNWVASQTVKKVIEINPFLLGTMAGGAADCQFWETWLGSQCRLHELREKERISVAAAS
KILSNLVYQYKGAGLSMGTMICGYTRKEGPTIYYVDSDGTRLKGDIFCVGSGQTFAYGVLDSNYKWDLSVEDALYLGKRS
ILAAAHRDAYSGGSVNLYHVTEDGWIYHGNHDVGELFWKVKEEEGSFNNVIG
;
K,Y
12 'polypeptide(L)'
;QFNPYGDNGGTILGIAGEDFAVLAGDTRNITDYSINSRYEPKVFDCGDNIVMSANGFAADGDALVKRFKNSVKWYHFDHN
DKKLSINSAARNIQHLLYGKRFFPYYVHTIIAGLDEDGKGAVYSFDPVGSYEREQCRAGGAAASLIMPFLDNQVNFKNQY
EPGTNGKVKKPLKYLSVEEVIKLVRDSFTSATERHIQVGDGLEILIVTKDGVRKEFYELKRD
;
L,Z
13 'polypeptide(L)'
;TQQPIVTGTSVISMKYDNGVIIAADNLGSYGSLLRFNGVERLIPVGDNTVVGISGDISDMQHIERLLKDLVTENAYDNPL
ADAEEALEPSYIFEYLATVMYQRRSKMNPLWNAIIVAGVQSNGDQFLRYVNLLGVTYSSPTLATGFGAHMANPLLRKVVD
RESDIPKTTVQVAEEAIVNAMRVLYYRDARSSRNFSLAIIDKNTGLTFKKNLQVENMKWDFAKDIKGYGTQKI
;
M,1
14 'polypeptide(L)'
;TSIMAVTFKDGVILGADSRTTTGAYIANRVTDKLTRVHDKIWCCRSGSAADTQAIADIVQYHLELYTSQYGTPSTETAAS
VFKELCYENKDNLTAGIIVAGYDDKNKGEVYTIPLGGSVHKLPYAIAGSGSTFIYGYCDKNFRENMSKEETVDFIKHSLS
QAIKWDGSSGGVIRMVVLTAAGVERLIFYPDEYEQL
;
N,2
#
loop_
_chem_comp.id
_chem_comp.type
_chem_comp.name
_chem_comp.formula
SLA non-polymer 'Omuralide, open form' 'C10 H17 N O4'
#
# COMPACT_ATOMS: atom_id res chain seq x y z
N MET A 1 -28.51 -43.22 -21.05
CA MET A 1 -28.14 -42.31 -22.17
C MET A 1 -26.67 -42.56 -22.49
N THR A 2 -25.91 -41.48 -22.59
CA THR A 2 -24.49 -41.53 -22.89
C THR A 2 -24.18 -42.52 -24.00
N ASP A 3 -23.85 -41.95 -25.16
CA ASP A 3 -23.52 -42.74 -26.33
C ASP A 3 -22.52 -43.79 -25.90
N ARG A 4 -22.94 -45.05 -25.94
CA ARG A 4 -22.08 -46.16 -25.55
C ARG A 4 -21.54 -46.81 -26.80
N TYR A 5 -21.72 -46.14 -27.92
CA TYR A 5 -21.26 -46.61 -29.21
C TYR A 5 -19.89 -46.02 -29.46
N SER A 6 -18.95 -46.41 -28.59
CA SER A 6 -17.57 -45.94 -28.64
C SER A 6 -16.68 -46.75 -29.59
N PHE A 7 -17.24 -47.80 -30.18
CA PHE A 7 -16.51 -48.66 -31.11
C PHE A 7 -16.85 -48.38 -32.57
N SER A 8 -16.02 -48.90 -33.48
CA SER A 8 -16.24 -48.69 -34.90
C SER A 8 -17.46 -49.44 -35.43
N LEU A 9 -18.21 -48.78 -36.30
CA LEU A 9 -19.38 -49.41 -36.92
C LEU A 9 -18.98 -49.88 -38.31
N THR A 10 -17.77 -49.50 -38.72
CA THR A 10 -17.24 -49.89 -40.03
C THR A 10 -15.97 -50.69 -39.72
N THR A 11 -15.97 -51.97 -40.04
CA THR A 11 -14.80 -52.79 -39.79
C THR A 11 -14.38 -53.58 -41.02
N PHE A 12 -13.31 -54.35 -40.90
CA PHE A 12 -12.82 -55.13 -42.03
C PHE A 12 -13.49 -56.51 -42.09
N SER A 13 -13.92 -56.92 -43.27
CA SER A 13 -14.52 -58.22 -43.44
C SER A 13 -13.35 -59.14 -43.82
N PRO A 14 -13.51 -60.46 -43.67
CA PRO A 14 -12.41 -61.34 -44.03
C PRO A 14 -11.85 -61.12 -45.42
N SER A 15 -12.66 -60.58 -46.33
CA SER A 15 -12.20 -60.35 -47.68
C SER A 15 -11.41 -59.04 -47.82
N GLY A 16 -11.34 -58.29 -46.73
CA GLY A 16 -10.61 -57.04 -46.74
C GLY A 16 -11.48 -55.87 -47.16
N LYS A 17 -12.78 -56.10 -47.22
CA LYS A 17 -13.72 -55.06 -47.62
C LYS A 17 -14.23 -54.32 -46.41
N LEU A 18 -14.52 -53.04 -46.59
CA LEU A 18 -15.08 -52.22 -45.52
C LEU A 18 -16.54 -51.99 -45.91
N GLY A 19 -17.38 -52.96 -45.54
CA GLY A 19 -18.80 -52.93 -45.84
C GLY A 19 -19.50 -51.60 -45.90
N GLN A 20 -19.60 -50.94 -44.76
CA GLN A 20 -20.29 -49.66 -44.71
C GLN A 20 -19.86 -48.69 -45.80
N ILE A 21 -18.57 -48.65 -46.13
CA ILE A 21 -18.09 -47.77 -47.19
C ILE A 21 -18.63 -48.23 -48.54
N ASP A 22 -18.60 -49.54 -48.75
CA ASP A 22 -19.12 -50.10 -49.99
C ASP A 22 -20.58 -49.73 -50.12
N TYR A 23 -21.36 -50.03 -49.09
CA TYR A 23 -22.79 -49.72 -49.12
C TYR A 23 -23.02 -48.23 -49.37
N ALA A 24 -22.26 -47.39 -48.71
CA ALA A 24 -22.38 -45.96 -48.89
C ALA A 24 -22.25 -45.66 -50.39
N LEU A 25 -21.21 -46.22 -51.00
CA LEU A 25 -20.98 -46.03 -52.43
C LEU A 25 -22.19 -46.45 -53.25
N THR A 26 -22.83 -47.52 -52.83
CA THR A 26 -24.03 -48.03 -53.50
C THR A 26 -25.08 -46.94 -53.49
N ALA A 27 -25.30 -46.38 -52.30
CA ALA A 27 -26.26 -45.31 -52.12
C ALA A 27 -25.95 -44.15 -53.05
N VAL A 28 -24.67 -44.00 -53.40
CA VAL A 28 -24.28 -42.93 -54.30
C VAL A 28 -24.66 -43.23 -55.74
N LYS A 29 -24.52 -44.50 -56.15
CA LYS A 29 -24.88 -44.91 -57.49
C LYS A 29 -26.36 -44.70 -57.75
N GLN A 30 -27.16 -44.86 -56.71
CA GLN A 30 -28.60 -44.68 -56.80
C GLN A 30 -28.97 -43.22 -56.98
N GLY A 31 -28.09 -42.34 -56.49
CA GLY A 31 -28.36 -40.92 -56.57
C GLY A 31 -28.45 -40.32 -57.96
N VAL A 32 -29.07 -39.15 -58.03
CA VAL A 32 -29.21 -38.44 -59.29
C VAL A 32 -27.83 -38.04 -59.82
N THR A 33 -27.67 -38.14 -61.14
CA THR A 33 -26.42 -37.79 -61.78
C THR A 33 -26.03 -36.33 -61.57
N SER A 34 -24.72 -36.08 -61.48
CA SER A 34 -24.13 -34.74 -61.33
C SER A 34 -22.75 -34.85 -61.97
N LEU A 35 -22.27 -33.79 -62.61
CA LEU A 35 -20.98 -33.85 -63.28
C LEU A 35 -20.14 -32.59 -63.17
N GLY A 36 -18.91 -32.68 -63.67
CA GLY A 36 -17.99 -31.55 -63.65
C GLY A 36 -17.08 -31.54 -64.86
N ILE A 37 -16.84 -30.36 -65.42
CA ILE A 37 -15.97 -30.22 -66.58
C ILE A 37 -15.03 -29.05 -66.41
N LYS A 38 -13.74 -29.33 -66.50
CA LYS A 38 -12.75 -28.28 -66.37
C LYS A 38 -12.32 -27.79 -67.73
N ALA A 39 -12.37 -26.48 -67.94
CA ALA A 39 -11.95 -25.88 -69.20
C ALA A 39 -10.64 -25.15 -68.92
N THR A 40 -10.14 -24.41 -69.90
CA THR A 40 -8.89 -23.69 -69.71
C THR A 40 -9.11 -22.45 -68.88
N ASN A 41 -10.29 -21.87 -68.97
CA ASN A 41 -10.57 -20.65 -68.24
C ASN A 41 -11.76 -20.78 -67.30
N GLY A 42 -11.98 -21.97 -66.75
CA GLY A 42 -13.09 -22.14 -65.83
C GLY A 42 -13.45 -23.59 -65.62
N VAL A 43 -14.42 -23.81 -64.74
CA VAL A 43 -14.88 -25.15 -64.43
C VAL A 43 -16.39 -25.06 -64.32
N VAL A 44 -17.08 -26.17 -64.52
CA VAL A 44 -18.53 -26.17 -64.41
C VAL A 44 -18.98 -27.43 -63.72
N ILE A 45 -19.92 -27.28 -62.80
CA ILE A 45 -20.50 -28.43 -62.11
C ILE A 45 -22.00 -28.30 -62.31
N ALA A 46 -22.66 -29.42 -62.57
CA ALA A 46 -24.09 -29.41 -62.80
C ALA A 46 -24.73 -30.72 -62.40
N THR A 47 -26.04 -30.68 -62.17
CA THR A 47 -26.80 -31.84 -61.77
C THR A 47 -28.25 -31.57 -62.13
N GLU A 48 -29.12 -32.55 -61.89
CA GLU A 48 -30.53 -32.39 -62.17
C GLU A 48 -31.31 -32.13 -60.88
N LYS A 49 -32.26 -31.21 -60.92
CA LYS A 49 -33.08 -30.92 -59.74
C LYS A 49 -34.29 -31.83 -59.81
N LYS A 50 -34.14 -33.04 -59.29
CA LYS A 50 -35.19 -34.05 -59.28
C LYS A 50 -36.28 -33.73 -58.25
N SER A 51 -37.04 -32.66 -58.49
CA SER A 51 -38.11 -32.25 -57.59
C SER A 51 -38.89 -33.49 -57.12
N SER A 52 -38.98 -33.67 -55.80
CA SER A 52 -39.66 -34.82 -55.23
C SER A 52 -41.16 -34.66 -55.07
N SER A 53 -41.70 -33.59 -55.62
CA SER A 53 -43.15 -33.31 -55.57
C SER A 53 -43.42 -32.06 -56.40
N PRO A 54 -44.50 -32.09 -57.20
CA PRO A 54 -44.84 -30.94 -58.03
C PRO A 54 -45.21 -29.75 -57.16
N LEU A 55 -45.48 -30.01 -55.89
CA LEU A 55 -45.83 -28.96 -54.95
C LEU A 55 -44.62 -28.36 -54.25
N ALA A 56 -43.48 -29.04 -54.38
CA ALA A 56 -42.25 -28.57 -53.78
C ALA A 56 -41.77 -27.41 -54.64
N MET A 57 -40.88 -26.59 -54.10
CA MET A 57 -40.33 -25.47 -54.85
C MET A 57 -38.83 -25.67 -54.99
N SER A 58 -38.48 -26.41 -56.04
CA SER A 58 -37.10 -26.75 -56.36
C SER A 58 -36.02 -25.72 -56.04
N GLU A 59 -36.34 -24.43 -56.11
CA GLU A 59 -35.33 -23.41 -55.83
C GLU A 59 -34.95 -23.41 -54.35
N THR A 60 -35.92 -23.58 -53.48
CA THR A 60 -35.66 -23.60 -52.05
C THR A 60 -34.64 -24.67 -51.67
N LEU A 61 -34.28 -25.51 -52.62
CA LEU A 61 -33.30 -26.55 -52.34
C LEU A 61 -32.19 -26.49 -53.39
N SER A 62 -30.97 -26.22 -52.96
CA SER A 62 -29.86 -26.17 -53.88
C SER A 62 -28.89 -27.32 -53.70
N LYS A 63 -28.55 -27.97 -54.80
CA LYS A 63 -27.63 -29.10 -54.79
C LYS A 63 -26.23 -28.60 -55.15
N VAL A 64 -26.16 -27.37 -55.63
CA VAL A 64 -24.89 -26.77 -56.01
C VAL A 64 -24.62 -25.65 -55.00
N SER A 65 -23.70 -25.89 -54.08
CA SER A 65 -23.39 -24.93 -53.03
C SER A 65 -22.04 -24.25 -53.13
N LEU A 66 -22.02 -22.97 -52.74
CA LEU A 66 -20.79 -22.19 -52.72
C LEU A 66 -20.13 -22.48 -51.37
N LEU A 67 -18.85 -22.86 -51.39
CA LEU A 67 -18.11 -23.14 -50.16
C LEU A 67 -17.33 -21.89 -49.77
N THR A 68 -16.58 -21.36 -50.72
CA THR A 68 -15.81 -20.13 -50.51
C THR A 68 -16.19 -19.33 -51.75
N PRO A 69 -15.79 -18.06 -51.83
CA PRO A 69 -16.17 -17.34 -53.04
C PRO A 69 -15.53 -17.85 -54.35
N ASP A 70 -14.65 -18.84 -54.24
CA ASP A 70 -14.01 -19.41 -55.43
C ASP A 70 -14.09 -20.93 -55.45
N ILE A 71 -14.97 -21.50 -54.65
CA ILE A 71 -15.11 -22.95 -54.63
C ILE A 71 -16.56 -23.34 -54.52
N GLY A 72 -16.97 -24.24 -55.42
CA GLY A 72 -18.34 -24.70 -55.42
C GLY A 72 -18.37 -26.20 -55.26
N ALA A 73 -19.53 -26.72 -54.86
CA ALA A 73 -19.65 -28.15 -54.67
C ALA A 73 -21.00 -28.67 -55.13
N VAL A 74 -21.00 -29.90 -55.60
CA VAL A 74 -22.21 -30.58 -56.05
C VAL A 74 -22.06 -32.03 -55.64
N TYR A 75 -23.17 -32.76 -55.55
CA TYR A 75 -23.09 -34.15 -55.12
C TYR A 75 -24.02 -35.13 -55.81
N SER A 76 -23.96 -36.37 -55.31
CA SER A 76 -24.79 -37.48 -55.78
C SER A 76 -24.89 -38.39 -54.57
N GLY A 77 -26.10 -38.75 -54.19
CA GLY A 77 -26.28 -39.61 -53.05
C GLY A 77 -27.30 -39.03 -52.10
N MET A 78 -27.01 -39.11 -50.80
CA MET A 78 -27.92 -38.61 -49.79
C MET A 78 -27.89 -37.11 -49.52
N GLY A 79 -28.95 -36.43 -49.95
CA GLY A 79 -29.06 -35.00 -49.77
C GLY A 79 -28.76 -34.52 -48.36
N PRO A 80 -29.48 -35.01 -47.32
CA PRO A 80 -29.20 -34.57 -45.96
C PRO A 80 -27.71 -34.65 -45.57
N ASP A 81 -27.05 -35.76 -45.87
CA ASP A 81 -25.63 -35.88 -45.56
C ASP A 81 -24.87 -34.75 -46.23
N TYR A 82 -25.09 -34.56 -47.53
CA TYR A 82 -24.40 -33.50 -48.27
C TYR A 82 -24.63 -32.12 -47.65
N ARG A 83 -25.84 -31.89 -47.18
CA ARG A 83 -26.17 -30.60 -46.58
C ARG A 83 -25.28 -30.28 -45.38
N VAL A 84 -25.23 -31.18 -44.40
CA VAL A 84 -24.40 -30.91 -43.23
C VAL A 84 -22.96 -30.84 -43.65
N LEU A 85 -22.56 -31.64 -44.63
CA LEU A 85 -21.17 -31.61 -45.11
C LEU A 85 -20.85 -30.23 -45.65
N VAL A 86 -21.83 -29.61 -46.30
CA VAL A 86 -21.63 -28.27 -46.84
C VAL A 86 -21.42 -27.23 -45.73
N ASP A 87 -22.14 -27.38 -44.62
CA ASP A 87 -22.00 -26.45 -43.53
C ASP A 87 -20.64 -26.63 -42.88
N LYS A 88 -20.25 -27.88 -42.67
CA LYS A 88 -18.96 -28.19 -42.07
C LYS A 88 -17.85 -27.66 -42.97
N SER A 89 -18.00 -27.85 -44.27
CA SER A 89 -17.01 -27.41 -45.23
C SER A 89 -16.84 -25.90 -45.19
N ARG A 90 -17.96 -25.18 -45.19
CA ARG A 90 -17.90 -23.74 -45.17
C ARG A 90 -17.24 -23.25 -43.90
N LYS A 91 -17.49 -23.95 -42.80
CA LYS A 91 -16.89 -23.56 -41.54
C LYS A 91 -15.40 -23.88 -41.45
N VAL A 92 -15.02 -25.10 -41.81
CA VAL A 92 -13.62 -25.49 -41.75
C VAL A 92 -12.76 -24.60 -42.63
N ALA A 93 -13.35 -24.06 -43.70
CA ALA A 93 -12.61 -23.19 -44.59
C ALA A 93 -12.18 -21.94 -43.83
N HIS A 94 -12.94 -21.61 -42.77
CA HIS A 94 -12.66 -20.45 -41.94
C HIS A 94 -11.78 -20.79 -40.76
N THR A 95 -12.28 -21.67 -39.90
CA THR A 95 -11.57 -22.08 -38.69
C THR A 95 -10.16 -22.61 -38.92
N SER A 96 -9.97 -23.40 -39.96
CA SER A 96 -8.65 -23.97 -40.23
C SER A 96 -7.85 -23.27 -41.31
N TYR A 97 -8.31 -22.11 -41.76
CA TYR A 97 -7.56 -21.40 -42.78
C TYR A 97 -7.74 -19.90 -42.77
N LYS A 98 -8.89 -19.41 -43.21
CA LYS A 98 -9.08 -17.97 -43.24
C LYS A 98 -8.81 -17.27 -41.92
N ARG A 99 -9.07 -17.93 -40.80
CA ARG A 99 -8.82 -17.32 -39.51
C ARG A 99 -7.34 -17.29 -39.13
N ILE A 100 -6.54 -18.10 -39.81
CA ILE A 100 -5.12 -18.16 -39.56
C ILE A 100 -4.38 -17.28 -40.55
N TYR A 101 -4.63 -17.51 -41.83
CA TYR A 101 -3.94 -16.81 -42.90
C TYR A 101 -4.58 -15.58 -43.52
N GLY A 102 -5.84 -15.32 -43.22
CA GLY A 102 -6.47 -14.15 -43.78
C GLY A 102 -6.82 -14.26 -45.26
N GLU A 103 -6.92 -15.50 -45.74
CA GLU A 103 -7.28 -15.74 -47.13
C GLU A 103 -8.00 -17.08 -47.17
N TYR A 104 -8.87 -17.26 -48.15
CA TYR A 104 -9.63 -18.51 -48.27
C TYR A 104 -8.67 -19.62 -48.67
N PRO A 105 -8.98 -20.84 -48.25
CA PRO A 105 -8.12 -21.97 -48.59
C PRO A 105 -8.10 -22.33 -50.06
N PRO A 106 -7.01 -22.93 -50.53
CA PRO A 106 -6.93 -23.31 -51.94
C PRO A 106 -7.74 -24.61 -52.12
N THR A 107 -8.32 -24.79 -53.28
CA THR A 107 -9.16 -25.94 -53.57
C THR A 107 -8.69 -27.29 -53.01
N LYS A 108 -7.49 -27.72 -53.39
CA LYS A 108 -6.99 -29.00 -52.90
C LYS A 108 -7.03 -29.13 -51.39
N LEU A 109 -6.66 -28.06 -50.68
CA LEU A 109 -6.64 -28.11 -49.22
C LEU A 109 -8.03 -28.21 -48.60
N LEU A 110 -8.98 -27.41 -49.08
CA LEU A 110 -10.33 -27.48 -48.55
C LEU A 110 -10.85 -28.89 -48.81
N VAL A 111 -10.65 -29.35 -50.04
CA VAL A 111 -11.06 -30.68 -50.47
C VAL A 111 -10.48 -31.69 -49.50
N SER A 112 -9.25 -31.45 -49.11
CA SER A 112 -8.56 -32.34 -48.20
C SER A 112 -9.21 -32.32 -46.82
N GLU A 113 -9.64 -31.13 -46.38
CA GLU A 113 -10.29 -30.98 -45.09
C GLU A 113 -11.61 -31.72 -45.12
N VAL A 114 -12.36 -31.54 -46.21
CA VAL A 114 -13.65 -32.21 -46.37
C VAL A 114 -13.45 -33.70 -46.29
N ALA A 115 -12.45 -34.15 -47.05
CA ALA A 115 -12.11 -35.57 -47.13
C ALA A 115 -11.84 -36.14 -45.75
N LYS A 116 -11.10 -35.40 -44.94
CA LYS A 116 -10.79 -35.84 -43.60
C LYS A 116 -12.06 -36.05 -42.78
N ILE A 117 -12.99 -35.10 -42.87
CA ILE A 117 -14.26 -35.19 -42.15
C ILE A 117 -14.94 -36.51 -42.50
N MET A 118 -14.93 -36.84 -43.79
CA MET A 118 -15.54 -38.08 -44.22
C MET A 118 -14.76 -39.29 -43.73
N GLN A 119 -13.44 -39.28 -43.89
CA GLN A 119 -12.61 -40.39 -43.44
C GLN A 119 -12.93 -40.75 -42.00
N GLU A 120 -13.07 -39.74 -41.16
CA GLU A 120 -13.37 -39.96 -39.77
C GLU A 120 -14.68 -40.70 -39.52
N ALA A 121 -15.71 -40.42 -40.32
CA ALA A 121 -17.01 -41.06 -40.17
C ALA A 121 -16.93 -42.51 -40.65
N THR A 122 -15.70 -42.91 -40.99
CA THR A 122 -15.39 -44.24 -41.49
C THR A 122 -14.68 -45.08 -40.43
N GLN A 123 -14.21 -44.41 -39.38
CA GLN A 123 -13.45 -45.05 -38.33
C GLN A 123 -13.84 -44.66 -36.90
N SER A 124 -14.33 -43.44 -36.71
CA SER A 124 -14.74 -42.98 -35.38
C SER A 124 -15.78 -43.90 -34.79
N GLY A 125 -15.92 -43.86 -33.47
CA GLY A 125 -16.91 -44.72 -32.84
C GLY A 125 -18.35 -44.34 -33.10
N GLY A 126 -19.23 -45.33 -33.10
CA GLY A 126 -20.64 -45.11 -33.29
C GLY A 126 -21.24 -44.29 -34.42
N VAL A 127 -20.69 -44.35 -35.63
CA VAL A 127 -21.26 -43.60 -36.75
C VAL A 127 -21.16 -44.37 -38.06
N ARG A 128 -21.84 -43.87 -39.08
CA ARG A 128 -21.82 -44.50 -40.39
C ARG A 128 -21.16 -43.55 -41.37
N PRO A 129 -20.58 -44.07 -42.44
CA PRO A 129 -19.94 -43.19 -43.42
C PRO A 129 -20.98 -42.26 -44.03
N PHE A 130 -20.53 -41.20 -44.67
CA PHE A 130 -21.45 -40.29 -45.33
C PHE A 130 -21.88 -40.98 -46.62
N GLY A 131 -23.18 -40.97 -46.89
CA GLY A 131 -23.70 -41.59 -48.09
C GLY A 131 -23.65 -40.66 -49.29
N VAL A 132 -22.53 -39.97 -49.51
CA VAL A 132 -22.45 -39.08 -50.66
C VAL A 132 -21.07 -39.01 -51.24
N SER A 133 -20.99 -38.51 -52.48
CA SER A 133 -19.73 -38.32 -53.18
C SER A 133 -19.88 -36.88 -53.64
N LEU A 134 -18.79 -36.11 -53.58
CA LEU A 134 -18.88 -34.73 -53.98
C LEU A 134 -17.99 -34.42 -55.17
N LEU A 135 -18.33 -33.34 -55.85
CA LEU A 135 -17.54 -32.85 -56.96
C LEU A 135 -17.34 -31.39 -56.58
N ILE A 136 -16.10 -31.06 -56.22
CA ILE A 136 -15.77 -29.70 -55.82
C ILE A 136 -14.93 -29.05 -56.91
N ALA A 137 -15.32 -27.84 -57.31
CA ALA A 137 -14.59 -27.10 -58.33
C ALA A 137 -14.25 -25.73 -57.78
N GLY A 138 -13.00 -25.32 -57.98
CA GLY A 138 -12.59 -24.02 -57.50
C GLY A 138 -11.40 -23.49 -58.26
N HIS A 139 -10.85 -22.39 -57.75
CA HIS A 139 -9.69 -21.78 -58.35
C HIS A 139 -8.96 -21.00 -57.29
N ASP A 140 -7.64 -20.99 -57.39
CA ASP A 140 -6.82 -20.24 -56.46
C ASP A 140 -5.62 -19.73 -57.23
N GLU A 141 -5.19 -18.53 -56.88
CA GLU A 141 -4.07 -17.85 -57.55
C GLU A 141 -2.85 -18.67 -57.91
N PHE A 142 -2.52 -19.69 -57.14
CA PHE A 142 -1.33 -20.45 -57.48
C PHE A 142 -1.57 -21.78 -58.19
N ASN A 143 -2.77 -22.32 -58.07
CA ASN A 143 -3.06 -23.60 -58.72
C ASN A 143 -4.07 -23.47 -59.86
N GLY A 144 -4.55 -22.25 -60.08
CA GLY A 144 -5.50 -22.02 -61.14
C GLY A 144 -6.83 -22.70 -60.90
N PHE A 145 -7.38 -23.29 -61.95
CA PHE A 145 -8.67 -23.98 -61.87
C PHE A 145 -8.49 -25.45 -61.57
N SER A 146 -9.40 -26.02 -60.80
CA SER A 146 -9.33 -27.44 -60.48
C SER A 146 -10.71 -28.04 -60.21
N LEU A 147 -10.77 -29.36 -60.29
CA LEU A 147 -12.00 -30.12 -60.06
C LEU A 147 -11.63 -31.38 -59.30
N TYR A 148 -12.37 -31.67 -58.24
CA TYR A 148 -12.07 -32.84 -57.42
C TYR A 148 -13.31 -33.69 -57.12
N GLN A 149 -13.07 -34.95 -56.78
CA GLN A 149 -14.15 -35.86 -56.44
C GLN A 149 -13.80 -36.45 -55.08
N VAL A 150 -14.74 -36.43 -54.15
CA VAL A 150 -14.47 -36.97 -52.83
C VAL A 150 -15.47 -38.07 -52.51
N ASP A 151 -14.97 -39.25 -52.18
CA ASP A 151 -15.81 -40.40 -51.88
C ASP A 151 -16.04 -40.67 -50.40
N PRO A 152 -17.08 -41.43 -50.09
CA PRO A 152 -17.46 -41.81 -48.72
C PRO A 152 -16.32 -42.38 -47.90
N SER A 153 -15.26 -42.81 -48.57
CA SER A 153 -14.11 -43.40 -47.88
C SER A 153 -13.19 -42.31 -47.40
N GLY A 154 -13.28 -41.15 -48.05
CA GLY A 154 -12.42 -40.04 -47.70
C GLY A 154 -11.39 -39.85 -48.78
N SER A 155 -11.48 -40.69 -49.81
CA SER A 155 -10.54 -40.59 -50.92
C SER A 155 -10.96 -39.49 -51.87
N TYR A 156 -9.99 -38.88 -52.54
CA TYR A 156 -10.34 -37.84 -53.49
C TYR A 156 -9.32 -37.83 -54.60
N PHE A 157 -9.73 -37.33 -55.75
CA PHE A 157 -8.85 -37.30 -56.91
C PHE A 157 -9.22 -36.16 -57.84
N PRO A 158 -8.23 -35.61 -58.54
CA PRO A 158 -8.40 -34.50 -59.48
C PRO A 158 -8.85 -35.01 -60.85
N TRP A 159 -9.80 -34.30 -61.47
CA TRP A 159 -10.33 -34.68 -62.77
C TRP A 159 -10.31 -33.55 -63.78
N LYS A 160 -10.38 -33.93 -65.06
CA LYS A 160 -10.46 -32.96 -66.16
C LYS A 160 -11.97 -32.85 -66.37
N ALA A 161 -12.65 -33.97 -66.18
CA ALA A 161 -14.10 -34.06 -66.30
C ALA A 161 -14.55 -35.42 -65.78
N THR A 162 -15.70 -35.47 -65.14
CA THR A 162 -16.21 -36.74 -64.62
C THR A 162 -17.67 -36.63 -64.21
N ALA A 163 -18.26 -37.76 -63.85
CA ALA A 163 -19.64 -37.77 -63.43
C ALA A 163 -19.77 -38.82 -62.35
N ILE A 164 -20.83 -38.71 -61.56
CA ILE A 164 -21.09 -39.66 -60.49
C ILE A 164 -22.59 -39.82 -60.42
N GLY A 165 -23.06 -40.84 -59.70
CA GLY A 165 -24.48 -41.07 -59.58
C GLY A 165 -25.00 -42.00 -60.65
N LYS A 166 -26.33 -42.03 -60.79
CA LYS A 166 -27.03 -42.88 -61.75
C LYS A 166 -26.32 -43.21 -63.06
N GLY A 167 -26.21 -42.24 -63.95
CA GLY A 167 -25.59 -42.52 -65.24
C GLY A 167 -24.13 -42.17 -65.42
N SER A 168 -23.35 -42.34 -64.35
CA SER A 168 -21.94 -42.02 -64.38
C SER A 168 -21.18 -42.73 -65.50
N VAL A 169 -21.40 -44.03 -65.66
CA VAL A 169 -20.71 -44.79 -66.68
C VAL A 169 -20.93 -44.18 -68.07
N ALA A 170 -22.19 -44.05 -68.46
CA ALA A 170 -22.55 -43.48 -69.76
C ALA A 170 -22.00 -42.07 -69.91
N ALA A 171 -22.34 -41.21 -68.95
CA ALA A 171 -21.90 -39.83 -68.98
C ALA A 171 -20.37 -39.74 -69.08
N LYS A 172 -19.66 -40.49 -68.25
CA LYS A 172 -18.20 -40.44 -68.30
C LYS A 172 -17.68 -40.76 -69.69
N THR A 173 -18.35 -41.67 -70.37
CA THR A 173 -17.93 -42.03 -71.71
C THR A 173 -18.18 -40.89 -72.70
N PHE A 174 -19.32 -40.23 -72.57
CA PHE A 174 -19.63 -39.13 -73.48
C PHE A 174 -18.67 -37.98 -73.28
N LEU A 175 -18.15 -37.85 -72.07
CA LEU A 175 -17.22 -36.78 -71.77
C LEU A 175 -15.85 -37.10 -72.35
N GLU A 176 -15.42 -38.35 -72.23
CA GLU A 176 -14.12 -38.75 -72.73
C GLU A 176 -14.02 -38.44 -74.22
N LYS A 177 -15.16 -38.48 -74.90
CA LYS A 177 -15.20 -38.18 -76.33
C LYS A 177 -15.02 -36.69 -76.59
N ARG A 178 -15.96 -35.91 -76.08
CA ARG A 178 -15.98 -34.46 -76.27
C ARG A 178 -14.92 -33.60 -75.56
N TRP A 179 -14.22 -34.12 -74.56
CA TRP A 179 -13.24 -33.31 -73.83
C TRP A 179 -11.87 -33.19 -74.48
N ASN A 180 -11.24 -32.04 -74.30
CA ASN A 180 -9.89 -31.79 -74.81
C ASN A 180 -9.26 -30.68 -73.96
N ASP A 181 -7.95 -30.52 -74.05
CA ASP A 181 -7.25 -29.50 -73.26
C ASP A 181 -7.27 -28.10 -73.87
N GLU A 182 -8.27 -27.83 -74.70
CA GLU A 182 -8.41 -26.52 -75.35
C GLU A 182 -9.83 -25.96 -75.27
N LEU A 183 -10.62 -26.48 -74.34
CA LEU A 183 -11.99 -26.02 -74.18
C LEU A 183 -12.03 -24.68 -73.47
N GLU A 184 -13.00 -23.86 -73.84
CA GLU A 184 -13.19 -22.57 -73.21
C GLU A 184 -14.36 -22.87 -72.28
N LEU A 185 -14.60 -22.04 -71.28
CA LEU A 185 -15.69 -22.29 -70.34
C LEU A 185 -17.06 -22.52 -71.00
N GLU A 186 -17.40 -21.71 -72.00
CA GLU A 186 -18.68 -21.84 -72.70
C GLU A 186 -18.87 -23.24 -73.30
N ASP A 187 -17.76 -23.80 -73.78
CA ASP A 187 -17.77 -25.13 -74.38
C ASP A 187 -18.08 -26.17 -73.32
N ALA A 188 -17.40 -26.08 -72.19
CA ALA A 188 -17.63 -27.02 -71.09
C ALA A 188 -19.09 -26.94 -70.67
N ILE A 189 -19.64 -25.73 -70.63
CA ILE A 189 -21.04 -25.55 -70.24
C ILE A 189 -21.93 -26.23 -71.28
N HIS A 190 -21.55 -26.10 -72.55
CA HIS A 190 -22.30 -26.71 -73.63
C HIS A 190 -22.24 -28.23 -73.45
N ILE A 191 -21.03 -28.77 -73.47
CA ILE A 191 -20.83 -30.21 -73.28
C ILE A 191 -21.56 -30.66 -72.02
N ALA A 192 -21.52 -29.82 -71.00
CA ALA A 192 -22.19 -30.09 -69.74
C ALA A 192 -23.68 -30.36 -69.98
N LEU A 193 -24.36 -29.37 -70.53
CA LEU A 193 -25.79 -29.51 -70.80
C LEU A 193 -26.10 -30.71 -71.69
N LEU A 194 -25.25 -30.94 -72.69
CA LEU A 194 -25.47 -32.07 -73.59
C LEU A 194 -25.39 -33.37 -72.80
N THR A 195 -24.31 -33.53 -72.04
CA THR A 195 -24.11 -34.73 -71.24
C THR A 195 -25.27 -34.99 -70.29
N LEU A 196 -25.75 -33.93 -69.66
CA LEU A 196 -26.82 -34.03 -68.70
C LEU A 196 -28.13 -34.44 -69.36
N LYS A 197 -28.33 -34.02 -70.60
CA LYS A 197 -29.54 -34.36 -71.33
C LYS A 197 -29.84 -35.86 -71.36
N GLU A 198 -28.84 -36.66 -71.72
CA GLU A 198 -28.99 -38.11 -71.77
C GLU A 198 -29.54 -38.68 -70.46
N SER A 199 -28.99 -38.20 -69.36
CA SER A 199 -29.39 -38.67 -68.02
C SER A 199 -30.78 -38.19 -67.58
N VAL A 200 -31.32 -37.15 -68.24
CA VAL A 200 -32.63 -36.62 -67.87
C VAL A 200 -33.78 -37.26 -68.64
N GLU A 201 -34.75 -37.80 -67.89
CA GLU A 201 -35.92 -38.47 -68.44
C GLU A 201 -36.96 -37.50 -68.98
N GLY A 202 -37.62 -36.77 -68.08
CA GLY A 202 -38.66 -35.84 -68.47
C GLY A 202 -38.27 -34.43 -68.84
N GLU A 203 -38.79 -33.46 -68.08
CA GLU A 203 -38.51 -32.05 -68.32
C GLU A 203 -37.04 -31.71 -68.18
N PHE A 204 -36.52 -30.98 -69.15
CA PHE A 204 -35.13 -30.57 -69.15
C PHE A 204 -35.13 -29.08 -69.45
N ASN A 205 -35.01 -28.27 -68.40
CA ASN A 205 -35.02 -26.83 -68.58
C ASN A 205 -34.33 -26.14 -67.42
N GLY A 206 -34.25 -24.82 -67.49
CA GLY A 206 -33.60 -24.04 -66.46
C GLY A 206 -34.19 -24.17 -65.07
N ASP A 207 -35.31 -24.88 -64.95
CA ASP A 207 -35.96 -25.06 -63.65
C ASP A 207 -35.73 -26.45 -63.07
N THR A 208 -35.34 -27.38 -63.94
CA THR A 208 -35.07 -28.76 -63.53
C THR A 208 -33.57 -29.02 -63.53
N ILE A 209 -32.81 -27.97 -63.84
CA ILE A 209 -31.36 -28.07 -63.88
C ILE A 209 -30.69 -27.02 -62.99
N GLU A 210 -29.59 -27.41 -62.39
CA GLU A 210 -28.83 -26.54 -61.51
C GLU A 210 -27.40 -26.60 -62.04
N LEU A 211 -26.84 -25.45 -62.37
CA LEU A 211 -25.49 -25.40 -62.91
C LEU A 211 -24.75 -24.13 -62.46
N ALA A 212 -23.52 -24.32 -62.00
CA ALA A 212 -22.70 -23.21 -61.55
C ALA A 212 -21.32 -23.33 -62.19
N ILE A 213 -20.58 -22.22 -62.19
CA ILE A 213 -19.25 -22.20 -62.78
C ILE A 213 -18.26 -21.43 -61.91
N ILE A 214 -17.00 -21.74 -62.08
CA ILE A 214 -15.93 -21.04 -61.39
C ILE A 214 -15.17 -20.46 -62.57
N GLY A 215 -15.26 -19.15 -62.76
CA GLY A 215 -14.58 -18.52 -63.87
C GLY A 215 -13.96 -17.20 -63.51
N ASP A 216 -14.32 -16.14 -64.22
CA ASP A 216 -13.73 -14.84 -63.94
C ASP A 216 -14.22 -14.31 -62.60
N GLU A 217 -13.68 -13.16 -62.21
CA GLU A 217 -14.04 -12.52 -60.96
C GLU A 217 -15.24 -11.60 -61.21
N ASN A 218 -16.23 -11.66 -60.32
CA ASN A 218 -17.45 -10.85 -60.45
C ASN A 218 -17.47 -9.63 -59.55
N PRO A 219 -16.78 -8.56 -59.95
CA PRO A 219 -16.77 -7.36 -59.09
C PRO A 219 -18.21 -6.93 -58.77
N ASP A 220 -19.07 -7.03 -59.78
CA ASP A 220 -20.46 -6.64 -59.63
C ASP A 220 -21.17 -7.44 -58.54
N LEU A 221 -20.57 -8.56 -58.12
CA LEU A 221 -21.15 -9.40 -57.08
C LEU A 221 -20.40 -9.29 -55.75
N LEU A 222 -19.50 -8.31 -55.64
CA LEU A 222 -18.71 -8.12 -54.42
C LEU A 222 -19.52 -7.47 -53.32
N GLY A 223 -20.27 -6.42 -53.66
CA GLY A 223 -21.08 -5.76 -52.66
C GLY A 223 -20.55 -4.43 -52.16
N TYR A 224 -19.28 -4.16 -52.45
CA TYR A 224 -18.66 -2.91 -52.03
C TYR A 224 -17.55 -2.56 -53.01
N THR A 225 -17.09 -1.32 -52.96
CA THR A 225 -16.02 -0.89 -53.85
C THR A 225 -15.06 0.04 -53.11
N GLY A 226 -13.80 -0.01 -53.50
CA GLY A 226 -12.81 0.85 -52.86
C GLY A 226 -11.55 0.10 -52.47
N ILE A 227 -11.53 -1.20 -52.71
CA ILE A 227 -10.36 -2.00 -52.38
C ILE A 227 -9.88 -2.71 -53.64
N PRO A 228 -8.92 -2.11 -54.34
CA PRO A 228 -8.30 -2.58 -55.57
C PRO A 228 -8.00 -4.08 -55.67
N THR A 229 -7.40 -4.64 -54.63
CA THR A 229 -7.05 -6.06 -54.61
C THR A 229 -8.24 -7.02 -54.47
N ASP A 230 -9.40 -6.50 -54.09
CA ASP A 230 -10.60 -7.33 -53.94
C ASP A 230 -11.47 -7.14 -55.19
N LYS A 231 -11.43 -8.10 -56.11
CA LYS A 231 -12.18 -7.96 -57.37
C LYS A 231 -13.48 -8.77 -57.56
N GLY A 232 -13.84 -9.61 -56.60
CA GLY A 232 -15.08 -10.35 -56.72
C GLY A 232 -14.95 -11.87 -56.78
N PRO A 233 -16.03 -12.59 -56.47
CA PRO A 233 -16.04 -14.06 -56.48
C PRO A 233 -15.99 -14.68 -57.88
N ARG A 234 -15.28 -15.79 -58.00
CA ARG A 234 -15.16 -16.47 -59.27
C ARG A 234 -16.30 -17.47 -59.42
N PHE A 235 -17.01 -17.72 -58.32
CA PHE A 235 -18.14 -18.65 -58.32
C PHE A 235 -19.43 -17.97 -58.70
N ARG A 236 -20.14 -18.53 -59.66
CA ARG A 236 -21.42 -17.99 -60.06
C ARG A 236 -22.36 -19.10 -60.50
N LYS A 237 -23.54 -19.09 -59.91
CA LYS A 237 -24.57 -20.06 -60.21
C LYS A 237 -25.45 -19.45 -61.30
N LEU A 238 -25.66 -20.18 -62.39
CA LEU A 238 -26.49 -19.66 -63.47
C LEU A 238 -27.95 -19.58 -63.07
N THR A 239 -28.67 -18.67 -63.71
CA THR A 239 -30.09 -18.47 -63.43
C THR A 239 -30.92 -19.35 -64.36
N SER A 240 -32.16 -19.60 -63.97
CA SER A 240 -33.05 -20.41 -64.77
C SER A 240 -33.07 -19.86 -66.20
N GLN A 241 -33.16 -18.55 -66.30
CA GLN A 241 -33.17 -17.86 -67.59
C GLN A 241 -31.87 -18.10 -68.36
N GLU A 242 -30.73 -17.95 -67.69
CA GLU A 242 -29.44 -18.15 -68.33
C GLU A 242 -29.31 -19.55 -68.91
N ILE A 243 -29.87 -20.53 -68.20
CA ILE A 243 -29.80 -21.90 -68.65
C ILE A 243 -30.60 -22.10 -69.93
N ASN A 244 -31.85 -21.63 -69.91
CA ASN A 244 -32.73 -21.76 -71.07
C ASN A 244 -32.20 -21.09 -72.33
N ASP A 245 -31.67 -19.88 -72.19
CA ASP A 245 -31.13 -19.20 -73.36
C ASP A 245 -30.13 -20.11 -74.05
N ARG A 246 -29.34 -20.82 -73.25
CA ARG A 246 -28.33 -21.73 -73.78
C ARG A 246 -28.94 -22.96 -74.40
N LEU A 247 -29.95 -23.53 -73.74
CA LEU A 247 -30.61 -24.73 -74.24
C LEU A 247 -31.09 -24.58 -75.67
N GLU A 248 -31.26 -23.34 -76.11
CA GLU A 248 -31.72 -23.06 -77.46
C GLU A 248 -30.64 -23.30 -78.51
N ALA A 249 -29.38 -23.08 -78.15
CA ALA A 249 -28.27 -23.30 -79.05
C ALA A 249 -27.66 -24.67 -78.74
N LEU A 250 -28.49 -25.54 -78.17
CA LEU A 250 -28.09 -26.90 -77.79
C LEU A 250 -28.24 -27.87 -78.97
N GLY B 1 -28.02 -53.14 -24.09
CA GLY B 1 -27.19 -51.95 -24.41
C GLY B 1 -26.61 -51.93 -25.82
N SER B 2 -25.39 -51.42 -25.94
CA SER B 2 -24.69 -51.31 -27.23
C SER B 2 -23.82 -52.53 -27.56
N ARG B 3 -23.39 -53.26 -26.53
CA ARG B 3 -22.56 -54.45 -26.66
C ARG B 3 -22.96 -55.35 -27.82
N ARG B 4 -24.24 -55.34 -28.15
CA ARG B 4 -24.81 -56.16 -29.21
C ARG B 4 -24.20 -55.94 -30.59
N TYR B 5 -23.82 -54.70 -30.89
CA TYR B 5 -23.26 -54.37 -32.20
C TYR B 5 -21.76 -54.13 -32.16
N ASP B 6 -21.13 -54.48 -31.06
CA ASP B 6 -19.69 -54.29 -30.92
C ASP B 6 -18.94 -55.42 -31.61
N SER B 7 -18.26 -55.09 -32.71
CA SER B 7 -17.51 -56.06 -33.49
C SER B 7 -16.28 -56.56 -32.75
N ARG B 8 -15.80 -55.79 -31.78
CA ARG B 8 -14.62 -56.14 -31.00
C ARG B 8 -13.40 -56.26 -31.90
N THR B 9 -13.00 -55.13 -32.45
CA THR B 9 -11.88 -55.07 -33.37
C THR B 9 -10.52 -55.35 -32.76
N THR B 10 -10.42 -55.48 -31.45
CA THR B 10 -9.11 -55.73 -30.86
C THR B 10 -9.02 -56.99 -30.01
N ILE B 11 -9.24 -58.16 -30.60
CA ILE B 11 -9.13 -59.36 -29.82
C ILE B 11 -8.34 -60.42 -30.58
N PHE B 12 -7.86 -61.42 -29.83
CA PHE B 12 -7.06 -62.49 -30.39
C PHE B 12 -7.94 -63.63 -30.92
N SER B 13 -7.48 -64.31 -31.96
CA SER B 13 -8.21 -65.46 -32.50
C SER B 13 -7.73 -66.60 -31.63
N PRO B 14 -8.36 -67.78 -31.73
CA PRO B 14 -7.89 -68.88 -30.89
C PRO B 14 -6.45 -69.26 -31.22
N GLU B 15 -5.99 -68.84 -32.39
CA GLU B 15 -4.63 -69.12 -32.84
C GLU B 15 -3.69 -67.98 -32.50
N GLY B 16 -4.20 -67.02 -31.74
CA GLY B 16 -3.39 -65.89 -31.33
C GLY B 16 -3.11 -64.88 -32.41
N ARG B 17 -4.06 -64.71 -33.33
CA ARG B 17 -3.91 -63.74 -34.41
C ARG B 17 -4.87 -62.58 -34.18
N LEU B 18 -4.58 -61.45 -34.81
CA LEU B 18 -5.43 -60.27 -34.69
C LEU B 18 -6.27 -60.12 -35.95
N TYR B 19 -7.47 -60.67 -35.90
CA TYR B 19 -8.43 -60.65 -37.00
C TYR B 19 -8.36 -59.43 -37.90
N GLN B 20 -8.72 -58.27 -37.35
CA GLN B 20 -8.74 -57.03 -38.11
C GLN B 20 -7.42 -56.74 -38.81
N VAL B 21 -6.30 -57.00 -38.15
CA VAL B 21 -5.01 -56.75 -38.78
C VAL B 21 -4.93 -57.67 -39.98
N GLU B 22 -5.23 -58.94 -39.76
CA GLU B 22 -5.18 -59.94 -40.82
C GLU B 22 -6.00 -59.47 -42.00
N TYR B 23 -7.25 -59.10 -41.72
CA TYR B 23 -8.18 -58.63 -42.74
C TYR B 23 -7.73 -57.32 -43.39
N ALA B 24 -7.14 -56.44 -42.60
CA ALA B 24 -6.67 -55.17 -43.14
C ALA B 24 -5.61 -55.50 -44.18
N LEU B 25 -4.73 -56.42 -43.84
CA LEU B 25 -3.67 -56.81 -44.75
C LEU B 25 -4.28 -57.37 -46.01
N GLU B 26 -5.31 -58.19 -45.86
CA GLU B 26 -6.00 -58.78 -47.01
C GLU B 26 -6.48 -57.65 -47.92
N SER B 27 -6.86 -56.54 -47.30
CA SER B 27 -7.33 -55.38 -48.04
C SER B 27 -6.17 -54.77 -48.81
N ILE B 28 -5.05 -54.58 -48.12
CA ILE B 28 -3.84 -54.01 -48.68
C ILE B 28 -3.35 -54.80 -49.90
N SER B 29 -3.53 -56.11 -49.85
CA SER B 29 -3.07 -56.98 -50.93
C SER B 29 -3.73 -56.70 -52.28
N HIS B 30 -4.74 -55.85 -52.30
CA HIS B 30 -5.42 -55.53 -53.56
C HIS B 30 -5.05 -54.14 -54.03
N ALA B 31 -4.27 -53.43 -53.24
CA ALA B 31 -3.87 -52.07 -53.58
C ALA B 31 -2.75 -52.05 -54.62
N GLY B 32 -2.69 -50.97 -55.39
CA GLY B 32 -1.64 -50.83 -56.39
C GLY B 32 -0.30 -51.15 -55.76
N THR B 33 0.55 -51.85 -56.50
CA THR B 33 1.86 -52.25 -56.00
C THR B 33 2.84 -51.10 -55.80
N ALA B 34 3.55 -51.14 -54.68
CA ALA B 34 4.55 -50.13 -54.35
C ALA B 34 5.87 -50.81 -54.08
N ILE B 35 6.94 -50.29 -54.69
CA ILE B 35 8.27 -50.85 -54.52
C ILE B 35 9.30 -49.82 -54.07
N GLY B 36 10.16 -50.26 -53.17
CA GLY B 36 11.22 -49.42 -52.66
C GLY B 36 12.54 -50.17 -52.75
N ILE B 37 13.49 -49.61 -53.49
CA ILE B 37 14.80 -50.24 -53.63
C ILE B 37 15.89 -49.27 -53.17
N MET B 38 16.73 -49.74 -52.27
CA MET B 38 17.81 -48.93 -51.74
C MET B 38 19.18 -49.25 -52.33
N ALA B 39 19.74 -48.28 -53.06
CA ALA B 39 21.06 -48.44 -53.67
C ALA B 39 22.10 -47.97 -52.66
N SER B 40 23.36 -47.95 -53.08
CA SER B 40 24.45 -47.52 -52.21
C SER B 40 24.55 -46.00 -52.17
N ASP B 41 24.09 -45.35 -53.22
CA ASP B 41 24.14 -43.91 -53.31
C ASP B 41 22.76 -43.25 -53.40
N GLY B 42 21.72 -43.96 -52.95
CA GLY B 42 20.38 -43.39 -53.00
C GLY B 42 19.25 -44.39 -52.84
N ILE B 43 18.01 -43.90 -52.79
CA ILE B 43 16.85 -44.76 -52.64
C ILE B 43 15.83 -44.50 -53.74
N VAL B 44 15.04 -45.53 -54.07
CA VAL B 44 14.03 -45.40 -55.12
C VAL B 44 12.66 -45.87 -54.66
N LEU B 45 11.65 -45.05 -54.94
CA LEU B 45 10.27 -45.40 -54.62
C LEU B 45 9.47 -45.39 -55.91
N ALA B 46 8.80 -46.52 -56.17
CA ALA B 46 7.99 -46.67 -57.37
C ALA B 46 6.65 -47.27 -56.99
N ALA B 47 5.57 -46.69 -57.50
CA ALA B 47 4.22 -47.18 -57.21
C ALA B 47 3.34 -47.19 -58.46
N GLU B 48 2.40 -48.13 -58.50
CA GLU B 48 1.48 -48.26 -59.62
C GLU B 48 0.13 -47.67 -59.23
N ARG B 49 -0.31 -46.65 -59.99
CA ARG B 49 -1.59 -46.00 -59.73
C ARG B 49 -2.72 -46.97 -59.98
N LYS B 50 -3.48 -47.29 -58.93
CA LYS B 50 -4.59 -48.20 -59.12
C LYS B 50 -5.77 -47.40 -59.69
N VAL B 51 -6.45 -47.99 -60.67
CA VAL B 51 -7.58 -47.36 -61.35
C VAL B 51 -7.27 -45.97 -61.95
N THR B 52 -7.38 -45.88 -63.27
CA THR B 52 -7.12 -44.65 -63.99
C THR B 52 -8.06 -44.50 -65.19
N SER B 53 -8.07 -43.29 -65.75
CA SER B 53 -8.93 -42.98 -66.88
C SER B 53 -8.25 -41.96 -67.77
N THR B 54 -8.84 -41.72 -68.94
CA THR B 54 -8.31 -40.74 -69.88
C THR B 54 -8.42 -39.38 -69.22
N LEU B 55 -9.57 -39.17 -68.55
CA LEU B 55 -9.89 -37.93 -67.88
C LEU B 55 -9.21 -37.66 -66.55
N LEU B 56 -8.75 -38.70 -65.87
CA LEU B 56 -8.08 -38.51 -64.59
C LEU B 56 -6.89 -37.57 -64.78
N GLU B 57 -6.94 -36.42 -64.11
CA GLU B 57 -5.89 -35.40 -64.15
C GLU B 57 -4.66 -35.98 -63.46
N GLN B 58 -3.58 -36.19 -64.20
CA GLN B 58 -2.40 -36.77 -63.59
C GLN B 58 -1.40 -35.80 -63.00
N ASP B 59 -1.24 -34.64 -63.62
CA ASP B 59 -0.30 -33.64 -63.13
C ASP B 59 -0.64 -33.21 -61.70
N THR B 60 -1.93 -33.24 -61.39
CA THR B 60 -2.44 -32.84 -60.08
C THR B 60 -2.60 -34.01 -59.09
N SER B 61 -2.51 -35.24 -59.59
CA SER B 61 -2.70 -36.42 -58.74
C SER B 61 -1.44 -36.92 -58.02
N THR B 62 -1.65 -37.37 -56.78
CA THR B 62 -0.59 -37.90 -55.90
C THR B 62 -1.24 -38.90 -54.94
N GLU B 63 -1.62 -40.06 -55.44
CA GLU B 63 -2.28 -41.08 -54.61
C GLU B 63 -1.37 -42.09 -53.91
N LYS B 64 -0.05 -42.01 -54.10
CA LYS B 64 0.81 -42.99 -53.47
C LYS B 64 2.15 -42.52 -52.89
N LEU B 65 2.68 -41.42 -53.39
CA LEU B 65 3.96 -40.89 -52.90
C LEU B 65 3.80 -39.53 -52.22
N TYR B 66 4.10 -39.50 -50.92
CA TYR B 66 3.97 -38.28 -50.15
C TYR B 66 5.28 -37.90 -49.48
N LYS B 67 5.61 -36.62 -49.53
CA LYS B 67 6.82 -36.10 -48.91
C LYS B 67 6.48 -35.82 -47.45
N LEU B 68 7.24 -36.41 -46.53
CA LEU B 68 6.98 -36.20 -45.11
C LEU B 68 7.89 -35.12 -44.55
N ASN B 69 9.13 -35.16 -45.01
CA ASN B 69 10.19 -34.28 -44.55
C ASN B 69 11.00 -33.93 -45.79
N ASP B 70 12.11 -33.26 -45.62
CA ASP B 70 12.95 -32.92 -46.76
C ASP B 70 13.82 -34.13 -47.07
N LYS B 71 13.94 -35.02 -46.09
CA LYS B 71 14.78 -36.19 -46.26
C LYS B 71 14.04 -37.52 -46.13
N ILE B 72 12.73 -37.47 -45.86
CA ILE B 72 11.93 -38.68 -45.73
C ILE B 72 10.68 -38.61 -46.63
N ALA B 73 10.35 -39.72 -47.26
CA ALA B 73 9.17 -39.80 -48.12
C ALA B 73 8.59 -41.19 -47.96
N VAL B 74 7.31 -41.36 -48.23
CA VAL B 74 6.70 -42.67 -48.11
C VAL B 74 5.87 -43.03 -49.33
N ALA B 75 5.72 -44.34 -49.54
CA ALA B 75 4.92 -44.86 -50.62
C ALA B 75 3.79 -45.56 -49.88
N VAL B 76 2.56 -45.31 -50.32
CA VAL B 76 1.37 -45.87 -49.68
C VAL B 76 0.73 -47.04 -50.42
N ALA B 77 0.18 -47.97 -49.67
CA ALA B 77 -0.52 -49.12 -50.24
C ALA B 77 -1.70 -49.40 -49.32
N GLY B 78 -2.90 -49.09 -49.80
CA GLY B 78 -4.10 -49.30 -49.01
C GLY B 78 -5.05 -48.12 -49.11
N LEU B 79 -5.82 -47.86 -48.05
CA LEU B 79 -6.77 -46.73 -48.01
C LEU B 79 -6.05 -45.38 -48.05
N THR B 80 -6.18 -44.64 -49.14
CA THR B 80 -5.53 -43.34 -49.23
C THR B 80 -5.93 -42.44 -48.07
N ALA B 81 -7.24 -42.42 -47.76
CA ALA B 81 -7.78 -41.61 -46.69
C ALA B 81 -7.10 -41.91 -45.36
N ASP B 82 -7.02 -43.21 -45.02
CA ASP B 82 -6.37 -43.61 -43.77
C ASP B 82 -4.90 -43.16 -43.79
N ALA B 83 -4.27 -43.34 -44.95
CA ALA B 83 -2.88 -42.96 -45.11
C ALA B 83 -2.69 -41.51 -44.73
N GLU B 84 -3.45 -40.61 -45.34
CA GLU B 84 -3.32 -39.18 -45.05
C GLU B 84 -3.40 -38.85 -43.56
N ILE B 85 -4.36 -39.43 -42.84
CA ILE B 85 -4.44 -39.16 -41.42
C ILE B 85 -3.08 -39.44 -40.80
N LEU B 86 -2.53 -40.62 -41.10
CA LEU B 86 -1.22 -41.00 -40.58
C LEU B 86 -0.11 -40.11 -41.12
N ILE B 87 -0.13 -39.85 -42.43
CA ILE B 87 0.88 -39.01 -43.06
C ILE B 87 1.01 -37.70 -42.27
N ASN B 88 -0.08 -36.97 -42.17
CA ASN B 88 -0.08 -35.70 -41.47
C ASN B 88 0.48 -35.73 -40.05
N THR B 89 0.08 -36.68 -39.22
CA THR B 89 0.60 -36.71 -37.86
C THR B 89 2.11 -36.88 -37.94
N ALA B 90 2.56 -37.65 -38.91
CA ALA B 90 3.99 -37.88 -39.10
C ALA B 90 4.68 -36.55 -39.41
N ARG B 91 4.14 -35.80 -40.38
CA ARG B 91 4.75 -34.52 -40.72
C ARG B 91 4.86 -33.63 -39.48
N ILE B 92 3.83 -33.63 -38.64
CA ILE B 92 3.86 -32.83 -37.41
C ILE B 92 5.03 -33.32 -36.55
N HIS B 93 5.06 -34.62 -36.29
CA HIS B 93 6.11 -35.24 -35.50
C HIS B 93 7.54 -34.80 -35.89
N ALA B 94 7.82 -34.76 -37.19
CA ALA B 94 9.14 -34.37 -37.68
C ALA B 94 9.48 -32.94 -37.31
N GLN B 95 8.48 -32.07 -37.37
CA GLN B 95 8.66 -30.67 -37.04
C GLN B 95 8.79 -30.43 -35.55
N ASN B 96 8.19 -31.31 -34.75
CA ASN B 96 8.29 -31.16 -33.31
C ASN B 96 9.69 -31.55 -32.92
N TYR B 97 10.19 -32.63 -33.52
CA TYR B 97 11.54 -33.07 -33.21
C TYR B 97 12.49 -31.92 -33.53
N LEU B 98 12.35 -31.37 -34.74
CA LEU B 98 13.19 -30.27 -35.17
C LEU B 98 13.07 -29.05 -34.26
N LYS B 99 11.87 -28.78 -33.77
CA LYS B 99 11.67 -27.64 -32.91
C LYS B 99 12.26 -27.89 -31.54
N THR B 100 12.36 -29.14 -31.15
CA THR B 100 12.90 -29.44 -29.83
C THR B 100 14.40 -29.53 -29.78
N TYR B 101 14.97 -30.20 -30.77
CA TYR B 101 16.42 -30.44 -30.83
C TYR B 101 17.21 -29.62 -31.83
N ASN B 102 16.52 -29.00 -32.76
CA ASN B 102 17.20 -28.21 -33.80
C ASN B 102 17.97 -29.10 -34.73
N GLU B 103 17.48 -30.34 -34.85
CA GLU B 103 18.09 -31.32 -35.73
C GLU B 103 16.96 -32.08 -36.44
N ASP B 104 17.17 -32.42 -37.71
CA ASP B 104 16.17 -33.17 -38.46
C ASP B 104 15.97 -34.51 -37.79
N ILE B 105 14.71 -34.95 -37.75
CA ILE B 105 14.37 -36.22 -37.13
C ILE B 105 14.98 -37.44 -37.82
N PRO B 106 15.71 -38.28 -37.06
CA PRO B 106 16.34 -39.49 -37.61
C PRO B 106 15.23 -40.36 -38.19
N VAL B 107 15.49 -40.95 -39.35
CA VAL B 107 14.47 -41.76 -40.03
C VAL B 107 13.77 -42.82 -39.18
N GLU B 108 14.50 -43.61 -38.41
CA GLU B 108 13.83 -44.63 -37.61
C GLU B 108 12.91 -44.04 -36.56
N ILE B 109 13.37 -42.99 -35.90
CA ILE B 109 12.56 -42.35 -34.87
C ILE B 109 11.16 -41.99 -35.38
N LEU B 110 11.09 -41.44 -36.60
CA LEU B 110 9.81 -41.08 -37.19
C LEU B 110 9.01 -42.36 -37.48
N VAL B 111 9.66 -43.35 -38.07
CA VAL B 111 8.98 -44.61 -38.38
C VAL B 111 8.42 -45.33 -37.15
N ARG B 112 9.15 -45.32 -36.04
CA ARG B 112 8.69 -46.01 -34.84
C ARG B 112 7.43 -45.38 -34.22
N ARG B 113 7.33 -44.06 -34.29
CA ARG B 113 6.19 -43.34 -33.73
C ARG B 113 4.95 -43.68 -34.52
N LEU B 114 5.06 -43.54 -35.84
CA LEU B 114 3.94 -43.82 -36.73
C LEU B 114 3.50 -45.26 -36.54
N SER B 115 4.46 -46.17 -36.40
CA SER B 115 4.14 -47.58 -36.19
C SER B 115 3.42 -47.78 -34.87
N ASP B 116 3.88 -47.06 -33.85
CA ASP B 116 3.27 -47.12 -32.54
C ASP B 116 1.82 -46.65 -32.60
N ILE B 117 1.55 -45.59 -33.37
CA ILE B 117 0.18 -45.09 -33.51
C ILE B 117 -0.66 -46.25 -34.01
N LYS B 118 -0.19 -46.91 -35.05
CA LYS B 118 -0.89 -48.05 -35.62
C LYS B 118 -1.09 -49.14 -34.59
N GLN B 119 -0.02 -49.47 -33.88
CA GLN B 119 -0.07 -50.52 -32.87
C GLN B 119 -1.21 -50.27 -31.89
N GLY B 120 -1.44 -49.01 -31.58
CA GLY B 120 -2.50 -48.65 -30.65
C GLY B 120 -3.89 -49.12 -31.04
N TYR B 121 -4.32 -48.79 -32.26
CA TYR B 121 -5.63 -49.17 -32.74
C TYR B 121 -5.78 -50.68 -32.73
N THR B 122 -4.70 -51.33 -32.33
CA THR B 122 -4.60 -52.78 -32.26
C THR B 122 -4.85 -53.33 -30.86
N GLN B 123 -4.60 -52.52 -29.84
CA GLN B 123 -4.75 -52.99 -28.48
C GLN B 123 -5.81 -52.36 -27.61
N HIS B 124 -6.37 -51.24 -28.06
CA HIS B 124 -7.42 -50.58 -27.29
C HIS B 124 -8.23 -49.59 -28.13
N GLY B 125 -9.40 -49.22 -27.60
CA GLY B 125 -10.23 -48.26 -28.29
C GLY B 125 -11.39 -48.77 -29.14
N GLY B 126 -11.48 -50.08 -29.31
CA GLY B 126 -12.57 -50.62 -30.10
C GLY B 126 -12.76 -50.04 -31.50
N LEU B 127 -11.71 -49.48 -32.09
CA LEU B 127 -11.78 -48.91 -33.44
C LEU B 127 -11.10 -49.82 -34.46
N ARG B 128 -11.40 -49.62 -35.73
CA ARG B 128 -10.79 -50.42 -36.78
C ARG B 128 -9.36 -49.91 -37.01
N PRO B 129 -8.45 -50.79 -37.43
CA PRO B 129 -7.06 -50.35 -37.68
C PRO B 129 -7.00 -49.56 -38.98
N PHE B 130 -5.88 -48.91 -39.25
CA PHE B 130 -5.73 -48.17 -40.50
C PHE B 130 -5.38 -49.18 -41.60
N GLY B 131 -6.17 -49.22 -42.67
CA GLY B 131 -5.88 -50.14 -43.76
C GLY B 131 -4.77 -49.60 -44.64
N VAL B 132 -3.56 -49.53 -44.08
CA VAL B 132 -2.41 -48.99 -44.79
C VAL B 132 -1.08 -49.67 -44.48
N SER B 133 -0.20 -49.69 -45.47
CA SER B 133 1.14 -50.23 -45.32
C SER B 133 2.02 -49.16 -45.93
N PHE B 134 3.12 -48.85 -45.27
CA PHE B 134 4.03 -47.83 -45.73
C PHE B 134 5.40 -48.36 -46.08
N ILE B 135 6.03 -47.71 -47.07
CA ILE B 135 7.40 -48.02 -47.44
C ILE B 135 8.05 -46.68 -47.21
N TYR B 136 8.93 -46.59 -46.22
CA TYR B 136 9.59 -45.32 -45.92
C TYR B 136 10.97 -45.29 -46.56
N ALA B 137 11.25 -44.21 -47.28
CA ALA B 137 12.55 -44.03 -47.92
C ALA B 137 13.09 -42.70 -47.39
N GLY B 138 14.14 -42.75 -46.59
CA GLY B 138 14.68 -41.52 -46.04
C GLY B 138 16.17 -41.56 -45.79
N TYR B 139 16.72 -40.41 -45.45
CA TYR B 139 18.14 -40.29 -45.21
C TYR B 139 18.52 -39.46 -43.99
N ASP B 140 19.43 -39.96 -43.18
CA ASP B 140 19.90 -39.21 -42.03
C ASP B 140 21.40 -39.44 -41.85
N ASP B 141 22.04 -38.59 -41.05
CA ASP B 141 23.48 -38.69 -40.83
C ASP B 141 23.91 -39.71 -39.80
N ARG B 142 23.08 -40.73 -39.54
CA ARG B 142 23.45 -41.77 -38.57
C ARG B 142 23.43 -43.15 -39.18
N TYR B 143 22.56 -43.35 -40.17
CA TYR B 143 22.46 -44.63 -40.81
C TYR B 143 22.38 -44.42 -42.31
N GLY B 144 22.61 -43.19 -42.74
CA GLY B 144 22.57 -42.89 -44.16
C GLY B 144 21.23 -43.25 -44.75
N TYR B 145 21.24 -43.78 -45.97
CA TYR B 145 20.01 -44.15 -46.64
C TYR B 145 19.39 -45.35 -45.94
N GLN B 146 18.09 -45.26 -45.68
CA GLN B 146 17.36 -46.33 -45.02
C GLN B 146 16.07 -46.56 -45.74
N LEU B 147 15.56 -47.80 -45.64
CA LEU B 147 14.33 -48.17 -46.28
C LEU B 147 13.57 -49.01 -45.28
N TYR B 148 12.37 -48.56 -44.94
CA TYR B 148 11.55 -49.27 -43.97
C TYR B 148 10.17 -49.66 -44.48
N THR B 149 9.44 -50.38 -43.64
CA THR B 149 8.11 -50.81 -43.99
C THR B 149 7.31 -51.04 -42.73
N SER B 150 6.06 -50.58 -42.72
CA SER B 150 5.16 -50.76 -41.59
C SER B 150 3.78 -51.10 -42.13
N ASN B 151 3.04 -51.90 -41.40
CA ASN B 151 1.71 -52.32 -41.81
C ASN B 151 0.69 -52.13 -40.69
N PRO B 152 -0.60 -52.39 -40.97
CA PRO B 152 -1.68 -52.25 -39.97
C PRO B 152 -1.35 -52.78 -38.58
N SER B 153 -0.49 -53.79 -38.52
CA SER B 153 -0.13 -54.41 -37.25
C SER B 153 0.59 -53.46 -36.30
N GLY B 154 1.42 -52.60 -36.87
CA GLY B 154 2.16 -51.68 -36.03
C GLY B 154 3.61 -52.15 -35.97
N ASN B 155 3.93 -53.11 -36.83
CA ASN B 155 5.29 -53.64 -36.86
C ASN B 155 6.02 -53.00 -38.03
N TYR B 156 7.33 -52.84 -37.91
CA TYR B 156 8.11 -52.28 -39.01
C TYR B 156 9.46 -52.97 -39.08
N THR B 157 10.03 -52.98 -40.29
CA THR B 157 11.32 -53.62 -40.52
C THR B 157 12.11 -52.87 -41.59
N GLY B 158 13.41 -53.15 -41.65
CA GLY B 158 14.29 -52.50 -42.62
C GLY B 158 14.53 -53.40 -43.82
N TRP B 159 14.72 -52.79 -44.99
CA TRP B 159 14.92 -53.58 -46.21
C TRP B 159 15.93 -53.00 -47.16
N LYS B 160 16.46 -53.84 -48.05
CA LYS B 160 17.40 -53.41 -49.07
C LYS B 160 16.53 -53.11 -50.28
N ALA B 161 15.50 -53.94 -50.45
CA ALA B 161 14.53 -53.80 -51.52
C ALA B 161 13.27 -54.48 -51.02
N ILE B 162 12.12 -53.85 -51.30
CA ILE B 162 10.86 -54.44 -50.88
C ILE B 162 9.65 -53.88 -51.61
N SER B 163 8.54 -54.60 -51.51
CA SER B 163 7.31 -54.21 -52.15
C SER B 163 6.12 -54.43 -51.21
N VAL B 164 5.06 -53.67 -51.44
CA VAL B 164 3.84 -53.80 -50.65
C VAL B 164 2.69 -53.64 -51.62
N GLY B 165 1.54 -54.22 -51.25
CA GLY B 165 0.37 -54.12 -52.10
C GLY B 165 0.05 -55.41 -52.82
N ALA B 166 -0.37 -55.30 -54.07
CA ALA B 166 -0.72 -56.47 -54.84
C ALA B 166 0.51 -57.17 -55.40
N ASN B 167 0.37 -58.47 -55.59
CA ASN B 167 1.43 -59.29 -56.17
C ASN B 167 2.80 -59.12 -55.53
N THR B 168 2.84 -58.92 -54.22
CA THR B 168 4.12 -58.75 -53.55
C THR B 168 4.97 -60.01 -53.69
N SER B 169 4.34 -61.16 -53.52
CA SER B 169 5.02 -62.44 -53.63
C SER B 169 5.86 -62.50 -54.91
N ALA B 170 5.23 -62.20 -56.04
CA ALA B 170 5.91 -62.21 -57.32
C ALA B 170 7.01 -61.16 -57.33
N ALA B 171 6.65 -59.93 -56.94
CA ALA B 171 7.59 -58.81 -56.93
C ALA B 171 8.81 -59.10 -56.07
N GLN B 172 8.58 -59.65 -54.88
CA GLN B 172 9.66 -59.96 -53.96
C GLN B 172 10.63 -60.92 -54.62
N THR B 173 10.11 -62.05 -55.11
CA THR B 173 10.91 -63.06 -55.78
C THR B 173 11.82 -62.42 -56.84
N LEU B 174 11.23 -61.56 -57.69
CA LEU B 174 12.00 -60.92 -58.76
C LEU B 174 13.11 -59.99 -58.28
N LEU B 175 12.86 -59.30 -57.16
CA LEU B 175 13.84 -58.38 -56.58
C LEU B 175 14.97 -59.18 -55.95
N GLN B 176 14.59 -60.27 -55.30
CA GLN B 176 15.52 -61.15 -54.62
C GLN B 176 16.36 -61.91 -55.63
N MET B 177 16.01 -61.72 -56.89
CA MET B 177 16.66 -62.39 -58.01
C MET B 177 17.69 -61.49 -58.67
N ASP B 178 17.41 -60.19 -58.74
CA ASP B 178 18.34 -59.26 -59.40
C ASP B 178 18.92 -58.15 -58.54
N TYR B 179 18.72 -58.22 -57.24
CA TYR B 179 19.27 -57.19 -56.38
C TYR B 179 20.70 -57.55 -55.98
N LYS B 180 21.58 -56.55 -56.04
CA LYS B 180 22.97 -56.73 -55.66
C LYS B 180 23.38 -55.52 -54.82
N ASP B 181 24.03 -55.78 -53.68
CA ASP B 181 24.46 -54.73 -52.75
C ASP B 181 25.20 -53.55 -53.37
N ASP B 182 26.02 -53.83 -54.38
CA ASP B 182 26.80 -52.80 -55.05
C ASP B 182 25.97 -51.90 -55.97
N MET B 183 24.70 -52.24 -56.16
CA MET B 183 23.83 -51.47 -57.03
C MET B 183 23.95 -49.97 -56.91
N LYS B 184 23.78 -49.30 -58.03
CA LYS B 184 23.84 -47.85 -58.08
C LYS B 184 22.38 -47.43 -58.23
N VAL B 185 22.03 -46.24 -57.75
CA VAL B 185 20.67 -45.74 -57.84
C VAL B 185 20.00 -46.05 -59.17
N ASP B 186 20.63 -45.65 -60.27
CA ASP B 186 20.06 -45.87 -61.59
C ASP B 186 19.82 -47.35 -61.88
N ASP B 187 20.60 -48.21 -61.24
CA ASP B 187 20.44 -49.64 -61.41
C ASP B 187 19.17 -50.00 -60.67
N ALA B 188 19.02 -49.44 -59.48
CA ALA B 188 17.84 -49.67 -58.64
C ALA B 188 16.60 -49.16 -59.34
N ILE B 189 16.71 -47.96 -59.92
CA ILE B 189 15.60 -47.35 -60.64
C ILE B 189 15.11 -48.27 -61.74
N GLU B 190 16.07 -48.80 -62.49
CA GLU B 190 15.74 -49.69 -63.59
C GLU B 190 15.12 -50.99 -63.08
N LEU B 191 15.70 -51.56 -62.04
CA LEU B 191 15.18 -52.80 -61.47
C LEU B 191 13.74 -52.58 -61.01
N ALA B 192 13.50 -51.45 -60.37
CA ALA B 192 12.17 -51.12 -59.86
C ALA B 192 11.12 -51.15 -60.96
N LEU B 193 11.38 -50.44 -62.05
CA LEU B 193 10.45 -50.41 -63.18
C LEU B 193 10.25 -51.77 -63.83
N LYS B 194 11.33 -52.54 -63.91
CA LYS B 194 11.24 -53.86 -64.50
C LYS B 194 10.29 -54.71 -63.68
N THR B 195 10.51 -54.73 -62.36
CA THR B 195 9.67 -55.53 -61.46
C THR B 195 8.20 -55.21 -61.63
N LEU B 196 7.85 -53.93 -61.54
CA LEU B 196 6.46 -53.53 -61.70
C LEU B 196 5.96 -54.04 -63.04
N SER B 197 6.68 -53.68 -64.09
CA SER B 197 6.34 -54.08 -65.45
C SER B 197 5.99 -55.56 -65.56
N LYS B 198 6.65 -56.40 -64.76
CA LYS B 198 6.39 -57.83 -64.80
C LYS B 198 5.29 -58.31 -63.87
N THR B 199 4.93 -57.49 -62.88
CA THR B 199 3.90 -57.87 -61.94
C THR B 199 2.57 -57.14 -62.14
N THR B 200 2.53 -56.26 -63.14
CA THR B 200 1.32 -55.49 -63.39
C THR B 200 0.18 -56.35 -63.89
N ASP B 201 -1.03 -56.02 -63.45
CA ASP B 201 -2.20 -56.74 -63.91
C ASP B 201 -2.61 -56.05 -65.21
N SER B 202 -2.01 -54.89 -65.46
CA SER B 202 -2.29 -54.13 -66.67
C SER B 202 -1.66 -54.73 -67.89
N SER B 203 -1.97 -54.15 -69.03
CA SER B 203 -1.47 -54.58 -70.32
C SER B 203 -0.01 -54.17 -70.43
N ALA B 204 0.21 -52.87 -70.51
CA ALA B 204 1.56 -52.34 -70.61
C ALA B 204 1.77 -51.38 -69.46
N LEU B 205 3.03 -51.10 -69.15
CA LEU B 205 3.34 -50.18 -68.06
C LEU B 205 3.59 -48.80 -68.64
N THR B 206 2.55 -47.98 -68.65
CA THR B 206 2.64 -46.63 -69.17
C THR B 206 2.88 -45.67 -68.02
N TYR B 207 3.40 -44.48 -68.34
CA TYR B 207 3.71 -43.48 -67.32
C TYR B 207 2.49 -42.99 -66.55
N ASP B 208 1.38 -42.79 -67.27
CA ASP B 208 0.14 -42.31 -66.66
C ASP B 208 -0.35 -43.18 -65.51
N ARG B 209 0.25 -44.34 -65.34
CA ARG B 209 -0.17 -45.25 -64.28
C ARG B 209 0.94 -45.40 -63.25
N LEU B 210 1.86 -44.45 -63.22
CA LEU B 210 3.01 -44.50 -62.31
C LEU B 210 3.31 -43.24 -61.52
N GLU B 211 3.97 -43.46 -60.39
CA GLU B 211 4.43 -42.41 -59.51
C GLU B 211 5.85 -42.82 -59.19
N PHE B 212 6.76 -41.86 -59.18
CA PHE B 212 8.17 -42.19 -58.95
C PHE B 212 8.91 -41.14 -58.14
N ALA B 213 9.83 -41.59 -57.30
CA ALA B 213 10.60 -40.68 -56.46
C ALA B 213 11.97 -41.26 -56.14
N THR B 214 12.95 -40.37 -56.00
CA THR B 214 14.32 -40.77 -55.68
C THR B 214 14.96 -39.86 -54.62
N ILE B 215 15.66 -40.46 -53.67
CA ILE B 215 16.36 -39.70 -52.64
C ILE B 215 17.84 -39.93 -52.85
N ARG B 216 18.45 -39.09 -53.68
CA ARG B 216 19.87 -39.19 -53.99
C ARG B 216 20.65 -38.03 -53.44
N LYS B 217 21.97 -38.17 -53.46
CA LYS B 217 22.83 -37.12 -52.97
C LYS B 217 23.49 -36.43 -54.16
N GLY B 218 22.79 -35.43 -54.71
CA GLY B 218 23.34 -34.70 -55.85
C GLY B 218 24.79 -34.30 -55.60
N ALA B 219 25.72 -35.17 -56.01
CA ALA B 219 27.16 -34.98 -55.83
C ALA B 219 27.63 -33.52 -55.89
N ASN B 220 27.10 -32.78 -56.86
CA ASN B 220 27.44 -31.38 -57.01
C ASN B 220 26.63 -30.60 -55.96
N ASP B 221 27.00 -30.79 -54.69
CA ASP B 221 26.32 -30.13 -53.59
C ASP B 221 26.86 -30.62 -52.23
N GLY B 222 26.79 -31.92 -51.99
CA GLY B 222 27.25 -32.46 -50.72
C GLY B 222 26.09 -32.74 -49.78
N GLU B 223 24.88 -32.49 -50.29
CA GLU B 223 23.65 -32.71 -49.51
C GLU B 223 22.73 -33.65 -50.29
N VAL B 224 21.74 -34.22 -49.59
CA VAL B 224 20.79 -35.15 -50.19
C VAL B 224 19.59 -34.41 -50.79
N TYR B 225 18.91 -35.03 -51.75
CA TYR B 225 17.78 -34.39 -52.41
C TYR B 225 16.63 -35.33 -52.81
N GLN B 226 15.41 -34.96 -52.44
CA GLN B 226 14.23 -35.74 -52.79
C GLN B 226 13.70 -35.20 -54.10
N LYS B 227 13.16 -36.08 -54.92
CA LYS B 227 12.61 -35.65 -56.19
C LYS B 227 11.46 -36.55 -56.58
N ILE B 228 10.26 -35.98 -56.61
CA ILE B 228 9.11 -36.77 -57.00
C ILE B 228 8.94 -36.47 -58.48
N PHE B 229 9.19 -37.47 -59.31
CA PHE B 229 9.10 -37.31 -60.75
C PHE B 229 7.74 -36.84 -61.21
N LYS B 230 7.76 -36.02 -62.25
CA LYS B 230 6.55 -35.48 -62.83
C LYS B 230 6.16 -36.38 -64.00
N PRO B 231 4.90 -36.31 -64.44
CA PRO B 231 4.43 -37.14 -65.56
C PRO B 231 5.43 -37.30 -66.70
N GLN B 232 6.05 -36.22 -67.15
CA GLN B 232 7.01 -36.28 -68.25
C GLN B 232 8.31 -36.96 -67.84
N GLU B 233 8.75 -36.71 -66.61
CA GLU B 233 9.99 -37.30 -66.11
C GLU B 233 9.86 -38.82 -66.01
N ILE B 234 8.66 -39.28 -65.68
CA ILE B 234 8.38 -40.70 -65.58
C ILE B 234 8.28 -41.27 -66.99
N LYS B 235 7.71 -40.47 -67.90
CA LYS B 235 7.54 -40.87 -69.28
C LYS B 235 8.91 -41.04 -69.96
N ASP B 236 9.86 -40.17 -69.61
CA ASP B 236 11.21 -40.21 -70.16
C ASP B 236 11.94 -41.46 -69.69
N ILE B 237 12.14 -41.55 -68.37
CA ILE B 237 12.81 -42.68 -67.77
C ILE B 237 12.24 -44.01 -68.25
N LEU B 238 10.94 -44.03 -68.52
CA LEU B 238 10.28 -45.24 -68.98
C LEU B 238 10.82 -45.67 -70.34
N VAL B 239 11.06 -44.70 -71.21
CA VAL B 239 11.59 -44.96 -72.55
C VAL B 239 13.04 -45.43 -72.46
N LYS B 240 13.84 -44.68 -71.70
CA LYS B 240 15.26 -44.99 -71.54
C LYS B 240 15.52 -46.39 -71.01
N THR B 241 15.01 -46.70 -69.83
CA THR B 241 15.20 -48.03 -69.26
C THR B 241 14.73 -49.12 -70.21
N GLY B 242 14.18 -48.72 -71.34
CA GLY B 242 13.73 -49.67 -72.33
C GLY B 242 12.34 -50.27 -72.13
N ILE B 243 11.39 -49.44 -71.76
CA ILE B 243 10.02 -49.91 -71.58
C ILE B 243 9.18 -49.08 -72.54
N THR B 244 9.81 -48.04 -73.07
CA THR B 244 9.19 -47.09 -74.01
C THR B 244 7.75 -46.74 -73.65
N GLY C 1 -13.64 -43.99 -22.98
CA GLY C 1 -14.82 -44.33 -23.80
C GLY C 1 -15.05 -45.82 -23.94
N TYR C 2 -14.23 -46.50 -24.73
CA TYR C 2 -14.38 -47.94 -24.94
C TYR C 2 -13.83 -48.73 -23.77
N ASP C 3 -14.70 -49.46 -23.06
CA ASP C 3 -14.26 -50.23 -21.91
C ASP C 3 -14.84 -51.65 -21.84
N ARG C 4 -15.17 -52.23 -22.98
CA ARG C 4 -15.72 -53.59 -23.00
C ARG C 4 -14.72 -54.53 -22.38
N ALA C 5 -15.20 -55.41 -21.51
CA ALA C 5 -14.33 -56.39 -20.86
C ALA C 5 -13.97 -57.44 -21.91
N LEU C 6 -12.76 -57.33 -22.45
CA LEU C 6 -12.29 -58.26 -23.47
C LEU C 6 -11.67 -59.53 -22.90
N SER C 7 -11.21 -59.46 -21.65
CA SER C 7 -10.60 -60.63 -21.00
C SER C 7 -11.50 -61.03 -19.84
N ILE C 8 -12.25 -62.12 -19.99
CA ILE C 8 -13.12 -62.56 -18.91
C ILE C 8 -13.10 -64.09 -18.75
N PHE C 9 -13.71 -64.57 -17.68
CA PHE C 9 -13.74 -65.99 -17.40
C PHE C 9 -14.79 -66.70 -18.23
N SER C 10 -14.53 -67.97 -18.54
CA SER C 10 -15.47 -68.80 -19.26
C SER C 10 -15.76 -69.94 -18.29
N PRO C 11 -16.85 -70.68 -18.49
CA PRO C 11 -17.27 -71.81 -17.64
C PRO C 11 -16.20 -72.63 -16.93
N ASP C 12 -15.18 -73.08 -17.68
CA ASP C 12 -14.11 -73.90 -17.12
C ASP C 12 -13.08 -73.12 -16.31
N GLY C 13 -13.32 -71.83 -16.12
CA GLY C 13 -12.40 -71.00 -15.37
C GLY C 13 -11.22 -70.51 -16.17
N HIS C 14 -11.36 -70.43 -17.48
CA HIS C 14 -10.28 -69.96 -18.34
C HIS C 14 -10.50 -68.52 -18.80
N ILE C 15 -9.44 -67.89 -19.26
CA ILE C 15 -9.55 -66.54 -19.78
C ILE C 15 -8.90 -66.61 -21.14
N PHE C 16 -9.68 -67.06 -22.11
CA PHE C 16 -9.23 -67.28 -23.47
C PHE C 16 -8.39 -66.20 -24.12
N GLN C 17 -8.72 -64.94 -23.91
CA GLN C 17 -7.92 -63.89 -24.52
C GLN C 17 -6.47 -63.96 -24.08
N VAL C 18 -6.25 -64.31 -22.82
CA VAL C 18 -4.88 -64.43 -22.31
C VAL C 18 -4.23 -65.67 -22.89
N GLU C 19 -5.02 -66.73 -23.05
CA GLU C 19 -4.53 -67.97 -23.61
C GLU C 19 -4.18 -67.79 -25.08
N TYR C 20 -5.05 -67.11 -25.82
CA TYR C 20 -4.80 -66.85 -27.23
C TYR C 20 -3.61 -65.93 -27.38
N ALA C 21 -3.39 -65.11 -26.36
CA ALA C 21 -2.25 -64.20 -26.35
C ALA C 21 -1.01 -65.07 -26.33
N LEU C 22 -1.06 -66.13 -25.53
CA LEU C 22 0.06 -67.05 -25.41
C LEU C 22 0.32 -67.74 -26.74
N GLU C 23 -0.75 -68.00 -27.49
CA GLU C 23 -0.65 -68.64 -28.80
C GLU C 23 0.19 -67.77 -29.71
N ALA C 24 0.06 -66.46 -29.56
CA ALA C 24 0.82 -65.54 -30.39
C ALA C 24 2.29 -65.75 -30.09
N VAL C 25 2.59 -66.03 -28.82
CA VAL C 25 3.96 -66.25 -28.39
C VAL C 25 4.53 -67.50 -29.04
N LYS C 26 3.76 -68.59 -29.03
CA LYS C 26 4.20 -69.84 -29.63
C LYS C 26 4.61 -69.67 -31.08
N ARG C 27 3.90 -68.80 -31.79
CA ARG C 27 4.19 -68.54 -33.20
C ARG C 27 5.41 -67.62 -33.42
N GLY C 28 5.83 -66.91 -32.38
CA GLY C 28 6.96 -66.01 -32.52
C GLY C 28 8.29 -66.71 -32.63
N THR C 29 9.30 -66.00 -33.13
CA THR C 29 10.63 -66.56 -33.27
C THR C 29 11.13 -66.99 -31.89
N CYS C 30 12.02 -67.96 -31.85
CA CYS C 30 12.53 -68.47 -30.59
C CYS C 30 13.53 -67.54 -29.88
N ALA C 31 13.48 -67.57 -28.55
CA ALA C 31 14.38 -66.76 -27.74
C ALA C 31 14.83 -67.66 -26.60
N VAL C 32 16.10 -67.51 -26.23
CA VAL C 32 16.65 -68.33 -25.16
C VAL C 32 17.57 -67.51 -24.31
N GLY C 33 17.71 -67.91 -23.05
CA GLY C 33 18.57 -67.23 -22.11
C GLY C 33 19.18 -68.22 -21.15
N VAL C 34 20.50 -68.17 -21.02
CA VAL C 34 21.17 -69.08 -20.11
C VAL C 34 22.15 -68.29 -19.27
N LYS C 35 22.13 -68.54 -17.97
CA LYS C 35 23.06 -67.82 -17.11
C LYS C 35 24.28 -68.66 -16.80
N GLY C 36 25.44 -68.01 -16.83
CA GLY C 36 26.68 -68.69 -16.54
C GLY C 36 27.02 -68.50 -15.07
N LYS C 37 28.30 -68.58 -14.75
CA LYS C 37 28.71 -68.42 -13.36
C LYS C 37 29.05 -66.95 -13.11
N ASN C 38 29.17 -66.19 -14.18
CA ASN C 38 29.50 -64.78 -14.07
C ASN C 38 29.11 -64.04 -15.35
N CYS C 39 27.94 -64.36 -15.85
CA CYS C 39 27.41 -63.73 -17.06
C CYS C 39 26.06 -64.36 -17.38
N VAL C 40 25.34 -63.74 -18.30
CA VAL C 40 24.04 -64.25 -18.76
C VAL C 40 24.07 -63.99 -20.25
N VAL C 41 23.56 -64.94 -21.02
CA VAL C 41 23.56 -64.80 -22.46
C VAL C 41 22.14 -64.95 -22.99
N LEU C 42 21.81 -64.14 -23.98
CA LEU C 42 20.49 -64.19 -24.61
C LEU C 42 20.66 -64.40 -26.11
N GLY C 43 19.89 -65.35 -26.65
CA GLY C 43 19.95 -65.63 -28.07
C GLY C 43 18.55 -65.65 -28.62
N CYS C 44 18.41 -65.22 -29.87
CA CYS C 44 17.12 -65.17 -30.54
C CYS C 44 17.32 -65.56 -32.00
N GLU C 45 16.31 -66.17 -32.61
CA GLU C 45 16.43 -66.56 -34.01
C GLU C 45 15.85 -65.48 -34.91
N ARG C 46 16.18 -65.54 -36.20
CA ARG C 46 15.68 -64.58 -37.18
C ARG C 46 14.87 -65.30 -38.25
N ARG C 47 13.61 -64.90 -38.41
CA ARG C 47 12.74 -65.50 -39.40
C ARG C 47 13.40 -65.44 -40.78
N SER C 48 12.87 -66.19 -41.73
CA SER C 48 13.40 -66.21 -43.10
C SER C 48 12.29 -66.12 -44.15
N THR C 49 11.05 -65.94 -43.69
CA THR C 49 9.87 -65.83 -44.57
C THR C 49 10.17 -64.93 -45.78
N LEU C 50 11.05 -63.95 -45.55
CA LEU C 50 11.49 -63.01 -46.58
C LEU C 50 12.93 -62.63 -46.20
N LYS C 51 13.79 -62.53 -47.20
CA LYS C 51 15.18 -62.19 -46.94
C LYS C 51 15.65 -61.21 -48.01
N LEU C 52 15.95 -59.99 -47.59
CA LEU C 52 16.43 -58.93 -48.46
C LEU C 52 16.32 -57.69 -47.59
N GLN C 53 16.35 -57.95 -46.29
CA GLN C 53 16.25 -56.92 -45.27
C GLN C 53 17.56 -56.19 -45.09
N ASP C 54 17.49 -55.10 -44.34
CA ASP C 54 18.68 -54.32 -44.06
C ASP C 54 18.92 -54.49 -42.58
N THR C 55 19.73 -55.50 -42.25
CA THR C 55 20.06 -55.82 -40.87
C THR C 55 20.63 -54.68 -40.03
N ARG C 56 21.14 -53.63 -40.67
CA ARG C 56 21.68 -52.49 -39.94
C ARG C 56 20.59 -51.77 -39.17
N ILE C 57 19.51 -51.45 -39.88
CA ILE C 57 18.39 -50.72 -39.32
C ILE C 57 17.24 -51.55 -38.74
N THR C 58 16.91 -52.69 -39.33
CA THR C 58 15.82 -53.51 -38.80
C THR C 58 16.02 -53.75 -37.31
N PRO C 59 15.04 -53.32 -36.50
CA PRO C 59 15.12 -53.48 -35.04
C PRO C 59 15.48 -54.91 -34.60
N SER C 60 16.49 -55.01 -33.73
CA SER C 60 16.95 -56.30 -33.22
C SER C 60 16.03 -56.79 -32.11
N LYS C 61 16.21 -58.04 -31.69
CA LYS C 61 15.37 -58.63 -30.67
C LYS C 61 15.77 -58.35 -29.22
N VAL C 62 17.06 -58.25 -28.95
CA VAL C 62 17.52 -57.96 -27.59
C VAL C 62 17.59 -56.47 -27.35
N SER C 63 16.77 -55.97 -26.43
CA SER C 63 16.73 -54.56 -26.11
C SER C 63 17.29 -54.24 -24.73
N LYS C 64 18.00 -53.11 -24.63
CA LYS C 64 18.54 -52.66 -23.37
C LYS C 64 17.50 -51.81 -22.67
N ILE C 65 17.27 -52.07 -21.39
CA ILE C 65 16.31 -51.30 -20.61
C ILE C 65 17.11 -50.22 -19.89
N ASP C 66 18.24 -50.64 -19.33
CA ASP C 66 19.17 -49.72 -18.66
C ASP C 66 20.55 -50.27 -19.01
N SER C 67 21.62 -49.60 -18.59
CA SER C 67 22.96 -50.04 -18.94
C SER C 67 23.35 -51.42 -18.41
N HIS C 68 22.58 -51.96 -17.47
CA HIS C 68 22.88 -53.24 -16.86
C HIS C 68 21.81 -54.32 -17.03
N VAL C 69 20.72 -54.00 -17.73
CA VAL C 69 19.64 -54.98 -17.90
C VAL C 69 19.13 -54.99 -19.34
N VAL C 70 18.83 -56.19 -19.84
CA VAL C 70 18.33 -56.31 -21.20
C VAL C 70 17.07 -57.16 -21.24
N LEU C 71 16.30 -56.96 -22.30
CA LEU C 71 15.06 -57.69 -22.48
C LEU C 71 14.90 -58.19 -23.91
N SER C 72 14.65 -59.49 -24.05
CA SER C 72 14.40 -60.07 -25.36
C SER C 72 12.98 -60.63 -25.23
N PHE C 73 12.40 -61.08 -26.33
CA PHE C 73 11.02 -61.57 -26.27
C PHE C 73 10.62 -62.45 -27.45
N SER C 74 9.44 -63.04 -27.32
CA SER C 74 8.84 -63.89 -28.35
C SER C 74 7.37 -63.53 -28.42
N GLY C 75 6.90 -63.22 -29.62
CA GLY C 75 5.51 -62.85 -29.80
C GLY C 75 5.37 -61.68 -30.75
N LEU C 76 4.32 -60.89 -30.56
CA LEU C 76 4.07 -59.73 -31.41
C LEU C 76 5.11 -58.64 -31.20
N ASN C 77 5.73 -58.21 -32.30
CA ASN C 77 6.75 -57.17 -32.22
C ASN C 77 6.18 -55.82 -31.84
N ALA C 78 5.05 -55.44 -32.44
CA ALA C 78 4.43 -54.16 -32.11
C ALA C 78 4.23 -54.11 -30.61
N ASP C 79 3.66 -55.18 -30.03
CA ASP C 79 3.41 -55.23 -28.60
C ASP C 79 4.68 -55.10 -27.76
N SER C 80 5.72 -55.83 -28.13
CA SER C 80 6.96 -55.76 -27.35
C SER C 80 7.42 -54.32 -27.13
N ARG C 81 7.38 -53.50 -28.19
CA ARG C 81 7.80 -52.10 -28.09
C ARG C 81 7.17 -51.38 -26.92
N ILE C 82 5.85 -51.47 -26.80
CA ILE C 82 5.15 -50.80 -25.72
C ILE C 82 5.70 -51.25 -24.37
N LEU C 83 5.91 -52.55 -24.20
CA LEU C 83 6.48 -53.04 -22.95
C LEU C 83 7.91 -52.50 -22.78
N ILE C 84 8.74 -52.57 -23.81
CA ILE C 84 10.11 -52.05 -23.69
C ILE C 84 10.14 -50.56 -23.30
N GLU C 85 9.28 -49.76 -23.90
CA GLU C 85 9.26 -48.34 -23.59
C GLU C 85 8.89 -48.10 -22.13
N LYS C 86 7.77 -48.69 -21.71
CA LYS C 86 7.33 -48.53 -20.34
C LYS C 86 8.41 -48.97 -19.36
N ALA C 87 9.13 -50.03 -19.71
CA ALA C 87 10.18 -50.54 -18.86
C ALA C 87 11.35 -49.56 -18.79
N ARG C 88 11.74 -49.02 -19.93
CA ARG C 88 12.86 -48.08 -19.97
C ARG C 88 12.55 -46.82 -19.18
N VAL C 89 11.31 -46.38 -19.27
CA VAL C 89 10.87 -45.20 -18.54
C VAL C 89 10.87 -45.45 -17.04
N GLU C 90 10.32 -46.59 -16.62
CA GLU C 90 10.28 -46.91 -15.20
C GLU C 90 11.69 -47.03 -14.66
N ALA C 91 12.63 -47.42 -15.53
CA ALA C 91 14.03 -47.57 -15.13
C ALA C 91 14.60 -46.22 -14.71
N GLN C 92 14.46 -45.21 -15.57
CA GLN C 92 14.96 -43.87 -15.27
C GLN C 92 14.26 -43.29 -14.05
N SER C 93 12.96 -43.49 -13.96
CA SER C 93 12.18 -42.97 -12.84
C SER C 93 12.66 -43.55 -11.52
N HIS C 94 13.04 -44.82 -11.53
CA HIS C 94 13.51 -45.47 -10.32
C HIS C 94 14.84 -44.90 -9.88
N ARG C 95 15.68 -44.54 -10.85
CA ARG C 95 16.98 -43.95 -10.57
C ARG C 95 16.76 -42.57 -9.98
N LEU C 96 15.82 -41.84 -10.57
CA LEU C 96 15.51 -40.48 -10.14
C LEU C 96 14.90 -40.37 -8.75
N THR C 97 14.04 -41.31 -8.37
CA THR C 97 13.42 -41.23 -7.06
C THR C 97 14.14 -42.00 -5.96
N LEU C 98 14.64 -43.18 -6.26
CA LEU C 98 15.35 -43.99 -5.25
C LEU C 98 16.86 -43.81 -5.29
N GLU C 99 17.34 -43.09 -6.30
CA GLU C 99 18.77 -42.85 -6.47
C GLU C 99 19.55 -44.15 -6.54
N ASP C 100 19.03 -45.09 -7.32
CA ASP C 100 19.68 -46.39 -7.49
C ASP C 100 19.03 -47.13 -8.65
N PRO C 101 19.82 -47.68 -9.57
CA PRO C 101 19.21 -48.42 -10.69
C PRO C 101 18.40 -49.62 -10.23
N VAL C 102 17.38 -49.96 -11.01
CA VAL C 102 16.52 -51.09 -10.70
C VAL C 102 17.28 -52.41 -10.63
N THR C 103 16.74 -53.32 -9.84
CA THR C 103 17.31 -54.65 -9.74
C THR C 103 16.68 -55.35 -10.95
N VAL C 104 17.23 -56.47 -11.38
CA VAL C 104 16.66 -57.18 -12.52
C VAL C 104 15.29 -57.71 -12.13
N GLU C 105 15.18 -58.16 -10.90
CA GLU C 105 13.93 -58.70 -10.39
C GLU C 105 12.85 -57.62 -10.38
N TYR C 106 13.21 -56.41 -9.96
CA TYR C 106 12.27 -55.31 -9.92
C TYR C 106 11.77 -54.96 -11.32
N LEU C 107 12.70 -54.71 -12.23
CA LEU C 107 12.34 -54.37 -13.60
C LEU C 107 11.42 -55.44 -14.16
N THR C 108 11.59 -56.66 -13.69
CA THR C 108 10.77 -57.78 -14.15
C THR C 108 9.39 -57.69 -13.52
N ARG C 109 9.35 -57.53 -12.20
CA ARG C 109 8.09 -57.41 -11.48
C ARG C 109 7.25 -56.28 -12.09
N TYR C 110 7.90 -55.23 -12.55
CA TYR C 110 7.21 -54.10 -13.16
C TYR C 110 6.59 -54.48 -14.48
N VAL C 111 7.39 -55.05 -15.38
CA VAL C 111 6.92 -55.45 -16.69
C VAL C 111 5.80 -56.46 -16.57
N ALA C 112 5.96 -57.39 -15.64
CA ALA C 112 4.94 -58.41 -15.42
C ALA C 112 3.65 -57.75 -14.97
N GLY C 113 3.77 -56.74 -14.14
CA GLY C 113 2.59 -56.04 -13.66
C GLY C 113 1.81 -55.40 -14.79
N VAL C 114 2.51 -54.71 -15.68
CA VAL C 114 1.87 -54.08 -16.81
C VAL C 114 1.10 -55.13 -17.59
N GLN C 115 1.69 -56.28 -17.81
CA GLN C 115 1.01 -57.34 -18.55
C GLN C 115 -0.24 -57.81 -17.80
N GLN C 116 -0.11 -58.07 -16.51
CA GLN C 116 -1.26 -58.54 -15.73
C GLN C 116 -2.39 -57.55 -15.81
N ARG C 117 -2.04 -56.28 -15.66
CA ARG C 117 -3.01 -55.20 -15.70
C ARG C 117 -3.81 -55.22 -17.00
N TYR C 118 -3.17 -55.57 -18.10
CA TYR C 118 -3.86 -55.64 -19.37
C TYR C 118 -4.73 -56.89 -19.53
N THR C 119 -4.93 -57.64 -18.45
CA THR C 119 -5.75 -58.83 -18.54
C THR C 119 -7.00 -58.66 -17.70
N GLN C 120 -7.07 -57.60 -16.91
CA GLN C 120 -8.28 -57.36 -16.13
C GLN C 120 -8.70 -55.89 -16.15
N SER C 121 -8.43 -55.25 -17.29
CA SER C 121 -8.79 -53.87 -17.52
C SER C 121 -9.65 -53.80 -18.77
N GLY C 122 -10.69 -52.96 -18.73
CA GLY C 122 -11.60 -52.84 -19.86
C GLY C 122 -11.05 -52.15 -21.10
N GLY C 123 -11.58 -52.54 -22.26
CA GLY C 123 -11.18 -51.92 -23.51
C GLY C 123 -9.80 -52.24 -24.05
N VAL C 124 -9.12 -53.22 -23.46
CA VAL C 124 -7.78 -53.55 -23.93
C VAL C 124 -7.55 -55.06 -24.02
N ARG C 125 -6.66 -55.47 -24.92
CA ARG C 125 -6.34 -56.89 -25.04
C ARG C 125 -4.96 -57.12 -24.41
N PRO C 126 -4.68 -58.37 -23.97
CA PRO C 126 -3.39 -58.68 -23.36
C PRO C 126 -2.28 -58.58 -24.38
N PHE C 127 -1.05 -58.35 -23.89
CA PHE C 127 0.09 -58.27 -24.79
C PHE C 127 0.39 -59.70 -25.25
N GLY C 128 0.51 -59.89 -26.55
CA GLY C 128 0.82 -61.21 -27.06
C GLY C 128 2.33 -61.30 -27.01
N VAL C 129 2.86 -61.30 -25.80
CA VAL C 129 4.30 -61.32 -25.61
C VAL C 129 4.74 -62.00 -24.32
N SER C 130 5.89 -62.69 -24.39
CA SER C 130 6.51 -63.33 -23.25
C SER C 130 7.90 -62.74 -23.29
N THR C 131 8.50 -62.48 -22.14
CA THR C 131 9.81 -61.87 -22.17
C THR C 131 10.86 -62.57 -21.34
N LEU C 132 12.11 -62.24 -21.68
CA LEU C 132 13.28 -62.74 -20.98
C LEU C 132 14.03 -61.47 -20.58
N ILE C 133 14.18 -61.27 -19.28
CA ILE C 133 14.85 -60.10 -18.76
C ILE C 133 16.06 -60.61 -17.97
N ALA C 134 17.24 -60.10 -18.31
CA ALA C 134 18.46 -60.53 -17.65
C ALA C 134 19.48 -59.41 -17.48
N GLY C 135 20.31 -59.54 -16.45
CA GLY C 135 21.34 -58.56 -16.16
C GLY C 135 21.89 -58.75 -14.76
N PHE C 136 22.59 -57.76 -14.25
CA PHE C 136 23.17 -57.83 -12.91
C PHE C 136 22.72 -56.69 -12.01
N ASP C 137 22.20 -57.03 -10.83
CA ASP C 137 21.77 -56.01 -9.90
C ASP C 137 22.94 -55.07 -9.67
N PRO C 138 22.67 -53.80 -9.32
CA PRO C 138 23.74 -52.84 -9.07
C PRO C 138 24.69 -53.34 -7.99
N ARG C 139 25.99 -53.23 -8.26
CA ARG C 139 27.01 -53.66 -7.32
C ARG C 139 26.76 -55.09 -6.83
N ASP C 140 26.64 -56.01 -7.77
CA ASP C 140 26.42 -57.43 -7.48
C ASP C 140 26.88 -58.17 -8.73
N ASP C 141 27.34 -59.40 -8.54
CA ASP C 141 27.85 -60.19 -9.65
C ASP C 141 27.12 -61.52 -9.88
N GLU C 142 26.01 -61.72 -9.19
CA GLU C 142 25.22 -62.93 -9.34
C GLU C 142 24.26 -62.75 -10.53
N PRO C 143 24.53 -63.45 -11.65
CA PRO C 143 23.65 -63.33 -12.83
C PRO C 143 22.17 -63.55 -12.55
N LYS C 144 21.36 -62.71 -13.18
CA LYS C 144 19.90 -62.75 -13.03
C LYS C 144 19.19 -63.01 -14.36
N LEU C 145 18.26 -63.97 -14.35
CA LEU C 145 17.49 -64.32 -15.55
C LEU C 145 16.05 -64.56 -15.15
N TYR C 146 15.14 -63.84 -15.79
CA TYR C 146 13.72 -63.93 -15.47
C TYR C 146 12.86 -64.03 -16.70
N GLN C 147 11.64 -64.53 -16.53
CA GLN C 147 10.71 -64.64 -17.65
C GLN C 147 9.29 -64.19 -17.27
N THR C 148 8.61 -63.58 -18.23
CA THR C 148 7.25 -63.12 -18.01
C THR C 148 6.36 -63.58 -19.17
N GLU C 149 5.07 -63.66 -18.90
CA GLU C 149 4.09 -64.07 -19.92
C GLU C 149 2.84 -63.18 -19.91
N PRO C 150 2.01 -63.28 -20.96
CA PRO C 150 0.80 -62.45 -21.02
C PRO C 150 -0.05 -62.44 -19.76
N SER C 151 -0.11 -63.56 -19.05
CA SER C 151 -0.90 -63.66 -17.84
C SER C 151 -0.41 -62.67 -16.81
N GLY C 152 0.89 -62.40 -16.84
CA GLY C 152 1.48 -61.46 -15.89
C GLY C 152 2.34 -62.17 -14.86
N ILE C 153 2.38 -63.49 -14.96
CA ILE C 153 3.18 -64.29 -14.04
C ILE C 153 4.65 -64.27 -14.48
N TYR C 154 5.55 -64.41 -13.51
CA TYR C 154 6.97 -64.42 -13.82
C TYR C 154 7.71 -65.24 -12.78
N SER C 155 8.97 -65.57 -13.11
CA SER C 155 9.83 -66.33 -12.22
C SER C 155 11.23 -66.35 -12.82
N SER C 156 12.21 -66.81 -12.04
CA SER C 156 13.60 -66.86 -12.50
C SER C 156 14.02 -68.24 -12.97
N TRP C 157 14.95 -68.25 -13.92
CA TRP C 157 15.42 -69.49 -14.50
C TRP C 157 16.93 -69.55 -14.61
N SER C 158 17.47 -70.76 -14.56
CA SER C 158 18.92 -70.96 -14.69
C SER C 158 19.15 -70.82 -16.19
N ALA C 159 18.15 -71.28 -16.94
CA ALA C 159 18.16 -71.24 -18.39
C ALA C 159 16.72 -71.41 -18.83
N GLN C 160 16.33 -70.69 -19.86
CA GLN C 160 14.96 -70.78 -20.32
C GLN C 160 14.86 -70.31 -21.77
N THR C 161 13.76 -70.71 -22.41
CA THR C 161 13.52 -70.38 -23.80
C THR C 161 12.01 -70.24 -24.01
N ILE C 162 11.63 -69.37 -24.94
CA ILE C 162 10.24 -69.12 -25.29
C ILE C 162 10.19 -68.96 -26.79
N GLY C 163 8.99 -69.07 -27.36
CA GLY C 163 8.85 -68.95 -28.80
C GLY C 163 8.59 -70.29 -29.43
N ARG C 164 8.60 -70.33 -30.76
CA ARG C 164 8.36 -71.59 -31.46
C ARG C 164 9.45 -72.62 -31.19
N ASN C 165 9.02 -73.87 -31.07
CA ASN C 165 9.93 -74.97 -30.82
C ASN C 165 10.68 -74.82 -29.51
N SER C 166 10.17 -73.94 -28.64
CA SER C 166 10.80 -73.72 -27.35
C SER C 166 10.78 -75.03 -26.57
N LYS C 167 9.77 -75.87 -26.86
CA LYS C 167 9.62 -77.16 -26.20
C LYS C 167 10.91 -77.95 -26.44
N THR C 168 11.32 -77.97 -27.70
CA THR C 168 12.53 -78.66 -28.12
C THR C 168 13.75 -78.15 -27.38
N VAL C 169 14.13 -76.92 -27.71
CA VAL C 169 15.30 -76.31 -27.10
C VAL C 169 15.30 -76.34 -25.57
N ARG C 170 14.13 -76.41 -24.94
CA ARG C 170 14.11 -76.47 -23.49
C ARG C 170 14.63 -77.84 -23.08
N GLU C 171 14.12 -78.87 -23.76
CA GLU C 171 14.52 -80.26 -23.53
C GLU C 171 16.05 -80.28 -23.60
N PHE C 172 16.59 -79.78 -24.70
CA PHE C 172 18.03 -79.73 -24.90
C PHE C 172 18.67 -79.16 -23.64
N LEU C 173 18.20 -78.00 -23.22
CA LEU C 173 18.74 -77.32 -22.05
C LEU C 173 18.59 -78.11 -20.76
N GLU C 174 17.49 -78.83 -20.59
CA GLU C 174 17.28 -79.60 -19.38
C GLU C 174 18.30 -80.75 -19.23
N LYS C 175 18.84 -81.20 -20.36
CA LYS C 175 19.82 -82.28 -20.34
C LYS C 175 21.12 -81.78 -20.98
N ASN C 176 21.58 -80.62 -20.52
CA ASN C 176 22.80 -80.00 -21.00
C ASN C 176 23.20 -78.85 -20.08
N TYR C 177 22.39 -78.61 -19.05
CA TYR C 177 22.66 -77.54 -18.10
C TYR C 177 22.65 -78.12 -16.69
N ASP C 178 23.78 -77.98 -16.02
CA ASP C 178 23.92 -78.48 -14.66
C ASP C 178 24.07 -77.28 -13.73
N ARG C 179 23.14 -77.12 -12.79
CA ARG C 179 23.22 -76.01 -11.84
C ARG C 179 24.47 -76.19 -11.00
N LYS C 180 24.78 -77.45 -10.72
CA LYS C 180 25.96 -77.81 -9.94
C LYS C 180 27.18 -77.10 -10.51
N GLU C 181 27.27 -77.07 -11.84
CA GLU C 181 28.39 -76.42 -12.51
C GLU C 181 27.90 -75.68 -13.76
N PRO C 182 27.54 -74.40 -13.60
CA PRO C 182 27.06 -73.59 -14.72
C PRO C 182 28.23 -73.13 -15.57
N PRO C 183 27.98 -72.90 -16.87
CA PRO C 183 29.02 -72.46 -17.81
C PRO C 183 29.93 -71.38 -17.18
N ALA C 184 31.04 -71.82 -16.64
CA ALA C 184 31.97 -70.91 -15.98
C ALA C 184 32.68 -69.91 -16.89
N THR C 185 32.39 -69.98 -18.18
CA THR C 185 33.02 -69.07 -19.13
C THR C 185 32.01 -68.45 -20.06
N VAL C 186 32.23 -67.18 -20.38
CA VAL C 186 31.35 -66.48 -21.29
C VAL C 186 31.33 -67.33 -22.57
N GLU C 187 32.51 -67.77 -23.00
CA GLU C 187 32.62 -68.58 -24.21
C GLU C 187 31.85 -69.89 -24.10
N GLU C 188 32.05 -70.62 -23.01
CA GLU C 188 31.36 -71.88 -22.86
C GLU C 188 29.87 -71.67 -22.58
N CYS C 189 29.50 -70.46 -22.19
CA CYS C 189 28.09 -70.16 -21.93
C CYS C 189 27.42 -69.79 -23.25
N VAL C 190 28.11 -69.00 -24.06
CA VAL C 190 27.59 -68.60 -25.37
C VAL C 190 27.52 -69.82 -26.28
N LYS C 191 28.32 -70.83 -25.95
CA LYS C 191 28.33 -72.05 -26.75
C LYS C 191 27.06 -72.83 -26.52
N LEU C 192 26.77 -73.10 -25.25
CA LEU C 192 25.57 -73.85 -24.87
C LEU C 192 24.33 -73.19 -25.45
N THR C 193 24.36 -71.87 -25.56
CA THR C 193 23.23 -71.10 -26.11
C THR C 193 23.09 -71.38 -27.61
N VAL C 194 24.17 -71.17 -28.36
CA VAL C 194 24.14 -71.42 -29.79
C VAL C 194 23.80 -72.87 -30.08
N ARG C 195 24.26 -73.77 -29.22
CA ARG C 195 23.97 -75.20 -29.38
C ARG C 195 22.48 -75.44 -29.29
N SER C 196 21.85 -74.84 -28.28
CA SER C 196 20.42 -74.99 -28.05
C SER C 196 19.60 -74.42 -29.20
N LEU C 197 20.04 -73.29 -29.74
CA LEU C 197 19.32 -72.68 -30.85
C LEU C 197 19.44 -73.52 -32.11
N LEU C 198 20.64 -74.07 -32.36
CA LEU C 198 20.87 -74.89 -33.54
C LEU C 198 19.95 -76.10 -33.61
N GLU C 199 19.38 -76.49 -32.48
CA GLU C 199 18.46 -77.61 -32.42
C GLU C 199 17.20 -77.26 -33.20
N VAL C 200 16.94 -75.97 -33.35
CA VAL C 200 15.73 -75.51 -34.03
C VAL C 200 15.95 -74.56 -35.20
N VAL C 201 17.04 -73.80 -35.17
CA VAL C 201 17.32 -72.82 -36.22
C VAL C 201 17.56 -73.41 -37.60
N GLN C 202 18.06 -74.64 -37.64
CA GLN C 202 18.33 -75.30 -38.90
C GLN C 202 19.34 -74.47 -39.69
N THR C 203 20.60 -74.57 -39.30
CA THR C 203 21.70 -73.84 -39.94
C THR C 203 21.31 -72.40 -40.27
N GLY C 204 21.64 -71.50 -39.35
CA GLY C 204 21.33 -70.11 -39.55
C GLY C 204 22.39 -69.19 -39.00
N ALA C 205 23.52 -69.10 -39.71
CA ALA C 205 24.61 -68.25 -39.26
C ALA C 205 24.08 -66.83 -39.07
N LYS C 206 23.36 -66.33 -40.07
CA LYS C 206 22.79 -64.99 -40.01
C LYS C 206 21.41 -65.03 -39.37
N ASN C 207 20.94 -66.22 -39.04
CA ASN C 207 19.62 -66.38 -38.42
C ASN C 207 19.77 -66.44 -36.90
N ILE C 208 21.00 -66.29 -36.42
CA ILE C 208 21.26 -66.33 -34.98
C ILE C 208 22.02 -65.11 -34.49
N GLU C 209 21.48 -64.48 -33.46
CA GLU C 209 22.12 -63.32 -32.86
C GLU C 209 22.30 -63.58 -31.36
N ILE C 210 23.41 -63.10 -30.82
CA ILE C 210 23.71 -63.29 -29.42
C ILE C 210 24.09 -61.98 -28.74
N THR C 211 23.81 -61.89 -27.44
CA THR C 211 24.15 -60.73 -26.66
C THR C 211 24.62 -61.22 -25.29
N VAL C 212 25.78 -60.76 -24.87
CA VAL C 212 26.35 -61.17 -23.59
C VAL C 212 26.31 -60.05 -22.58
N VAL C 213 25.87 -60.38 -21.38
CA VAL C 213 25.80 -59.40 -20.32
C VAL C 213 26.72 -59.84 -19.18
N LYS C 214 27.66 -58.97 -18.82
CA LYS C 214 28.60 -59.24 -17.73
C LYS C 214 28.30 -58.23 -16.64
N PRO C 215 28.75 -58.50 -15.40
CA PRO C 215 28.50 -57.57 -14.29
C PRO C 215 28.96 -56.14 -14.59
N ASP C 216 28.40 -55.18 -13.87
CA ASP C 216 28.75 -53.78 -14.02
C ASP C 216 28.52 -53.16 -15.40
N SER C 217 27.27 -53.22 -15.86
CA SER C 217 26.89 -52.65 -17.14
C SER C 217 27.81 -52.98 -18.32
N ASP C 218 28.10 -54.26 -18.51
CA ASP C 218 28.94 -54.69 -19.62
C ASP C 218 28.09 -55.53 -20.57
N ILE C 219 27.43 -54.87 -21.51
CA ILE C 219 26.57 -55.54 -22.46
C ILE C 219 27.04 -55.30 -23.88
N VAL C 220 27.20 -56.39 -24.62
CA VAL C 220 27.66 -56.35 -25.99
C VAL C 220 27.03 -57.45 -26.82
N ALA C 221 26.70 -57.12 -28.06
CA ALA C 221 26.10 -58.08 -28.97
C ALA C 221 27.16 -58.53 -29.96
N LEU C 222 27.26 -59.85 -30.15
CA LEU C 222 28.23 -60.43 -31.05
C LEU C 222 27.85 -60.20 -32.50
N SER C 223 28.83 -60.33 -33.40
CA SER C 223 28.60 -60.15 -34.83
C SER C 223 28.57 -61.52 -35.50
N SER C 224 28.00 -61.57 -36.70
CA SER C 224 27.88 -62.82 -37.44
C SER C 224 29.06 -63.73 -37.25
N GLU C 225 30.24 -63.26 -37.64
CA GLU C 225 31.47 -64.03 -37.54
C GLU C 225 31.67 -64.67 -36.18
N GLU C 226 31.79 -63.85 -35.15
CA GLU C 226 31.97 -64.36 -33.80
C GLU C 226 31.00 -65.51 -33.55
N ILE C 227 29.76 -65.31 -33.98
CA ILE C 227 28.71 -66.30 -33.82
C ILE C 227 28.93 -67.46 -34.77
N ASN C 228 29.24 -67.13 -36.01
CA ASN C 228 29.47 -68.14 -37.04
C ASN C 228 30.60 -69.07 -36.62
N GLN C 229 31.55 -68.53 -35.86
CA GLN C 229 32.68 -69.32 -35.38
C GLN C 229 32.17 -70.38 -34.40
N TYR C 230 31.29 -69.96 -33.48
CA TYR C 230 30.74 -70.88 -32.51
C TYR C 230 30.02 -72.00 -33.26
N VAL C 231 29.21 -71.62 -34.25
CA VAL C 231 28.46 -72.59 -35.05
C VAL C 231 29.43 -73.65 -35.60
N THR C 232 30.56 -73.17 -36.13
CA THR C 232 31.58 -74.05 -36.71
C THR C 232 32.16 -75.04 -35.69
N GLN C 233 32.85 -74.51 -34.69
CA GLN C 233 33.44 -75.35 -33.65
C GLN C 233 32.43 -76.37 -33.15
N ILE C 234 31.15 -76.08 -33.33
CA ILE C 234 30.09 -76.98 -32.88
C ILE C 234 29.76 -78.10 -33.86
N GLU C 235 29.69 -77.79 -35.14
CA GLU C 235 29.37 -78.80 -36.14
C GLU C 235 30.50 -79.83 -36.26
N GLN C 236 31.68 -79.45 -35.79
CA GLN C 236 32.81 -80.35 -35.81
C GLN C 236 32.62 -81.36 -34.68
N GLU C 237 32.16 -80.86 -33.54
CA GLU C 237 31.91 -81.71 -32.37
C GLU C 237 31.08 -82.91 -32.82
N LYS C 238 30.09 -82.64 -33.67
CA LYS C 238 29.20 -83.67 -34.20
C LYS C 238 29.92 -84.66 -35.09
N GLN C 239 30.55 -84.15 -36.15
CA GLN C 239 31.29 -84.98 -37.10
C GLN C 239 32.36 -85.81 -36.41
N GLU C 240 33.08 -85.20 -35.47
CA GLU C 240 34.12 -85.91 -34.73
C GLU C 240 33.46 -86.93 -33.85
N GLN C 241 32.71 -87.83 -34.48
CA GLN C 241 31.98 -88.87 -33.80
C GLN C 241 31.02 -89.51 -34.81
N ASP D 1 -22.41 -60.30 -26.31
CA ASP D 1 -22.27 -61.52 -25.46
C ASP D 1 -23.27 -61.51 -24.31
N ARG D 2 -22.76 -61.32 -23.09
CA ARG D 2 -23.59 -61.28 -21.87
C ARG D 2 -22.79 -60.49 -20.82
N GLY D 3 -23.43 -59.48 -20.24
CA GLY D 3 -22.76 -58.65 -19.24
C GLY D 3 -21.88 -59.38 -18.25
N VAL D 4 -20.78 -58.74 -17.84
CA VAL D 4 -19.85 -59.35 -16.89
C VAL D 4 -20.39 -59.32 -15.47
N SER D 5 -21.54 -58.69 -15.28
CA SER D 5 -22.14 -58.61 -13.96
C SER D 5 -23.57 -59.18 -13.93
N THR D 6 -23.85 -60.09 -14.86
CA THR D 6 -25.15 -60.74 -14.98
C THR D 6 -25.38 -61.85 -13.96
N PHE D 7 -26.64 -62.07 -13.62
CA PHE D 7 -27.06 -63.11 -12.69
C PHE D 7 -27.52 -64.34 -13.46
N SER D 8 -27.28 -65.51 -12.90
CA SER D 8 -27.72 -66.74 -13.54
C SER D 8 -29.15 -66.93 -13.07
N PRO D 9 -29.88 -67.87 -13.66
CA PRO D 9 -31.26 -68.05 -13.20
C PRO D 9 -31.30 -68.58 -11.79
N GLU D 10 -30.15 -69.06 -11.30
CA GLU D 10 -30.05 -69.60 -9.95
C GLU D 10 -29.65 -68.53 -8.95
N GLY D 11 -29.60 -67.29 -9.41
CA GLY D 11 -29.25 -66.19 -8.53
C GLY D 11 -27.78 -66.06 -8.20
N ARG D 12 -26.92 -66.48 -9.12
CA ARG D 12 -25.49 -66.39 -8.89
C ARG D 12 -24.88 -65.53 -9.98
N LEU D 13 -23.74 -64.92 -9.68
CA LEU D 13 -23.04 -64.09 -10.64
C LEU D 13 -22.07 -64.95 -11.44
N PHE D 14 -22.37 -65.13 -12.72
CA PHE D 14 -21.55 -65.95 -13.61
C PHE D 14 -20.04 -65.75 -13.47
N GLN D 15 -19.55 -64.56 -13.82
CA GLN D 15 -18.12 -64.30 -13.72
C GLN D 15 -17.50 -64.75 -12.39
N VAL D 16 -18.22 -64.59 -11.29
CA VAL D 16 -17.70 -65.00 -10.01
C VAL D 16 -17.60 -66.53 -9.92
N GLU D 17 -18.65 -67.22 -10.37
CA GLU D 17 -18.67 -68.66 -10.36
C GLU D 17 -17.49 -69.22 -11.16
N TYR D 18 -17.35 -68.77 -12.40
CA TYR D 18 -16.26 -69.22 -13.24
C TYR D 18 -14.95 -68.91 -12.56
N SER D 19 -14.88 -67.76 -11.92
CA SER D 19 -13.69 -67.35 -11.20
C SER D 19 -13.31 -68.51 -10.27
N LEU D 20 -14.26 -68.94 -9.46
CA LEU D 20 -14.04 -70.04 -8.52
C LEU D 20 -13.48 -71.29 -9.19
N GLU D 21 -13.82 -71.50 -10.45
CA GLU D 21 -13.30 -72.66 -11.18
C GLU D 21 -11.81 -72.55 -11.42
N ALA D 22 -11.35 -71.41 -11.89
CA ALA D 22 -9.93 -71.22 -12.14
C ALA D 22 -9.16 -71.49 -10.87
N ILE D 23 -9.78 -71.19 -9.73
CA ILE D 23 -9.14 -71.39 -8.44
C ILE D 23 -8.93 -72.86 -8.11
N LYS D 24 -9.86 -73.71 -8.50
CA LYS D 24 -9.76 -75.14 -8.23
C LYS D 24 -8.54 -75.74 -8.92
N LEU D 25 -8.08 -75.09 -9.98
CA LEU D 25 -6.93 -75.58 -10.74
C LEU D 25 -5.62 -75.10 -10.13
N GLY D 26 -5.72 -74.18 -9.17
CA GLY D 26 -4.54 -73.63 -8.55
C GLY D 26 -3.80 -74.58 -7.64
N SER D 27 -2.53 -74.26 -7.37
CA SER D 27 -1.68 -75.05 -6.50
C SER D 27 -2.24 -75.08 -5.10
N THR D 28 -2.08 -76.21 -4.42
CA THR D 28 -2.60 -76.36 -3.08
C THR D 28 -2.01 -75.37 -2.08
N ALA D 29 -2.88 -74.94 -1.15
CA ALA D 29 -2.49 -74.01 -0.11
C ALA D 29 -3.27 -74.45 1.12
N ILE D 30 -2.59 -74.48 2.27
CA ILE D 30 -3.24 -74.92 3.50
C ILE D 30 -2.87 -74.05 4.71
N GLY D 31 -3.82 -73.85 5.61
CA GLY D 31 -3.58 -73.07 6.80
C GLY D 31 -4.17 -73.72 8.04
N ILE D 32 -3.40 -73.75 9.11
CA ILE D 32 -3.85 -74.33 10.38
C ILE D 32 -3.62 -73.32 11.50
N ALA D 33 -4.63 -73.12 12.32
CA ALA D 33 -4.52 -72.17 13.43
C ALA D 33 -4.47 -72.93 14.74
N THR D 34 -3.61 -72.47 15.65
CA THR D 34 -3.45 -73.11 16.95
C THR D 34 -3.17 -72.00 17.96
N LYS D 35 -3.59 -72.18 19.21
CA LYS D 35 -3.36 -71.18 20.25
C LYS D 35 -1.90 -70.75 20.40
N GLU D 36 -1.01 -71.39 19.63
CA GLU D 36 0.42 -71.08 19.66
C GLU D 36 0.86 -70.36 18.38
N GLY D 37 -0.10 -70.15 17.48
CA GLY D 37 0.20 -69.48 16.23
C GLY D 37 -0.55 -70.08 15.06
N VAL D 38 -0.32 -69.53 13.87
CA VAL D 38 -0.99 -70.04 12.67
C VAL D 38 0.06 -70.43 11.66
N VAL D 39 -0.12 -71.59 11.04
CA VAL D 39 0.80 -72.11 10.04
C VAL D 39 0.20 -71.96 8.64
N LEU D 40 1.04 -71.59 7.69
CA LEU D 40 0.62 -71.41 6.32
C LEU D 40 1.56 -72.17 5.41
N GLY D 41 1.03 -73.15 4.67
CA GLY D 41 1.85 -73.93 3.76
C GLY D 41 1.28 -73.94 2.35
N VAL D 42 2.18 -74.03 1.37
CA VAL D 42 1.77 -74.02 -0.04
C VAL D 42 2.60 -74.97 -0.90
N GLU D 43 2.04 -75.30 -2.07
CA GLU D 43 2.72 -76.16 -3.04
C GLU D 43 3.37 -75.27 -4.09
N LYS D 44 4.69 -75.24 -4.14
CA LYS D 44 5.37 -74.44 -5.15
C LYS D 44 4.87 -74.82 -6.54
N ARG D 45 5.25 -76.01 -6.99
CA ARG D 45 4.84 -76.52 -8.31
C ARG D 45 5.57 -75.88 -9.49
N ALA D 46 6.85 -76.18 -9.62
CA ALA D 46 7.65 -75.66 -10.72
C ALA D 46 7.30 -76.40 -12.01
N THR D 47 7.16 -75.66 -13.10
CA THR D 47 6.80 -76.27 -14.38
C THR D 47 8.02 -76.77 -15.16
N SER D 48 9.16 -76.88 -14.48
CA SER D 48 10.39 -77.34 -15.13
C SER D 48 11.55 -77.32 -14.14
N PRO D 49 12.53 -78.23 -14.34
CA PRO D 49 13.70 -78.30 -13.46
C PRO D 49 14.61 -77.09 -13.55
N LEU D 50 14.50 -76.33 -14.65
CA LEU D 50 15.32 -75.14 -14.85
C LEU D 50 14.80 -73.91 -14.11
N LEU D 51 13.55 -73.98 -13.65
CA LEU D 51 12.92 -72.88 -12.93
C LEU D 51 13.40 -72.86 -11.49
N GLU D 52 14.09 -71.80 -11.11
CA GLU D 52 14.60 -71.68 -9.74
C GLU D 52 13.39 -71.61 -8.80
N SER D 53 13.12 -72.73 -8.15
CA SER D 53 11.97 -72.86 -7.25
C SER D 53 11.76 -71.85 -6.12
N ASP D 54 12.78 -71.12 -5.72
CA ASP D 54 12.56 -70.17 -4.63
C ASP D 54 12.13 -68.81 -5.14
N SER D 55 12.00 -68.67 -6.46
CA SER D 55 11.54 -67.41 -7.04
C SER D 55 10.02 -67.54 -7.16
N ILE D 56 9.46 -68.54 -6.49
CA ILE D 56 8.02 -68.77 -6.50
C ILE D 56 7.47 -68.27 -5.19
N GLU D 57 6.87 -67.09 -5.21
CA GLU D 57 6.33 -66.46 -4.01
C GLU D 57 4.81 -66.61 -3.89
N LYS D 58 4.36 -67.57 -3.09
CA LYS D 58 2.94 -67.78 -2.92
C LYS D 58 2.52 -67.61 -1.47
N ILE D 59 3.45 -67.09 -0.68
CA ILE D 59 3.21 -66.77 0.72
C ILE D 59 3.92 -65.44 0.89
N VAL D 60 3.16 -64.39 1.21
CA VAL D 60 3.75 -63.07 1.37
C VAL D 60 3.33 -62.43 2.67
N GLU D 61 4.11 -61.44 3.10
CA GLU D 61 3.86 -60.66 4.31
C GLU D 61 2.98 -59.44 3.99
N ILE D 62 1.90 -59.29 4.75
CA ILE D 62 1.02 -58.15 4.59
C ILE D 62 1.60 -57.13 5.56
N ASP D 63 1.78 -57.57 6.80
CA ASP D 63 2.34 -56.77 7.88
C ASP D 63 3.11 -57.73 8.79
N ARG D 64 3.81 -57.21 9.79
CA ARG D 64 4.59 -58.07 10.67
C ARG D 64 3.75 -59.10 11.40
N HIS D 65 2.45 -58.82 11.56
CA HIS D 65 1.55 -59.73 12.27
C HIS D 65 0.48 -60.32 11.36
N ILE D 66 0.70 -60.19 10.05
CA ILE D 66 -0.25 -60.70 9.05
C ILE D 66 0.44 -61.20 7.79
N GLY D 67 0.13 -62.42 7.39
CA GLY D 67 0.70 -62.98 6.18
C GLY D 67 -0.40 -63.73 5.44
N CYS D 68 -0.15 -64.12 4.20
CA CYS D 68 -1.19 -64.85 3.47
C CYS D 68 -0.64 -65.77 2.40
N ALA D 69 -1.47 -66.74 2.02
CA ALA D 69 -1.12 -67.69 0.97
C ALA D 69 -2.16 -67.56 -0.13
N MET D 70 -1.73 -67.75 -1.37
CA MET D 70 -2.63 -67.63 -2.50
C MET D 70 -2.74 -68.90 -3.35
N SER D 71 -3.84 -69.01 -4.09
CA SER D 71 -4.08 -70.14 -4.96
C SER D 71 -4.97 -69.67 -6.11
N GLY D 72 -4.59 -70.02 -7.35
CA GLY D 72 -5.36 -69.59 -8.51
C GLY D 72 -4.46 -68.81 -9.43
N LEU D 73 -5.02 -67.89 -10.21
CA LEU D 73 -4.19 -67.09 -11.10
C LEU D 73 -3.44 -66.14 -10.19
N THR D 74 -2.24 -66.53 -9.77
CA THR D 74 -1.46 -65.74 -8.83
C THR D 74 -1.05 -64.34 -9.27
N ALA D 75 -0.99 -64.09 -10.57
CA ALA D 75 -0.63 -62.75 -11.03
C ALA D 75 -1.70 -61.77 -10.53
N ASP D 76 -2.96 -62.21 -10.55
CA ASP D 76 -4.08 -61.40 -10.09
C ASP D 76 -3.92 -60.89 -8.68
N ALA D 77 -3.28 -61.69 -7.82
CA ALA D 77 -3.09 -61.35 -6.42
C ALA D 77 -2.14 -60.20 -6.10
N ARG D 78 -1.34 -59.77 -7.07
CA ARG D 78 -0.40 -58.68 -6.81
C ARG D 78 -1.07 -57.43 -6.25
N SER D 79 -2.05 -56.89 -6.98
CA SER D 79 -2.74 -55.70 -6.52
C SER D 79 -3.49 -55.92 -5.21
N MET D 80 -3.99 -57.14 -4.98
CA MET D 80 -4.72 -57.42 -3.74
C MET D 80 -3.79 -57.28 -2.55
N ILE D 81 -2.55 -57.70 -2.74
CA ILE D 81 -1.57 -57.63 -1.68
C ILE D 81 -1.10 -56.20 -1.47
N GLU D 82 -1.05 -55.44 -2.54
CA GLU D 82 -0.63 -54.04 -2.45
C GLU D 82 -1.67 -53.32 -1.59
N HIS D 83 -2.93 -53.46 -1.96
CA HIS D 83 -4.02 -52.85 -1.23
C HIS D 83 -3.94 -53.25 0.23
N ALA D 84 -3.77 -54.54 0.46
CA ALA D 84 -3.69 -55.06 1.82
C ALA D 84 -2.56 -54.45 2.64
N ARG D 85 -1.36 -54.38 2.06
CA ARG D 85 -0.23 -53.82 2.79
C ARG D 85 -0.47 -52.33 3.06
N THR D 86 -1.00 -51.64 2.07
CA THR D 86 -1.28 -50.22 2.20
C THR D 86 -2.35 -49.99 3.26
N ALA D 87 -3.31 -50.90 3.37
CA ALA D 87 -4.36 -50.77 4.36
C ALA D 87 -3.74 -50.93 5.75
N ALA D 88 -2.94 -51.98 5.92
CA ALA D 88 -2.29 -52.24 7.21
C ALA D 88 -1.44 -51.07 7.63
N VAL D 89 -0.61 -50.59 6.71
CA VAL D 89 0.29 -49.46 6.98
C VAL D 89 -0.48 -48.18 7.26
N THR D 90 -1.49 -47.91 6.43
CA THR D 90 -2.31 -46.72 6.58
C THR D 90 -3.04 -46.68 7.89
N HIS D 91 -3.62 -47.80 8.29
CA HIS D 91 -4.34 -47.83 9.56
C HIS D 91 -3.41 -47.42 10.69
N ASN D 92 -2.17 -47.88 10.61
CA ASN D 92 -1.20 -47.57 11.63
C ASN D 92 -0.91 -46.08 11.67
N LEU D 93 -0.75 -45.50 10.49
CA LEU D 93 -0.49 -44.06 10.36
C LEU D 93 -1.63 -43.22 10.94
N TYR D 94 -2.87 -43.61 10.64
CA TYR D 94 -4.03 -42.87 11.10
C TYR D 94 -4.51 -43.18 12.51
N TYR D 95 -4.13 -44.33 13.07
CA TYR D 95 -4.58 -44.67 14.42
C TYR D 95 -3.52 -45.06 15.42
N ASP D 96 -2.26 -45.05 14.99
CA ASP D 96 -1.15 -45.39 15.87
C ASP D 96 -1.41 -46.75 16.55
N GLU D 97 -1.79 -47.74 15.75
CA GLU D 97 -2.05 -49.09 16.25
C GLU D 97 -2.04 -50.07 15.09
N ASP D 98 -2.07 -51.36 15.39
CA ASP D 98 -2.06 -52.39 14.36
C ASP D 98 -3.47 -52.68 13.87
N ILE D 99 -3.58 -52.96 12.57
CA ILE D 99 -4.87 -53.24 11.97
C ILE D 99 -5.33 -54.62 12.38
N ASN D 100 -6.58 -54.76 12.79
CA ASN D 100 -7.11 -56.07 13.18
C ASN D 100 -7.07 -57.00 11.99
N VAL D 101 -6.80 -58.27 12.21
CA VAL D 101 -6.74 -59.22 11.11
C VAL D 101 -8.04 -59.26 10.31
N GLU D 102 -9.18 -59.25 11.01
CA GLU D 102 -10.45 -59.31 10.32
C GLU D 102 -10.69 -58.09 9.43
N SER D 103 -10.37 -56.90 9.95
CA SER D 103 -10.55 -55.67 9.16
C SER D 103 -9.68 -55.75 7.91
N LEU D 104 -8.43 -56.16 8.07
CA LEU D 104 -7.54 -56.28 6.93
C LEU D 104 -8.21 -57.15 5.87
N THR D 105 -8.83 -58.23 6.32
CA THR D 105 -9.51 -59.14 5.42
C THR D 105 -10.71 -58.47 4.74
N GLN D 106 -11.55 -57.84 5.56
CA GLN D 106 -12.73 -57.15 5.06
C GLN D 106 -12.36 -56.12 4.01
N SER D 107 -11.21 -55.50 4.20
CA SER D 107 -10.69 -54.49 3.28
C SER D 107 -10.38 -55.08 1.92
N VAL D 108 -9.71 -56.22 1.92
CA VAL D 108 -9.34 -56.91 0.69
C VAL D 108 -10.60 -57.36 -0.03
N CYS D 109 -11.53 -57.93 0.73
CA CYS D 109 -12.79 -58.41 0.16
C CYS D 109 -13.58 -57.31 -0.49
N ASP D 110 -13.43 -56.09 0.00
CA ASP D 110 -14.15 -54.96 -0.55
C ASP D 110 -13.78 -54.60 -1.99
N LEU D 111 -12.65 -55.11 -2.48
CA LEU D 111 -12.26 -54.83 -3.86
C LEU D 111 -12.88 -55.87 -4.77
N ALA D 112 -13.12 -57.04 -4.20
CA ALA D 112 -13.68 -58.17 -4.92
C ALA D 112 -14.72 -57.85 -5.96
N LEU D 113 -15.88 -57.34 -5.54
CA LEU D 113 -16.96 -57.04 -6.47
C LEU D 113 -16.83 -55.71 -7.24
N ARG D 114 -15.66 -55.08 -7.13
CA ARG D 114 -15.41 -53.83 -7.83
C ARG D 114 -15.10 -54.04 -9.31
N PHE D 115 -15.93 -54.84 -9.98
CA PHE D 115 -15.71 -55.07 -11.39
C PHE D 115 -16.97 -54.81 -12.20
N GLY D 116 -16.78 -54.68 -13.52
CA GLY D 116 -17.90 -54.44 -14.42
C GLY D 116 -17.53 -53.59 -15.63
N GLU D 117 -18.56 -53.24 -16.42
CA GLU D 117 -18.38 -52.42 -17.61
C GLU D 117 -19.18 -51.12 -17.43
N GLY D 118 -19.64 -50.89 -16.20
CA GLY D 118 -20.42 -49.70 -15.89
C GLY D 118 -21.54 -49.99 -14.89
N ALA D 119 -21.19 -50.62 -13.77
CA ALA D 119 -22.16 -50.97 -12.73
C ALA D 119 -22.55 -49.79 -11.83
N SER D 120 -23.85 -49.46 -11.84
CA SER D 120 -24.43 -48.36 -11.06
C SER D 120 -24.31 -48.55 -9.54
N GLY D 121 -23.44 -47.76 -8.91
CA GLY D 121 -23.24 -47.84 -7.48
C GLY D 121 -22.02 -47.05 -7.02
N GLU D 122 -21.14 -46.75 -7.98
CA GLU D 122 -19.90 -46.01 -7.75
C GLU D 122 -19.13 -45.99 -9.06
N GLU D 123 -17.86 -46.38 -9.02
CA GLU D 123 -17.04 -46.43 -10.24
C GLU D 123 -16.17 -47.68 -10.25
N ARG D 124 -16.83 -48.84 -10.27
CA ARG D 124 -16.14 -50.12 -10.29
C ARG D 124 -15.37 -50.35 -11.59
N LEU D 125 -14.10 -49.97 -11.59
CA LEU D 125 -13.26 -50.14 -12.76
C LEU D 125 -12.30 -51.32 -12.58
N MET D 126 -12.61 -52.39 -13.31
CA MET D 126 -11.87 -53.66 -13.31
C MET D 126 -12.79 -54.52 -14.16
N SER D 127 -12.29 -54.98 -15.32
CA SER D 127 -13.11 -55.75 -16.23
C SER D 127 -13.59 -57.12 -15.81
N ARG D 128 -12.94 -57.73 -14.83
CA ARG D 128 -13.33 -59.07 -14.38
C ARG D 128 -12.99 -59.28 -12.93
N PRO D 129 -13.55 -60.34 -12.31
CA PRO D 129 -13.24 -60.60 -10.89
C PRO D 129 -11.82 -61.17 -10.84
N PHE D 130 -11.26 -61.26 -9.64
CA PHE D 130 -9.92 -61.83 -9.48
C PHE D 130 -10.03 -63.34 -9.62
N GLY D 131 -8.99 -63.97 -10.13
CA GLY D 131 -9.01 -65.43 -10.27
C GLY D 131 -8.11 -66.08 -9.23
N VAL D 132 -8.15 -65.56 -8.01
CA VAL D 132 -7.30 -66.09 -6.96
C VAL D 132 -7.94 -65.96 -5.58
N ALA D 133 -7.72 -66.96 -4.72
CA ALA D 133 -8.26 -66.93 -3.36
C ALA D 133 -7.08 -66.73 -2.43
N LEU D 134 -7.36 -66.39 -1.17
CA LEU D 134 -6.28 -66.15 -0.22
C LEU D 134 -6.61 -66.67 1.17
N LEU D 135 -5.58 -67.12 1.85
CA LEU D 135 -5.72 -67.56 3.23
C LEU D 135 -4.93 -66.50 3.96
N ILE D 136 -5.64 -65.66 4.71
CA ILE D 136 -4.98 -64.59 5.44
C ILE D 136 -4.81 -65.05 6.87
N ALA D 137 -3.56 -65.10 7.30
CA ALA D 137 -3.25 -65.54 8.67
C ALA D 137 -2.55 -64.45 9.46
N GLY D 138 -3.00 -64.25 10.69
CA GLY D 138 -2.37 -63.25 11.52
C GLY D 138 -2.81 -63.31 12.96
N HIS D 139 -2.36 -62.32 13.72
CA HIS D 139 -2.69 -62.23 15.13
C HIS D 139 -2.87 -60.79 15.56
N ASP D 140 -3.82 -60.55 16.45
CA ASP D 140 -4.04 -59.23 16.99
C ASP D 140 -4.51 -59.36 18.44
N ALA D 141 -4.42 -58.27 19.19
CA ALA D 141 -4.80 -58.27 20.60
C ALA D 141 -6.26 -58.55 20.87
N ASP D 142 -7.12 -58.35 19.88
CA ASP D 142 -8.54 -58.56 20.08
C ASP D 142 -9.02 -60.00 19.97
N ASP D 143 -8.71 -60.67 18.88
CA ASP D 143 -9.12 -62.05 18.67
C ASP D 143 -7.97 -63.02 18.49
N GLY D 144 -6.80 -62.63 18.99
CA GLY D 144 -5.63 -63.47 18.90
C GLY D 144 -5.32 -64.02 17.53
N TYR D 145 -4.97 -65.31 17.48
CA TYR D 145 -4.63 -65.97 16.22
C TYR D 145 -5.85 -66.23 15.36
N GLN D 146 -5.73 -65.84 14.08
CA GLN D 146 -6.83 -65.99 13.15
C GLN D 146 -6.42 -66.41 11.74
N LEU D 147 -7.30 -67.18 11.11
CA LEU D 147 -7.09 -67.65 9.76
C LEU D 147 -8.36 -67.30 8.98
N PHE D 148 -8.19 -66.66 7.83
CA PHE D 148 -9.30 -66.24 7.02
C PHE D 148 -9.17 -66.72 5.58
N HIS D 149 -10.31 -67.04 4.99
CA HIS D 149 -10.36 -67.47 3.60
C HIS D 149 -11.17 -66.38 2.92
N ALA D 150 -10.55 -65.71 1.96
CA ALA D 150 -11.23 -64.63 1.24
C ALA D 150 -11.32 -65.03 -0.23
N GLU D 151 -12.52 -64.94 -0.80
CA GLU D 151 -12.72 -65.32 -2.20
C GLU D 151 -13.10 -64.16 -3.12
N PRO D 152 -12.97 -64.35 -4.44
CA PRO D 152 -13.30 -63.31 -5.43
C PRO D 152 -14.77 -62.90 -5.36
N SER D 153 -15.54 -63.63 -4.56
CA SER D 153 -16.95 -63.34 -4.39
C SER D 153 -17.12 -62.11 -3.52
N GLY D 154 -16.13 -61.86 -2.67
CA GLY D 154 -16.18 -60.72 -1.80
C GLY D 154 -16.50 -61.15 -0.39
N THR D 155 -16.76 -62.43 -0.21
CA THR D 155 -17.06 -62.93 1.12
C THR D 155 -15.81 -63.56 1.72
N PHE D 156 -15.83 -63.78 3.02
CA PHE D 156 -14.72 -64.42 3.70
C PHE D 156 -15.23 -65.13 4.94
N TYR D 157 -14.52 -66.18 5.32
CA TYR D 157 -14.87 -66.97 6.48
C TYR D 157 -13.63 -67.13 7.34
N ARG D 158 -13.88 -67.40 8.62
CA ARG D 158 -12.80 -67.64 9.55
C ARG D 158 -12.77 -69.14 9.76
N TYR D 159 -11.58 -69.75 9.70
CA TYR D 159 -11.43 -71.19 9.89
C TYR D 159 -10.34 -71.50 10.92
N ASN D 160 -10.39 -72.73 11.45
CA ASN D 160 -9.38 -73.20 12.39
C ASN D 160 -8.31 -73.84 11.51
N ALA D 161 -8.77 -74.31 10.37
CA ALA D 161 -7.92 -74.94 9.36
C ALA D 161 -8.69 -74.87 8.04
N LYS D 162 -7.98 -74.65 6.94
CA LYS D 162 -8.63 -74.55 5.65
C LYS D 162 -7.66 -74.87 4.53
N ALA D 163 -8.14 -75.58 3.52
CA ALA D 163 -7.30 -75.95 2.39
C ALA D 163 -7.98 -75.48 1.12
N ILE D 164 -7.22 -74.80 0.27
CA ILE D 164 -7.72 -74.29 -1.00
C ILE D 164 -6.76 -74.70 -2.08
N GLY D 165 -7.28 -74.91 -3.28
CA GLY D 165 -6.44 -75.33 -4.39
C GLY D 165 -6.85 -76.70 -4.91
N SER D 166 -6.07 -77.21 -5.86
CA SER D 166 -6.39 -78.51 -6.45
C SER D 166 -6.65 -79.65 -5.46
N GLY D 167 -5.88 -79.74 -4.38
CA GLY D 167 -6.11 -80.82 -3.45
C GLY D 167 -7.11 -80.58 -2.33
N SER D 168 -7.66 -79.38 -2.27
CA SER D 168 -8.60 -78.97 -1.23
C SER D 168 -9.68 -79.93 -0.69
N GLU D 169 -10.69 -80.24 -1.49
CA GLU D 169 -11.78 -81.14 -1.05
C GLU D 169 -11.33 -82.34 -0.23
N GLY D 170 -10.26 -82.99 -0.70
CA GLY D 170 -9.73 -84.13 0.04
C GLY D 170 -9.03 -83.65 1.30
N ALA D 171 -8.11 -82.70 1.13
CA ALA D 171 -7.36 -82.14 2.24
C ALA D 171 -8.25 -81.54 3.30
N GLN D 172 -9.34 -80.92 2.89
CA GLN D 172 -10.27 -80.32 3.83
C GLN D 172 -10.94 -81.41 4.65
N ALA D 173 -11.36 -82.47 3.96
CA ALA D 173 -12.01 -83.60 4.61
C ALA D 173 -11.07 -84.13 5.68
N GLU D 174 -9.78 -84.21 5.33
CA GLU D 174 -8.76 -84.69 6.26
C GLU D 174 -8.74 -83.77 7.48
N LEU D 175 -8.51 -82.48 7.25
CA LEU D 175 -8.45 -81.48 8.32
C LEU D 175 -9.61 -81.62 9.29
N LEU D 176 -10.79 -81.87 8.74
CA LEU D 176 -11.98 -82.02 9.55
C LEU D 176 -11.74 -82.97 10.72
N ASN D 177 -10.89 -83.98 10.50
CA ASN D 177 -10.58 -84.97 11.53
C ASN D 177 -9.33 -84.66 12.32
N GLU D 178 -8.23 -84.39 11.62
CA GLU D 178 -6.94 -84.09 12.25
C GLU D 178 -6.94 -82.92 13.23
N TRP D 179 -7.67 -81.86 12.91
CA TRP D 179 -7.71 -80.65 13.74
C TRP D 179 -8.51 -80.76 15.03
N HIS D 180 -7.93 -80.25 16.10
CA HIS D 180 -8.56 -80.20 17.42
C HIS D 180 -7.99 -78.97 18.12
N SER D 181 -8.82 -78.30 18.92
CA SER D 181 -8.44 -77.08 19.61
C SER D 181 -7.20 -77.09 20.49
N SER D 182 -6.58 -78.25 20.69
CA SER D 182 -5.42 -78.34 21.55
C SER D 182 -4.11 -78.62 20.81
N LEU D 183 -4.13 -78.40 19.50
CA LEU D 183 -2.95 -78.62 18.68
C LEU D 183 -1.81 -77.70 19.06
N THR D 184 -0.58 -78.13 18.82
CA THR D 184 0.58 -77.32 19.11
C THR D 184 1.08 -76.83 17.77
N LEU D 185 1.88 -75.77 17.78
CA LEU D 185 2.39 -75.25 16.53
C LEU D 185 3.12 -76.33 15.74
N LYS D 186 4.05 -77.01 16.38
CA LYS D 186 4.81 -78.07 15.72
C LYS D 186 3.87 -79.11 15.11
N GLU D 187 2.88 -79.53 15.89
CA GLU D 187 1.91 -80.51 15.40
C GLU D 187 1.30 -80.00 14.11
N ALA D 188 0.83 -78.76 14.14
CA ALA D 188 0.23 -78.13 12.98
C ALA D 188 1.19 -78.15 11.80
N GLU D 189 2.46 -77.85 12.07
CA GLU D 189 3.47 -77.84 11.01
C GLU D 189 3.51 -79.18 10.30
N LEU D 190 3.65 -80.26 11.06
CA LEU D 190 3.70 -81.60 10.48
C LEU D 190 2.41 -81.92 9.73
N LEU D 191 1.27 -81.64 10.35
CA LEU D 191 -0.02 -81.90 9.74
C LEU D 191 -0.11 -81.25 8.37
N VAL D 192 0.27 -79.97 8.27
CA VAL D 192 0.24 -79.27 6.98
C VAL D 192 1.14 -79.99 5.97
N LEU D 193 2.36 -80.25 6.39
CA LEU D 193 3.36 -80.93 5.56
C LEU D 193 2.81 -82.28 5.09
N LYS D 194 2.17 -83.01 6.00
CA LYS D 194 1.60 -84.30 5.68
C LYS D 194 0.49 -84.18 4.63
N ILE D 195 -0.52 -83.36 4.89
CA ILE D 195 -1.60 -83.20 3.90
C ILE D 195 -1.07 -82.76 2.54
N LEU D 196 -0.11 -81.85 2.53
CA LEU D 196 0.45 -81.39 1.28
C LEU D 196 1.03 -82.59 0.54
N LYS D 197 1.77 -83.40 1.26
CA LYS D 197 2.40 -84.60 0.69
C LYS D 197 1.39 -85.57 0.06
N GLN D 198 0.24 -85.72 0.71
CA GLN D 198 -0.82 -86.60 0.21
C GLN D 198 -1.48 -86.10 -1.07
N VAL D 199 -1.73 -84.80 -1.18
CA VAL D 199 -2.39 -84.26 -2.36
C VAL D 199 -1.45 -83.86 -3.48
N MET D 200 -0.18 -83.67 -3.16
CA MET D 200 0.78 -83.27 -4.18
C MET D 200 1.19 -84.41 -5.08
N GLU D 201 1.13 -84.17 -6.39
CA GLU D 201 1.52 -85.17 -7.37
C GLU D 201 2.99 -85.42 -7.16
N GLU D 202 3.72 -84.34 -6.89
CA GLU D 202 5.14 -84.40 -6.66
C GLU D 202 5.52 -84.94 -5.29
N LYS D 203 6.67 -85.60 -5.23
CA LYS D 203 7.18 -86.11 -3.97
C LYS D 203 7.65 -84.87 -3.22
N LEU D 204 6.90 -84.53 -2.17
CA LEU D 204 7.20 -83.35 -1.36
C LEU D 204 8.61 -83.28 -0.78
N ASP D 205 9.35 -82.27 -1.18
CA ASP D 205 10.69 -82.04 -0.64
C ASP D 205 10.68 -80.57 -0.18
N GLU D 206 11.82 -80.05 0.25
CA GLU D 206 11.85 -78.66 0.71
C GLU D 206 12.06 -77.67 -0.42
N ASN D 207 11.78 -78.09 -1.65
CA ASN D 207 11.96 -77.22 -2.80
C ASN D 207 10.67 -76.98 -3.57
N ASN D 208 9.69 -77.86 -3.39
CA ASN D 208 8.41 -77.71 -4.07
C ASN D 208 7.31 -77.49 -3.04
N ALA D 209 7.73 -77.18 -1.82
CA ALA D 209 6.82 -76.92 -0.72
C ALA D 209 7.46 -75.85 0.15
N GLN D 210 6.63 -75.02 0.77
CA GLN D 210 7.11 -73.95 1.62
C GLN D 210 6.20 -73.80 2.83
N LEU D 211 6.82 -73.61 3.99
CA LEU D 211 6.08 -73.43 5.22
C LEU D 211 6.33 -72.04 5.77
N SER D 212 5.44 -71.60 6.64
CA SER D 212 5.58 -70.30 7.25
C SER D 212 4.57 -70.23 8.37
N CYS D 213 4.76 -69.26 9.26
CA CYS D 213 3.82 -69.11 10.35
C CYS D 213 3.82 -67.68 10.83
N ILE D 214 2.89 -67.41 11.73
CA ILE D 214 2.75 -66.12 12.32
C ILE D 214 2.40 -66.36 13.79
N THR D 215 3.23 -65.80 14.67
CA THR D 215 3.06 -65.91 16.12
C THR D 215 3.20 -64.53 16.75
N LYS D 216 2.54 -64.35 17.89
CA LYS D 216 2.56 -63.07 18.57
C LYS D 216 3.97 -62.56 18.84
N GLN D 217 4.89 -63.45 19.23
CA GLN D 217 6.25 -63.02 19.55
C GLN D 217 7.14 -62.61 18.38
N ASP D 218 7.21 -63.41 17.32
CA ASP D 218 8.08 -63.05 16.20
C ASP D 218 7.33 -62.65 14.94
N GLY D 219 6.01 -62.64 15.03
CA GLY D 219 5.20 -62.25 13.90
C GLY D 219 5.23 -63.25 12.75
N PHE D 220 5.09 -62.75 11.54
CA PHE D 220 5.08 -63.58 10.35
C PHE D 220 6.46 -63.86 9.79
N LYS D 221 6.80 -65.15 9.72
CA LYS D 221 8.10 -65.60 9.21
C LYS D 221 7.89 -66.75 8.22
N ILE D 222 8.72 -66.76 7.18
CA ILE D 222 8.65 -67.81 6.17
C ILE D 222 9.83 -68.76 6.38
N TYR D 223 9.52 -70.02 6.72
CA TYR D 223 10.54 -71.03 6.97
C TYR D 223 11.49 -71.20 5.79
N ASP D 224 12.79 -71.17 6.06
CA ASP D 224 13.78 -71.36 5.00
C ASP D 224 13.92 -72.87 4.74
N ASN D 225 14.29 -73.21 3.51
CA ASN D 225 14.44 -74.60 3.10
C ASN D 225 15.01 -75.53 4.16
N GLU D 226 16.15 -75.18 4.72
CA GLU D 226 16.78 -76.03 5.73
C GLU D 226 15.79 -76.36 6.83
N LYS D 227 15.18 -75.33 7.42
CA LYS D 227 14.23 -75.56 8.50
C LYS D 227 13.08 -76.50 8.13
N THR D 228 12.54 -76.33 6.93
CA THR D 228 11.43 -77.17 6.50
C THR D 228 11.88 -78.59 6.21
N ALA D 229 13.01 -78.73 5.53
CA ALA D 229 13.54 -80.05 5.20
C ALA D 229 13.54 -80.93 6.43
N GLU D 230 14.07 -80.40 7.54
CA GLU D 230 14.14 -81.13 8.79
C GLU D 230 12.77 -81.53 9.30
N LEU D 231 11.80 -80.63 9.16
CA LEU D 231 10.45 -80.94 9.60
C LEU D 231 9.87 -82.04 8.70
N ILE D 232 10.28 -82.04 7.43
CA ILE D 232 9.83 -83.05 6.48
C ILE D 232 10.39 -84.40 6.92
N LYS D 233 11.70 -84.42 7.18
CA LYS D 233 12.39 -85.60 7.65
C LYS D 233 11.74 -86.08 8.94
N GLU D 234 11.63 -85.18 9.89
CA GLU D 234 11.01 -85.47 11.18
C GLU D 234 9.63 -86.11 10.97
N LEU D 235 9.00 -85.79 9.85
CA LEU D 235 7.67 -86.32 9.53
C LEU D 235 7.74 -87.74 8.99
N LYS D 236 8.67 -87.98 8.07
CA LYS D 236 8.83 -89.31 7.49
C LYS D 236 9.04 -90.33 8.59
N GLU D 237 9.90 -89.97 9.53
CA GLU D 237 10.23 -90.82 10.66
C GLU D 237 9.02 -91.15 11.53
N LYS D 238 8.29 -90.13 11.93
CA LYS D 238 7.13 -90.35 12.76
C LYS D 238 6.08 -91.19 12.04
N GLU D 239 5.94 -91.00 10.73
CA GLU D 239 4.96 -91.74 9.95
C GLU D 239 5.31 -93.22 9.87
N ALA D 240 6.52 -93.50 9.39
CA ALA D 240 6.99 -94.87 9.26
C ALA D 240 7.07 -95.54 10.63
N ALA D 241 6.73 -94.79 11.67
CA ALA D 241 6.76 -95.29 13.04
C ALA D 241 5.52 -96.10 13.39
N GLU D 242 4.59 -96.23 12.44
CA GLU D 242 3.37 -96.99 12.64
C GLU D 242 2.31 -96.66 11.58
N PHE E 1 -37.43 -68.17 -25.46
CA PHE E 1 -38.16 -67.10 -24.71
C PHE E 1 -37.22 -66.37 -23.74
N ARG E 2 -37.47 -66.56 -22.44
CA ARG E 2 -36.72 -65.94 -21.35
C ARG E 2 -35.27 -65.66 -21.70
N ASN E 3 -34.63 -66.64 -22.34
CA ASN E 3 -33.23 -66.52 -22.74
C ASN E 3 -32.94 -65.21 -23.49
N ASN E 4 -33.91 -64.77 -24.28
CA ASN E 4 -33.75 -63.55 -25.07
C ASN E 4 -34.04 -62.26 -24.33
N TYR E 5 -34.53 -62.37 -23.10
CA TYR E 5 -34.90 -61.17 -22.34
C TYR E 5 -34.28 -61.05 -20.95
N ASP E 6 -33.36 -61.95 -20.61
CA ASP E 6 -32.75 -61.91 -19.28
C ASP E 6 -31.25 -61.64 -19.29
N GLY E 7 -30.77 -60.99 -20.35
CA GLY E 7 -29.35 -60.68 -20.43
C GLY E 7 -28.93 -59.47 -19.62
N ASP E 8 -29.91 -58.69 -19.18
CA ASP E 8 -29.65 -57.50 -18.38
C ASP E 8 -30.94 -56.93 -17.80
N THR E 9 -30.85 -55.82 -17.09
CA THR E 9 -32.03 -55.23 -16.49
C THR E 9 -32.65 -54.13 -17.31
N VAL E 10 -32.03 -53.80 -18.43
CA VAL E 10 -32.55 -52.74 -19.27
C VAL E 10 -33.54 -53.32 -20.32
N THR E 11 -33.93 -54.58 -20.14
CA THR E 11 -34.84 -55.25 -21.07
C THR E 11 -36.08 -55.84 -20.41
N PHE E 12 -37.24 -55.50 -20.95
CA PHE E 12 -38.51 -56.00 -20.46
C PHE E 12 -38.82 -57.26 -21.23
N SER E 13 -39.50 -58.21 -20.59
CA SER E 13 -39.88 -59.44 -21.31
C SER E 13 -41.19 -59.11 -22.02
N PRO E 14 -41.63 -59.97 -22.94
CA PRO E 14 -42.89 -59.69 -23.64
C PRO E 14 -44.09 -59.55 -22.71
N THR E 15 -43.95 -60.00 -21.47
CA THR E 15 -45.04 -59.90 -20.52
C THR E 15 -44.81 -58.83 -19.46
N GLY E 16 -43.76 -58.03 -19.65
CA GLY E 16 -43.47 -56.97 -18.71
C GLY E 16 -42.65 -57.34 -17.50
N ARG E 17 -41.87 -58.40 -17.60
CA ARG E 17 -41.04 -58.82 -16.47
C ARG E 17 -39.60 -58.39 -16.64
N LEU E 18 -38.88 -58.35 -15.52
CA LEU E 18 -37.46 -57.99 -15.52
C LEU E 18 -36.73 -59.17 -14.86
N PHE E 19 -36.31 -60.12 -15.68
CA PHE E 19 -35.65 -61.33 -15.19
C PHE E 19 -34.41 -61.10 -14.36
N GLN E 20 -33.51 -60.25 -14.82
CA GLN E 20 -32.31 -60.02 -14.03
C GLN E 20 -32.68 -59.69 -12.60
N VAL E 21 -33.78 -58.97 -12.41
CA VAL E 21 -34.23 -58.63 -11.07
C VAL E 21 -34.81 -59.88 -10.43
N GLU E 22 -35.60 -60.61 -11.21
CA GLU E 22 -36.20 -61.83 -10.71
C GLU E 22 -35.12 -62.84 -10.30
N TYR E 23 -34.03 -62.90 -11.07
CA TYR E 23 -32.94 -63.79 -10.74
C TYR E 23 -32.30 -63.33 -9.44
N ALA E 24 -32.10 -62.02 -9.31
CA ALA E 24 -31.52 -61.47 -8.11
C ALA E 24 -32.40 -61.91 -6.94
N LEU E 25 -33.70 -61.76 -7.11
CA LEU E 25 -34.66 -62.15 -6.08
C LEU E 25 -34.46 -63.59 -5.63
N GLU E 26 -34.02 -64.44 -6.55
CA GLU E 26 -33.81 -65.84 -6.23
C GLU E 26 -32.68 -66.02 -5.24
N ALA E 27 -31.63 -65.21 -5.37
CA ALA E 27 -30.49 -65.30 -4.47
C ALA E 27 -30.94 -65.22 -3.03
N ILE E 28 -32.07 -64.56 -2.79
CA ILE E 28 -32.58 -64.43 -1.43
C ILE E 28 -33.20 -65.72 -0.94
N LYS E 29 -34.03 -66.34 -1.77
CA LYS E 29 -34.67 -67.59 -1.39
C LYS E 29 -33.61 -68.64 -1.06
N GLN E 30 -32.48 -68.54 -1.75
CA GLN E 30 -31.37 -69.46 -1.59
C GLN E 30 -30.58 -69.13 -0.32
N GLY E 31 -30.92 -68.00 0.31
CA GLY E 31 -30.22 -67.59 1.51
C GLY E 31 -30.78 -68.22 2.78
N SER E 32 -30.12 -67.95 3.90
CA SER E 32 -30.53 -68.48 5.18
C SER E 32 -31.70 -67.71 5.79
N VAL E 33 -32.68 -68.43 6.31
CA VAL E 33 -33.86 -67.80 6.90
C VAL E 33 -33.59 -66.81 8.01
N THR E 34 -34.39 -65.74 8.02
CA THR E 34 -34.29 -64.69 9.04
C THR E 34 -35.69 -64.13 9.26
N VAL E 35 -36.03 -63.88 10.51
CA VAL E 35 -37.35 -63.38 10.88
C VAL E 35 -37.33 -62.02 11.55
N GLY E 36 -38.41 -61.28 11.41
CA GLY E 36 -38.52 -59.99 12.03
C GLY E 36 -39.95 -59.80 12.53
N LEU E 37 -40.11 -59.17 13.68
CA LEU E 37 -41.44 -58.93 14.22
C LEU E 37 -41.34 -57.81 15.25
N ARG E 38 -42.47 -57.15 15.54
CA ARG E 38 -42.46 -56.04 16.48
C ARG E 38 -43.75 -55.89 17.27
N SER E 39 -43.64 -55.32 18.45
CA SER E 39 -44.81 -55.05 19.28
C SER E 39 -44.97 -53.52 19.19
N ASN E 40 -45.44 -52.89 20.26
CA ASN E 40 -45.58 -51.44 20.23
C ASN E 40 -44.41 -50.80 20.92
N THR E 41 -43.65 -51.61 21.65
CA THR E 41 -42.49 -51.12 22.37
C THR E 41 -41.15 -51.60 21.82
N HIS E 42 -41.16 -52.71 21.08
CA HIS E 42 -39.90 -53.23 20.54
C HIS E 42 -40.02 -53.85 19.15
N ALA E 43 -38.87 -53.99 18.50
CA ALA E 43 -38.79 -54.60 17.17
C ALA E 43 -37.70 -55.65 17.32
N VAL E 44 -37.95 -56.85 16.84
CA VAL E 44 -36.98 -57.93 16.97
C VAL E 44 -36.59 -58.57 15.66
N LEU E 45 -35.32 -58.99 15.60
CA LEU E 45 -34.78 -59.68 14.44
C LEU E 45 -34.18 -60.97 14.96
N VAL E 46 -34.51 -62.08 14.30
CA VAL E 46 -33.96 -63.39 14.66
C VAL E 46 -33.42 -63.96 13.36
N ALA E 47 -32.19 -64.48 13.39
CA ALA E 47 -31.59 -65.02 12.18
C ALA E 47 -30.85 -66.32 12.38
N LEU E 48 -30.91 -67.18 11.37
CA LEU E 48 -30.23 -68.45 11.40
C LEU E 48 -28.89 -68.28 10.69
N LYS E 49 -27.79 -68.40 11.41
CA LYS E 49 -26.49 -68.23 10.76
C LYS E 49 -26.02 -69.53 10.14
N ARG E 50 -25.46 -69.43 8.95
CA ARG E 50 -24.97 -70.59 8.20
C ARG E 50 -23.44 -70.63 8.20
N ASN E 51 -22.87 -71.83 8.18
CA ASN E 51 -21.42 -71.98 8.16
C ASN E 51 -20.99 -72.82 6.95
N ALA E 52 -19.69 -72.89 6.70
CA ALA E 52 -19.21 -73.66 5.55
C ALA E 52 -18.82 -75.10 5.95
N ASP E 53 -17.80 -75.20 6.81
CA ASP E 53 -17.30 -76.46 7.34
C ASP E 53 -17.67 -76.41 8.81
N GLU E 54 -17.05 -77.26 9.60
CA GLU E 54 -17.29 -77.22 11.03
C GLU E 54 -16.01 -76.63 11.59
N LEU E 55 -15.12 -76.25 10.67
CA LEU E 55 -13.87 -75.63 11.03
C LEU E 55 -13.98 -74.15 10.72
N SER E 56 -15.06 -73.78 10.05
CA SER E 56 -15.30 -72.38 9.68
C SER E 56 -16.17 -71.74 10.73
N SER E 57 -16.50 -70.47 10.50
CA SER E 57 -17.33 -69.73 11.41
C SER E 57 -18.70 -69.59 10.79
N TYR E 58 -19.64 -69.00 11.52
CA TYR E 58 -20.98 -68.78 11.00
C TYR E 58 -21.05 -67.34 10.50
N GLN E 59 -21.69 -67.14 9.36
CA GLN E 59 -21.82 -65.81 8.74
C GLN E 59 -22.77 -64.91 9.51
N LYS E 60 -22.33 -63.69 9.82
CA LYS E 60 -23.19 -62.77 10.57
C LYS E 60 -24.32 -62.33 9.67
N LYS E 61 -25.54 -62.30 10.22
CA LYS E 61 -26.71 -61.94 9.44
C LYS E 61 -27.33 -60.62 9.86
N ILE E 62 -26.89 -60.07 11.00
CA ILE E 62 -27.45 -58.81 11.47
C ILE E 62 -26.42 -57.69 11.54
N ILE E 63 -26.80 -56.51 11.06
CA ILE E 63 -25.93 -55.34 11.03
C ILE E 63 -26.62 -54.12 11.65
N LYS E 64 -25.89 -53.38 12.49
CA LYS E 64 -26.43 -52.19 13.12
C LYS E 64 -26.12 -50.98 12.23
N CYS E 65 -27.14 -50.16 11.98
CA CYS E 65 -26.98 -48.99 11.13
C CYS E 65 -26.91 -47.67 11.90
N ASP E 66 -27.47 -47.68 13.11
CA ASP E 66 -27.47 -46.52 14.00
C ASP E 66 -27.91 -47.04 15.36
N GLU E 67 -28.01 -46.16 16.35
CA GLU E 67 -28.40 -46.59 17.69
C GLU E 67 -29.87 -46.98 17.77
N HIS E 68 -30.65 -46.58 16.78
CA HIS E 68 -32.08 -46.85 16.77
C HIS E 68 -32.54 -47.66 15.56
N MET E 69 -31.58 -48.13 14.76
CA MET E 69 -31.94 -48.86 13.56
C MET E 69 -30.91 -49.92 13.15
N GLY E 70 -31.40 -51.05 12.65
CA GLY E 70 -30.52 -52.11 12.23
C GLY E 70 -31.26 -53.05 11.31
N LEU E 71 -30.57 -54.02 10.73
CA LEU E 71 -31.23 -54.95 9.82
C LEU E 71 -30.59 -56.33 9.79
N SER E 72 -31.26 -57.27 9.14
CA SER E 72 -30.78 -58.63 8.98
C SER E 72 -30.83 -58.87 7.47
N LEU E 73 -29.91 -59.70 6.98
CA LEU E 73 -29.81 -59.98 5.56
C LEU E 73 -30.04 -61.44 5.13
N ALA E 74 -30.31 -61.61 3.85
CA ALA E 74 -30.53 -62.93 3.24
C ALA E 74 -30.14 -62.75 1.80
N GLY E 75 -29.07 -63.41 1.39
CA GLY E 75 -28.60 -63.29 0.02
C GLY E 75 -27.12 -62.95 -0.03
N LEU E 76 -26.73 -62.13 -1.01
CA LEU E 76 -25.33 -61.71 -1.17
C LEU E 76 -24.80 -60.89 -0.01
N ALA E 77 -23.98 -61.52 0.84
CA ALA E 77 -23.39 -60.84 1.98
C ALA E 77 -22.79 -59.48 1.62
N PRO E 78 -22.00 -59.41 0.53
CA PRO E 78 -21.39 -58.13 0.12
C PRO E 78 -22.42 -57.03 -0.06
N ASP E 79 -23.45 -57.31 -0.83
CA ASP E 79 -24.49 -56.31 -1.08
C ASP E 79 -25.09 -55.76 0.21
N ALA E 80 -25.30 -56.62 1.21
CA ALA E 80 -25.86 -56.18 2.48
C ALA E 80 -24.91 -55.17 3.13
N ARG E 81 -23.62 -55.40 2.95
CA ARG E 81 -22.60 -54.53 3.51
C ARG E 81 -22.69 -53.18 2.81
N VAL E 82 -22.85 -53.22 1.49
CA VAL E 82 -22.97 -52.01 0.70
C VAL E 82 -24.20 -51.23 1.11
N LEU E 83 -25.35 -51.88 1.13
CA LEU E 83 -26.60 -51.23 1.48
C LEU E 83 -26.67 -50.76 2.94
N SER E 84 -26.27 -51.62 3.88
CA SER E 84 -26.32 -51.24 5.29
C SER E 84 -25.37 -50.06 5.54
N ASN E 85 -24.33 -49.98 4.72
CA ASN E 85 -23.36 -48.91 4.87
C ASN E 85 -23.94 -47.60 4.36
N TYR E 86 -24.78 -47.69 3.32
CA TYR E 86 -25.42 -46.53 2.75
C TYR E 86 -26.47 -46.05 3.75
N LEU E 87 -27.12 -47.00 4.41
CA LEU E 87 -28.13 -46.69 5.42
C LEU E 87 -27.46 -46.06 6.64
N ARG E 88 -26.23 -46.43 6.91
CA ARG E 88 -25.53 -45.85 8.04
C ARG E 88 -25.25 -44.39 7.72
N GLN E 89 -24.81 -44.12 6.49
CA GLN E 89 -24.50 -42.76 6.04
C GLN E 89 -25.73 -41.88 6.15
N GLN E 90 -26.86 -42.39 5.66
CA GLN E 90 -28.11 -41.65 5.70
C GLN E 90 -28.49 -41.32 7.13
N CYS E 91 -28.35 -42.29 8.03
CA CYS E 91 -28.67 -42.05 9.44
C CYS E 91 -27.77 -40.95 9.96
N ASN E 92 -26.50 -41.05 9.60
CA ASN E 92 -25.46 -40.11 9.98
C ASN E 92 -25.73 -38.70 9.47
N TYR E 93 -26.09 -38.62 8.19
CA TYR E 93 -26.37 -37.35 7.56
C TYR E 93 -27.55 -36.65 8.23
N SER E 94 -28.57 -37.42 8.57
CA SER E 94 -29.75 -36.86 9.22
C SER E 94 -29.38 -36.23 10.56
N SER E 95 -28.42 -36.83 11.25
CA SER E 95 -27.99 -36.33 12.55
C SER E 95 -27.09 -35.12 12.49
N LEU E 96 -26.12 -35.14 11.59
CA LEU E 96 -25.20 -34.02 11.49
C LEU E 96 -25.88 -32.78 10.98
N VAL E 97 -26.62 -32.91 9.88
CA VAL E 97 -27.27 -31.75 9.29
C VAL E 97 -28.53 -31.28 9.98
N PHE E 98 -29.38 -32.20 10.42
CA PHE E 98 -30.62 -31.79 11.07
C PHE E 98 -30.75 -32.13 12.54
N ASN E 99 -29.78 -32.85 13.09
CA ASN E 99 -29.85 -33.24 14.50
C ASN E 99 -31.21 -33.92 14.65
N ARG E 100 -31.46 -34.88 13.75
CA ARG E 100 -32.72 -35.61 13.68
C ARG E 100 -32.47 -37.09 13.40
N LYS E 101 -33.11 -37.97 14.17
CA LYS E 101 -32.95 -39.38 13.94
C LYS E 101 -33.71 -39.72 12.68
N LEU E 102 -33.07 -40.45 11.77
CA LEU E 102 -33.71 -40.84 10.51
C LEU E 102 -34.88 -41.78 10.78
N ALA E 103 -36.05 -41.42 10.25
CA ALA E 103 -37.24 -42.24 10.44
C ALA E 103 -37.11 -43.55 9.65
N VAL E 104 -37.58 -44.64 10.27
CA VAL E 104 -37.53 -45.95 9.64
C VAL E 104 -38.19 -45.91 8.27
N GLU E 105 -39.38 -45.32 8.22
CA GLU E 105 -40.11 -45.23 6.96
C GLU E 105 -39.32 -44.49 5.87
N ARG E 106 -38.57 -43.48 6.29
CA ARG E 106 -37.76 -42.69 5.38
C ARG E 106 -36.58 -43.51 4.89
N ALA E 107 -35.94 -44.24 5.81
CA ALA E 107 -34.81 -45.10 5.45
C ALA E 107 -35.31 -46.04 4.36
N GLY E 108 -36.52 -46.57 4.58
CA GLY E 108 -37.11 -47.48 3.63
C GLY E 108 -37.20 -46.87 2.24
N HIS E 109 -37.59 -45.59 2.17
CA HIS E 109 -37.71 -44.90 0.88
C HIS E 109 -36.34 -44.78 0.22
N LEU E 110 -35.36 -44.32 0.98
CA LEU E 110 -34.02 -44.17 0.46
C LEU E 110 -33.51 -45.50 -0.09
N LEU E 111 -33.64 -46.56 0.68
CA LEU E 111 -33.21 -47.87 0.20
C LEU E 111 -33.90 -48.16 -1.11
N CYS E 112 -35.22 -48.07 -1.11
CA CYS E 112 -36.00 -48.33 -2.31
C CYS E 112 -35.44 -47.59 -3.53
N ASP E 113 -35.31 -46.27 -3.40
CA ASP E 113 -34.83 -45.48 -4.52
C ASP E 113 -33.41 -45.82 -4.97
N LYS E 114 -32.59 -46.32 -4.05
CA LYS E 114 -31.22 -46.67 -4.40
C LYS E 114 -31.21 -47.96 -5.18
N ALA E 115 -31.98 -48.93 -4.70
CA ALA E 115 -32.06 -50.23 -5.34
C ALA E 115 -32.56 -50.06 -6.78
N GLN E 116 -33.60 -49.24 -6.94
CA GLN E 116 -34.21 -49.04 -8.23
C GLN E 116 -33.28 -48.51 -9.32
N LYS E 117 -32.28 -47.74 -8.92
CA LYS E 117 -31.35 -47.17 -9.90
C LYS E 117 -30.58 -48.24 -10.67
N ASN E 118 -30.40 -49.39 -10.05
CA ASN E 118 -29.67 -50.47 -10.69
C ASN E 118 -30.59 -51.41 -11.44
N THR E 119 -31.79 -50.94 -11.78
CA THR E 119 -32.74 -51.77 -12.49
C THR E 119 -33.30 -51.07 -13.74
N GLN E 120 -32.74 -49.90 -14.06
CA GLN E 120 -33.22 -49.14 -15.22
C GLN E 120 -32.11 -48.61 -16.12
N SER E 121 -30.87 -48.73 -15.64
CA SER E 121 -29.72 -48.24 -16.39
C SER E 121 -28.74 -49.33 -16.76
N TYR E 122 -28.26 -49.27 -18.00
CA TYR E 122 -27.29 -50.23 -18.53
C TYR E 122 -26.06 -50.27 -17.65
N GLY E 123 -25.45 -51.44 -17.55
CA GLY E 123 -24.25 -51.59 -16.75
C GLY E 123 -24.46 -52.08 -15.33
N GLY E 124 -25.40 -51.48 -14.62
CA GLY E 124 -25.64 -51.90 -13.26
C GLY E 124 -26.27 -53.28 -13.15
N ARG E 125 -26.38 -53.78 -11.92
CA ARG E 125 -26.99 -55.08 -11.68
C ARG E 125 -27.82 -54.91 -10.42
N PRO E 126 -28.95 -55.61 -10.33
CA PRO E 126 -29.77 -55.45 -9.12
C PRO E 126 -28.99 -55.99 -7.93
N TYR E 127 -29.35 -55.57 -6.72
CA TYR E 127 -28.67 -56.08 -5.55
C TYR E 127 -29.27 -57.46 -5.33
N GLY E 128 -28.45 -58.41 -4.91
CA GLY E 128 -28.93 -59.75 -4.69
C GLY E 128 -29.08 -60.09 -3.21
N VAL E 129 -29.80 -59.23 -2.49
CA VAL E 129 -29.98 -59.45 -1.07
C VAL E 129 -31.31 -58.89 -0.55
N GLY E 130 -31.87 -59.58 0.43
CA GLY E 130 -33.11 -59.13 1.03
C GLY E 130 -32.73 -58.55 2.38
N LEU E 131 -33.50 -57.59 2.87
CA LEU E 131 -33.18 -56.98 4.15
C LEU E 131 -34.41 -56.77 5.00
N LEU E 132 -34.28 -57.04 6.28
CA LEU E 132 -35.37 -56.81 7.21
C LEU E 132 -34.85 -55.70 8.11
N ILE E 133 -35.51 -54.56 8.08
CA ILE E 133 -35.07 -53.43 8.88
C ILE E 133 -36.00 -53.16 10.06
N ILE E 134 -35.43 -53.06 11.26
CA ILE E 134 -36.23 -52.78 12.43
C ILE E 134 -35.64 -51.53 13.05
N GLY E 135 -36.49 -50.72 13.67
CA GLY E 135 -36.01 -49.50 14.29
C GLY E 135 -37.10 -48.84 15.12
N TYR E 136 -36.68 -48.07 16.13
CA TYR E 136 -37.62 -47.37 16.98
C TYR E 136 -37.38 -45.88 16.76
N ASP E 137 -38.37 -45.20 16.22
CA ASP E 137 -38.24 -43.76 15.96
C ASP E 137 -39.36 -42.97 16.60
N LYS E 138 -39.53 -41.72 16.17
CA LYS E 138 -40.56 -40.86 16.74
C LYS E 138 -41.98 -41.41 16.71
N SER E 139 -42.24 -42.39 15.86
CA SER E 139 -43.58 -42.96 15.83
C SER E 139 -43.61 -44.39 16.32
N GLY E 140 -42.64 -44.74 17.16
CA GLY E 140 -42.58 -46.09 17.71
C GLY E 140 -41.69 -47.12 17.04
N ALA E 141 -42.07 -48.38 17.19
CA ALA E 141 -41.33 -49.51 16.64
C ALA E 141 -41.76 -49.79 15.20
N HIS E 142 -40.80 -50.21 14.38
CA HIS E 142 -41.08 -50.49 12.98
C HIS E 142 -40.33 -51.68 12.44
N LEU E 143 -40.87 -52.26 11.38
CA LEU E 143 -40.27 -53.40 10.70
C LEU E 143 -40.53 -53.21 9.21
N LEU E 144 -39.46 -53.26 8.43
CA LEU E 144 -39.54 -53.10 6.98
C LEU E 144 -38.94 -54.30 6.28
N GLU E 145 -39.49 -54.62 5.11
CA GLU E 145 -38.93 -55.71 4.32
C GLU E 145 -38.46 -55.09 3.01
N PHE E 146 -37.18 -55.28 2.71
CA PHE E 146 -36.59 -54.73 1.51
C PHE E 146 -36.30 -55.79 0.46
N GLN E 147 -36.80 -55.58 -0.76
CA GLN E 147 -36.55 -56.53 -1.85
C GLN E 147 -35.77 -55.80 -2.95
N PRO E 148 -34.78 -56.47 -3.55
CA PRO E 148 -33.90 -55.96 -4.62
C PRO E 148 -34.63 -55.31 -5.79
N SER E 149 -35.90 -55.64 -5.94
CA SER E 149 -36.70 -55.05 -7.00
C SER E 149 -36.90 -53.58 -6.63
N GLY E 150 -36.75 -53.28 -5.35
CA GLY E 150 -36.90 -51.91 -4.87
C GLY E 150 -38.11 -51.79 -3.97
N ASN E 151 -38.97 -52.80 -3.98
CA ASN E 151 -40.17 -52.80 -3.16
C ASN E 151 -39.85 -52.92 -1.67
N VAL E 152 -40.15 -51.88 -0.90
CA VAL E 152 -39.91 -51.90 0.55
C VAL E 152 -41.29 -51.84 1.23
N THR E 153 -41.50 -52.68 2.22
CA THR E 153 -42.80 -52.73 2.89
C THR E 153 -42.74 -52.74 4.40
N GLU E 154 -43.71 -52.09 5.04
CA GLU E 154 -43.78 -52.05 6.50
C GLU E 154 -44.76 -53.13 6.94
N LEU E 155 -44.29 -53.99 7.84
CA LEU E 155 -45.09 -55.10 8.33
C LEU E 155 -45.02 -55.22 9.85
N TYR E 156 -45.88 -56.08 10.40
CA TYR E 156 -45.87 -56.32 11.83
C TYR E 156 -44.80 -57.35 12.07
N GLY E 157 -44.63 -58.19 11.06
CA GLY E 157 -43.64 -59.25 11.12
C GLY E 157 -43.51 -59.90 9.76
N THR E 158 -42.46 -60.67 9.56
CA THR E 158 -42.23 -61.35 8.29
C THR E 158 -40.94 -62.15 8.38
N ALA E 159 -40.60 -62.82 7.30
CA ALA E 159 -39.37 -63.61 7.22
C ALA E 159 -38.99 -63.80 5.76
N ILE E 160 -37.71 -63.94 5.51
CA ILE E 160 -37.20 -64.14 4.15
C ILE E 160 -36.12 -65.20 4.21
N GLY E 161 -35.85 -65.82 3.06
CA GLY E 161 -34.85 -66.87 3.00
C GLY E 161 -35.48 -68.22 2.71
N ALA E 162 -34.69 -69.28 2.81
CA ALA E 162 -35.18 -70.62 2.55
C ALA E 162 -36.12 -71.12 3.64
N ARG E 163 -37.23 -71.72 3.23
CA ARG E 163 -38.22 -72.26 4.17
C ARG E 163 -38.84 -71.14 4.99
N SER E 164 -38.58 -69.91 4.59
CA SER E 164 -39.10 -68.75 5.30
C SER E 164 -40.62 -68.79 5.43
N GLN E 165 -41.29 -69.31 4.40
CA GLN E 165 -42.75 -69.37 4.39
C GLN E 165 -43.27 -70.01 5.67
N GLY E 166 -42.43 -70.82 6.30
CA GLY E 166 -42.84 -71.47 7.52
C GLY E 166 -43.16 -70.43 8.58
N ALA E 167 -42.15 -69.68 8.97
CA ALA E 167 -42.31 -68.65 9.99
C ALA E 167 -43.38 -67.63 9.61
N LYS E 168 -43.36 -67.18 8.37
CA LYS E 168 -44.33 -66.19 7.92
C LYS E 168 -45.77 -66.61 8.21
N THR E 169 -46.03 -67.91 8.15
CA THR E 169 -47.36 -68.43 8.43
C THR E 169 -47.60 -68.35 9.93
N TYR E 170 -46.61 -68.80 10.69
CA TYR E 170 -46.69 -68.79 12.14
C TYR E 170 -46.97 -67.37 12.64
N LEU E 171 -46.24 -66.40 12.12
CA LEU E 171 -46.42 -65.01 12.52
C LEU E 171 -47.82 -64.55 12.13
N GLU E 172 -48.14 -64.76 10.86
CA GLU E 172 -49.44 -64.37 10.32
C GLU E 172 -50.54 -64.96 11.18
N ARG E 173 -50.19 -66.03 11.88
CA ARG E 173 -51.10 -66.77 12.75
C ARG E 173 -51.11 -66.20 14.16
N THR E 174 -49.92 -65.94 14.69
CA THR E 174 -49.73 -65.41 16.04
C THR E 174 -49.97 -63.89 16.18
N LEU E 175 -49.98 -63.19 15.05
CA LEU E 175 -50.15 -61.75 15.00
C LEU E 175 -50.82 -61.06 16.20
N ASP E 176 -52.13 -61.22 16.33
CA ASP E 176 -52.89 -60.60 17.41
C ASP E 176 -52.25 -60.72 18.78
N THR E 177 -51.38 -61.71 18.95
CA THR E 177 -50.72 -61.95 20.23
C THR E 177 -49.40 -61.21 20.43
N PHE E 178 -48.42 -61.49 19.57
CA PHE E 178 -47.10 -60.88 19.70
C PHE E 178 -47.08 -59.35 19.52
N ILE E 179 -48.00 -58.85 18.70
CA ILE E 179 -48.07 -57.42 18.45
C ILE E 179 -48.41 -56.66 19.74
N LYS E 180 -48.82 -57.41 20.76
CA LYS E 180 -49.17 -56.84 22.06
C LYS E 180 -48.14 -57.13 23.14
N ILE E 181 -46.99 -57.64 22.75
CA ILE E 181 -45.93 -57.96 23.71
C ILE E 181 -45.15 -56.69 24.05
N ASP E 182 -45.82 -55.75 24.68
CA ASP E 182 -45.19 -54.50 25.04
C ASP E 182 -44.56 -54.56 26.42
N GLY E 183 -43.45 -53.85 26.59
CA GLY E 183 -42.78 -53.84 27.88
C GLY E 183 -42.24 -55.16 28.36
N ASN E 184 -41.93 -56.05 27.43
CA ASN E 184 -41.37 -57.35 27.80
C ASN E 184 -40.59 -57.89 26.62
N PRO E 185 -39.37 -57.37 26.42
CA PRO E 185 -38.53 -57.83 25.32
C PRO E 185 -38.28 -59.33 25.30
N ASP E 186 -37.97 -59.92 26.44
CA ASP E 186 -37.70 -61.35 26.50
C ASP E 186 -38.79 -62.17 25.83
N GLU E 187 -40.04 -61.79 26.05
CA GLU E 187 -41.13 -62.51 25.42
C GLU E 187 -41.08 -62.33 23.91
N LEU E 188 -41.10 -61.08 23.46
CA LEU E 188 -41.06 -60.79 22.03
C LEU E 188 -39.98 -61.64 21.34
N ILE E 189 -38.85 -61.82 22.01
CA ILE E 189 -37.76 -62.61 21.42
C ILE E 189 -38.14 -64.09 21.33
N LYS E 190 -38.70 -64.63 22.41
CA LYS E 190 -39.11 -66.05 22.41
C LYS E 190 -40.11 -66.27 21.29
N ALA E 191 -40.94 -65.26 21.04
CA ALA E 191 -41.95 -65.32 19.98
C ALA E 191 -41.26 -65.29 18.63
N GLY E 192 -40.12 -64.61 18.58
CA GLY E 192 -39.36 -64.54 17.34
C GLY E 192 -38.65 -65.85 17.09
N VAL E 193 -38.08 -66.41 18.14
CA VAL E 193 -37.35 -67.67 18.03
C VAL E 193 -38.30 -68.82 17.69
N GLU E 194 -39.52 -68.77 18.20
CA GLU E 194 -40.51 -69.80 17.92
C GLU E 194 -40.93 -69.72 16.46
N ALA E 195 -41.00 -68.49 15.93
CA ALA E 195 -41.39 -68.28 14.55
C ALA E 195 -40.32 -68.80 13.61
N ILE E 196 -39.08 -68.46 13.87
CA ILE E 196 -38.00 -68.88 13.00
C ILE E 196 -37.80 -70.39 13.01
N SER E 197 -38.12 -71.03 14.12
CA SER E 197 -37.96 -72.48 14.22
C SER E 197 -38.96 -73.24 13.36
N GLN E 198 -39.96 -72.52 12.85
CA GLN E 198 -40.96 -73.14 11.99
C GLN E 198 -40.39 -73.22 10.57
N SER E 199 -39.13 -72.83 10.41
CA SER E 199 -38.47 -72.86 9.10
C SER E 199 -37.20 -73.70 9.13
N LEU E 200 -36.99 -74.40 10.24
CA LEU E 200 -35.84 -75.28 10.40
C LEU E 200 -36.14 -76.57 9.62
N ARG E 201 -35.24 -77.54 9.67
CA ARG E 201 -35.45 -78.78 8.94
C ARG E 201 -34.18 -79.60 9.11
N ASP E 202 -33.12 -79.07 8.53
CA ASP E 202 -31.80 -79.68 8.60
C ASP E 202 -31.44 -79.94 10.07
N GLU E 203 -31.28 -78.85 10.83
CA GLU E 203 -30.90 -78.95 12.23
C GLU E 203 -31.79 -78.18 13.18
N SER E 204 -31.30 -78.05 14.42
CA SER E 204 -31.98 -77.34 15.49
C SER E 204 -31.07 -76.15 15.84
N LEU E 205 -31.66 -75.04 16.25
CA LEU E 205 -30.87 -73.86 16.57
C LEU E 205 -30.00 -73.99 17.82
N THR E 206 -28.70 -73.82 17.61
CA THR E 206 -27.69 -73.91 18.66
C THR E 206 -27.23 -72.54 19.12
N VAL E 207 -26.28 -72.52 20.05
CA VAL E 207 -25.75 -71.28 20.61
C VAL E 207 -24.82 -70.52 19.67
N ASP E 208 -24.17 -71.20 18.75
CA ASP E 208 -23.29 -70.49 17.83
C ASP E 208 -23.86 -70.49 16.42
N ASN E 209 -25.18 -70.61 16.33
CA ASN E 209 -25.85 -70.62 15.05
C ASN E 209 -27.09 -69.71 15.09
N LEU E 210 -27.47 -69.27 16.29
CA LEU E 210 -28.62 -68.38 16.46
C LEU E 210 -28.13 -66.94 16.65
N SER E 211 -28.77 -66.01 15.93
CA SER E 211 -28.42 -64.59 15.99
C SER E 211 -29.68 -63.77 16.23
N ILE E 212 -29.70 -62.99 17.31
CA ILE E 212 -30.86 -62.16 17.65
C ILE E 212 -30.49 -60.70 17.87
N ALA E 213 -31.36 -59.80 17.40
CA ALA E 213 -31.13 -58.37 17.56
C ALA E 213 -32.43 -57.73 18.06
N ILE E 214 -32.31 -56.64 18.82
CA ILE E 214 -33.50 -55.95 19.34
C ILE E 214 -33.29 -54.44 19.48
N VAL E 215 -34.39 -53.70 19.41
CA VAL E 215 -34.36 -52.25 19.53
C VAL E 215 -35.72 -51.82 20.08
N GLY E 216 -35.74 -50.75 20.86
CA GLY E 216 -37.00 -50.31 21.42
C GLY E 216 -36.96 -49.01 22.19
N LYS E 217 -38.10 -48.67 22.79
CA LYS E 217 -38.27 -47.45 23.56
C LYS E 217 -37.00 -46.96 24.24
N ASP E 218 -36.60 -47.65 25.29
CA ASP E 218 -35.38 -47.25 25.99
C ASP E 218 -34.33 -48.30 25.75
N THR E 219 -34.31 -48.83 24.53
CA THR E 219 -33.38 -49.87 24.17
C THR E 219 -32.60 -49.63 22.89
N PRO E 220 -31.34 -49.23 23.00
CA PRO E 220 -30.58 -49.00 21.77
C PRO E 220 -30.44 -50.32 21.02
N PHE E 221 -30.45 -50.27 19.70
CA PHE E 221 -30.32 -51.47 18.87
C PHE E 221 -29.11 -52.29 19.33
N THR E 222 -29.34 -53.52 19.77
CA THR E 222 -28.26 -54.39 20.23
C THR E 222 -28.33 -55.84 19.67
N ILE E 223 -27.16 -56.44 19.44
CA ILE E 223 -27.08 -57.78 18.90
C ILE E 223 -26.64 -58.82 19.92
N TYR E 224 -27.19 -60.02 19.82
CA TYR E 224 -26.83 -61.10 20.73
C TYR E 224 -26.43 -62.34 19.95
N ASP E 225 -25.26 -62.89 20.29
CA ASP E 225 -24.73 -64.08 19.66
C ASP E 225 -24.06 -64.97 20.70
N GLY E 226 -23.94 -66.25 20.37
CA GLY E 226 -23.31 -67.19 21.29
C GLY E 226 -24.07 -67.31 22.59
N GLU E 227 -23.32 -67.43 23.67
CA GLU E 227 -23.89 -67.55 25.01
C GLU E 227 -24.98 -66.52 25.26
N ALA E 228 -24.86 -65.38 24.57
CA ALA E 228 -25.83 -64.30 24.70
C ALA E 228 -27.24 -64.74 24.34
N VAL E 229 -27.36 -65.67 23.40
CA VAL E 229 -28.68 -66.17 22.98
C VAL E 229 -29.00 -67.52 23.60
N ALA E 230 -28.13 -67.99 24.48
CA ALA E 230 -28.32 -69.28 25.14
C ALA E 230 -29.66 -69.36 25.87
N LYS E 231 -29.98 -68.32 26.64
CA LYS E 231 -31.21 -68.29 27.40
C LYS E 231 -32.49 -68.36 26.57
N TYR E 232 -32.34 -68.48 25.25
CA TYR E 232 -33.51 -68.54 24.37
C TYR E 232 -33.60 -69.87 23.61
N ILE E 233 -32.66 -70.77 23.81
CA ILE E 233 -32.71 -72.04 23.10
C ILE E 233 -33.19 -73.17 24.01
N GLY F 1 -36.61 -59.12 -40.83
CA GLY F 1 -36.32 -60.25 -39.88
C GLY F 1 -37.09 -60.13 -38.57
N THR F 2 -36.39 -60.35 -37.45
CA THR F 2 -36.98 -60.24 -36.11
C THR F 2 -36.00 -59.70 -35.08
N GLY F 3 -36.39 -59.76 -33.81
CA GLY F 3 -35.53 -59.26 -32.75
C GLY F 3 -35.64 -57.76 -32.60
N TYR F 4 -36.71 -57.20 -33.17
CA TYR F 4 -36.94 -55.76 -33.08
C TYR F 4 -37.47 -55.42 -31.69
N ASP F 5 -37.61 -56.44 -30.85
CA ASP F 5 -38.14 -56.23 -29.52
C ASP F 5 -37.13 -56.48 -28.38
N LEU F 6 -35.84 -56.53 -28.70
CA LEU F 6 -34.84 -56.77 -27.67
C LEU F 6 -34.13 -55.49 -27.22
N SER F 7 -34.05 -54.50 -28.11
CA SER F 7 -33.40 -53.23 -27.82
C SER F 7 -34.49 -52.14 -27.65
N ASN F 8 -34.32 -51.22 -26.71
CA ASN F 8 -35.33 -50.21 -26.45
C ASN F 8 -35.63 -49.13 -27.50
N SER F 9 -34.64 -48.54 -28.13
CA SER F 9 -35.02 -47.49 -29.09
C SER F 9 -35.29 -47.93 -30.52
N VAL F 10 -35.48 -49.23 -30.73
CA VAL F 10 -35.66 -49.74 -32.10
C VAL F 10 -37.08 -49.75 -32.66
N PHE F 11 -37.20 -49.23 -33.89
CA PHE F 11 -38.48 -49.20 -34.59
C PHE F 11 -38.65 -50.55 -35.26
N SER F 12 -39.81 -51.18 -35.07
CA SER F 12 -40.06 -52.46 -35.73
C SER F 12 -40.44 -52.08 -37.16
N PRO F 13 -40.49 -53.05 -38.07
CA PRO F 13 -40.84 -52.74 -39.46
C PRO F 13 -42.17 -52.03 -39.65
N ASP F 14 -43.08 -52.18 -38.68
CA ASP F 14 -44.38 -51.53 -38.75
C ASP F 14 -44.41 -50.27 -37.89
N GLY F 15 -43.23 -49.73 -37.58
CA GLY F 15 -43.13 -48.49 -36.81
C GLY F 15 -43.36 -48.48 -35.32
N ARG F 16 -43.36 -49.64 -34.67
CA ARG F 16 -43.60 -49.66 -33.23
C ARG F 16 -42.31 -49.81 -32.42
N ASN F 17 -42.46 -49.74 -31.10
CA ASN F 17 -41.35 -49.88 -30.17
C ASN F 17 -41.81 -50.86 -29.09
N PHE F 18 -41.63 -52.15 -29.38
CA PHE F 18 -42.06 -53.21 -28.48
C PHE F 18 -41.63 -53.04 -27.03
N GLN F 19 -40.40 -52.60 -26.80
CA GLN F 19 -39.95 -52.45 -25.42
C GLN F 19 -40.91 -51.59 -24.65
N VAL F 20 -41.45 -50.56 -25.30
CA VAL F 20 -42.39 -49.67 -24.64
C VAL F 20 -43.68 -50.44 -24.40
N GLU F 21 -44.08 -51.22 -25.39
CA GLU F 21 -45.28 -52.02 -25.30
C GLU F 21 -45.17 -53.06 -24.19
N TYR F 22 -43.97 -53.61 -24.00
CA TYR F 22 -43.80 -54.61 -22.95
C TYR F 22 -43.89 -53.90 -21.61
N ALA F 23 -43.46 -52.64 -21.59
CA ALA F 23 -43.51 -51.87 -20.37
C ALA F 23 -44.98 -51.75 -19.96
N VAL F 24 -45.82 -51.45 -20.94
CA VAL F 24 -47.24 -51.32 -20.68
C VAL F 24 -47.77 -52.58 -19.99
N LYS F 25 -47.28 -53.73 -20.40
CA LYS F 25 -47.74 -54.97 -19.78
C LYS F 25 -47.53 -54.92 -18.28
N ALA F 26 -46.35 -54.48 -17.84
CA ALA F 26 -46.07 -54.38 -16.41
C ALA F 26 -47.13 -53.47 -15.76
N VAL F 27 -47.54 -52.46 -16.49
CA VAL F 27 -48.53 -51.51 -15.98
C VAL F 27 -49.90 -52.17 -15.80
N GLU F 28 -50.36 -52.83 -16.85
CA GLU F 28 -51.67 -53.49 -16.82
C GLU F 28 -51.75 -54.53 -15.73
N ASN F 29 -50.60 -55.07 -15.36
CA ASN F 29 -50.56 -56.08 -14.33
C ASN F 29 -50.58 -55.45 -12.94
N GLY F 30 -50.51 -54.14 -12.90
CA GLY F 30 -50.51 -53.46 -11.61
C GLY F 30 -51.87 -53.18 -11.00
N THR F 31 -51.84 -52.64 -9.80
CA THR F 31 -53.04 -52.29 -9.05
C THR F 31 -53.82 -51.25 -9.82
N THR F 32 -55.13 -51.16 -9.57
CA THR F 32 -55.91 -50.17 -10.28
C THR F 32 -55.88 -48.86 -9.52
N SER F 33 -55.83 -47.76 -10.26
CA SER F 33 -55.78 -46.42 -9.66
C SER F 33 -56.44 -45.42 -10.61
N ILE F 34 -57.12 -44.44 -10.04
CA ILE F 34 -57.83 -43.48 -10.85
C ILE F 34 -57.76 -42.02 -10.43
N GLY F 35 -58.34 -41.17 -11.27
CA GLY F 35 -58.37 -39.75 -11.01
C GLY F 35 -59.65 -39.17 -11.56
N ILE F 36 -60.32 -38.33 -10.77
CA ILE F 36 -61.56 -37.71 -11.20
C ILE F 36 -61.40 -36.21 -11.08
N LYS F 37 -61.65 -35.51 -12.19
CA LYS F 37 -61.55 -34.07 -12.19
C LYS F 37 -62.89 -33.47 -11.82
N CYS F 38 -62.96 -32.83 -10.65
CA CYS F 38 -64.21 -32.21 -10.23
C CYS F 38 -64.22 -30.74 -10.65
N ASN F 39 -65.30 -30.04 -10.32
CA ASN F 39 -65.44 -28.64 -10.71
C ASN F 39 -64.51 -27.58 -10.11
N ASP F 40 -63.69 -27.96 -9.13
CA ASP F 40 -62.73 -27.00 -8.56
C ASP F 40 -61.53 -27.71 -7.94
N GLY F 41 -61.16 -28.84 -8.51
CA GLY F 41 -60.03 -29.58 -7.99
C GLY F 41 -59.97 -30.95 -8.61
N VAL F 42 -59.24 -31.87 -7.98
CA VAL F 42 -59.10 -33.22 -8.49
C VAL F 42 -59.05 -34.21 -7.35
N VAL F 43 -59.51 -35.43 -7.61
CA VAL F 43 -59.49 -36.48 -6.60
C VAL F 43 -58.68 -37.67 -7.10
N PHE F 44 -57.87 -38.23 -6.22
CA PHE F 44 -57.07 -39.39 -6.58
C PHE F 44 -57.40 -40.54 -5.63
N ALA F 45 -57.46 -41.76 -6.19
CA ALA F 45 -57.76 -42.95 -5.39
C ALA F 45 -57.00 -44.14 -5.97
N VAL F 46 -56.68 -45.09 -5.10
CA VAL F 46 -55.94 -46.27 -5.53
C VAL F 46 -56.25 -47.51 -4.70
N GLU F 47 -56.10 -48.66 -5.35
CA GLU F 47 -56.33 -49.98 -4.76
C GLU F 47 -55.04 -50.45 -4.09
N LYS F 48 -55.13 -50.86 -2.83
CA LYS F 48 -53.96 -51.36 -2.10
C LYS F 48 -54.25 -52.81 -1.70
N LEU F 49 -53.64 -53.75 -2.41
CA LEU F 49 -53.85 -55.15 -2.11
C LEU F 49 -53.25 -55.61 -0.80
N ILE F 50 -54.03 -56.33 -0.02
CA ILE F 50 -53.57 -56.84 1.26
C ILE F 50 -52.98 -58.23 1.08
N THR F 51 -51.72 -58.27 0.69
CA THR F 51 -51.02 -59.52 0.49
C THR F 51 -51.07 -60.41 1.75
N SER F 52 -51.27 -59.80 2.91
CA SER F 52 -51.35 -60.57 4.15
C SER F 52 -51.69 -59.71 5.36
N LYS F 53 -52.19 -60.34 6.40
CA LYS F 53 -52.55 -59.64 7.63
C LYS F 53 -51.33 -58.90 8.15
N LEU F 54 -50.16 -59.42 7.81
CA LEU F 54 -48.91 -58.84 8.26
C LEU F 54 -48.61 -57.40 7.84
N LEU F 55 -49.26 -56.92 6.78
CA LEU F 55 -49.04 -55.54 6.35
C LEU F 55 -49.71 -54.60 7.33
N VAL F 56 -48.95 -53.67 7.90
CA VAL F 56 -49.52 -52.72 8.83
C VAL F 56 -50.51 -51.87 8.04
N PRO F 57 -51.77 -51.84 8.49
CA PRO F 57 -52.82 -51.07 7.83
C PRO F 57 -52.55 -49.57 7.78
N GLN F 58 -52.90 -48.95 6.66
CA GLN F 58 -52.72 -47.51 6.45
C GLN F 58 -51.26 -47.08 6.37
N LYS F 59 -50.33 -48.02 6.54
CA LYS F 59 -48.93 -47.65 6.54
C LYS F 59 -48.12 -47.54 5.26
N ASN F 60 -48.44 -48.31 4.23
CA ASN F 60 -47.63 -48.22 3.03
C ASN F 60 -48.29 -47.31 2.01
N VAL F 61 -48.28 -46.02 2.29
CA VAL F 61 -48.92 -45.02 1.42
C VAL F 61 -48.41 -45.04 -0.02
N LYS F 62 -49.32 -45.00 -0.98
CA LYS F 62 -48.94 -45.02 -2.40
C LYS F 62 -48.96 -43.65 -3.06
N ILE F 63 -50.01 -42.87 -2.83
CA ILE F 63 -50.13 -41.55 -3.45
C ILE F 63 -49.05 -40.59 -2.96
N GLN F 64 -48.41 -39.91 -3.90
CA GLN F 64 -47.36 -38.95 -3.55
C GLN F 64 -47.70 -37.54 -3.97
N VAL F 65 -47.11 -36.58 -3.25
CA VAL F 65 -47.34 -35.18 -3.56
C VAL F 65 -46.07 -34.58 -4.18
N VAL F 66 -46.26 -33.64 -5.08
CA VAL F 66 -45.17 -32.93 -5.72
C VAL F 66 -45.40 -31.48 -5.29
N ASP F 67 -44.39 -30.85 -4.73
CA ASP F 67 -44.50 -29.48 -4.23
C ASP F 67 -45.55 -29.50 -3.14
N ARG F 68 -46.53 -28.62 -3.23
CA ARG F 68 -47.60 -28.56 -2.24
C ARG F 68 -48.98 -28.65 -2.88
N HIS F 69 -49.05 -28.47 -4.19
CA HIS F 69 -50.31 -28.50 -4.91
C HIS F 69 -50.54 -29.65 -5.90
N ILE F 70 -49.56 -30.53 -6.08
CA ILE F 70 -49.72 -31.62 -7.03
C ILE F 70 -49.85 -32.99 -6.38
N GLY F 71 -50.69 -33.84 -6.97
CA GLY F 71 -50.89 -35.18 -6.46
C GLY F 71 -50.58 -36.19 -7.55
N CYS F 72 -49.90 -37.27 -7.18
CA CYS F 72 -49.53 -38.33 -8.13
C CYS F 72 -49.83 -39.72 -7.64
N VAL F 73 -50.33 -40.54 -8.55
CA VAL F 73 -50.64 -41.94 -8.24
C VAL F 73 -50.33 -42.70 -9.52
N TYR F 74 -49.84 -43.93 -9.38
CA TYR F 74 -49.48 -44.74 -10.53
C TYR F 74 -49.69 -46.24 -10.34
N SER F 75 -49.76 -46.95 -11.46
CA SER F 75 -49.93 -48.40 -11.45
C SER F 75 -48.76 -49.00 -12.20
N GLY F 76 -48.25 -50.12 -11.70
CA GLY F 76 -47.13 -50.76 -12.36
C GLY F 76 -46.02 -50.99 -11.36
N LEU F 77 -44.78 -50.78 -11.82
CA LEU F 77 -43.59 -50.94 -10.97
C LEU F 77 -43.46 -49.74 -10.03
N ILE F 78 -43.83 -49.94 -8.77
CA ILE F 78 -43.78 -48.87 -7.80
C ILE F 78 -42.45 -48.11 -7.80
N PRO F 79 -41.33 -48.81 -7.62
CA PRO F 79 -40.04 -48.11 -7.62
C PRO F 79 -39.87 -47.20 -8.83
N ASP F 80 -40.35 -47.63 -10.00
CA ASP F 80 -40.26 -46.79 -11.19
C ASP F 80 -41.11 -45.54 -10.98
N GLY F 81 -42.21 -45.70 -10.24
CA GLY F 81 -43.10 -44.60 -9.96
C GLY F 81 -42.47 -43.58 -9.04
N ARG F 82 -41.87 -44.05 -7.95
CA ARG F 82 -41.20 -43.13 -7.02
C ARG F 82 -40.14 -42.36 -7.80
N HIS F 83 -39.32 -43.10 -8.54
CA HIS F 83 -38.26 -42.49 -9.35
C HIS F 83 -38.81 -41.31 -10.14
N LEU F 84 -39.92 -41.53 -10.83
CA LEU F 84 -40.55 -40.49 -11.63
C LEU F 84 -40.99 -39.29 -10.77
N VAL F 85 -41.54 -39.55 -9.59
CA VAL F 85 -41.98 -38.48 -8.69
C VAL F 85 -40.79 -37.66 -8.22
N ASN F 86 -39.69 -38.33 -7.92
CA ASN F 86 -38.49 -37.65 -7.49
C ASN F 86 -38.07 -36.63 -8.54
N ARG F 87 -38.07 -37.05 -9.80
CA ARG F 87 -37.71 -36.17 -10.90
C ARG F 87 -38.72 -35.02 -10.97
N GLY F 88 -39.97 -35.34 -10.65
CA GLY F 88 -41.02 -34.34 -10.68
C GLY F 88 -40.78 -33.29 -9.63
N ARG F 89 -40.40 -33.73 -8.45
CA ARG F 89 -40.14 -32.79 -7.36
C ARG F 89 -39.00 -31.88 -7.74
N GLU F 90 -37.96 -32.45 -8.32
CA GLU F 90 -36.80 -31.66 -8.75
C GLU F 90 -37.25 -30.69 -9.82
N GLU F 91 -38.01 -31.22 -10.78
CA GLU F 91 -38.50 -30.44 -11.89
C GLU F 91 -39.34 -29.22 -11.41
N ALA F 92 -40.20 -29.45 -10.42
CA ALA F 92 -41.04 -28.38 -9.90
C ALA F 92 -40.24 -27.38 -9.09
N ALA F 93 -39.28 -27.88 -8.31
CA ALA F 93 -38.43 -27.04 -7.47
C ALA F 93 -37.62 -26.12 -8.35
N SER F 94 -37.02 -26.67 -9.39
CA SER F 94 -36.21 -25.89 -10.31
C SER F 94 -37.05 -24.75 -10.88
N PHE F 95 -38.22 -25.10 -11.41
CA PHE F 95 -39.15 -24.14 -12.00
C PHE F 95 -39.54 -23.01 -11.04
N LYS F 96 -39.90 -23.36 -9.81
CA LYS F 96 -40.30 -22.36 -8.83
C LYS F 96 -39.14 -21.44 -8.48
N LYS F 97 -37.96 -22.02 -8.33
CA LYS F 97 -36.76 -21.26 -8.00
C LYS F 97 -36.52 -20.11 -8.98
N LEU F 98 -36.76 -20.34 -10.26
CA LEU F 98 -36.51 -19.31 -11.25
C LEU F 98 -37.69 -18.39 -11.55
N TYR F 99 -38.91 -18.94 -11.56
CA TYR F 99 -40.12 -18.17 -11.88
C TYR F 99 -41.00 -17.77 -10.71
N LYS F 100 -40.60 -18.17 -9.50
CA LYS F 100 -41.29 -17.87 -8.27
C LYS F 100 -42.62 -18.57 -8.08
N THR F 101 -43.45 -18.51 -9.11
CA THR F 101 -44.75 -19.15 -9.03
C THR F 101 -44.65 -20.67 -9.02
N PRO F 102 -45.39 -21.35 -8.12
CA PRO F 102 -45.31 -22.81 -8.12
C PRO F 102 -45.70 -23.31 -9.52
N ILE F 103 -45.03 -24.36 -9.99
CA ILE F 103 -45.28 -24.88 -11.33
C ILE F 103 -46.74 -25.18 -11.70
N PRO F 104 -47.19 -24.64 -12.84
CA PRO F 104 -48.55 -24.84 -13.35
C PRO F 104 -48.69 -26.34 -13.66
N ILE F 105 -49.89 -26.89 -13.52
CA ILE F 105 -50.07 -28.31 -13.76
C ILE F 105 -49.74 -28.69 -15.19
N PRO F 106 -50.19 -27.91 -16.18
CA PRO F 106 -49.87 -28.28 -17.55
C PRO F 106 -48.35 -28.31 -17.76
N ALA F 107 -47.66 -27.33 -17.21
CA ALA F 107 -46.20 -27.27 -17.34
C ALA F 107 -45.59 -28.51 -16.72
N PHE F 108 -46.13 -28.91 -15.58
CA PHE F 108 -45.61 -30.08 -14.89
C PHE F 108 -45.79 -31.32 -15.76
N ALA F 109 -46.94 -31.41 -16.41
CA ALA F 109 -47.23 -32.54 -17.25
C ALA F 109 -46.15 -32.69 -18.29
N ASP F 110 -45.85 -31.61 -19.01
CA ASP F 110 -44.84 -31.72 -20.05
C ASP F 110 -43.45 -32.04 -19.49
N ARG F 111 -43.16 -31.61 -18.27
CA ARG F 111 -41.86 -31.92 -17.70
C ARG F 111 -41.77 -33.43 -17.57
N LEU F 112 -42.79 -34.05 -17.00
CA LEU F 112 -42.78 -35.50 -16.86
C LEU F 112 -42.77 -36.15 -18.24
N GLY F 113 -43.64 -35.66 -19.11
CA GLY F 113 -43.73 -36.21 -20.45
C GLY F 113 -42.40 -36.24 -21.16
N GLN F 114 -41.72 -35.10 -21.20
CA GLN F 114 -40.43 -35.01 -21.86
C GLN F 114 -39.45 -35.99 -21.22
N TYR F 115 -39.50 -36.09 -19.91
CA TYR F 115 -38.62 -37.00 -19.18
C TYR F 115 -38.91 -38.44 -19.56
N VAL F 116 -40.17 -38.86 -19.46
CA VAL F 116 -40.52 -40.22 -19.80
C VAL F 116 -40.26 -40.54 -21.27
N GLN F 117 -40.45 -39.56 -22.15
CA GLN F 117 -40.23 -39.79 -23.57
C GLN F 117 -38.75 -40.01 -23.81
N ALA F 118 -37.93 -39.41 -22.97
CA ALA F 118 -36.49 -39.53 -23.08
C ALA F 118 -36.02 -40.97 -22.91
N HIS F 119 -36.73 -41.74 -22.06
CA HIS F 119 -36.37 -43.13 -21.82
C HIS F 119 -36.84 -44.11 -22.90
N THR F 120 -37.10 -43.59 -24.08
CA THR F 120 -37.53 -44.40 -25.21
C THR F 120 -36.67 -44.03 -26.41
N LEU F 121 -35.66 -43.20 -26.15
CA LEU F 121 -34.75 -42.72 -27.20
C LEU F 121 -33.42 -43.49 -27.31
N TYR F 122 -33.09 -44.24 -26.27
CA TYR F 122 -31.82 -44.98 -26.19
C TYR F 122 -32.01 -46.42 -25.76
N ASN F 123 -31.06 -47.27 -26.14
CA ASN F 123 -31.11 -48.69 -25.78
C ASN F 123 -30.37 -48.93 -24.47
N SER F 124 -29.81 -47.87 -23.91
CA SER F 124 -29.07 -47.98 -22.66
C SER F 124 -29.99 -47.67 -21.48
N VAL F 125 -31.27 -47.46 -21.77
CA VAL F 125 -32.24 -47.20 -20.71
C VAL F 125 -33.48 -48.03 -20.95
N ARG F 126 -34.19 -48.29 -19.88
CA ARG F 126 -35.42 -49.06 -19.92
C ARG F 126 -36.57 -48.08 -19.76
N PRO F 127 -37.67 -48.26 -20.52
CA PRO F 127 -38.80 -47.33 -20.36
C PRO F 127 -39.41 -47.48 -18.97
N PHE F 128 -40.20 -46.50 -18.55
CA PHE F 128 -40.84 -46.56 -17.25
C PHE F 128 -41.96 -47.59 -17.22
N GLY F 129 -41.98 -48.39 -16.17
CA GLY F 129 -43.01 -49.41 -16.03
C GLY F 129 -44.18 -48.94 -15.21
N VAL F 130 -44.71 -47.76 -15.53
CA VAL F 130 -45.85 -47.20 -14.82
C VAL F 130 -46.64 -46.21 -15.66
N SER F 131 -47.94 -46.10 -15.35
CA SER F 131 -48.79 -45.13 -16.00
C SER F 131 -49.09 -44.26 -14.80
N THR F 132 -49.08 -42.95 -14.98
CA THR F 132 -49.30 -42.06 -13.86
C THR F 132 -50.43 -41.08 -14.03
N ILE F 133 -51.33 -41.07 -13.06
CA ILE F 133 -52.46 -40.14 -13.04
C ILE F 133 -52.00 -39.08 -12.05
N PHE F 134 -52.04 -37.82 -12.46
CA PHE F 134 -51.60 -36.73 -11.58
C PHE F 134 -52.30 -35.43 -11.97
N GLY F 135 -52.27 -34.47 -11.07
CA GLY F 135 -52.91 -33.20 -11.36
C GLY F 135 -52.95 -32.28 -10.17
N GLY F 136 -53.59 -31.14 -10.32
CA GLY F 136 -53.69 -30.20 -9.22
C GLY F 136 -54.43 -28.95 -9.63
N VAL F 137 -54.41 -27.95 -8.75
CA VAL F 137 -55.09 -26.70 -9.00
C VAL F 137 -54.06 -25.60 -9.18
N ASP F 138 -54.27 -24.75 -10.16
CA ASP F 138 -53.36 -23.66 -10.38
C ASP F 138 -54.11 -22.39 -10.76
N LYS F 139 -53.37 -21.43 -11.31
CA LYS F 139 -53.92 -20.15 -11.72
C LYS F 139 -55.13 -20.28 -12.65
N ASN F 140 -55.29 -21.42 -13.31
CA ASN F 140 -56.41 -21.60 -14.22
C ASN F 140 -57.32 -22.77 -13.90
N GLY F 141 -57.47 -23.07 -12.61
CA GLY F 141 -58.34 -24.16 -12.24
C GLY F 141 -57.69 -25.51 -12.09
N ALA F 142 -58.51 -26.55 -12.08
CA ALA F 142 -58.05 -27.91 -11.92
C ALA F 142 -57.62 -28.53 -13.23
N HIS F 143 -56.69 -29.46 -13.14
CA HIS F 143 -56.19 -30.19 -14.30
C HIS F 143 -55.90 -31.61 -13.88
N LEU F 144 -56.36 -32.58 -14.67
CA LEU F 144 -56.10 -33.99 -14.40
C LEU F 144 -55.36 -34.56 -15.61
N TYR F 145 -54.32 -35.35 -15.36
CA TYR F 145 -53.51 -35.91 -16.43
C TYR F 145 -53.12 -37.37 -16.17
N MET F 146 -52.85 -38.08 -17.26
CA MET F 146 -52.40 -39.46 -17.19
C MET F 146 -51.24 -39.61 -18.19
N LEU F 147 -50.12 -40.14 -17.70
CA LEU F 147 -48.90 -40.32 -18.48
C LEU F 147 -48.58 -41.79 -18.76
N GLU F 148 -48.29 -42.10 -20.03
CA GLU F 148 -47.99 -43.47 -20.48
C GLU F 148 -46.49 -43.77 -20.64
N PRO F 149 -46.09 -45.03 -20.45
CA PRO F 149 -44.69 -45.38 -20.59
C PRO F 149 -44.09 -44.85 -21.89
N SER F 150 -44.93 -44.67 -22.90
CA SER F 150 -44.42 -44.17 -24.19
C SER F 150 -44.05 -42.70 -24.08
N GLY F 151 -44.54 -42.03 -23.04
CA GLY F 151 -44.27 -40.62 -22.88
C GLY F 151 -45.50 -39.81 -23.24
N SER F 152 -46.50 -40.50 -23.81
CA SER F 152 -47.73 -39.85 -24.19
C SER F 152 -48.58 -39.50 -22.97
N TYR F 153 -49.25 -38.35 -23.05
CA TYR F 153 -50.12 -37.90 -21.97
C TYR F 153 -51.11 -36.88 -22.53
N TRP F 154 -52.30 -36.82 -21.91
CA TRP F 154 -53.34 -35.88 -22.31
C TRP F 154 -54.09 -35.46 -21.05
N GLY F 155 -54.95 -34.47 -21.21
CA GLY F 155 -55.76 -34.00 -20.10
C GLY F 155 -57.02 -34.85 -20.07
N TYR F 156 -57.51 -35.19 -18.88
CA TYR F 156 -58.69 -36.04 -18.73
C TYR F 156 -59.77 -35.46 -17.83
N LYS F 157 -60.98 -36.01 -17.98
CA LYS F 157 -62.12 -35.64 -17.14
C LYS F 157 -62.07 -36.68 -16.03
N GLY F 158 -61.76 -37.90 -16.44
CA GLY F 158 -61.64 -39.01 -15.52
C GLY F 158 -60.58 -39.91 -16.11
N ALA F 159 -59.80 -40.59 -15.28
CA ALA F 159 -58.75 -41.44 -15.79
C ALA F 159 -58.56 -42.67 -14.92
N ALA F 160 -58.16 -43.76 -15.57
CA ALA F 160 -57.94 -45.01 -14.86
C ALA F 160 -56.85 -45.82 -15.54
N THR F 161 -56.14 -46.60 -14.74
CA THR F 161 -55.08 -47.45 -15.24
C THR F 161 -54.89 -48.63 -14.28
N GLY F 162 -54.36 -49.74 -14.78
CA GLY F 162 -54.13 -50.90 -13.94
C GLY F 162 -55.01 -52.11 -14.26
N LYS F 163 -54.99 -53.07 -13.35
CA LYS F 163 -55.75 -54.30 -13.46
C LYS F 163 -57.22 -54.05 -13.79
N GLY F 164 -57.93 -53.36 -12.90
CA GLY F 164 -59.34 -53.08 -13.13
C GLY F 164 -59.65 -51.82 -13.92
N ARG F 165 -58.72 -51.42 -14.78
CA ARG F 165 -58.88 -50.23 -15.58
C ARG F 165 -60.17 -50.16 -16.41
N GLN F 166 -60.63 -51.30 -16.92
CA GLN F 166 -61.83 -51.32 -17.75
C GLN F 166 -63.08 -50.97 -16.95
N SER F 167 -63.28 -51.63 -15.80
CA SER F 167 -64.43 -51.35 -14.96
C SER F 167 -64.44 -49.85 -14.73
N ALA F 168 -63.32 -49.36 -14.22
CA ALA F 168 -63.15 -47.95 -13.93
C ALA F 168 -63.57 -47.10 -15.10
N LYS F 169 -62.92 -47.27 -16.24
CA LYS F 169 -63.28 -46.47 -17.40
C LYS F 169 -64.77 -46.50 -17.65
N ALA F 170 -65.39 -47.67 -17.49
CA ALA F 170 -66.82 -47.81 -17.68
C ALA F 170 -67.57 -46.90 -16.72
N GLU F 171 -67.23 -47.04 -15.42
CA GLU F 171 -67.86 -46.24 -14.39
C GLU F 171 -67.58 -44.74 -14.54
N LEU F 172 -66.35 -44.40 -14.90
CA LEU F 172 -65.99 -43.01 -15.09
C LEU F 172 -66.81 -42.42 -16.24
N GLU F 173 -66.91 -43.17 -17.35
CA GLU F 173 -67.66 -42.72 -18.50
C GLU F 173 -69.09 -42.40 -18.11
N LYS F 174 -69.65 -43.22 -17.22
CA LYS F 174 -71.02 -43.02 -16.75
C LYS F 174 -71.12 -41.67 -16.06
N LEU F 175 -70.24 -41.41 -15.10
CA LEU F 175 -70.23 -40.15 -14.39
C LEU F 175 -70.25 -38.99 -15.37
N VAL F 176 -69.34 -39.02 -16.34
CA VAL F 176 -69.25 -37.96 -17.34
C VAL F 176 -70.62 -37.62 -17.92
N ASP F 177 -71.38 -38.66 -18.26
CA ASP F 177 -72.72 -38.46 -18.82
C ASP F 177 -73.75 -37.95 -17.84
N HIS F 178 -73.79 -38.56 -16.66
CA HIS F 178 -74.75 -38.18 -15.63
C HIS F 178 -74.42 -36.90 -14.86
N HIS F 179 -73.41 -36.17 -15.32
CA HIS F 179 -73.02 -34.94 -14.66
C HIS F 179 -72.42 -33.99 -15.68
N PRO F 180 -73.22 -33.56 -16.65
CA PRO F 180 -72.77 -32.63 -17.70
C PRO F 180 -72.49 -31.22 -17.16
N GLU F 181 -72.81 -31.01 -15.90
CA GLU F 181 -72.61 -29.71 -15.26
C GLU F 181 -71.49 -29.71 -14.22
N GLY F 182 -70.85 -30.87 -14.02
CA GLY F 182 -69.76 -30.95 -13.07
C GLY F 182 -70.04 -31.73 -11.80
N LEU F 183 -68.98 -32.24 -11.19
CA LEU F 183 -69.08 -33.00 -9.97
C LEU F 183 -68.35 -32.21 -8.90
N SER F 184 -68.80 -32.32 -7.65
CA SER F 184 -68.16 -31.57 -6.57
C SER F 184 -67.03 -32.39 -5.95
N ALA F 185 -66.13 -31.70 -5.26
CA ALA F 185 -65.02 -32.37 -4.62
C ALA F 185 -65.57 -33.46 -3.70
N ARG F 186 -66.43 -33.07 -2.77
CA ARG F 186 -67.04 -33.99 -1.80
C ARG F 186 -67.61 -35.23 -2.49
N GLU F 187 -68.30 -35.01 -3.61
CA GLU F 187 -68.94 -36.08 -4.37
C GLU F 187 -67.95 -36.96 -5.14
N ALA F 188 -66.89 -36.34 -5.66
CA ALA F 188 -65.87 -37.08 -6.40
C ALA F 188 -65.17 -38.06 -5.46
N VAL F 189 -65.04 -37.66 -4.20
CA VAL F 189 -64.41 -38.53 -3.20
C VAL F 189 -65.22 -39.80 -3.02
N LYS F 190 -66.54 -39.66 -2.90
CA LYS F 190 -67.44 -40.81 -2.73
C LYS F 190 -67.43 -41.66 -4.00
N GLN F 191 -67.69 -40.99 -5.10
CA GLN F 191 -67.74 -41.61 -6.42
C GLN F 191 -66.42 -42.33 -6.75
N ALA F 192 -65.33 -41.82 -6.19
CA ALA F 192 -64.01 -42.42 -6.40
C ALA F 192 -63.90 -43.71 -5.58
N ALA F 193 -64.32 -43.64 -4.32
CA ALA F 193 -64.27 -44.81 -3.45
C ALA F 193 -65.14 -45.93 -4.05
N LYS F 194 -66.23 -45.55 -4.70
CA LYS F 194 -67.10 -46.55 -5.30
C LYS F 194 -66.39 -47.23 -6.47
N ILE F 195 -65.92 -46.44 -7.44
CA ILE F 195 -65.24 -46.98 -8.60
C ILE F 195 -64.12 -47.96 -8.24
N ILE F 196 -63.38 -47.68 -7.17
CA ILE F 196 -62.29 -48.57 -6.78
C ILE F 196 -62.88 -49.89 -6.32
N TYR F 197 -63.93 -49.83 -5.50
CA TYR F 197 -64.59 -51.05 -5.03
C TYR F 197 -65.09 -51.90 -6.21
N LEU F 198 -65.71 -51.25 -7.19
CA LEU F 198 -66.22 -51.93 -8.36
C LEU F 198 -65.09 -52.52 -9.17
N ALA F 199 -64.06 -51.72 -9.41
CA ALA F 199 -62.91 -52.19 -10.18
C ALA F 199 -62.12 -53.26 -9.44
N HIS F 200 -62.42 -53.46 -8.17
CA HIS F 200 -61.72 -54.46 -7.40
C HIS F 200 -62.19 -55.89 -7.73
N GLU F 201 -63.24 -56.02 -8.53
CA GLU F 201 -63.78 -57.34 -8.89
C GLU F 201 -62.84 -58.15 -9.79
N ASP F 202 -62.01 -57.45 -10.56
CA ASP F 202 -61.05 -58.09 -11.46
C ASP F 202 -59.77 -58.36 -10.66
N ASN F 203 -59.96 -58.70 -9.39
CA ASN F 203 -58.84 -58.97 -8.47
C ASN F 203 -59.45 -59.38 -7.13
N LYS F 204 -60.75 -59.66 -7.17
CA LYS F 204 -61.56 -60.05 -5.99
C LYS F 204 -60.97 -61.13 -5.09
N GLU F 205 -59.81 -61.67 -5.48
CA GLU F 205 -59.17 -62.72 -4.70
C GLU F 205 -58.57 -62.22 -3.39
N LYS F 206 -57.69 -61.22 -3.48
CA LYS F 206 -57.03 -60.66 -2.30
C LYS F 206 -57.86 -59.50 -1.75
N ASP F 207 -57.86 -59.35 -0.43
CA ASP F 207 -58.61 -58.26 0.20
C ASP F 207 -57.79 -56.98 -0.01
N PHE F 208 -58.44 -55.83 -0.08
CA PHE F 208 -57.71 -54.59 -0.31
C PHE F 208 -57.96 -53.45 0.68
N GLU F 209 -57.18 -52.38 0.51
CA GLU F 209 -57.27 -51.18 1.34
C GLU F 209 -57.37 -49.95 0.43
N LEU F 210 -58.39 -49.14 0.65
CA LEU F 210 -58.61 -47.95 -0.15
C LEU F 210 -57.78 -46.74 0.32
N GLU F 211 -57.37 -45.91 -0.64
CA GLU F 211 -56.60 -44.71 -0.33
C GLU F 211 -57.05 -43.58 -1.27
N ILE F 212 -57.44 -42.45 -0.68
CA ILE F 212 -57.90 -41.31 -1.47
C ILE F 212 -57.23 -40.01 -1.05
N SER F 213 -57.01 -39.13 -2.02
CA SER F 213 -56.42 -37.83 -1.75
C SER F 213 -57.11 -36.88 -2.70
N TRP F 214 -57.09 -35.59 -2.39
CA TRP F 214 -57.72 -34.60 -3.24
C TRP F 214 -57.07 -33.25 -3.14
N CYS F 215 -57.37 -32.42 -4.13
CA CYS F 215 -56.82 -31.08 -4.21
C CYS F 215 -57.98 -30.20 -4.70
N SER F 216 -58.68 -29.56 -3.76
CA SER F 216 -59.80 -28.70 -4.11
C SER F 216 -59.61 -27.28 -3.65
N LEU F 217 -59.97 -26.36 -4.53
CA LEU F 217 -59.85 -24.94 -4.24
C LEU F 217 -60.66 -24.57 -3.01
N SER F 218 -61.85 -25.16 -2.87
CA SER F 218 -62.71 -24.87 -1.75
C SER F 218 -62.61 -25.85 -0.56
N GLU F 219 -62.09 -27.05 -0.80
CA GLU F 219 -61.99 -28.02 0.28
C GLU F 219 -60.60 -28.15 0.91
N THR F 220 -59.57 -27.86 0.12
CA THR F 220 -58.19 -27.98 0.59
C THR F 220 -57.39 -26.71 0.41
N ASN F 221 -57.98 -25.74 -0.27
CA ASN F 221 -57.33 -24.46 -0.51
C ASN F 221 -56.34 -24.56 -1.65
N GLY F 222 -56.52 -25.57 -2.49
CA GLY F 222 -55.62 -25.75 -3.61
C GLY F 222 -54.41 -26.58 -3.24
N LEU F 223 -54.31 -26.97 -1.97
CA LEU F 223 -53.19 -27.79 -1.53
C LEU F 223 -53.59 -29.24 -1.50
N HIS F 224 -52.69 -30.11 -1.95
CA HIS F 224 -52.97 -31.54 -1.98
C HIS F 224 -53.00 -32.15 -0.57
N LYS F 225 -54.03 -32.95 -0.29
CA LYS F 225 -54.18 -33.55 1.02
C LYS F 225 -54.84 -34.91 0.95
N PHE F 226 -54.55 -35.77 1.93
CA PHE F 226 -55.12 -37.10 1.98
C PHE F 226 -56.46 -37.12 2.67
N VAL F 227 -57.42 -37.83 2.08
CA VAL F 227 -58.73 -37.94 2.70
C VAL F 227 -58.56 -38.98 3.80
N LYS F 228 -58.84 -38.58 5.03
CA LYS F 228 -58.69 -39.49 6.17
C LYS F 228 -59.88 -39.38 7.13
N GLY F 229 -59.78 -40.10 8.24
CA GLY F 229 -60.81 -40.06 9.26
C GLY F 229 -62.23 -40.30 8.82
N ASP F 230 -63.12 -39.39 9.19
CA ASP F 230 -64.54 -39.52 8.86
C ASP F 230 -64.91 -39.41 7.39
N LEU F 231 -64.48 -38.36 6.71
CA LEU F 231 -64.83 -38.22 5.30
C LEU F 231 -64.40 -39.46 4.52
N LEU F 232 -63.38 -40.14 5.03
CA LEU F 232 -62.86 -41.36 4.41
C LEU F 232 -63.80 -42.53 4.66
N GLN F 233 -64.03 -42.84 5.94
CA GLN F 233 -64.91 -43.94 6.34
C GLN F 233 -66.27 -43.78 5.66
N GLU F 234 -66.64 -42.52 5.50
CA GLU F 234 -67.88 -42.12 4.87
C GLU F 234 -67.95 -42.63 3.43
N ALA F 235 -66.89 -42.36 2.66
CA ALA F 235 -66.83 -42.79 1.27
C ALA F 235 -66.76 -44.31 1.19
N ILE F 236 -66.11 -44.93 2.17
CA ILE F 236 -65.99 -46.37 2.20
C ILE F 236 -67.38 -46.95 2.36
N ASP F 237 -68.22 -46.26 3.13
CA ASP F 237 -69.58 -46.72 3.32
C ASP F 237 -70.39 -46.54 2.05
N PHE F 238 -70.37 -45.34 1.48
CA PHE F 238 -71.09 -45.09 0.24
C PHE F 238 -70.74 -46.15 -0.82
N ALA F 239 -69.51 -46.62 -0.78
CA ALA F 239 -69.04 -47.62 -1.73
C ALA F 239 -69.52 -49.01 -1.31
N GLN F 240 -69.29 -49.37 -0.05
CA GLN F 240 -69.72 -50.67 0.48
C GLN F 240 -71.21 -50.89 0.30
N LYS F 241 -71.96 -49.80 0.24
CA LYS F 241 -73.40 -49.87 0.06
C LYS F 241 -73.74 -50.17 -1.39
N GLU F 242 -73.28 -49.31 -2.29
CA GLU F 242 -73.55 -49.47 -3.71
C GLU F 242 -72.93 -50.69 -4.37
N ILE F 243 -72.22 -51.50 -3.60
CA ILE F 243 -71.59 -52.71 -4.12
C ILE F 243 -72.52 -53.88 -3.77
N ASN F 244 -73.64 -53.56 -3.14
CA ASN F 244 -74.64 -54.55 -2.74
C ASN F 244 -76.03 -54.09 -3.12
N ALA G 1 -24.49 -58.61 -38.66
CA ALA G 1 -24.85 -58.67 -40.11
C ALA G 1 -26.29 -58.19 -40.36
N GLY G 2 -27.25 -58.83 -39.69
CA GLY G 2 -28.65 -58.47 -39.83
C GLY G 2 -29.07 -57.34 -38.91
N TYR G 3 -28.12 -56.85 -38.11
CA TYR G 3 -28.39 -55.74 -37.20
C TYR G 3 -28.34 -54.43 -37.95
N ASP G 4 -28.25 -54.50 -39.27
CA ASP G 4 -28.22 -53.29 -40.07
C ASP G 4 -29.67 -52.85 -40.20
N ARG G 5 -30.53 -53.50 -39.42
CA ARG G 5 -31.96 -53.18 -39.42
C ARG G 5 -32.41 -52.68 -38.06
N HIS G 6 -31.48 -52.64 -37.11
CA HIS G 6 -31.80 -52.20 -35.76
C HIS G 6 -31.17 -50.85 -35.40
N ILE G 7 -30.13 -50.47 -36.11
CA ILE G 7 -29.48 -49.18 -35.84
C ILE G 7 -29.25 -48.48 -37.16
N THR G 8 -28.97 -47.18 -37.10
CA THR G 8 -28.78 -46.42 -38.33
C THR G 8 -27.47 -46.59 -39.10
N ILE G 9 -27.25 -47.79 -39.64
CA ILE G 9 -26.07 -48.05 -40.44
C ILE G 9 -26.59 -48.59 -41.77
N PHE G 10 -25.76 -48.58 -42.79
CA PHE G 10 -26.20 -49.04 -44.09
C PHE G 10 -26.52 -50.51 -44.24
N SER G 11 -27.47 -50.80 -45.13
CA SER G 11 -27.86 -52.17 -45.47
C SER G 11 -27.09 -52.36 -46.75
N PRO G 12 -26.91 -53.61 -47.21
CA PRO G 12 -26.16 -53.80 -48.45
C PRO G 12 -26.73 -53.05 -49.66
N GLU G 13 -28.02 -52.70 -49.59
CA GLU G 13 -28.68 -51.97 -50.67
C GLU G 13 -28.40 -50.47 -50.56
N GLY G 14 -27.75 -50.06 -49.49
CA GLY G 14 -27.46 -48.65 -49.28
C GLY G 14 -28.64 -47.97 -48.60
N ARG G 15 -29.42 -48.74 -47.84
CA ARG G 15 -30.59 -48.18 -47.17
C ARG G 15 -30.48 -48.13 -45.65
N LEU G 16 -31.36 -47.34 -45.03
CA LEU G 16 -31.40 -47.17 -43.60
C LEU G 16 -32.80 -47.53 -43.11
N TYR G 17 -33.03 -48.82 -42.91
CA TYR G 17 -34.32 -49.30 -42.47
C TYR G 17 -34.95 -48.57 -41.30
N GLN G 18 -34.15 -48.29 -40.26
CA GLN G 18 -34.69 -47.59 -39.10
C GLN G 18 -35.27 -46.25 -39.50
N VAL G 19 -34.70 -45.61 -40.50
CA VAL G 19 -35.24 -44.34 -40.96
C VAL G 19 -36.59 -44.63 -41.64
N GLU G 20 -36.63 -45.69 -42.42
CA GLU G 20 -37.85 -46.07 -43.10
C GLU G 20 -38.94 -46.41 -42.12
N TYR G 21 -38.62 -47.21 -41.11
CA TYR G 21 -39.62 -47.57 -40.12
C TYR G 21 -40.09 -46.35 -39.35
N ALA G 22 -39.20 -45.38 -39.16
CA ALA G 22 -39.57 -44.16 -38.45
C ALA G 22 -40.71 -43.50 -39.23
N PHE G 23 -40.52 -43.40 -40.55
CA PHE G 23 -41.52 -42.84 -41.44
C PHE G 23 -42.81 -43.58 -41.20
N LYS G 24 -42.72 -44.89 -41.10
CA LYS G 24 -43.88 -45.73 -40.86
C LYS G 24 -44.63 -45.22 -39.64
N ALA G 25 -43.91 -44.98 -38.56
CA ALA G 25 -44.52 -44.53 -37.33
C ALA G 25 -45.26 -43.21 -37.44
N THR G 26 -44.87 -42.35 -38.38
CA THR G 26 -45.55 -41.06 -38.51
C THR G 26 -47.05 -41.17 -38.73
N ASN G 27 -47.52 -42.30 -39.24
CA ASN G 27 -48.94 -42.45 -39.48
C ASN G 27 -49.72 -43.02 -38.31
N GLN G 28 -49.02 -43.45 -37.26
CA GLN G 28 -49.67 -44.03 -36.07
C GLN G 28 -50.94 -43.33 -35.66
N THR G 29 -50.93 -42.00 -35.70
CA THR G 29 -52.07 -41.17 -35.31
C THR G 29 -53.25 -41.26 -36.27
N ASN G 30 -53.00 -41.72 -37.48
CA ASN G 30 -54.05 -41.83 -38.49
C ASN G 30 -54.73 -40.48 -38.65
N ILE G 31 -53.93 -39.43 -38.79
CA ILE G 31 -54.44 -38.08 -38.95
C ILE G 31 -53.78 -37.42 -40.13
N ASN G 32 -54.56 -36.73 -40.94
CA ASN G 32 -54.02 -36.05 -42.11
C ASN G 32 -53.99 -34.56 -41.83
N SER G 33 -53.15 -33.85 -42.58
CA SER G 33 -53.04 -32.40 -42.45
C SER G 33 -52.52 -31.82 -43.77
N LEU G 34 -52.78 -30.53 -43.96
CA LEU G 34 -52.32 -29.87 -45.17
C LEU G 34 -52.14 -28.40 -44.86
N ALA G 35 -51.33 -27.74 -45.65
CA ALA G 35 -51.08 -26.33 -45.46
C ALA G 35 -51.09 -25.65 -46.82
N VAL G 36 -51.53 -24.38 -46.84
CA VAL G 36 -51.57 -23.62 -48.06
C VAL G 36 -51.17 -22.19 -47.79
N ARG G 37 -50.72 -21.53 -48.83
CA ARG G 37 -50.29 -20.14 -48.73
C ARG G 37 -51.29 -19.19 -49.36
N GLY G 38 -51.63 -18.15 -48.62
CA GLY G 38 -52.56 -17.13 -49.10
C GLY G 38 -51.77 -16.02 -49.77
N LYS G 39 -52.42 -14.88 -50.01
CA LYS G 39 -51.74 -13.76 -50.65
C LYS G 39 -50.71 -13.24 -49.65
N ASP G 40 -51.07 -13.31 -48.37
CA ASP G 40 -50.15 -12.85 -47.33
C ASP G 40 -50.46 -13.49 -45.97
N CYS G 41 -50.72 -14.79 -45.99
CA CYS G 41 -51.00 -15.56 -44.78
C CYS G 41 -50.72 -17.02 -45.10
N THR G 42 -50.60 -17.85 -44.06
CA THR G 42 -50.34 -19.26 -44.25
C THR G 42 -51.26 -20.03 -43.31
N VAL G 43 -51.90 -21.06 -43.84
CA VAL G 43 -52.84 -21.84 -43.06
C VAL G 43 -52.51 -23.32 -43.04
N VAL G 44 -52.72 -23.94 -41.87
CA VAL G 44 -52.49 -25.38 -41.71
C VAL G 44 -53.72 -25.99 -41.09
N ILE G 45 -54.23 -27.03 -41.74
CA ILE G 45 -55.38 -27.75 -41.27
C ILE G 45 -54.92 -29.15 -40.91
N SER G 46 -55.51 -29.70 -39.87
CA SER G 46 -55.17 -31.04 -39.44
C SER G 46 -56.41 -31.65 -38.84
N GLN G 47 -56.60 -32.94 -39.06
CA GLN G 47 -57.76 -33.60 -38.50
C GLN G 47 -57.55 -33.72 -37.00
N LYS G 48 -58.64 -33.83 -36.26
CA LYS G 48 -58.58 -33.98 -34.82
C LYS G 48 -59.55 -35.09 -34.47
N LYS G 49 -59.04 -36.16 -33.87
CA LYS G 49 -59.89 -37.30 -33.52
C LYS G 49 -59.81 -37.68 -32.06
N VAL G 50 -60.78 -37.21 -31.28
CA VAL G 50 -60.80 -37.50 -29.85
C VAL G 50 -62.00 -38.37 -29.49
N PRO G 51 -61.86 -39.69 -29.69
CA PRO G 51 -62.87 -40.72 -29.43
C PRO G 51 -63.16 -40.99 -27.95
N ASP G 52 -62.13 -41.03 -27.11
CA ASP G 52 -62.37 -41.29 -25.70
C ASP G 52 -63.20 -40.16 -25.10
N LYS G 53 -64.24 -40.51 -24.34
CA LYS G 53 -65.09 -39.49 -23.74
C LYS G 53 -64.46 -38.90 -22.50
N LEU G 54 -63.55 -39.65 -21.89
CA LEU G 54 -62.87 -39.24 -20.67
C LEU G 54 -61.77 -38.19 -20.88
N LEU G 55 -61.44 -37.96 -22.14
CA LEU G 55 -60.40 -36.98 -22.46
C LEU G 55 -60.95 -35.57 -22.46
N ASP G 56 -60.07 -34.62 -22.16
CA ASP G 56 -60.42 -33.22 -22.20
C ASP G 56 -59.94 -32.79 -23.57
N PRO G 57 -60.85 -32.80 -24.55
CA PRO G 57 -60.62 -32.44 -25.96
C PRO G 57 -59.73 -31.24 -26.17
N THR G 58 -59.79 -30.29 -25.24
CA THR G 58 -59.00 -29.07 -25.35
C THR G 58 -57.50 -29.27 -25.12
N THR G 59 -57.13 -30.39 -24.49
CA THR G 59 -55.74 -30.65 -24.22
C THR G 59 -55.14 -31.56 -25.29
N VAL G 60 -55.88 -31.73 -26.38
CA VAL G 60 -55.43 -32.58 -27.47
C VAL G 60 -55.08 -31.76 -28.72
N SER G 61 -53.81 -31.75 -29.10
CA SER G 61 -53.41 -30.99 -30.28
C SER G 61 -52.07 -31.44 -30.86
N TYR G 62 -51.92 -31.24 -32.17
CA TYR G 62 -50.69 -31.58 -32.86
C TYR G 62 -50.21 -30.35 -33.61
N ILE G 63 -50.73 -29.20 -33.21
CA ILE G 63 -50.33 -27.91 -33.78
C ILE G 63 -49.65 -27.16 -32.63
N PHE G 64 -48.45 -26.64 -32.88
CA PHE G 64 -47.69 -25.93 -31.85
C PHE G 64 -47.31 -24.49 -32.21
N CYS G 65 -47.16 -23.65 -31.19
CA CYS G 65 -46.75 -22.27 -31.38
C CYS G 65 -45.27 -22.20 -30.98
N ILE G 66 -44.39 -22.27 -31.96
CA ILE G 66 -42.95 -22.26 -31.72
C ILE G 66 -42.49 -20.88 -31.29
N SER G 67 -43.02 -19.86 -31.94
CA SER G 67 -42.66 -18.48 -31.65
C SER G 67 -43.82 -17.59 -32.05
N ARG G 68 -43.70 -16.30 -31.80
CA ARG G 68 -44.76 -15.37 -32.16
C ARG G 68 -45.10 -15.54 -33.64
N THR G 69 -44.12 -15.92 -34.45
CA THR G 69 -44.35 -16.07 -35.89
C THR G 69 -44.35 -17.48 -36.48
N ILE G 70 -43.61 -18.41 -35.88
CA ILE G 70 -43.58 -19.77 -36.40
C ILE G 70 -44.61 -20.70 -35.73
N GLY G 71 -45.31 -21.45 -36.56
CA GLY G 71 -46.29 -22.41 -36.09
C GLY G 71 -45.87 -23.76 -36.64
N MET G 72 -46.09 -24.81 -35.88
CA MET G 72 -45.67 -26.12 -36.33
C MET G 72 -46.72 -27.20 -36.11
N VAL G 73 -47.05 -27.93 -37.17
CA VAL G 73 -48.00 -29.02 -37.08
C VAL G 73 -47.19 -30.30 -37.25
N VAL G 74 -47.52 -31.30 -36.44
CA VAL G 74 -46.81 -32.57 -36.44
C VAL G 74 -47.63 -33.78 -36.83
N ASN G 75 -47.07 -34.61 -37.72
CA ASN G 75 -47.74 -35.85 -38.12
C ASN G 75 -46.91 -36.95 -37.48
N GLY G 76 -47.41 -37.50 -36.38
CA GLY G 76 -46.70 -38.54 -35.68
C GLY G 76 -47.15 -38.63 -34.23
N PRO G 77 -46.65 -39.61 -33.47
CA PRO G 77 -46.99 -39.82 -32.05
C PRO G 77 -46.76 -38.57 -31.24
N ILE G 78 -47.65 -38.28 -30.31
CA ILE G 78 -47.51 -37.06 -29.52
C ILE G 78 -46.23 -36.97 -28.69
N PRO G 79 -45.76 -38.08 -28.08
CA PRO G 79 -44.52 -37.90 -27.32
C PRO G 79 -43.35 -37.41 -28.16
N ASP G 80 -43.18 -37.95 -29.36
CA ASP G 80 -42.09 -37.49 -30.21
C ASP G 80 -42.40 -36.09 -30.71
N ALA G 81 -43.68 -35.82 -30.99
CA ALA G 81 -44.10 -34.52 -31.48
C ALA G 81 -43.74 -33.43 -30.47
N ARG G 82 -44.00 -33.71 -29.20
CA ARG G 82 -43.70 -32.76 -28.13
C ARG G 82 -42.19 -32.57 -27.89
N ASN G 83 -41.41 -33.62 -28.13
CA ASN G 83 -39.97 -33.53 -27.98
C ASN G 83 -39.50 -32.56 -29.07
N ALA G 84 -39.99 -32.73 -30.30
CA ALA G 84 -39.62 -31.86 -31.41
C ALA G 84 -40.07 -30.41 -31.17
N ALA G 85 -41.30 -30.26 -30.69
CA ALA G 85 -41.84 -28.93 -30.42
C ALA G 85 -40.93 -28.18 -29.43
N LEU G 86 -40.69 -28.79 -28.28
CA LEU G 86 -39.84 -28.18 -27.25
C LEU G 86 -38.49 -27.73 -27.81
N ARG G 87 -37.86 -28.60 -28.58
CA ARG G 87 -36.58 -28.30 -29.18
C ARG G 87 -36.65 -27.10 -30.11
N ALA G 88 -37.62 -27.09 -31.02
CA ALA G 88 -37.79 -25.99 -31.96
C ALA G 88 -38.01 -24.67 -31.22
N LYS G 89 -38.81 -24.72 -30.16
CA LYS G 89 -39.08 -23.53 -29.36
C LYS G 89 -37.80 -22.97 -28.77
N ALA G 90 -36.97 -23.88 -28.25
CA ALA G 90 -35.68 -23.52 -27.66
C ALA G 90 -34.78 -22.96 -28.76
N GLU G 91 -34.72 -23.65 -29.89
CA GLU G 91 -33.89 -23.20 -31.00
C GLU G 91 -34.30 -21.80 -31.45
N ALA G 92 -35.59 -21.51 -31.40
CA ALA G 92 -36.09 -20.19 -31.82
C ALA G 92 -35.78 -19.08 -30.81
N ALA G 93 -35.97 -19.38 -29.53
CA ALA G 93 -35.70 -18.42 -28.47
C ALA G 93 -34.23 -18.03 -28.55
N GLU G 94 -33.38 -19.05 -28.61
CA GLU G 94 -31.96 -18.84 -28.67
C GLU G 94 -31.52 -18.05 -29.88
N PHE G 95 -32.00 -18.42 -31.06
CA PHE G 95 -31.62 -17.72 -32.30
C PHE G 95 -31.85 -16.23 -32.18
N ARG G 96 -33.00 -15.85 -31.61
CA ARG G 96 -33.33 -14.44 -31.46
C ARG G 96 -32.31 -13.74 -30.57
N TYR G 97 -32.03 -14.38 -29.43
CA TYR G 97 -31.08 -13.84 -28.46
C TYR G 97 -29.70 -13.60 -29.05
N LYS G 98 -29.21 -14.56 -29.83
CA LYS G 98 -27.89 -14.46 -30.41
C LYS G 98 -27.74 -13.57 -31.61
N TYR G 99 -28.67 -13.68 -32.57
CA TYR G 99 -28.57 -12.91 -33.82
C TYR G 99 -29.37 -11.64 -33.90
N GLY G 100 -30.15 -11.36 -32.87
CA GLY G 100 -30.90 -10.11 -32.84
C GLY G 100 -32.19 -9.97 -33.64
N TYR G 101 -32.61 -11.05 -34.30
CA TYR G 101 -33.85 -10.99 -35.05
C TYR G 101 -34.53 -12.33 -34.98
N ASP G 102 -35.84 -12.35 -35.23
CA ASP G 102 -36.63 -13.57 -35.17
C ASP G 102 -36.21 -14.63 -36.18
N MET G 103 -36.03 -15.86 -35.69
CA MET G 103 -35.63 -16.94 -36.54
C MET G 103 -36.64 -17.19 -37.65
N PRO G 104 -36.17 -17.24 -38.90
CA PRO G 104 -37.06 -17.49 -40.05
C PRO G 104 -37.52 -18.94 -40.11
N CYS G 105 -38.75 -19.14 -40.56
CA CYS G 105 -39.34 -20.46 -40.70
C CYS G 105 -38.43 -21.45 -41.42
N ASP G 106 -37.87 -21.04 -42.55
CA ASP G 106 -37.02 -21.94 -43.31
C ASP G 106 -35.75 -22.30 -42.55
N VAL G 107 -35.21 -21.34 -41.82
CA VAL G 107 -34.00 -21.59 -41.06
C VAL G 107 -34.28 -22.58 -39.91
N LEU G 108 -35.42 -22.42 -39.24
CA LEU G 108 -35.76 -23.33 -38.15
C LEU G 108 -35.99 -24.73 -38.71
N ALA G 109 -36.50 -24.81 -39.93
CA ALA G 109 -36.73 -26.12 -40.54
C ALA G 109 -35.36 -26.76 -40.79
N LYS G 110 -34.46 -26.00 -41.41
CA LYS G 110 -33.13 -26.51 -41.70
C LYS G 110 -32.45 -27.00 -40.43
N ARG G 111 -32.48 -26.20 -39.39
CA ARG G 111 -31.87 -26.57 -38.12
C ARG G 111 -32.47 -27.86 -37.56
N MET G 112 -33.78 -28.01 -37.64
CA MET G 112 -34.43 -29.22 -37.14
C MET G 112 -34.09 -30.39 -38.07
N ALA G 113 -34.07 -30.12 -39.38
CA ALA G 113 -33.76 -31.15 -40.34
C ALA G 113 -32.34 -31.67 -40.10
N ASN G 114 -31.43 -30.76 -39.79
CA ASN G 114 -30.05 -31.16 -39.53
C ASN G 114 -29.97 -32.03 -38.29
N LEU G 115 -30.73 -31.66 -37.27
CA LEU G 115 -30.75 -32.42 -36.04
C LEU G 115 -31.21 -33.84 -36.36
N SER G 116 -32.23 -33.96 -37.22
CA SER G 116 -32.73 -35.28 -37.60
C SER G 116 -31.67 -36.04 -38.38
N GLN G 117 -31.01 -35.36 -39.32
CA GLN G 117 -29.96 -35.97 -40.13
C GLN G 117 -28.97 -36.69 -39.21
N ILE G 118 -28.66 -36.08 -38.08
CA ILE G 118 -27.74 -36.69 -37.11
C ILE G 118 -28.22 -38.04 -36.60
N TYR G 119 -29.44 -38.12 -36.08
CA TYR G 119 -29.97 -39.39 -35.58
C TYR G 119 -29.83 -40.48 -36.66
N THR G 120 -29.73 -40.03 -37.89
CA THR G 120 -29.58 -40.88 -39.07
C THR G 120 -28.15 -41.45 -39.17
N GLN G 121 -27.18 -40.70 -38.64
CA GLN G 121 -25.76 -41.09 -38.70
C GLN G 121 -25.19 -41.60 -37.38
N ARG G 122 -25.60 -41.00 -36.26
CA ARG G 122 -25.13 -41.45 -34.97
C ARG G 122 -26.00 -42.62 -34.56
N ALA G 123 -25.36 -43.70 -34.13
CA ALA G 123 -26.04 -44.93 -33.75
C ALA G 123 -26.85 -44.96 -32.47
N TYR G 124 -26.53 -44.13 -31.48
CA TYR G 124 -27.28 -44.22 -30.25
C TYR G 124 -28.54 -43.39 -30.20
N MET G 125 -28.73 -42.51 -31.19
CA MET G 125 -29.92 -41.67 -31.27
C MET G 125 -30.89 -42.35 -32.25
N ARG G 126 -32.15 -42.49 -31.85
CA ARG G 126 -33.14 -43.07 -32.76
C ARG G 126 -33.83 -41.91 -33.47
N PRO G 127 -34.28 -42.13 -34.71
CA PRO G 127 -34.95 -40.99 -35.35
C PRO G 127 -36.28 -40.76 -34.61
N LEU G 128 -36.90 -39.61 -34.85
CA LEU G 128 -38.20 -39.32 -34.24
C LEU G 128 -39.25 -39.69 -35.29
N GLY G 129 -40.30 -40.38 -34.88
CA GLY G 129 -41.33 -40.76 -35.85
C GLY G 129 -42.28 -39.62 -36.12
N VAL G 130 -41.76 -38.56 -36.71
CA VAL G 130 -42.58 -37.40 -36.97
C VAL G 130 -42.16 -36.67 -38.23
N ILE G 131 -43.10 -35.94 -38.80
CA ILE G 131 -42.86 -35.12 -39.98
C ILE G 131 -43.35 -33.76 -39.54
N LEU G 132 -42.44 -32.78 -39.52
CA LEU G 132 -42.75 -31.43 -39.07
C LEU G 132 -43.02 -30.43 -40.17
N THR G 133 -44.18 -29.78 -40.09
CA THR G 133 -44.55 -28.78 -41.08
C THR G 133 -44.48 -27.41 -40.40
N PHE G 134 -43.52 -26.59 -40.81
CA PHE G 134 -43.36 -25.26 -40.23
C PHE G 134 -44.00 -24.23 -41.16
N VAL G 135 -44.69 -23.26 -40.56
CA VAL G 135 -45.36 -22.22 -41.33
C VAL G 135 -45.25 -20.85 -40.69
N SER G 136 -45.27 -19.82 -41.55
CA SER G 136 -45.20 -18.44 -41.09
C SER G 136 -45.34 -17.49 -42.28
N VAL G 137 -45.15 -16.20 -41.99
CA VAL G 137 -45.19 -15.15 -42.99
C VAL G 137 -43.83 -14.48 -42.79
N ASP G 138 -42.78 -15.07 -43.34
CA ASP G 138 -41.44 -14.54 -43.18
C ASP G 138 -41.29 -13.07 -43.56
N GLU G 139 -40.55 -12.31 -42.77
CA GLU G 139 -40.38 -10.89 -43.05
C GLU G 139 -39.57 -10.67 -44.31
N GLU G 140 -39.06 -11.76 -44.90
CA GLU G 140 -38.31 -11.63 -46.12
C GLU G 140 -38.88 -12.49 -47.24
N LEU G 141 -39.40 -13.66 -46.88
CA LEU G 141 -39.94 -14.57 -47.87
C LEU G 141 -41.46 -14.66 -47.96
N GLY G 142 -42.16 -13.93 -47.10
CA GLY G 142 -43.61 -13.99 -47.15
C GLY G 142 -44.15 -15.32 -46.65
N PRO G 143 -45.43 -15.65 -46.96
CA PRO G 143 -46.01 -16.92 -46.50
C PRO G 143 -45.03 -18.05 -46.81
N SER G 144 -44.74 -18.88 -45.82
CA SER G 144 -43.80 -19.97 -46.03
C SER G 144 -44.25 -21.29 -45.43
N ILE G 145 -43.95 -22.37 -46.15
CA ILE G 145 -44.25 -23.72 -45.71
C ILE G 145 -43.00 -24.57 -45.94
N TYR G 146 -42.45 -25.12 -44.85
CA TYR G 146 -41.25 -25.95 -44.91
C TYR G 146 -41.52 -27.16 -44.03
N LYS G 147 -41.35 -28.36 -44.58
CA LYS G 147 -41.62 -29.59 -43.86
C LYS G 147 -40.37 -30.45 -43.81
N THR G 148 -40.18 -31.17 -42.71
CA THR G 148 -39.00 -32.02 -42.53
C THR G 148 -39.43 -33.42 -42.10
N ASP G 149 -38.64 -34.43 -42.49
CA ASP G 149 -38.95 -35.83 -42.15
C ASP G 149 -37.84 -36.53 -41.36
N PRO G 150 -38.10 -37.79 -40.91
CA PRO G 150 -37.13 -38.57 -40.15
C PRO G 150 -35.80 -38.82 -40.86
N ALA G 151 -35.77 -38.53 -42.15
CA ALA G 151 -34.56 -38.74 -42.94
C ALA G 151 -33.61 -37.55 -42.89
N GLY G 152 -34.11 -36.41 -42.41
CA GLY G 152 -33.28 -35.23 -42.34
C GLY G 152 -33.46 -34.39 -43.58
N TYR G 153 -34.47 -34.76 -44.36
CA TYR G 153 -34.77 -34.02 -45.58
C TYR G 153 -35.75 -32.89 -45.27
N TYR G 154 -35.74 -31.87 -46.12
CA TYR G 154 -36.68 -30.75 -45.97
C TYR G 154 -36.67 -29.91 -47.23
N VAL G 155 -37.76 -29.20 -47.44
CA VAL G 155 -37.88 -28.33 -48.60
C VAL G 155 -39.09 -27.44 -48.40
N GLY G 156 -39.17 -26.38 -49.20
CA GLY G 156 -40.31 -25.47 -49.11
C GLY G 156 -41.35 -25.89 -50.12
N TYR G 157 -42.62 -25.60 -49.82
CA TYR G 157 -43.72 -25.97 -50.70
C TYR G 157 -44.67 -24.80 -51.01
N LYS G 158 -45.47 -24.95 -52.07
CA LYS G 158 -46.48 -23.97 -52.46
C LYS G 158 -47.64 -24.26 -51.51
N ALA G 159 -47.84 -25.55 -51.28
CA ALA G 159 -48.86 -26.09 -50.40
C ALA G 159 -48.41 -27.54 -50.16
N THR G 160 -48.89 -28.17 -49.10
CA THR G 160 -48.48 -29.55 -48.82
C THR G 160 -49.49 -30.33 -47.97
N ALA G 161 -49.38 -31.64 -48.00
CA ALA G 161 -50.28 -32.50 -47.23
C ALA G 161 -49.47 -33.63 -46.63
N THR G 162 -49.91 -34.11 -45.47
CA THR G 162 -49.20 -35.16 -44.78
C THR G 162 -50.15 -36.06 -43.98
N GLY G 163 -49.86 -37.37 -44.00
CA GLY G 163 -50.67 -38.33 -43.28
C GLY G 163 -50.96 -39.55 -44.12
N PRO G 164 -51.82 -40.47 -43.65
CA PRO G 164 -52.17 -41.69 -44.37
C PRO G 164 -52.68 -41.39 -45.78
N LYS G 165 -53.56 -40.39 -45.91
CA LYS G 165 -54.10 -40.04 -47.20
C LYS G 165 -53.43 -38.82 -47.84
N GLN G 166 -52.13 -38.70 -47.60
CA GLN G 166 -51.35 -37.62 -48.15
C GLN G 166 -51.53 -37.50 -49.66
N GLN G 167 -51.48 -38.64 -50.34
CA GLN G 167 -51.60 -38.65 -51.80
C GLN G 167 -52.91 -38.03 -52.31
N GLU G 168 -54.03 -38.45 -51.73
CA GLU G 168 -55.34 -37.94 -52.13
C GLU G 168 -55.32 -36.41 -52.01
N ILE G 169 -54.93 -35.90 -50.85
CA ILE G 169 -54.86 -34.46 -50.63
C ILE G 169 -53.92 -33.79 -51.63
N THR G 170 -52.73 -34.34 -51.79
CA THR G 170 -51.74 -33.76 -52.70
C THR G 170 -52.23 -33.55 -54.13
N THR G 171 -52.64 -34.63 -54.78
CA THR G 171 -53.12 -34.54 -56.16
C THR G 171 -54.30 -33.58 -56.30
N ASN G 172 -55.15 -33.49 -55.29
CA ASN G 172 -56.25 -32.56 -55.34
C ASN G 172 -55.65 -31.16 -55.48
N LEU G 173 -54.71 -30.83 -54.60
CA LEU G 173 -54.04 -29.54 -54.61
C LEU G 173 -53.24 -29.32 -55.90
N GLU G 174 -52.52 -30.34 -56.34
CA GLU G 174 -51.75 -30.21 -57.57
C GLU G 174 -52.66 -29.68 -58.65
N ASN G 175 -53.76 -30.39 -58.82
CA ASN G 175 -54.75 -30.03 -59.81
C ASN G 175 -55.14 -28.57 -59.71
N HIS G 176 -55.61 -28.17 -58.54
CA HIS G 176 -56.01 -26.80 -58.34
C HIS G 176 -54.98 -25.78 -58.81
N PHE G 177 -53.71 -26.07 -58.57
CA PHE G 177 -52.66 -25.13 -58.98
C PHE G 177 -52.41 -25.19 -60.48
N LYS G 178 -52.47 -26.39 -61.06
CA LYS G 178 -52.28 -26.54 -62.50
C LYS G 178 -53.31 -25.63 -63.19
N LYS G 179 -54.47 -25.53 -62.55
CA LYS G 179 -55.59 -24.73 -63.03
C LYS G 179 -55.31 -23.24 -62.82
N SER G 180 -55.19 -22.82 -61.56
CA SER G 180 -54.96 -21.42 -61.21
C SER G 180 -53.69 -20.80 -61.80
N LYS G 181 -52.70 -21.63 -62.11
CA LYS G 181 -51.45 -21.16 -62.70
C LYS G 181 -50.56 -20.35 -61.77
N ILE G 182 -51.01 -20.17 -60.53
CA ILE G 182 -50.22 -19.42 -59.55
C ILE G 182 -49.83 -20.33 -58.40
N ASP G 183 -48.84 -19.89 -57.62
CA ASP G 183 -48.34 -20.69 -56.51
C ASP G 183 -48.95 -20.33 -55.16
N HIS G 184 -50.22 -19.94 -55.14
CA HIS G 184 -50.87 -19.61 -53.88
C HIS G 184 -52.35 -19.30 -54.07
N ILE G 185 -53.07 -19.25 -52.96
CA ILE G 185 -54.49 -18.95 -52.99
C ILE G 185 -54.66 -17.43 -53.02
N ASN G 186 -55.09 -16.92 -54.16
CA ASN G 186 -55.29 -15.49 -54.34
C ASN G 186 -56.44 -14.97 -53.48
N GLU G 187 -56.21 -14.87 -52.18
CA GLU G 187 -57.23 -14.39 -51.26
C GLU G 187 -56.59 -13.43 -50.27
N GLU G 188 -57.26 -12.30 -50.05
CA GLU G 188 -56.73 -11.29 -49.15
C GLU G 188 -56.94 -11.69 -47.70
N SER G 189 -58.12 -12.19 -47.37
CA SER G 189 -58.37 -12.57 -45.99
C SER G 189 -58.04 -14.03 -45.72
N TRP G 190 -57.56 -14.28 -44.52
CA TRP G 190 -57.19 -15.64 -44.14
C TRP G 190 -58.41 -16.50 -43.86
N GLU G 191 -59.52 -15.88 -43.43
CA GLU G 191 -60.74 -16.64 -43.17
C GLU G 191 -61.12 -17.38 -44.43
N LYS G 192 -60.94 -16.72 -45.58
CA LYS G 192 -61.24 -17.34 -46.86
C LYS G 192 -60.23 -18.40 -47.23
N VAL G 193 -58.95 -18.13 -46.96
CA VAL G 193 -57.90 -19.12 -47.24
C VAL G 193 -58.14 -20.37 -46.38
N VAL G 194 -58.58 -20.16 -45.15
CA VAL G 194 -58.88 -21.28 -44.26
C VAL G 194 -60.02 -22.10 -44.87
N GLU G 195 -61.05 -21.40 -45.35
CA GLU G 195 -62.20 -22.05 -45.96
C GLU G 195 -61.78 -22.86 -47.18
N PHE G 196 -60.83 -22.33 -47.93
CA PHE G 196 -60.33 -23.02 -49.10
C PHE G 196 -59.69 -24.32 -48.66
N ALA G 197 -58.84 -24.22 -47.65
CA ALA G 197 -58.15 -25.37 -47.10
C ALA G 197 -59.15 -26.43 -46.67
N ILE G 198 -60.08 -26.08 -45.77
CA ILE G 198 -61.06 -27.07 -45.32
C ILE G 198 -61.88 -27.66 -46.48
N THR G 199 -62.21 -26.83 -47.46
CA THR G 199 -62.99 -27.30 -48.60
C THR G 199 -62.27 -28.39 -49.38
N HIS G 200 -61.04 -28.13 -49.80
CA HIS G 200 -60.28 -29.11 -50.55
C HIS G 200 -59.92 -30.35 -49.73
N MET G 201 -59.85 -30.17 -48.42
CA MET G 201 -59.55 -31.30 -47.53
C MET G 201 -60.77 -32.22 -47.64
N ILE G 202 -61.96 -31.63 -47.67
CA ILE G 202 -63.20 -32.38 -47.78
C ILE G 202 -63.29 -33.08 -49.13
N ASP G 203 -63.01 -32.36 -50.21
CA ASP G 203 -63.05 -32.92 -51.56
C ASP G 203 -62.13 -34.10 -51.71
N ALA G 204 -60.87 -33.92 -51.32
CA ALA G 204 -59.88 -34.99 -51.43
C ALA G 204 -60.20 -36.21 -50.57
N LEU G 205 -60.65 -35.98 -49.35
CA LEU G 205 -60.95 -37.11 -48.47
C LEU G 205 -62.37 -37.61 -48.63
N GLY G 206 -63.20 -36.82 -49.32
CA GLY G 206 -64.59 -37.20 -49.49
C GLY G 206 -65.29 -37.29 -48.14
N THR G 207 -64.98 -36.35 -47.24
CA THR G 207 -65.58 -36.37 -45.91
C THR G 207 -66.04 -35.01 -45.47
N GLU G 208 -67.06 -35.00 -44.63
CA GLU G 208 -67.62 -33.78 -44.08
C GLU G 208 -67.00 -33.68 -42.68
N PHE G 209 -66.83 -32.46 -42.17
CA PHE G 209 -66.25 -32.27 -40.84
C PHE G 209 -67.13 -31.40 -39.96
N SER G 210 -67.11 -31.67 -38.66
CA SER G 210 -67.87 -30.85 -37.72
C SER G 210 -66.80 -29.92 -37.12
N LYS G 211 -67.18 -29.09 -36.16
CA LYS G 211 -66.22 -28.17 -35.56
C LYS G 211 -65.19 -28.87 -34.68
N ASN G 212 -65.47 -30.12 -34.29
CA ASN G 212 -64.54 -30.85 -33.44
C ASN G 212 -63.71 -31.88 -34.19
N ASP G 213 -63.84 -31.88 -35.52
CA ASP G 213 -63.11 -32.82 -36.36
C ASP G 213 -61.86 -32.19 -36.94
N LEU G 214 -61.67 -30.90 -36.68
CA LEU G 214 -60.52 -30.20 -37.21
C LEU G 214 -59.75 -29.39 -36.17
N GLU G 215 -58.58 -28.95 -36.61
CA GLU G 215 -57.65 -28.17 -35.83
C GLU G 215 -57.08 -27.24 -36.89
N VAL G 216 -57.06 -25.94 -36.61
CA VAL G 216 -56.56 -25.00 -37.59
C VAL G 216 -55.58 -23.99 -37.02
N GLY G 217 -54.57 -23.66 -37.82
CA GLY G 217 -53.60 -22.68 -37.40
C GLY G 217 -53.43 -21.67 -38.51
N VAL G 218 -53.24 -20.40 -38.15
CA VAL G 218 -53.08 -19.33 -39.13
C VAL G 218 -51.87 -18.48 -38.81
N ALA G 219 -51.07 -18.20 -39.84
CA ALA G 219 -49.89 -17.37 -39.70
C ALA G 219 -50.05 -16.11 -40.54
N THR G 220 -49.85 -14.97 -39.90
CA THR G 220 -49.96 -13.70 -40.59
C THR G 220 -48.73 -12.89 -40.26
N LYS G 221 -48.66 -11.68 -40.81
CA LYS G 221 -47.55 -10.80 -40.54
C LYS G 221 -47.48 -10.61 -39.02
N ASP G 222 -46.36 -11.03 -38.47
CA ASP G 222 -46.11 -10.91 -37.02
C ASP G 222 -47.10 -11.58 -36.05
N LYS G 223 -47.54 -12.79 -36.39
CA LYS G 223 -48.41 -13.58 -35.52
C LYS G 223 -49.01 -14.85 -36.10
N PHE G 224 -48.83 -15.93 -35.36
CA PHE G 224 -49.37 -17.24 -35.70
C PHE G 224 -50.28 -17.60 -34.54
N PHE G 225 -51.49 -18.02 -34.86
CA PHE G 225 -52.47 -18.39 -33.85
C PHE G 225 -53.27 -19.57 -34.35
N THR G 226 -54.00 -20.21 -33.45
CA THR G 226 -54.84 -21.35 -33.80
C THR G 226 -56.30 -20.95 -33.58
N LEU G 227 -57.21 -21.56 -34.33
CA LEU G 227 -58.64 -21.23 -34.19
C LEU G 227 -59.29 -22.05 -33.08
N SER G 228 -60.46 -21.60 -32.64
CA SER G 228 -61.20 -22.30 -31.59
C SER G 228 -62.30 -23.12 -32.25
N ALA G 229 -62.95 -23.99 -31.47
CA ALA G 229 -64.02 -24.79 -32.04
C ALA G 229 -65.01 -23.84 -32.71
N GLU G 230 -65.24 -22.70 -32.08
CA GLU G 230 -66.16 -21.70 -32.62
C GLU G 230 -65.63 -20.95 -33.82
N ASN G 231 -64.37 -20.56 -33.78
CA ASN G 231 -63.77 -19.86 -34.91
C ASN G 231 -63.91 -20.76 -36.12
N ILE G 232 -63.78 -22.06 -35.87
CA ILE G 232 -63.90 -23.09 -36.91
C ILE G 232 -65.33 -23.17 -37.39
N GLU G 233 -66.25 -23.40 -36.46
CA GLU G 233 -67.67 -23.50 -36.79
C GLU G 233 -68.08 -22.40 -37.76
N GLU G 234 -67.74 -21.16 -37.42
CA GLU G 234 -68.05 -20.02 -38.26
C GLU G 234 -67.51 -20.26 -39.66
N ARG G 235 -66.29 -20.78 -39.73
CA ARG G 235 -65.64 -21.07 -41.00
C ARG G 235 -66.38 -22.20 -41.75
N LEU G 236 -66.81 -23.21 -41.00
CA LEU G 236 -67.52 -24.36 -41.55
C LEU G 236 -68.87 -23.91 -42.10
N VAL G 237 -69.59 -23.12 -41.31
CA VAL G 237 -70.89 -22.59 -41.70
C VAL G 237 -70.76 -21.83 -43.02
N ALA G 238 -69.68 -21.10 -43.17
CA ALA G 238 -69.44 -20.33 -44.38
C ALA G 238 -69.38 -21.20 -45.63
N ILE G 239 -68.54 -22.22 -45.63
CA ILE G 239 -68.42 -23.07 -46.82
C ILE G 239 -69.74 -23.77 -47.13
N ALA G 240 -70.52 -24.03 -46.09
CA ALA G 240 -71.81 -24.69 -46.26
C ALA G 240 -72.71 -23.83 -47.13
N GLU G 241 -72.66 -22.52 -46.90
CA GLU G 241 -73.46 -21.56 -47.64
C GLU G 241 -72.77 -21.17 -48.94
N GLN G 242 -72.33 -22.17 -49.68
CA GLN G 242 -71.65 -21.97 -50.95
C GLN G 242 -71.96 -23.21 -51.77
N ASP G 243 -72.28 -24.29 -51.04
CA ASP G 243 -72.64 -25.58 -51.61
C ASP G 243 -74.17 -25.70 -51.58
N THR H 1 -7.27 8.78 -31.69
CA THR H 1 -8.19 8.30 -32.76
C THR H 1 -9.48 9.09 -32.81
N THR H 2 -9.95 9.34 -34.03
CA THR H 2 -11.21 10.02 -34.23
C THR H 2 -12.02 9.21 -35.22
N ILE H 3 -13.13 8.66 -34.76
CA ILE H 3 -14.01 7.91 -35.65
C ILE H 3 -15.41 8.47 -35.39
N VAL H 4 -16.17 8.60 -36.46
CA VAL H 4 -17.55 9.10 -36.37
C VAL H 4 -18.50 8.29 -37.24
N GLY H 5 -19.79 8.52 -37.04
CA GLY H 5 -20.81 7.83 -37.80
C GLY H 5 -21.92 8.83 -37.98
N VAL H 6 -22.48 8.91 -39.19
CA VAL H 6 -23.55 9.85 -39.49
C VAL H 6 -24.61 9.26 -40.40
N LYS H 7 -25.86 9.32 -39.97
CA LYS H 7 -27.00 8.82 -40.73
C LYS H 7 -27.52 9.91 -41.65
N PHE H 8 -27.91 9.52 -42.86
CA PHE H 8 -28.49 10.44 -43.83
C PHE H 8 -29.76 9.83 -44.41
N ASN H 9 -30.62 10.64 -45.01
CA ASN H 9 -31.92 10.18 -45.55
C ASN H 9 -32.03 8.76 -46.13
N ASN H 10 -31.03 8.31 -46.87
CA ASN H 10 -31.12 6.98 -47.50
C ASN H 10 -29.92 6.08 -47.22
N GLY H 11 -29.29 6.26 -46.06
CA GLY H 11 -28.14 5.44 -45.73
C GLY H 11 -27.38 5.88 -44.49
N VAL H 12 -26.09 5.51 -44.47
CA VAL H 12 -25.23 5.84 -43.34
C VAL H 12 -23.79 5.95 -43.81
N VAL H 13 -23.01 6.79 -43.14
CA VAL H 13 -21.61 6.96 -43.49
C VAL H 13 -20.75 6.93 -42.24
N ILE H 14 -19.56 6.33 -42.34
CA ILE H 14 -18.65 6.29 -41.20
C ILE H 14 -17.29 6.74 -41.70
N ALA H 15 -16.62 7.54 -40.88
CA ALA H 15 -15.30 8.05 -41.22
C ALA H 15 -14.34 7.94 -40.04
N ALA H 16 -13.04 8.08 -40.33
CA ALA H 16 -12.01 8.00 -39.29
C ALA H 16 -10.71 8.64 -39.74
N ASP H 17 -9.84 8.96 -38.77
CA ASP H 17 -8.54 9.54 -39.07
C ASP H 17 -7.63 8.35 -39.39
N THR H 18 -6.38 8.61 -39.73
CA THR H 18 -5.49 7.52 -40.08
C THR H 18 -4.20 7.41 -39.26
N ARG H 19 -4.19 8.03 -38.08
CA ARG H 19 -3.00 8.00 -37.22
C ARG H 19 -3.06 6.91 -36.14
N SER H 20 -1.96 6.17 -36.02
CA SER H 20 -1.83 5.09 -35.04
C SER H 20 -0.70 5.48 -34.09
N THR H 21 -0.94 5.47 -32.79
CA THR H 21 0.10 5.89 -31.85
C THR H 21 0.42 4.96 -30.70
N GLN H 22 1.69 4.97 -30.29
CA GLN H 22 2.20 4.21 -29.16
C GLN H 22 2.81 5.32 -28.31
N GLY H 23 2.13 5.70 -27.24
CA GLY H 23 2.64 6.78 -26.44
C GLY H 23 2.58 8.06 -27.26
N PRO H 24 3.66 8.86 -27.27
CA PRO H 24 3.61 10.08 -28.06
C PRO H 24 4.21 9.89 -29.44
N ILE H 25 4.55 8.65 -29.78
CA ILE H 25 5.13 8.38 -31.09
C ILE H 25 4.09 7.85 -32.05
N VAL H 26 4.16 8.32 -33.30
CA VAL H 26 3.24 7.88 -34.33
C VAL H 26 3.84 6.65 -35.00
N ALA H 27 3.30 5.48 -34.67
CA ALA H 27 3.79 4.23 -35.24
C ALA H 27 3.40 4.14 -36.72
N ASP H 28 2.12 4.31 -37.00
CA ASP H 28 1.62 4.26 -38.37
C ASP H 28 0.98 5.60 -38.71
N LYS H 29 1.49 6.24 -39.76
CA LYS H 29 0.97 7.53 -40.19
C LYS H 29 -0.26 7.42 -41.08
N ASN H 30 -0.57 6.21 -41.53
CA ASN H 30 -1.73 6.02 -42.39
C ASN H 30 -2.35 4.63 -42.23
N CYS H 31 -2.79 4.28 -41.03
CA CYS H 31 -3.40 2.97 -40.84
C CYS H 31 -4.86 3.11 -41.21
N ALA H 32 -5.57 1.99 -41.31
CA ALA H 32 -6.99 2.03 -41.65
C ALA H 32 -7.80 1.62 -40.43
N LYS H 33 -8.68 2.51 -39.98
CA LYS H 33 -9.51 2.22 -38.82
C LYS H 33 -10.92 1.77 -39.22
N LEU H 34 -11.12 1.66 -40.53
CA LEU H 34 -12.40 1.24 -41.09
C LEU H 34 -12.34 -0.24 -41.47
N HIS H 35 -13.12 -1.05 -40.75
CA HIS H 35 -13.14 -2.49 -40.96
C HIS H 35 -14.45 -2.98 -41.56
N ARG H 36 -14.37 -3.99 -42.43
CA ARG H 36 -15.55 -4.55 -43.06
C ARG H 36 -15.98 -5.81 -42.32
N ILE H 37 -17.23 -5.85 -41.88
CA ILE H 37 -17.74 -7.04 -41.20
C ILE H 37 -18.39 -7.89 -42.27
N SER H 38 -19.01 -7.23 -43.25
CA SER H 38 -19.66 -7.91 -44.37
C SER H 38 -19.69 -6.87 -45.50
N PRO H 39 -19.98 -7.29 -46.73
CA PRO H 39 -20.01 -6.32 -47.82
C PRO H 39 -20.67 -4.99 -47.47
N LYS H 40 -21.83 -5.03 -46.85
CA LYS H 40 -22.53 -3.79 -46.53
C LYS H 40 -22.67 -3.42 -45.05
N ILE H 41 -21.78 -3.96 -44.23
CA ILE H 41 -21.77 -3.66 -42.79
C ILE H 41 -20.33 -3.35 -42.43
N TRP H 42 -20.01 -2.07 -42.33
CA TRP H 42 -18.65 -1.67 -41.98
C TRP H 42 -18.60 -1.18 -40.54
N CYS H 43 -17.40 -1.00 -40.03
CA CYS H 43 -17.24 -0.61 -38.67
C CYS H 43 -15.94 0.14 -38.44
N ALA H 44 -16.02 1.19 -37.61
CA ALA H 44 -14.86 2.00 -37.25
C ALA H 44 -14.43 1.59 -35.84
N GLY H 45 -13.13 1.44 -35.65
CA GLY H 45 -12.66 1.02 -34.34
C GLY H 45 -11.66 1.91 -33.64
N ALA H 46 -11.75 1.94 -32.32
CA ALA H 46 -10.86 2.73 -31.47
C ALA H 46 -10.51 1.86 -30.26
N GLY H 47 -9.41 2.18 -29.59
CA GLY H 47 -9.02 1.38 -28.45
C GLY H 47 -7.80 0.57 -28.83
N THR H 48 -7.72 -0.68 -28.35
CA THR H 48 -6.59 -1.54 -28.68
C THR H 48 -6.71 -1.98 -30.13
N ALA H 49 -5.91 -1.38 -31.00
CA ALA H 49 -5.93 -1.70 -32.43
C ALA H 49 -6.00 -3.19 -32.77
N ALA H 50 -5.17 -4.01 -32.12
CA ALA H 50 -5.20 -5.44 -32.39
C ALA H 50 -6.61 -5.97 -32.07
N ASP H 51 -7.20 -5.46 -31.00
CA ASP H 51 -8.51 -5.88 -30.57
C ASP H 51 -9.62 -5.47 -31.50
N THR H 52 -9.57 -4.25 -32.03
CA THR H 52 -10.62 -3.84 -32.94
C THR H 52 -10.52 -4.65 -34.23
N GLU H 53 -9.31 -5.05 -34.58
CA GLU H 53 -9.10 -5.84 -35.80
C GLU H 53 -9.57 -7.26 -35.60
N ALA H 54 -9.09 -7.87 -34.52
CA ALA H 54 -9.41 -9.24 -34.20
C ALA H 54 -10.89 -9.50 -34.02
N VAL H 55 -11.54 -8.69 -33.17
CA VAL H 55 -12.95 -8.88 -32.92
C VAL H 55 -13.77 -8.60 -34.17
N THR H 56 -13.31 -7.66 -34.98
CA THR H 56 -13.99 -7.30 -36.22
C THR H 56 -14.01 -8.48 -37.20
N GLN H 57 -12.92 -9.23 -37.23
CA GLN H 57 -12.82 -10.36 -38.13
C GLN H 57 -13.49 -11.60 -37.56
N LEU H 58 -13.44 -11.77 -36.24
CA LEU H 58 -14.06 -12.92 -35.62
C LEU H 58 -15.55 -12.91 -35.91
N ILE H 59 -16.21 -11.80 -35.60
CA ILE H 59 -17.63 -11.70 -35.85
C ILE H 59 -17.86 -11.68 -37.36
N GLY H 60 -16.99 -10.98 -38.08
CA GLY H 60 -17.12 -10.92 -39.53
C GLY H 60 -17.22 -12.32 -40.11
N SER H 61 -16.32 -13.20 -39.67
CA SER H 61 -16.27 -14.58 -40.12
C SER H 61 -17.57 -15.29 -39.80
N ASN H 62 -18.02 -15.15 -38.56
CA ASN H 62 -19.26 -15.80 -38.14
C ASN H 62 -20.50 -15.25 -38.80
N ILE H 63 -20.49 -13.96 -39.13
CA ILE H 63 -21.63 -13.38 -39.82
C ILE H 63 -21.68 -13.97 -41.22
N GLU H 64 -20.51 -14.14 -41.83
CA GLU H 64 -20.44 -14.72 -43.17
C GLU H 64 -21.04 -16.12 -43.16
N LEU H 65 -20.55 -16.96 -42.26
CA LEU H 65 -21.06 -18.31 -42.14
C LEU H 65 -22.58 -18.28 -41.87
N HIS H 66 -23.01 -17.42 -40.96
CA HIS H 66 -24.45 -17.31 -40.66
C HIS H 66 -25.24 -16.96 -41.91
N SER H 67 -24.73 -16.01 -42.68
CA SER H 67 -25.36 -15.58 -43.93
C SER H 67 -25.55 -16.80 -44.86
N LEU H 68 -24.46 -17.53 -45.09
CA LEU H 68 -24.52 -18.71 -45.93
C LEU H 68 -25.51 -19.73 -45.41
N TYR H 69 -25.55 -19.88 -44.11
CA TYR H 69 -26.43 -20.86 -43.49
C TYR H 69 -27.90 -20.50 -43.61
N THR H 70 -28.21 -19.23 -43.45
CA THR H 70 -29.59 -18.76 -43.51
C THR H 70 -29.99 -18.24 -44.90
N SER H 71 -29.03 -18.19 -45.82
CA SER H 71 -29.28 -17.70 -47.16
C SER H 71 -29.91 -16.32 -47.09
N ARG H 72 -29.40 -15.49 -46.19
CA ARG H 72 -29.90 -14.13 -46.01
C ARG H 72 -28.77 -13.14 -45.84
N GLU H 73 -29.01 -11.92 -46.30
CA GLU H 73 -28.05 -10.84 -46.18
C GLU H 73 -27.79 -10.61 -44.70
N PRO H 74 -26.53 -10.36 -44.32
CA PRO H 74 -26.21 -10.12 -42.92
C PRO H 74 -26.94 -8.90 -42.42
N ARG H 75 -27.35 -8.92 -41.16
CA ARG H 75 -28.02 -7.77 -40.59
C ARG H 75 -27.11 -7.09 -39.58
N VAL H 76 -27.20 -5.77 -39.50
CA VAL H 76 -26.38 -5.03 -38.56
C VAL H 76 -26.70 -5.42 -37.12
N VAL H 77 -27.98 -5.60 -36.79
CA VAL H 77 -28.30 -5.99 -35.41
C VAL H 77 -27.60 -7.29 -35.00
N SER H 78 -27.27 -8.15 -35.97
CA SER H 78 -26.59 -9.39 -35.65
C SER H 78 -25.12 -9.12 -35.32
N ALA H 79 -24.44 -8.36 -36.17
CA ALA H 79 -23.06 -8.02 -35.92
C ALA H 79 -22.97 -7.39 -34.52
N LEU H 80 -23.98 -6.59 -34.20
CA LEU H 80 -24.06 -5.89 -32.92
C LEU H 80 -24.26 -6.80 -31.72
N GLN H 81 -25.18 -7.73 -31.84
CA GLN H 81 -25.45 -8.63 -30.74
C GLN H 81 -24.31 -9.62 -30.52
N MET H 82 -23.68 -10.03 -31.61
CA MET H 82 -22.56 -10.96 -31.53
C MET H 82 -21.37 -10.26 -30.88
N LEU H 83 -21.11 -9.03 -31.31
CA LEU H 83 -20.01 -8.24 -30.78
C LEU H 83 -20.14 -7.94 -29.31
N LYS H 84 -21.27 -7.39 -28.89
CA LYS H 84 -21.45 -7.04 -27.48
C LYS H 84 -21.42 -8.22 -26.53
N GLN H 85 -21.99 -9.35 -26.94
CA GLN H 85 -21.98 -10.51 -26.08
C GLN H 85 -20.57 -11.07 -25.93
N HIS H 86 -19.73 -10.83 -26.94
CA HIS H 86 -18.35 -11.27 -26.92
C HIS H 86 -17.56 -10.35 -25.98
N LEU H 87 -17.71 -9.04 -26.21
CA LEU H 87 -17.03 -8.06 -25.38
C LEU H 87 -17.45 -8.19 -23.93
N PHE H 88 -18.72 -8.48 -23.70
CA PHE H 88 -19.22 -8.62 -22.33
C PHE H 88 -18.65 -9.87 -21.67
N LYS H 89 -18.48 -10.93 -22.45
CA LYS H 89 -17.95 -12.19 -21.93
C LYS H 89 -16.54 -11.95 -21.41
N TYR H 90 -15.83 -11.02 -22.03
CA TYR H 90 -14.47 -10.71 -21.63
C TYR H 90 -14.32 -9.55 -20.66
N GLN H 91 -15.35 -9.29 -19.87
CA GLN H 91 -15.31 -8.24 -18.87
C GLN H 91 -14.51 -6.99 -19.23
N GLY H 92 -14.60 -6.55 -20.47
CA GLY H 92 -13.88 -5.34 -20.86
C GLY H 92 -12.40 -5.48 -21.18
N HIS H 93 -11.86 -6.69 -21.09
CA HIS H 93 -10.44 -6.90 -21.36
C HIS H 93 -10.09 -6.83 -22.84
N ILE H 94 -11.11 -6.75 -23.70
CA ILE H 94 -10.85 -6.60 -25.13
C ILE H 94 -11.13 -5.13 -25.38
N GLY H 95 -10.08 -4.31 -25.37
CA GLY H 95 -10.25 -2.89 -25.55
C GLY H 95 -10.79 -2.45 -26.90
N ALA H 96 -12.03 -2.79 -27.19
CA ALA H 96 -12.63 -2.40 -28.47
C ALA H 96 -13.77 -1.41 -28.26
N TYR H 97 -13.70 -0.33 -29.03
CA TYR H 97 -14.72 0.72 -29.00
C TYR H 97 -15.03 0.87 -30.47
N LEU H 98 -16.25 0.53 -30.85
CA LEU H 98 -16.61 0.56 -32.26
C LEU H 98 -17.87 1.33 -32.62
N ILE H 99 -17.85 1.85 -33.84
CA ILE H 99 -19.00 2.53 -34.41
C ILE H 99 -19.34 1.53 -35.52
N VAL H 100 -20.43 0.78 -35.36
CA VAL H 100 -20.81 -0.19 -36.39
C VAL H 100 -22.04 0.29 -37.14
N ALA H 101 -21.92 0.30 -38.46
CA ALA H 101 -23.01 0.78 -39.31
C ALA H 101 -23.16 -0.09 -40.55
N GLY H 102 -24.29 0.08 -41.23
CA GLY H 102 -24.52 -0.68 -42.44
C GLY H 102 -25.97 -0.68 -42.87
N VAL H 103 -26.22 -1.31 -44.02
CA VAL H 103 -27.56 -1.41 -44.57
C VAL H 103 -27.85 -2.89 -44.81
N ASP H 104 -29.10 -3.27 -44.61
CA ASP H 104 -29.50 -4.65 -44.81
C ASP H 104 -31.00 -4.69 -45.13
N PRO H 105 -31.56 -5.89 -45.34
CA PRO H 105 -32.99 -5.96 -45.66
C PRO H 105 -33.91 -5.09 -44.80
N THR H 106 -33.47 -4.71 -43.61
CA THR H 106 -34.34 -3.92 -42.74
C THR H 106 -34.10 -2.40 -42.73
N GLY H 107 -33.14 -1.92 -43.53
CA GLY H 107 -32.88 -0.50 -43.57
C GLY H 107 -31.44 -0.13 -43.26
N SER H 108 -31.19 1.12 -42.86
CA SER H 108 -29.84 1.55 -42.53
C SER H 108 -29.73 1.71 -41.01
N HIS H 109 -28.57 1.34 -40.47
CA HIS H 109 -28.35 1.39 -39.01
C HIS H 109 -27.04 2.03 -38.55
N LEU H 110 -27.08 2.59 -37.34
CA LEU H 110 -25.90 3.21 -36.75
C LEU H 110 -25.86 2.92 -35.25
N PHE H 111 -24.82 2.22 -34.83
CA PHE H 111 -24.65 1.86 -33.42
C PHE H 111 -23.21 2.11 -32.95
N SER H 112 -23.01 1.98 -31.65
CA SER H 112 -21.69 2.09 -31.07
C SER H 112 -21.63 1.04 -29.95
N ILE H 113 -20.47 0.42 -29.82
CA ILE H 113 -20.26 -0.60 -28.80
C ILE H 113 -19.05 -0.20 -27.99
N HIS H 114 -19.15 -0.38 -26.69
CA HIS H 114 -18.05 -0.05 -25.80
C HIS H 114 -17.40 -1.34 -25.30
N ALA H 115 -16.11 -1.26 -25.00
CA ALA H 115 -15.32 -2.39 -24.55
C ALA H 115 -16.00 -3.31 -23.54
N HIS H 116 -16.77 -2.75 -22.61
CA HIS H 116 -17.45 -3.58 -21.63
C HIS H 116 -18.70 -4.29 -22.13
N GLY H 117 -19.21 -3.86 -23.29
CA GLY H 117 -20.39 -4.51 -23.82
C GLY H 117 -21.64 -3.69 -24.06
N SER H 118 -21.73 -2.50 -23.49
CA SER H 118 -22.92 -1.68 -23.69
C SER H 118 -22.98 -1.18 -25.13
N THR H 119 -24.20 -1.00 -25.65
CA THR H 119 -24.35 -0.50 -27.02
C THR H 119 -25.29 0.70 -27.03
N ASP H 120 -25.11 1.57 -28.02
CA ASP H 120 -25.93 2.76 -28.16
C ASP H 120 -26.37 2.90 -29.60
N VAL H 121 -27.50 3.56 -29.81
CA VAL H 121 -28.03 3.80 -31.14
C VAL H 121 -28.28 5.30 -31.32
N GLY H 122 -27.97 5.82 -32.51
CA GLY H 122 -28.18 7.23 -32.77
C GLY H 122 -28.00 7.62 -34.22
N TYR H 123 -28.17 8.90 -34.52
CA TYR H 123 -28.03 9.40 -35.88
C TYR H 123 -26.63 9.95 -36.13
N TYR H 124 -25.89 10.20 -35.06
CA TYR H 124 -24.52 10.67 -35.17
C TYR H 124 -23.74 10.29 -33.91
N LEU H 125 -22.61 9.64 -34.11
CA LEU H 125 -21.79 9.20 -33.00
C LEU H 125 -20.31 9.44 -33.28
N SER H 126 -19.50 9.41 -32.23
CA SER H 126 -18.05 9.55 -32.36
C SER H 126 -17.37 8.88 -31.16
N LEU H 127 -16.23 8.24 -31.41
CA LEU H 127 -15.49 7.58 -30.35
C LEU H 127 -14.04 7.91 -30.58
N GLY H 128 -13.22 7.68 -29.55
CA GLY H 128 -11.79 7.94 -29.66
C GLY H 128 -11.39 9.15 -28.86
N SER H 129 -10.11 9.51 -28.89
CA SER H 129 -9.64 10.68 -28.16
C SER H 129 -10.10 11.97 -28.84
N GLY H 130 -10.33 11.90 -30.15
CA GLY H 130 -10.80 13.06 -30.88
C GLY H 130 -12.30 13.19 -30.72
N SER H 131 -12.87 12.22 -30.04
CA SER H 131 -14.29 12.13 -29.78
C SER H 131 -14.94 13.49 -29.55
N LEU H 132 -14.39 14.24 -28.61
CA LEU H 132 -14.96 15.54 -28.29
C LEU H 132 -14.82 16.61 -29.38
N ALA H 133 -13.69 16.64 -30.07
CA ALA H 133 -13.51 17.63 -31.13
C ALA H 133 -14.54 17.36 -32.22
N ALA H 134 -14.74 16.08 -32.56
CA ALA H 134 -15.67 15.70 -33.59
C ALA H 134 -17.11 15.95 -33.14
N MET H 135 -17.45 15.53 -31.93
CA MET H 135 -18.81 15.72 -31.44
C MET H 135 -19.20 17.18 -31.42
N ALA H 136 -18.25 18.06 -31.17
CA ALA H 136 -18.57 19.47 -31.16
C ALA H 136 -19.08 19.85 -32.55
N VAL H 137 -18.37 19.43 -33.59
CA VAL H 137 -18.77 19.73 -34.95
C VAL H 137 -20.15 19.11 -35.26
N LEU H 138 -20.33 17.86 -34.88
CA LEU H 138 -21.60 17.20 -35.11
C LEU H 138 -22.74 17.89 -34.37
N GLU H 139 -22.55 18.23 -33.10
CA GLU H 139 -23.61 18.89 -32.37
C GLU H 139 -23.89 20.24 -32.98
N SER H 140 -22.94 20.73 -33.77
CA SER H 140 -23.07 22.04 -34.40
C SER H 140 -23.63 22.05 -35.82
N HIS H 141 -23.66 20.90 -36.49
CA HIS H 141 -24.15 20.89 -37.86
C HIS H 141 -25.06 19.76 -38.28
N TRP H 142 -25.26 18.78 -37.42
CA TRP H 142 -26.14 17.70 -37.79
C TRP H 142 -27.56 18.23 -37.75
N LYS H 143 -28.37 17.74 -38.68
CA LYS H 143 -29.77 18.11 -38.77
C LYS H 143 -30.44 16.88 -39.34
N GLN H 144 -31.75 16.76 -39.12
CA GLN H 144 -32.47 15.63 -39.62
C GLN H 144 -32.57 15.70 -41.14
N ASP H 145 -32.58 14.55 -41.79
CA ASP H 145 -32.68 14.50 -43.25
C ASP H 145 -31.50 15.08 -44.00
N LEU H 146 -30.31 14.58 -43.70
CA LEU H 146 -29.14 15.06 -44.41
C LEU H 146 -29.12 14.30 -45.72
N THR H 147 -28.48 14.84 -46.73
CA THR H 147 -28.40 14.15 -48.01
C THR H 147 -27.05 13.44 -48.02
N LYS H 148 -26.89 12.46 -48.89
CA LYS H 148 -25.63 11.74 -48.95
C LYS H 148 -24.43 12.69 -48.87
N GLU H 149 -24.40 13.71 -49.73
CA GLU H 149 -23.28 14.65 -49.74
C GLU H 149 -23.15 15.46 -48.46
N GLU H 150 -24.27 15.85 -47.87
CA GLU H 150 -24.22 16.60 -46.63
C GLU H 150 -23.59 15.72 -45.55
N ALA H 151 -24.10 14.50 -45.43
CA ALA H 151 -23.58 13.55 -44.47
C ALA H 151 -22.06 13.39 -44.64
N ILE H 152 -21.60 13.07 -45.85
CA ILE H 152 -20.16 12.92 -46.05
C ILE H 152 -19.36 14.14 -45.57
N LYS H 153 -19.79 15.33 -45.94
CA LYS H 153 -19.11 16.56 -45.56
C LYS H 153 -19.02 16.62 -44.03
N LEU H 154 -20.16 16.48 -43.38
CA LEU H 154 -20.22 16.52 -41.92
C LEU H 154 -19.27 15.50 -41.32
N ALA H 155 -19.38 14.25 -41.73
CA ALA H 155 -18.49 13.23 -41.22
C ALA H 155 -17.06 13.69 -41.42
N SER H 156 -16.71 13.99 -42.66
CA SER H 156 -15.36 14.42 -43.00
C SER H 156 -14.88 15.60 -42.14
N ASP H 157 -15.77 16.54 -41.87
CA ASP H 157 -15.43 17.69 -41.06
C ASP H 157 -15.20 17.28 -39.62
N ALA H 158 -16.09 16.44 -39.09
CA ALA H 158 -15.94 15.98 -37.72
C ALA H 158 -14.55 15.34 -37.51
N ILE H 159 -14.15 14.47 -38.42
CA ILE H 159 -12.84 13.81 -38.33
C ILE H 159 -11.73 14.87 -38.35
N GLN H 160 -11.88 15.86 -39.22
CA GLN H 160 -10.89 16.92 -39.30
C GLN H 160 -10.76 17.66 -37.97
N ALA H 161 -11.88 17.84 -37.29
CA ALA H 161 -11.89 18.51 -36.00
C ALA H 161 -10.90 17.78 -35.11
N GLY H 162 -10.91 16.45 -35.23
CA GLY H 162 -10.03 15.62 -34.44
C GLY H 162 -8.58 15.74 -34.90
N ILE H 163 -8.36 15.55 -36.20
CA ILE H 163 -7.02 15.63 -36.76
C ILE H 163 -6.26 16.88 -36.34
N TRP H 164 -6.90 18.03 -36.46
CA TRP H 164 -6.24 19.29 -36.11
C TRP H 164 -6.16 19.60 -34.62
N ASN H 165 -7.20 19.25 -33.85
CA ASN H 165 -7.20 19.56 -32.42
C ASN H 165 -6.83 18.44 -31.42
N ASP H 166 -6.75 17.20 -31.88
CA ASP H 166 -6.39 16.09 -31.01
C ASP H 166 -5.02 15.53 -31.38
N LEU H 167 -4.13 15.47 -30.39
CA LEU H 167 -2.77 14.96 -30.62
C LEU H 167 -2.81 13.46 -30.94
N GLY H 168 -3.89 12.79 -30.52
CA GLY H 168 -4.00 11.36 -30.76
C GLY H 168 -4.56 11.03 -32.14
N SER H 169 -4.96 12.06 -32.87
CA SER H 169 -5.52 11.90 -34.20
C SER H 169 -4.75 12.74 -35.19
N GLY H 170 -4.74 12.30 -36.46
CA GLY H 170 -4.05 13.03 -37.49
C GLY H 170 -4.04 12.37 -38.85
N SER H 171 -3.28 12.97 -39.76
CA SER H 171 -3.12 12.48 -41.13
C SER H 171 -4.31 12.63 -42.09
N ASN H 172 -4.90 11.50 -42.49
CA ASN H 172 -5.99 11.52 -43.46
C ASN H 172 -7.38 11.20 -42.94
N VAL H 173 -8.33 11.28 -43.87
CA VAL H 173 -9.71 10.99 -43.57
C VAL H 173 -10.18 9.87 -44.48
N ASP H 174 -10.65 8.78 -43.87
CA ASP H 174 -11.17 7.62 -44.59
C ASP H 174 -12.67 7.63 -44.39
N VAL H 175 -13.41 7.32 -45.44
CA VAL H 175 -14.85 7.30 -45.37
C VAL H 175 -15.40 6.07 -46.05
N CYS H 176 -16.61 5.70 -45.66
CA CYS H 176 -17.29 4.57 -46.26
C CYS H 176 -18.77 4.89 -46.27
N VAL H 177 -19.33 5.02 -47.47
CA VAL H 177 -20.74 5.33 -47.61
C VAL H 177 -21.54 4.06 -47.89
N MET H 178 -22.56 3.84 -47.08
CA MET H 178 -23.40 2.68 -47.22
C MET H 178 -24.82 3.15 -47.42
N GLU H 179 -25.22 3.26 -48.69
CA GLU H 179 -26.56 3.70 -49.06
C GLU H 179 -27.52 2.51 -49.24
N ILE H 180 -28.76 2.68 -48.80
CA ILE H 180 -29.76 1.61 -48.86
C ILE H 180 -29.89 0.84 -50.16
N GLY H 181 -29.80 1.50 -51.29
CA GLY H 181 -29.96 0.77 -52.52
C GLY H 181 -28.72 0.24 -53.20
N LYS H 182 -27.58 0.90 -53.00
CA LYS H 182 -26.39 0.48 -53.70
C LYS H 182 -25.34 -0.30 -52.92
N ASP H 183 -24.21 -0.57 -53.57
CA ASP H 183 -23.10 -1.27 -52.95
C ASP H 183 -22.42 -0.28 -52.02
N ALA H 184 -21.83 -0.77 -50.95
CA ALA H 184 -21.16 0.12 -50.02
C ALA H 184 -19.90 0.67 -50.70
N GLU H 185 -19.64 1.96 -50.54
CA GLU H 185 -18.43 2.49 -51.15
C GLU H 185 -17.41 3.03 -50.16
N TYR H 186 -16.30 2.30 -50.10
CA TYR H 186 -15.18 2.58 -49.24
C TYR H 186 -14.29 3.60 -49.92
N LEU H 187 -14.04 4.70 -49.23
CA LEU H 187 -13.20 5.77 -49.77
C LEU H 187 -11.95 5.95 -48.93
N ARG H 188 -10.95 5.10 -49.15
CA ARG H 188 -9.69 5.20 -48.43
C ARG H 188 -8.99 6.51 -48.80
N ASN H 189 -8.47 7.21 -47.79
CA ASN H 189 -7.79 8.48 -47.99
C ASN H 189 -8.65 9.44 -48.79
N TYR H 190 -9.91 9.53 -48.39
CA TYR H 190 -10.88 10.41 -49.01
C TYR H 190 -10.32 11.82 -48.91
N LEU H 191 -9.57 12.06 -47.83
CA LEU H 191 -8.93 13.36 -47.57
C LEU H 191 -7.47 13.17 -47.16
N THR H 192 -6.58 13.93 -47.79
CA THR H 192 -5.16 13.84 -47.48
C THR H 192 -4.58 15.25 -47.32
N PRO H 193 -4.98 15.96 -46.25
CA PRO H 193 -4.56 17.32 -45.95
C PRO H 193 -3.26 17.43 -45.15
N ASN H 194 -2.42 16.41 -45.18
CA ASN H 194 -1.18 16.45 -44.43
C ASN H 194 0.07 15.96 -45.16
N VAL H 195 0.25 16.39 -46.39
CA VAL H 195 1.41 15.99 -47.16
C VAL H 195 2.64 16.70 -46.60
N ARG H 196 3.71 15.94 -46.35
CA ARG H 196 4.93 16.53 -45.82
C ARG H 196 5.59 17.39 -46.88
N GLU H 197 6.04 18.57 -46.50
CA GLU H 197 6.71 19.46 -47.44
C GLU H 197 8.00 18.84 -47.92
N GLU H 198 8.39 19.17 -49.14
CA GLU H 198 9.62 18.65 -49.73
C GLU H 198 10.77 18.93 -48.77
N LYS H 199 11.54 17.90 -48.44
CA LYS H 199 12.65 18.09 -47.52
C LYS H 199 13.61 19.12 -48.09
N GLN H 200 14.36 19.74 -47.19
CA GLN H 200 15.31 20.79 -47.54
C GLN H 200 16.60 20.29 -48.20
N LYS H 201 16.81 18.98 -48.17
CA LYS H 201 18.05 18.42 -48.71
C LYS H 201 17.86 16.93 -48.92
N SER H 202 18.69 16.32 -49.76
CA SER H 202 18.62 14.88 -49.98
C SER H 202 19.71 14.25 -49.14
N TYR H 203 19.41 13.14 -48.48
CA TYR H 203 20.41 12.51 -47.63
C TYR H 203 20.93 11.20 -48.20
N LYS H 204 20.85 11.10 -49.52
CA LYS H 204 21.34 9.95 -50.24
C LYS H 204 22.86 9.98 -50.02
N PHE H 205 23.41 8.94 -49.42
CA PHE H 205 24.84 8.88 -49.14
C PHE H 205 25.64 8.45 -50.36
N PRO H 206 26.94 8.78 -50.39
CA PRO H 206 27.78 8.37 -51.51
C PRO H 206 28.17 6.92 -51.19
N ARG H 207 28.03 6.02 -52.16
CA ARG H 207 28.35 4.62 -51.94
C ARG H 207 29.74 4.45 -51.34
N GLY H 208 29.85 3.51 -50.40
CA GLY H 208 31.13 3.28 -49.76
C GLY H 208 31.21 3.99 -48.42
N THR H 209 30.21 4.81 -48.12
CA THR H 209 30.16 5.57 -46.87
C THR H 209 30.10 4.67 -45.63
N THR H 210 29.54 3.48 -45.79
CA THR H 210 29.43 2.54 -44.67
C THR H 210 30.58 1.54 -44.65
N ALA H 211 31.15 1.33 -43.48
CA ALA H 211 32.27 0.38 -43.31
C ALA H 211 31.72 -1.03 -43.16
N VAL H 212 32.10 -1.91 -44.08
CA VAL H 212 31.65 -3.29 -44.07
C VAL H 212 32.74 -4.26 -43.63
N LEU H 213 32.43 -5.16 -42.71
CA LEU H 213 33.41 -6.12 -42.24
C LEU H 213 33.45 -7.37 -43.09
N LYS H 214 32.29 -7.94 -43.38
CA LYS H 214 32.21 -9.17 -44.16
C LYS H 214 30.98 -9.15 -45.06
N GLU H 215 31.06 -9.80 -46.21
CA GLU H 215 29.95 -9.84 -47.16
C GLU H 215 29.74 -11.24 -47.75
N SER H 216 28.50 -11.72 -47.74
CA SER H 216 28.18 -13.04 -48.27
C SER H 216 26.85 -13.05 -48.99
N ILE H 217 26.64 -14.05 -49.85
CA ILE H 217 25.39 -14.20 -50.59
C ILE H 217 24.52 -15.15 -49.78
N VAL H 218 23.22 -14.88 -49.71
CA VAL H 218 22.31 -15.75 -48.96
C VAL H 218 21.61 -16.76 -49.86
N ASN H 219 21.40 -17.95 -49.32
CA ASN H 219 20.76 -19.05 -50.04
C ASN H 219 19.26 -19.14 -49.78
N ILE H 220 18.46 -18.67 -50.74
CA ILE H 220 17.00 -18.67 -50.64
C ILE H 220 16.43 -19.92 -51.31
N CYS H 221 17.12 -20.41 -52.33
CA CYS H 221 16.68 -21.60 -53.07
C CYS H 221 16.98 -22.89 -52.30
N ASP H 222 15.94 -23.72 -52.15
CA ASP H 222 16.08 -24.98 -51.43
C ASP H 222 16.60 -26.10 -52.33
N SER I 1 12.57 -5.40 -15.13
CA SER I 1 11.10 -5.22 -15.21
C SER I 1 10.59 -5.40 -16.63
N ASP I 2 10.42 -4.28 -17.34
CA ASP I 2 9.95 -4.28 -18.71
C ASP I 2 10.68 -5.34 -19.52
N PRO I 3 9.98 -6.44 -19.86
CA PRO I 3 10.55 -7.55 -20.63
C PRO I 3 11.19 -7.13 -21.94
N SER I 4 10.62 -6.14 -22.61
CA SER I 4 11.15 -5.67 -23.89
C SER I 4 12.40 -4.79 -23.77
N SER I 5 12.93 -4.69 -22.56
CA SER I 5 14.13 -3.89 -22.33
C SER I 5 15.17 -4.60 -21.49
N ILE I 6 15.10 -5.93 -21.45
CA ILE I 6 16.05 -6.71 -20.68
C ILE I 6 17.25 -7.05 -21.53
N ASN I 7 16.97 -7.57 -22.73
CA ASN I 7 18.01 -7.99 -23.65
C ASN I 7 18.46 -6.93 -24.65
N GLY I 8 17.59 -5.99 -24.99
CA GLY I 8 17.96 -4.94 -25.92
C GLY I 8 18.05 -5.38 -27.38
N GLY I 9 18.27 -4.41 -28.28
CA GLY I 9 18.36 -4.75 -29.68
C GLY I 9 17.34 -4.03 -30.56
N ILE I 10 17.67 -3.88 -31.84
CA ILE I 10 16.81 -3.21 -32.80
C ILE I 10 16.77 -3.89 -34.16
N VAL I 11 15.74 -3.59 -34.92
CA VAL I 11 15.57 -4.13 -36.27
C VAL I 11 14.93 -3.02 -37.08
N VAL I 12 15.14 -3.03 -38.39
CA VAL I 12 14.58 -2.01 -39.27
C VAL I 12 14.49 -2.54 -40.72
N ALA I 13 13.36 -2.28 -41.37
CA ALA I 13 13.16 -2.72 -42.75
C ALA I 13 12.90 -1.50 -43.63
N MET I 14 13.23 -1.60 -44.91
CA MET I 14 13.07 -0.49 -45.84
C MET I 14 12.84 -0.96 -47.27
N THR I 15 12.00 -0.24 -48.01
CA THR I 15 11.72 -0.59 -49.39
C THR I 15 12.55 0.27 -50.33
N GLY I 16 12.97 -0.35 -51.43
CA GLY I 16 13.76 0.37 -52.42
C GLY I 16 13.17 0.05 -53.78
N LYS I 17 13.89 0.37 -54.85
CA LYS I 17 13.41 0.10 -56.19
C LYS I 17 13.55 -1.39 -56.50
N ASP I 18 12.44 -2.11 -56.47
CA ASP I 18 12.42 -3.54 -56.75
C ASP I 18 13.31 -4.29 -55.77
N CYS I 19 13.31 -3.84 -54.53
CA CYS I 19 14.11 -4.46 -53.48
C CYS I 19 13.64 -4.02 -52.11
N VAL I 20 14.07 -4.76 -51.09
CA VAL I 20 13.75 -4.46 -49.70
C VAL I 20 14.98 -4.80 -48.88
N ALA I 21 15.23 -4.01 -47.84
CA ALA I 21 16.38 -4.26 -46.98
C ALA I 21 15.89 -4.46 -45.55
N ILE I 22 16.65 -5.20 -44.75
CA ILE I 22 16.28 -5.41 -43.35
C ILE I 22 17.55 -5.63 -42.54
N ALA I 23 17.76 -4.79 -41.51
CA ALA I 23 18.95 -4.89 -40.69
C ALA I 23 18.63 -4.99 -39.20
N CYS I 24 19.61 -5.50 -38.45
CA CYS I 24 19.47 -5.64 -37.00
C CYS I 24 20.84 -5.57 -36.34
N ASP I 25 20.88 -5.18 -35.07
CA ASP I 25 22.16 -5.13 -34.35
C ASP I 25 22.48 -6.57 -33.94
N LEU I 26 23.56 -6.77 -33.18
CA LEU I 26 23.91 -8.13 -32.78
C LEU I 26 24.00 -8.32 -31.27
N ARG I 27 23.58 -7.30 -30.53
CA ARG I 27 23.65 -7.36 -29.08
C ARG I 27 22.60 -8.20 -28.39
N LEU I 28 23.02 -8.84 -27.31
CA LEU I 28 22.15 -9.63 -26.46
C LEU I 28 22.73 -9.37 -25.10
N GLY I 29 22.02 -8.62 -24.27
CA GLY I 29 22.56 -8.34 -22.96
C GLY I 29 21.63 -8.74 -21.85
N SER I 30 22.07 -8.50 -20.63
CA SER I 30 21.28 -8.77 -19.45
C SER I 30 21.42 -7.46 -18.67
N GLN I 31 20.49 -6.55 -18.93
CA GLN I 31 20.53 -5.24 -18.31
C GLN I 31 21.73 -4.54 -18.92
N SER I 32 22.60 -4.03 -18.06
CA SER I 32 23.81 -3.33 -18.49
C SER I 32 24.86 -4.30 -19.04
N LEU I 33 24.88 -5.51 -18.52
CA LEU I 33 25.87 -6.51 -18.95
C LEU I 33 25.72 -6.98 -20.38
N GLY I 34 26.75 -6.76 -21.19
CA GLY I 34 26.73 -7.25 -22.56
C GLY I 34 27.06 -8.73 -22.49
N VAL I 35 26.20 -9.59 -23.02
CA VAL I 35 26.42 -11.03 -22.98
C VAL I 35 26.83 -11.68 -24.30
N SER I 36 26.29 -11.19 -25.41
CA SER I 36 26.64 -11.75 -26.70
C SER I 36 26.59 -10.72 -27.82
N ASN I 37 27.54 -10.87 -28.75
CA ASN I 37 27.67 -9.98 -29.91
C ASN I 37 27.37 -10.74 -31.18
N LYS I 38 26.70 -11.87 -31.04
CA LYS I 38 26.38 -12.69 -32.17
C LYS I 38 24.92 -13.10 -32.19
N PHE I 39 24.09 -12.34 -31.49
CA PHE I 39 22.66 -12.64 -31.45
C PHE I 39 21.96 -11.94 -32.60
N GLU I 40 21.93 -12.60 -33.75
CA GLU I 40 21.27 -12.03 -34.91
C GLU I 40 19.78 -12.10 -34.67
N LYS I 41 19.06 -11.13 -35.20
CA LYS I 41 17.62 -11.05 -35.00
C LYS I 41 16.85 -11.13 -36.31
N ILE I 42 17.52 -11.52 -37.39
CA ILE I 42 16.86 -11.63 -38.70
C ILE I 42 16.89 -13.09 -39.14
N PHE I 43 15.71 -13.61 -39.46
CA PHE I 43 15.58 -14.98 -39.94
C PHE I 43 14.86 -14.98 -41.27
N HIS I 44 14.79 -16.13 -41.91
CA HIS I 44 14.08 -16.24 -43.17
C HIS I 44 13.54 -17.65 -43.36
N TYR I 45 12.40 -17.71 -44.02
CA TYR I 45 11.70 -18.95 -44.33
C TYR I 45 11.44 -18.78 -45.83
N GLY I 46 12.23 -19.48 -46.64
CA GLY I 46 12.07 -19.35 -48.07
C GLY I 46 12.57 -17.96 -48.43
N HIS I 47 11.77 -17.19 -49.14
CA HIS I 47 12.19 -15.85 -49.52
C HIS I 47 11.54 -14.78 -48.62
N VAL I 48 10.99 -15.22 -47.49
CA VAL I 48 10.37 -14.28 -46.55
C VAL I 48 11.26 -14.09 -45.33
N PHE I 49 11.60 -12.84 -45.02
CA PHE I 49 12.46 -12.57 -43.88
C PHE I 49 11.70 -12.04 -42.67
N LEU I 50 12.19 -12.43 -41.50
CA LEU I 50 11.57 -12.01 -40.24
C LEU I 50 12.57 -11.52 -39.22
N GLY I 51 12.36 -10.30 -38.74
CA GLY I 51 13.21 -9.72 -37.72
C GLY I 51 12.39 -9.65 -36.44
N ILE I 52 12.96 -10.05 -35.31
CA ILE I 52 12.23 -10.00 -34.06
C ILE I 52 13.05 -9.35 -32.95
N THR I 53 12.59 -8.22 -32.39
CA THR I 53 13.29 -7.55 -31.28
C THR I 53 12.51 -7.85 -30.00
N GLY I 54 13.14 -7.72 -28.85
CA GLY I 54 12.42 -7.97 -27.60
C GLY I 54 13.10 -8.95 -26.67
N LEU I 55 12.31 -9.70 -25.91
CA LEU I 55 12.83 -10.69 -24.98
C LEU I 55 13.46 -11.82 -25.80
N ALA I 56 14.76 -12.03 -25.60
CA ALA I 56 15.53 -13.04 -26.34
C ALA I 56 14.87 -14.41 -26.37
N THR I 57 14.51 -14.92 -25.19
CA THR I 57 13.88 -16.23 -25.11
C THR I 57 12.69 -16.31 -26.08
N ASP I 58 11.89 -15.24 -26.16
CA ASP I 58 10.75 -15.22 -27.05
C ASP I 58 11.17 -15.08 -28.50
N VAL I 59 12.22 -14.31 -28.76
CA VAL I 59 12.72 -14.16 -30.12
C VAL I 59 13.12 -15.54 -30.65
N THR I 60 13.78 -16.31 -29.79
CA THR I 60 14.21 -17.65 -30.19
C THR I 60 12.97 -18.53 -30.39
N THR I 61 12.04 -18.48 -29.44
CA THR I 61 10.84 -19.29 -29.53
C THR I 61 10.02 -19.01 -30.79
N LEU I 62 9.75 -17.74 -31.08
CA LEU I 62 8.97 -17.41 -32.27
C LEU I 62 9.67 -17.88 -33.53
N ASN I 63 10.99 -17.77 -33.59
CA ASN I 63 11.67 -18.23 -34.79
C ASN I 63 11.41 -19.72 -34.97
N GLU I 64 11.66 -20.49 -33.91
CA GLU I 64 11.45 -21.93 -33.95
C GLU I 64 10.03 -22.28 -34.36
N MET I 65 9.07 -21.47 -33.89
CA MET I 65 7.67 -21.68 -34.20
C MET I 65 7.34 -21.40 -35.67
N PHE I 66 7.79 -20.26 -36.17
CA PHE I 66 7.52 -19.93 -37.56
C PHE I 66 8.22 -20.87 -38.52
N ARG I 67 9.35 -21.43 -38.12
CA ARG I 67 10.04 -22.37 -38.99
C ARG I 67 9.08 -23.56 -39.10
N TYR I 68 8.68 -24.05 -37.94
CA TYR I 68 7.75 -25.17 -37.84
C TYR I 68 6.52 -24.95 -38.73
N LYS I 69 5.87 -23.80 -38.59
CA LYS I 69 4.68 -23.52 -39.36
C LYS I 69 4.95 -23.34 -40.85
N THR I 70 5.99 -22.59 -41.20
CA THR I 70 6.27 -22.41 -42.62
C THR I 70 6.65 -23.74 -43.28
N ASN I 71 7.22 -24.66 -42.51
CA ASN I 71 7.59 -25.94 -43.09
C ASN I 71 6.35 -26.73 -43.49
N LEU I 72 5.44 -26.94 -42.54
CA LEU I 72 4.22 -27.65 -42.80
C LEU I 72 3.45 -26.96 -43.91
N TYR I 73 3.50 -25.63 -43.92
CA TYR I 73 2.80 -24.88 -44.95
C TYR I 73 3.29 -25.24 -46.35
N LYS I 74 4.60 -25.39 -46.50
CA LYS I 74 5.19 -25.73 -47.79
C LYS I 74 4.80 -27.16 -48.18
N LEU I 75 4.82 -28.06 -47.19
CA LEU I 75 4.45 -29.45 -47.42
C LEU I 75 3.02 -29.60 -47.92
N LYS I 76 2.11 -28.79 -47.39
CA LYS I 76 0.70 -28.86 -47.79
C LYS I 76 0.35 -27.99 -48.99
N GLU I 77 0.80 -26.74 -48.97
CA GLU I 77 0.51 -25.83 -50.06
C GLU I 77 1.35 -26.15 -51.28
N GLU I 78 2.49 -26.80 -51.03
CA GLU I 78 3.41 -27.15 -52.09
C GLU I 78 4.03 -25.94 -52.78
N ARG I 79 4.26 -24.89 -52.01
CA ARG I 79 4.88 -23.67 -52.49
C ARG I 79 5.34 -22.93 -51.25
N ALA I 80 6.33 -22.06 -51.39
CA ALA I 80 6.84 -21.30 -50.25
C ALA I 80 5.85 -20.18 -49.93
N ILE I 81 5.65 -19.91 -48.65
CA ILE I 81 4.71 -18.87 -48.23
C ILE I 81 5.18 -17.50 -48.70
N GLU I 82 4.23 -16.60 -48.90
CA GLU I 82 4.53 -15.24 -49.36
C GLU I 82 4.57 -14.24 -48.20
N PRO I 83 5.12 -13.05 -48.44
CA PRO I 83 5.22 -12.01 -47.41
C PRO I 83 3.86 -11.71 -46.77
N GLU I 84 2.90 -11.31 -47.61
CA GLU I 84 1.56 -10.97 -47.14
C GLU I 84 0.95 -12.07 -46.29
N THR I 85 0.98 -13.31 -46.78
CA THR I 85 0.41 -14.44 -46.06
C THR I 85 1.10 -14.62 -44.72
N PHE I 86 2.44 -14.65 -44.76
CA PHE I 86 3.22 -14.82 -43.54
C PHE I 86 2.85 -13.75 -42.53
N THR I 87 2.69 -12.52 -42.99
CA THR I 87 2.34 -11.41 -42.12
C THR I 87 1.07 -11.78 -41.36
N GLN I 88 0.12 -12.35 -42.08
CA GLN I 88 -1.14 -12.77 -41.49
C GLN I 88 -0.93 -13.87 -40.48
N LEU I 89 -0.02 -14.79 -40.80
CA LEU I 89 0.27 -15.91 -39.92
C LEU I 89 0.92 -15.41 -38.64
N VAL I 90 1.77 -14.40 -38.77
CA VAL I 90 2.45 -13.83 -37.63
C VAL I 90 1.46 -13.12 -36.72
N SER I 91 0.52 -12.43 -37.34
CA SER I 91 -0.49 -11.69 -36.61
C SER I 91 -1.40 -12.61 -35.81
N SER I 92 -1.94 -13.62 -36.49
CA SER I 92 -2.83 -14.56 -35.82
C SER I 92 -2.07 -15.32 -34.74
N SER I 93 -0.85 -15.74 -35.05
CA SER I 93 -0.04 -16.47 -34.09
C SER I 93 0.13 -15.65 -32.80
N LEU I 94 0.43 -14.37 -32.96
CA LEU I 94 0.62 -13.52 -31.78
C LEU I 94 -0.66 -13.31 -31.00
N TYR I 95 -1.72 -12.92 -31.71
CA TYR I 95 -3.00 -12.66 -31.05
C TYR I 95 -3.53 -13.86 -30.28
N GLU I 96 -3.02 -15.04 -30.59
CA GLU I 96 -3.50 -16.22 -29.90
C GLU I 96 -3.07 -16.17 -28.45
N ARG I 97 -2.04 -15.37 -28.16
CA ARG I 97 -1.53 -15.22 -26.81
C ARG I 97 -1.87 -13.83 -26.30
N ARG I 98 -3.06 -13.36 -26.68
CA ARG I 98 -3.56 -12.03 -26.32
C ARG I 98 -3.38 -11.65 -24.85
N PHE I 99 -3.67 -12.58 -23.95
CA PHE I 99 -3.56 -12.30 -22.53
C PHE I 99 -2.38 -12.98 -21.83
N GLY I 100 -1.24 -12.96 -22.51
CA GLY I 100 -0.02 -13.56 -22.01
C GLY I 100 0.84 -13.69 -23.24
N PRO I 101 1.08 -12.56 -23.94
CA PRO I 101 1.87 -12.45 -25.17
C PRO I 101 3.36 -12.61 -25.03
N TYR I 102 3.99 -12.83 -26.18
CA TYR I 102 5.43 -12.93 -26.24
C TYR I 102 5.84 -11.46 -26.31
N PHE I 103 6.91 -11.09 -25.60
CA PHE I 103 7.34 -9.71 -25.62
C PHE I 103 8.32 -9.48 -26.74
N VAL I 104 7.76 -9.31 -27.93
CA VAL I 104 8.54 -9.11 -29.14
C VAL I 104 7.96 -8.03 -30.03
N GLY I 105 8.76 -7.59 -31.00
CA GLY I 105 8.32 -6.56 -31.93
C GLY I 105 8.74 -7.02 -33.31
N PRO I 106 7.99 -7.94 -33.92
CA PRO I 106 8.21 -8.53 -35.25
C PRO I 106 8.23 -7.58 -36.44
N VAL I 107 9.02 -7.92 -37.44
CA VAL I 107 9.14 -7.13 -38.65
C VAL I 107 9.27 -8.10 -39.82
N VAL I 108 8.43 -7.94 -40.84
CA VAL I 108 8.46 -8.83 -41.99
C VAL I 108 8.91 -8.10 -43.24
N ALA I 109 9.81 -8.72 -43.99
CA ALA I 109 10.33 -8.15 -45.23
C ALA I 109 10.47 -9.22 -46.32
N GLY I 110 10.18 -8.84 -47.56
CA GLY I 110 10.28 -9.78 -48.66
C GLY I 110 9.69 -9.25 -49.95
N ILE I 111 9.87 -10.02 -51.03
CA ILE I 111 9.33 -9.62 -52.32
C ILE I 111 8.41 -10.74 -52.78
N ASN I 112 7.18 -10.37 -53.14
CA ASN I 112 6.20 -11.34 -53.59
C ASN I 112 6.70 -12.05 -54.84
N SER I 113 6.93 -13.35 -54.73
CA SER I 113 7.44 -14.14 -55.85
C SER I 113 6.58 -14.00 -57.10
N LYS I 114 5.26 -13.86 -56.92
CA LYS I 114 4.35 -13.74 -58.05
C LYS I 114 4.24 -12.30 -58.56
N SER I 115 3.90 -11.36 -57.67
CA SER I 115 3.74 -9.96 -58.06
C SER I 115 5.07 -9.21 -58.18
N GLY I 116 6.12 -9.71 -57.54
CA GLY I 116 7.42 -9.05 -57.60
C GLY I 116 7.47 -7.77 -56.77
N LYS I 117 6.33 -7.42 -56.18
CA LYS I 117 6.23 -6.22 -55.37
C LYS I 117 6.94 -6.35 -54.01
N PRO I 118 7.73 -5.32 -53.64
CA PRO I 118 8.47 -5.30 -52.37
C PRO I 118 7.45 -5.19 -51.23
N PHE I 119 7.74 -5.81 -50.08
CA PHE I 119 6.81 -5.79 -48.95
C PHE I 119 7.48 -5.80 -47.58
N ILE I 120 7.00 -4.91 -46.69
CA ILE I 120 7.50 -4.82 -45.31
C ILE I 120 6.33 -4.52 -44.39
N ALA I 121 6.38 -5.04 -43.17
CA ALA I 121 5.34 -4.80 -42.19
C ALA I 121 5.84 -5.08 -40.78
N GLY I 122 5.30 -4.36 -39.81
CA GLY I 122 5.69 -4.55 -38.43
C GLY I 122 4.45 -4.82 -37.61
N PHE I 123 4.60 -5.43 -36.44
CA PHE I 123 3.45 -5.73 -35.59
C PHE I 123 3.82 -5.48 -34.14
N ASP I 124 2.82 -5.23 -33.30
CA ASP I 124 3.08 -5.04 -31.88
C ASP I 124 3.02 -6.42 -31.22
N LEU I 125 3.28 -6.49 -29.93
CA LEU I 125 3.31 -7.78 -29.23
C LEU I 125 2.03 -8.63 -29.28
N ILE I 126 0.88 -8.04 -29.61
CA ILE I 126 -0.30 -8.85 -29.69
C ILE I 126 -0.86 -9.05 -31.09
N GLY I 127 -0.05 -8.75 -32.10
CA GLY I 127 -0.47 -8.98 -33.47
C GLY I 127 -0.89 -7.83 -34.36
N CYS I 128 -1.15 -6.65 -33.80
CA CYS I 128 -1.57 -5.56 -34.65
C CYS I 128 -0.58 -5.30 -35.79
N ILE I 129 -1.06 -5.42 -37.02
CA ILE I 129 -0.24 -5.23 -38.21
C ILE I 129 -0.14 -3.80 -38.70
N ASP I 130 1.09 -3.36 -38.98
CA ASP I 130 1.36 -2.03 -39.52
C ASP I 130 2.11 -2.33 -40.80
N GLU I 131 1.47 -2.03 -41.93
CA GLU I 131 2.08 -2.29 -43.23
C GLU I 131 2.46 -0.99 -43.92
N ALA I 132 3.68 -0.51 -43.69
CA ALA I 132 4.13 0.73 -44.29
C ALA I 132 4.83 0.48 -45.62
N LYS I 133 4.83 1.50 -46.47
CA LYS I 133 5.47 1.40 -47.78
C LYS I 133 6.93 1.85 -47.77
N ASP I 134 7.33 2.58 -46.73
CA ASP I 134 8.70 3.07 -46.66
C ASP I 134 9.58 2.31 -45.68
N PHE I 135 9.25 2.34 -44.39
CA PHE I 135 10.08 1.66 -43.42
C PHE I 135 9.38 1.28 -42.12
N ILE I 136 9.92 0.24 -41.47
CA ILE I 136 9.39 -0.23 -40.19
C ILE I 136 10.58 -0.30 -39.23
N VAL I 137 10.36 0.15 -38.00
CA VAL I 137 11.40 0.13 -36.99
C VAL I 137 10.93 -0.65 -35.77
N SER I 138 11.88 -1.22 -35.03
CA SER I 138 11.54 -1.98 -33.86
C SER I 138 12.74 -2.08 -32.94
N GLY I 139 12.49 -2.16 -31.64
CA GLY I 139 13.59 -2.28 -30.70
C GLY I 139 13.75 -1.13 -29.72
N THR I 140 14.68 -1.32 -28.78
CA THR I 140 14.96 -0.33 -27.75
C THR I 140 15.45 1.01 -28.26
N ALA I 141 15.66 1.14 -29.55
CA ALA I 141 16.11 2.41 -30.12
C ALA I 141 15.21 2.81 -31.29
N SER I 142 13.95 2.42 -31.19
CA SER I 142 12.97 2.71 -32.22
C SER I 142 12.70 4.22 -32.39
N ASP I 143 12.78 4.98 -31.29
CA ASP I 143 12.58 6.42 -31.39
C ASP I 143 13.68 6.99 -32.26
N GLN I 144 14.92 6.59 -31.95
CA GLN I 144 16.08 7.03 -32.71
C GLN I 144 15.94 6.57 -34.15
N LEU I 145 15.52 5.32 -34.34
CA LEU I 145 15.32 4.78 -35.68
C LEU I 145 14.28 5.58 -36.48
N PHE I 146 13.18 5.95 -35.84
CA PHE I 146 12.15 6.73 -36.53
C PHE I 146 12.79 8.02 -36.97
N GLY I 147 13.47 8.68 -36.05
CA GLY I 147 14.12 9.94 -36.39
C GLY I 147 15.04 9.78 -37.58
N MET I 148 15.90 8.76 -37.53
CA MET I 148 16.84 8.51 -38.59
C MET I 148 16.12 8.34 -39.93
N CYS I 149 15.23 7.36 -39.96
CA CYS I 149 14.48 7.04 -41.16
C CYS I 149 13.71 8.21 -41.76
N GLU I 150 12.90 8.86 -40.95
CA GLU I 150 12.09 9.97 -41.43
C GLU I 150 12.90 11.00 -42.22
N SER I 151 14.15 11.21 -41.83
CA SER I 151 14.99 12.18 -42.53
C SER I 151 15.76 11.55 -43.69
N LEU I 152 16.49 10.48 -43.41
CA LEU I 152 17.30 9.82 -44.41
C LEU I 152 16.58 9.20 -45.60
N TYR I 153 15.47 8.54 -45.33
CA TYR I 153 14.72 7.84 -46.38
C TYR I 153 14.17 8.65 -47.56
N GLU I 154 14.15 7.99 -48.71
CA GLU I 154 13.58 8.54 -49.93
C GLU I 154 13.25 7.35 -50.81
N PRO I 155 12.11 7.41 -51.51
CA PRO I 155 11.57 6.38 -52.40
C PRO I 155 12.49 5.81 -53.48
N ASN I 156 12.16 4.58 -53.88
CA ASN I 156 12.86 3.85 -54.91
C ASN I 156 14.37 3.97 -54.98
N LEU I 157 15.05 3.67 -53.89
CA LEU I 157 16.50 3.72 -53.92
C LEU I 157 17.02 2.43 -54.55
N GLU I 158 18.15 2.53 -55.25
CA GLU I 158 18.73 1.34 -55.85
C GLU I 158 19.29 0.51 -54.71
N PRO I 159 19.38 -0.81 -54.89
CA PRO I 159 19.91 -1.68 -53.85
C PRO I 159 21.20 -1.17 -53.22
N GLU I 160 22.08 -0.61 -54.04
CA GLU I 160 23.37 -0.10 -53.56
C GLU I 160 23.18 1.11 -52.65
N ASP I 161 22.23 1.96 -53.00
CA ASP I 161 21.93 3.15 -52.22
C ASP I 161 21.13 2.81 -50.97
N LEU I 162 20.14 1.93 -51.14
CA LEU I 162 19.30 1.52 -50.02
C LEU I 162 20.19 1.00 -48.90
N PHE I 163 21.22 0.25 -49.28
CA PHE I 163 22.13 -0.29 -48.30
C PHE I 163 22.81 0.81 -47.47
N GLU I 164 23.30 1.85 -48.15
CA GLU I 164 23.96 2.95 -47.44
C GLU I 164 22.96 3.57 -46.50
N THR I 165 21.76 3.82 -47.02
CA THR I 165 20.71 4.43 -46.22
C THR I 165 20.25 3.60 -45.03
N ILE I 166 19.83 2.37 -45.25
CA ILE I 166 19.41 1.57 -44.11
C ILE I 166 20.53 1.38 -43.08
N SER I 167 21.77 1.25 -43.55
CA SER I 167 22.92 1.04 -42.67
C SER I 167 23.21 2.23 -41.78
N GLN I 168 23.07 3.43 -42.34
CA GLN I 168 23.32 4.64 -41.59
C GLN I 168 22.20 4.86 -40.58
N ALA I 169 20.99 4.44 -40.93
CA ALA I 169 19.84 4.60 -40.05
C ALA I 169 20.05 3.71 -38.82
N LEU I 170 20.42 2.46 -39.06
CA LEU I 170 20.65 1.51 -37.98
C LEU I 170 21.80 1.95 -37.09
N LEU I 171 22.97 2.11 -37.69
CA LEU I 171 24.19 2.51 -37.00
C LEU I 171 24.07 3.73 -36.08
N ASN I 172 23.59 4.85 -36.61
CA ASN I 172 23.49 6.06 -35.82
C ASN I 172 22.45 5.99 -34.70
N ALA I 173 21.44 5.16 -34.88
CA ALA I 173 20.42 5.00 -33.84
C ALA I 173 21.02 4.17 -32.70
N ALA I 174 21.61 3.02 -33.04
CA ALA I 174 22.21 2.14 -32.06
C ALA I 174 23.27 2.83 -31.21
N ASP I 175 23.93 3.81 -31.79
CA ASP I 175 24.96 4.51 -31.06
C ASP I 175 24.41 5.45 -30.01
N ARG I 176 23.09 5.67 -30.06
CA ARG I 176 22.42 6.53 -29.08
C ARG I 176 21.62 5.67 -28.11
N ASP I 177 21.68 4.35 -28.32
CA ASP I 177 20.99 3.41 -27.47
C ASP I 177 22.00 2.58 -26.69
N ALA I 178 21.91 2.66 -25.36
CA ALA I 178 22.79 1.93 -24.48
C ALA I 178 22.63 0.43 -24.63
N LEU I 179 21.41 0.01 -24.97
CA LEU I 179 21.11 -1.41 -25.11
C LEU I 179 21.24 -1.99 -26.52
N SER I 180 21.75 -1.20 -27.46
CA SER I 180 21.92 -1.66 -28.84
C SER I 180 23.33 -1.47 -29.35
N GLY I 181 23.67 -2.24 -30.39
CA GLY I 181 24.99 -2.16 -30.99
C GLY I 181 25.76 -3.48 -30.96
N TRP I 182 27.05 -3.42 -30.64
CA TRP I 182 27.88 -4.61 -30.57
C TRP I 182 27.88 -5.41 -31.85
N GLY I 183 27.78 -4.70 -32.97
CA GLY I 183 27.76 -5.37 -34.25
C GLY I 183 26.41 -5.21 -34.92
N ALA I 184 26.39 -5.36 -36.23
CA ALA I 184 25.16 -5.22 -36.98
C ALA I 184 25.28 -6.00 -38.27
N VAL I 185 24.15 -6.37 -38.84
CA VAL I 185 24.12 -7.11 -40.09
C VAL I 185 22.97 -6.54 -40.94
N VAL I 186 23.20 -6.41 -42.24
CA VAL I 186 22.19 -5.84 -43.13
C VAL I 186 21.92 -6.77 -44.31
N TYR I 187 20.63 -6.92 -44.63
CA TYR I 187 20.24 -7.77 -45.74
C TYR I 187 19.61 -6.96 -46.86
N ILE I 188 20.12 -7.13 -48.08
CA ILE I 188 19.54 -6.46 -49.23
C ILE I 188 18.88 -7.58 -50.03
N ILE I 189 17.56 -7.50 -50.21
CA ILE I 189 16.82 -8.52 -50.93
C ILE I 189 16.34 -8.06 -52.31
N LYS I 190 16.56 -8.91 -53.31
CA LYS I 190 16.14 -8.66 -54.68
C LYS I 190 15.49 -9.96 -55.14
N LYS I 191 14.60 -9.88 -56.13
CA LYS I 191 13.89 -11.07 -56.63
C LYS I 191 14.80 -12.26 -56.95
N ASP I 192 16.03 -11.98 -57.35
CA ASP I 192 16.98 -13.03 -57.72
C ASP I 192 18.03 -13.35 -56.65
N GLU I 193 18.68 -12.31 -56.12
CA GLU I 193 19.72 -12.55 -55.11
C GLU I 193 19.54 -11.79 -53.79
N VAL I 194 20.11 -12.37 -52.75
CA VAL I 194 20.07 -11.79 -51.41
C VAL I 194 21.50 -11.68 -50.88
N VAL I 195 21.93 -10.46 -50.57
CA VAL I 195 23.26 -10.21 -50.05
C VAL I 195 23.20 -9.85 -48.57
N LYS I 196 24.13 -10.40 -47.80
CA LYS I 196 24.18 -10.16 -46.36
C LYS I 196 25.54 -9.56 -46.00
N ARG I 197 25.51 -8.35 -45.43
CA ARG I 197 26.74 -7.67 -45.04
C ARG I 197 26.77 -7.34 -43.56
N TYR I 198 27.93 -7.54 -42.95
CA TYR I 198 28.12 -7.21 -41.53
C TYR I 198 28.81 -5.87 -41.50
N LEU I 199 28.30 -4.95 -40.67
CA LEU I 199 28.85 -3.60 -40.58
C LEU I 199 29.88 -3.43 -39.47
N LYS I 200 30.72 -2.39 -39.61
CA LYS I 200 31.73 -2.08 -38.62
C LYS I 200 31.22 -0.91 -37.79
N MET I 201 31.09 -1.12 -36.48
CA MET I 201 30.60 -0.10 -35.58
C MET I 201 31.31 -0.17 -34.24
N ARG I 202 31.15 0.88 -33.43
CA ARG I 202 31.79 0.92 -32.11
C ARG I 202 31.39 -0.30 -31.31
N GLN I 203 32.22 -0.69 -30.36
CA GLN I 203 31.90 -1.85 -29.54
C GLN I 203 31.73 -1.49 -28.07
N ASP I 204 31.16 -0.31 -27.80
CA ASP I 204 30.94 0.15 -26.43
C ASP I 204 29.47 0.40 -26.06
N MET J 1 24.95 -14.57 -5.59
CA MET J 1 24.65 -15.96 -6.06
C MET J 1 25.94 -16.80 -6.08
N ASP J 2 25.82 -18.02 -6.61
CA ASP J 2 26.93 -18.95 -6.70
C ASP J 2 27.76 -18.66 -7.96
N ILE J 3 29.00 -19.14 -7.98
CA ILE J 3 29.85 -18.94 -9.16
C ILE J 3 29.71 -20.10 -10.12
N ILE J 4 29.27 -19.79 -11.34
CA ILE J 4 29.13 -20.77 -12.38
C ILE J 4 29.92 -20.20 -13.56
N LEU J 5 31.09 -20.79 -13.78
CA LEU J 5 31.99 -20.35 -14.83
C LEU J 5 32.21 -21.40 -15.89
N GLY J 6 32.39 -20.95 -17.11
CA GLY J 6 32.62 -21.88 -18.20
C GLY J 6 33.53 -21.27 -19.24
N ILE J 7 34.44 -22.08 -19.75
CA ILE J 7 35.35 -21.62 -20.79
C ILE J 7 35.69 -22.75 -21.74
N ARG J 8 35.45 -22.49 -23.02
CA ARG J 8 35.73 -23.48 -24.06
C ARG J 8 37.08 -23.18 -24.71
N VAL J 9 38.00 -24.12 -24.56
CA VAL J 9 39.33 -23.96 -25.12
C VAL J 9 39.42 -24.68 -26.46
N GLN J 10 40.62 -25.13 -26.81
CA GLN J 10 40.82 -25.83 -28.07
C GLN J 10 40.16 -27.21 -28.17
N ASP J 11 40.42 -28.06 -27.19
CA ASP J 11 39.88 -29.41 -27.26
C ASP J 11 39.00 -29.83 -26.11
N SER J 12 38.50 -28.86 -25.36
CA SER J 12 37.63 -29.19 -24.25
C SER J 12 36.92 -27.97 -23.72
N VAL J 13 36.06 -28.21 -22.73
CA VAL J 13 35.31 -27.18 -22.07
C VAL J 13 35.58 -27.37 -20.59
N ILE J 14 35.82 -26.27 -19.89
CA ILE J 14 36.10 -26.30 -18.46
C ILE J 14 34.98 -25.61 -17.70
N LEU J 15 34.47 -26.27 -16.67
CA LEU J 15 33.42 -25.72 -15.85
C LEU J 15 33.85 -25.61 -14.39
N ALA J 16 33.84 -24.38 -13.87
CA ALA J 16 34.21 -24.13 -12.48
C ALA J 16 32.95 -23.72 -11.74
N SER J 17 32.72 -24.32 -10.58
CA SER J 17 31.52 -24.05 -9.78
C SER J 17 31.82 -23.94 -8.30
N SER J 18 31.45 -22.81 -7.68
CA SER J 18 31.71 -22.62 -6.26
C SER J 18 31.19 -23.79 -5.43
N LYS J 19 31.90 -24.10 -4.35
CA LYS J 19 31.55 -25.22 -3.49
C LYS J 19 30.70 -24.88 -2.27
N ALA J 20 30.62 -23.61 -1.92
CA ALA J 20 29.85 -23.21 -0.74
C ALA J 20 28.33 -23.30 -0.89
N VAL J 21 27.68 -23.63 0.22
CA VAL J 21 26.22 -23.72 0.27
C VAL J 21 25.79 -23.02 1.53
N THR J 22 25.38 -21.77 1.38
CA THR J 22 24.97 -20.94 2.51
C THR J 22 23.47 -20.88 2.68
N ARG J 23 23.02 -20.96 3.93
CA ARG J 23 21.61 -20.87 4.21
C ARG J 23 21.41 -19.86 5.33
N GLY J 24 21.27 -18.61 4.92
CA GLY J 24 21.06 -17.53 5.85
C GLY J 24 22.31 -17.03 6.53
N ILE J 25 22.37 -17.32 7.83
CA ILE J 25 23.47 -16.92 8.69
C ILE J 25 24.65 -17.92 8.67
N SER J 26 24.35 -19.18 8.34
CA SER J 26 25.39 -20.20 8.31
C SER J 26 25.70 -20.82 6.96
N VAL J 27 26.97 -21.15 6.76
CA VAL J 27 27.43 -21.81 5.53
C VAL J 27 27.35 -23.29 5.85
N LEU J 28 26.38 -24.00 5.28
CA LEU J 28 26.18 -25.42 5.56
C LEU J 28 27.20 -26.41 5.00
N LYS J 29 27.72 -26.13 3.81
CA LYS J 29 28.65 -27.04 3.19
C LYS J 29 29.71 -26.26 2.40
N ASP J 30 30.87 -26.87 2.19
CA ASP J 30 31.96 -26.23 1.46
C ASP J 30 32.52 -27.16 0.39
N SER J 31 31.76 -28.21 0.10
CA SER J 31 32.18 -29.20 -0.87
C SER J 31 31.03 -29.62 -1.78
N ASP J 32 30.17 -28.67 -2.14
CA ASP J 32 29.03 -28.98 -2.97
C ASP J 32 29.33 -28.95 -4.49
N ASP J 33 28.95 -30.03 -5.17
CA ASP J 33 29.17 -30.15 -6.60
C ASP J 33 27.89 -29.76 -7.36
N LYS J 34 27.87 -28.52 -7.85
CA LYS J 34 26.74 -27.97 -8.58
C LYS J 34 26.75 -28.41 -10.05
N THR J 35 26.83 -29.73 -10.24
CA THR J 35 26.91 -30.31 -11.57
C THR J 35 26.12 -31.62 -11.74
N ARG J 36 25.79 -31.96 -12.98
CA ARG J 36 25.12 -33.22 -13.32
C ARG J 36 25.63 -33.64 -14.70
N GLN J 37 25.93 -34.92 -14.84
CA GLN J 37 26.38 -35.40 -16.13
C GLN J 37 25.15 -35.89 -16.88
N LEU J 38 24.88 -35.27 -18.03
CA LEU J 38 23.71 -35.63 -18.80
C LEU J 38 23.98 -36.82 -19.71
N SER J 39 25.24 -36.97 -20.10
CA SER J 39 25.67 -38.10 -20.94
C SER J 39 27.19 -38.11 -20.90
N PRO J 40 27.82 -39.26 -21.21
CA PRO J 40 29.27 -39.38 -21.19
C PRO J 40 30.10 -38.18 -21.62
N HIS J 41 29.62 -37.41 -22.60
CA HIS J 41 30.37 -36.24 -23.07
C HIS J 41 29.64 -34.91 -22.90
N THR J 42 28.65 -34.89 -22.01
CA THR J 42 27.88 -33.67 -21.74
C THR J 42 27.68 -33.47 -20.25
N LEU J 43 28.11 -32.30 -19.79
CA LEU J 43 28.01 -31.92 -18.38
C LEU J 43 27.28 -30.60 -18.24
N MET J 44 26.43 -30.51 -17.21
CA MET J 44 25.68 -29.28 -16.95
C MET J 44 25.86 -28.77 -15.53
N SER J 45 26.23 -27.49 -15.41
CA SER J 45 26.43 -26.85 -14.12
C SER J 45 25.20 -25.98 -13.89
N PHE J 46 24.88 -25.69 -12.63
CA PHE J 46 23.69 -24.91 -12.34
C PHE J 46 23.67 -24.08 -11.05
N ALA J 47 22.81 -23.06 -11.03
CA ALA J 47 22.68 -22.20 -9.86
C ALA J 47 21.31 -21.52 -9.91
N GLY J 48 20.78 -21.20 -8.73
CA GLY J 48 19.48 -20.55 -8.67
C GLY J 48 18.70 -20.88 -7.42
N GLU J 49 17.37 -20.85 -7.52
CA GLU J 49 16.47 -21.13 -6.40
C GLU J 49 16.76 -22.47 -5.71
N ALA J 50 16.62 -22.49 -4.38
CA ALA J 50 16.89 -23.67 -3.57
C ALA J 50 16.43 -25.01 -4.11
N GLY J 51 15.14 -25.32 -4.07
CA GLY J 51 14.74 -26.63 -4.56
C GLY J 51 14.90 -26.86 -6.06
N ASP J 52 14.39 -25.90 -6.84
CA ASP J 52 14.40 -25.94 -8.30
C ASP J 52 15.69 -26.37 -8.96
N THR J 53 16.79 -25.85 -8.45
CA THR J 53 18.12 -26.11 -8.97
C THR J 53 18.41 -27.58 -9.26
N VAL J 54 18.39 -28.42 -8.25
CA VAL J 54 18.66 -29.84 -8.47
C VAL J 54 17.47 -30.52 -9.15
N GLN J 55 16.26 -30.23 -8.69
CA GLN J 55 15.07 -30.83 -9.29
C GLN J 55 15.11 -30.73 -10.80
N PHE J 56 15.53 -29.57 -11.30
CA PHE J 56 15.62 -29.37 -12.74
C PHE J 56 16.77 -30.19 -13.34
N ALA J 57 17.97 -30.02 -12.80
CA ALA J 57 19.12 -30.76 -13.31
C ALA J 57 18.83 -32.26 -13.39
N GLU J 58 18.36 -32.87 -12.30
CA GLU J 58 18.07 -34.30 -12.30
C GLU J 58 16.99 -34.67 -13.31
N TYR J 59 15.99 -33.80 -13.46
CA TYR J 59 14.92 -34.06 -14.42
C TYR J 59 15.51 -34.12 -15.82
N ILE J 60 16.41 -33.19 -16.13
CA ILE J 60 17.04 -33.17 -17.44
C ILE J 60 17.90 -34.42 -17.61
N GLN J 61 18.68 -34.73 -16.58
CA GLN J 61 19.54 -35.91 -16.62
C GLN J 61 18.70 -37.13 -16.96
N ALA J 62 17.67 -37.38 -16.17
CA ALA J 62 16.80 -38.52 -16.40
C ALA J 62 16.36 -38.61 -17.86
N ASN J 63 15.87 -37.51 -18.39
CA ASN J 63 15.41 -37.52 -19.77
C ASN J 63 16.49 -37.78 -20.80
N ILE J 64 17.66 -37.18 -20.64
CA ILE J 64 18.70 -37.44 -21.62
C ILE J 64 19.20 -38.88 -21.56
N GLN J 65 19.15 -39.48 -20.38
CA GLN J 65 19.58 -40.88 -20.24
C GLN J 65 18.57 -41.78 -20.93
N LEU J 66 17.29 -41.43 -20.81
CA LEU J 66 16.22 -42.20 -21.45
C LEU J 66 16.37 -42.13 -22.96
N TYR J 67 16.73 -40.96 -23.49
CA TYR J 67 16.91 -40.81 -24.92
C TYR J 67 18.08 -41.68 -25.38
N SER J 68 19.14 -41.71 -24.57
CA SER J 68 20.31 -42.51 -24.89
C SER J 68 19.95 -43.99 -24.96
N ILE J 69 19.31 -44.50 -23.91
CA ILE J 69 18.93 -45.91 -23.90
C ILE J 69 18.08 -46.27 -25.10
N ARG J 70 17.02 -45.49 -25.32
CA ARG J 70 16.08 -45.72 -26.42
C ARG J 70 16.69 -45.70 -27.82
N GLU J 71 17.49 -44.70 -28.11
CA GLU J 71 18.10 -44.61 -29.43
C GLU J 71 19.49 -45.20 -29.49
N ASP J 72 20.00 -45.65 -28.34
CA ASP J 72 21.35 -46.21 -28.29
C ASP J 72 22.24 -45.24 -29.04
N TYR J 73 22.32 -44.01 -28.54
CA TYR J 73 23.10 -42.98 -29.18
C TYR J 73 23.17 -41.80 -28.21
N GLU J 74 24.20 -40.98 -28.35
CA GLU J 74 24.35 -39.81 -27.48
C GLU J 74 24.10 -38.54 -28.28
N LEU J 75 23.03 -37.83 -27.94
CA LEU J 75 22.65 -36.60 -28.61
C LEU J 75 23.79 -35.60 -28.60
N SER J 76 23.94 -34.86 -29.69
CA SER J 76 24.98 -33.85 -29.79
C SER J 76 24.83 -32.84 -28.65
N PRO J 77 25.89 -32.10 -28.36
CA PRO J 77 25.79 -31.11 -27.30
C PRO J 77 24.74 -30.07 -27.67
N GLN J 78 24.71 -29.72 -28.95
CA GLN J 78 23.75 -28.74 -29.42
C GLN J 78 22.32 -29.19 -29.16
N ALA J 79 22.04 -30.44 -29.50
CA ALA J 79 20.71 -31.01 -29.32
C ALA J 79 20.30 -31.00 -27.85
N VAL J 80 21.23 -31.37 -26.97
CA VAL J 80 20.92 -31.39 -25.56
C VAL J 80 20.55 -29.98 -25.10
N SER J 81 21.38 -29.00 -25.46
CA SER J 81 21.11 -27.64 -25.03
C SER J 81 19.78 -27.13 -25.57
N SER J 82 19.41 -27.54 -26.77
CA SER J 82 18.13 -27.10 -27.34
C SER J 82 16.99 -27.68 -26.53
N PHE J 83 17.13 -28.94 -26.14
CA PHE J 83 16.10 -29.57 -25.35
C PHE J 83 15.97 -28.80 -24.05
N VAL J 84 17.11 -28.55 -23.40
CA VAL J 84 17.14 -27.83 -22.13
C VAL J 84 16.52 -26.44 -22.25
N ARG J 85 16.72 -25.76 -23.37
CA ARG J 85 16.15 -24.44 -23.52
C ARG J 85 14.64 -24.56 -23.58
N GLN J 86 14.16 -25.48 -24.42
CA GLN J 86 12.73 -25.68 -24.56
C GLN J 86 12.08 -25.87 -23.21
N GLU J 87 12.70 -26.68 -22.37
CA GLU J 87 12.15 -26.93 -21.05
C GLU J 87 12.11 -25.68 -20.20
N LEU J 88 13.18 -24.90 -20.17
CA LEU J 88 13.17 -23.69 -19.35
C LEU J 88 12.14 -22.71 -19.90
N ALA J 89 12.13 -22.53 -21.22
CA ALA J 89 11.17 -21.62 -21.84
C ALA J 89 9.71 -21.96 -21.44
N LYS J 90 9.40 -23.25 -21.25
CA LYS J 90 8.06 -23.68 -20.85
C LYS J 90 7.84 -23.21 -19.41
N SER J 91 8.78 -23.56 -18.55
CA SER J 91 8.72 -23.19 -17.15
C SER J 91 8.41 -21.71 -16.96
N ILE J 92 8.99 -20.88 -17.81
CA ILE J 92 8.81 -19.44 -17.71
C ILE J 92 7.35 -18.99 -17.68
N ARG J 93 6.47 -19.71 -18.36
CA ARG J 93 5.05 -19.33 -18.39
C ARG J 93 4.17 -20.32 -17.61
N SER J 94 4.79 -21.16 -16.81
CA SER J 94 4.06 -22.15 -16.02
C SER J 94 3.56 -21.55 -14.72
N ARG J 95 2.89 -22.36 -13.89
CA ARG J 95 2.37 -21.89 -12.61
C ARG J 95 3.50 -21.49 -11.70
N ARG J 96 4.44 -22.40 -11.47
CA ARG J 96 5.60 -22.07 -10.65
C ARG J 96 6.86 -22.42 -11.44
N PRO J 97 7.48 -21.41 -12.06
CA PRO J 97 8.70 -21.53 -12.87
C PRO J 97 9.96 -21.93 -12.13
N TYR J 98 10.75 -22.77 -12.80
CA TYR J 98 12.03 -23.23 -12.29
C TYR J 98 12.96 -22.02 -12.34
N GLN J 99 13.52 -21.65 -11.22
CA GLN J 99 14.44 -20.52 -11.22
C GLN J 99 15.85 -21.10 -11.24
N VAL J 100 16.28 -21.53 -12.42
CA VAL J 100 17.59 -22.12 -12.57
C VAL J 100 18.32 -21.54 -13.75
N ASN J 101 19.64 -21.45 -13.61
CA ASN J 101 20.49 -20.94 -14.68
C ASN J 101 21.53 -22.02 -14.90
N VAL J 102 21.83 -22.31 -16.15
CA VAL J 102 22.78 -23.37 -16.43
C VAL J 102 23.80 -23.12 -17.52
N LEU J 103 24.89 -23.85 -17.41
CA LEU J 103 25.96 -23.82 -18.39
C LEU J 103 26.02 -25.26 -18.85
N ILE J 104 26.12 -25.47 -20.15
CA ILE J 104 26.24 -26.82 -20.64
C ILE J 104 27.56 -26.95 -21.41
N GLY J 105 28.41 -27.85 -20.93
CA GLY J 105 29.69 -28.09 -21.56
C GLY J 105 29.69 -29.48 -22.15
N GLY J 106 29.98 -29.56 -23.45
CA GLY J 106 29.99 -30.86 -24.10
C GLY J 106 30.97 -30.96 -25.24
N TYR J 107 31.33 -32.20 -25.56
CA TYR J 107 32.25 -32.47 -26.65
C TYR J 107 31.47 -33.24 -27.71
N ASP J 108 31.30 -32.62 -28.88
CA ASP J 108 30.58 -33.25 -29.98
C ASP J 108 31.50 -34.28 -30.63
N LYS J 109 31.26 -35.54 -30.33
CA LYS J 109 32.08 -36.63 -30.86
C LYS J 109 32.01 -36.72 -32.38
N LYS J 110 30.98 -36.16 -32.98
CA LYS J 110 30.83 -36.21 -34.43
C LYS J 110 31.57 -35.05 -35.08
N LYS J 111 31.42 -33.86 -34.52
CA LYS J 111 32.09 -32.66 -35.04
C LYS J 111 33.53 -32.60 -34.54
N ASN J 112 33.78 -33.29 -33.42
CA ASN J 112 35.09 -33.33 -32.78
C ASN J 112 35.50 -31.92 -32.39
N LYS J 113 34.58 -31.25 -31.69
CA LYS J 113 34.79 -29.89 -31.22
C LYS J 113 34.10 -29.71 -29.89
N PRO J 114 34.69 -28.89 -28.99
CA PRO J 114 34.07 -28.66 -27.68
C PRO J 114 33.04 -27.54 -27.80
N GLU J 115 32.00 -27.60 -26.98
CA GLU J 115 30.96 -26.57 -27.04
C GLU J 115 30.44 -26.12 -25.68
N LEU J 116 30.29 -24.81 -25.52
CA LEU J 116 29.77 -24.24 -24.28
C LEU J 116 28.46 -23.49 -24.52
N TYR J 117 27.44 -23.85 -23.76
CA TYR J 117 26.12 -23.23 -23.87
C TYR J 117 25.70 -22.58 -22.56
N GLN J 118 25.19 -21.36 -22.65
CA GLN J 118 24.73 -20.64 -21.48
C GLN J 118 23.23 -20.47 -21.64
N ILE J 119 22.46 -20.81 -20.61
CA ILE J 119 21.01 -20.68 -20.67
C ILE J 119 20.47 -20.22 -19.31
N ASP J 120 19.66 -19.16 -19.30
CA ASP J 120 19.10 -18.68 -18.03
C ASP J 120 17.69 -19.23 -17.81
N TYR J 121 17.11 -18.93 -16.65
CA TYR J 121 15.78 -19.43 -16.31
C TYR J 121 14.68 -18.99 -17.26
N LEU J 122 14.96 -18.02 -18.12
CA LEU J 122 13.96 -17.55 -19.09
C LEU J 122 14.01 -18.40 -20.35
N GLY J 123 15.08 -19.17 -20.48
CA GLY J 123 15.25 -19.97 -21.66
C GLY J 123 16.08 -19.19 -22.66
N THR J 124 16.90 -18.27 -22.18
CA THR J 124 17.75 -17.48 -23.07
C THR J 124 19.01 -18.31 -23.29
N LYS J 125 19.21 -18.77 -24.52
CA LYS J 125 20.38 -19.58 -24.83
C LYS J 125 21.34 -18.91 -25.79
N VAL J 126 22.62 -19.04 -25.51
CA VAL J 126 23.63 -18.48 -26.37
C VAL J 126 24.87 -19.39 -26.25
N GLU J 127 25.62 -19.51 -27.33
CA GLU J 127 26.82 -20.34 -27.34
C GLU J 127 27.99 -19.38 -27.21
N LEU J 128 28.95 -19.69 -26.34
CA LEU J 128 30.06 -18.77 -26.12
C LEU J 128 31.41 -19.43 -25.92
N PRO J 129 32.49 -18.64 -26.06
CA PRO J 129 33.87 -19.09 -25.88
C PRO J 129 34.00 -19.35 -24.39
N TYR J 130 33.37 -18.45 -23.64
CA TYR J 130 33.35 -18.51 -22.17
C TYR J 130 32.11 -17.76 -21.71
N GLY J 131 31.62 -18.11 -20.52
CA GLY J 131 30.45 -17.45 -19.98
C GLY J 131 30.30 -17.70 -18.50
N ALA J 132 29.27 -17.10 -17.92
CA ALA J 132 28.99 -17.24 -16.50
C ALA J 132 27.60 -16.70 -16.18
N HIS J 133 27.00 -17.20 -15.12
CA HIS J 133 25.69 -16.74 -14.69
C HIS J 133 25.84 -15.89 -13.44
N GLY J 134 24.88 -15.02 -13.20
CA GLY J 134 24.93 -14.18 -12.01
C GLY J 134 25.90 -13.03 -12.12
N TYR J 135 26.61 -12.75 -11.02
CA TYR J 135 27.58 -11.66 -10.98
C TYR J 135 28.98 -12.08 -11.38
N SER J 136 29.22 -13.38 -11.40
CA SER J 136 30.53 -13.92 -11.74
C SER J 136 31.15 -13.25 -12.97
N GLY J 137 30.36 -13.03 -14.01
CA GLY J 137 30.89 -12.41 -15.21
C GLY J 137 31.44 -11.01 -14.99
N PHE J 138 30.81 -10.27 -14.10
CA PHE J 138 31.22 -8.90 -13.81
C PHE J 138 32.67 -8.70 -13.40
N TYR J 139 33.26 -9.70 -12.74
CA TYR J 139 34.65 -9.59 -12.30
C TYR J 139 35.59 -10.32 -13.26
N THR J 140 35.10 -11.39 -13.87
CA THR J 140 35.91 -12.20 -14.76
C THR J 140 35.95 -11.86 -16.26
N PHE J 141 34.84 -11.45 -16.84
CA PHE J 141 34.83 -11.17 -18.27
C PHE J 141 35.96 -10.29 -18.82
N SER J 142 36.35 -9.27 -18.08
CA SER J 142 37.43 -8.40 -18.56
C SER J 142 38.72 -9.20 -18.72
N LEU J 143 38.98 -10.14 -17.81
CA LEU J 143 40.18 -10.97 -17.89
C LEU J 143 40.13 -11.87 -19.12
N LEU J 144 39.01 -12.58 -19.28
CA LEU J 144 38.81 -13.49 -20.41
C LEU J 144 38.80 -12.74 -21.73
N ASP J 145 38.09 -11.62 -21.79
CA ASP J 145 38.04 -10.83 -23.01
C ASP J 145 39.46 -10.53 -23.50
N HIS J 146 40.34 -10.33 -22.54
CA HIS J 146 41.73 -10.00 -22.79
C HIS J 146 42.62 -11.16 -23.20
N HIS J 147 42.71 -12.16 -22.34
CA HIS J 147 43.57 -13.30 -22.57
C HIS J 147 43.01 -14.50 -23.32
N TYR J 148 41.70 -14.61 -23.44
CA TYR J 148 41.14 -15.75 -24.13
C TYR J 148 41.60 -15.87 -25.59
N ARG J 149 41.91 -17.09 -25.98
CA ARG J 149 42.32 -17.43 -27.35
C ARG J 149 41.68 -18.78 -27.68
N PRO J 150 41.03 -18.88 -28.85
CA PRO J 150 40.35 -20.09 -29.34
C PRO J 150 41.14 -21.38 -29.36
N ASP J 151 42.47 -21.25 -29.50
CA ASP J 151 43.35 -22.41 -29.56
C ASP J 151 44.08 -22.70 -28.25
N MET J 152 43.64 -22.08 -27.17
CA MET J 152 44.27 -22.30 -25.88
C MET J 152 44.25 -23.79 -25.56
N THR J 153 45.20 -24.23 -24.74
CA THR J 153 45.27 -25.62 -24.36
C THR J 153 44.45 -25.76 -23.08
N THR J 154 44.08 -26.98 -22.73
CA THR J 154 43.32 -27.20 -21.52
C THR J 154 44.11 -26.68 -20.34
N GLU J 155 45.43 -26.68 -20.46
CA GLU J 155 46.29 -26.22 -19.39
C GLU J 155 46.26 -24.69 -19.31
N GLU J 156 46.34 -24.03 -20.47
CA GLU J 156 46.30 -22.58 -20.51
C GLU J 156 44.94 -22.16 -19.97
N GLY J 157 43.92 -22.91 -20.35
CA GLY J 157 42.57 -22.64 -19.91
C GLY J 157 42.56 -22.62 -18.40
N LEU J 158 42.87 -23.75 -17.79
CA LEU J 158 42.88 -23.83 -16.33
C LEU J 158 43.70 -22.73 -15.68
N ASP J 159 44.62 -22.13 -16.42
CA ASP J 159 45.45 -21.05 -15.87
C ASP J 159 44.67 -19.75 -15.88
N LEU J 160 44.11 -19.42 -17.04
CA LEU J 160 43.30 -18.22 -17.19
C LEU J 160 42.14 -18.28 -16.20
N LEU J 161 41.69 -19.49 -15.91
CA LEU J 161 40.59 -19.73 -14.98
C LEU J 161 41.03 -19.41 -13.57
N LYS J 162 42.14 -20.01 -13.15
CA LYS J 162 42.68 -19.77 -11.81
C LYS J 162 42.83 -18.26 -11.63
N LEU J 163 43.23 -17.60 -12.71
CA LEU J 163 43.41 -16.16 -12.71
C LEU J 163 42.06 -15.48 -12.40
N CYS J 164 40.99 -15.98 -13.02
CA CYS J 164 39.64 -15.46 -12.80
C CYS J 164 39.19 -15.71 -11.37
N VAL J 165 39.34 -16.94 -10.90
CA VAL J 165 38.94 -17.30 -9.55
C VAL J 165 39.65 -16.44 -8.50
N GLN J 166 40.84 -15.97 -8.82
CA GLN J 166 41.57 -15.13 -7.86
C GLN J 166 40.93 -13.76 -7.75
N GLU J 167 40.54 -13.21 -8.90
CA GLU J 167 39.90 -11.90 -8.95
C GLU J 167 38.59 -11.96 -8.19
N LEU J 168 37.92 -13.11 -8.25
CA LEU J 168 36.66 -13.30 -7.54
C LEU J 168 36.87 -13.39 -6.02
N GLU J 169 38.00 -13.95 -5.62
CA GLU J 169 38.29 -14.08 -4.21
C GLU J 169 38.76 -12.75 -3.64
N LYS J 170 39.21 -11.87 -4.53
CA LYS J 170 39.70 -10.58 -4.11
C LYS J 170 38.59 -9.54 -3.96
N ARG J 171 37.82 -9.35 -5.02
CA ARG J 171 36.75 -8.35 -5.07
C ARG J 171 35.32 -8.73 -4.70
N MET J 172 34.99 -10.03 -4.71
CA MET J 172 33.64 -10.43 -4.38
C MET J 172 33.44 -10.52 -2.88
N PRO J 173 32.34 -9.95 -2.37
CA PRO J 173 31.99 -9.91 -0.95
C PRO J 173 31.84 -11.23 -0.21
N MET J 174 31.25 -12.23 -0.86
CA MET J 174 31.02 -13.50 -0.21
C MET J 174 32.15 -14.50 -0.34
N ASP J 175 32.19 -15.43 0.61
CA ASP J 175 33.18 -16.49 0.64
C ASP J 175 32.52 -17.71 -0.01
N PHE J 176 32.83 -17.98 -1.27
CA PHE J 176 32.21 -19.11 -1.96
C PHE J 176 32.92 -20.45 -1.78
N LYS J 177 33.90 -20.47 -0.87
CA LYS J 177 34.67 -21.66 -0.54
C LYS J 177 35.31 -22.37 -1.72
N GLY J 178 35.85 -21.59 -2.66
CA GLY J 178 36.51 -22.15 -3.82
C GLY J 178 35.62 -22.85 -4.82
N VAL J 179 36.19 -23.24 -5.95
CA VAL J 179 35.43 -23.90 -7.00
C VAL J 179 35.88 -25.32 -7.28
N ILE J 180 34.98 -26.13 -7.85
CA ILE J 180 35.31 -27.50 -8.23
C ILE J 180 35.41 -27.40 -9.76
N VAL J 181 36.53 -27.83 -10.33
CA VAL J 181 36.68 -27.72 -11.77
C VAL J 181 36.48 -29.04 -12.49
N LYS J 182 35.97 -28.99 -13.71
CA LYS J 182 35.73 -30.19 -14.50
C LYS J 182 35.98 -29.98 -15.98
N ILE J 183 36.55 -30.99 -16.62
CA ILE J 183 36.85 -30.90 -18.04
C ILE J 183 36.06 -31.94 -18.82
N VAL J 184 35.55 -31.49 -19.96
CA VAL J 184 34.79 -32.36 -20.86
C VAL J 184 35.56 -32.33 -22.16
N ASP J 185 35.94 -33.49 -22.65
CA ASP J 185 36.70 -33.57 -23.89
C ASP J 185 36.37 -34.85 -24.63
N LYS J 186 37.11 -35.10 -25.71
CA LYS J 186 36.89 -36.27 -26.53
C LYS J 186 36.80 -37.54 -25.71
N ASP J 187 37.46 -37.56 -24.56
CA ASP J 187 37.43 -38.76 -23.73
C ASP J 187 36.38 -38.79 -22.65
N GLY J 188 35.64 -37.69 -22.50
CA GLY J 188 34.60 -37.65 -21.49
C GLY J 188 34.71 -36.54 -20.46
N ILE J 189 34.25 -36.84 -19.25
CA ILE J 189 34.25 -35.88 -18.16
C ILE J 189 35.16 -36.32 -17.00
N ARG J 190 36.03 -35.42 -16.55
CA ARG J 190 36.92 -35.70 -15.44
C ARG J 190 37.05 -34.47 -14.56
N GLN J 191 37.35 -34.68 -13.29
CA GLN J 191 37.47 -33.58 -12.33
C GLN J 191 38.89 -33.28 -11.88
N VAL J 192 39.34 -32.05 -12.13
CA VAL J 192 40.68 -31.59 -11.74
C VAL J 192 40.74 -31.51 -10.21
N ASP J 193 40.78 -32.66 -9.55
CA ASP J 193 40.80 -32.74 -8.09
C ASP J 193 41.85 -31.89 -7.37
N ASP J 194 42.79 -31.31 -8.12
CA ASP J 194 43.80 -30.46 -7.49
C ASP J 194 43.83 -29.05 -8.09
N PHE J 195 42.92 -28.21 -7.61
CA PHE J 195 42.82 -26.83 -8.07
C PHE J 195 42.82 -25.94 -6.83
N GLN J 196 42.86 -26.58 -5.66
CA GLN J 196 42.89 -25.88 -4.37
C GLN J 196 44.30 -25.30 -4.14
N ALA J 197 45.16 -25.45 -5.15
CA ALA J 197 46.54 -24.96 -5.11
C ALA J 197 47.25 -25.42 -6.40
N GLN J 198 46.61 -25.17 -7.54
CA GLN J 198 47.15 -25.55 -8.85
C GLN J 198 47.78 -24.37 -9.60
N THR K 1 14.87 -22.97 18.83
CA THR K 1 15.12 -24.42 18.56
C THR K 1 16.55 -24.71 18.17
N THR K 2 17.08 -25.81 18.68
CA THR K 2 18.44 -26.23 18.32
C THR K 2 18.49 -27.73 18.10
N THR K 3 19.00 -28.14 16.96
CA THR K 3 19.12 -29.54 16.61
C THR K 3 20.37 -29.76 15.80
N LEU K 4 21.08 -30.84 16.12
CA LEU K 4 22.29 -31.17 15.38
C LEU K 4 22.37 -32.67 15.16
N ALA K 5 23.24 -33.06 14.24
CA ALA K 5 23.46 -34.45 13.95
C ALA K 5 24.80 -34.51 13.27
N PHE K 6 25.70 -35.31 13.82
CA PHE K 6 27.00 -35.44 13.20
C PHE K 6 27.38 -36.91 13.06
N ARG K 7 28.19 -37.16 12.03
CA ARG K 7 28.66 -38.47 11.66
C ARG K 7 30.07 -38.67 12.21
N PHE K 8 30.31 -39.85 12.79
CA PHE K 8 31.63 -40.16 13.32
C PHE K 8 31.94 -41.65 13.23
N GLN K 9 33.16 -42.00 13.58
CA GLN K 9 33.61 -43.39 13.56
C GLN K 9 32.58 -44.38 14.08
N GLY K 10 31.85 -44.01 15.14
CA GLY K 10 30.89 -44.92 15.73
C GLY K 10 29.45 -44.77 15.28
N GLY K 11 29.23 -44.07 14.18
CA GLY K 11 27.87 -43.87 13.67
C GLY K 11 27.43 -42.43 13.62
N ILE K 12 26.28 -42.13 14.24
CA ILE K 12 25.77 -40.79 14.23
C ILE K 12 25.19 -40.38 15.56
N ILE K 13 25.46 -39.14 15.95
CA ILE K 13 24.93 -38.58 17.18
C ILE K 13 23.85 -37.57 16.82
N VAL K 14 22.77 -37.61 17.57
CA VAL K 14 21.66 -36.70 17.33
C VAL K 14 21.28 -36.10 18.65
N ALA K 15 21.31 -34.78 18.72
CA ALA K 15 20.98 -34.04 19.92
C ALA K 15 20.07 -32.87 19.56
N VAL K 16 19.04 -32.65 20.39
CA VAL K 16 18.10 -31.57 20.17
C VAL K 16 17.65 -31.00 21.51
N ASP K 17 17.01 -29.83 21.49
CA ASP K 17 16.49 -29.22 22.71
C ASP K 17 15.01 -29.58 22.75
N SER K 18 14.23 -28.95 23.60
CA SER K 18 12.82 -29.34 23.64
C SER K 18 11.88 -28.20 23.92
N ARG K 19 12.31 -26.99 23.62
CA ARG K 19 11.48 -25.82 23.88
C ARG K 19 10.64 -25.45 22.66
N ALA K 20 9.39 -25.12 22.96
CA ALA K 20 8.42 -24.71 21.96
C ALA K 20 7.93 -23.34 22.36
N THR K 21 8.15 -22.37 21.48
CA THR K 21 7.74 -21.00 21.74
C THR K 21 6.77 -20.43 20.70
N ALA K 22 5.82 -19.64 21.17
CA ALA K 22 4.86 -18.95 20.33
C ALA K 22 5.21 -17.50 20.69
N GLY K 23 6.06 -16.87 19.89
CA GLY K 23 6.48 -15.53 20.21
C GLY K 23 7.47 -15.64 21.34
N ASN K 24 7.20 -14.95 22.45
CA ASN K 24 8.08 -15.01 23.60
C ASN K 24 7.52 -15.99 24.63
N TRP K 25 6.37 -16.55 24.31
CA TRP K 25 5.71 -17.49 25.20
C TRP K 25 6.30 -18.88 25.05
N VAL K 26 6.64 -19.48 26.19
CA VAL K 26 7.20 -20.81 26.18
C VAL K 26 6.00 -21.73 26.38
N ALA K 27 5.58 -22.32 25.27
CA ALA K 27 4.43 -23.21 25.25
C ALA K 27 4.73 -24.55 25.86
N SER K 28 5.92 -25.07 25.57
CA SER K 28 6.33 -26.36 26.09
C SER K 28 7.84 -26.52 26.10
N GLN K 29 8.32 -27.35 27.03
CA GLN K 29 9.74 -27.65 27.14
C GLN K 29 9.87 -29.17 27.12
N THR K 30 8.76 -29.83 26.83
CA THR K 30 8.69 -31.30 26.79
C THR K 30 8.38 -31.84 25.39
N VAL K 31 8.86 -31.15 24.37
CA VAL K 31 8.61 -31.57 22.99
C VAL K 31 9.68 -32.54 22.52
N LYS K 32 9.30 -33.48 21.64
CA LYS K 32 10.25 -34.45 21.10
C LYS K 32 10.66 -33.93 19.74
N LYS K 33 11.84 -33.30 19.65
CA LYS K 33 12.30 -32.78 18.38
C LYS K 33 13.02 -33.82 17.55
N VAL K 34 13.07 -35.04 18.06
CA VAL K 34 13.68 -36.14 17.32
C VAL K 34 12.51 -37.07 16.99
N ILE K 35 12.19 -37.19 15.71
CA ILE K 35 11.10 -38.07 15.32
C ILE K 35 11.69 -39.43 14.99
N GLU K 36 11.10 -40.49 15.56
CA GLU K 36 11.58 -41.84 15.31
C GLU K 36 10.90 -42.48 14.09
N ILE K 37 11.40 -42.12 12.90
CA ILE K 37 10.87 -42.63 11.63
C ILE K 37 10.57 -44.12 11.76
N ASN K 38 11.57 -44.86 12.24
CA ASN K 38 11.47 -46.29 12.48
C ASN K 38 12.73 -46.68 13.23
N PRO K 39 12.84 -47.95 13.65
CA PRO K 39 14.00 -48.45 14.39
C PRO K 39 15.38 -48.11 13.85
N PHE K 40 15.48 -47.80 12.57
CA PHE K 40 16.78 -47.51 11.97
C PHE K 40 16.95 -46.10 11.44
N LEU K 41 15.86 -45.34 11.43
CA LEU K 41 15.88 -43.97 10.90
C LEU K 41 15.42 -42.92 11.90
N LEU K 42 16.10 -41.78 11.90
CA LEU K 42 15.77 -40.66 12.78
C LEU K 42 15.62 -39.35 12.02
N GLY K 43 14.68 -38.51 12.47
CA GLY K 43 14.46 -37.22 11.86
C GLY K 43 14.42 -36.18 12.97
N THR K 44 14.93 -34.99 12.68
CA THR K 44 14.94 -33.89 13.66
C THR K 44 13.83 -32.88 13.37
N MET K 45 13.45 -32.11 14.38
CA MET K 45 12.40 -31.12 14.23
C MET K 45 12.88 -29.67 14.39
N ALA K 46 12.76 -28.91 13.31
CA ALA K 46 13.14 -27.50 13.30
C ALA K 46 12.17 -26.85 12.33
N GLY K 47 11.60 -25.72 12.71
CA GLY K 47 10.64 -25.05 11.85
C GLY K 47 9.26 -25.28 12.46
N GLY K 48 8.32 -25.81 11.68
CA GLY K 48 6.98 -26.05 12.22
C GLY K 48 6.87 -27.46 12.77
N ALA K 49 6.45 -27.59 14.02
CA ALA K 49 6.32 -28.90 14.65
C ALA K 49 5.42 -29.83 13.86
N ALA K 50 4.18 -29.41 13.64
CA ALA K 50 3.24 -30.23 12.89
C ALA K 50 3.86 -30.69 11.56
N ASP K 51 4.39 -29.76 10.78
CA ASP K 51 4.97 -30.14 9.50
C ASP K 51 6.02 -31.24 9.59
N CYS K 52 7.00 -31.10 10.48
CA CYS K 52 8.02 -32.13 10.63
C CYS K 52 7.40 -33.43 11.15
N GLN K 53 6.76 -33.33 12.30
CA GLN K 53 6.11 -34.47 12.97
C GLN K 53 5.20 -35.27 12.06
N PHE K 54 4.32 -34.58 11.35
CA PHE K 54 3.37 -35.22 10.46
C PHE K 54 4.05 -35.92 9.28
N TRP K 55 4.70 -35.14 8.43
CA TRP K 55 5.36 -35.68 7.26
C TRP K 55 6.45 -36.68 7.50
N GLU K 56 7.06 -36.65 8.69
CA GLU K 56 8.10 -37.62 8.96
C GLU K 56 7.49 -38.92 9.47
N THR K 57 6.33 -38.83 10.10
CA THR K 57 5.62 -40.01 10.54
C THR K 57 5.14 -40.65 9.22
N TRP K 58 4.69 -39.79 8.32
CA TRP K 58 4.23 -40.24 7.01
C TRP K 58 5.40 -40.93 6.32
N LEU K 59 6.59 -40.34 6.42
CA LEU K 59 7.77 -40.93 5.81
C LEU K 59 7.91 -42.36 6.32
N GLY K 60 7.69 -42.54 7.63
CA GLY K 60 7.78 -43.84 8.25
C GLY K 60 6.93 -44.85 7.52
N SER K 61 5.72 -44.45 7.16
CA SER K 61 4.82 -45.32 6.44
C SER K 61 5.41 -45.71 5.08
N GLN K 62 5.91 -44.72 4.37
CA GLN K 62 6.49 -44.95 3.04
C GLN K 62 7.66 -45.91 3.09
N CYS K 63 8.48 -45.77 4.13
CA CYS K 63 9.66 -46.62 4.32
C CYS K 63 9.25 -48.05 4.54
N ARG K 64 8.24 -48.26 5.38
CA ARG K 64 7.75 -49.58 5.68
C ARG K 64 7.14 -50.25 4.44
N LEU K 65 6.41 -49.48 3.65
CA LEU K 65 5.79 -49.98 2.44
C LEU K 65 6.85 -50.36 1.42
N HIS K 66 7.93 -49.57 1.38
CA HIS K 66 9.02 -49.84 0.46
C HIS K 66 9.68 -51.17 0.80
N GLU K 67 9.88 -51.38 2.09
CA GLU K 67 10.52 -52.59 2.56
C GLU K 67 9.65 -53.84 2.38
N LEU K 68 8.33 -53.70 2.53
CA LEU K 68 7.47 -54.85 2.32
C LEU K 68 7.49 -55.19 0.83
N ARG K 69 7.50 -54.16 0.00
CA ARG K 69 7.51 -54.32 -1.44
C ARG K 69 8.81 -54.93 -1.96
N GLU K 70 9.93 -54.33 -1.60
CA GLU K 70 11.25 -54.75 -2.05
C GLU K 70 11.99 -55.75 -1.18
N LYS K 71 11.36 -56.21 -0.11
CA LYS K 71 11.99 -57.18 0.79
C LYS K 71 13.45 -56.81 1.06
N GLU K 72 13.67 -55.54 1.39
CA GLU K 72 15.00 -55.04 1.70
C GLU K 72 14.92 -53.68 2.38
N ARG K 73 15.66 -53.54 3.48
CA ARG K 73 15.71 -52.30 4.26
C ARG K 73 16.10 -51.09 3.39
N ILE K 74 15.26 -50.05 3.44
CA ILE K 74 15.46 -48.83 2.66
C ILE K 74 16.73 -48.05 2.97
N SER K 75 17.28 -47.39 1.94
CA SER K 75 18.50 -46.61 2.10
C SER K 75 18.21 -45.21 2.60
N VAL K 76 19.14 -44.63 3.35
CA VAL K 76 18.96 -43.29 3.87
C VAL K 76 18.81 -42.33 2.70
N ALA K 77 19.54 -42.59 1.62
CA ALA K 77 19.48 -41.74 0.43
C ALA K 77 18.05 -41.69 -0.10
N ALA K 78 17.43 -42.87 -0.24
CA ALA K 78 16.07 -42.97 -0.73
C ALA K 78 15.05 -42.43 0.26
N ALA K 79 15.17 -42.80 1.53
CA ALA K 79 14.22 -42.32 2.52
C ALA K 79 14.20 -40.79 2.52
N SER K 80 15.37 -40.19 2.40
CA SER K 80 15.45 -38.74 2.41
C SER K 80 14.80 -38.15 1.16
N LYS K 81 15.01 -38.77 0.00
CA LYS K 81 14.45 -38.23 -1.23
C LYS K 81 12.93 -38.36 -1.26
N ILE K 82 12.40 -39.37 -0.59
CA ILE K 82 10.96 -39.55 -0.52
C ILE K 82 10.40 -38.28 0.14
N LEU K 83 11.02 -37.90 1.25
CA LEU K 83 10.61 -36.71 1.98
C LEU K 83 10.86 -35.45 1.16
N SER K 84 12.09 -35.35 0.65
CA SER K 84 12.47 -34.21 -0.16
C SER K 84 11.51 -33.96 -1.34
N ASN K 85 11.19 -35.01 -2.09
CA ASN K 85 10.30 -34.86 -3.23
C ASN K 85 8.87 -34.48 -2.82
N LEU K 86 8.41 -35.02 -1.69
CA LEU K 86 7.06 -34.71 -1.20
C LEU K 86 7.04 -33.22 -0.90
N VAL K 87 7.96 -32.81 -0.05
CA VAL K 87 8.07 -31.42 0.35
C VAL K 87 8.13 -30.48 -0.86
N TYR K 88 8.88 -30.85 -1.89
CA TYR K 88 9.00 -29.99 -3.06
C TYR K 88 7.68 -29.84 -3.79
N GLN K 89 6.78 -30.79 -3.59
CA GLN K 89 5.46 -30.76 -4.21
C GLN K 89 4.64 -29.62 -3.61
N TYR K 90 5.03 -29.20 -2.41
CA TYR K 90 4.31 -28.15 -1.71
C TYR K 90 5.09 -26.84 -1.67
N LYS K 91 6.13 -26.73 -2.49
CA LYS K 91 6.95 -25.51 -2.48
C LYS K 91 6.07 -24.29 -2.74
N GLY K 92 6.14 -23.34 -1.82
CA GLY K 92 5.35 -22.12 -1.93
C GLY K 92 4.08 -22.17 -1.09
N ALA K 93 3.63 -23.36 -0.73
CA ALA K 93 2.42 -23.49 0.07
C ALA K 93 2.58 -23.04 1.51
N GLY K 94 3.82 -22.95 1.98
CA GLY K 94 4.01 -22.53 3.35
C GLY K 94 4.45 -23.57 4.37
N LEU K 95 4.87 -24.75 3.92
CA LEU K 95 5.35 -25.75 4.87
C LEU K 95 6.60 -25.15 5.49
N SER K 96 6.89 -25.50 6.72
CA SER K 96 8.09 -24.99 7.37
C SER K 96 8.83 -26.08 8.10
N MET K 97 9.95 -26.51 7.51
CA MET K 97 10.74 -27.56 8.11
C MET K 97 12.19 -27.60 7.67
N GLY K 98 13.06 -27.76 8.65
CA GLY K 98 14.49 -27.87 8.43
C GLY K 98 14.82 -29.15 9.19
N THR K 99 15.15 -30.21 8.48
CA THR K 99 15.38 -31.47 9.17
C THR K 99 16.56 -32.29 8.68
N MET K 100 17.09 -33.13 9.58
CA MET K 100 18.20 -34.04 9.25
C MET K 100 17.64 -35.45 9.23
N ILE K 101 17.77 -36.12 8.10
CA ILE K 101 17.28 -37.50 8.01
C ILE K 101 18.54 -38.34 8.24
N CYS K 102 18.53 -39.08 9.35
CA CYS K 102 19.69 -39.90 9.77
C CYS K 102 19.53 -41.41 9.78
N GLY K 103 20.53 -42.09 9.20
CA GLY K 103 20.51 -43.54 9.13
C GLY K 103 21.89 -44.16 9.00
N TYR K 104 21.95 -45.48 9.20
CA TYR K 104 23.21 -46.21 9.14
C TYR K 104 22.97 -47.57 8.47
N THR K 105 23.19 -47.65 7.17
CA THR K 105 22.98 -48.90 6.44
C THR K 105 24.29 -49.57 6.06
N ARG K 106 24.23 -50.89 5.91
CA ARG K 106 25.41 -51.66 5.54
C ARG K 106 25.98 -51.04 4.27
N LYS K 107 25.09 -50.81 3.31
CA LYS K 107 25.45 -50.24 2.02
C LYS K 107 26.09 -48.85 2.09
N GLU K 108 25.50 -47.94 2.87
CA GLU K 108 25.99 -46.57 2.96
C GLU K 108 26.81 -46.20 4.20
N GLY K 109 26.60 -46.93 5.30
CA GLY K 109 27.30 -46.61 6.53
C GLY K 109 26.60 -45.47 7.21
N PRO K 110 27.30 -44.65 8.01
CA PRO K 110 26.64 -43.53 8.68
C PRO K 110 26.27 -42.46 7.66
N THR K 111 25.02 -42.02 7.67
CA THR K 111 24.58 -41.01 6.71
C THR K 111 23.53 -40.03 7.22
N ILE K 112 23.78 -38.74 6.95
CA ILE K 112 22.87 -37.66 7.33
C ILE K 112 22.51 -36.85 6.09
N TYR K 113 21.22 -36.56 5.94
CA TYR K 113 20.73 -35.75 4.82
C TYR K 113 19.97 -34.59 5.40
N TYR K 114 20.36 -33.38 5.01
CA TYR K 114 19.65 -32.19 5.47
C TYR K 114 18.55 -31.91 4.46
N VAL K 115 17.33 -31.78 4.96
CA VAL K 115 16.18 -31.53 4.12
C VAL K 115 15.30 -30.45 4.70
N ASP K 116 15.04 -29.38 3.92
CA ASP K 116 14.16 -28.32 4.37
C ASP K 116 13.03 -28.13 3.35
N SER K 117 11.97 -27.47 3.81
CA SER K 117 10.79 -27.21 3.00
C SER K 117 11.05 -26.35 1.76
N ASP K 118 12.30 -25.93 1.59
CA ASP K 118 12.71 -25.12 0.46
C ASP K 118 12.88 -25.99 -0.78
N GLY K 119 13.14 -27.28 -0.56
CA GLY K 119 13.38 -28.20 -1.66
C GLY K 119 14.82 -28.68 -1.62
N THR K 120 15.56 -28.14 -0.67
CA THR K 120 16.96 -28.45 -0.48
C THR K 120 17.18 -29.82 0.18
N ARG K 121 18.14 -30.57 -0.36
CA ARG K 121 18.50 -31.88 0.17
C ARG K 121 20.02 -31.96 0.05
N LEU K 122 20.69 -32.07 1.20
CA LEU K 122 22.15 -32.12 1.24
C LEU K 122 22.74 -33.19 2.13
N LYS K 123 23.74 -33.89 1.61
CA LYS K 123 24.42 -34.91 2.39
C LYS K 123 25.58 -34.22 3.08
N GLY K 124 25.80 -34.55 4.35
CA GLY K 124 26.88 -33.94 5.11
C GLY K 124 27.27 -34.73 6.35
N ASP K 125 28.34 -34.29 7.00
CA ASP K 125 28.84 -34.95 8.20
C ASP K 125 28.33 -34.27 9.46
N ILE K 126 28.12 -32.96 9.36
CA ILE K 126 27.66 -32.16 10.47
C ILE K 126 26.58 -31.19 10.00
N PHE K 127 25.52 -31.06 10.77
CA PHE K 127 24.41 -30.16 10.45
C PHE K 127 23.74 -29.67 11.72
N CYS K 128 23.57 -28.36 11.82
CA CYS K 128 22.89 -27.75 12.97
C CYS K 128 21.77 -26.92 12.41
N VAL K 129 20.57 -27.14 12.90
CA VAL K 129 19.43 -26.40 12.40
C VAL K 129 18.60 -25.79 13.52
N GLY K 130 18.24 -24.52 13.35
CA GLY K 130 17.44 -23.85 14.36
C GLY K 130 17.94 -22.47 14.72
N SER K 131 17.16 -21.75 15.54
CA SER K 131 17.55 -20.42 15.97
C SER K 131 18.82 -20.47 16.81
N GLY K 132 19.16 -21.66 17.31
CA GLY K 132 20.36 -21.78 18.12
C GLY K 132 21.50 -22.47 17.41
N GLN K 133 21.33 -22.69 16.12
CA GLN K 133 22.35 -23.40 15.35
C GLN K 133 23.78 -22.90 15.41
N THR K 134 23.98 -21.60 15.23
CA THR K 134 25.34 -21.07 15.23
C THR K 134 26.10 -21.36 16.52
N PHE K 135 25.38 -21.43 17.63
CA PHE K 135 26.01 -21.70 18.91
C PHE K 135 26.45 -23.16 18.96
N ALA K 136 25.58 -24.06 18.51
CA ALA K 136 25.89 -25.48 18.47
C ALA K 136 27.08 -25.73 17.56
N TYR K 137 27.13 -25.03 16.43
CA TYR K 137 28.22 -25.14 15.46
C TYR K 137 29.54 -24.73 16.07
N GLY K 138 29.51 -23.67 16.88
CA GLY K 138 30.74 -23.20 17.50
C GLY K 138 31.37 -24.29 18.35
N VAL K 139 30.56 -24.97 19.15
CA VAL K 139 31.02 -26.05 20.02
C VAL K 139 31.54 -27.20 19.17
N LEU K 140 30.68 -27.67 18.26
CA LEU K 140 31.02 -28.77 17.36
C LEU K 140 32.28 -28.55 16.50
N ASP K 141 32.30 -27.48 15.74
CA ASP K 141 33.43 -27.21 14.86
C ASP K 141 34.78 -27.24 15.52
N SER K 142 34.83 -27.08 16.84
CA SER K 142 36.14 -27.08 17.51
C SER K 142 36.49 -28.33 18.32
N ASN K 143 35.52 -29.20 18.54
CA ASN K 143 35.80 -30.43 19.28
C ASN K 143 35.53 -31.67 18.45
N TYR K 144 35.00 -31.48 17.25
CA TYR K 144 34.70 -32.63 16.40
C TYR K 144 35.93 -33.26 15.75
N LYS K 145 35.99 -34.58 15.86
CA LYS K 145 37.04 -35.40 15.26
C LYS K 145 36.34 -36.71 14.90
N TRP K 146 36.68 -37.27 13.75
CA TRP K 146 36.06 -38.50 13.32
C TRP K 146 36.29 -39.66 14.30
N ASP K 147 37.33 -39.52 15.11
CA ASP K 147 37.70 -40.56 16.07
C ASP K 147 37.05 -40.53 17.43
N LEU K 148 36.15 -39.58 17.68
CA LEU K 148 35.51 -39.53 18.99
C LEU K 148 34.96 -40.90 19.36
N SER K 149 34.92 -41.17 20.66
CA SER K 149 34.38 -42.42 21.14
C SER K 149 32.89 -42.19 21.31
N VAL K 150 32.08 -43.24 21.20
CA VAL K 150 30.65 -43.06 21.36
C VAL K 150 30.31 -42.29 22.65
N GLU K 151 31.05 -42.57 23.73
CA GLU K 151 30.78 -41.89 24.99
C GLU K 151 31.15 -40.40 24.89
N ASP K 152 32.28 -40.13 24.24
CA ASP K 152 32.74 -38.75 24.07
C ASP K 152 31.86 -38.01 23.07
N ALA K 153 31.54 -38.68 21.97
CA ALA K 153 30.70 -38.12 20.93
C ALA K 153 29.36 -37.69 21.52
N LEU K 154 28.75 -38.57 22.30
CA LEU K 154 27.48 -38.25 22.92
C LEU K 154 27.59 -36.95 23.72
N TYR K 155 28.65 -36.83 24.51
CA TYR K 155 28.84 -35.63 25.32
C TYR K 155 28.98 -34.38 24.44
N LEU K 156 29.83 -34.43 23.42
CA LEU K 156 30.01 -33.28 22.53
C LEU K 156 28.65 -32.80 22.03
N GLY K 157 27.81 -33.74 21.62
CA GLY K 157 26.50 -33.37 21.14
C GLY K 157 25.74 -32.69 22.26
N LYS K 158 25.61 -33.39 23.38
CA LYS K 158 24.90 -32.85 24.53
C LYS K 158 25.44 -31.48 24.92
N ARG K 159 26.76 -31.32 24.86
CA ARG K 159 27.38 -30.06 25.23
C ARG K 159 27.00 -28.96 24.24
N SER K 160 26.87 -29.31 22.97
CA SER K 160 26.51 -28.32 21.96
C SER K 160 25.12 -27.72 22.12
N ILE K 161 24.19 -28.51 22.62
CA ILE K 161 22.86 -28.01 22.83
C ILE K 161 22.93 -27.10 24.07
N LEU K 162 23.70 -27.51 25.07
CA LEU K 162 23.86 -26.71 26.27
C LEU K 162 24.30 -25.29 25.91
N ALA K 163 25.21 -25.16 24.94
CA ALA K 163 25.67 -23.84 24.52
C ALA K 163 24.54 -23.07 23.86
N ALA K 164 23.79 -23.74 22.97
CA ALA K 164 22.68 -23.10 22.30
C ALA K 164 21.64 -22.68 23.34
N ALA K 165 21.14 -23.63 24.12
CA ALA K 165 20.14 -23.34 25.14
C ALA K 165 20.48 -22.12 25.98
N HIS K 166 21.75 -22.02 26.36
CA HIS K 166 22.20 -20.91 27.19
C HIS K 166 22.04 -19.53 26.55
N ARG K 167 22.64 -19.35 25.37
CA ARG K 167 22.59 -18.08 24.64
C ARG K 167 21.24 -17.81 23.97
N ASP K 168 20.70 -18.81 23.29
CA ASP K 168 19.42 -18.67 22.59
C ASP K 168 18.19 -18.72 23.50
N ALA K 169 17.38 -17.69 23.38
CA ALA K 169 16.18 -17.58 24.19
C ALA K 169 15.13 -18.58 23.72
N TYR K 170 15.28 -19.04 22.48
CA TYR K 170 14.32 -19.96 21.89
C TYR K 170 14.67 -21.44 22.00
N SER K 171 15.83 -21.71 22.61
CA SER K 171 16.28 -23.08 22.82
C SER K 171 16.37 -23.29 24.33
N GLY K 172 16.18 -24.53 24.76
CA GLY K 172 16.24 -24.83 26.17
C GLY K 172 15.32 -25.97 26.55
N GLY K 173 15.03 -26.08 27.84
CA GLY K 173 14.17 -27.15 28.32
C GLY K 173 15.03 -28.34 28.77
N SER K 174 15.14 -29.31 27.89
CA SER K 174 15.93 -30.51 28.17
C SER K 174 16.60 -30.93 26.88
N VAL K 175 17.61 -31.78 27.00
CA VAL K 175 18.31 -32.27 25.84
C VAL K 175 17.95 -33.74 25.62
N ASN K 176 17.80 -34.15 24.36
CA ASN K 176 17.49 -35.54 24.06
C ASN K 176 18.60 -36.04 23.16
N LEU K 177 19.21 -37.16 23.56
CA LEU K 177 20.32 -37.75 22.83
C LEU K 177 20.01 -39.09 22.17
N TYR K 178 20.63 -39.30 21.00
CA TYR K 178 20.46 -40.54 20.26
C TYR K 178 21.77 -40.93 19.60
N HIS K 179 21.97 -42.24 19.51
CA HIS K 179 23.16 -42.79 18.88
C HIS K 179 22.61 -43.71 17.80
N VAL K 180 23.02 -43.46 16.56
CA VAL K 180 22.55 -44.27 15.46
C VAL K 180 23.64 -45.23 15.04
N THR K 181 23.33 -46.52 15.11
CA THR K 181 24.25 -47.60 14.75
C THR K 181 23.64 -48.33 13.56
N GLU K 182 24.40 -49.21 12.93
CA GLU K 182 23.90 -49.96 11.79
C GLU K 182 22.73 -50.86 12.20
N ASP K 183 22.65 -51.22 13.48
CA ASP K 183 21.58 -52.09 13.96
C ASP K 183 20.40 -51.31 14.49
N GLY K 184 20.44 -49.99 14.32
CA GLY K 184 19.37 -49.13 14.79
C GLY K 184 19.92 -48.04 15.66
N TRP K 185 19.03 -47.24 16.23
CA TRP K 185 19.45 -46.16 17.10
C TRP K 185 19.21 -46.52 18.57
N ILE K 186 19.98 -45.90 19.44
CA ILE K 186 19.85 -46.15 20.87
C ILE K 186 19.58 -44.83 21.58
N TYR K 187 18.44 -44.74 22.26
CA TYR K 187 18.10 -43.51 22.97
C TYR K 187 19.02 -43.35 24.18
N HIS K 188 19.63 -42.18 24.30
CA HIS K 188 20.53 -41.93 25.41
C HIS K 188 20.00 -40.87 26.37
N GLY K 189 18.72 -40.99 26.72
CA GLY K 189 18.10 -40.11 27.68
C GLY K 189 17.75 -38.65 27.43
N ASN K 190 17.00 -38.13 28.40
CA ASN K 190 16.52 -36.77 28.41
C ASN K 190 17.25 -36.01 29.53
N HIS K 191 17.99 -34.97 29.15
CA HIS K 191 18.75 -34.20 30.11
C HIS K 191 18.30 -32.76 30.31
N ASP K 192 17.71 -32.50 31.47
CA ASP K 192 17.24 -31.15 31.80
C ASP K 192 18.39 -30.15 31.67
N VAL K 193 18.21 -29.14 30.84
CA VAL K 193 19.25 -28.13 30.64
C VAL K 193 19.50 -27.41 31.96
N GLY K 194 18.43 -27.25 32.73
CA GLY K 194 18.55 -26.58 34.01
C GLY K 194 19.69 -27.18 34.82
N GLU K 195 19.53 -28.44 35.20
CA GLU K 195 20.52 -29.16 36.00
C GLU K 195 21.82 -29.42 35.28
N LEU K 196 21.74 -29.66 33.98
CA LEU K 196 22.95 -29.93 33.20
C LEU K 196 23.89 -28.73 33.21
N PHE K 197 23.34 -27.52 33.13
CA PHE K 197 24.17 -26.31 33.12
C PHE K 197 25.09 -26.17 34.33
N TRP K 198 24.51 -26.25 35.53
CA TRP K 198 25.26 -26.13 36.78
C TRP K 198 26.32 -27.23 36.87
N LYS K 199 25.90 -28.46 36.61
CA LYS K 199 26.79 -29.60 36.64
C LYS K 199 27.97 -29.28 35.71
N VAL K 200 27.68 -29.18 34.42
CA VAL K 200 28.70 -28.88 33.42
C VAL K 200 29.54 -27.67 33.81
N LYS K 201 28.92 -26.67 34.44
CA LYS K 201 29.66 -25.48 34.84
C LYS K 201 30.76 -25.85 35.82
N GLU K 202 30.36 -26.37 36.98
CA GLU K 202 31.30 -26.77 38.03
C GLU K 202 32.41 -27.69 37.52
N GLU K 203 32.02 -28.88 37.09
CA GLU K 203 32.99 -29.86 36.58
C GLU K 203 33.95 -29.32 35.54
N GLU K 204 33.41 -28.66 34.52
CA GLU K 204 34.20 -28.13 33.41
C GLU K 204 34.92 -26.81 33.67
N GLY K 205 34.34 -25.97 34.54
CA GLY K 205 34.93 -24.68 34.85
C GLY K 205 34.46 -23.57 33.92
N SER K 206 33.76 -23.96 32.86
CA SER K 206 33.24 -23.05 31.87
C SER K 206 32.02 -22.29 32.40
N PHE K 207 31.53 -21.34 31.60
CA PHE K 207 30.40 -20.52 32.01
C PHE K 207 30.83 -19.80 33.26
N ASN K 208 32.08 -19.35 33.24
CA ASN K 208 32.64 -18.65 34.38
C ASN K 208 31.89 -17.40 34.78
N ASN K 209 31.58 -16.56 33.78
CA ASN K 209 30.90 -15.30 34.03
C ASN K 209 29.53 -15.42 34.69
N VAL K 210 28.90 -16.57 34.58
CA VAL K 210 27.60 -16.78 35.21
C VAL K 210 27.84 -16.97 36.70
N ILE K 211 27.12 -16.22 37.53
CA ILE K 211 27.28 -16.34 38.98
C ILE K 211 26.65 -17.62 39.54
N GLY K 212 27.46 -18.44 40.19
CA GLY K 212 26.95 -19.67 40.77
C GLY K 212 27.34 -19.89 42.21
N GLN L 1 -12.54 -6.57 3.83
CA GLN L 1 -12.54 -7.92 3.17
C GLN L 1 -13.17 -8.91 4.12
N PHE L 2 -13.40 -10.15 3.67
CA PHE L 2 -14.03 -11.14 4.54
C PHE L 2 -13.06 -12.00 5.34
N ASN L 3 -13.14 -11.88 6.66
CA ASN L 3 -12.31 -12.66 7.55
C ASN L 3 -13.13 -13.82 8.06
N PRO L 4 -12.74 -15.05 7.69
CA PRO L 4 -13.43 -16.28 8.06
C PRO L 4 -13.21 -16.70 9.51
N TYR L 5 -12.33 -16.00 10.21
CA TYR L 5 -12.04 -16.37 11.60
C TYR L 5 -12.53 -15.40 12.66
N GLY L 6 -12.76 -15.93 13.85
CA GLY L 6 -13.21 -15.11 14.96
C GLY L 6 -12.60 -15.67 16.23
N ASP L 7 -12.82 -14.99 17.35
CA ASP L 7 -12.30 -15.42 18.65
C ASP L 7 -13.43 -15.38 19.67
N ASN L 8 -13.73 -16.52 20.27
CA ASN L 8 -14.78 -16.58 21.26
C ASN L 8 -14.24 -16.67 22.67
N GLY L 9 -12.96 -16.39 22.82
CA GLY L 9 -12.33 -16.42 24.13
C GLY L 9 -12.21 -17.81 24.73
N GLY L 10 -12.55 -17.93 26.01
CA GLY L 10 -12.46 -19.21 26.68
C GLY L 10 -11.05 -19.65 27.06
N THR L 11 -11.00 -20.49 28.07
CA THR L 11 -9.74 -21.04 28.57
C THR L 11 -10.01 -22.45 29.09
N ILE L 12 -9.12 -23.39 28.76
CA ILE L 12 -9.30 -24.76 29.20
C ILE L 12 -8.06 -25.29 29.91
N LEU L 13 -8.28 -26.30 30.75
CA LEU L 13 -7.19 -26.89 31.51
C LEU L 13 -7.30 -28.41 31.57
N GLY L 14 -6.16 -29.07 31.35
CA GLY L 14 -6.12 -30.52 31.39
C GLY L 14 -5.04 -31.02 32.33
N ILE L 15 -5.43 -31.81 33.32
CA ILE L 15 -4.49 -32.38 34.28
C ILE L 15 -4.69 -33.89 34.40
N ALA L 16 -3.60 -34.64 34.43
CA ALA L 16 -3.66 -36.08 34.52
C ALA L 16 -3.20 -36.62 35.87
N GLY L 17 -4.07 -37.40 36.52
CA GLY L 17 -3.71 -38.01 37.79
C GLY L 17 -3.14 -39.39 37.50
N GLU L 18 -2.72 -40.12 38.52
CA GLU L 18 -2.15 -41.46 38.32
C GLU L 18 -3.20 -42.46 37.78
N ASP L 19 -4.43 -42.37 38.27
CA ASP L 19 -5.47 -43.27 37.81
C ASP L 19 -6.73 -42.51 37.40
N PHE L 20 -6.54 -41.24 37.04
CA PHE L 20 -7.66 -40.40 36.61
C PHE L 20 -7.11 -39.24 35.79
N ALA L 21 -8.00 -38.40 35.28
CA ALA L 21 -7.63 -37.23 34.48
C ALA L 21 -8.79 -36.25 34.46
N VAL L 22 -8.47 -34.97 34.33
CA VAL L 22 -9.51 -33.96 34.32
C VAL L 22 -9.32 -32.95 33.19
N LEU L 23 -10.43 -32.50 32.61
CA LEU L 23 -10.42 -31.49 31.56
C LEU L 23 -11.47 -30.46 31.97
N ALA L 24 -11.02 -29.23 32.23
CA ALA L 24 -11.92 -28.18 32.64
C ALA L 24 -11.89 -26.99 31.68
N GLY L 25 -12.91 -26.15 31.79
CA GLY L 25 -12.99 -24.97 30.96
C GLY L 25 -14.09 -24.04 31.45
N ASP L 26 -13.86 -22.74 31.38
CA ASP L 26 -14.88 -21.79 31.80
C ASP L 26 -16.06 -21.96 30.84
N THR L 27 -17.23 -21.51 31.25
CA THR L 27 -18.39 -21.66 30.40
C THR L 27 -18.85 -20.34 29.78
N ARG L 28 -17.91 -19.42 29.60
CA ARG L 28 -18.23 -18.12 29.01
C ARG L 28 -17.80 -18.09 27.55
N ASN L 29 -18.69 -17.59 26.70
CA ASN L 29 -18.41 -17.48 25.28
C ASN L 29 -18.51 -15.99 24.96
N ILE L 30 -17.52 -15.45 24.26
CA ILE L 30 -17.54 -14.02 23.96
C ILE L 30 -17.26 -13.61 22.52
N THR L 31 -17.42 -12.31 22.27
CA THR L 31 -17.14 -11.68 20.98
C THR L 31 -16.75 -10.24 21.31
N ASP L 32 -15.47 -9.93 21.20
CA ASP L 32 -14.97 -8.60 21.50
C ASP L 32 -15.23 -8.30 22.96
N TYR L 33 -16.01 -7.26 23.27
CA TYR L 33 -16.29 -6.92 24.65
C TYR L 33 -17.68 -7.31 25.11
N SER L 34 -18.34 -8.15 24.31
CA SER L 34 -19.68 -8.61 24.66
C SER L 34 -19.66 -10.07 25.05
N ILE L 35 -20.57 -10.44 25.95
CA ILE L 35 -20.69 -11.82 26.41
C ILE L 35 -21.84 -12.43 25.63
N ASN L 36 -21.57 -13.53 24.91
CA ASN L 36 -22.61 -14.21 24.14
C ASN L 36 -23.40 -15.16 25.01
N SER L 37 -22.72 -15.76 25.98
CA SER L 37 -23.39 -16.67 26.89
C SER L 37 -22.54 -16.86 28.13
N ARG L 38 -23.20 -16.97 29.29
CA ARG L 38 -22.51 -17.19 30.55
C ARG L 38 -22.41 -18.70 30.77
N TYR L 39 -23.16 -19.46 29.97
CA TYR L 39 -23.09 -20.92 30.04
C TYR L 39 -23.21 -21.59 28.68
N GLU L 40 -22.06 -21.90 28.09
CA GLU L 40 -22.01 -22.55 26.80
C GLU L 40 -20.92 -23.60 26.93
N PRO L 41 -21.30 -24.84 27.31
CA PRO L 41 -20.39 -25.97 27.50
C PRO L 41 -19.32 -26.01 26.43
N LYS L 42 -18.09 -26.29 26.84
CA LYS L 42 -16.95 -26.30 25.94
C LYS L 42 -16.16 -27.60 25.98
N VAL L 43 -16.32 -28.35 27.06
CA VAL L 43 -15.63 -29.64 27.22
C VAL L 43 -16.67 -30.73 27.00
N PHE L 44 -16.36 -31.71 26.14
CA PHE L 44 -17.31 -32.78 25.80
C PHE L 44 -16.86 -34.22 26.03
N ASP L 45 -17.83 -35.06 26.40
CA ASP L 45 -17.60 -36.49 26.60
C ASP L 45 -17.86 -37.12 25.23
N CYS L 46 -16.81 -37.65 24.61
CA CYS L 46 -16.93 -38.25 23.28
C CYS L 46 -17.09 -39.75 23.25
N GLY L 47 -17.27 -40.36 24.43
CA GLY L 47 -17.42 -41.80 24.49
C GLY L 47 -16.09 -42.49 24.71
N ASP L 48 -16.13 -43.81 24.89
CA ASP L 48 -14.92 -44.58 25.14
C ASP L 48 -13.99 -43.92 26.17
N ASN L 49 -14.60 -43.25 27.14
CA ASN L 49 -13.86 -42.56 28.20
C ASN L 49 -12.86 -41.56 27.68
N ILE L 50 -13.34 -40.71 26.77
CA ILE L 50 -12.50 -39.68 26.21
C ILE L 50 -13.26 -38.37 26.32
N VAL L 51 -12.60 -37.36 26.88
CA VAL L 51 -13.19 -36.03 26.99
C VAL L 51 -12.34 -35.14 26.09
N MET L 52 -13.00 -34.25 25.37
CA MET L 52 -12.32 -33.37 24.44
C MET L 52 -12.79 -31.93 24.48
N SER L 53 -11.92 -31.02 24.04
CA SER L 53 -12.26 -29.61 23.97
C SER L 53 -11.36 -28.87 22.99
N ALA L 54 -11.99 -28.20 22.01
CA ALA L 54 -11.28 -27.44 20.99
C ALA L 54 -11.59 -25.97 21.27
N ASN L 55 -10.69 -25.29 21.96
CA ASN L 55 -10.94 -23.90 22.30
C ASN L 55 -10.36 -22.87 21.33
N GLY L 56 -11.02 -21.71 21.26
CA GLY L 56 -10.58 -20.65 20.36
C GLY L 56 -11.75 -20.13 19.54
N PHE L 57 -11.77 -20.45 18.25
CA PHE L 57 -12.85 -20.03 17.37
C PHE L 57 -13.94 -21.10 17.41
N ALA L 58 -15.02 -20.81 18.15
CA ALA L 58 -16.13 -21.74 18.35
C ALA L 58 -16.68 -22.48 17.14
N ALA L 59 -16.83 -21.80 16.01
CA ALA L 59 -17.37 -22.48 14.84
C ALA L 59 -16.45 -23.64 14.48
N ASP L 60 -15.15 -23.38 14.48
CA ASP L 60 -14.17 -24.39 14.15
C ASP L 60 -14.12 -25.45 15.25
N GLY L 61 -14.11 -25.00 16.49
CA GLY L 61 -14.07 -25.93 17.61
C GLY L 61 -15.23 -26.90 17.63
N ASP L 62 -16.42 -26.43 17.31
CA ASP L 62 -17.58 -27.32 17.28
C ASP L 62 -17.45 -28.28 16.12
N ALA L 63 -16.98 -27.78 14.99
CA ALA L 63 -16.80 -28.58 13.82
C ALA L 63 -15.91 -29.76 14.12
N LEU L 64 -14.75 -29.48 14.70
CA LEU L 64 -13.79 -30.52 15.05
C LEU L 64 -14.38 -31.56 16.00
N VAL L 65 -14.87 -31.14 17.16
CA VAL L 65 -15.44 -32.10 18.12
C VAL L 65 -16.47 -32.99 17.45
N LYS L 66 -17.36 -32.37 16.69
CA LYS L 66 -18.41 -33.10 15.99
C LYS L 66 -17.79 -34.15 15.05
N ARG L 67 -16.79 -33.71 14.30
CA ARG L 67 -16.09 -34.56 13.34
C ARG L 67 -15.38 -35.71 14.02
N PHE L 68 -14.79 -35.45 15.20
CA PHE L 68 -14.09 -36.50 15.95
C PHE L 68 -15.09 -37.52 16.50
N LYS L 69 -16.15 -37.05 17.16
CA LYS L 69 -17.15 -37.94 17.72
C LYS L 69 -17.65 -38.86 16.63
N ASN L 70 -17.74 -38.33 15.42
CA ASN L 70 -18.22 -39.13 14.32
C ASN L 70 -17.17 -40.15 13.99
N SER L 71 -15.90 -39.79 14.15
CA SER L 71 -14.82 -40.71 13.87
C SER L 71 -14.89 -41.89 14.84
N VAL L 72 -15.24 -41.60 16.09
CA VAL L 72 -15.37 -42.64 17.10
C VAL L 72 -16.51 -43.57 16.67
N LYS L 73 -17.63 -42.97 16.25
CA LYS L 73 -18.79 -43.74 15.82
C LYS L 73 -18.44 -44.78 14.75
N TRP L 74 -17.71 -44.36 13.72
CA TRP L 74 -17.33 -45.28 12.67
C TRP L 74 -16.30 -46.26 13.11
N TYR L 75 -15.50 -45.89 14.11
CA TYR L 75 -14.48 -46.79 14.60
C TYR L 75 -15.19 -47.99 15.20
N HIS L 76 -16.35 -47.76 15.82
CA HIS L 76 -17.11 -48.86 16.40
C HIS L 76 -17.68 -49.71 15.28
N PHE L 77 -18.30 -49.06 14.29
CA PHE L 77 -18.85 -49.79 13.15
C PHE L 77 -17.79 -50.66 12.51
N ASP L 78 -16.68 -50.05 12.11
CA ASP L 78 -15.60 -50.78 11.45
C ASP L 78 -14.84 -51.81 12.30
N HIS L 79 -14.72 -51.60 13.61
CA HIS L 79 -13.97 -52.56 14.42
C HIS L 79 -14.72 -53.18 15.58
N ASN L 80 -15.98 -53.50 15.36
CA ASN L 80 -16.81 -54.16 16.36
C ASN L 80 -16.91 -53.48 17.71
N ASP L 81 -17.39 -52.25 17.73
CA ASP L 81 -17.53 -51.51 18.98
C ASP L 81 -16.27 -51.53 19.85
N LYS L 82 -15.11 -51.78 19.23
CA LYS L 82 -13.85 -51.78 19.95
C LYS L 82 -13.57 -50.41 20.53
N LYS L 83 -13.09 -50.38 21.77
CA LYS L 83 -12.79 -49.13 22.44
C LYS L 83 -11.64 -48.38 21.75
N LEU L 84 -11.83 -47.08 21.54
CA LEU L 84 -10.79 -46.27 20.92
C LEU L 84 -9.84 -45.82 22.01
N SER L 85 -8.58 -46.24 21.90
CA SER L 85 -7.61 -45.86 22.91
C SER L 85 -7.25 -44.39 22.79
N ILE L 86 -6.99 -43.76 23.93
CA ILE L 86 -6.66 -42.36 23.96
C ILE L 86 -5.55 -42.01 22.97
N ASN L 87 -4.51 -42.84 22.93
CA ASN L 87 -3.40 -42.61 22.03
C ASN L 87 -3.86 -42.65 20.58
N SER L 88 -4.75 -43.58 20.27
CA SER L 88 -5.26 -43.69 18.91
C SER L 88 -6.10 -42.47 18.56
N ALA L 89 -6.94 -42.05 19.50
CA ALA L 89 -7.78 -40.87 19.30
C ALA L 89 -6.86 -39.69 18.97
N ALA L 90 -5.79 -39.55 19.74
CA ALA L 90 -4.84 -38.48 19.53
C ALA L 90 -4.27 -38.48 18.13
N ARG L 91 -3.88 -39.65 17.63
CA ARG L 91 -3.31 -39.71 16.30
C ARG L 91 -4.38 -39.39 15.26
N ASN L 92 -5.60 -39.84 15.53
CA ASN L 92 -6.68 -39.58 14.61
C ASN L 92 -6.94 -38.08 14.54
N ILE L 93 -6.98 -37.44 15.70
CA ILE L 93 -7.22 -36.01 15.76
C ILE L 93 -6.13 -35.26 15.01
N GLN L 94 -4.91 -35.77 15.04
CA GLN L 94 -3.83 -35.12 14.32
C GLN L 94 -4.15 -35.07 12.83
N HIS L 95 -4.70 -36.17 12.30
CA HIS L 95 -5.02 -36.18 10.89
C HIS L 95 -6.19 -35.27 10.56
N LEU L 96 -7.15 -35.22 11.46
CA LEU L 96 -8.30 -34.36 11.27
C LEU L 96 -7.79 -32.94 11.12
N LEU L 97 -6.92 -32.53 12.03
CA LEU L 97 -6.38 -31.17 11.99
C LEU L 97 -5.48 -30.90 10.80
N TYR L 98 -4.47 -31.74 10.60
CA TYR L 98 -3.54 -31.51 9.51
C TYR L 98 -4.22 -31.60 8.15
N GLY L 99 -5.38 -32.24 8.13
CA GLY L 99 -6.13 -32.36 6.90
C GLY L 99 -6.55 -30.99 6.41
N LYS L 100 -6.57 -30.01 7.30
CA LYS L 100 -6.94 -28.65 6.94
C LYS L 100 -5.74 -27.73 7.19
N ARG L 101 -4.56 -28.28 6.96
CA ARG L 101 -3.29 -27.57 7.14
C ARG L 101 -3.21 -26.19 6.48
N PHE L 102 -3.92 -26.00 5.38
CA PHE L 102 -3.83 -24.73 4.72
C PHE L 102 -5.06 -23.84 4.81
N PHE L 103 -5.84 -24.09 5.86
CA PHE L 103 -7.06 -23.36 6.20
C PHE L 103 -7.52 -24.17 7.40
N PRO L 104 -6.76 -24.07 8.51
CA PRO L 104 -6.93 -24.74 9.80
C PRO L 104 -8.14 -24.45 10.64
N TYR L 105 -8.34 -25.31 11.62
CA TYR L 105 -9.40 -25.15 12.59
C TYR L 105 -8.68 -24.25 13.58
N TYR L 106 -9.07 -22.99 13.66
CA TYR L 106 -8.40 -22.07 14.56
C TYR L 106 -8.73 -22.36 16.02
N VAL L 107 -8.26 -23.51 16.51
CA VAL L 107 -8.48 -23.89 17.89
C VAL L 107 -7.28 -24.59 18.47
N HIS L 108 -7.21 -24.56 19.80
CA HIS L 108 -6.16 -25.25 20.55
C HIS L 108 -6.96 -26.34 21.21
N THR L 109 -6.82 -27.56 20.71
CA THR L 109 -7.58 -28.66 21.27
C THR L 109 -6.81 -29.55 22.27
N ILE L 110 -7.53 -29.99 23.30
CA ILE L 110 -6.99 -30.86 24.35
C ILE L 110 -8.00 -31.98 24.63
N ILE L 111 -7.49 -33.20 24.80
CA ILE L 111 -8.34 -34.34 25.13
C ILE L 111 -7.78 -35.01 26.37
N ALA L 112 -8.63 -35.71 27.09
CA ALA L 112 -8.19 -36.38 28.30
C ALA L 112 -8.84 -37.75 28.44
N GLY L 113 -8.10 -38.66 29.06
CA GLY L 113 -8.60 -40.01 29.26
C GLY L 113 -7.62 -40.86 30.04
N LEU L 114 -7.71 -42.17 29.86
CA LEU L 114 -6.81 -43.09 30.54
C LEU L 114 -6.10 -43.87 29.46
N ASP L 115 -4.80 -44.09 29.63
CA ASP L 115 -4.05 -44.86 28.65
C ASP L 115 -4.43 -46.34 28.78
N GLU L 116 -3.67 -47.22 28.15
CA GLU L 116 -3.98 -48.64 28.24
C GLU L 116 -3.56 -49.32 29.53
N ASP L 117 -2.88 -48.60 30.40
CA ASP L 117 -2.45 -49.17 31.68
C ASP L 117 -3.26 -48.56 32.81
N GLY L 118 -4.33 -47.85 32.44
CA GLY L 118 -5.20 -47.22 33.41
C GLY L 118 -4.68 -45.90 33.96
N LYS L 119 -3.53 -45.46 33.47
CA LYS L 119 -2.96 -44.20 33.94
C LYS L 119 -3.63 -42.99 33.29
N GLY L 120 -3.67 -41.89 34.03
CA GLY L 120 -4.28 -40.67 33.52
C GLY L 120 -3.47 -40.11 32.37
N ALA L 121 -4.15 -39.55 31.37
CA ALA L 121 -3.47 -38.99 30.22
C ALA L 121 -4.12 -37.72 29.69
N VAL L 122 -3.28 -36.83 29.17
CA VAL L 122 -3.72 -35.59 28.58
C VAL L 122 -2.89 -35.33 27.33
N TYR L 123 -3.58 -35.01 26.24
CA TYR L 123 -2.93 -34.73 24.97
C TYR L 123 -3.37 -33.33 24.54
N SER L 124 -2.42 -32.53 24.08
CA SER L 124 -2.76 -31.18 23.64
C SER L 124 -2.31 -31.06 22.19
N PHE L 125 -3.14 -30.42 21.38
CA PHE L 125 -2.83 -30.25 19.96
C PHE L 125 -2.62 -28.82 19.49
N ASP L 126 -2.10 -28.77 18.28
CA ASP L 126 -1.76 -27.55 17.55
C ASP L 126 -2.97 -27.20 16.70
N PRO L 127 -3.00 -25.98 16.14
CA PRO L 127 -4.16 -25.70 15.32
C PRO L 127 -3.97 -26.53 14.04
N VAL L 128 -2.71 -26.86 13.74
CA VAL L 128 -2.41 -27.66 12.55
C VAL L 128 -2.06 -29.12 12.81
N GLY L 129 -2.24 -29.60 14.04
CA GLY L 129 -1.98 -31.00 14.29
C GLY L 129 -0.85 -31.50 15.18
N SER L 130 0.15 -30.67 15.45
CA SER L 130 1.24 -31.11 16.30
C SER L 130 0.65 -31.50 17.65
N TYR L 131 1.04 -32.63 18.20
CA TYR L 131 0.51 -33.05 19.49
C TYR L 131 1.55 -33.71 20.40
N GLU L 132 1.33 -33.58 21.70
CA GLU L 132 2.25 -34.12 22.71
C GLU L 132 1.44 -34.63 23.90
N ARG L 133 1.95 -35.64 24.60
CA ARG L 133 1.21 -36.10 25.78
C ARG L 133 1.79 -35.29 26.91
N GLU L 134 0.96 -34.88 27.87
CA GLU L 134 1.45 -34.07 28.96
C GLU L 134 0.82 -34.34 30.33
N GLN L 135 1.51 -33.87 31.36
CA GLN L 135 1.06 -34.03 32.74
C GLN L 135 -0.16 -33.16 32.96
N CYS L 136 0.00 -31.88 32.68
CA CYS L 136 -1.07 -30.91 32.78
C CYS L 136 -0.79 -29.85 31.72
N ARG L 137 -1.86 -29.26 31.21
CA ARG L 137 -1.72 -28.25 30.17
C ARG L 137 -2.94 -27.36 30.06
N ALA L 138 -2.71 -26.05 30.02
CA ALA L 138 -3.78 -25.09 29.88
C ALA L 138 -3.78 -24.59 28.45
N GLY L 139 -4.96 -24.25 27.96
CA GLY L 139 -5.07 -23.76 26.61
C GLY L 139 -6.10 -22.65 26.57
N GLY L 140 -5.91 -21.70 25.66
CA GLY L 140 -6.85 -20.60 25.58
C GLY L 140 -6.31 -19.25 26.03
N ALA L 141 -7.24 -18.35 26.34
CA ALA L 141 -6.90 -17.00 26.75
C ALA L 141 -5.94 -16.88 27.94
N ALA L 142 -6.40 -17.30 29.11
CA ALA L 142 -5.60 -17.22 30.31
C ALA L 142 -4.53 -18.33 30.45
N ALA L 143 -4.12 -18.92 29.32
CA ALA L 143 -3.12 -19.98 29.37
C ALA L 143 -1.85 -19.46 30.03
N SER L 144 -1.39 -18.29 29.59
CA SER L 144 -0.18 -17.70 30.15
C SER L 144 -0.30 -17.36 31.64
N LEU L 145 -1.53 -17.31 32.15
CA LEU L 145 -1.73 -17.02 33.56
C LEU L 145 -1.77 -18.31 34.37
N ILE L 146 -2.34 -19.36 33.81
CA ILE L 146 -2.43 -20.63 34.51
C ILE L 146 -1.14 -21.47 34.52
N MET L 147 -0.56 -21.70 33.34
CA MET L 147 0.63 -22.53 33.26
C MET L 147 1.73 -22.31 34.29
N PRO L 148 2.25 -21.09 34.41
CA PRO L 148 3.31 -20.87 35.40
C PRO L 148 2.90 -21.44 36.76
N PHE L 149 1.65 -21.20 37.13
CA PHE L 149 1.09 -21.70 38.38
C PHE L 149 1.19 -23.22 38.45
N LEU L 150 0.76 -23.89 37.39
CA LEU L 150 0.79 -25.35 37.32
C LEU L 150 2.20 -25.93 37.32
N ASP L 151 3.15 -25.25 36.69
CA ASP L 151 4.53 -25.75 36.69
C ASP L 151 5.01 -25.80 38.13
N ASN L 152 4.57 -24.82 38.92
CA ASN L 152 4.96 -24.68 40.32
C ASN L 152 4.23 -25.61 41.30
N GLN L 153 2.92 -25.69 41.18
CA GLN L 153 2.13 -26.50 42.11
C GLN L 153 1.80 -27.93 41.70
N VAL L 154 2.08 -28.30 40.46
CA VAL L 154 1.79 -29.66 40.02
C VAL L 154 3.06 -30.44 39.74
N ASN L 155 4.09 -29.75 39.28
CA ASN L 155 5.37 -30.41 38.98
C ASN L 155 6.47 -29.90 39.89
N PHE L 156 6.07 -29.12 40.91
CA PHE L 156 6.98 -28.55 41.90
C PHE L 156 8.23 -27.88 41.36
N LYS L 157 8.11 -27.18 40.24
CA LYS L 157 9.26 -26.50 39.65
C LYS L 157 9.77 -25.39 40.58
N ASN L 158 11.08 -25.18 40.57
CA ASN L 158 11.72 -24.16 41.38
C ASN L 158 11.50 -24.31 42.87
N GLN L 159 11.00 -25.47 43.29
CA GLN L 159 10.79 -25.74 44.70
C GLN L 159 11.87 -26.73 45.18
N TYR L 160 12.46 -26.45 46.33
CA TYR L 160 13.50 -27.31 46.90
C TYR L 160 13.19 -27.69 48.33
N GLU L 161 14.00 -28.62 48.85
CA GLU L 161 13.85 -29.08 50.22
C GLU L 161 14.47 -28.08 51.16
N PRO L 162 13.71 -27.62 52.16
CA PRO L 162 14.26 -26.65 53.11
C PRO L 162 15.55 -27.21 53.71
N GLY L 163 16.47 -26.31 54.08
CA GLY L 163 17.70 -26.76 54.68
C GLY L 163 18.64 -27.63 53.86
N THR L 164 18.24 -28.05 52.66
CA THR L 164 19.13 -28.88 51.86
C THR L 164 20.04 -28.04 50.99
N ASN L 165 20.08 -26.74 51.27
CA ASN L 165 20.92 -25.83 50.52
C ASN L 165 20.53 -25.84 49.04
N GLY L 166 19.22 -25.87 48.78
CA GLY L 166 18.74 -25.89 47.42
C GLY L 166 19.48 -26.90 46.55
N LYS L 167 19.74 -28.08 47.11
CA LYS L 167 20.44 -29.14 46.40
C LYS L 167 19.51 -30.31 46.17
N VAL L 168 18.43 -30.36 46.95
CA VAL L 168 17.46 -31.44 46.85
C VAL L 168 16.11 -30.92 46.38
N LYS L 169 15.75 -31.21 45.13
CA LYS L 169 14.46 -30.76 44.59
C LYS L 169 13.35 -31.42 45.37
N LYS L 170 12.25 -30.72 45.55
CA LYS L 170 11.12 -31.28 46.27
C LYS L 170 10.63 -32.48 45.45
N PRO L 171 10.45 -33.64 46.11
CA PRO L 171 9.99 -34.87 45.46
C PRO L 171 8.66 -34.71 44.72
N LEU L 172 8.53 -35.43 43.60
CA LEU L 172 7.34 -35.38 42.76
C LEU L 172 6.13 -36.17 43.23
N LYS L 173 5.88 -36.23 44.53
CA LYS L 173 4.72 -36.96 45.05
C LYS L 173 3.53 -36.61 44.17
N TYR L 174 2.58 -37.53 43.96
CA TYR L 174 1.45 -37.18 43.11
C TYR L 174 0.11 -36.88 43.76
N LEU L 175 -0.62 -35.99 43.11
CA LEU L 175 -1.91 -35.49 43.55
C LEU L 175 -3.09 -36.41 43.38
N SER L 176 -4.07 -36.21 44.26
CA SER L 176 -5.31 -36.97 44.25
C SER L 176 -6.32 -36.11 43.50
N VAL L 177 -7.37 -36.74 42.98
CA VAL L 177 -8.38 -35.98 42.26
C VAL L 177 -8.84 -34.77 43.08
N GLU L 178 -8.98 -34.94 44.39
CA GLU L 178 -9.42 -33.84 45.25
C GLU L 178 -8.44 -32.67 45.25
N GLU L 179 -7.15 -32.98 45.37
CA GLU L 179 -6.12 -31.96 45.38
C GLU L 179 -6.06 -31.28 44.01
N VAL L 180 -6.20 -32.07 42.95
CA VAL L 180 -6.19 -31.56 41.58
C VAL L 180 -7.35 -30.61 41.37
N ILE L 181 -8.54 -31.01 41.77
CA ILE L 181 -9.72 -30.15 41.62
C ILE L 181 -9.53 -28.79 42.31
N LYS L 182 -8.73 -28.76 43.38
CA LYS L 182 -8.50 -27.49 44.07
C LYS L 182 -7.64 -26.60 43.20
N LEU L 183 -6.52 -27.15 42.73
CA LEU L 183 -5.62 -26.38 41.89
C LEU L 183 -6.37 -25.85 40.67
N VAL L 184 -7.30 -26.65 40.17
CA VAL L 184 -8.08 -26.24 39.01
C VAL L 184 -8.92 -25.01 39.36
N ARG L 185 -9.69 -25.11 40.43
CA ARG L 185 -10.54 -23.99 40.84
C ARG L 185 -9.74 -22.72 41.13
N ASP L 186 -8.65 -22.85 41.86
CA ASP L 186 -7.84 -21.68 42.17
C ASP L 186 -7.27 -21.12 40.89
N SER L 187 -6.91 -22.00 39.96
CA SER L 187 -6.37 -21.55 38.67
C SER L 187 -7.38 -20.65 37.96
N PHE L 188 -8.63 -21.07 37.94
CA PHE L 188 -9.66 -20.29 37.27
C PHE L 188 -10.12 -19.05 38.03
N THR L 189 -10.27 -19.15 39.34
CA THR L 189 -10.70 -17.97 40.07
C THR L 189 -9.60 -16.89 39.92
N SER L 190 -8.34 -17.31 39.87
CA SER L 190 -7.27 -16.37 39.69
C SER L 190 -7.36 -15.79 38.30
N ALA L 191 -7.47 -16.66 37.30
CA ALA L 191 -7.57 -16.19 35.91
C ALA L 191 -8.76 -15.24 35.77
N THR L 192 -9.87 -15.59 36.41
CA THR L 192 -11.08 -14.77 36.37
C THR L 192 -10.82 -13.34 36.87
N GLU L 193 -9.87 -13.21 37.80
CA GLU L 193 -9.51 -11.92 38.37
C GLU L 193 -8.77 -10.99 37.42
N ARG L 194 -7.86 -11.56 36.63
CA ARG L 194 -7.04 -10.74 35.74
C ARG L 194 -7.28 -10.81 34.25
N HIS L 195 -8.18 -11.71 33.82
CA HIS L 195 -8.49 -11.83 32.40
C HIS L 195 -9.98 -11.59 32.14
N ILE L 196 -10.27 -10.57 31.33
CA ILE L 196 -11.66 -10.18 31.04
C ILE L 196 -12.46 -11.19 30.25
N GLN L 197 -11.80 -12.17 29.66
CA GLN L 197 -12.53 -13.17 28.89
C GLN L 197 -12.82 -14.42 29.69
N VAL L 198 -12.39 -14.45 30.96
CA VAL L 198 -12.61 -15.61 31.81
C VAL L 198 -13.54 -15.29 32.98
N GLY L 199 -14.57 -16.12 33.14
CA GLY L 199 -15.54 -15.92 34.21
C GLY L 199 -16.82 -16.70 34.04
N ASP L 200 -17.88 -16.25 34.71
CA ASP L 200 -19.19 -16.87 34.64
C ASP L 200 -19.33 -18.26 35.27
N GLY L 201 -18.54 -19.22 34.78
CA GLY L 201 -18.63 -20.58 35.31
C GLY L 201 -17.49 -21.49 34.91
N LEU L 202 -17.27 -22.52 35.71
CA LEU L 202 -16.21 -23.51 35.50
C LEU L 202 -16.81 -24.90 35.49
N GLU L 203 -16.66 -25.59 34.37
CA GLU L 203 -17.19 -26.95 34.22
C GLU L 203 -16.02 -27.90 34.07
N ILE L 204 -15.96 -28.89 34.96
CA ILE L 204 -14.88 -29.87 34.94
C ILE L 204 -15.43 -31.26 34.68
N LEU L 205 -14.71 -32.03 33.88
CA LEU L 205 -15.09 -33.41 33.58
C LEU L 205 -13.96 -34.28 34.15
N ILE L 206 -14.32 -35.32 34.91
CA ILE L 206 -13.34 -36.21 35.49
C ILE L 206 -13.47 -37.60 34.89
N VAL L 207 -12.35 -38.13 34.41
CA VAL L 207 -12.32 -39.45 33.78
C VAL L 207 -11.59 -40.47 34.65
N THR L 208 -12.31 -41.52 35.04
CA THR L 208 -11.75 -42.59 35.86
C THR L 208 -12.13 -43.88 35.14
N LYS L 209 -11.82 -45.03 35.73
CA LYS L 209 -12.18 -46.28 35.10
C LYS L 209 -13.69 -46.50 35.17
N ASP L 210 -14.36 -45.73 36.04
CA ASP L 210 -15.81 -45.85 36.19
C ASP L 210 -16.59 -44.93 35.25
N GLY L 211 -15.90 -44.26 34.35
CA GLY L 211 -16.58 -43.38 33.41
C GLY L 211 -16.27 -41.91 33.58
N VAL L 212 -17.13 -41.07 33.02
CA VAL L 212 -16.96 -39.62 33.08
C VAL L 212 -17.94 -38.97 34.04
N ARG L 213 -17.45 -38.08 34.88
CA ARG L 213 -18.29 -37.38 35.84
C ARG L 213 -18.10 -35.87 35.68
N LYS L 214 -19.15 -35.10 35.97
CA LYS L 214 -19.11 -33.64 35.86
C LYS L 214 -19.20 -32.91 37.18
N GLU L 215 -18.61 -31.71 37.21
CA GLU L 215 -18.65 -30.84 38.37
C GLU L 215 -18.74 -29.42 37.83
N PHE L 216 -19.49 -28.58 38.51
CA PHE L 216 -19.62 -27.21 38.06
C PHE L 216 -19.53 -26.18 39.18
N TYR L 217 -18.81 -25.11 38.91
CA TYR L 217 -18.64 -24.05 39.89
C TYR L 217 -18.81 -22.70 39.19
N GLU L 218 -19.45 -21.77 39.89
CA GLU L 218 -19.68 -20.44 39.35
C GLU L 218 -18.37 -19.65 39.38
N LEU L 219 -18.26 -18.67 38.50
CA LEU L 219 -17.10 -17.78 38.45
C LEU L 219 -17.65 -16.37 38.29
N LYS L 220 -16.99 -15.39 38.91
CA LYS L 220 -17.42 -14.00 38.85
C LYS L 220 -17.92 -13.60 37.46
N ARG L 221 -19.11 -12.98 37.42
CA ARG L 221 -19.73 -12.55 36.16
C ARG L 221 -19.40 -11.16 35.62
N ASP L 222 -18.41 -10.47 36.19
CA ASP L 222 -18.08 -9.14 35.71
C ASP L 222 -17.08 -9.14 34.55
N THR M 1 -16.51 -13.94 -0.86
CA THR M 1 -16.40 -12.73 -0.01
C THR M 1 -17.30 -11.70 -0.64
N GLN M 2 -18.03 -10.98 0.21
CA GLN M 2 -18.95 -9.99 -0.26
C GLN M 2 -19.04 -8.88 0.78
N GLN M 3 -20.06 -8.05 0.66
CA GLN M 3 -20.29 -6.97 1.59
C GLN M 3 -21.77 -6.70 1.52
N PRO M 4 -22.42 -6.58 2.70
CA PRO M 4 -23.85 -6.31 2.77
C PRO M 4 -24.24 -5.01 2.07
N ILE M 5 -25.46 -4.96 1.55
CA ILE M 5 -25.95 -3.76 0.85
C ILE M 5 -27.21 -3.27 1.58
N VAL M 6 -28.31 -3.96 1.39
CA VAL M 6 -29.56 -3.60 2.06
C VAL M 6 -29.55 -4.40 3.37
N THR M 7 -29.65 -3.70 4.50
CA THR M 7 -29.58 -4.41 5.77
C THR M 7 -30.65 -4.18 6.82
N GLY M 8 -30.83 -5.19 7.66
CA GLY M 8 -31.79 -5.12 8.74
C GLY M 8 -30.96 -5.06 10.02
N THR M 9 -31.40 -4.30 11.00
CA THR M 9 -30.65 -4.18 12.23
C THR M 9 -31.01 -5.28 13.24
N SER M 10 -30.88 -4.96 14.52
CA SER M 10 -31.13 -5.88 15.63
C SER M 10 -32.32 -6.83 15.57
N VAL M 11 -32.13 -7.97 16.24
CA VAL M 11 -33.14 -9.00 16.41
C VAL M 11 -32.95 -9.37 17.88
N ILE M 12 -33.93 -9.12 18.72
CA ILE M 12 -33.80 -9.46 20.14
C ILE M 12 -34.75 -10.55 20.57
N SER M 13 -34.38 -11.27 21.63
CA SER M 13 -35.21 -12.37 22.11
C SER M 13 -34.83 -12.85 23.50
N MET M 14 -35.75 -13.56 24.14
CA MET M 14 -35.53 -14.10 25.47
C MET M 14 -36.55 -15.22 25.68
N LYS M 15 -36.43 -15.94 26.78
CA LYS M 15 -37.37 -17.01 27.04
C LYS M 15 -38.01 -16.83 28.40
N TYR M 16 -39.31 -17.10 28.48
CA TYR M 16 -40.04 -17.01 29.74
C TYR M 16 -40.45 -18.42 30.16
N ASP M 17 -41.25 -18.53 31.21
CA ASP M 17 -41.68 -19.84 31.72
C ASP M 17 -42.32 -20.85 30.77
N ASN M 18 -43.14 -20.39 29.82
CA ASN M 18 -43.82 -21.31 28.92
C ASN M 18 -43.43 -21.21 27.45
N GLY M 19 -42.52 -20.31 27.14
CA GLY M 19 -42.11 -20.18 25.75
C GLY M 19 -40.98 -19.21 25.52
N VAL M 20 -40.97 -18.59 24.35
CA VAL M 20 -39.95 -17.63 23.97
C VAL M 20 -40.60 -16.50 23.20
N ILE M 21 -39.95 -15.34 23.18
CA ILE M 21 -40.45 -14.18 22.45
C ILE M 21 -39.29 -13.68 21.59
N ILE M 22 -39.61 -13.18 20.40
CA ILE M 22 -38.59 -12.66 19.51
C ILE M 22 -39.15 -11.46 18.75
N ALA M 23 -38.32 -10.44 18.54
CA ALA M 23 -38.77 -9.24 17.82
C ALA M 23 -37.68 -8.59 16.96
N ALA M 24 -38.12 -7.85 15.94
CA ALA M 24 -37.23 -7.15 15.01
C ALA M 24 -38.02 -6.09 14.28
N ASP M 25 -37.46 -4.90 14.14
CA ASP M 25 -38.18 -3.83 13.44
C ASP M 25 -38.33 -4.18 11.97
N ASN M 26 -39.11 -3.37 11.26
CA ASN M 26 -39.39 -3.63 9.83
C ASN M 26 -38.61 -2.76 8.88
N LEU M 27 -37.34 -2.50 9.18
CA LEU M 27 -36.54 -1.64 8.33
C LEU M 27 -35.51 -2.38 7.48
N GLY M 28 -35.34 -1.89 6.26
CA GLY M 28 -34.37 -2.44 5.34
C GLY M 28 -33.53 -1.25 4.91
N SER M 29 -32.45 -0.99 5.64
CA SER M 29 -31.56 0.14 5.36
C SER M 29 -30.63 -0.08 4.18
N TYR M 30 -30.15 1.03 3.64
CA TYR M 30 -29.24 1.03 2.50
C TYR M 30 -28.16 2.02 2.91
N GLY M 31 -27.33 1.61 3.87
CA GLY M 31 -26.31 2.49 4.36
C GLY M 31 -27.03 3.36 5.37
N SER M 32 -26.93 4.69 5.24
CA SER M 32 -27.61 5.57 6.18
C SER M 32 -29.01 5.94 5.67
N LEU M 33 -29.32 5.50 4.45
CA LEU M 33 -30.64 5.75 3.90
C LEU M 33 -31.62 4.70 4.44
N LEU M 34 -32.64 5.15 5.16
CA LEU M 34 -33.65 4.23 5.69
C LEU M 34 -34.60 3.92 4.53
N ARG M 35 -34.07 3.23 3.52
CA ARG M 35 -34.77 2.89 2.30
C ARG M 35 -36.10 2.12 2.29
N PHE M 36 -36.18 0.96 2.94
CA PHE M 36 -37.41 0.17 2.91
C PHE M 36 -38.06 -0.03 4.28
N ASN M 37 -39.37 0.19 4.36
CA ASN M 37 -40.08 0.08 5.62
C ASN M 37 -41.10 -1.03 5.82
N GLY M 38 -41.29 -1.90 4.85
CA GLY M 38 -42.26 -2.95 5.08
C GLY M 38 -41.55 -4.29 5.10
N VAL M 39 -40.37 -4.33 5.68
CA VAL M 39 -39.56 -5.56 5.72
C VAL M 39 -39.81 -6.44 6.96
N GLU M 40 -40.38 -7.61 6.75
CA GLU M 40 -40.62 -8.51 7.85
C GLU M 40 -39.38 -9.38 7.99
N ARG M 41 -38.71 -9.26 9.12
CA ARG M 41 -37.49 -10.00 9.38
C ARG M 41 -37.72 -11.16 10.33
N LEU M 42 -38.98 -11.50 10.57
CA LEU M 42 -39.33 -12.62 11.43
C LEU M 42 -39.98 -13.69 10.54
N ILE M 43 -39.29 -14.82 10.37
CA ILE M 43 -39.77 -15.90 9.51
C ILE M 43 -40.29 -17.07 10.32
N PRO M 44 -41.61 -17.29 10.30
CA PRO M 44 -42.23 -18.39 11.04
C PRO M 44 -42.08 -19.65 10.20
N VAL M 45 -41.58 -20.72 10.83
CA VAL M 45 -41.43 -21.99 10.16
C VAL M 45 -42.35 -22.94 10.92
N GLY M 46 -43.47 -23.28 10.30
CA GLY M 46 -44.42 -24.12 10.97
C GLY M 46 -45.14 -23.20 11.93
N ASP M 47 -45.29 -23.63 13.17
CA ASP M 47 -45.96 -22.81 14.18
C ASP M 47 -45.44 -23.22 15.55
N ASN M 48 -44.14 -23.44 15.61
CA ASN M 48 -43.45 -23.82 16.82
C ASN M 48 -42.05 -23.27 16.68
N THR M 49 -41.81 -22.57 15.57
CA THR M 49 -40.51 -21.99 15.27
C THR M 49 -40.63 -20.66 14.53
N VAL M 50 -39.84 -19.69 14.95
CA VAL M 50 -39.79 -18.38 14.30
C VAL M 50 -38.32 -18.01 14.16
N VAL M 51 -37.89 -17.76 12.93
CA VAL M 51 -36.49 -17.43 12.67
C VAL M 51 -36.36 -15.94 12.41
N GLY M 52 -35.60 -15.25 13.26
CA GLY M 52 -35.39 -13.82 13.11
C GLY M 52 -34.04 -13.55 12.50
N ILE M 53 -34.03 -12.84 11.37
CA ILE M 53 -32.79 -12.57 10.66
C ILE M 53 -32.38 -11.10 10.57
N SER M 54 -31.08 -10.85 10.76
CA SER M 54 -30.54 -9.51 10.65
C SER M 54 -29.36 -9.63 9.68
N GLY M 55 -28.95 -8.51 9.09
CA GLY M 55 -27.86 -8.56 8.16
C GLY M 55 -28.32 -8.27 6.75
N ASP M 56 -27.57 -8.77 5.76
CA ASP M 56 -27.91 -8.52 4.37
C ASP M 56 -29.29 -9.05 4.05
N ILE M 57 -30.16 -8.18 3.53
CA ILE M 57 -31.52 -8.56 3.18
C ILE M 57 -31.65 -9.52 2.00
N SER M 58 -30.87 -9.33 0.95
CA SER M 58 -30.94 -10.22 -0.20
C SER M 58 -30.62 -11.63 0.25
N ASP M 59 -29.64 -11.75 1.14
CA ASP M 59 -29.26 -13.06 1.69
C ASP M 59 -30.40 -13.55 2.57
N MET M 60 -31.01 -12.64 3.31
CA MET M 60 -32.13 -13.02 4.16
C MET M 60 -33.25 -13.63 3.30
N GLN M 61 -33.62 -12.92 2.23
CA GLN M 61 -34.67 -13.40 1.34
C GLN M 61 -34.32 -14.81 0.85
N HIS M 62 -33.04 -15.05 0.62
CA HIS M 62 -32.56 -16.35 0.17
C HIS M 62 -32.78 -17.43 1.22
N ILE M 63 -32.48 -17.10 2.48
CA ILE M 63 -32.64 -18.03 3.59
C ILE M 63 -34.12 -18.31 3.84
N GLU M 64 -34.96 -17.34 3.50
CA GLU M 64 -36.38 -17.49 3.66
C GLU M 64 -36.89 -18.55 2.68
N ARG M 65 -36.45 -18.46 1.44
CA ARG M 65 -36.83 -19.43 0.41
C ARG M 65 -36.31 -20.80 0.81
N LEU M 66 -35.15 -20.83 1.43
CA LEU M 66 -34.57 -22.08 1.89
C LEU M 66 -35.46 -22.72 2.94
N LEU M 67 -35.98 -21.89 3.85
CA LEU M 67 -36.84 -22.39 4.90
C LEU M 67 -38.14 -22.92 4.34
N LYS M 68 -38.75 -22.20 3.40
CA LYS M 68 -40.00 -22.66 2.83
C LYS M 68 -39.79 -23.99 2.10
N ASP M 69 -38.65 -24.13 1.44
CA ASP M 69 -38.35 -25.38 0.73
C ASP M 69 -38.22 -26.49 1.74
N LEU M 70 -37.62 -26.20 2.89
CA LEU M 70 -37.44 -27.20 3.93
C LEU M 70 -38.80 -27.76 4.33
N VAL M 71 -39.77 -26.89 4.50
CA VAL M 71 -41.12 -27.31 4.88
C VAL M 71 -41.75 -28.20 3.82
N THR M 72 -41.67 -27.76 2.56
CA THR M 72 -42.22 -28.52 1.44
C THR M 72 -41.62 -29.93 1.44
N GLU M 73 -40.29 -29.98 1.60
CA GLU M 73 -39.53 -31.23 1.61
C GLU M 73 -40.00 -32.20 2.69
N ASN M 74 -39.99 -31.74 3.94
CA ASN M 74 -40.39 -32.55 5.06
C ASN M 74 -41.75 -33.18 4.84
N ALA M 75 -42.54 -32.57 3.96
CA ALA M 75 -43.87 -33.06 3.67
C ALA M 75 -43.86 -34.27 2.74
N TYR M 76 -42.93 -34.31 1.80
CA TYR M 76 -42.86 -35.42 0.87
C TYR M 76 -42.82 -36.79 1.56
N ASP M 77 -43.67 -37.71 1.12
CA ASP M 77 -43.72 -39.06 1.66
C ASP M 77 -43.73 -39.08 3.20
N ASN M 78 -44.31 -38.05 3.80
CA ASN M 78 -44.35 -37.95 5.26
C ASN M 78 -45.78 -37.90 5.78
N PRO M 79 -46.37 -39.06 6.09
CA PRO M 79 -47.75 -39.11 6.59
C PRO M 79 -47.94 -38.45 7.95
N LEU M 80 -46.84 -38.15 8.63
CA LEU M 80 -46.89 -37.50 9.94
C LEU M 80 -46.24 -36.12 9.89
N ALA M 81 -46.34 -35.46 8.73
CA ALA M 81 -45.74 -34.15 8.51
C ALA M 81 -46.22 -33.10 9.50
N ASP M 82 -47.45 -33.24 9.98
CA ASP M 82 -48.01 -32.30 10.93
C ASP M 82 -48.27 -33.01 12.25
N ALA M 83 -47.39 -33.93 12.60
CA ALA M 83 -47.52 -34.66 13.85
C ALA M 83 -46.13 -35.02 14.34
N GLU M 84 -45.88 -36.30 14.58
CA GLU M 84 -44.59 -36.75 15.08
C GLU M 84 -43.40 -36.38 14.20
N GLU M 85 -43.61 -36.24 12.89
CA GLU M 85 -42.49 -35.92 12.01
C GLU M 85 -42.57 -34.53 11.38
N ALA M 86 -42.97 -33.55 12.19
CA ALA M 86 -43.05 -32.16 11.73
C ALA M 86 -41.74 -31.48 12.13
N LEU M 87 -41.35 -30.46 11.40
CA LEU M 87 -40.11 -29.75 11.70
C LEU M 87 -40.05 -29.23 13.14
N GLU M 88 -38.95 -29.57 13.82
CA GLU M 88 -38.71 -29.13 15.18
C GLU M 88 -37.81 -27.90 15.12
N PRO M 89 -37.91 -27.00 16.09
CA PRO M 89 -37.03 -25.85 15.99
C PRO M 89 -35.57 -26.31 15.87
N SER M 90 -35.18 -27.26 16.70
CA SER M 90 -33.81 -27.77 16.70
C SER M 90 -33.32 -28.22 15.33
N TYR M 91 -34.22 -28.80 14.51
CA TYR M 91 -33.80 -29.25 13.19
C TYR M 91 -33.51 -28.03 12.32
N ILE M 92 -34.47 -27.11 12.30
CA ILE M 92 -34.35 -25.90 11.50
C ILE M 92 -33.04 -25.18 11.81
N PHE M 93 -32.71 -25.08 13.09
CA PHE M 93 -31.48 -24.40 13.46
C PHE M 93 -30.27 -25.17 12.96
N GLU M 94 -30.22 -26.46 13.31
CA GLU M 94 -29.10 -27.28 12.90
C GLU M 94 -28.85 -27.18 11.40
N TYR M 95 -29.93 -27.10 10.63
CA TYR M 95 -29.82 -26.99 9.17
C TYR M 95 -29.16 -25.66 8.81
N LEU M 96 -29.75 -24.57 9.31
CA LEU M 96 -29.22 -23.24 9.06
C LEU M 96 -27.76 -23.13 9.49
N ALA M 97 -27.48 -23.65 10.69
CA ALA M 97 -26.14 -23.62 11.23
C ALA M 97 -25.20 -24.29 10.24
N THR M 98 -25.61 -25.47 9.77
CA THR M 98 -24.82 -26.21 8.81
C THR M 98 -24.58 -25.35 7.58
N VAL M 99 -25.65 -24.83 7.01
CA VAL M 99 -25.50 -24.00 5.83
C VAL M 99 -24.59 -22.81 6.08
N MET M 100 -24.82 -22.11 7.18
CA MET M 100 -24.02 -20.93 7.47
C MET M 100 -22.52 -21.21 7.51
N TYR M 101 -22.12 -22.24 8.25
CA TYR M 101 -20.72 -22.58 8.38
C TYR M 101 -20.10 -23.03 7.05
N GLN M 102 -20.85 -23.80 6.26
CA GLN M 102 -20.34 -24.24 4.97
C GLN M 102 -20.04 -23.03 4.10
N ARG M 103 -20.98 -22.09 4.08
CA ARG M 103 -20.83 -20.89 3.29
C ARG M 103 -19.60 -20.06 3.70
N ARG M 104 -19.35 -19.91 5.00
CA ARG M 104 -18.17 -19.12 5.39
C ARG M 104 -16.93 -19.90 5.01
N SER M 105 -17.03 -21.22 5.07
CA SER M 105 -15.93 -22.10 4.75
C SER M 105 -15.59 -22.07 3.28
N LYS M 106 -16.55 -21.63 2.47
CA LYS M 106 -16.31 -21.54 1.04
C LYS M 106 -15.94 -20.11 0.70
N MET M 107 -15.77 -19.31 1.73
CA MET M 107 -15.39 -17.91 1.57
C MET M 107 -16.46 -17.14 0.82
N ASN M 108 -17.70 -17.50 1.06
CA ASN M 108 -18.86 -16.84 0.43
C ASN M 108 -19.97 -16.96 1.45
N PRO M 109 -19.92 -16.17 2.52
CA PRO M 109 -20.94 -16.23 3.56
C PRO M 109 -22.26 -15.58 3.24
N LEU M 110 -23.26 -15.97 4.02
CA LEU M 110 -24.59 -15.38 3.94
C LEU M 110 -24.41 -14.34 5.04
N TRP M 111 -24.27 -13.09 4.65
CA TRP M 111 -24.02 -12.01 5.60
C TRP M 111 -25.15 -11.72 6.59
N ASN M 112 -25.37 -12.65 7.51
CA ASN M 112 -26.41 -12.50 8.51
C ASN M 112 -26.10 -12.96 9.92
N ALA M 113 -26.96 -12.53 10.82
CA ALA M 113 -26.90 -12.94 12.22
C ALA M 113 -28.32 -13.50 12.34
N ILE M 114 -28.43 -14.73 12.79
CA ILE M 114 -29.73 -15.37 12.87
C ILE M 114 -30.07 -15.94 14.25
N ILE M 115 -31.31 -15.75 14.67
CA ILE M 115 -31.75 -16.31 15.94
C ILE M 115 -32.97 -17.19 15.68
N VAL M 116 -32.90 -18.44 16.15
CA VAL M 116 -34.00 -19.36 15.99
C VAL M 116 -34.69 -19.50 17.35
N ALA M 117 -35.98 -19.18 17.39
CA ALA M 117 -36.73 -19.25 18.63
C ALA M 117 -37.92 -20.17 18.45
N GLY M 118 -38.22 -20.96 19.47
CA GLY M 118 -39.36 -21.85 19.39
C GLY M 118 -39.56 -22.79 20.55
N VAL M 119 -40.48 -23.74 20.36
CA VAL M 119 -40.82 -24.73 21.37
C VAL M 119 -40.75 -26.15 20.82
N GLN M 120 -39.85 -26.93 21.40
CA GLN M 120 -39.68 -28.31 20.98
C GLN M 120 -40.96 -29.09 21.31
N SER M 121 -41.18 -30.18 20.60
CA SER M 121 -42.37 -30.99 20.83
C SER M 121 -42.57 -31.39 22.29
N ASN M 122 -41.47 -31.61 23.01
CA ASN M 122 -41.57 -32.00 24.40
C ASN M 122 -41.82 -30.81 25.32
N GLY M 123 -42.17 -29.66 24.74
CA GLY M 123 -42.44 -28.49 25.56
C GLY M 123 -41.27 -27.56 25.82
N ASP M 124 -40.05 -28.12 25.77
CA ASP M 124 -38.83 -27.34 26.00
C ASP M 124 -38.76 -26.08 25.13
N GLN M 125 -38.12 -25.04 25.65
CA GLN M 125 -37.96 -23.81 24.89
C GLN M 125 -36.66 -23.90 24.10
N PHE M 126 -36.70 -23.46 22.86
CA PHE M 126 -35.49 -23.48 22.04
C PHE M 126 -35.09 -22.07 21.68
N LEU M 127 -33.80 -21.78 21.82
CA LEU M 127 -33.28 -20.46 21.50
C LEU M 127 -31.80 -20.56 21.27
N ARG M 128 -31.39 -20.42 20.01
CA ARG M 128 -29.99 -20.48 19.69
C ARG M 128 -29.67 -19.49 18.55
N TYR M 129 -28.43 -19.04 18.51
CA TYR M 129 -27.97 -18.06 17.53
C TYR M 129 -26.88 -18.59 16.60
N VAL M 130 -26.81 -18.04 15.39
CA VAL M 130 -25.79 -18.45 14.44
C VAL M 130 -25.55 -17.26 13.53
N ASN M 131 -24.30 -17.04 13.12
CA ASN M 131 -23.99 -15.90 12.27
C ASN M 131 -23.17 -16.27 11.05
N LEU M 132 -22.89 -15.27 10.21
CA LEU M 132 -22.16 -15.47 8.98
C LEU M 132 -20.87 -16.27 9.07
N LEU M 133 -20.32 -16.39 10.28
CA LEU M 133 -19.08 -17.14 10.47
C LEU M 133 -19.37 -18.58 10.85
N GLY M 134 -20.62 -18.85 11.20
CA GLY M 134 -21.01 -20.20 11.59
C GLY M 134 -20.98 -20.36 13.10
N VAL M 135 -20.72 -19.29 13.82
CA VAL M 135 -20.65 -19.35 15.26
C VAL M 135 -22.03 -19.54 15.88
N THR M 136 -22.10 -20.34 16.95
CA THR M 136 -23.37 -20.58 17.62
C THR M 136 -23.25 -20.60 19.14
N TYR M 137 -24.36 -20.27 19.80
CA TYR M 137 -24.43 -20.25 21.25
C TYR M 137 -25.85 -20.03 21.73
N SER M 138 -26.11 -20.37 22.99
CA SER M 138 -27.42 -20.20 23.59
C SER M 138 -27.30 -19.47 24.92
N SER M 139 -28.38 -18.81 25.31
CA SER M 139 -28.44 -18.07 26.56
C SER M 139 -29.90 -17.72 26.77
N PRO M 140 -30.31 -17.42 28.03
CA PRO M 140 -31.71 -17.07 28.33
C PRO M 140 -32.20 -15.93 27.45
N THR M 141 -31.26 -15.10 27.01
CA THR M 141 -31.56 -13.98 26.13
C THR M 141 -30.54 -13.96 24.99
N LEU M 142 -30.99 -13.55 23.81
CA LEU M 142 -30.12 -13.48 22.64
C LEU M 142 -30.50 -12.29 21.77
N ALA M 143 -29.49 -11.56 21.31
CA ALA M 143 -29.72 -10.41 20.45
C ALA M 143 -28.58 -10.28 19.46
N THR M 144 -28.89 -9.74 18.28
CA THR M 144 -27.88 -9.54 17.24
C THR M 144 -27.53 -8.07 17.11
N GLY M 145 -26.30 -7.78 16.69
CA GLY M 145 -25.86 -6.43 16.52
C GLY M 145 -26.11 -5.53 17.71
N PHE M 146 -26.70 -4.36 17.46
CA PHE M 146 -26.99 -3.39 18.50
C PHE M 146 -27.74 -3.97 19.67
N GLY M 147 -28.59 -4.95 19.38
CA GLY M 147 -29.36 -5.58 20.44
C GLY M 147 -28.48 -6.22 21.48
N ALA M 148 -27.40 -6.83 21.02
CA ALA M 148 -26.46 -7.49 21.91
C ALA M 148 -25.90 -6.52 22.94
N HIS M 149 -25.66 -5.28 22.52
CA HIS M 149 -25.10 -4.27 23.43
C HIS M 149 -26.09 -3.58 24.35
N MET M 150 -27.26 -3.22 23.84
CA MET M 150 -28.25 -2.53 24.67
C MET M 150 -29.42 -3.38 25.13
N ALA M 151 -29.92 -4.24 24.26
CA ALA M 151 -31.05 -5.07 24.62
C ALA M 151 -30.72 -6.10 25.70
N ASN M 152 -29.61 -6.82 25.51
CA ASN M 152 -29.21 -7.86 26.48
C ASN M 152 -29.12 -7.40 27.91
N PRO M 153 -28.41 -6.28 28.19
CA PRO M 153 -28.26 -5.77 29.55
C PRO M 153 -29.60 -5.61 30.27
N LEU M 154 -30.62 -5.21 29.51
CA LEU M 154 -31.95 -5.04 30.06
C LEU M 154 -32.60 -6.39 30.27
N LEU M 155 -32.71 -7.15 29.19
CA LEU M 155 -33.35 -8.47 29.23
C LEU M 155 -32.75 -9.39 30.29
N ARG M 156 -31.44 -9.30 30.49
CA ARG M 156 -30.78 -10.14 31.47
C ARG M 156 -31.15 -9.79 32.90
N LYS M 157 -31.70 -8.60 33.12
CA LYS M 157 -32.11 -8.22 34.47
C LYS M 157 -33.39 -8.95 34.82
N VAL M 158 -34.08 -9.45 33.80
CA VAL M 158 -35.33 -10.19 34.00
C VAL M 158 -35.04 -11.66 34.15
N VAL M 159 -34.18 -12.18 33.29
CA VAL M 159 -33.77 -13.59 33.35
C VAL M 159 -32.24 -13.65 33.37
N ASP M 160 -31.68 -13.37 34.55
CA ASP M 160 -30.24 -13.33 34.73
C ASP M 160 -29.65 -14.73 34.60
N ARG M 161 -30.23 -15.68 35.32
CA ARG M 161 -29.74 -17.05 35.24
C ARG M 161 -30.90 -18.00 34.91
N GLU M 162 -30.56 -19.26 34.67
CA GLU M 162 -31.54 -20.27 34.31
C GLU M 162 -32.75 -20.35 35.22
N SER M 163 -32.52 -20.32 36.53
CA SER M 163 -33.60 -20.41 37.51
C SER M 163 -34.65 -19.30 37.44
N ASP M 164 -34.41 -18.30 36.59
CA ASP M 164 -35.34 -17.18 36.45
C ASP M 164 -36.43 -17.41 35.42
N ILE M 165 -36.19 -18.32 34.49
CA ILE M 165 -37.16 -18.59 33.43
C ILE M 165 -38.54 -18.94 33.96
N PRO M 166 -38.63 -19.95 34.84
CA PRO M 166 -39.93 -20.36 35.39
C PRO M 166 -40.65 -19.25 36.17
N LYS M 167 -39.89 -18.29 36.65
CA LYS M 167 -40.46 -17.17 37.40
C LYS M 167 -40.95 -16.04 36.50
N THR M 168 -40.49 -16.04 35.25
CA THR M 168 -40.87 -14.99 34.31
C THR M 168 -42.14 -15.37 33.55
N THR M 169 -43.09 -14.45 33.46
CA THR M 169 -44.33 -14.71 32.74
C THR M 169 -44.29 -14.03 31.38
N VAL M 170 -45.20 -14.43 30.51
CA VAL M 170 -45.30 -13.87 29.16
C VAL M 170 -45.43 -12.34 29.22
N GLN M 171 -46.18 -11.86 30.21
CA GLN M 171 -46.39 -10.42 30.37
C GLN M 171 -45.09 -9.70 30.68
N VAL M 172 -44.40 -10.16 31.72
CA VAL M 172 -43.14 -9.56 32.12
C VAL M 172 -42.17 -9.59 30.93
N ALA M 173 -42.04 -10.78 30.33
CA ALA M 173 -41.16 -10.95 29.18
C ALA M 173 -41.54 -10.03 28.00
N GLU M 174 -42.78 -10.09 27.54
CA GLU M 174 -43.17 -9.25 26.41
C GLU M 174 -42.95 -7.78 26.70
N GLU M 175 -43.08 -7.42 27.97
CA GLU M 175 -42.90 -6.05 28.39
C GLU M 175 -41.42 -5.67 28.25
N ALA M 176 -40.55 -6.52 28.79
CA ALA M 176 -39.12 -6.30 28.73
C ALA M 176 -38.71 -6.08 27.29
N ILE M 177 -39.13 -6.99 26.43
CA ILE M 177 -38.79 -6.90 25.03
C ILE M 177 -39.33 -5.64 24.36
N VAL M 178 -40.56 -5.27 24.68
CA VAL M 178 -41.12 -4.09 24.07
C VAL M 178 -40.37 -2.83 24.52
N ASN M 179 -39.83 -2.86 25.73
CA ASN M 179 -39.10 -1.71 26.21
C ASN M 179 -37.73 -1.62 25.54
N ALA M 180 -37.14 -2.78 25.30
CA ALA M 180 -35.83 -2.84 24.66
C ALA M 180 -35.96 -2.25 23.27
N MET M 181 -37.02 -2.64 22.56
CA MET M 181 -37.24 -2.14 21.22
C MET M 181 -37.24 -0.62 21.23
N ARG M 182 -37.83 -0.04 22.27
CA ARG M 182 -37.87 1.41 22.40
C ARG M 182 -36.48 1.97 22.63
N VAL M 183 -35.74 1.42 23.58
CA VAL M 183 -34.38 1.88 23.86
C VAL M 183 -33.52 1.81 22.59
N LEU M 184 -33.71 0.77 21.80
CA LEU M 184 -32.95 0.62 20.58
C LEU M 184 -33.37 1.71 19.59
N TYR M 185 -34.64 2.11 19.63
CA TYR M 185 -35.12 3.14 18.74
C TYR M 185 -34.53 4.49 19.10
N TYR M 186 -34.14 4.64 20.37
CA TYR M 186 -33.56 5.89 20.85
C TYR M 186 -32.12 6.05 20.42
N ARG M 187 -31.31 4.98 20.49
CA ARG M 187 -29.90 5.12 20.17
C ARG M 187 -29.35 4.43 18.92
N ASP M 188 -30.13 3.58 18.26
CA ASP M 188 -29.65 2.92 17.02
C ASP M 188 -30.10 3.78 15.83
N ALA M 189 -29.14 4.37 15.14
CA ALA M 189 -29.42 5.23 14.01
C ALA M 189 -29.89 4.48 12.77
N ARG M 190 -30.06 3.17 12.89
CA ARG M 190 -30.50 2.34 11.78
C ARG M 190 -31.76 1.58 12.18
N SER M 191 -32.55 2.18 13.07
CA SER M 191 -33.78 1.55 13.54
C SER M 191 -35.04 2.26 13.08
N SER M 192 -36.13 1.50 13.11
CA SER M 192 -37.45 1.96 12.71
C SER M 192 -38.36 1.92 13.94
N ARG M 193 -39.42 2.72 13.92
CA ARG M 193 -40.36 2.77 15.03
C ARG M 193 -41.31 1.58 14.97
N ASN M 194 -41.47 1.02 13.78
CA ASN M 194 -42.34 -0.11 13.56
C ASN M 194 -41.59 -1.40 13.60
N PHE M 195 -42.17 -2.38 14.27
CA PHE M 195 -41.54 -3.68 14.38
C PHE M 195 -42.55 -4.80 14.48
N SER M 196 -42.03 -6.02 14.61
CA SER M 196 -42.85 -7.20 14.74
C SER M 196 -42.39 -7.96 15.98
N LEU M 197 -43.33 -8.58 16.66
CA LEU M 197 -43.02 -9.35 17.85
C LEU M 197 -43.79 -10.64 17.76
N ALA M 198 -43.14 -11.74 18.13
CA ALA M 198 -43.81 -13.04 18.08
C ALA M 198 -43.58 -13.84 19.35
N ILE M 199 -44.64 -14.49 19.85
CA ILE M 199 -44.52 -15.32 21.03
C ILE M 199 -44.78 -16.75 20.60
N ILE M 200 -44.01 -17.68 21.17
CA ILE M 200 -44.16 -19.09 20.89
C ILE M 200 -44.27 -19.75 22.25
N ASP M 201 -45.51 -19.99 22.65
CA ASP M 201 -45.85 -20.57 23.94
C ASP M 201 -46.20 -22.05 23.79
N LYS M 202 -45.80 -22.87 24.76
CA LYS M 202 -46.09 -24.29 24.69
C LYS M 202 -47.56 -24.59 24.91
N ASN M 203 -48.38 -23.58 25.17
CA ASN M 203 -49.81 -23.79 25.37
C ASN M 203 -50.60 -22.99 24.36
N THR M 204 -50.33 -21.70 24.28
CA THR M 204 -51.06 -20.82 23.36
C THR M 204 -50.59 -20.90 21.92
N GLY M 205 -49.45 -21.54 21.69
CA GLY M 205 -48.94 -21.66 20.33
C GLY M 205 -48.15 -20.47 19.86
N LEU M 206 -48.31 -20.12 18.60
CA LEU M 206 -47.58 -19.01 18.01
C LEU M 206 -48.46 -17.81 17.76
N THR M 207 -48.13 -16.72 18.43
CA THR M 207 -48.85 -15.47 18.28
C THR M 207 -47.90 -14.54 17.55
N PHE M 208 -48.27 -14.12 16.36
CA PHE M 208 -47.41 -13.24 15.57
C PHE M 208 -48.01 -11.84 15.46
N LYS M 209 -47.42 -10.88 16.18
CA LYS M 209 -47.88 -9.50 16.18
C LYS M 209 -47.12 -8.62 15.20
N LYS M 210 -47.82 -8.13 14.19
CA LYS M 210 -47.25 -7.26 13.18
C LYS M 210 -47.68 -5.81 13.40
N ASN M 211 -46.89 -4.90 12.86
CA ASN M 211 -47.17 -3.47 12.97
C ASN M 211 -47.17 -2.78 14.32
N LEU M 212 -46.47 -3.35 15.28
CA LEU M 212 -46.38 -2.71 16.58
C LEU M 212 -45.62 -1.41 16.36
N GLN M 213 -45.67 -0.52 17.34
CA GLN M 213 -44.99 0.76 17.23
C GLN M 213 -44.46 1.18 18.56
N VAL M 214 -43.31 1.82 18.55
CA VAL M 214 -42.72 2.28 19.80
C VAL M 214 -43.60 3.40 20.34
N GLU M 215 -44.11 3.21 21.56
CA GLU M 215 -44.97 4.20 22.20
C GLU M 215 -44.40 4.62 23.55
N ASN M 216 -44.99 5.66 24.13
CA ASN M 216 -44.59 6.17 25.43
C ASN M 216 -43.13 6.61 25.50
N MET M 217 -42.69 7.35 24.50
CA MET M 217 -41.32 7.84 24.47
C MET M 217 -41.22 9.12 25.28
N LYS M 218 -40.04 9.40 25.80
CA LYS M 218 -39.81 10.61 26.57
C LYS M 218 -38.97 11.59 25.73
N TRP M 219 -39.57 12.72 25.37
CA TRP M 219 -38.89 13.75 24.60
C TRP M 219 -39.02 15.14 25.19
N ASP M 220 -39.96 15.31 26.12
CA ASP M 220 -40.20 16.61 26.72
C ASP M 220 -38.97 17.34 27.25
N PHE M 221 -38.14 16.65 28.03
CA PHE M 221 -36.93 17.28 28.57
C PHE M 221 -36.06 17.97 27.51
N ALA M 222 -36.16 17.48 26.28
CA ALA M 222 -35.39 18.04 25.18
C ALA M 222 -35.55 19.56 25.04
N LYS M 223 -36.70 20.09 25.47
CA LYS M 223 -36.98 21.52 25.36
C LYS M 223 -36.13 22.37 26.32
N ASP M 224 -35.59 21.74 27.36
CA ASP M 224 -34.78 22.43 28.35
C ASP M 224 -33.30 22.37 28.01
N ILE M 225 -32.95 21.71 26.91
CA ILE M 225 -31.57 21.60 26.51
C ILE M 225 -31.21 22.68 25.48
N LYS M 226 -30.34 23.62 25.83
CA LYS M 226 -29.95 24.62 24.86
C LYS M 226 -28.44 24.76 24.85
N GLY M 227 -27.91 25.03 23.66
CA GLY M 227 -26.47 25.18 23.51
C GLY M 227 -25.74 23.90 23.83
N TYR M 228 -24.41 24.01 23.92
CA TYR M 228 -23.58 22.85 24.22
C TYR M 228 -22.63 23.15 25.35
N GLY M 229 -23.04 24.08 26.22
CA GLY M 229 -22.20 24.44 27.36
C GLY M 229 -22.53 25.76 28.02
N THR M 230 -22.15 26.86 27.39
CA THR M 230 -22.37 28.19 27.96
C THR M 230 -23.60 28.94 27.49
N GLN M 231 -24.13 28.59 26.33
CA GLN M 231 -25.32 29.26 25.80
C GLN M 231 -26.48 29.20 26.76
N LYS M 232 -27.19 30.31 26.92
CA LYS M 232 -28.32 30.35 27.82
C LYS M 232 -29.71 30.37 27.17
N ILE M 233 -29.81 30.80 25.92
CA ILE M 233 -31.11 30.84 25.29
C ILE M 233 -31.30 29.87 24.11
N THR N 1 -28.22 9.09 -13.43
CA THR N 1 -29.50 8.49 -13.91
C THR N 1 -30.65 8.65 -12.92
N SER N 2 -31.85 8.84 -13.46
CA SER N 2 -33.05 8.97 -12.66
C SER N 2 -34.15 8.19 -13.35
N ILE N 3 -34.57 7.09 -12.72
CA ILE N 3 -35.64 6.27 -13.23
C ILE N 3 -36.66 5.99 -12.13
N MET N 4 -37.91 5.78 -12.51
CA MET N 4 -38.95 5.48 -11.55
C MET N 4 -40.12 4.79 -12.20
N ALA N 5 -40.91 4.09 -11.40
CA ALA N 5 -42.08 3.40 -11.91
C ALA N 5 -43.21 3.64 -10.90
N VAL N 6 -44.39 4.03 -11.41
CA VAL N 6 -45.53 4.30 -10.54
C VAL N 6 -46.77 3.53 -10.98
N THR N 7 -47.40 2.86 -10.01
CA THR N 7 -48.61 2.11 -10.29
C THR N 7 -49.76 3.07 -10.06
N PHE N 8 -50.78 3.01 -10.89
CA PHE N 8 -51.93 3.88 -10.73
C PHE N 8 -53.20 3.12 -11.07
N LYS N 9 -54.34 3.79 -10.98
CA LYS N 9 -55.64 3.19 -11.26
C LYS N 9 -55.77 2.28 -12.49
N ASP N 10 -55.19 2.66 -13.62
CA ASP N 10 -55.32 1.88 -14.85
C ASP N 10 -54.17 0.95 -15.19
N GLY N 11 -53.10 1.01 -14.40
CA GLY N 11 -51.96 0.18 -14.67
C GLY N 11 -50.69 0.69 -14.02
N VAL N 12 -49.70 1.01 -14.83
CA VAL N 12 -48.41 1.51 -14.33
C VAL N 12 -47.67 2.32 -15.39
N ILE N 13 -46.82 3.25 -14.95
CA ILE N 13 -46.03 4.08 -15.85
C ILE N 13 -44.54 4.08 -15.46
N LEU N 14 -43.67 3.98 -16.45
CA LEU N 14 -42.23 4.00 -16.20
C LEU N 14 -41.66 5.29 -16.76
N GLY N 15 -40.74 5.91 -16.03
CA GLY N 15 -40.13 7.15 -16.49
C GLY N 15 -38.63 7.13 -16.26
N ALA N 16 -37.89 7.88 -17.07
CA ALA N 16 -36.44 7.94 -16.96
C ALA N 16 -35.85 9.14 -17.69
N ASP N 17 -34.67 9.59 -17.27
CA ASP N 17 -34.03 10.70 -17.94
C ASP N 17 -33.36 10.03 -19.15
N SER N 18 -32.55 10.74 -19.91
CA SER N 18 -31.91 10.11 -21.07
C SER N 18 -30.41 10.37 -21.15
N ARG N 19 -29.81 10.68 -20.02
CA ARG N 19 -28.39 10.95 -19.98
C ARG N 19 -27.53 9.80 -19.47
N THR N 20 -26.46 9.50 -20.20
CA THR N 20 -25.51 8.49 -19.78
C THR N 20 -24.16 9.15 -19.93
N THR N 21 -23.41 9.15 -18.83
CA THR N 21 -22.10 9.78 -18.80
C THR N 21 -20.95 8.85 -18.50
N THR N 22 -19.76 9.30 -18.88
CA THR N 22 -18.51 8.59 -18.59
C THR N 22 -17.77 9.75 -17.91
N GLY N 23 -17.89 9.81 -16.59
CA GLY N 23 -17.26 10.88 -15.86
C GLY N 23 -18.13 12.11 -16.01
N ALA N 24 -17.55 13.22 -16.46
CA ALA N 24 -18.32 14.44 -16.63
C ALA N 24 -18.77 14.62 -18.08
N TYR N 25 -18.37 13.70 -18.96
CA TYR N 25 -18.76 13.80 -20.36
C TYR N 25 -20.05 13.06 -20.58
N ILE N 26 -20.99 13.69 -21.28
CA ILE N 26 -22.27 13.07 -21.56
C ILE N 26 -22.07 12.29 -22.84
N ALA N 27 -21.87 10.99 -22.68
CA ALA N 27 -21.64 10.11 -23.82
C ALA N 27 -22.85 10.00 -24.74
N ASN N 28 -24.03 9.96 -24.14
CA ASN N 28 -25.27 9.85 -24.88
C ASN N 28 -26.28 10.73 -24.15
N ARG N 29 -26.95 11.62 -24.89
CA ARG N 29 -27.93 12.50 -24.26
C ARG N 29 -29.36 12.14 -24.60
N VAL N 30 -29.54 11.16 -25.47
CA VAL N 30 -30.88 10.74 -25.86
C VAL N 30 -31.05 9.23 -25.62
N THR N 31 -30.49 8.76 -24.50
CA THR N 31 -30.55 7.35 -24.14
C THR N 31 -31.97 6.90 -23.79
N ASP N 32 -32.26 5.64 -24.08
CA ASP N 32 -33.57 5.07 -23.75
C ASP N 32 -33.35 4.02 -22.67
N LYS N 33 -33.61 4.42 -21.42
CA LYS N 33 -33.42 3.55 -20.27
C LYS N 33 -34.67 2.72 -19.94
N LEU N 34 -35.70 2.85 -20.77
CA LEU N 34 -36.94 2.10 -20.58
C LEU N 34 -36.86 0.90 -21.52
N THR N 35 -36.56 -0.26 -20.94
CA THR N 35 -36.39 -1.48 -21.71
C THR N 35 -37.54 -2.49 -21.65
N ARG N 36 -37.84 -3.07 -22.80
CA ARG N 36 -38.91 -4.03 -22.93
C ARG N 36 -38.44 -5.46 -22.80
N VAL N 37 -38.99 -6.21 -21.84
CA VAL N 37 -38.61 -7.61 -21.69
C VAL N 37 -39.73 -8.52 -22.18
N HIS N 38 -40.92 -7.96 -22.29
CA HIS N 38 -42.11 -8.68 -22.76
C HIS N 38 -43.12 -7.63 -23.21
N ASP N 39 -44.21 -8.05 -23.81
CA ASP N 39 -45.22 -7.11 -24.28
C ASP N 39 -45.65 -6.09 -23.25
N LYS N 40 -46.02 -6.54 -22.06
CA LYS N 40 -46.41 -5.56 -21.05
C LYS N 40 -45.64 -5.65 -19.75
N ILE N 41 -44.35 -5.94 -19.89
CA ILE N 41 -43.44 -5.99 -18.77
C ILE N 41 -42.18 -5.28 -19.24
N TRP N 42 -41.91 -4.11 -18.65
CA TRP N 42 -40.73 -3.32 -19.00
C TRP N 42 -39.89 -3.10 -17.75
N CYS N 43 -38.71 -2.51 -17.92
CA CYS N 43 -37.83 -2.25 -16.78
C CYS N 43 -37.10 -0.93 -16.95
N CYS N 44 -36.65 -0.38 -15.84
CA CYS N 44 -35.89 0.86 -15.84
C CYS N 44 -34.51 0.41 -15.46
N ARG N 45 -33.52 0.82 -16.24
CA ARG N 45 -32.14 0.43 -16.01
C ARG N 45 -31.22 1.48 -15.37
N SER N 46 -30.58 1.09 -14.26
CA SER N 46 -29.62 1.96 -13.57
C SER N 46 -28.39 1.11 -13.22
N GLY N 47 -27.21 1.74 -13.17
CA GLY N 47 -25.98 1.03 -12.89
C GLY N 47 -25.17 0.91 -14.17
N SER N 48 -24.30 -0.10 -14.26
CA SER N 48 -23.51 -0.27 -15.47
C SER N 48 -24.41 -0.56 -16.66
N ALA N 49 -24.26 0.22 -17.73
CA ALA N 49 -25.06 0.04 -18.93
C ALA N 49 -24.76 -1.34 -19.49
N ALA N 50 -23.47 -1.67 -19.60
CA ALA N 50 -23.07 -2.97 -20.12
C ALA N 50 -23.77 -4.05 -19.31
N ASP N 51 -23.71 -3.93 -17.99
CA ASP N 51 -24.34 -4.91 -17.10
C ASP N 51 -25.84 -5.02 -17.27
N THR N 52 -26.55 -3.92 -17.04
CA THR N 52 -28.01 -3.94 -17.14
C THR N 52 -28.50 -4.39 -18.51
N GLN N 53 -27.84 -3.93 -19.57
CA GLN N 53 -28.21 -4.34 -20.92
C GLN N 53 -28.09 -5.86 -21.08
N ALA N 54 -26.95 -6.41 -20.69
CA ALA N 54 -26.74 -7.86 -20.80
C ALA N 54 -27.77 -8.60 -19.95
N ILE N 55 -28.11 -8.05 -18.80
CA ILE N 55 -29.11 -8.67 -17.93
C ILE N 55 -30.47 -8.65 -18.59
N ALA N 56 -30.89 -7.46 -19.02
CA ALA N 56 -32.18 -7.31 -19.68
C ALA N 56 -32.26 -8.25 -20.88
N ASP N 57 -31.20 -8.25 -21.70
CA ASP N 57 -31.17 -9.10 -22.88
C ASP N 57 -31.44 -10.56 -22.56
N ILE N 58 -30.92 -11.04 -21.42
CA ILE N 58 -31.13 -12.41 -21.04
C ILE N 58 -32.52 -12.64 -20.48
N VAL N 59 -33.02 -11.69 -19.69
CA VAL N 59 -34.36 -11.86 -19.15
C VAL N 59 -35.34 -11.99 -20.30
N GLN N 60 -35.22 -11.11 -21.29
CA GLN N 60 -36.08 -11.14 -22.45
C GLN N 60 -36.07 -12.52 -23.10
N TYR N 61 -34.88 -13.09 -23.23
CA TYR N 61 -34.72 -14.43 -23.80
C TYR N 61 -35.50 -15.42 -22.93
N HIS N 62 -35.24 -15.39 -21.63
CA HIS N 62 -35.90 -16.28 -20.69
C HIS N 62 -37.41 -16.19 -20.69
N LEU N 63 -37.95 -14.99 -20.81
CA LEU N 63 -39.39 -14.83 -20.83
C LEU N 63 -39.97 -15.27 -22.18
N GLU N 64 -39.24 -15.04 -23.27
CA GLU N 64 -39.72 -15.46 -24.58
C GLU N 64 -39.86 -16.97 -24.61
N LEU N 65 -38.88 -17.67 -24.03
CA LEU N 65 -38.90 -19.12 -24.00
C LEU N 65 -40.01 -19.58 -23.06
N TYR N 66 -40.15 -18.90 -21.94
CA TYR N 66 -41.18 -19.20 -20.95
C TYR N 66 -42.53 -19.15 -21.66
N THR N 67 -42.72 -18.14 -22.50
CA THR N 67 -43.98 -18.02 -23.23
C THR N 67 -44.19 -19.23 -24.15
N SER N 68 -43.20 -19.54 -24.98
CA SER N 68 -43.29 -20.68 -25.89
C SER N 68 -43.81 -21.92 -25.20
N GLN N 69 -43.41 -22.11 -23.94
CA GLN N 69 -43.82 -23.30 -23.19
C GLN N 69 -44.98 -23.19 -22.21
N TYR N 70 -45.08 -22.09 -21.47
CA TYR N 70 -46.15 -22.00 -20.48
C TYR N 70 -47.05 -20.81 -20.62
N GLY N 71 -46.95 -20.13 -21.75
CA GLY N 71 -47.79 -18.97 -21.99
C GLY N 71 -47.23 -17.68 -21.40
N THR N 72 -48.11 -16.71 -21.26
CA THR N 72 -47.73 -15.42 -20.74
C THR N 72 -47.25 -15.48 -19.30
N PRO N 73 -46.09 -14.88 -19.03
CA PRO N 73 -45.45 -14.81 -17.72
C PRO N 73 -46.02 -13.66 -16.88
N SER N 74 -46.06 -13.82 -15.57
CA SER N 74 -46.60 -12.75 -14.73
C SER N 74 -45.52 -11.70 -14.53
N THR N 75 -45.87 -10.58 -13.92
CA THR N 75 -44.89 -9.54 -13.69
C THR N 75 -43.96 -10.08 -12.60
N GLU N 76 -44.56 -10.75 -11.63
CA GLU N 76 -43.82 -11.35 -10.52
C GLU N 76 -42.72 -12.30 -11.02
N THR N 77 -43.03 -13.07 -12.06
CA THR N 77 -42.07 -14.01 -12.62
C THR N 77 -40.90 -13.27 -13.26
N ALA N 78 -41.19 -12.19 -13.98
CA ALA N 78 -40.13 -11.41 -14.63
C ALA N 78 -39.20 -10.82 -13.56
N ALA N 79 -39.77 -10.27 -12.50
CA ALA N 79 -38.94 -9.72 -11.45
C ALA N 79 -38.09 -10.84 -10.85
N SER N 80 -38.64 -12.04 -10.83
CA SER N 80 -37.94 -13.19 -10.28
C SER N 80 -36.71 -13.56 -11.12
N VAL N 81 -36.86 -13.54 -12.44
CA VAL N 81 -35.74 -13.87 -13.31
C VAL N 81 -34.66 -12.78 -13.20
N PHE N 82 -35.08 -11.52 -13.05
CA PHE N 82 -34.13 -10.43 -12.91
C PHE N 82 -33.38 -10.65 -11.61
N LYS N 83 -34.13 -10.86 -10.53
CA LYS N 83 -33.52 -11.07 -9.22
C LYS N 83 -32.55 -12.24 -9.21
N GLU N 84 -32.97 -13.35 -9.81
CA GLU N 84 -32.11 -14.50 -9.84
C GLU N 84 -30.75 -14.12 -10.42
N LEU N 85 -30.77 -13.43 -11.56
CA LEU N 85 -29.54 -12.99 -12.23
C LEU N 85 -28.74 -11.99 -11.40
N CYS N 86 -29.42 -10.98 -10.86
CA CYS N 86 -28.75 -9.95 -10.08
C CYS N 86 -28.17 -10.44 -8.77
N TYR N 87 -28.83 -11.40 -8.13
CA TYR N 87 -28.34 -11.93 -6.86
C TYR N 87 -27.20 -12.93 -7.03
N GLU N 88 -27.46 -13.93 -7.85
CA GLU N 88 -26.49 -14.97 -8.13
C GLU N 88 -25.18 -14.42 -8.68
N ASN N 89 -25.22 -13.23 -9.27
CA ASN N 89 -24.02 -12.62 -9.84
C ASN N 89 -23.70 -11.27 -9.21
N LYS N 90 -24.15 -11.07 -7.98
CA LYS N 90 -23.95 -9.82 -7.28
C LYS N 90 -22.51 -9.31 -7.25
N ASP N 91 -21.55 -10.23 -7.25
CA ASP N 91 -20.15 -9.83 -7.20
C ASP N 91 -19.57 -9.28 -8.51
N ASN N 92 -20.26 -9.49 -9.63
CA ASN N 92 -19.76 -9.01 -10.91
C ASN N 92 -20.75 -8.12 -11.63
N LEU N 93 -21.73 -7.60 -10.90
CA LEU N 93 -22.72 -6.75 -11.52
C LEU N 93 -22.93 -5.49 -10.73
N THR N 94 -23.30 -4.44 -11.44
CA THR N 94 -23.61 -3.15 -10.86
C THR N 94 -24.89 -2.76 -11.59
N ALA N 95 -25.98 -3.38 -11.16
CA ALA N 95 -27.27 -3.13 -11.78
C ALA N 95 -28.36 -2.89 -10.75
N GLY N 96 -29.07 -1.77 -10.91
CA GLY N 96 -30.19 -1.42 -10.05
C GLY N 96 -31.34 -1.35 -11.03
N ILE N 97 -32.21 -2.35 -10.99
CA ILE N 97 -33.31 -2.43 -11.93
C ILE N 97 -34.72 -2.29 -11.36
N ILE N 98 -35.58 -1.57 -12.07
CA ILE N 98 -36.97 -1.47 -11.64
C ILE N 98 -37.86 -2.21 -12.63
N VAL N 99 -38.64 -3.17 -12.13
CA VAL N 99 -39.51 -3.94 -13.01
C VAL N 99 -40.96 -3.50 -12.87
N ALA N 100 -41.55 -3.12 -14.00
CA ALA N 100 -42.95 -2.65 -14.02
C ALA N 100 -43.71 -3.41 -15.09
N GLY N 101 -44.90 -3.88 -14.74
CA GLY N 101 -45.70 -4.60 -15.71
C GLY N 101 -47.18 -4.46 -15.48
N TYR N 102 -47.96 -4.69 -16.53
CA TYR N 102 -49.41 -4.63 -16.44
C TYR N 102 -50.05 -5.99 -16.64
N ASP N 103 -50.85 -6.36 -15.67
CA ASP N 103 -51.56 -7.62 -15.68
C ASP N 103 -53.04 -7.28 -15.55
N ASP N 104 -53.88 -7.99 -16.29
CA ASP N 104 -55.31 -7.73 -16.26
C ASP N 104 -55.95 -8.02 -14.91
N LYS N 105 -55.37 -8.98 -14.19
CA LYS N 105 -55.89 -9.35 -12.88
C LYS N 105 -55.33 -8.45 -11.80
N ASN N 106 -54.03 -8.16 -11.88
CA ASN N 106 -53.35 -7.33 -10.88
C ASN N 106 -53.21 -5.85 -11.24
N LYS N 107 -53.66 -5.47 -12.44
CA LYS N 107 -53.55 -4.08 -12.85
C LYS N 107 -52.05 -3.79 -13.08
N GLY N 108 -51.47 -2.90 -12.29
CA GLY N 108 -50.07 -2.59 -12.45
C GLY N 108 -49.26 -3.03 -11.25
N GLU N 109 -48.06 -3.56 -11.48
CA GLU N 109 -47.20 -3.97 -10.39
C GLU N 109 -45.80 -3.40 -10.56
N VAL N 110 -45.12 -3.15 -9.45
CA VAL N 110 -43.77 -2.61 -9.50
C VAL N 110 -42.84 -3.33 -8.53
N TYR N 111 -41.75 -3.86 -9.06
CA TYR N 111 -40.74 -4.55 -8.27
C TYR N 111 -39.41 -3.86 -8.48
N THR N 112 -38.75 -3.55 -7.36
CA THR N 112 -37.45 -2.91 -7.44
C THR N 112 -36.35 -3.89 -7.00
N ILE N 113 -35.31 -4.02 -7.82
CA ILE N 113 -34.17 -4.89 -7.50
C ILE N 113 -32.94 -3.98 -7.31
N PRO N 114 -32.59 -3.68 -6.04
CA PRO N 114 -31.44 -2.82 -5.76
C PRO N 114 -30.13 -3.58 -5.89
N LEU N 115 -29.04 -2.89 -5.64
CA LEU N 115 -27.70 -3.47 -5.76
C LEU N 115 -27.47 -4.84 -5.12
N GLY N 116 -28.02 -5.10 -3.95
CA GLY N 116 -27.76 -6.41 -3.36
C GLY N 116 -28.29 -7.62 -4.14
N GLY N 117 -29.39 -7.43 -4.85
CA GLY N 117 -29.99 -8.54 -5.57
C GLY N 117 -31.26 -8.96 -4.86
N SER N 118 -31.74 -8.11 -3.97
CA SER N 118 -32.98 -8.39 -3.24
C SER N 118 -34.16 -7.85 -4.06
N VAL N 119 -35.38 -8.28 -3.72
CA VAL N 119 -36.56 -7.81 -4.45
C VAL N 119 -37.52 -7.14 -3.51
N HIS N 120 -38.14 -6.08 -3.99
CA HIS N 120 -39.08 -5.33 -3.18
C HIS N 120 -40.23 -4.89 -4.08
N LYS N 121 -41.43 -5.32 -3.72
CA LYS N 121 -42.63 -4.96 -4.48
C LYS N 121 -43.18 -3.71 -3.80
N LEU N 122 -43.44 -2.67 -4.58
CA LEU N 122 -43.93 -1.43 -4.01
C LEU N 122 -44.97 -0.76 -4.90
N PRO N 123 -45.67 0.26 -4.37
CA PRO N 123 -46.69 1.02 -5.10
C PRO N 123 -46.00 1.80 -6.20
N TYR N 124 -44.76 2.16 -5.93
CA TYR N 124 -43.93 2.89 -6.87
C TYR N 124 -42.51 2.83 -6.32
N ALA N 125 -41.53 3.05 -7.17
CA ALA N 125 -40.15 3.00 -6.74
C ALA N 125 -39.33 3.98 -7.55
N ILE N 126 -38.27 4.47 -6.94
CA ILE N 126 -37.36 5.38 -7.60
C ILE N 126 -35.92 4.86 -7.43
N ALA N 127 -35.06 5.18 -8.38
CA ALA N 127 -33.68 4.73 -8.26
C ALA N 127 -32.75 5.55 -9.15
N GLY N 128 -31.47 5.23 -9.14
CA GLY N 128 -30.52 5.98 -9.95
C GLY N 128 -29.93 7.11 -9.13
N SER N 129 -28.81 7.66 -9.57
CA SER N 129 -28.16 8.75 -8.86
C SER N 129 -29.10 9.89 -8.47
N GLY N 130 -29.94 10.34 -9.39
CA GLY N 130 -30.84 11.44 -9.11
C GLY N 130 -31.96 11.16 -8.11
N SER N 131 -32.27 9.89 -7.91
CA SER N 131 -33.34 9.54 -6.99
C SER N 131 -33.19 10.10 -5.57
N THR N 132 -31.96 10.20 -5.08
CA THR N 132 -31.75 10.69 -3.71
C THR N 132 -32.35 12.06 -3.47
N PHE N 133 -32.33 12.89 -4.49
CA PHE N 133 -32.84 14.24 -4.41
C PHE N 133 -34.34 14.33 -4.42
N ILE N 134 -35.02 13.25 -4.80
CA ILE N 134 -36.47 13.32 -4.85
C ILE N 134 -37.19 12.39 -3.90
N TYR N 135 -36.51 11.91 -2.87
CA TYR N 135 -37.17 11.04 -1.90
C TYR N 135 -38.28 11.83 -1.20
N GLY N 136 -37.90 12.94 -0.59
CA GLY N 136 -38.89 13.76 0.11
C GLY N 136 -40.04 14.17 -0.80
N TYR N 137 -39.72 14.72 -1.97
CA TYR N 137 -40.74 15.14 -2.91
C TYR N 137 -41.71 14.03 -3.26
N CYS N 138 -41.19 12.87 -3.65
CA CYS N 138 -42.03 11.73 -4.01
C CYS N 138 -42.88 11.18 -2.87
N ASP N 139 -42.30 11.13 -1.67
CA ASP N 139 -43.03 10.61 -0.53
C ASP N 139 -44.20 11.54 -0.18
N LYS N 140 -44.05 12.82 -0.47
CA LYS N 140 -45.10 13.78 -0.17
C LYS N 140 -46.11 14.02 -1.28
N ASN N 141 -45.84 13.50 -2.48
CA ASN N 141 -46.76 13.71 -3.60
C ASN N 141 -47.32 12.44 -4.21
N PHE N 142 -46.91 11.28 -3.75
CA PHE N 142 -47.46 10.08 -4.32
C PHE N 142 -48.77 9.74 -3.64
N ARG N 143 -49.68 9.18 -4.43
CA ARG N 143 -50.99 8.77 -3.95
C ARG N 143 -51.31 7.52 -4.71
N GLU N 144 -52.04 6.60 -4.10
CA GLU N 144 -52.39 5.38 -4.80
C GLU N 144 -53.61 5.58 -5.67
N ASN N 145 -53.63 4.90 -6.81
CA ASN N 145 -54.74 4.97 -7.75
C ASN N 145 -55.01 6.33 -8.36
N MET N 146 -53.95 7.02 -8.75
CA MET N 146 -54.10 8.31 -9.39
C MET N 146 -54.56 7.98 -10.81
N SER N 147 -54.87 8.99 -11.60
CA SER N 147 -55.31 8.75 -12.97
C SER N 147 -54.10 8.86 -13.86
N LYS N 148 -54.24 8.48 -15.13
CA LYS N 148 -53.11 8.57 -16.04
C LYS N 148 -52.50 9.97 -16.02
N GLU N 149 -53.34 11.00 -16.13
CA GLU N 149 -52.88 12.37 -16.13
C GLU N 149 -52.11 12.73 -14.86
N GLU N 150 -52.70 12.45 -13.71
CA GLU N 150 -52.08 12.74 -12.42
C GLU N 150 -50.72 12.07 -12.32
N THR N 151 -50.67 10.79 -12.69
CA THR N 151 -49.46 10.00 -12.65
C THR N 151 -48.38 10.54 -13.57
N VAL N 152 -48.74 10.84 -14.82
CA VAL N 152 -47.77 11.37 -15.76
C VAL N 152 -47.22 12.67 -15.20
N ASP N 153 -48.06 13.42 -14.50
CA ASP N 153 -47.62 14.69 -13.92
C ASP N 153 -46.62 14.46 -12.80
N PHE N 154 -46.97 13.54 -11.91
CA PHE N 154 -46.13 13.18 -10.77
C PHE N 154 -44.73 12.76 -11.23
N ILE N 155 -44.69 11.91 -12.23
CA ILE N 155 -43.41 11.44 -12.78
C ILE N 155 -42.66 12.59 -13.45
N LYS N 156 -43.37 13.44 -14.18
CA LYS N 156 -42.71 14.55 -14.86
C LYS N 156 -42.11 15.56 -13.88
N HIS N 157 -42.78 15.74 -12.74
CA HIS N 157 -42.30 16.67 -11.73
C HIS N 157 -41.14 16.08 -10.98
N SER N 158 -41.28 14.84 -10.55
CA SER N 158 -40.21 14.16 -9.82
C SER N 158 -38.92 14.16 -10.63
N LEU N 159 -38.96 13.57 -11.81
CA LEU N 159 -37.76 13.51 -12.64
C LEU N 159 -37.21 14.86 -13.08
N SER N 160 -38.07 15.86 -13.26
CA SER N 160 -37.55 17.16 -13.66
C SER N 160 -36.71 17.69 -12.49
N GLN N 161 -37.11 17.37 -11.26
CA GLN N 161 -36.35 17.82 -10.11
C GLN N 161 -35.06 17.02 -10.01
N ALA N 162 -35.13 15.72 -10.25
CA ALA N 162 -33.96 14.86 -10.22
C ALA N 162 -32.96 15.43 -11.23
N ILE N 163 -33.43 15.66 -12.46
CA ILE N 163 -32.56 16.22 -13.50
C ILE N 163 -31.98 17.55 -13.03
N LYS N 164 -32.79 18.32 -12.31
CA LYS N 164 -32.36 19.63 -11.84
C LYS N 164 -31.16 19.66 -10.96
N TRP N 165 -31.13 18.74 -10.00
CA TRP N 165 -30.03 18.68 -9.05
C TRP N 165 -28.90 17.70 -9.38
N ASP N 166 -29.24 16.58 -10.00
CA ASP N 166 -28.24 15.57 -10.34
C ASP N 166 -27.59 15.76 -11.70
N GLY N 167 -26.31 16.09 -11.70
CA GLY N 167 -25.61 16.30 -12.95
C GLY N 167 -25.52 15.03 -13.78
N SER N 168 -25.81 13.90 -13.16
CA SER N 168 -25.75 12.63 -13.87
C SER N 168 -27.06 12.35 -14.60
N SER N 169 -28.05 13.19 -14.42
CA SER N 169 -29.33 13.02 -15.08
C SER N 169 -29.58 14.20 -16.01
N GLY N 170 -30.44 14.01 -17.00
CA GLY N 170 -30.74 15.09 -17.92
C GLY N 170 -31.25 14.65 -19.28
N GLY N 171 -31.32 15.61 -20.20
CA GLY N 171 -31.79 15.35 -21.55
C GLY N 171 -33.31 15.43 -21.59
N VAL N 172 -33.95 14.36 -22.06
CA VAL N 172 -35.41 14.33 -22.12
C VAL N 172 -35.97 13.35 -21.10
N ILE N 173 -37.24 13.49 -20.75
CA ILE N 173 -37.85 12.56 -19.83
C ILE N 173 -38.65 11.60 -20.71
N ARG N 174 -38.36 10.31 -20.63
CA ARG N 174 -39.10 9.33 -21.43
C ARG N 174 -40.07 8.59 -20.50
N MET N 175 -41.24 8.25 -21.04
CA MET N 175 -42.21 7.51 -20.26
C MET N 175 -42.80 6.41 -21.10
N VAL N 176 -43.32 5.39 -20.44
CA VAL N 176 -43.95 4.27 -21.12
C VAL N 176 -45.17 3.92 -20.28
N VAL N 177 -46.34 3.97 -20.91
CA VAL N 177 -47.58 3.69 -20.19
C VAL N 177 -48.08 2.27 -20.46
N LEU N 178 -48.20 1.51 -19.39
CA LEU N 178 -48.65 0.13 -19.47
C LEU N 178 -50.03 -0.04 -18.84
N THR N 179 -51.01 -0.27 -19.70
CA THR N 179 -52.40 -0.46 -19.28
C THR N 179 -53.08 -1.53 -20.16
N ALA N 180 -54.34 -1.80 -19.88
CA ALA N 180 -55.08 -2.78 -20.65
C ALA N 180 -55.27 -2.27 -22.07
N ALA N 181 -55.19 -0.96 -22.24
CA ALA N 181 -55.38 -0.34 -23.54
C ALA N 181 -54.20 -0.52 -24.49
N GLY N 182 -53.06 -0.93 -23.97
CA GLY N 182 -51.88 -1.12 -24.80
C GLY N 182 -50.63 -0.52 -24.19
N VAL N 183 -49.71 -0.11 -25.05
CA VAL N 183 -48.44 0.46 -24.59
C VAL N 183 -48.27 1.83 -25.23
N GLU N 184 -47.94 2.84 -24.42
CA GLU N 184 -47.77 4.18 -24.95
C GLU N 184 -46.45 4.84 -24.54
N ARG N 185 -45.75 5.37 -25.54
CA ARG N 185 -44.48 6.06 -25.33
C ARG N 185 -44.67 7.56 -25.23
N LEU N 186 -44.18 8.16 -24.15
CA LEU N 186 -44.27 9.60 -23.96
C LEU N 186 -42.85 10.18 -23.98
N ILE N 187 -42.71 11.42 -24.42
CA ILE N 187 -41.41 12.08 -24.46
C ILE N 187 -41.64 13.54 -24.06
N PHE N 188 -40.81 14.07 -23.17
CA PHE N 188 -40.93 15.45 -22.71
C PHE N 188 -39.57 16.10 -22.79
N TYR N 189 -39.53 17.24 -23.47
CA TYR N 189 -38.28 17.97 -23.68
C TYR N 189 -38.00 18.97 -22.58
N PRO N 190 -36.74 19.40 -22.44
CA PRO N 190 -36.31 20.36 -21.43
C PRO N 190 -37.24 21.56 -21.29
N ASP N 191 -37.40 22.31 -22.38
CA ASP N 191 -38.26 23.48 -22.37
C ASP N 191 -39.60 23.26 -21.70
N GLU N 192 -40.06 22.02 -21.65
CA GLU N 192 -41.32 21.76 -20.99
C GLU N 192 -41.18 21.47 -19.52
N TYR N 193 -40.47 20.40 -19.16
CA TYR N 193 -40.33 20.03 -17.76
C TYR N 193 -39.44 20.95 -16.92
N GLU N 194 -38.55 21.71 -17.56
CA GLU N 194 -37.67 22.61 -16.81
C GLU N 194 -38.43 23.67 -16.03
N GLN N 195 -39.40 24.31 -16.67
CA GLN N 195 -40.17 25.36 -16.01
C GLN N 195 -41.34 24.89 -15.16
N LEU N 196 -41.40 23.58 -14.89
CA LEU N 196 -42.49 23.03 -14.08
C LEU N 196 -42.30 23.37 -12.62
N MET O 1 9.72 51.19 19.78
CA MET O 1 9.19 50.36 20.89
C MET O 1 10.34 49.49 21.38
N THR O 2 10.06 48.19 21.51
CA THR O 2 11.05 47.22 21.98
C THR O 2 11.84 47.73 23.16
N ASP O 3 11.51 47.18 24.33
CA ASP O 3 12.19 47.53 25.56
C ASP O 3 13.69 47.52 25.27
N ARG O 4 14.30 48.70 25.32
CA ARG O 4 15.73 48.83 25.08
C ARG O 4 16.45 48.96 26.42
N TYR O 5 15.71 48.69 27.48
CA TYR O 5 16.22 48.74 28.84
C TYR O 5 16.70 47.33 29.21
N SER O 6 17.73 46.89 28.48
CA SER O 6 18.33 45.58 28.65
C SER O 6 19.41 45.54 29.73
N PHE O 7 19.71 46.71 30.30
CA PHE O 7 20.73 46.83 31.34
C PHE O 7 20.14 46.96 32.75
N SER O 8 20.99 46.77 33.76
CA SER O 8 20.54 46.85 35.14
C SER O 8 20.19 48.28 35.57
N LEU O 9 19.10 48.40 36.32
CA LEU O 9 18.68 49.70 36.83
C LEU O 9 19.11 49.81 38.29
N THR O 10 19.64 48.72 38.82
CA THR O 10 20.14 48.66 40.19
C THR O 10 21.60 48.29 40.06
N THR O 11 22.51 49.19 40.44
CA THR O 11 23.93 48.89 40.34
C THR O 11 24.65 49.19 41.65
N PHE O 12 25.96 48.95 41.68
CA PHE O 12 26.74 49.19 42.89
C PHE O 12 27.28 50.62 42.93
N SER O 13 27.13 51.28 44.07
CA SER O 13 27.66 52.63 44.23
C SER O 13 29.07 52.44 44.77
N PRO O 14 29.92 53.46 44.67
CA PRO O 14 31.29 53.30 45.18
C PRO O 14 31.36 52.82 46.63
N SER O 15 30.30 53.07 47.41
CA SER O 15 30.30 52.66 48.81
C SER O 15 29.89 51.20 48.96
N GLY O 16 29.51 50.57 47.85
CA GLY O 16 29.10 49.17 47.89
C GLY O 16 27.61 49.01 48.18
N LYS O 17 26.88 50.12 48.08
CA LYS O 17 25.45 50.08 48.33
C LYS O 17 24.71 49.86 47.04
N LEU O 18 23.56 49.22 47.14
CA LEU O 18 22.71 49.00 45.98
C LEU O 18 21.50 49.92 46.19
N GLY O 19 21.66 51.16 45.75
CA GLY O 19 20.65 52.17 45.90
C GLY O 19 19.19 51.77 45.83
N GLN O 20 18.77 51.31 44.66
CA GLN O 20 17.39 50.93 44.47
C GLN O 20 16.86 50.02 45.56
N ILE O 21 17.68 49.10 46.05
CA ILE O 21 17.24 48.20 47.10
C ILE O 21 17.06 48.97 48.38
N ASP O 22 18.01 49.86 48.66
CA ASP O 22 17.92 50.67 49.87
C ASP O 22 16.62 51.47 49.82
N TYR O 23 16.43 52.20 48.73
CA TYR O 23 15.23 53.01 48.57
C TYR O 23 13.97 52.16 48.74
N ALA O 24 13.96 51.00 48.10
CA ALA O 24 12.82 50.11 48.21
C ALA O 24 12.53 49.89 49.70
N LEU O 25 13.57 49.55 50.46
CA LEU O 25 13.43 49.34 51.90
C LEU O 25 12.81 50.54 52.58
N THR O 26 13.22 51.73 52.16
CA THR O 26 12.70 52.97 52.70
C THR O 26 11.19 52.97 52.52
N ALA O 27 10.77 52.65 51.30
CA ALA O 27 9.37 52.61 50.95
C ALA O 27 8.64 51.64 51.86
N VAL O 28 9.36 50.65 52.36
CA VAL O 28 8.77 49.66 53.25
C VAL O 28 8.55 50.22 54.65
N LYS O 29 9.52 51.01 55.11
CA LYS O 29 9.43 51.63 56.43
C LYS O 29 8.22 52.56 56.51
N GLN O 30 7.91 53.20 55.39
CA GLN O 30 6.78 54.12 55.31
C GLN O 30 5.46 53.36 55.38
N GLY O 31 5.49 52.10 54.96
CA GLY O 31 4.28 51.31 54.94
C GLY O 31 3.63 51.06 56.27
N VAL O 32 2.36 50.70 56.24
CA VAL O 32 1.61 50.39 57.43
C VAL O 32 2.19 49.14 58.11
N THR O 33 2.24 49.16 59.43
CA THR O 33 2.76 48.04 60.20
C THR O 33 1.99 46.74 59.96
N SER O 34 2.73 45.63 60.02
CA SER O 34 2.17 44.28 59.87
C SER O 34 3.14 43.37 60.67
N LEU O 35 2.61 42.34 61.33
CA LEU O 35 3.47 41.49 62.14
C LEU O 35 3.16 39.98 62.06
N GLY O 36 3.99 39.19 62.72
CA GLY O 36 3.81 37.74 62.74
C GLY O 36 4.29 37.14 64.04
N ILE O 37 3.54 36.19 64.56
CA ILE O 37 3.90 35.53 65.82
C ILE O 37 3.73 34.02 65.70
N LYS O 38 4.81 33.30 65.94
CA LYS O 38 4.75 31.85 65.88
C LYS O 38 4.54 31.27 67.27
N ALA O 39 3.54 30.41 67.40
CA ALA O 39 3.25 29.77 68.68
C ALA O 39 3.67 28.31 68.52
N THR O 40 3.35 27.48 69.51
CA THR O 40 3.72 26.08 69.43
C THR O 40 2.75 25.33 68.52
N ASN O 41 1.51 25.80 68.45
CA ASN O 41 0.52 25.12 67.65
C ASN O 41 -0.11 26.01 66.59
N GLY O 42 0.67 26.95 66.07
CA GLY O 42 0.14 27.83 65.06
C GLY O 42 0.96 29.09 64.87
N VAL O 43 0.57 29.89 63.88
CA VAL O 43 1.25 31.15 63.59
C VAL O 43 0.15 32.15 63.31
N VAL O 44 0.46 33.43 63.48
CA VAL O 44 -0.52 34.47 63.20
C VAL O 44 0.16 35.63 62.52
N ILE O 45 -0.50 36.15 61.48
CA ILE O 45 0.00 37.32 60.77
C ILE O 45 -1.14 38.32 60.78
N ALA O 46 -0.82 39.58 61.02
CA ALA O 46 -1.82 40.63 61.08
C ALA O 46 -1.27 41.97 60.67
N THR O 47 -2.17 42.87 60.30
CA THR O 47 -1.80 44.20 59.87
C THR O 47 -3.03 45.08 60.05
N GLU O 48 -2.89 46.37 59.75
CA GLU O 48 -4.00 47.30 59.85
C GLU O 48 -4.58 47.60 58.48
N LYS O 49 -5.90 47.65 58.38
CA LYS O 49 -6.53 47.98 57.10
C LYS O 49 -6.74 49.49 57.07
N LYS O 50 -5.70 50.19 56.63
CA LYS O 50 -5.68 51.65 56.54
C LYS O 50 -6.54 52.17 55.40
N SER O 51 -7.86 51.99 55.51
CA SER O 51 -8.78 52.45 54.49
C SER O 51 -8.37 53.83 53.98
N SER O 52 -8.13 53.94 52.67
CA SER O 52 -7.71 55.21 52.06
C SER O 52 -8.84 56.18 51.72
N SER O 53 -10.05 55.87 52.17
CA SER O 53 -11.22 56.70 51.94
C SER O 53 -12.40 56.08 52.67
N PRO O 54 -13.20 56.90 53.36
CA PRO O 54 -14.36 56.39 54.10
C PRO O 54 -15.39 55.76 53.14
N LEU O 55 -15.24 56.09 51.86
CA LEU O 55 -16.15 55.56 50.85
C LEU O 55 -15.66 54.24 50.28
N ALA O 56 -14.40 53.91 50.55
CA ALA O 56 -13.83 52.67 50.07
C ALA O 56 -14.41 51.56 50.93
N MET O 57 -14.34 50.32 50.45
CA MET O 57 -14.87 49.20 51.20
C MET O 57 -13.72 48.26 51.52
N SER O 58 -13.06 48.56 52.64
CA SER O 58 -11.91 47.82 53.13
C SER O 58 -11.87 46.31 52.89
N GLU O 59 -13.02 45.65 52.88
CA GLU O 59 -13.05 44.20 52.67
C GLU O 59 -12.60 43.85 51.25
N THR O 60 -13.07 44.62 50.27
CA THR O 60 -12.71 44.38 48.86
C THR O 60 -11.22 44.35 48.66
N LEU O 61 -10.46 44.73 49.68
CA LEU O 61 -9.01 44.73 49.55
C LEU O 61 -8.42 43.95 50.71
N SER O 62 -7.72 42.87 50.39
CA SER O 62 -7.11 42.07 51.44
C SER O 62 -5.60 42.15 51.42
N LYS O 63 -5.03 42.43 52.58
CA LYS O 63 -3.58 42.55 52.74
C LYS O 63 -3.01 41.23 53.23
N VAL O 64 -3.89 40.34 53.67
CA VAL O 64 -3.51 39.01 54.16
C VAL O 64 -4.04 38.00 53.15
N SER O 65 -3.14 37.46 52.34
CA SER O 65 -3.50 36.51 51.29
C SER O 65 -3.07 35.07 51.50
N LEU O 66 -3.94 34.16 51.08
CA LEU O 66 -3.65 32.73 51.16
C LEU O 66 -2.85 32.38 49.91
N LEU O 67 -1.70 31.72 50.09
CA LEU O 67 -0.86 31.32 48.96
C LEU O 67 -1.18 29.87 48.61
N THR O 68 -1.15 29.00 49.61
CA THR O 68 -1.50 27.60 49.43
C THR O 68 -2.46 27.39 50.59
N PRO O 69 -3.10 26.22 50.66
CA PRO O 69 -4.02 26.06 51.79
C PRO O 69 -3.37 26.03 53.19
N ASP O 70 -2.04 26.07 53.23
CA ASP O 70 -1.32 26.06 54.50
C ASP O 70 -0.27 27.17 54.57
N ILE O 71 -0.36 28.15 53.69
CA ILE O 71 0.59 29.26 53.72
C ILE O 71 -0.13 30.58 53.48
N GLY O 72 0.13 31.54 54.36
CA GLY O 72 -0.48 32.85 54.24
C GLY O 72 0.60 33.90 54.12
N ALA O 73 0.24 35.08 53.62
CA ALA O 73 1.20 36.14 53.47
C ALA O 73 0.60 37.50 53.79
N VAL O 74 1.45 38.38 54.30
CA VAL O 74 1.05 39.73 54.66
C VAL O 74 2.27 40.62 54.33
N TYR O 75 2.05 41.91 54.16
CA TYR O 75 3.15 42.80 53.80
C TYR O 75 3.13 44.19 54.42
N SER O 76 4.13 44.95 54.00
CA SER O 76 4.30 46.34 54.39
C SER O 76 5.05 46.98 53.23
N GLY O 77 4.52 48.10 52.74
CA GLY O 77 5.14 48.76 51.63
C GLY O 77 4.12 49.01 50.55
N MET O 78 4.52 48.82 49.29
CA MET O 78 3.64 49.07 48.16
C MET O 78 2.60 48.00 47.83
N GLY O 79 1.34 48.30 48.11
CA GLY O 79 0.25 47.39 47.83
C GLY O 79 0.26 46.77 46.46
N PRO O 80 0.27 47.57 45.38
CA PRO O 80 0.28 47.00 44.03
C PRO O 80 1.38 45.96 43.82
N ASP O 81 2.61 46.27 44.25
CA ASP O 81 3.71 45.32 44.11
C ASP O 81 3.35 44.01 44.81
N TYR O 82 2.91 44.11 46.05
CA TYR O 82 2.53 42.92 46.82
C TYR O 82 1.45 42.10 46.12
N ARG O 83 0.50 42.79 45.51
CA ARG O 83 -0.60 42.12 44.83
C ARG O 83 -0.10 41.21 43.71
N VAL O 84 0.70 41.74 42.79
CA VAL O 84 1.20 40.88 41.72
C VAL O 84 2.10 39.79 42.30
N LEU O 85 2.85 40.11 43.35
CA LEU O 85 3.72 39.12 43.97
C LEU O 85 2.87 37.96 44.49
N VAL O 86 1.69 38.26 44.99
CA VAL O 86 0.80 37.22 45.50
C VAL O 86 0.30 36.30 44.39
N ASP O 87 0.07 36.86 43.20
CA ASP O 87 -0.41 36.05 42.10
C ASP O 87 0.74 35.18 41.60
N LYS O 88 1.93 35.75 41.50
CA LYS O 88 3.09 35.01 41.06
C LYS O 88 3.37 33.89 42.04
N SER O 89 3.25 34.20 43.33
CA SER O 89 3.50 33.23 44.38
C SER O 89 2.54 32.07 44.29
N ARG O 90 1.26 32.37 44.14
CA ARG O 90 0.26 31.32 44.05
C ARG O 90 0.51 30.44 42.84
N LYS O 91 1.00 31.05 41.77
CA LYS O 91 1.24 30.29 40.55
C LYS O 91 2.48 29.43 40.65
N VAL O 92 3.59 30.02 41.11
CA VAL O 92 4.85 29.28 41.24
C VAL O 92 4.68 28.09 42.17
N ALA O 93 3.78 28.20 43.14
CA ALA O 93 3.55 27.10 44.06
C ALA O 93 3.03 25.90 43.29
N HIS O 94 2.37 26.16 42.16
CA HIS O 94 1.82 25.11 41.31
C HIS O 94 2.82 24.66 40.25
N THR O 95 3.20 25.58 39.36
CA THR O 95 4.12 25.27 38.27
C THR O 95 5.43 24.63 38.69
N SER O 96 6.01 25.10 39.79
CA SER O 96 7.29 24.57 40.23
C SER O 96 7.22 23.55 41.35
N TYR O 97 6.03 23.12 41.70
CA TYR O 97 5.93 22.14 42.77
C TYR O 97 4.71 21.23 42.65
N LYS O 98 3.53 21.73 42.97
CA LYS O 98 2.33 20.89 42.90
C LYS O 98 2.16 20.14 41.58
N ARG O 99 2.60 20.72 40.48
CA ARG O 99 2.45 20.04 39.19
C ARG O 99 3.49 18.95 38.98
N ILE O 100 4.55 18.97 39.80
CA ILE O 100 5.59 17.96 39.70
C ILE O 100 5.35 16.86 40.72
N TYR O 101 5.20 17.27 41.98
CA TYR O 101 5.06 16.34 43.08
C TYR O 101 3.67 16.00 43.56
N GLY O 102 2.67 16.72 43.11
CA GLY O 102 1.32 16.39 43.57
C GLY O 102 1.02 16.78 45.00
N GLU O 103 1.76 17.74 45.51
CA GLU O 103 1.53 18.23 46.85
C GLU O 103 2.02 19.67 46.87
N TYR O 104 1.42 20.49 47.73
CA TYR O 104 1.81 21.90 47.83
C TYR O 104 3.22 22.01 48.39
N PRO O 105 3.95 23.05 47.99
CA PRO O 105 5.32 23.23 48.47
C PRO O 105 5.41 23.53 49.96
N PRO O 106 6.54 23.21 50.59
CA PRO O 106 6.72 23.48 52.01
C PRO O 106 7.09 24.95 52.14
N THR O 107 6.66 25.57 53.24
CA THR O 107 6.90 26.99 53.48
C THR O 107 8.25 27.54 53.04
N LYS O 108 9.35 27.02 53.57
CA LYS O 108 10.67 27.51 53.20
C LYS O 108 10.91 27.53 51.69
N LEU O 109 10.47 26.51 50.98
CA LEU O 109 10.68 26.44 49.55
C LEU O 109 9.87 27.48 48.77
N LEU O 110 8.60 27.65 49.11
CA LEU O 110 7.77 28.64 48.44
C LEU O 110 8.41 30.01 48.70
N VAL O 111 8.73 30.25 49.97
CA VAL O 111 9.36 31.48 50.40
C VAL O 111 10.62 31.72 49.56
N SER O 112 11.31 30.64 49.28
CA SER O 112 12.53 30.70 48.50
C SER O 112 12.22 31.09 47.05
N GLU O 113 11.12 30.53 46.52
CA GLU O 113 10.71 30.84 45.16
C GLU O 113 10.33 32.32 45.07
N VAL O 114 9.55 32.79 46.05
CA VAL O 114 9.13 34.18 46.09
C VAL O 114 10.36 35.07 46.12
N ALA O 115 11.29 34.71 47.00
CA ALA O 115 12.52 35.44 47.18
C ALA O 115 13.28 35.56 45.87
N LYS O 116 13.32 34.47 45.10
CA LYS O 116 14.03 34.48 43.83
C LYS O 116 13.40 35.51 42.88
N ILE O 117 12.07 35.52 42.82
CA ILE O 117 11.35 36.47 41.97
C ILE O 117 11.79 37.90 42.30
N MET O 118 11.90 38.19 43.58
CA MET O 118 12.33 39.51 44.00
C MET O 118 13.79 39.75 43.66
N GLN O 119 14.65 38.77 43.94
CA GLN O 119 16.07 38.92 43.65
C GLN O 119 16.26 39.34 42.21
N GLU O 120 15.52 38.71 41.32
CA GLU O 120 15.66 39.01 39.92
C GLU O 120 15.33 40.46 39.56
N ALA O 121 14.32 41.02 40.23
CA ALA O 121 13.91 42.40 39.97
C ALA O 121 14.96 43.37 40.50
N THR O 122 16.05 42.78 40.99
CA THR O 122 17.16 43.49 41.58
C THR O 122 18.37 43.50 40.64
N GLN O 123 18.32 42.63 39.63
CA GLN O 123 19.43 42.48 38.71
C GLN O 123 19.04 42.42 37.22
N SER O 124 17.83 41.96 36.94
CA SER O 124 17.36 41.85 35.56
C SER O 124 17.37 43.22 34.88
N GLY O 125 17.43 43.22 33.55
CA GLY O 125 17.45 44.49 32.85
C GLY O 125 16.13 45.26 32.94
N GLY O 126 16.25 46.59 32.87
CA GLY O 126 15.10 47.48 32.90
C GLY O 126 13.98 47.39 33.92
N VAL O 127 14.27 47.09 35.17
CA VAL O 127 13.23 47.04 36.20
C VAL O 127 13.71 47.58 37.53
N ARG O 128 12.78 47.76 38.45
CA ARG O 128 13.10 48.26 39.79
C ARG O 128 12.72 47.17 40.78
N PRO O 129 13.41 47.14 41.93
CA PRO O 129 13.09 46.13 42.94
C PRO O 129 11.66 46.29 43.39
N PHE O 130 11.11 45.25 44.03
CA PHE O 130 9.76 45.34 44.54
C PHE O 130 9.83 46.20 45.80
N GLY O 131 8.91 47.14 45.94
CA GLY O 131 8.89 48.00 47.11
C GLY O 131 8.09 47.39 48.24
N VAL O 132 8.34 46.11 48.55
CA VAL O 132 7.62 45.50 49.66
C VAL O 132 8.46 44.47 50.40
N SER O 133 8.01 44.14 51.60
CA SER O 133 8.65 43.14 52.43
C SER O 133 7.46 42.28 52.81
N LEU O 134 7.66 40.96 52.84
CA LEU O 134 6.56 40.08 53.17
C LEU O 134 6.81 39.29 54.44
N LEU O 135 5.72 38.81 55.01
CA LEU O 135 5.77 37.97 56.21
C LEU O 135 4.92 36.79 55.81
N ILE O 136 5.57 35.66 55.55
CA ILE O 136 4.86 34.46 55.14
C ILE O 136 4.84 33.47 56.28
N ALA O 137 3.67 32.93 56.58
CA ALA O 137 3.53 31.96 57.65
C ALA O 137 2.82 30.72 57.11
N GLY O 138 3.37 29.56 57.39
CA GLY O 138 2.75 28.35 56.91
C GLY O 138 3.11 27.16 57.77
N HIS O 139 2.74 25.98 57.28
CA HIS O 139 3.01 24.75 58.00
C HIS O 139 3.07 23.61 57.00
N ASP O 140 3.97 22.67 57.23
CA ASP O 140 4.09 21.51 56.37
C ASP O 140 4.46 20.33 57.24
N GLU O 141 3.92 19.17 56.89
CA GLU O 141 4.12 17.94 57.65
C GLU O 141 5.51 17.64 58.18
N PHE O 142 6.56 18.07 57.50
CA PHE O 142 7.88 17.76 58.01
C PHE O 142 8.59 18.88 58.74
N ASN O 143 8.18 20.12 58.52
CA ASN O 143 8.83 21.23 59.18
C ASN O 143 7.91 21.91 60.19
N GLY O 144 6.69 21.43 60.32
CA GLY O 144 5.75 22.03 61.26
C GLY O 144 5.35 23.45 60.90
N PHE O 145 5.29 24.32 61.91
CA PHE O 145 4.91 25.71 61.68
C PHE O 145 6.13 26.57 61.48
N SER O 146 6.00 27.58 60.63
CA SER O 146 7.11 28.50 60.39
C SER O 146 6.62 29.91 60.01
N LEU O 147 7.53 30.88 60.14
CA LEU O 147 7.27 32.27 59.82
C LEU O 147 8.53 32.84 59.15
N TYR O 148 8.36 33.51 58.02
CA TYR O 148 9.50 34.05 57.29
C TYR O 148 9.29 35.51 56.88
N GLN O 149 10.39 36.19 56.61
CA GLN O 149 10.35 37.58 56.19
C GLN O 149 11.16 37.67 54.91
N VAL O 150 10.60 38.29 53.89
CA VAL O 150 11.32 38.41 52.63
C VAL O 150 11.46 39.86 52.27
N ASP O 151 12.70 40.28 52.01
CA ASP O 151 12.99 41.68 51.68
C ASP O 151 13.20 41.94 50.20
N PRO O 152 13.06 43.21 49.80
CA PRO O 152 13.23 43.69 48.42
C PRO O 152 14.51 43.22 47.75
N SER O 153 15.47 42.78 48.55
CA SER O 153 16.75 42.33 48.03
C SER O 153 16.65 40.88 47.61
N GLY O 154 15.69 40.18 48.19
CA GLY O 154 15.51 38.78 47.89
C GLY O 154 15.95 37.96 49.09
N SER O 155 16.39 38.64 50.13
CA SER O 155 16.83 37.96 51.33
C SER O 155 15.64 37.56 52.17
N TYR O 156 15.79 36.48 52.93
CA TYR O 156 14.70 36.05 53.78
C TYR O 156 15.27 35.38 55.01
N PHE O 157 14.50 35.39 56.09
CA PHE O 157 14.94 34.80 57.34
C PHE O 157 13.77 34.33 58.16
N PRO O 158 13.98 33.27 58.95
CA PRO O 158 12.95 32.68 59.81
C PRO O 158 12.85 33.44 61.13
N TRP O 159 11.63 33.62 61.62
CA TRP O 159 11.40 34.34 62.86
C TRP O 159 10.49 33.60 63.83
N LYS O 160 10.57 33.98 65.10
CA LYS O 160 9.70 33.43 66.13
C LYS O 160 8.56 34.43 66.17
N ALA O 161 8.93 35.70 65.95
CA ALA O 161 7.99 36.82 65.92
C ALA O 161 8.73 38.06 65.41
N THR O 162 8.05 38.89 64.64
CA THR O 162 8.67 40.11 64.12
C THR O 162 7.63 41.04 63.54
N ALA O 163 8.08 42.24 63.17
CA ALA O 163 7.19 43.23 62.59
C ALA O 163 7.98 44.00 61.55
N ILE O 164 7.26 44.65 60.64
CA ILE O 164 7.88 45.44 59.59
C ILE O 164 6.96 46.62 59.37
N GLY O 165 7.47 47.62 58.64
CA GLY O 165 6.69 48.81 58.37
C GLY O 165 6.89 49.89 59.41
N LYS O 166 6.00 50.88 59.40
CA LYS O 166 6.02 52.02 60.31
C LYS O 166 6.58 51.80 61.71
N GLY O 167 5.85 51.09 62.56
CA GLY O 167 6.30 50.87 63.92
C GLY O 167 7.03 49.57 64.24
N SER O 168 7.84 49.11 63.29
CA SER O 168 8.58 47.87 63.46
C SER O 168 9.49 47.88 64.70
N VAL O 169 10.25 48.96 64.88
CA VAL O 169 11.16 49.05 66.02
C VAL O 169 10.42 48.85 67.34
N ALA O 170 9.41 49.69 67.57
CA ALA O 170 8.61 49.62 68.80
C ALA O 170 7.95 48.25 68.95
N ALA O 171 7.22 47.84 67.92
CA ALA O 171 6.53 46.56 67.94
C ALA O 171 7.49 45.40 68.20
N LYS O 172 8.62 45.37 67.51
CA LYS O 172 9.57 44.29 67.70
C LYS O 172 10.00 44.20 69.16
N THR O 173 10.12 45.35 69.81
CA THR O 173 10.52 45.38 71.21
C THR O 173 9.42 44.83 72.12
N PHE O 174 8.18 45.18 71.84
CA PHE O 174 7.08 44.69 72.65
C PHE O 174 6.92 43.19 72.51
N LEU O 175 7.32 42.66 71.36
CA LEU O 175 7.22 41.24 71.11
C LEU O 175 8.32 40.48 71.85
N GLU O 176 9.53 41.04 71.83
CA GLU O 176 10.65 40.41 72.50
C GLU O 176 10.32 40.21 73.98
N LYS O 177 9.51 41.09 74.53
CA LYS O 177 9.11 40.99 75.93
C LYS O 177 8.13 39.84 76.14
N ARG O 178 6.98 39.95 75.48
CA ARG O 178 5.90 38.97 75.61
C ARG O 178 6.06 37.58 74.98
N TRP O 179 7.03 37.39 74.09
CA TRP O 179 7.22 36.08 73.45
C TRP O 179 8.00 35.04 74.25
N ASN O 180 7.61 33.78 74.09
CA ASN O 180 8.29 32.65 74.74
C ASN O 180 8.01 31.39 73.91
N ASP O 181 8.79 30.34 74.16
CA ASP O 181 8.62 29.10 73.40
C ASP O 181 7.52 28.19 73.94
N GLU O 182 6.55 28.76 74.65
CA GLU O 182 5.45 27.98 75.20
C GLU O 182 4.08 28.61 74.95
N LEU O 183 4.01 29.49 73.97
CA LEU O 183 2.76 30.15 73.62
C LEU O 183 1.84 29.22 72.87
N GLU O 184 0.55 29.38 73.10
CA GLU O 184 -0.44 28.58 72.39
C GLU O 184 -0.93 29.59 71.35
N LEU O 185 -1.58 29.13 70.29
CA LEU O 185 -2.05 30.05 69.25
C LEU O 185 -2.89 31.22 69.75
N GLU O 186 -3.82 30.96 70.65
CA GLU O 186 -4.67 32.01 71.21
C GLU O 186 -3.84 33.13 71.83
N ASP O 187 -2.74 32.75 72.47
CA ASP O 187 -1.86 33.71 73.13
C ASP O 187 -1.21 34.60 72.07
N ALA O 188 -0.67 33.99 71.02
CA ALA O 188 -0.03 34.74 69.95
C ALA O 188 -1.03 35.72 69.35
N ILE O 189 -2.29 35.29 69.21
CA ILE O 189 -3.34 36.16 68.66
C ILE O 189 -3.58 37.32 69.61
N HIS O 190 -3.54 37.03 70.91
CA HIS O 190 -3.74 38.05 71.94
C HIS O 190 -2.58 39.02 71.85
N ILE O 191 -1.36 38.52 72.00
CA ILE O 191 -0.16 39.35 71.90
C ILE O 191 -0.20 40.14 70.60
N ALA O 192 -0.67 39.48 69.54
CA ALA O 192 -0.78 40.09 68.22
C ALA O 192 -1.63 41.35 68.29
N LEU O 193 -2.88 41.20 68.74
CA LEU O 193 -3.78 42.34 68.85
C LEU O 193 -3.23 43.44 69.75
N LEU O 194 -2.60 43.05 70.85
CA LEU O 194 -2.03 44.03 71.77
C LEU O 194 -0.95 44.82 71.04
N THR O 195 -0.01 44.12 70.44
CA THR O 195 1.08 44.76 69.71
C THR O 195 0.60 45.72 68.65
N LEU O 196 -0.42 45.29 67.91
CA LEU O 196 -0.98 46.10 66.84
C LEU O 196 -1.64 47.36 67.36
N LYS O 197 -2.23 47.28 68.55
CA LYS O 197 -2.91 48.43 69.15
C LYS O 197 -2.03 49.67 69.22
N GLU O 198 -0.80 49.51 69.71
CA GLU O 198 0.14 50.63 69.83
C GLU O 198 0.32 51.35 68.49
N SER O 199 0.45 50.57 67.42
CA SER O 199 0.66 51.12 66.07
C SER O 199 -0.59 51.77 65.46
N VAL O 200 -1.77 51.47 65.99
CA VAL O 200 -3.00 52.03 65.46
C VAL O 200 -3.41 53.35 66.12
N GLU O 201 -3.61 54.37 65.28
CA GLU O 201 -3.99 55.70 65.73
C GLU O 201 -5.46 55.81 66.09
N GLY O 202 -6.33 55.75 65.09
CA GLY O 202 -7.75 55.88 65.32
C GLY O 202 -8.55 54.64 65.67
N GLU O 203 -9.52 54.30 64.82
CA GLU O 203 -10.36 53.14 65.05
C GLU O 203 -9.59 51.83 65.06
N PHE O 204 -9.87 51.00 66.04
CA PHE O 204 -9.21 49.72 66.19
C PHE O 204 -10.32 48.71 66.42
N ASN O 205 -10.72 48.01 65.36
CA ASN O 205 -11.78 47.03 65.48
C ASN O 205 -11.67 45.99 64.37
N GLY O 206 -12.58 45.02 64.41
CA GLY O 206 -12.57 43.96 63.41
C GLY O 206 -12.72 44.42 61.98
N ASP O 207 -12.97 45.70 61.76
CA ASP O 207 -13.15 46.23 60.41
C ASP O 207 -11.93 46.99 59.92
N THR O 208 -11.09 47.40 60.86
CA THR O 208 -9.88 48.15 60.55
C THR O 208 -8.67 47.23 60.73
N ILE O 209 -8.93 45.98 61.09
CA ILE O 209 -7.88 44.99 61.29
C ILE O 209 -8.09 43.75 60.46
N GLU O 210 -6.98 43.20 59.98
CA GLU O 210 -6.97 42.01 59.16
C GLU O 210 -6.00 41.03 59.84
N LEU O 211 -6.51 39.84 60.19
CA LEU O 211 -5.67 38.85 60.87
C LEU O 211 -6.05 37.44 60.47
N ALA O 212 -5.02 36.66 60.14
CA ALA O 212 -5.21 35.27 59.75
C ALA O 212 -4.25 34.39 60.54
N ILE O 213 -4.55 33.10 60.59
CA ILE O 213 -3.71 32.15 61.32
C ILE O 213 -3.50 30.86 60.54
N ILE O 214 -2.41 30.19 60.84
CA ILE O 214 -2.10 28.89 60.25
C ILE O 214 -2.15 28.00 61.50
N GLY O 215 -3.18 27.16 61.61
CA GLY O 215 -3.30 26.29 62.77
C GLY O 215 -3.78 24.90 62.42
N ASP O 216 -4.84 24.46 63.05
CA ASP O 216 -5.37 23.13 62.78
C ASP O 216 -5.91 23.06 61.37
N GLU O 217 -6.34 21.86 60.99
CA GLU O 217 -6.91 21.61 59.68
C GLU O 217 -8.42 21.86 59.75
N ASN O 218 -8.96 22.55 58.75
CA ASN O 218 -10.39 22.88 58.71
C ASN O 218 -11.18 22.01 57.75
N PRO O 219 -11.55 20.80 58.19
CA PRO O 219 -12.32 19.93 57.30
C PRO O 219 -13.57 20.64 56.79
N ASP O 220 -14.21 21.37 57.70
CA ASP O 220 -15.42 22.10 57.36
C ASP O 220 -15.20 23.11 56.24
N LEU O 221 -13.94 23.42 55.94
CA LEU O 221 -13.61 24.37 54.88
C LEU O 221 -13.03 23.69 53.65
N LEU O 222 -13.11 22.37 53.60
CA LEU O 222 -12.57 21.60 52.48
C LEU O 222 -13.47 21.67 51.26
N GLY O 223 -14.78 21.51 51.46
CA GLY O 223 -15.71 21.58 50.34
C GLY O 223 -16.25 20.25 49.84
N TYR O 224 -15.59 19.17 50.24
CA TYR O 224 -16.02 17.84 49.87
C TYR O 224 -15.62 16.85 50.95
N THR O 225 -16.19 15.65 50.92
CA THR O 225 -15.87 14.62 51.90
C THR O 225 -15.80 13.25 51.24
N GLY O 226 -14.95 12.40 51.75
CA GLY O 226 -14.83 11.06 51.20
C GLY O 226 -13.40 10.65 50.98
N ILE O 227 -12.47 11.54 51.28
CA ILE O 227 -11.05 11.25 51.11
C ILE O 227 -10.35 11.46 52.45
N PRO O 228 -10.20 10.38 53.23
CA PRO O 228 -9.56 10.33 54.55
C PRO O 228 -8.31 11.17 54.74
N THR O 229 -7.38 11.07 53.80
CA THR O 229 -6.11 11.79 53.88
C THR O 229 -6.20 13.30 53.65
N ASP O 230 -7.33 13.75 53.13
CA ASP O 230 -7.55 15.18 52.88
C ASP O 230 -8.42 15.72 54.02
N LYS O 231 -7.80 16.42 54.96
CA LYS O 231 -8.55 16.93 56.13
C LYS O 231 -8.90 18.43 56.20
N GLY O 232 -8.42 19.24 55.24
CA GLY O 232 -8.75 20.66 55.28
C GLY O 232 -7.57 21.59 55.41
N PRO O 233 -7.74 22.86 55.01
CA PRO O 233 -6.69 23.88 55.07
C PRO O 233 -6.35 24.34 56.49
N ARG O 234 -5.08 24.60 56.73
CA ARG O 234 -4.64 25.06 58.04
C ARG O 234 -4.74 26.59 58.11
N PHE O 235 -4.89 27.21 56.94
CA PHE O 235 -5.00 28.67 56.86
C PHE O 235 -6.43 29.15 57.07
N ARG O 236 -6.61 30.09 57.98
CA ARG O 236 -7.93 30.66 58.21
C ARG O 236 -7.83 32.12 58.59
N LYS O 237 -8.58 32.93 57.85
CA LYS O 237 -8.61 34.37 58.07
C LYS O 237 -9.76 34.63 59.04
N LEU O 238 -9.49 35.37 60.11
CA LEU O 238 -10.56 35.65 61.07
C LEU O 238 -11.57 36.63 60.50
N THR O 239 -12.79 36.55 61.01
CA THR O 239 -13.87 37.42 60.56
C THR O 239 -13.91 38.66 61.44
N SER O 240 -14.53 39.72 60.91
CA SER O 240 -14.64 40.97 61.66
C SER O 240 -15.22 40.67 63.04
N GLN O 241 -16.26 39.83 63.07
CA GLN O 241 -16.90 39.44 64.32
C GLN O 241 -15.92 38.72 65.24
N GLU O 242 -15.17 37.76 64.69
CA GLU O 242 -14.21 37.00 65.48
C GLU O 242 -13.18 37.92 66.14
N ILE O 243 -12.75 38.93 65.40
CA ILE O 243 -11.77 39.87 65.92
C ILE O 243 -12.31 40.64 67.11
N ASN O 244 -13.50 41.23 66.94
CA ASN O 244 -14.13 42.01 68.00
C ASN O 244 -14.40 41.22 69.28
N ASP O 245 -14.90 39.99 69.16
CA ASP O 245 -15.16 39.20 70.34
C ASP O 245 -13.88 39.14 71.18
N ARG O 246 -12.75 39.03 70.50
CA ARG O 246 -11.46 38.96 71.18
C ARG O 246 -11.06 40.28 71.78
N LEU O 247 -11.26 41.36 71.02
CA LEU O 247 -10.89 42.69 71.50
C LEU O 247 -11.50 43.00 72.87
N GLU O 248 -12.56 42.29 73.22
CA GLU O 248 -13.23 42.50 74.51
C GLU O 248 -12.42 41.94 75.69
N ALA O 249 -11.68 40.86 75.45
CA ALA O 249 -10.85 40.26 76.49
C ALA O 249 -9.43 40.76 76.30
N LEU O 250 -9.31 41.94 75.70
CA LEU O 250 -8.01 42.56 75.42
C LEU O 250 -7.54 43.42 76.61
N GLY P 1 16.86 57.97 23.38
CA GLY P 1 16.53 56.55 23.73
C GLY P 1 16.75 56.18 25.19
N SER P 2 17.22 54.95 25.42
CA SER P 2 17.47 54.43 26.76
C SER P 2 18.90 54.67 27.25
N ARG P 3 19.83 54.81 26.31
CA ARG P 3 21.25 55.04 26.61
C ARG P 3 21.49 56.01 27.77
N ARG P 4 20.56 56.92 27.96
CA ARG P 4 20.63 57.94 29.01
C ARG P 4 20.73 57.42 30.43
N TYR P 5 20.07 56.30 30.70
CA TYR P 5 20.07 55.72 32.04
C TYR P 5 20.93 54.46 32.16
N ASP P 6 21.74 54.20 31.14
CA ASP P 6 22.62 53.02 31.14
C ASP P 6 23.86 53.29 31.97
N SER P 7 23.95 52.63 33.12
CA SER P 7 25.08 52.78 34.04
C SER P 7 26.37 52.23 33.46
N ARG P 8 26.26 51.30 32.52
CA ARG P 8 27.42 50.67 31.88
C ARG P 8 28.23 49.89 32.90
N THR P 9 27.61 48.84 33.45
CA THR P 9 28.24 48.03 34.47
C THR P 9 29.43 47.21 34.02
N THR P 10 29.75 47.21 32.73
CA THR P 10 30.90 46.40 32.32
C THR P 10 31.98 47.16 31.58
N ILE P 11 32.57 48.17 32.21
CA ILE P 11 33.63 48.91 31.52
C ILE P 11 34.85 49.08 32.41
N PHE P 12 35.97 49.40 31.77
CA PHE P 12 37.23 49.60 32.47
C PHE P 12 37.37 51.04 32.96
N SER P 13 38.06 51.22 34.09
CA SER P 13 38.31 52.56 34.60
C SER P 13 39.57 52.98 33.86
N PRO P 14 39.96 54.24 33.94
CA PRO P 14 41.18 54.63 33.22
C PRO P 14 42.41 53.86 33.73
N GLU P 15 42.28 53.30 34.93
CA GLU P 15 43.36 52.54 35.55
C GLU P 15 43.25 51.05 35.22
N GLY P 16 42.27 50.71 34.38
CA GLY P 16 42.08 49.34 33.99
C GLY P 16 41.40 48.48 35.04
N ARG P 17 40.53 49.07 35.84
CA ARG P 17 39.81 48.32 36.88
C ARG P 17 38.35 48.20 36.49
N LEU P 18 37.66 47.24 37.08
CA LEU P 18 36.25 47.04 36.80
C LEU P 18 35.41 47.60 37.93
N TYR P 19 35.00 48.84 37.78
CA TYR P 19 34.19 49.54 38.76
C TYR P 19 33.26 48.68 39.60
N GLN P 20 32.25 48.11 38.95
CA GLN P 20 31.26 47.30 39.64
C GLN P 20 31.85 46.18 40.48
N VAL P 21 32.87 45.52 39.95
CA VAL P 21 33.50 44.45 40.70
C VAL P 21 34.08 45.07 41.97
N GLU P 22 34.83 46.17 41.78
CA GLU P 22 35.45 46.87 42.89
C GLU P 22 34.40 47.18 43.94
N TYR P 23 33.31 47.78 43.48
CA TYR P 23 32.21 48.18 44.37
C TYR P 23 31.51 46.99 44.98
N ALA P 24 31.40 45.92 44.21
CA ALA P 24 30.74 44.73 44.73
C ALA P 24 31.55 44.22 45.90
N LEU P 25 32.87 44.20 45.72
CA LEU P 25 33.78 43.77 46.77
C LEU P 25 33.59 44.64 48.00
N GLU P 26 33.53 45.95 47.79
CA GLU P 26 33.32 46.90 48.87
C GLU P 26 32.06 46.51 49.64
N SER P 27 31.10 45.95 48.92
CA SER P 27 29.85 45.53 49.53
C SER P 27 30.11 44.31 50.40
N ILE P 28 30.84 43.36 49.81
CA ILE P 28 31.19 42.12 50.48
C ILE P 28 31.92 42.36 51.80
N SER P 29 32.77 43.38 51.80
CA SER P 29 33.56 43.70 52.97
C SER P 29 32.76 44.05 54.22
N HIS P 30 31.45 44.17 54.09
CA HIS P 30 30.61 44.49 55.25
C HIS P 30 29.79 43.28 55.68
N ALA P 31 29.91 42.19 54.93
CA ALA P 31 29.16 40.97 55.23
C ALA P 31 29.79 40.19 56.38
N GLY P 32 28.97 39.43 57.10
CA GLY P 32 29.49 38.62 58.19
C GLY P 32 30.71 37.84 57.72
N THR P 33 31.71 37.75 58.60
CA THR P 33 32.94 37.06 58.27
C THR P 33 32.79 35.55 58.10
N ALA P 34 33.46 35.02 57.08
CA ALA P 34 33.45 33.59 56.79
C ALA P 34 34.89 33.10 56.70
N ILE P 35 35.18 32.00 57.39
CA ILE P 35 36.52 31.42 57.42
C ILE P 35 36.53 29.95 57.01
N GLY P 36 37.56 29.59 56.26
CA GLY P 36 37.73 28.22 55.81
C GLY P 36 39.15 27.80 56.08
N ILE P 37 39.33 26.75 56.88
CA ILE P 37 40.66 26.26 57.20
C ILE P 37 40.75 24.79 56.83
N MET P 38 41.78 24.48 56.04
CA MET P 38 41.99 23.12 55.59
C MET P 38 43.10 22.37 56.35
N ALA P 39 42.71 21.34 57.08
CA ALA P 39 43.65 20.52 57.84
C ALA P 39 44.15 19.39 56.93
N SER P 40 44.93 18.48 57.49
CA SER P 40 45.49 17.37 56.71
C SER P 40 44.47 16.24 56.60
N ASP P 41 43.55 16.18 57.54
CA ASP P 41 42.54 15.14 57.56
C ASP P 41 41.11 15.69 57.47
N GLY P 42 40.97 16.91 56.95
CA GLY P 42 39.64 17.48 56.80
C GLY P 42 39.60 18.98 56.56
N ILE P 43 38.40 19.52 56.36
CA ILE P 43 38.25 20.95 56.14
C ILE P 43 37.22 21.54 57.10
N VAL P 44 37.38 22.83 57.41
CA VAL P 44 36.47 23.51 58.33
C VAL P 44 35.92 24.80 57.74
N LEU P 45 34.60 24.97 57.86
CA LEU P 45 33.95 26.19 57.40
C LEU P 45 33.26 26.81 58.60
N ALA P 46 33.58 28.08 58.85
CA ALA P 46 32.99 28.82 59.96
C ALA P 46 32.53 30.20 59.47
N ALA P 47 31.31 30.59 59.82
CA ALA P 47 30.78 31.89 59.41
C ALA P 47 30.03 32.58 60.55
N GLU P 48 30.07 33.91 60.55
CA GLU P 48 29.40 34.71 61.58
C GLU P 48 28.09 35.25 61.01
N ARG P 49 26.97 34.89 61.65
CA ARG P 49 25.65 35.35 61.23
C ARG P 49 25.56 36.85 61.40
N LYS P 50 25.39 37.59 60.30
CA LYS P 50 25.26 39.03 60.42
C LYS P 50 23.81 39.34 60.82
N VAL P 51 23.66 40.27 61.76
CA VAL P 51 22.34 40.69 62.27
C VAL P 51 21.49 39.53 62.81
N THR P 52 21.18 39.61 64.10
CA THR P 52 20.39 38.58 64.77
C THR P 52 19.49 39.21 65.84
N SER P 53 18.56 38.40 66.33
CA SER P 53 17.62 38.85 67.36
C SER P 53 17.25 37.69 68.26
N THR P 54 16.53 37.99 69.33
CA THR P 54 16.08 36.97 70.25
C THR P 54 15.09 36.09 69.50
N LEU P 55 14.25 36.74 68.70
CA LEU P 55 13.20 36.07 67.94
C LEU P 55 13.65 35.34 66.67
N LEU P 56 14.79 35.71 66.10
CA LEU P 56 15.24 35.03 64.90
C LEU P 56 15.37 33.54 65.16
N GLU P 57 14.58 32.76 64.43
CA GLU P 57 14.58 31.29 64.54
C GLU P 57 15.92 30.78 64.01
N GLN P 58 16.71 30.15 64.88
CA GLN P 58 18.03 29.69 64.43
C GLN P 58 18.08 28.26 63.90
N ASP P 59 17.26 27.38 64.46
CA ASP P 59 17.26 26.00 64.01
C ASP P 59 16.88 25.89 62.54
N THR P 60 16.05 26.84 62.10
CA THR P 60 15.58 26.87 60.73
C THR P 60 16.42 27.75 59.79
N SER P 61 17.32 28.56 60.37
CA SER P 61 18.14 29.47 59.57
C SER P 61 19.44 28.88 59.01
N THR P 62 19.77 29.31 57.78
CA THR P 62 20.98 28.87 57.06
C THR P 62 21.38 29.99 56.09
N GLU P 63 21.87 31.11 56.62
CA GLU P 63 22.24 32.24 55.78
C GLU P 63 23.68 32.25 55.24
N LYS P 64 24.50 31.25 55.57
CA LYS P 64 25.88 31.31 55.09
C LYS P 64 26.53 30.00 54.64
N LEU P 65 26.02 28.87 55.12
CA LEU P 65 26.58 27.55 54.75
C LEU P 65 25.58 26.71 53.98
N TYR P 66 25.92 26.42 52.73
CA TYR P 66 25.05 25.63 51.88
C TYR P 66 25.76 24.40 51.33
N LYS P 67 25.06 23.28 51.36
CA LYS P 67 25.60 22.03 50.84
C LYS P 67 25.34 22.04 49.34
N LEU P 68 26.39 21.85 48.54
CA LEU P 68 26.24 21.83 47.09
C LEU P 68 26.13 20.40 46.57
N ASN P 69 26.95 19.56 47.15
CA ASN P 69 27.10 18.17 46.77
C ASN P 69 27.23 17.39 48.07
N ASP P 70 27.56 16.12 47.98
CA ASP P 70 27.75 15.32 49.19
C ASP P 70 29.18 15.53 49.64
N LYS P 71 30.03 16.02 48.73
CA LYS P 71 31.42 16.25 49.04
C LYS P 71 31.90 17.70 48.91
N ILE P 72 30.99 18.60 48.52
CA ILE P 72 31.34 20.02 48.39
C ILE P 72 30.33 20.88 49.16
N ALA P 73 30.82 21.93 49.81
CA ALA P 73 29.95 22.85 50.53
C ALA P 73 30.59 24.23 50.39
N VAL P 74 29.78 25.29 50.53
CA VAL P 74 30.32 26.64 50.42
C VAL P 74 29.87 27.51 51.55
N ALA P 75 30.67 28.53 51.82
CA ALA P 75 30.38 29.53 52.83
C ALA P 75 30.20 30.81 52.01
N VAL P 76 29.11 31.52 52.28
CA VAL P 76 28.77 32.75 51.56
C VAL P 76 29.07 34.04 52.30
N ALA P 77 29.48 35.06 51.55
CA ALA P 77 29.75 36.37 52.11
C ALA P 77 29.24 37.36 51.09
N GLY P 78 28.13 38.03 51.41
CA GLY P 78 27.55 39.00 50.51
C GLY P 78 26.04 38.89 50.42
N LEU P 79 25.47 39.21 49.27
CA LEU P 79 24.02 39.14 49.08
C LEU P 79 23.52 37.70 49.11
N THR P 80 22.78 37.31 50.13
CA THR P 80 22.27 35.94 50.22
C THR P 80 21.47 35.54 48.98
N ALA P 81 20.61 36.46 48.53
CA ALA P 81 19.78 36.25 47.35
C ALA P 81 20.62 35.94 46.13
N ASP P 82 21.65 36.75 45.86
CA ASP P 82 22.53 36.52 44.72
C ASP P 82 23.21 35.16 44.87
N ALA P 83 23.62 34.86 46.10
CA ALA P 83 24.29 33.62 46.41
C ALA P 83 23.43 32.46 45.96
N GLU P 84 22.19 32.41 46.43
CA GLU P 84 21.29 31.31 46.05
C GLU P 84 21.17 31.08 44.55
N ILE P 85 21.02 32.15 43.77
CA ILE P 85 20.94 31.95 42.34
C ILE P 85 22.16 31.15 41.90
N LEU P 86 23.34 31.58 42.32
CA LEU P 86 24.58 30.90 41.97
C LEU P 86 24.65 29.49 42.57
N ILE P 87 24.28 29.38 43.84
CA ILE P 87 24.29 28.08 44.52
C ILE P 87 23.55 27.05 43.67
N ASN P 88 22.28 27.30 43.44
CA ASN P 88 21.45 26.41 42.66
C ASN P 88 22.01 25.98 41.31
N THR P 89 22.54 26.91 40.51
CA THR P 89 23.08 26.49 39.23
C THR P 89 24.23 25.54 39.47
N ALA P 90 24.98 25.78 40.54
CA ALA P 90 26.11 24.91 40.89
C ALA P 90 25.57 23.51 41.19
N ARG P 91 24.57 23.42 42.07
CA ARG P 91 24.00 22.12 42.39
C ARG P 91 23.59 21.37 41.11
N ILE P 92 22.97 22.07 40.16
CA ILE P 92 22.57 21.45 38.90
C ILE P 92 23.82 20.94 38.20
N HIS P 93 24.81 21.80 38.06
CA HIS P 93 26.06 21.44 37.39
C HIS P 93 26.67 20.12 37.90
N ALA P 94 26.69 19.94 39.23
CA ALA P 94 27.24 18.73 39.84
C ALA P 94 26.50 17.48 39.41
N GLN P 95 25.18 17.59 39.34
CA GLN P 95 24.32 16.49 38.93
C GLN P 95 24.43 16.18 37.45
N ASN P 96 24.74 17.18 36.64
CA ASN P 96 24.87 16.94 35.21
C ASN P 96 26.16 16.20 35.01
N TYR P 97 27.21 16.60 35.73
CA TYR P 97 28.50 15.93 35.59
C TYR P 97 28.29 14.45 35.95
N LEU P 98 27.65 14.22 37.10
CA LEU P 98 27.38 12.87 37.56
C LEU P 98 26.54 12.08 36.58
N LYS P 99 25.56 12.73 35.96
CA LYS P 99 24.70 12.05 34.99
C LYS P 99 25.44 11.74 33.70
N THR P 100 26.46 12.52 33.39
CA THR P 100 27.20 12.30 32.16
C THR P 100 28.31 11.27 32.29
N TYR P 101 29.06 11.37 33.38
CA TYR P 101 30.21 10.49 33.61
C TYR P 101 30.05 9.40 34.63
N ASN P 102 29.01 9.50 35.46
CA ASN P 102 28.79 8.52 36.50
C ASN P 102 29.85 8.61 37.57
N GLU P 103 30.40 9.81 37.72
CA GLU P 103 31.43 10.10 38.71
C GLU P 103 31.11 11.45 39.33
N ASP P 104 31.35 11.59 40.63
CA ASP P 104 31.09 12.86 41.29
C ASP P 104 32.02 13.91 40.69
N ILE P 105 31.50 15.12 40.54
CA ILE P 105 32.23 16.23 39.96
C ILE P 105 33.45 16.65 40.79
N PRO P 106 34.64 16.69 40.15
CA PRO P 106 35.87 17.09 40.84
C PRO P 106 35.67 18.51 41.36
N VAL P 107 36.12 18.79 42.57
CA VAL P 107 35.94 20.10 43.18
C VAL P 107 36.33 21.31 42.33
N GLU P 108 37.49 21.30 41.69
CA GLU P 108 37.86 22.46 40.90
C GLU P 108 36.93 22.68 39.71
N ILE P 109 36.57 21.60 39.03
CA ILE P 109 35.67 21.68 37.88
C ILE P 109 34.38 22.48 38.23
N LEU P 110 33.78 22.18 39.38
CA LEU P 110 32.58 22.88 39.80
C LEU P 110 32.92 24.35 40.08
N VAL P 111 34.02 24.60 40.79
CA VAL P 111 34.43 25.96 41.10
C VAL P 111 34.70 26.82 39.87
N ARG P 112 35.34 26.24 38.85
CA ARG P 112 35.65 27.00 37.64
C ARG P 112 34.42 27.45 36.84
N ARG P 113 33.38 26.62 36.84
CA ARG P 113 32.15 26.91 36.12
C ARG P 113 31.45 28.08 36.80
N LEU P 114 31.24 27.95 38.10
CA LEU P 114 30.59 28.97 38.88
C LEU P 114 31.36 30.29 38.73
N SER P 115 32.67 30.22 38.73
CA SER P 115 33.49 31.42 38.60
C SER P 115 33.28 32.02 37.21
N ASP P 116 33.19 31.14 36.22
CA ASP P 116 32.98 31.57 34.84
C ASP P 116 31.64 32.30 34.71
N ILE P 117 30.62 31.79 35.39
CA ILE P 117 29.32 32.44 35.34
C ILE P 117 29.51 33.88 35.81
N LYS P 118 30.19 34.04 36.94
CA LYS P 118 30.45 35.37 37.50
C LYS P 118 31.23 36.22 36.51
N GLN P 119 32.29 35.64 35.95
CA GLN P 119 33.13 36.35 35.00
C GLN P 119 32.30 36.96 33.90
N GLY P 120 31.24 36.26 33.50
CA GLY P 120 30.37 36.74 32.44
C GLY P 120 29.69 38.07 32.70
N TYR P 121 29.02 38.18 33.85
CA TYR P 121 28.34 39.41 34.20
C TYR P 121 29.34 40.57 34.27
N THR P 122 30.59 40.24 33.99
CA THR P 122 31.70 41.18 34.02
C THR P 122 32.10 41.68 32.64
N GLN P 123 31.78 40.90 31.60
CA GLN P 123 32.20 41.27 30.27
C GLN P 123 31.12 41.57 29.26
N HIS P 124 29.87 41.23 29.59
CA HIS P 124 28.78 41.49 28.67
C HIS P 124 27.42 41.42 29.36
N GLY P 125 26.41 42.00 28.70
CA GLY P 125 25.05 41.95 29.23
C GLY P 125 24.52 43.15 29.98
N GLY P 126 25.37 44.14 30.21
CA GLY P 126 24.93 45.33 30.91
C GLY P 126 24.20 45.12 32.23
N LEU P 127 24.47 43.99 32.90
CA LEU P 127 23.85 43.70 34.20
C LEU P 127 24.86 43.87 35.34
N ARG P 128 24.36 44.01 36.56
CA ARG P 128 25.25 44.17 37.71
C ARG P 128 25.82 42.80 38.07
N PRO P 129 27.03 42.76 38.63
CA PRO P 129 27.64 41.47 39.00
C PRO P 129 26.96 40.93 40.27
N PHE P 130 27.22 39.67 40.61
CA PHE P 130 26.63 39.11 41.83
C PHE P 130 27.47 39.59 43.00
N GLY P 131 26.84 40.20 43.99
CA GLY P 131 27.57 40.68 45.16
C GLY P 131 27.82 39.55 46.13
N VAL P 132 28.69 38.63 45.72
CA VAL P 132 28.99 37.45 46.52
C VAL P 132 30.44 36.96 46.37
N SER P 133 30.94 36.38 47.45
CA SER P 133 32.26 35.77 47.47
C SER P 133 32.02 34.41 48.11
N PHE P 134 32.64 33.39 47.55
CA PHE P 134 32.48 32.04 48.05
C PHE P 134 33.76 31.42 48.59
N ILE P 135 33.60 30.57 49.60
CA ILE P 135 34.70 29.80 50.13
C ILE P 135 34.20 28.39 49.90
N TYR P 136 34.86 27.66 49.00
CA TYR P 136 34.46 26.30 48.70
C TYR P 136 35.31 25.30 49.47
N ALA P 137 34.64 24.38 50.15
CA ALA P 137 35.32 23.35 50.92
C ALA P 137 34.80 22.02 50.39
N GLY P 138 35.65 21.27 49.70
CA GLY P 138 35.20 20.01 49.17
C GLY P 138 36.28 18.97 49.07
N TYR P 139 35.88 17.75 48.74
CA TYR P 139 36.79 16.64 48.63
C TYR P 139 36.59 15.74 47.42
N ASP P 140 37.68 15.39 46.75
CA ASP P 140 37.59 14.50 45.61
C ASP P 140 38.81 13.59 45.59
N ASP P 141 38.72 12.50 44.83
CA ASP P 141 39.82 11.53 44.78
C ASP P 141 40.97 11.89 43.87
N ARG P 142 41.16 13.18 43.59
CA ARG P 142 42.27 13.57 42.72
C ARG P 142 43.19 14.57 43.42
N TYR P 143 42.62 15.37 44.30
CA TYR P 143 43.38 16.37 45.00
C TYR P 143 43.01 16.33 46.47
N GLY P 144 42.23 15.33 46.84
CA GLY P 144 41.81 15.21 48.23
C GLY P 144 41.08 16.45 48.70
N TYR P 145 41.33 16.85 49.94
CA TYR P 145 40.69 18.04 50.49
C TYR P 145 41.21 19.28 49.80
N GLN P 146 40.28 20.13 49.40
CA GLN P 146 40.61 21.37 48.71
C GLN P 146 39.81 22.50 49.31
N LEU P 147 40.36 23.71 49.23
CA LEU P 147 39.70 24.88 49.76
C LEU P 147 39.92 25.96 48.72
N TYR P 148 38.82 26.52 48.22
CA TYR P 148 38.87 27.55 47.21
C TYR P 148 38.14 28.83 47.60
N THR P 149 38.27 29.83 46.72
CA THR P 149 37.61 31.10 46.94
C THR P 149 37.38 31.78 45.61
N SER P 150 36.20 32.37 45.46
CA SER P 150 35.84 33.09 44.24
C SER P 150 35.08 34.34 44.67
N ASN P 151 35.22 35.41 43.89
CA ASN P 151 34.56 36.67 44.18
C ASN P 151 33.85 37.23 42.94
N PRO P 152 33.13 38.37 43.09
CA PRO P 152 32.42 39.01 41.98
C PRO P 152 33.20 39.09 40.67
N SER P 153 34.52 39.18 40.76
CA SER P 153 35.35 39.29 39.57
C SER P 153 35.27 38.07 38.66
N GLY P 154 35.16 36.90 39.26
CA GLY P 154 35.10 35.68 38.48
C GLY P 154 36.44 34.97 38.57
N ASN P 155 37.26 35.42 39.50
CA ASN P 155 38.56 34.80 39.71
C ASN P 155 38.46 33.89 40.93
N TYR P 156 39.27 32.83 40.96
CA TYR P 156 39.26 31.93 42.09
C TYR P 156 40.68 31.42 42.35
N THR P 157 40.94 31.08 43.61
CA THR P 157 42.25 30.60 44.02
C THR P 157 42.12 29.56 45.13
N GLY P 158 43.22 28.81 45.34
CA GLY P 158 43.24 27.77 46.36
C GLY P 158 43.89 28.28 47.64
N TRP P 159 43.45 27.77 48.78
CA TRP P 159 44.01 28.21 50.06
C TRP P 159 44.16 27.11 51.09
N LYS P 160 45.03 27.36 52.06
CA LYS P 160 45.25 26.41 53.16
C LYS P 160 44.29 26.89 54.25
N ALA P 161 44.19 28.20 54.36
CA ALA P 161 43.28 28.84 55.31
C ALA P 161 42.96 30.22 54.72
N ILE P 162 41.70 30.63 54.85
CA ILE P 162 41.29 31.91 54.31
C ILE P 162 39.98 32.42 54.86
N SER P 163 39.76 33.71 54.68
CA SER P 163 38.55 34.35 55.15
C SER P 163 38.02 35.32 54.11
N VAL P 164 36.72 35.56 54.18
CA VAL P 164 36.04 36.50 53.28
C VAL P 164 35.02 37.27 54.08
N GLY P 165 34.69 38.46 53.63
CA GLY P 165 33.72 39.28 54.34
C GLY P 165 34.35 40.42 55.10
N ALA P 166 33.82 40.69 56.28
CA ALA P 166 34.34 41.78 57.09
C ALA P 166 35.63 41.42 57.82
N ASN P 167 36.45 42.44 58.09
CA ASN P 167 37.70 42.28 58.81
C ASN P 167 38.60 41.16 58.31
N THR P 168 38.64 40.94 57.00
CA THR P 168 39.47 39.86 56.47
C THR P 168 40.94 40.12 56.76
N SER P 169 41.34 41.37 56.61
CA SER P 169 42.72 41.77 56.87
C SER P 169 43.18 41.27 58.24
N ALA P 170 42.39 41.55 59.26
CA ALA P 170 42.71 41.11 60.61
C ALA P 170 42.71 39.59 60.69
N ALA P 171 41.63 38.97 60.22
CA ALA P 171 41.48 37.51 60.24
C ALA P 171 42.63 36.80 59.51
N GLN P 172 43.00 37.30 58.34
CA GLN P 172 44.08 36.71 57.56
C GLN P 172 45.35 36.71 58.38
N THR P 173 45.73 37.88 58.87
CA THR P 173 46.93 38.04 59.70
C THR P 173 46.99 37.00 60.82
N LEU P 174 45.89 36.85 61.55
CA LEU P 174 45.80 35.88 62.64
C LEU P 174 45.95 34.42 62.22
N LEU P 175 45.42 34.08 61.04
CA LEU P 175 45.51 32.70 60.54
C LEU P 175 46.93 32.44 60.07
N GLN P 176 47.51 33.44 59.44
CA GLN P 176 48.87 33.36 58.92
C GLN P 176 49.87 33.30 60.06
N MET P 177 49.33 33.46 61.26
CA MET P 177 50.13 33.49 62.48
C MET P 177 50.11 32.16 63.21
N ASP P 178 48.98 31.46 63.16
CA ASP P 178 48.87 30.18 63.86
C ASP P 178 48.57 28.96 63.01
N TYR P 179 48.62 29.09 61.69
CA TYR P 179 48.37 27.95 60.84
C TYR P 179 49.66 27.16 60.62
N LYS P 180 49.55 25.84 60.72
CA LYS P 180 50.67 24.95 60.50
C LYS P 180 50.19 23.77 59.64
N ASP P 181 50.95 23.46 58.60
CA ASP P 181 50.61 22.39 57.66
C ASP P 181 50.19 21.06 58.30
N ASP P 182 50.83 20.71 59.39
CA ASP P 182 50.54 19.46 60.09
C ASP P 182 49.22 19.47 60.86
N MET P 183 48.57 20.63 60.93
CA MET P 183 47.32 20.75 61.67
C MET P 183 46.35 19.62 61.45
N LYS P 184 45.61 19.32 62.50
CA LYS P 184 44.60 18.27 62.47
C LYS P 184 43.28 19.03 62.44
N VAL P 185 42.25 18.43 61.86
CA VAL P 185 40.94 19.08 61.77
C VAL P 185 40.54 19.82 63.03
N ASP P 186 40.57 19.13 64.18
CA ASP P 186 40.18 19.76 65.44
C ASP P 186 41.04 20.95 65.77
N ASP P 187 42.27 20.96 65.29
CA ASP P 187 43.17 22.08 65.52
C ASP P 187 42.67 23.23 64.66
N ALA P 188 42.27 22.89 63.43
CA ALA P 188 41.74 23.87 62.49
C ALA P 188 40.43 24.42 63.02
N ILE P 189 39.58 23.54 63.53
CA ILE P 189 38.30 23.95 64.08
C ILE P 189 38.49 24.97 65.18
N GLU P 190 39.44 24.69 66.05
CA GLU P 190 39.73 25.58 67.17
C GLU P 190 40.30 26.91 66.67
N LEU P 191 41.24 26.85 65.73
CA LEU P 191 41.85 28.07 65.17
C LEU P 191 40.74 28.94 64.55
N ALA P 192 39.83 28.31 63.83
CA ALA P 192 38.73 29.00 63.16
C ALA P 192 37.91 29.82 64.14
N LEU P 193 37.45 29.20 65.21
CA LEU P 193 36.65 29.88 66.23
C LEU P 193 37.42 30.99 66.94
N LYS P 194 38.70 30.77 67.15
CA LYS P 194 39.52 31.76 67.82
C LYS P 194 39.58 33.00 66.94
N THR P 195 39.90 32.81 65.66
CA THR P 195 40.01 33.92 64.74
C THR P 195 38.76 34.77 64.73
N LEU P 196 37.61 34.14 64.51
CA LEU P 196 36.35 34.87 64.50
C LEU P 196 36.21 35.63 65.80
N SER P 197 36.31 34.89 66.90
CA SER P 197 36.21 35.46 68.24
C SER P 197 37.01 36.75 68.41
N LYS P 198 38.16 36.82 67.74
CA LYS P 198 39.01 38.01 67.84
C LYS P 198 38.71 39.10 66.82
N THR P 199 38.01 38.75 65.74
CA THR P 199 37.68 39.73 64.71
C THR P 199 36.21 40.16 64.72
N THR P 200 35.43 39.61 65.65
CA THR P 200 34.03 39.96 65.74
C THR P 200 33.79 41.40 66.15
N ASP P 201 32.78 42.01 65.55
CA ASP P 201 32.43 43.39 65.92
C ASP P 201 31.52 43.26 67.12
N SER P 202 31.08 42.04 67.38
CA SER P 202 30.18 41.76 68.51
C SER P 202 30.92 41.76 69.83
N SER P 203 30.13 41.64 70.89
CA SER P 203 30.65 41.63 72.26
C SER P 203 31.35 40.30 72.51
N ALA P 204 30.56 39.24 72.55
CA ALA P 204 31.07 37.90 72.76
C ALA P 204 30.68 37.03 71.57
N LEU P 205 31.38 35.92 71.38
CA LEU P 205 31.06 35.02 70.28
C LEU P 205 30.17 33.92 70.80
N THR P 206 28.87 34.10 70.65
CA THR P 206 27.90 33.12 71.10
C THR P 206 27.51 32.21 69.93
N TYR P 207 26.97 31.04 70.23
CA TYR P 207 26.59 30.09 69.19
C TYR P 207 25.48 30.60 68.26
N ASP P 208 24.49 31.27 68.83
CA ASP P 208 23.36 31.80 68.08
C ASP P 208 23.77 32.72 66.92
N ARG P 209 25.05 33.09 66.88
CA ARG P 209 25.55 33.98 65.84
C ARG P 209 26.54 33.24 64.95
N LEU P 210 26.48 31.92 64.97
CA LEU P 210 27.42 31.12 64.20
C LEU P 210 26.83 29.98 63.38
N GLU P 211 27.56 29.61 62.34
CA GLU P 211 27.22 28.51 61.46
C GLU P 211 28.53 27.77 61.30
N PHE P 212 28.47 26.44 61.34
CA PHE P 212 29.69 25.66 61.28
C PHE P 212 29.53 24.38 60.49
N ALA P 213 30.60 24.00 59.77
CA ALA P 213 30.57 22.78 58.97
C ALA P 213 31.97 22.18 58.83
N THR P 214 32.03 20.85 58.76
CA THR P 214 33.30 20.12 58.62
C THR P 214 33.20 18.98 57.60
N ILE P 215 34.23 18.85 56.77
CA ILE P 215 34.27 17.79 55.78
C ILE P 215 35.44 16.90 56.16
N ARG P 216 35.16 15.90 56.99
CA ARG P 216 36.16 14.98 57.46
C ARG P 216 35.94 13.59 56.93
N LYS P 217 36.93 12.73 57.12
CA LYS P 217 36.83 11.36 56.66
C LYS P 217 36.62 10.46 57.88
N GLY P 218 35.37 10.27 58.29
CA GLY P 218 35.09 9.43 59.45
C GLY P 218 35.81 8.10 59.33
N ALA P 219 37.03 8.05 59.89
CA ALA P 219 37.90 6.86 59.86
C ALA P 219 37.17 5.53 59.88
N ASN P 220 36.16 5.43 60.74
CA ASN P 220 35.35 4.22 60.84
C ASN P 220 34.38 4.22 59.67
N ASP P 221 34.91 4.03 58.47
CA ASP P 221 34.11 4.02 57.25
C ASP P 221 34.99 3.92 56.00
N GLY P 222 35.90 4.87 55.82
CA GLY P 222 36.77 4.86 54.65
C GLY P 222 36.28 5.86 53.61
N GLU P 223 35.21 6.58 53.95
CA GLU P 223 34.61 7.58 53.06
C GLU P 223 34.56 8.94 53.78
N VAL P 224 34.38 10.01 53.01
CA VAL P 224 34.33 11.36 53.56
C VAL P 224 32.90 11.73 53.99
N TYR P 225 32.77 12.68 54.91
CA TYR P 225 31.46 13.08 55.41
C TYR P 225 31.32 14.57 55.72
N GLN P 226 30.24 15.17 55.22
CA GLN P 226 29.94 16.58 55.46
C GLN P 226 29.04 16.66 56.67
N LYS P 227 29.21 17.69 57.49
CA LYS P 227 28.38 17.83 58.66
C LYS P 227 28.18 19.30 58.95
N ILE P 228 26.95 19.77 58.84
CA ILE P 228 26.67 21.16 59.14
C ILE P 228 26.16 21.13 60.57
N PHE P 229 26.97 21.67 61.49
CA PHE P 229 26.62 21.68 62.89
C PHE P 229 25.29 22.35 63.17
N LYS P 230 24.59 21.81 64.16
CA LYS P 230 23.31 22.33 64.58
C LYS P 230 23.56 23.27 65.75
N PRO P 231 22.59 24.15 66.04
CA PRO P 231 22.73 25.09 67.15
C PRO P 231 23.41 24.53 68.41
N GLN P 232 22.98 23.35 68.85
CA GLN P 232 23.56 22.75 70.04
C GLN P 232 24.98 22.26 69.82
N GLU P 233 25.26 21.74 68.64
CA GLU P 233 26.60 21.23 68.31
C GLU P 233 27.61 22.37 68.28
N ILE P 234 27.16 23.55 67.87
CA ILE P 234 28.00 24.73 67.81
C ILE P 234 28.16 25.24 69.23
N LYS P 235 27.10 25.13 70.01
CA LYS P 235 27.11 25.58 71.41
C LYS P 235 28.09 24.74 72.23
N ASP P 236 28.15 23.44 71.93
CA ASP P 236 29.04 22.52 72.63
C ASP P 236 30.50 22.85 72.31
N ILE P 237 30.85 22.72 71.04
CA ILE P 237 32.20 23.00 70.58
C ILE P 237 32.70 24.35 71.07
N LEU P 238 31.80 25.30 71.21
CA LEU P 238 32.16 26.64 71.66
C LEU P 238 32.68 26.59 73.09
N VAL P 239 32.03 25.78 73.92
CA VAL P 239 32.43 25.63 75.33
C VAL P 239 33.77 24.90 75.44
N LYS P 240 33.87 23.79 74.73
CA LYS P 240 35.08 22.97 74.74
C LYS P 240 36.34 23.75 74.32
N THR P 241 36.34 24.30 73.11
CA THR P 241 37.50 25.04 72.63
C THR P 241 37.86 26.18 73.59
N GLY P 242 37.05 26.33 74.63
CA GLY P 242 37.31 27.35 75.62
C GLY P 242 36.81 28.75 75.30
N ILE P 243 35.61 28.86 74.79
CA ILE P 243 35.05 30.16 74.49
C ILE P 243 33.75 30.24 75.30
N THR P 244 33.36 29.08 75.84
CA THR P 244 32.15 28.90 76.65
C THR P 244 30.94 29.67 76.12
N GLY Q 1 20.10 41.09 23.43
CA GLY Q 1 19.44 42.21 24.14
C GLY Q 1 20.33 43.42 24.31
N TYR Q 2 21.30 43.34 25.22
CA TYR Q 2 22.20 44.46 25.47
C TYR Q 2 23.26 44.57 24.40
N ASP Q 3 23.25 45.67 23.64
CA ASP Q 3 24.23 45.85 22.57
C ASP Q 3 24.87 47.23 22.51
N ARG Q 4 24.92 47.93 23.65
CA ARG Q 4 25.52 49.27 23.67
C ARG Q 4 26.96 49.19 23.18
N ALA Q 5 27.34 50.11 22.31
CA ALA Q 5 28.70 50.14 21.79
C ALA Q 5 29.58 50.65 22.91
N LEU Q 6 30.30 49.74 23.57
CA LEU Q 6 31.20 50.11 24.67
C LEU Q 6 32.60 50.50 24.21
N SER Q 7 32.98 50.07 23.02
CA SER Q 7 34.30 50.43 22.49
C SER Q 7 34.09 51.29 21.26
N ILE Q 8 34.32 52.60 21.39
CA ILE Q 8 34.15 53.49 20.25
C ILE Q 8 35.25 54.52 20.15
N PHE Q 9 35.32 55.23 19.03
CA PHE Q 9 36.33 56.25 18.83
C PHE Q 9 36.05 57.55 19.59
N SER Q 10 37.10 58.24 19.95
CA SER Q 10 36.98 59.53 20.61
C SER Q 10 37.71 60.48 19.67
N PRO Q 11 37.45 61.78 19.78
CA PRO Q 11 38.05 62.83 18.95
C PRO Q 11 39.46 62.60 18.39
N ASP Q 12 40.38 62.21 19.25
CA ASP Q 12 41.77 61.99 18.85
C ASP Q 12 42.03 60.68 18.12
N GLY Q 13 40.95 59.93 17.86
CA GLY Q 13 41.08 58.67 17.15
C GLY Q 13 41.47 57.51 18.05
N HIS Q 14 41.16 57.62 19.34
CA HIS Q 14 41.49 56.55 20.28
C HIS Q 14 40.26 55.75 20.65
N ILE Q 15 40.48 54.56 21.18
CA ILE Q 15 39.39 53.72 21.63
C ILE Q 15 39.75 53.37 23.06
N PHE Q 16 39.45 54.31 23.95
CA PHE Q 16 39.76 54.18 25.36
C PHE Q 16 39.50 52.85 26.04
N GLN Q 17 38.37 52.20 25.77
CA GLN Q 17 38.12 50.92 26.41
C GLN Q 17 39.22 49.90 26.11
N VAL Q 18 39.77 49.95 24.90
CA VAL Q 18 40.83 49.02 24.52
C VAL Q 18 42.12 49.46 25.22
N GLU Q 19 42.31 50.76 25.35
CA GLU Q 19 43.49 51.29 26.01
C GLU Q 19 43.44 50.98 27.50
N TYR Q 20 42.28 51.15 28.11
CA TYR Q 20 42.12 50.87 29.54
C TYR Q 20 42.27 49.38 29.77
N ALA Q 21 41.95 48.61 28.75
CA ALA Q 21 42.08 47.16 28.84
C ALA Q 21 43.58 46.87 28.96
N LEU Q 22 44.37 47.61 28.20
CA LEU Q 22 45.82 47.45 28.24
C LEU Q 22 46.36 47.82 29.61
N GLU Q 23 45.70 48.79 30.26
CA GLU Q 23 46.10 49.21 31.60
C GLU Q 23 45.98 48.03 32.55
N ALA Q 24 44.95 47.22 32.36
CA ALA Q 24 44.74 46.06 33.20
C ALA Q 24 45.93 45.13 33.05
N VAL Q 25 46.47 45.06 31.84
CA VAL Q 25 47.63 44.22 31.55
C VAL Q 25 48.86 44.70 32.30
N LYS Q 26 49.10 46.02 32.26
CA LYS Q 26 50.25 46.59 32.95
C LYS Q 26 50.25 46.23 34.44
N ARG Q 27 49.07 46.17 35.03
CA ARG Q 27 48.92 45.85 36.45
C ARG Q 27 49.08 44.36 36.77
N GLY Q 28 48.97 43.52 35.76
CA GLY Q 28 49.09 42.09 35.97
C GLY Q 28 50.52 41.62 36.23
N THR Q 29 50.65 40.43 36.80
CA THR Q 29 51.97 39.86 37.09
C THR Q 29 52.75 39.75 35.78
N CYS Q 30 54.07 39.79 35.88
CA CYS Q 30 54.92 39.71 34.70
C CYS Q 30 55.00 38.33 34.08
N ALA Q 31 55.14 38.32 32.75
CA ALA Q 31 55.26 37.08 31.99
C ALA Q 31 56.33 37.32 30.94
N VAL Q 32 57.13 36.31 30.68
CA VAL Q 32 58.20 36.43 29.71
C VAL Q 32 58.33 35.16 28.93
N GLY Q 33 58.84 35.29 27.72
CA GLY Q 33 59.05 34.14 26.86
C GLY Q 33 60.26 34.36 26.00
N VAL Q 34 61.16 33.38 25.99
CA VAL Q 34 62.37 33.50 25.20
C VAL Q 34 62.56 32.20 24.44
N LYS Q 35 62.87 32.32 23.16
CA LYS Q 35 63.07 31.13 22.36
C LYS Q 35 64.55 30.84 22.21
N GLY Q 36 64.88 29.56 22.32
CA GLY Q 36 66.26 29.13 22.18
C GLY Q 36 66.51 28.69 20.76
N LYS Q 37 67.47 27.82 20.57
CA LYS Q 37 67.79 27.34 19.23
C LYS Q 37 67.00 26.07 18.95
N ASN Q 38 66.41 25.50 19.99
CA ASN Q 38 65.64 24.27 19.86
C ASN Q 38 64.72 24.09 21.04
N CYS Q 39 64.09 25.19 21.45
CA CYS Q 39 63.15 25.18 22.56
C CYS Q 39 62.63 26.59 22.77
N VAL Q 40 61.61 26.71 23.61
CA VAL Q 40 61.04 28.02 23.94
C VAL Q 40 60.73 27.90 25.42
N VAL Q 41 60.99 28.96 26.17
CA VAL Q 41 60.73 28.93 27.60
C VAL Q 41 59.79 30.06 27.99
N LEU Q 42 58.89 29.77 28.92
CA LEU Q 42 57.96 30.77 29.39
C LEU Q 42 58.06 30.87 30.91
N GLY Q 43 58.16 32.10 31.41
CA GLY Q 43 58.27 32.34 32.83
C GLY Q 43 57.25 33.38 33.25
N CYS Q 44 56.72 33.23 34.46
CA CYS Q 44 55.73 34.14 34.99
C CYS Q 44 55.99 34.33 36.48
N GLU Q 45 55.67 35.50 37.01
CA GLU Q 45 55.89 35.75 38.43
C GLU Q 45 54.62 35.44 39.22
N ARG Q 46 54.77 35.32 40.53
CA ARG Q 46 53.63 35.04 41.41
C ARG Q 46 53.47 36.17 42.43
N ARG Q 47 52.31 36.80 42.43
CA ARG Q 47 52.02 37.89 43.36
C ARG Q 47 52.30 37.42 44.80
N SER Q 48 52.38 38.38 45.72
CA SER Q 48 52.61 38.07 47.13
C SER Q 48 51.68 38.85 48.07
N THR Q 49 50.75 39.61 47.48
CA THR Q 49 49.75 40.41 48.23
C THR Q 49 49.18 39.63 49.42
N LEU Q 50 49.11 38.30 49.25
CA LEU Q 50 48.63 37.37 50.26
C LEU Q 50 49.40 36.07 50.02
N LYS Q 51 49.84 35.42 51.09
CA LYS Q 51 50.56 34.16 50.96
C LYS Q 51 50.09 33.19 52.04
N LEU Q 52 49.46 32.11 51.60
CA LEU Q 52 48.93 31.07 52.47
C LEU Q 52 48.06 30.24 51.54
N GLN Q 53 48.39 30.34 50.26
CA GLN Q 53 47.68 29.65 49.21
C GLN Q 53 48.08 28.19 49.14
N ASP Q 54 47.34 27.44 48.33
CA ASP Q 54 47.63 26.05 48.14
C ASP Q 54 48.08 25.92 46.69
N THR Q 55 49.40 26.04 46.48
CA THR Q 55 50.00 25.97 45.17
C THR Q 55 49.67 24.73 44.33
N ARG Q 56 49.19 23.67 44.97
CA ARG Q 56 48.83 22.45 44.26
C ARG Q 56 47.62 22.70 43.34
N ILE Q 57 46.58 23.26 43.93
CA ILE Q 57 45.33 23.55 43.23
C ILE Q 57 45.18 24.92 42.56
N THR Q 58 45.70 25.98 43.18
CA THR Q 58 45.59 27.31 42.58
C THR Q 58 46.07 27.26 41.12
N PRO Q 59 45.17 27.62 40.19
CA PRO Q 59 45.49 27.62 38.75
C PRO Q 59 46.82 28.33 38.41
N SER Q 60 47.68 27.64 37.66
CA SER Q 60 48.97 28.21 37.26
C SER Q 60 48.80 29.15 36.08
N LYS Q 61 49.86 29.87 35.74
CA LYS Q 61 49.81 30.84 34.66
C LYS Q 61 50.03 30.29 33.25
N VAL Q 62 50.88 29.28 33.11
CA VAL Q 62 51.12 28.70 31.79
C VAL Q 62 50.13 27.60 31.50
N SER Q 63 49.31 27.80 30.47
CA SER Q 63 48.30 26.82 30.09
C SER Q 63 48.60 26.14 28.76
N LYS Q 64 48.27 24.85 28.69
CA LYS Q 64 48.46 24.08 27.46
C LYS Q 64 47.19 24.20 26.64
N ILE Q 65 47.36 24.48 25.35
CA ILE Q 65 46.22 24.62 24.44
C ILE Q 65 46.08 23.26 23.76
N ASP Q 66 47.21 22.72 23.32
CA ASP Q 66 47.27 21.40 22.71
C ASP Q 66 48.58 20.81 23.23
N SER Q 67 48.87 19.55 22.92
CA SER Q 67 50.09 18.91 23.41
C SER Q 67 51.41 19.56 22.98
N HIS Q 68 51.35 20.46 22.00
CA HIS Q 68 52.55 21.11 21.48
C HIS Q 68 52.55 22.64 21.57
N VAL Q 69 51.50 23.22 22.15
CA VAL Q 69 51.42 24.67 22.25
C VAL Q 69 50.92 25.11 23.63
N VAL Q 70 51.53 26.17 24.15
CA VAL Q 70 51.14 26.69 25.46
C VAL Q 70 50.88 28.17 25.41
N LEU Q 71 50.10 28.65 26.37
CA LEU Q 71 49.76 30.06 26.43
C LEU Q 71 49.83 30.60 27.86
N SER Q 72 50.59 31.67 28.03
CA SER Q 72 50.71 32.32 29.33
C SER Q 72 50.15 33.72 29.09
N PHE Q 73 49.93 34.49 30.14
CA PHE Q 73 49.34 35.80 29.96
C PHE Q 73 49.59 36.76 31.12
N SER Q 74 49.22 38.01 30.90
CA SER Q 74 49.31 39.07 31.91
C SER Q 74 48.02 39.86 31.81
N GLY Q 75 47.36 40.03 32.95
CA GLY Q 75 46.11 40.77 32.96
C GLY Q 75 45.08 40.10 33.84
N LEU Q 76 43.80 40.32 33.52
CA LEU Q 76 42.71 39.75 34.29
C LEU Q 76 42.69 38.23 34.15
N ASN Q 77 42.65 37.53 35.28
CA ASN Q 77 42.63 36.08 35.27
C ASN Q 77 41.32 35.53 34.77
N ALA Q 78 40.22 36.10 35.25
CA ALA Q 78 38.91 35.63 34.81
C ALA Q 78 38.88 35.68 33.28
N ASP Q 79 39.34 36.78 32.70
CA ASP Q 79 39.35 36.94 31.25
C ASP Q 79 40.21 35.92 30.54
N SER Q 80 41.41 35.70 31.04
CA SER Q 80 42.29 34.73 30.38
C SER Q 80 41.60 33.39 30.15
N ARG Q 81 40.85 32.91 31.16
CA ARG Q 81 40.16 31.63 31.04
C ARG Q 81 39.33 31.50 29.77
N ILE Q 82 38.48 32.49 29.55
CA ILE Q 82 37.63 32.48 28.37
C ILE Q 82 38.48 32.35 27.11
N LEU Q 83 39.58 33.10 27.01
CA LEU Q 83 40.45 32.97 25.84
C LEU Q 83 41.07 31.57 25.78
N ILE Q 84 41.57 31.06 26.91
CA ILE Q 84 42.16 29.73 26.90
C ILE Q 84 41.17 28.65 26.45
N GLU Q 85 39.94 28.72 26.94
CA GLU Q 85 38.93 27.73 26.57
C GLU Q 85 38.66 27.76 25.08
N LYS Q 86 38.34 28.94 24.56
CA LYS Q 86 38.06 29.10 23.13
C LYS Q 86 39.23 28.60 22.29
N ALA Q 87 40.44 28.86 22.75
CA ALA Q 87 41.63 28.42 22.03
C ALA Q 87 41.76 26.89 22.03
N ARG Q 88 41.51 26.29 23.18
CA ARG Q 88 41.60 24.83 23.31
C ARG Q 88 40.56 24.14 22.43
N VAL Q 89 39.38 24.72 22.38
CA VAL Q 89 38.31 24.17 21.58
C VAL Q 89 38.66 24.29 20.10
N GLU Q 90 39.12 25.46 19.67
CA GLU Q 90 39.48 25.65 18.27
C GLU Q 90 40.59 24.68 17.89
N ALA Q 91 41.42 24.32 18.86
CA ALA Q 91 42.53 23.42 18.63
C ALA Q 91 42.01 22.04 18.21
N GLN Q 92 41.08 21.50 18.98
CA GLN Q 92 40.50 20.19 18.68
C GLN Q 92 39.73 20.22 17.36
N SER Q 93 38.98 21.29 17.15
CA SER Q 93 38.18 21.43 15.94
C SER Q 93 39.07 21.44 14.70
N HIS Q 94 40.24 22.06 14.81
CA HIS Q 94 41.15 22.14 13.68
C HIS Q 94 41.70 20.74 13.36
N ARG Q 95 41.93 19.94 14.40
CA ARG Q 95 42.43 18.59 14.23
C ARG Q 95 41.36 17.76 13.56
N LEU Q 96 40.13 17.94 14.02
CA LEU Q 96 38.99 17.20 13.51
C LEU Q 96 38.62 17.48 12.06
N THR Q 97 38.74 18.73 11.62
CA THR Q 97 38.38 19.08 10.25
C THR Q 97 39.53 19.06 9.25
N LEU Q 98 40.71 19.52 9.66
CA LEU Q 98 41.87 19.54 8.76
C LEU Q 98 42.77 18.33 8.95
N GLU Q 99 42.49 17.53 9.98
CA GLU Q 99 43.30 16.35 10.28
C GLU Q 99 44.77 16.72 10.49
N ASP Q 100 45.00 17.78 11.26
CA ASP Q 100 46.35 18.23 11.54
C ASP Q 100 46.32 19.26 12.66
N PRO Q 101 47.19 19.10 13.67
CA PRO Q 101 47.16 20.10 14.75
C PRO Q 101 47.52 21.50 14.27
N VAL Q 102 46.99 22.50 14.96
CA VAL Q 102 47.23 23.89 14.62
C VAL Q 102 48.69 24.27 14.67
N THR Q 103 49.07 25.26 13.86
CA THR Q 103 50.42 25.77 13.88
C THR Q 103 50.35 26.76 15.05
N VAL Q 104 51.50 27.17 15.58
CA VAL Q 104 51.50 28.11 16.68
C VAL Q 104 50.96 29.45 16.18
N GLU Q 105 51.36 29.80 14.97
CA GLU Q 105 50.92 31.04 14.36
C GLU Q 105 49.40 31.06 14.20
N TYR Q 106 48.83 29.94 13.76
CA TYR Q 106 47.38 29.84 13.58
C TYR Q 106 46.65 30.02 14.90
N LEU Q 107 47.03 29.23 15.89
CA LEU Q 107 46.40 29.29 17.20
C LEU Q 107 46.47 30.73 17.72
N THR Q 108 47.52 31.43 17.29
CA THR Q 108 47.71 32.82 17.71
C THR Q 108 46.76 33.72 16.96
N ARG Q 109 46.75 33.58 15.63
CA ARG Q 109 45.86 34.37 14.79
C ARG Q 109 44.40 34.21 15.26
N TYR Q 110 44.06 33.03 15.74
CA TYR Q 110 42.72 32.76 16.23
C TYR Q 110 42.42 33.53 17.52
N VAL Q 111 43.31 33.40 18.49
CA VAL Q 111 43.13 34.06 19.76
C VAL Q 111 43.09 35.56 19.58
N ALA Q 112 43.95 36.05 18.70
CA ALA Q 112 44.01 37.48 18.42
C ALA Q 112 42.68 37.96 17.83
N GLY Q 113 42.11 37.13 16.95
CA GLY Q 113 40.85 37.45 16.33
C GLY Q 113 39.76 37.62 17.36
N VAL Q 114 39.66 36.68 18.27
CA VAL Q 114 38.65 36.74 19.30
C VAL Q 114 38.76 38.05 20.06
N GLN Q 115 39.99 38.45 20.36
CA GLN Q 115 40.19 39.70 21.08
C GLN Q 115 39.75 40.91 20.25
N GLN Q 116 40.16 40.94 18.99
CA GLN Q 116 39.80 42.04 18.11
C GLN Q 116 38.29 42.18 18.02
N ARG Q 117 37.63 41.03 17.85
CA ARG Q 117 36.18 40.97 17.75
C ARG Q 117 35.53 41.61 18.96
N TYR Q 118 36.13 41.46 20.14
CA TYR Q 118 35.55 42.05 21.34
C TYR Q 118 35.84 43.53 21.47
N THR Q 119 36.36 44.15 20.41
CA THR Q 119 36.63 45.59 20.45
C THR Q 119 35.72 46.34 19.49
N GLN Q 120 34.98 45.61 18.65
CA GLN Q 120 34.05 46.27 17.75
C GLN Q 120 32.72 45.53 17.66
N SER Q 121 32.33 44.97 18.81
CA SER Q 121 31.06 44.26 18.93
C SER Q 121 30.27 44.89 20.08
N GLY Q 122 28.97 45.05 19.90
CA GLY Q 122 28.17 45.66 20.93
C GLY Q 122 27.90 44.84 22.17
N GLY Q 123 27.68 45.54 23.28
CA GLY Q 123 27.39 44.88 24.55
C GLY Q 123 28.52 44.14 25.24
N VAL Q 124 29.75 44.31 24.78
CA VAL Q 124 30.88 43.61 25.37
C VAL Q 124 32.11 44.50 25.55
N ARG Q 125 32.93 44.19 26.55
CA ARG Q 125 34.15 44.96 26.77
C ARG Q 125 35.33 44.09 26.30
N PRO Q 126 36.45 44.73 25.94
CA PRO Q 126 37.63 43.98 25.48
C PRO Q 126 38.22 43.16 26.60
N PHE Q 127 38.96 42.11 26.25
CA PHE Q 127 39.61 41.27 27.25
C PHE Q 127 40.78 42.07 27.79
N GLY Q 128 40.86 42.18 29.11
CA GLY Q 128 41.97 42.88 29.71
C GLY Q 128 43.08 41.85 29.81
N VAL Q 129 43.58 41.42 28.66
CA VAL Q 129 44.61 40.41 28.61
C VAL Q 129 45.54 40.51 27.40
N SER Q 130 46.80 40.18 27.63
CA SER Q 130 47.81 40.16 26.57
C SER Q 130 48.34 38.74 26.72
N THR Q 131 48.69 38.09 25.63
CA THR Q 131 49.17 36.72 25.77
C THR Q 131 50.48 36.40 25.08
N LEU Q 132 51.07 35.31 25.53
CA LEU Q 132 52.30 34.77 24.98
C LEU Q 132 51.94 33.35 24.61
N ILE Q 133 52.05 33.04 23.32
CA ILE Q 133 51.73 31.72 22.84
C ILE Q 133 53.00 31.18 22.20
N ALA Q 134 53.41 29.99 22.63
CA ALA Q 134 54.62 29.38 22.10
C ALA Q 134 54.54 27.85 21.99
N GLY Q 135 55.30 27.30 21.05
CA GLY Q 135 55.33 25.88 20.84
C GLY Q 135 56.01 25.55 19.53
N PHE Q 136 55.80 24.33 19.04
CA PHE Q 136 56.41 23.92 17.78
C PHE Q 136 55.36 23.41 16.79
N ASP Q 137 55.40 23.93 15.57
CA ASP Q 137 54.46 23.51 14.55
C ASP Q 137 54.62 22.01 14.39
N PRO Q 138 53.55 21.31 13.98
CA PRO Q 138 53.62 19.87 13.80
C PRO Q 138 54.75 19.49 12.85
N ARG Q 139 55.54 18.49 13.23
CA ARG Q 139 56.65 18.02 12.42
C ARG Q 139 57.56 19.18 11.95
N ASP Q 140 58.03 19.96 12.92
CA ASP Q 140 58.92 21.09 12.69
C ASP Q 140 59.66 21.32 14.01
N ASP Q 141 60.87 21.85 13.92
CA ASP Q 141 61.68 22.07 15.12
C ASP Q 141 62.10 23.52 15.33
N GLU Q 142 61.56 24.42 14.53
CA GLU Q 142 61.86 25.85 14.66
C GLU Q 142 60.96 26.46 15.73
N PRO Q 143 61.51 26.81 16.89
CA PRO Q 143 60.71 27.40 17.97
C PRO Q 143 59.87 28.61 17.55
N LYS Q 144 58.64 28.64 18.07
CA LYS Q 144 57.68 29.70 17.77
C LYS Q 144 57.24 30.44 19.04
N LEU Q 145 57.29 31.77 18.99
CA LEU Q 145 56.88 32.61 20.10
C LEU Q 145 56.09 33.78 19.55
N TYR Q 146 54.88 33.97 20.07
CA TYR Q 146 54.00 35.04 19.60
C TYR Q 146 53.36 35.78 20.76
N GLN Q 147 52.89 36.99 20.48
CA GLN Q 147 52.22 37.80 21.50
C GLN Q 147 50.97 38.48 20.96
N THR Q 148 49.96 38.57 21.80
CA THR Q 148 48.71 39.23 21.42
C THR Q 148 48.31 40.23 22.50
N GLU Q 149 47.50 41.22 22.11
CA GLU Q 149 47.02 42.23 23.05
C GLU Q 149 45.52 42.50 22.88
N PRO Q 150 44.91 43.23 23.85
CA PRO Q 150 43.47 43.51 23.75
C PRO Q 150 43.00 44.05 22.40
N SER Q 151 43.83 44.86 21.76
CA SER Q 151 43.49 45.44 20.46
C SER Q 151 43.22 44.34 19.44
N GLY Q 152 43.92 43.22 19.59
CA GLY Q 152 43.75 42.12 18.67
C GLY Q 152 44.96 41.96 17.77
N ILE Q 153 45.93 42.84 17.94
CA ILE Q 153 47.15 42.80 17.14
C ILE Q 153 48.10 41.74 17.70
N TYR Q 154 48.91 41.16 16.84
CA TYR Q 154 49.87 40.16 17.29
C TYR Q 154 51.08 40.13 16.38
N SER Q 155 52.15 39.49 16.85
CA SER Q 155 53.38 39.36 16.08
C SER Q 155 54.29 38.39 16.82
N SER Q 156 55.37 37.97 16.16
CA SER Q 156 56.32 37.03 16.78
C SER Q 156 57.54 37.72 17.35
N TRP Q 157 58.11 37.12 18.39
CA TRP Q 157 59.27 37.68 19.07
C TRP Q 157 60.34 36.63 19.33
N SER Q 158 61.59 37.07 19.37
CA SER Q 158 62.72 36.19 19.66
C SER Q 158 62.63 36.00 21.18
N ALA Q 159 62.20 37.07 21.84
CA ALA Q 159 62.03 37.09 23.27
C ALA Q 159 61.10 38.25 23.57
N GLN Q 160 60.22 38.08 24.53
CA GLN Q 160 59.28 39.14 24.86
C GLN Q 160 58.73 38.97 26.27
N THR Q 161 58.20 40.05 26.80
CA THR Q 161 57.64 40.06 28.14
C THR Q 161 56.48 41.04 28.19
N ILE Q 162 55.51 40.74 29.05
CA ILE Q 162 54.33 41.58 29.23
C ILE Q 162 54.02 41.59 30.72
N GLY Q 163 53.22 42.54 31.17
CA GLY Q 163 52.88 42.61 32.58
C GLY Q 163 53.62 43.76 33.24
N ARG Q 164 53.50 43.85 34.56
CA ARG Q 164 54.17 44.93 35.28
C ARG Q 164 55.68 44.86 35.16
N ASN Q 165 56.30 46.03 35.05
CA ASN Q 165 57.75 46.13 34.95
C ASN Q 165 58.28 45.43 33.71
N SER Q 166 57.38 45.13 32.77
CA SER Q 166 57.80 44.47 31.53
C SER Q 166 58.80 45.37 30.82
N LYS Q 167 58.68 46.67 31.03
CA LYS Q 167 59.57 47.65 30.41
C LYS Q 167 61.00 47.30 30.82
N THR Q 168 61.18 47.07 32.12
CA THR Q 168 62.47 46.71 32.69
C THR Q 168 63.01 45.45 32.05
N VAL Q 169 62.36 44.34 32.37
CA VAL Q 169 62.78 43.04 31.86
C VAL Q 169 62.96 42.99 30.34
N ARG Q 170 62.28 43.86 29.60
CA ARG Q 170 62.45 43.85 28.15
C ARG Q 170 63.83 44.42 27.86
N GLU Q 171 64.14 45.53 28.53
CA GLU Q 171 65.45 46.19 28.40
C GLU Q 171 66.52 45.13 28.62
N PHE Q 172 66.41 44.43 29.75
CA PHE Q 172 67.35 43.38 30.09
C PHE Q 172 67.52 42.48 28.86
N LEU Q 173 66.40 41.96 28.37
CA LEU Q 173 66.40 41.07 27.24
C LEU Q 173 67.00 41.67 25.97
N GLU Q 174 66.77 42.95 25.73
CA GLU Q 174 67.30 43.58 24.53
C GLU Q 174 68.83 43.63 24.54
N LYS Q 175 69.42 43.61 25.73
CA LYS Q 175 70.87 43.66 25.85
C LYS Q 175 71.33 42.41 26.60
N ASN Q 176 70.86 41.26 26.14
CA ASN Q 176 71.21 39.97 26.72
C ASN Q 176 70.75 38.84 25.80
N TYR Q 177 70.13 39.22 24.68
CA TYR Q 177 69.66 38.24 23.72
C TYR Q 177 70.21 38.60 22.34
N ASP Q 178 70.96 37.67 21.77
CA ASP Q 178 71.56 37.85 20.46
C ASP Q 178 70.90 36.86 19.51
N ARG Q 179 70.23 37.38 18.48
CA ARG Q 179 69.60 36.50 17.50
C ARG Q 179 70.68 35.70 16.79
N LYS Q 180 71.82 36.34 16.60
CA LYS Q 180 72.97 35.71 15.95
C LYS Q 180 73.25 34.36 16.62
N GLU Q 181 73.14 34.34 17.94
CA GLU Q 181 73.39 33.12 18.70
C GLU Q 181 72.39 33.01 19.86
N PRO Q 182 71.25 32.36 19.61
CA PRO Q 182 70.23 32.18 20.64
C PRO Q 182 70.61 31.08 21.59
N PRO Q 183 70.14 31.14 22.84
CA PRO Q 183 70.44 30.12 23.86
C PRO Q 183 70.36 28.71 23.29
N ALA Q 184 71.51 28.18 22.87
CA ALA Q 184 71.57 26.85 22.27
C ALA Q 184 71.25 25.70 23.22
N THR Q 185 70.97 26.01 24.48
CA THR Q 185 70.66 24.97 25.45
C THR Q 185 69.42 25.30 26.24
N VAL Q 186 68.62 24.27 26.52
CA VAL Q 186 67.43 24.45 27.31
C VAL Q 186 67.88 25.11 28.61
N GLU Q 187 68.97 24.61 29.18
CA GLU Q 187 69.50 25.14 30.43
C GLU Q 187 69.92 26.59 30.30
N GLU Q 188 70.69 26.91 29.26
CA GLU Q 188 71.14 28.27 29.09
C GLU Q 188 70.00 29.18 28.67
N CYS Q 189 68.91 28.59 28.17
CA CYS Q 189 67.76 29.37 27.77
C CYS Q 189 66.89 29.64 28.99
N VAL Q 190 66.71 28.63 29.84
CA VAL Q 190 65.93 28.80 31.05
C VAL Q 190 66.66 29.73 32.00
N LYS Q 191 67.97 29.85 31.81
CA LYS Q 191 68.78 30.72 32.66
C LYS Q 191 68.48 32.18 32.33
N LEU Q 192 68.60 32.53 31.05
CA LEU Q 192 68.35 33.89 30.58
C LEU Q 192 66.96 34.34 31.00
N THR Q 193 66.01 33.39 31.06
CA THR Q 193 64.64 33.70 31.47
C THR Q 193 64.58 34.06 32.95
N VAL Q 194 65.11 33.19 33.79
CA VAL Q 194 65.12 33.42 35.22
C VAL Q 194 65.89 34.71 35.53
N ARG Q 195 66.96 34.95 34.78
CA ARG Q 195 67.77 36.16 34.97
C ARG Q 195 66.90 37.40 34.73
N SER Q 196 66.16 37.39 33.63
CA SER Q 196 65.30 38.50 33.27
C SER Q 196 64.20 38.73 34.30
N LEU Q 197 63.64 37.65 34.84
CA LEU Q 197 62.59 37.79 35.84
C LEU Q 197 63.15 38.36 37.14
N LEU Q 198 64.34 37.90 37.53
CA LEU Q 198 64.97 38.36 38.76
C LEU Q 198 65.19 39.87 38.80
N GLU Q 199 65.21 40.48 37.62
CA GLU Q 199 65.37 41.93 37.53
C GLU Q 199 64.17 42.61 38.15
N VAL Q 200 63.05 41.91 38.23
CA VAL Q 200 61.83 42.48 38.77
C VAL Q 200 61.16 41.71 39.90
N VAL Q 201 61.38 40.40 39.95
CA VAL Q 201 60.75 39.57 40.98
C VAL Q 201 61.20 39.86 42.40
N GLN Q 202 62.43 40.36 42.54
CA GLN Q 202 62.97 40.69 43.85
C GLN Q 202 62.98 39.41 44.71
N THR Q 203 63.97 38.56 44.44
CA THR Q 203 64.14 37.30 45.16
C THR Q 203 62.80 36.59 45.40
N GLY Q 204 62.48 35.69 44.49
CA GLY Q 204 61.24 34.95 44.60
C GLY Q 204 61.38 33.53 44.10
N ALA Q 205 62.01 32.69 44.91
CA ALA Q 205 62.20 31.29 44.56
C ALA Q 205 60.84 30.68 44.24
N LYS Q 206 59.89 30.89 45.14
CA LYS Q 206 58.53 30.37 44.98
C LYS Q 206 57.67 31.36 44.20
N ASN Q 207 58.24 32.51 43.88
CA ASN Q 207 57.51 33.53 43.13
C ASN Q 207 57.80 33.41 41.63
N ILE Q 208 58.61 32.41 41.27
CA ILE Q 208 58.95 32.17 39.87
C ILE Q 208 58.65 30.75 39.41
N GLU Q 209 57.93 30.65 38.30
CA GLU Q 209 57.61 29.35 37.73
C GLU Q 209 58.09 29.35 36.27
N ILE Q 210 58.55 28.19 35.82
CA ILE Q 210 59.05 28.06 34.46
C ILE Q 210 58.43 26.85 33.76
N THR Q 211 58.33 26.92 32.44
CA THR Q 211 57.79 25.82 31.65
C THR Q 211 58.60 25.78 30.37
N VAL Q 212 59.12 24.60 30.05
CA VAL Q 212 59.94 24.42 28.86
C VAL Q 212 59.22 23.63 27.80
N VAL Q 213 59.27 24.13 26.57
CA VAL Q 213 58.63 23.44 25.47
C VAL Q 213 59.69 23.04 24.45
N LYS Q 214 59.75 21.75 24.16
CA LYS Q 214 60.69 21.20 23.19
C LYS Q 214 59.87 20.68 22.01
N PRO Q 215 60.50 20.48 20.84
CA PRO Q 215 59.78 19.97 19.68
C PRO Q 215 59.04 18.67 19.97
N ASP Q 216 58.04 18.36 19.14
CA ASP Q 216 57.26 17.14 19.28
C ASP Q 216 56.53 16.96 20.60
N SER Q 217 55.66 17.91 20.92
CA SER Q 217 54.85 17.84 22.14
C SER Q 217 55.59 17.47 23.43
N ASP Q 218 56.71 18.14 23.69
CA ASP Q 218 57.47 17.89 24.90
C ASP Q 218 57.40 19.13 25.79
N ILE Q 219 56.37 19.17 26.61
CA ILE Q 219 56.17 20.29 27.51
C ILE Q 219 56.17 19.86 28.96
N VAL Q 220 57.01 20.53 29.75
CA VAL Q 220 57.15 20.23 31.17
C VAL Q 220 57.43 21.50 31.97
N ALA Q 221 56.82 21.57 33.15
CA ALA Q 221 56.99 22.71 34.04
C ALA Q 221 57.94 22.30 35.16
N LEU Q 222 58.95 23.14 35.40
CA LEU Q 222 59.95 22.90 36.43
C LEU Q 222 59.36 23.06 37.83
N SER Q 223 60.04 22.50 38.81
CA SER Q 223 59.61 22.60 40.21
C SER Q 223 60.49 23.62 40.93
N SER Q 224 60.02 24.11 42.07
CA SER Q 224 60.75 25.10 42.85
C SER Q 224 62.26 24.88 42.81
N GLU Q 225 62.69 23.72 43.30
CA GLU Q 225 64.10 23.37 43.36
C GLU Q 225 64.83 23.61 42.06
N GLU Q 226 64.42 22.91 41.00
CA GLU Q 226 65.06 23.07 39.71
C GLU Q 226 65.24 24.55 39.41
N ILE Q 227 64.20 25.32 39.70
CA ILE Q 227 64.19 26.76 39.47
C ILE Q 227 65.09 27.45 40.49
N ASN Q 228 64.92 27.07 41.76
CA ASN Q 228 65.69 27.63 42.84
C ASN Q 228 67.19 27.46 42.57
N GLN Q 229 67.55 26.38 41.89
CA GLN Q 229 68.93 26.09 41.56
C GLN Q 229 69.44 27.14 40.57
N TYR Q 230 68.62 27.43 39.57
CA TYR Q 230 69.00 28.44 38.58
C TYR Q 230 69.24 29.76 39.29
N VAL Q 231 68.31 30.13 40.18
CA VAL Q 231 68.40 31.37 40.95
C VAL Q 231 69.76 31.44 41.63
N THR Q 232 70.17 30.33 42.27
CA THR Q 232 71.44 30.23 42.98
C THR Q 232 72.65 30.46 42.06
N GLN Q 233 72.85 29.55 41.11
CA GLN Q 233 73.97 29.66 40.17
C GLN Q 233 74.05 31.07 39.61
N ILE Q 234 72.95 31.81 39.67
CA ILE Q 234 72.90 33.17 39.15
C ILE Q 234 73.37 34.24 40.13
N GLU Q 235 72.96 34.13 41.39
CA GLU Q 235 73.37 35.09 42.39
C GLU Q 235 74.86 35.02 42.66
N GLN Q 236 75.47 33.89 42.30
CA GLN Q 236 76.89 33.71 42.48
C GLN Q 236 77.59 34.48 41.37
N GLU Q 237 77.03 34.41 40.17
CA GLU Q 237 77.59 35.13 39.02
C GLU Q 237 77.82 36.58 39.43
N LYS Q 238 76.87 37.14 40.17
CA LYS Q 238 76.93 38.52 40.64
C LYS Q 238 78.05 38.74 41.65
N GLN Q 239 78.01 37.97 42.74
CA GLN Q 239 79.02 38.07 43.80
C GLN Q 239 80.43 37.85 43.26
N GLU Q 240 80.58 36.87 42.38
CA GLU Q 240 81.87 36.57 41.78
C GLU Q 240 82.24 37.74 40.86
N GLN Q 241 82.29 38.92 41.45
CA GLN Q 241 82.62 40.15 40.75
C GLN Q 241 82.32 41.32 41.70
N ASP R 1 25.38 58.85 26.58
CA ASP R 1 26.44 59.56 25.81
C ASP R 1 25.84 60.23 24.55
N ARG R 2 26.19 59.69 23.37
CA ARG R 2 25.71 60.20 22.09
C ARG R 2 25.80 59.05 21.08
N GLY R 3 24.69 58.76 20.40
CA GLY R 3 24.67 57.67 19.44
C GLY R 3 25.91 57.51 18.58
N VAL R 4 26.23 56.26 18.24
CA VAL R 4 27.41 55.98 17.42
C VAL R 4 27.17 56.29 15.95
N SER R 5 25.94 56.66 15.62
CA SER R 5 25.60 56.98 14.24
C SER R 5 25.04 58.40 14.10
N THR R 6 25.41 59.28 15.04
CA THR R 6 24.96 60.66 15.05
C THR R 6 25.72 61.57 14.07
N PHE R 7 25.02 62.60 13.62
CA PHE R 7 25.56 63.60 12.70
C PHE R 7 26.05 64.81 13.48
N SER R 8 27.12 65.44 12.99
CA SER R 8 27.63 66.64 13.63
C SER R 8 26.82 67.77 13.02
N PRO R 9 26.94 68.97 13.58
CA PRO R 9 26.17 70.08 13.01
C PRO R 9 26.67 70.42 11.61
N GLU R 10 27.85 69.90 11.27
CA GLU R 10 28.44 70.14 9.95
C GLU R 10 28.05 69.06 8.96
N GLY R 11 27.15 68.18 9.37
CA GLY R 11 26.70 67.13 8.47
C GLY R 11 27.66 65.98 8.29
N ARG R 12 28.46 65.70 9.32
CA ARG R 12 29.39 64.59 9.22
C ARG R 12 29.10 63.61 10.34
N LEU R 13 29.46 62.36 10.11
CA LEU R 13 29.25 61.31 11.09
C LEU R 13 30.45 61.24 12.02
N PHE R 14 30.24 61.64 13.29
CA PHE R 14 31.32 61.65 14.29
C PHE R 14 32.23 60.42 14.28
N GLN R 15 31.67 59.26 14.61
CA GLN R 15 32.47 58.05 14.65
C GLN R 15 33.35 57.87 13.43
N VAL R 16 32.84 58.23 12.26
CA VAL R 16 33.63 58.08 11.04
C VAL R 16 34.80 59.07 11.03
N GLU R 17 34.52 60.31 11.42
CA GLU R 17 35.56 61.33 11.47
C GLU R 17 36.70 60.91 12.39
N TYR R 18 36.35 60.55 13.63
CA TYR R 18 37.33 60.11 14.60
C TYR R 18 38.09 58.93 14.03
N SER R 19 37.36 58.05 13.35
CA SER R 19 37.97 56.89 12.73
C SER R 19 39.15 57.39 11.91
N LEU R 20 38.89 58.35 11.02
CA LEU R 20 39.92 58.90 10.16
C LEU R 20 41.15 59.40 10.93
N GLU R 21 40.94 59.83 12.17
CA GLU R 21 42.04 60.31 12.99
C GLU R 21 42.99 59.17 13.36
N ALA R 22 42.43 58.07 13.84
CA ALA R 22 43.25 56.93 14.21
C ALA R 22 44.12 56.50 13.03
N ILE R 23 43.58 56.70 11.83
CA ILE R 23 44.30 56.32 10.62
C ILE R 23 45.53 57.18 10.36
N LYS R 24 45.45 58.46 10.71
CA LYS R 24 46.57 59.37 10.52
C LYS R 24 47.77 58.94 11.36
N LEU R 25 47.51 58.21 12.44
CA LEU R 25 48.57 57.73 13.31
C LEU R 25 49.19 56.44 12.81
N GLY R 26 48.55 55.82 11.82
CA GLY R 26 49.05 54.58 11.28
C GLY R 26 50.33 54.68 10.51
N SER R 27 50.99 53.54 10.33
CA SER R 27 52.25 53.45 9.60
C SER R 27 52.02 53.83 8.15
N THR R 28 53.02 54.45 7.54
CA THR R 28 52.91 54.88 6.16
C THR R 28 52.68 53.74 5.19
N ALA R 29 51.88 54.01 4.17
CA ALA R 29 51.58 53.05 3.12
C ALA R 29 51.49 53.86 1.83
N ILE R 30 52.09 53.36 0.76
CA ILE R 30 52.08 54.07 -0.51
C ILE R 30 51.84 53.14 -1.70
N GLY R 31 51.15 53.65 -2.71
CA GLY R 31 50.87 52.88 -3.90
C GLY R 31 51.06 53.70 -5.16
N ILE R 32 51.71 53.12 -6.17
CA ILE R 32 51.95 53.80 -7.43
C ILE R 32 51.50 52.89 -8.56
N ALA R 33 50.73 53.43 -9.49
CA ALA R 33 50.25 52.66 -10.61
C ALA R 33 50.97 53.09 -11.88
N THR R 34 51.31 52.13 -12.72
CA THR R 34 52.02 52.41 -13.98
C THR R 34 51.52 51.39 -15.00
N LYS R 35 51.49 51.77 -16.27
CA LYS R 35 51.02 50.87 -17.33
C LYS R 35 51.74 49.51 -17.35
N GLU R 36 52.74 49.35 -16.48
CA GLU R 36 53.51 48.11 -16.37
C GLU R 36 53.16 47.35 -15.10
N GLY R 37 52.25 47.93 -14.31
CA GLY R 37 51.85 47.29 -13.06
C GLY R 37 51.65 48.30 -11.95
N VAL R 38 51.28 47.81 -10.77
CA VAL R 38 51.07 48.69 -9.62
C VAL R 38 51.98 48.24 -8.49
N VAL R 39 52.62 49.21 -7.84
CA VAL R 39 53.53 48.95 -6.73
C VAL R 39 52.87 49.34 -5.40
N LEU R 40 53.07 48.51 -4.39
CA LEU R 40 52.51 48.74 -3.07
C LEU R 40 53.62 48.63 -2.05
N GLY R 41 53.87 49.71 -1.31
CA GLY R 41 54.91 49.69 -0.30
C GLY R 41 54.39 50.14 1.05
N VAL R 42 54.97 49.61 2.12
CA VAL R 42 54.55 49.97 3.47
C VAL R 42 55.71 50.08 4.46
N GLU R 43 55.45 50.76 5.57
CA GLU R 43 56.43 50.93 6.64
C GLU R 43 56.12 49.90 7.72
N LYS R 44 57.01 48.93 7.90
CA LYS R 44 56.81 47.91 8.94
C LYS R 44 56.59 48.60 10.28
N ARG R 45 57.65 49.17 10.83
CA ARG R 45 57.61 49.87 12.12
C ARG R 45 57.53 48.94 13.33
N ALA R 46 58.63 48.24 13.60
CA ALA R 46 58.69 47.34 14.76
C ALA R 46 58.84 48.17 16.04
N THR R 47 58.09 47.81 17.07
CA THR R 47 58.16 48.54 18.33
C THR R 47 59.28 48.04 19.24
N SER R 48 60.22 47.29 18.68
CA SER R 48 61.33 46.74 19.46
C SER R 48 62.23 45.86 18.61
N PRO R 49 63.52 45.80 18.93
CA PRO R 49 64.48 44.98 18.17
C PRO R 49 64.21 43.47 18.31
N LEU R 50 63.50 43.09 19.36
CA LEU R 50 63.18 41.68 19.60
C LEU R 50 62.00 41.17 18.77
N LEU R 51 61.26 42.09 18.18
CA LEU R 51 60.12 41.75 17.35
C LEU R 51 60.60 41.32 15.96
N GLU R 52 60.35 40.07 15.59
CA GLU R 52 60.75 39.57 14.29
C GLU R 52 59.95 40.33 13.24
N SER R 53 60.63 41.29 12.61
CA SER R 53 60.04 42.18 11.60
C SER R 53 59.28 41.58 10.41
N ASP R 54 59.50 40.30 10.08
CA ASP R 54 58.76 39.77 8.95
C ASP R 54 57.43 39.14 9.35
N SER R 55 57.12 39.19 10.63
CA SER R 55 55.84 38.68 11.12
C SER R 55 54.87 39.86 11.09
N ILE R 56 55.28 40.93 10.41
CA ILE R 56 54.45 42.12 10.28
C ILE R 56 53.85 42.10 8.89
N GLU R 57 52.57 41.73 8.81
CA GLU R 57 51.85 41.63 7.54
C GLU R 57 50.93 42.81 7.29
N LYS R 58 51.40 43.75 6.48
CA LYS R 58 50.59 44.93 6.18
C LYS R 58 50.32 45.04 4.69
N ILE R 59 50.67 43.98 3.97
CA ILE R 59 50.42 43.88 2.54
C ILE R 59 49.97 42.44 2.37
N VAL R 60 48.72 42.25 1.95
CA VAL R 60 48.18 40.90 1.79
C VAL R 60 47.57 40.69 0.41
N GLU R 61 47.44 39.41 0.05
CA GLU R 61 46.85 39.02 -1.22
C GLU R 61 45.33 38.80 -1.06
N ILE R 62 44.56 39.44 -1.92
CA ILE R 62 43.10 39.29 -1.92
C ILE R 62 42.86 38.11 -2.87
N ASP R 63 43.46 38.24 -4.06
CA ASP R 63 43.37 37.25 -5.10
C ASP R 63 44.68 37.32 -5.89
N ARG R 64 44.88 36.42 -6.84
CA ARG R 64 46.13 36.43 -7.61
C ARG R 64 46.37 37.72 -8.38
N HIS R 65 45.30 38.46 -8.67
CA HIS R 65 45.39 39.70 -9.44
C HIS R 65 44.98 40.93 -8.58
N ILE R 66 44.93 40.75 -7.27
CA ILE R 66 44.54 41.82 -6.36
C ILE R 66 45.23 41.71 -5.00
N GLY R 67 45.86 42.79 -4.58
CA GLY R 67 46.54 42.82 -3.31
C GLY R 67 46.23 44.15 -2.65
N CYS R 68 46.54 44.31 -1.37
CA CYS R 68 46.27 45.58 -0.73
C CYS R 68 47.20 45.89 0.43
N ALA R 69 47.30 47.17 0.78
CA ALA R 69 48.14 47.62 1.88
C ALA R 69 47.21 48.32 2.89
N MET R 70 47.52 48.20 4.17
CA MET R 70 46.68 48.79 5.19
C MET R 70 47.43 49.80 6.07
N SER R 71 46.67 50.68 6.72
CA SER R 71 47.23 51.69 7.62
C SER R 71 46.16 52.04 8.65
N GLY R 72 46.55 52.07 9.93
CA GLY R 72 45.61 52.38 10.99
C GLY R 72 45.58 51.21 11.98
N LEU R 73 44.47 51.01 12.67
CA LEU R 73 44.35 49.89 13.60
C LEU R 73 44.28 48.65 12.72
N THR R 74 45.43 48.07 12.40
CA THR R 74 45.49 46.91 11.51
C THR R 74 44.73 45.66 11.93
N ALA R 75 44.45 45.50 13.22
CA ALA R 75 43.70 44.32 13.66
C ALA R 75 42.31 44.39 13.01
N ASP R 76 41.75 45.59 12.93
CA ASP R 76 40.45 45.82 12.33
C ASP R 76 40.33 45.28 10.90
N ALA R 77 41.42 45.36 10.16
CA ALA R 77 41.45 44.92 8.76
C ALA R 77 41.32 43.42 8.49
N ARG R 78 41.43 42.60 9.52
CA ARG R 78 41.35 41.15 9.32
C ARG R 78 40.06 40.74 8.65
N SER R 79 38.92 41.10 9.23
CA SER R 79 37.65 40.74 8.65
C SER R 79 37.41 41.39 7.29
N MET R 80 37.96 42.57 7.07
CA MET R 80 37.80 43.23 5.78
C MET R 80 38.45 42.40 4.68
N ILE R 81 39.60 41.83 5.01
CA ILE R 81 40.34 41.04 4.04
C ILE R 81 39.67 39.70 3.80
N GLU R 82 39.03 39.18 4.85
CA GLU R 82 38.31 37.91 4.76
C GLU R 82 37.17 38.12 3.75
N HIS R 83 36.36 39.13 4.01
CA HIS R 83 35.25 39.46 3.15
C HIS R 83 35.73 39.62 1.72
N ALA R 84 36.81 40.38 1.55
CA ALA R 84 37.39 40.63 0.25
C ALA R 84 37.81 39.36 -0.49
N ARG R 85 38.51 38.48 0.20
CA ARG R 85 38.95 37.24 -0.43
C ARG R 85 37.77 36.36 -0.78
N THR R 86 36.80 36.31 0.12
CA THR R 86 35.60 35.52 -0.11
C THR R 86 34.81 36.08 -1.28
N ALA R 87 34.81 37.40 -1.44
CA ALA R 87 34.11 38.01 -2.55
C ALA R 87 34.80 37.64 -3.85
N ALA R 88 36.11 37.80 -3.90
CA ALA R 88 36.86 37.47 -5.10
C ALA R 88 36.67 36.01 -5.50
N VAL R 89 36.79 35.12 -4.53
CA VAL R 89 36.62 33.69 -4.75
C VAL R 89 35.18 33.34 -5.16
N THR R 90 34.22 33.90 -4.43
CA THR R 90 32.81 33.65 -4.72
C THR R 90 32.42 34.09 -6.11
N HIS R 91 32.86 35.27 -6.51
CA HIS R 91 32.51 35.76 -7.83
C HIS R 91 32.98 34.75 -8.87
N ASN R 92 34.17 34.21 -8.66
CA ASN R 92 34.72 33.25 -9.60
C ASN R 92 33.83 32.01 -9.67
N LEU R 93 33.41 31.53 -8.51
CA LEU R 93 32.57 30.35 -8.41
C LEU R 93 31.23 30.54 -9.15
N TYR R 94 30.61 31.70 -8.94
CA TYR R 94 29.33 32.02 -9.56
C TYR R 94 29.37 32.52 -11.01
N TYR R 95 30.51 33.01 -11.48
CA TYR R 95 30.57 33.52 -12.85
C TYR R 95 31.69 32.99 -13.71
N ASP R 96 32.51 32.11 -13.15
CA ASP R 96 33.61 31.53 -13.91
C ASP R 96 34.46 32.63 -14.54
N GLU R 97 34.83 33.62 -13.74
CA GLU R 97 35.66 34.73 -14.20
C GLU R 97 36.25 35.46 -12.99
N ASP R 98 37.21 36.35 -13.25
CA ASP R 98 37.84 37.10 -12.18
C ASP R 98 37.02 38.32 -11.82
N ILE R 99 37.01 38.65 -10.54
CA ILE R 99 36.26 39.80 -10.05
C ILE R 99 37.00 41.09 -10.42
N ASN R 100 36.27 42.07 -10.95
CA ASN R 100 36.88 43.32 -11.34
C ASN R 100 37.44 43.99 -10.11
N VAL R 101 38.57 44.68 -10.26
CA VAL R 101 39.18 45.34 -9.11
C VAL R 101 38.24 46.35 -8.44
N GLU R 102 37.51 47.10 -9.26
CA GLU R 102 36.60 48.08 -8.70
C GLU R 102 35.49 47.44 -7.90
N SER R 103 34.92 46.35 -8.43
CA SER R 103 33.85 45.66 -7.73
C SER R 103 34.35 45.15 -6.38
N LEU R 104 35.52 44.53 -6.40
CA LEU R 104 36.10 44.03 -5.17
C LEU R 104 36.14 45.17 -4.14
N THR R 105 36.56 46.35 -4.60
CA THR R 105 36.65 47.52 -3.72
C THR R 105 35.27 47.92 -3.20
N GLN R 106 34.33 48.07 -4.13
CA GLN R 106 32.95 48.45 -3.80
C GLN R 106 32.38 47.50 -2.75
N SER R 107 32.75 46.23 -2.87
CA SER R 107 32.29 45.20 -1.95
C SER R 107 32.78 45.45 -0.53
N VAL R 108 34.08 45.76 -0.41
CA VAL R 108 34.69 46.03 0.88
C VAL R 108 34.07 47.28 1.49
N CYS R 109 33.92 48.31 0.68
CA CYS R 109 33.33 49.57 1.14
C CYS R 109 31.92 49.39 1.65
N ASP R 110 31.20 48.42 1.11
CA ASP R 110 29.84 48.18 1.54
C ASP R 110 29.69 47.72 3.00
N LEU R 111 30.79 47.29 3.62
CA LEU R 111 30.74 46.86 5.02
C LEU R 111 30.96 48.06 5.91
N ALA R 112 31.70 49.02 5.37
CA ALA R 112 32.05 50.24 6.08
C ALA R 112 30.98 50.81 7.00
N LEU R 113 29.86 51.25 6.44
CA LEU R 113 28.81 51.85 7.25
C LEU R 113 27.88 50.88 7.95
N ARG R 114 28.24 49.60 7.94
CA ARG R 114 27.44 48.58 8.60
C ARG R 114 27.65 48.58 10.11
N PHE R 115 27.57 49.75 10.73
CA PHE R 115 27.75 49.81 12.17
C PHE R 115 26.62 50.56 12.86
N GLY R 116 26.52 50.39 14.17
CA GLY R 116 25.49 51.05 14.94
C GLY R 116 25.01 50.25 16.14
N GLU R 117 23.98 50.77 16.80
CA GLU R 117 23.38 50.13 17.97
C GLU R 117 21.92 49.80 17.66
N GLY R 118 21.56 49.91 16.37
CA GLY R 118 20.20 49.64 15.94
C GLY R 118 19.74 50.60 14.84
N ALA R 119 20.54 50.74 13.80
CA ALA R 119 20.24 51.63 12.67
C ALA R 119 19.21 51.06 11.69
N SER R 120 18.07 51.75 11.56
CA SER R 120 16.95 51.37 10.68
C SER R 120 17.33 51.35 9.19
N GLY R 121 17.42 50.15 8.62
CA GLY R 121 17.76 50.00 7.22
C GLY R 121 18.08 48.57 6.86
N GLU R 122 18.37 47.76 7.88
CA GLU R 122 18.72 46.35 7.73
C GLU R 122 19.11 45.84 9.12
N GLU R 123 20.27 45.19 9.22
CA GLU R 123 20.75 44.71 10.52
C GLU R 123 22.24 44.95 10.68
N ARG R 124 22.63 46.22 10.68
CA ARG R 124 24.03 46.62 10.84
C ARG R 124 24.59 46.29 12.21
N LEU R 125 25.18 45.11 12.32
CA LEU R 125 25.77 44.68 13.57
C LEU R 125 27.30 44.80 13.55
N MET R 126 27.78 45.80 14.28
CA MET R 126 29.19 46.14 14.41
C MET R 126 29.11 47.46 15.20
N SER R 127 29.64 47.45 16.42
CA SER R 127 29.55 48.61 17.29
C SER R 127 30.25 49.89 16.86
N ARG R 128 31.21 49.81 15.96
CA ARG R 128 31.94 51.00 15.54
C ARG R 128 32.49 50.84 14.15
N PRO R 129 32.93 51.95 13.53
CA PRO R 129 33.49 51.85 12.18
C PRO R 129 34.87 51.24 12.28
N PHE R 130 35.45 50.84 11.15
CA PHE R 130 36.79 50.28 11.15
C PHE R 130 37.78 51.42 11.34
N GLY R 131 38.91 51.13 11.97
CA GLY R 131 39.91 52.16 12.18
C GLY R 131 41.10 51.93 11.28
N VAL R 132 40.84 51.54 10.03
CA VAL R 132 41.91 51.26 9.10
C VAL R 132 41.50 51.58 7.66
N ALA R 133 42.46 52.07 6.87
CA ALA R 133 42.21 52.37 5.46
C ALA R 133 42.96 51.34 4.64
N LEU R 134 42.67 51.26 3.35
CA LEU R 134 43.34 50.29 2.50
C LEU R 134 43.62 50.83 1.11
N LEU R 135 44.72 50.37 0.55
CA LEU R 135 45.09 50.74 -0.81
C LEU R 135 44.94 49.40 -1.50
N ILE R 136 43.92 49.27 -2.34
CA ILE R 136 43.67 48.02 -3.06
C ILE R 136 44.26 48.17 -4.45
N ALA R 137 45.21 47.30 -4.77
CA ALA R 137 45.87 47.34 -6.07
C ALA R 137 45.65 46.06 -6.83
N GLY R 138 45.33 46.19 -8.11
CA GLY R 138 45.11 45.01 -8.91
C GLY R 138 45.01 45.29 -10.39
N HIS R 139 44.68 44.25 -11.15
CA HIS R 139 44.55 44.36 -12.59
C HIS R 139 43.44 43.47 -13.10
N ASP R 140 42.69 43.96 -14.08
CA ASP R 140 41.64 43.17 -14.69
C ASP R 140 41.57 43.53 -16.16
N ALA R 141 40.92 42.69 -16.95
CA ALA R 141 40.81 42.90 -18.39
C ALA R 141 40.02 44.13 -18.79
N ASP R 142 39.17 44.63 -17.89
CA ASP R 142 38.37 45.80 -18.22
C ASP R 142 39.07 47.15 -18.12
N ASP R 143 39.65 47.44 -16.95
CA ASP R 143 40.33 48.72 -16.74
C ASP R 143 41.81 48.57 -16.42
N GLY R 144 42.39 47.44 -16.81
CA GLY R 144 43.80 47.20 -16.57
C GLY R 144 44.27 47.42 -15.14
N TYR R 145 45.43 48.06 -15.00
CA TYR R 145 46.01 48.32 -13.68
C TYR R 145 45.26 49.41 -12.93
N GLN R 146 44.93 49.12 -11.69
CA GLN R 146 44.18 50.05 -10.86
C GLN R 146 44.62 50.09 -9.41
N LEU R 147 44.50 51.28 -8.82
CA LEU R 147 44.85 51.50 -7.43
C LEU R 147 43.65 52.19 -6.80
N PHE R 148 43.20 51.68 -5.66
CA PHE R 148 42.05 52.24 -4.98
C PHE R 148 42.34 52.54 -3.53
N HIS R 149 41.71 53.59 -3.03
CA HIS R 149 41.85 53.97 -1.64
C HIS R 149 40.45 53.84 -1.07
N ALA R 150 40.28 52.96 -0.10
CA ALA R 150 38.98 52.73 0.51
C ALA R 150 39.03 53.11 1.98
N GLU R 151 38.09 53.93 2.42
CA GLU R 151 38.09 54.40 3.80
C GLU R 151 36.91 53.91 4.61
N PRO R 152 36.99 54.00 5.94
CA PRO R 152 35.92 53.56 6.85
C PRO R 152 34.62 54.32 6.62
N SER R 153 34.69 55.36 5.79
CA SER R 153 33.53 56.17 5.46
C SER R 153 32.61 55.39 4.53
N GLY R 154 33.20 54.49 3.76
CA GLY R 154 32.42 53.70 2.83
C GLY R 154 32.68 54.16 1.42
N THR R 155 33.44 55.23 1.28
CA THR R 155 33.74 55.73 -0.05
C THR R 155 35.11 55.26 -0.48
N PHE R 156 35.39 55.38 -1.77
CA PHE R 156 36.67 54.98 -2.30
C PHE R 156 36.96 55.80 -3.55
N TYR R 157 38.24 55.98 -3.83
CA TYR R 157 38.67 56.74 -4.98
C TYR R 157 39.72 55.95 -5.71
N ARG R 158 39.89 56.26 -6.98
CA ARG R 158 40.89 55.61 -7.78
C ARG R 158 42.02 56.64 -7.91
N TYR R 159 43.26 56.20 -7.71
CA TYR R 159 44.42 57.09 -7.83
C TYR R 159 45.49 56.48 -8.73
N ASN R 160 46.39 57.34 -9.19
CA ASN R 160 47.52 56.91 -10.02
C ASN R 160 48.62 56.62 -9.02
N ALA R 161 48.53 57.33 -7.89
CA ALA R 161 49.46 57.20 -6.79
C ALA R 161 48.75 57.74 -5.57
N LYS R 162 48.99 57.15 -4.41
CA LYS R 162 48.32 57.59 -3.18
C LYS R 162 49.11 57.15 -1.96
N ALA R 163 49.18 58.03 -0.97
CA ALA R 163 49.90 57.74 0.25
C ALA R 163 48.97 57.95 1.42
N ILE R 164 48.92 56.96 2.30
CA ILE R 164 48.07 57.02 3.49
C ILE R 164 48.93 56.67 4.69
N GLY R 165 48.59 57.24 5.84
CA GLY R 165 49.36 56.98 7.04
C GLY R 165 50.02 58.24 7.57
N SER R 166 50.82 58.09 8.62
CA SER R 166 51.49 59.23 9.22
C SER R 166 52.23 60.17 8.26
N GLY R 167 52.92 59.62 7.27
CA GLY R 167 53.65 60.49 6.37
C GLY R 167 52.90 61.00 5.14
N SER R 168 51.65 60.55 4.97
CA SER R 168 50.82 60.92 3.82
C SER R 168 50.84 62.35 3.23
N GLU R 169 50.26 63.32 3.93
CA GLU R 169 50.20 64.71 3.45
C GLU R 169 51.46 65.17 2.73
N GLY R 170 52.61 64.88 3.32
CA GLY R 170 53.87 65.26 2.70
C GLY R 170 54.14 64.38 1.50
N ALA R 171 54.05 63.07 1.71
CA ALA R 171 54.30 62.10 0.67
C ALA R 171 53.36 62.28 -0.52
N GLN R 172 52.11 62.66 -0.24
CA GLN R 172 51.12 62.85 -1.29
C GLN R 172 51.54 64.06 -2.13
N ALA R 173 51.95 65.11 -1.44
CA ALA R 173 52.39 66.34 -2.10
C ALA R 173 53.53 66.00 -3.05
N GLU R 174 54.43 65.15 -2.57
CA GLU R 174 55.56 64.70 -3.36
C GLU R 174 55.05 64.01 -4.63
N LEU R 175 54.26 62.96 -4.42
CA LEU R 175 53.69 62.18 -5.52
C LEU R 175 53.08 63.06 -6.59
N LEU R 176 52.39 64.10 -6.16
CA LEU R 176 51.76 65.05 -7.07
C LEU R 176 52.73 65.49 -8.16
N ASN R 177 54.01 65.57 -7.81
CA ASN R 177 55.04 66.00 -8.75
C ASN R 177 55.77 64.85 -9.44
N GLU R 178 56.24 63.91 -8.64
CA GLU R 178 56.98 62.76 -9.15
C GLU R 178 56.25 61.89 -10.18
N TRP R 179 54.94 61.71 -9.99
CA TRP R 179 54.14 60.86 -10.87
C TRP R 179 53.79 61.44 -12.23
N HIS R 180 53.94 60.62 -13.26
CA HIS R 180 53.61 60.99 -14.63
C HIS R 180 53.19 59.69 -15.33
N SER R 181 52.22 59.80 -16.24
CA SER R 181 51.69 58.64 -16.94
C SER R 181 52.64 57.74 -17.71
N SER R 182 53.90 58.11 -17.78
CA SER R 182 54.87 57.29 -18.52
C SER R 182 55.89 56.56 -17.64
N LEU R 183 55.60 56.49 -16.34
CA LEU R 183 56.48 55.81 -15.39
C LEU R 183 56.64 54.33 -15.71
N THR R 184 57.78 53.78 -15.33
CA THR R 184 58.03 52.36 -15.54
C THR R 184 57.88 51.72 -14.18
N LEU R 185 57.66 50.41 -14.15
CA LEU R 185 57.50 49.74 -12.88
C LEU R 185 58.72 50.01 -11.99
N LYS R 186 59.91 49.78 -12.51
CA LYS R 186 61.13 50.00 -11.72
C LYS R 186 61.16 51.41 -11.16
N GLU R 187 60.86 52.39 -12.01
CA GLU R 187 60.87 53.79 -11.58
C GLU R 187 59.93 53.93 -10.36
N ALA R 188 58.72 53.38 -10.50
CA ALA R 188 57.73 53.43 -9.43
C ALA R 188 58.29 52.80 -8.16
N GLU R 189 58.98 51.68 -8.32
CA GLU R 189 59.56 50.99 -7.17
C GLU R 189 60.48 51.92 -6.39
N LEU R 190 61.44 52.54 -7.10
CA LEU R 190 62.37 53.45 -6.45
C LEU R 190 61.64 54.63 -5.82
N LEU R 191 60.71 55.21 -6.56
CA LEU R 191 59.93 56.35 -6.08
C LEU R 191 59.26 56.02 -4.75
N VAL R 192 58.60 54.87 -4.67
CA VAL R 192 57.96 54.46 -3.43
C VAL R 192 58.97 54.36 -2.31
N LEU R 193 60.06 53.65 -2.59
CA LEU R 193 61.16 53.45 -1.64
C LEU R 193 61.69 54.80 -1.16
N LYS R 194 61.89 55.71 -2.10
CA LYS R 194 62.39 57.04 -1.78
C LYS R 194 61.45 57.78 -0.85
N ILE R 195 60.19 57.92 -1.23
CA ILE R 195 59.23 58.63 -0.39
C ILE R 195 59.11 57.99 1.00
N LEU R 196 59.12 56.67 1.07
CA LEU R 196 59.04 56.00 2.37
C LEU R 196 60.22 56.45 3.22
N LYS R 197 61.40 56.47 2.60
CA LYS R 197 62.63 56.88 3.28
C LYS R 197 62.53 58.28 3.86
N GLN R 198 61.93 59.20 3.11
CA GLN R 198 61.77 60.58 3.53
C GLN R 198 60.84 60.76 4.70
N VAL R 199 59.73 60.03 4.73
CA VAL R 199 58.76 60.19 5.82
C VAL R 199 59.00 59.28 7.00
N MET R 200 59.78 58.22 6.81
CA MET R 200 60.06 57.29 7.90
C MET R 200 61.06 57.84 8.89
N GLU R 201 60.71 57.75 10.17
CA GLU R 201 61.60 58.21 11.23
C GLU R 201 62.83 57.32 11.18
N GLU R 202 62.58 56.05 10.91
CA GLU R 202 63.63 55.04 10.83
C GLU R 202 64.41 55.07 9.53
N LYS R 203 65.69 54.72 9.62
CA LYS R 203 66.53 54.69 8.44
C LYS R 203 66.05 53.47 7.69
N LEU R 204 65.40 53.71 6.56
CA LEU R 204 64.85 52.65 5.74
C LEU R 204 65.81 51.57 5.29
N ASP R 205 65.56 50.33 5.73
CA ASP R 205 66.37 49.20 5.31
C ASP R 205 65.36 48.18 4.78
N GLU R 206 65.82 46.98 4.43
CA GLU R 206 64.90 45.97 3.92
C GLU R 206 64.22 45.17 5.04
N ASN R 207 64.20 45.72 6.23
CA ASN R 207 63.58 45.05 7.37
C ASN R 207 62.46 45.83 8.00
N ASN R 208 62.43 47.13 7.76
CA ASN R 208 61.37 47.97 8.30
C ASN R 208 60.55 48.56 7.16
N ALA R 209 60.74 48.00 5.97
CA ALA R 209 60.03 48.43 4.78
C ALA R 209 59.79 47.19 3.93
N GLN R 210 58.68 47.18 3.20
CA GLN R 210 58.36 46.05 2.36
C GLN R 210 57.77 46.55 1.05
N LEU R 211 58.16 45.92 -0.06
CA LEU R 211 57.64 46.28 -1.37
C LEU R 211 56.86 45.11 -1.94
N SER R 212 56.01 45.41 -2.91
CA SER R 212 55.23 44.37 -3.56
C SER R 212 54.60 44.99 -4.77
N CYS R 213 54.14 44.16 -5.69
CA CYS R 213 53.51 44.70 -6.87
C CYS R 213 52.52 43.69 -7.42
N ILE R 214 51.80 44.13 -8.42
CA ILE R 214 50.82 43.29 -9.07
C ILE R 214 50.90 43.63 -10.56
N THR R 215 51.15 42.61 -11.37
CA THR R 215 51.25 42.75 -12.81
C THR R 215 50.42 41.67 -13.48
N LYS R 216 49.97 41.97 -14.69
CA LYS R 216 49.14 41.03 -15.43
C LYS R 216 49.77 39.66 -15.58
N GLN R 217 51.07 39.61 -15.84
CA GLN R 217 51.73 38.33 -16.04
C GLN R 217 51.93 37.44 -14.81
N ASP R 218 52.44 37.99 -13.72
CA ASP R 218 52.66 37.17 -12.53
C ASP R 218 51.73 37.48 -11.37
N GLY R 219 50.82 38.42 -11.59
CA GLY R 219 49.87 38.77 -10.55
C GLY R 219 50.49 39.49 -9.37
N PHE R 220 49.90 39.29 -8.20
CA PHE R 220 50.39 39.93 -6.99
C PHE R 220 51.50 39.16 -6.29
N LYS R 221 52.65 39.81 -6.13
CA LYS R 221 53.81 39.23 -5.48
C LYS R 221 54.39 40.20 -4.46
N ILE R 222 54.86 39.66 -3.34
CA ILE R 222 55.46 40.48 -2.30
C ILE R 222 56.98 40.30 -2.35
N TYR R 223 57.70 41.37 -2.65
CA TYR R 223 59.15 41.33 -2.74
C TYR R 223 59.81 40.81 -1.46
N ASP R 224 60.73 39.86 -1.61
CA ASP R 224 61.44 39.33 -0.45
C ASP R 224 62.58 40.27 -0.11
N ASN R 225 62.95 40.31 1.16
CA ASN R 225 64.02 41.19 1.64
C ASN R 225 65.19 41.38 0.70
N GLU R 226 65.79 40.29 0.23
CA GLU R 226 66.92 40.39 -0.68
C GLU R 226 66.59 41.30 -1.86
N LYS R 227 65.50 41.00 -2.55
CA LYS R 227 65.11 41.79 -3.71
C LYS R 227 64.95 43.28 -3.42
N THR R 228 64.33 43.61 -2.29
CA THR R 228 64.12 45.00 -1.93
C THR R 228 65.42 45.67 -1.53
N ALA R 229 66.23 44.99 -0.73
CA ALA R 229 67.50 45.54 -0.29
C ALA R 229 68.27 46.10 -1.49
N GLU R 230 68.36 45.31 -2.55
CA GLU R 230 69.07 45.72 -3.77
C GLU R 230 68.46 46.96 -4.40
N LEU R 231 67.14 47.04 -4.38
CA LEU R 231 66.46 48.20 -4.94
C LEU R 231 66.78 49.41 -4.05
N ILE R 232 66.90 49.17 -2.74
CA ILE R 232 67.23 50.23 -1.80
C ILE R 232 68.63 50.75 -2.12
N LYS R 233 69.56 49.81 -2.25
CA LYS R 233 70.95 50.13 -2.59
C LYS R 233 70.97 50.88 -3.93
N GLU R 234 70.33 50.28 -4.93
CA GLU R 234 70.26 50.88 -6.26
C GLU R 234 69.75 52.32 -6.16
N LEU R 235 68.96 52.60 -5.13
CA LEU R 235 68.39 53.93 -4.91
C LEU R 235 69.41 54.89 -4.31
N LYS R 236 70.12 54.43 -3.28
CA LYS R 236 71.13 55.27 -2.63
C LYS R 236 72.13 55.77 -3.66
N GLU R 237 72.54 54.86 -4.53
CA GLU R 237 73.50 55.18 -5.59
C GLU R 237 72.99 56.23 -6.55
N LYS R 238 71.79 56.04 -7.07
CA LYS R 238 71.23 56.99 -7.99
C LYS R 238 71.04 58.36 -7.34
N GLU R 239 70.67 58.37 -6.06
CA GLU R 239 70.45 59.63 -5.35
C GLU R 239 71.75 60.40 -5.16
N ALA R 240 72.74 59.76 -4.56
CA ALA R 240 74.03 60.38 -4.33
C ALA R 240 74.69 60.74 -5.65
N ALA R 241 74.03 60.42 -6.75
CA ALA R 241 74.55 60.69 -8.08
C ALA R 241 74.31 62.13 -8.53
N GLU R 242 73.67 62.91 -7.68
CA GLU R 242 73.39 64.32 -7.95
C GLU R 242 72.32 64.88 -7.02
N PHE S 1 20.97 75.20 24.45
CA PHE S 1 19.77 74.95 23.59
C PHE S 1 19.98 73.74 22.69
N ARG S 2 20.09 74.00 21.38
CA ARG S 2 20.26 72.99 20.35
C ARG S 2 21.02 71.76 20.83
N ASN S 3 22.10 72.00 21.57
CA ASN S 3 22.94 70.93 22.10
C ASN S 3 22.12 69.85 22.82
N ASN S 4 21.05 70.27 23.50
CA ASN S 4 20.21 69.35 24.24
C ASN S 4 19.15 68.63 23.42
N TYR S 5 19.01 69.00 22.15
CA TYR S 5 17.98 68.41 21.32
C TYR S 5 18.45 67.82 20.00
N ASP S 6 19.76 67.77 19.78
CA ASP S 6 20.29 67.25 18.52
C ASP S 6 21.12 65.98 18.67
N GLY S 7 20.87 65.22 19.74
CA GLY S 7 21.61 63.99 19.96
C GLY S 7 21.12 62.82 19.14
N ASP S 8 19.92 62.96 18.57
CA ASP S 8 19.33 61.90 17.75
C ASP S 8 18.09 62.43 17.03
N THR S 9 17.42 61.55 16.29
CA THR S 9 16.25 61.98 15.54
C THR S 9 14.95 61.70 16.25
N VAL S 10 15.02 61.07 17.41
CA VAL S 10 13.81 60.75 18.13
C VAL S 10 13.45 61.90 19.08
N THR S 11 14.12 63.04 18.94
CA THR S 11 13.89 64.20 19.79
C THR S 11 13.54 65.50 19.05
N PHE S 12 12.42 66.10 19.45
CA PHE S 12 11.95 67.34 18.88
C PHE S 12 12.58 68.49 19.64
N SER S 13 12.85 69.61 18.99
CA SER S 13 13.41 70.74 19.72
C SER S 13 12.20 71.49 20.29
N PRO S 14 12.43 72.46 21.18
CA PRO S 14 11.29 73.20 21.75
C PRO S 14 10.45 73.93 20.71
N THR S 15 11.00 74.09 19.51
CA THR S 15 10.28 74.76 18.44
C THR S 15 9.77 73.81 17.37
N GLY S 16 9.91 72.51 17.61
CA GLY S 16 9.42 71.52 16.66
C GLY S 16 10.38 71.13 15.55
N ARG S 17 11.67 71.31 15.78
CA ARG S 17 12.66 70.95 14.76
C ARG S 17 13.32 69.62 15.06
N LEU S 18 13.90 69.02 14.02
CA LEU S 18 14.62 67.75 14.14
C LEU S 18 16.03 68.01 13.59
N PHE S 19 16.92 68.41 14.48
CA PHE S 19 18.29 68.75 14.12
C PHE S 19 19.07 67.68 13.42
N GLN S 20 19.01 66.45 13.92
CA GLN S 20 19.75 65.38 13.26
C GLN S 20 19.42 65.35 11.78
N VAL S 21 18.17 65.65 11.45
CA VAL S 21 17.73 65.68 10.06
C VAL S 21 18.29 66.94 9.42
N GLU S 22 18.19 68.05 10.13
CA GLU S 22 18.71 69.30 9.63
C GLU S 22 20.20 69.19 9.37
N TYR S 23 20.91 68.47 10.25
CA TYR S 23 22.36 68.30 10.08
C TYR S 23 22.61 67.47 8.84
N ALA S 24 21.80 66.43 8.67
CA ALA S 24 21.92 65.56 7.51
C ALA S 24 21.76 66.44 6.27
N LEU S 25 20.75 67.31 6.31
CA LEU S 25 20.46 68.22 5.20
C LEU S 25 21.70 69.05 4.84
N GLU S 26 22.50 69.37 5.85
CA GLU S 26 23.70 70.17 5.62
C GLU S 26 24.69 69.43 4.74
N ALA S 27 24.80 68.13 4.96
CA ALA S 27 25.74 67.32 4.18
C ALA S 27 25.54 67.52 2.68
N ILE S 28 24.31 67.88 2.30
CA ILE S 28 23.99 68.09 0.90
C ILE S 28 24.55 69.41 0.40
N LYS S 29 24.34 70.47 1.17
CA LYS S 29 24.84 71.79 0.78
C LYS S 29 26.35 71.74 0.60
N GLN S 30 26.99 70.88 1.39
CA GLN S 30 28.43 70.71 1.37
C GLN S 30 28.86 69.87 0.17
N GLY S 31 27.88 69.29 -0.51
CA GLY S 31 28.16 68.46 -1.67
C GLY S 31 28.36 69.23 -2.96
N SER S 32 28.75 68.52 -4.01
CA SER S 32 28.99 69.14 -5.31
C SER S 32 27.69 69.41 -6.06
N VAL S 33 27.58 70.59 -6.65
CA VAL S 33 26.37 70.99 -7.37
C VAL S 33 25.96 70.06 -8.51
N THR S 34 24.64 69.87 -8.63
CA THR S 34 24.06 69.04 -9.67
C THR S 34 22.71 69.67 -10.05
N VAL S 35 22.44 69.68 -11.35
CA VAL S 35 21.21 70.28 -11.86
C VAL S 35 20.30 69.28 -12.58
N GLY S 36 19.01 69.56 -12.57
CA GLY S 36 18.05 68.72 -13.25
C GLY S 36 16.99 69.60 -13.89
N LEU S 37 16.53 69.23 -15.09
CA LEU S 37 15.51 69.99 -15.79
C LEU S 37 14.86 69.10 -16.85
N ARG S 38 13.65 69.44 -17.26
CA ARG S 38 12.95 68.62 -18.25
C ARG S 38 12.03 69.41 -19.17
N SER S 39 11.82 68.88 -20.37
CA SER S 39 10.91 69.50 -21.31
C SER S 39 9.68 68.57 -21.30
N ASN S 40 9.02 68.40 -22.43
CA ASN S 40 7.86 67.51 -22.48
C ASN S 40 8.27 66.20 -23.09
N THR S 41 9.45 66.18 -23.70
CA THR S 41 9.96 64.97 -24.33
C THR S 41 11.19 64.37 -23.63
N HIS S 42 11.90 65.17 -22.84
CA HIS S 42 13.09 64.67 -22.15
C HIS S 42 13.31 65.24 -20.76
N ALA S 43 14.14 64.54 -19.99
CA ALA S 43 14.51 64.95 -18.64
C ALA S 43 16.04 64.87 -18.63
N VAL S 44 16.68 65.92 -18.13
CA VAL S 44 18.13 65.96 -18.12
C VAL S 44 18.74 66.18 -16.75
N LEU S 45 19.89 65.56 -16.54
CA LEU S 45 20.64 65.70 -15.31
C LEU S 45 22.05 66.13 -15.70
N VAL S 46 22.55 67.16 -15.04
CA VAL S 46 23.90 67.66 -15.28
C VAL S 46 24.55 67.71 -13.90
N ALA S 47 25.76 67.19 -13.79
CA ALA S 47 26.43 67.20 -12.49
C ALA S 47 27.91 67.56 -12.58
N LEU S 48 28.39 68.25 -11.55
CA LEU S 48 29.78 68.63 -11.46
C LEU S 48 30.50 67.58 -10.61
N LYS S 49 31.41 66.83 -11.23
CA LYS S 49 32.13 65.81 -10.47
C LYS S 49 33.33 66.40 -9.75
N ARG S 50 33.52 65.98 -8.50
CA ARG S 50 34.60 66.47 -7.66
C ARG S 50 35.69 65.39 -7.52
N ASN S 51 36.94 65.82 -7.39
CA ASN S 51 38.06 64.87 -7.23
C ASN S 51 38.83 65.20 -5.94
N ALA S 52 39.74 64.33 -5.53
CA ALA S 52 40.51 64.55 -4.32
C ALA S 52 41.86 65.24 -4.62
N ASP S 53 42.70 64.56 -5.39
CA ASP S 53 44.02 65.05 -5.80
C ASP S 53 43.88 65.20 -7.28
N GLU S 54 45.00 65.32 -7.98
CA GLU S 54 44.94 65.39 -9.42
C GLU S 54 45.45 64.03 -9.87
N LEU S 55 45.70 63.18 -8.89
CA LEU S 55 46.15 61.83 -9.16
C LEU S 55 44.97 60.91 -8.92
N SER S 56 43.90 61.47 -8.38
CA SER S 56 42.69 60.69 -8.09
C SER S 56 41.74 60.81 -9.26
N SER S 57 40.57 60.18 -9.11
CA SER S 57 39.55 60.22 -10.13
C SER S 57 38.45 61.14 -9.64
N TYR S 58 37.45 61.36 -10.49
CA TYR S 58 36.33 62.20 -10.12
C TYR S 58 35.19 61.28 -9.70
N GLN S 59 34.50 61.66 -8.62
CA GLN S 59 33.40 60.86 -8.07
C GLN S 59 32.17 60.89 -8.98
N LYS S 60 31.63 59.71 -9.29
CA LYS S 60 30.46 59.65 -10.15
C LYS S 60 29.26 60.22 -9.39
N LYS S 61 28.46 61.04 -10.06
CA LYS S 61 27.31 61.68 -9.42
C LYS S 61 25.97 61.18 -9.96
N ILE S 62 26.00 60.44 -11.07
CA ILE S 62 24.76 59.94 -11.65
C ILE S 62 24.65 58.42 -11.66
N ILE S 63 23.50 57.91 -11.26
CA ILE S 63 23.26 56.46 -11.20
C ILE S 63 21.96 56.09 -11.94
N LYS S 64 22.01 55.02 -12.73
CA LYS S 64 20.84 54.56 -13.47
C LYS S 64 20.09 53.56 -12.60
N CYS S 65 18.78 53.72 -12.48
CA CYS S 65 17.96 52.82 -11.67
C CYS S 65 17.14 51.83 -12.49
N ASP S 66 16.88 52.18 -13.75
CA ASP S 66 16.14 51.33 -14.69
C ASP S 66 16.35 51.95 -16.07
N GLU S 67 15.76 51.36 -17.10
CA GLU S 67 15.91 51.89 -18.45
C GLU S 67 15.19 53.22 -18.67
N HIS S 68 14.26 53.53 -17.78
CA HIS S 68 13.48 54.76 -17.89
C HIS S 68 13.63 55.71 -16.70
N MET S 69 14.53 55.39 -15.78
CA MET S 69 14.71 56.20 -14.58
C MET S 69 16.14 56.20 -14.04
N GLY S 70 16.57 57.34 -13.55
CA GLY S 70 17.91 57.46 -13.00
C GLY S 70 17.98 58.69 -12.11
N LEU S 71 19.10 58.90 -11.44
CA LEU S 71 19.23 60.06 -10.56
C LEU S 71 20.66 60.56 -10.41
N SER S 72 20.79 61.72 -9.77
CA SER S 72 22.08 62.32 -9.51
C SER S 72 22.08 62.59 -8.01
N LEU S 73 23.25 62.53 -7.40
CA LEU S 73 23.39 62.71 -5.96
C LEU S 73 24.23 63.91 -5.51
N ALA S 74 24.05 64.28 -4.25
CA ALA S 74 24.78 65.37 -3.61
C ALA S 74 24.77 65.03 -2.13
N GLY S 75 25.96 64.75 -1.60
CA GLY S 75 26.06 64.38 -0.19
C GLY S 75 26.82 63.08 0.00
N LEU S 76 26.39 62.27 0.96
CA LEU S 76 27.03 60.99 1.24
C LEU S 76 26.94 59.97 0.10
N ALA S 77 28.04 59.78 -0.63
CA ALA S 77 28.06 58.84 -1.74
C ALA S 77 27.45 57.48 -1.37
N PRO S 78 27.84 56.90 -0.21
CA PRO S 78 27.30 55.60 0.18
C PRO S 78 25.78 55.59 0.22
N ASP S 79 25.19 56.56 0.91
CA ASP S 79 23.74 56.62 1.01
C ASP S 79 23.06 56.63 -0.35
N ALA S 80 23.64 57.31 -1.32
CA ALA S 80 23.06 57.36 -2.66
C ALA S 80 23.06 55.96 -3.26
N ARG S 81 24.09 55.19 -2.95
CA ARG S 81 24.20 53.84 -3.44
C ARG S 81 23.11 53.00 -2.80
N VAL S 82 22.89 53.20 -1.51
CA VAL S 82 21.87 52.48 -0.78
C VAL S 82 20.48 52.80 -1.36
N LEU S 83 20.16 54.08 -1.45
CA LEU S 83 18.87 54.52 -1.96
C LEU S 83 18.64 54.17 -3.43
N SER S 84 19.63 54.43 -4.29
CA SER S 84 19.46 54.13 -5.72
C SER S 84 19.29 52.64 -5.91
N ASN S 85 19.86 51.87 -4.99
CA ASN S 85 19.77 50.43 -5.08
C ASN S 85 18.38 49.96 -4.68
N TYR S 86 17.78 50.68 -3.75
CA TYR S 86 16.44 50.36 -3.29
C TYR S 86 15.47 50.74 -4.42
N LEU S 87 15.79 51.83 -5.11
CA LEU S 87 14.97 52.31 -6.22
C LEU S 87 15.09 51.34 -7.39
N ARG S 88 16.24 50.70 -7.54
CA ARG S 88 16.41 49.73 -8.61
C ARG S 88 15.51 48.53 -8.32
N GLN S 89 15.50 48.09 -7.07
CA GLN S 89 14.68 46.94 -6.65
C GLN S 89 13.21 47.23 -6.90
N GLN S 90 12.75 48.40 -6.49
CA GLN S 90 11.36 48.78 -6.71
C GLN S 90 11.00 48.76 -8.18
N CYS S 91 11.88 49.30 -9.02
CA CYS S 91 11.64 49.31 -10.47
C CYS S 91 11.51 47.88 -10.94
N ASN S 92 12.43 47.06 -10.45
CA ASN S 92 12.50 45.63 -10.77
C ASN S 92 11.25 44.87 -10.35
N TYR S 93 10.82 45.14 -9.12
CA TYR S 93 9.64 44.47 -8.57
C TYR S 93 8.40 44.82 -9.38
N SER S 94 8.28 46.08 -9.79
CA SER S 94 7.13 46.51 -10.57
C SER S 94 7.06 45.76 -11.90
N SER S 95 8.23 45.45 -12.46
CA SER S 95 8.31 44.73 -13.73
C SER S 95 8.03 43.25 -13.63
N LEU S 96 8.65 42.59 -12.64
CA LEU S 96 8.44 41.16 -12.50
C LEU S 96 7.02 40.82 -12.10
N VAL S 97 6.50 41.48 -11.08
CA VAL S 97 5.16 41.18 -10.60
C VAL S 97 4.02 41.73 -11.43
N PHE S 98 4.16 42.95 -11.93
CA PHE S 98 3.08 43.54 -12.72
C PHE S 98 3.38 43.82 -14.17
N ASN S 99 4.61 43.58 -14.59
CA ASN S 99 4.97 43.85 -15.99
C ASN S 99 4.55 45.29 -16.23
N ARG S 100 4.98 46.17 -15.32
CA ARG S 100 4.63 47.58 -15.35
C ARG S 100 5.84 48.45 -14.99
N LYS S 101 6.12 49.47 -15.78
CA LYS S 101 7.23 50.35 -15.48
C LYS S 101 6.82 51.18 -14.28
N LEU S 102 7.71 51.29 -13.30
CA LEU S 102 7.43 52.06 -12.09
C LEU S 102 7.33 53.54 -12.42
N ALA S 103 6.22 54.17 -12.02
CA ALA S 103 6.00 55.58 -12.28
C ALA S 103 6.95 56.44 -11.45
N VAL S 104 7.49 57.47 -12.07
CA VAL S 104 8.40 58.38 -11.38
C VAL S 104 7.77 58.91 -10.10
N GLU S 105 6.52 59.34 -10.18
CA GLU S 105 5.83 59.85 -9.00
C GLU S 105 5.74 58.82 -7.90
N ARG S 106 5.58 57.56 -8.28
CA ARG S 106 5.48 56.46 -7.34
C ARG S 106 6.84 56.20 -6.67
N ALA S 107 7.88 56.19 -7.48
CA ALA S 107 9.23 55.99 -6.98
C ALA S 107 9.45 57.05 -5.92
N GLY S 108 9.02 58.27 -6.23
CA GLY S 108 9.16 59.37 -5.30
C GLY S 108 8.53 59.07 -3.96
N HIS S 109 7.34 58.48 -3.98
CA HIS S 109 6.64 58.15 -2.74
C HIS S 109 7.42 57.12 -1.94
N LEU S 110 7.84 56.05 -2.61
CA LEU S 110 8.60 55.01 -1.96
C LEU S 110 9.85 55.60 -1.31
N LEU S 111 10.62 56.39 -2.04
CA LEU S 111 11.81 57.01 -1.48
C LEU S 111 11.42 57.77 -0.24
N CYS S 112 10.43 58.65 -0.37
CA CYS S 112 9.97 59.43 0.75
C CYS S 112 9.70 58.57 1.97
N ASP S 113 8.84 57.57 1.82
CA ASP S 113 8.50 56.72 2.94
C ASP S 113 9.66 55.95 3.54
N LYS S 114 10.68 55.65 2.74
CA LYS S 114 11.84 54.92 3.23
C LYS S 114 12.70 55.86 4.06
N ALA S 115 12.93 57.06 3.55
CA ALA S 115 13.73 58.04 4.24
C ALA S 115 13.12 58.37 5.60
N GLN S 116 11.80 58.55 5.62
CA GLN S 116 11.10 58.90 6.85
C GLN S 116 11.24 57.92 7.99
N LYS S 117 11.43 56.64 7.67
CA LYS S 117 11.56 55.63 8.70
C LYS S 117 12.78 55.83 9.60
N ASN S 118 13.81 56.45 9.05
CA ASN S 118 15.03 56.72 9.81
C ASN S 118 14.99 58.08 10.49
N THR S 119 13.80 58.62 10.70
CA THR S 119 13.67 59.93 11.36
C THR S 119 12.67 59.88 12.49
N GLN S 120 12.16 58.70 12.81
CA GLN S 120 11.17 58.58 13.89
C GLN S 120 11.46 57.44 14.87
N SER S 121 12.43 56.61 14.53
CA SER S 121 12.80 55.47 15.37
C SER S 121 14.23 55.54 15.88
N TYR S 122 14.39 55.20 17.16
CA TYR S 122 15.70 55.19 17.82
C TYR S 122 16.68 54.29 17.07
N GLY S 123 17.95 54.66 17.09
CA GLY S 123 18.95 53.86 16.42
C GLY S 123 19.30 54.29 15.00
N GLY S 124 18.29 54.52 14.18
CA GLY S 124 18.55 54.92 12.81
C GLY S 124 19.13 56.32 12.71
N ARG S 125 19.54 56.70 11.49
CA ARG S 125 20.08 58.03 11.24
C ARG S 125 19.51 58.45 9.90
N PRO S 126 19.24 59.75 9.72
CA PRO S 126 18.69 60.18 8.44
C PRO S 126 19.73 59.95 7.35
N TYR S 127 19.30 59.86 6.10
CA TYR S 127 20.25 59.67 5.03
C TYR S 127 20.85 61.05 4.79
N GLY S 128 22.14 61.10 4.50
CA GLY S 128 22.78 62.39 4.29
C GLY S 128 23.07 62.64 2.84
N VAL S 129 22.04 62.53 2.00
CA VAL S 129 22.22 62.75 0.59
C VAL S 129 20.96 63.30 -0.07
N GLY S 130 21.16 64.15 -1.08
CA GLY S 130 20.05 64.72 -1.82
C GLY S 130 20.02 63.97 -3.14
N LEU S 131 18.85 63.84 -3.75
CA LEU S 131 18.77 63.13 -5.01
C LEU S 131 17.86 63.83 -5.99
N LEU S 132 18.26 63.85 -7.25
CA LEU S 132 17.47 64.44 -8.31
C LEU S 132 17.11 63.27 -9.20
N ILE S 133 15.83 62.94 -9.26
CA ILE S 133 15.39 61.81 -10.07
C ILE S 133 14.67 62.26 -11.34
N ILE S 134 15.10 61.74 -12.48
CA ILE S 134 14.47 62.06 -13.74
C ILE S 134 14.03 60.75 -14.36
N GLY S 135 12.94 60.79 -15.09
CA GLY S 135 12.46 59.58 -15.72
C GLY S 135 11.31 59.85 -16.69
N TYR S 136 11.16 58.97 -17.67
CA TYR S 136 10.09 59.11 -18.64
C TYR S 136 9.15 57.92 -18.45
N ASP S 137 7.91 58.18 -18.05
CA ASP S 137 6.96 57.10 -17.83
C ASP S 137 5.67 57.34 -18.62
N LYS S 138 4.62 56.60 -18.27
CA LYS S 138 3.35 56.72 -18.97
C LYS S 138 2.77 58.13 -19.06
N SER S 139 3.21 59.05 -18.20
CA SER S 139 2.70 60.40 -18.27
C SER S 139 3.78 61.39 -18.70
N GLY S 140 4.77 60.89 -19.42
CA GLY S 140 5.83 61.76 -19.91
C GLY S 140 7.12 61.86 -19.11
N ALA S 141 7.78 63.00 -19.25
CA ALA S 141 9.04 63.28 -18.57
C ALA S 141 8.80 63.84 -17.17
N HIS S 142 9.68 63.48 -16.23
CA HIS S 142 9.55 63.94 -14.86
C HIS S 142 10.88 64.23 -14.21
N LEU S 143 10.83 65.08 -13.19
CA LEU S 143 11.99 65.47 -12.40
C LEU S 143 11.52 65.59 -10.95
N LEU S 144 12.22 64.90 -10.07
CA LEU S 144 11.89 64.90 -8.65
C LEU S 144 13.10 65.33 -7.84
N GLU S 145 12.85 65.99 -6.71
CA GLU S 145 13.93 66.38 -5.83
C GLU S 145 13.66 65.66 -4.51
N PHE S 146 14.64 64.88 -4.09
CA PHE S 146 14.55 64.12 -2.85
C PHE S 146 15.41 64.70 -1.73
N GLN S 147 14.80 64.98 -0.58
CA GLN S 147 15.54 65.49 0.58
C GLN S 147 15.43 64.48 1.73
N PRO S 148 16.54 64.24 2.45
CA PRO S 148 16.67 63.32 3.58
C PRO S 148 15.59 63.44 4.64
N SER S 149 14.92 64.60 4.66
CA SER S 149 13.86 64.81 5.61
C SER S 149 12.71 63.92 5.17
N GLY S 150 12.72 63.55 3.90
CA GLY S 150 11.67 62.70 3.36
C GLY S 150 10.85 63.44 2.34
N ASN S 151 10.97 64.76 2.30
CA ASN S 151 10.23 65.58 1.35
C ASN S 151 10.71 65.37 -0.08
N VAL S 152 9.82 64.83 -0.92
CA VAL S 152 10.14 64.62 -2.34
C VAL S 152 9.22 65.54 -3.14
N THR S 153 9.78 66.24 -4.12
CA THR S 153 8.98 67.17 -4.92
C THR S 153 9.19 67.08 -6.42
N GLU S 154 8.11 67.29 -7.17
CA GLU S 154 8.19 67.25 -8.63
C GLU S 154 8.34 68.67 -9.11
N LEU S 155 9.36 68.91 -9.94
CA LEU S 155 9.66 70.23 -10.45
C LEU S 155 9.94 70.21 -11.94
N TYR S 156 10.03 71.38 -12.54
CA TYR S 156 10.34 71.48 -13.96
C TYR S 156 11.85 71.39 -14.05
N GLY S 157 12.48 71.91 -13.00
CA GLY S 157 13.93 71.90 -12.92
C GLY S 157 14.34 72.32 -11.53
N THR S 158 15.61 72.11 -11.19
CA THR S 158 16.12 72.48 -9.88
C THR S 158 17.59 72.10 -9.81
N ALA S 159 18.19 72.37 -8.65
CA ALA S 159 19.60 72.04 -8.42
C ALA S 159 19.85 71.97 -6.92
N ILE S 160 20.82 71.14 -6.53
CA ILE S 160 21.16 70.98 -5.13
C ILE S 160 22.68 70.93 -5.03
N GLY S 161 23.20 71.23 -3.85
CA GLY S 161 24.63 71.23 -3.63
C GLY S 161 25.14 72.63 -3.33
N ALA S 162 26.46 72.79 -3.34
CA ALA S 162 27.08 74.07 -3.06
C ALA S 162 26.90 75.05 -4.22
N ARG S 163 26.53 76.28 -3.90
CA ARG S 163 26.32 77.34 -4.90
C ARG S 163 25.17 76.97 -5.83
N SER S 164 24.42 75.94 -5.45
CA SER S 164 23.29 75.48 -6.25
C SER S 164 22.30 76.60 -6.54
N GLN S 165 22.08 77.46 -5.56
CA GLN S 165 21.13 78.58 -5.70
C GLN S 165 21.38 79.35 -6.99
N GLY S 166 22.60 79.28 -7.51
CA GLY S 166 22.92 79.97 -8.74
C GLY S 166 22.05 79.44 -9.86
N ALA S 167 22.25 78.17 -10.19
CA ALA S 167 21.50 77.54 -11.26
C ALA S 167 19.99 77.62 -11.04
N LYS S 168 19.54 77.32 -9.82
CA LYS S 168 18.12 77.35 -9.51
C LYS S 168 17.47 78.67 -9.93
N THR S 169 18.22 79.77 -9.84
CA THR S 169 17.71 81.07 -10.24
C THR S 169 17.65 81.14 -11.75
N TYR S 170 18.72 80.69 -12.39
CA TYR S 170 18.81 80.67 -13.83
C TYR S 170 17.64 79.88 -14.42
N LEU S 171 17.40 78.71 -13.86
CA LEU S 171 16.31 77.86 -14.33
C LEU S 171 14.98 78.56 -14.10
N GLU S 172 14.77 78.99 -12.86
CA GLU S 172 13.54 79.68 -12.47
C GLU S 172 13.30 80.86 -13.41
N ARG S 173 14.38 81.30 -14.03
CA ARG S 173 14.38 82.43 -14.95
C ARG S 173 14.09 81.98 -16.38
N THR S 174 14.78 80.93 -16.81
CA THR S 174 14.66 80.36 -18.16
C THR S 174 13.43 79.48 -18.38
N LEU S 175 12.80 79.06 -17.28
CA LEU S 175 11.63 78.17 -17.30
C LEU S 175 10.80 78.12 -18.58
N ASP S 176 10.03 79.18 -18.85
CA ASP S 176 9.17 79.25 -20.03
C ASP S 176 9.84 78.80 -21.33
N THR S 177 11.17 78.86 -21.37
CA THR S 177 11.91 78.50 -22.57
C THR S 177 12.30 77.03 -22.65
N PHE S 178 13.10 76.55 -21.69
CA PHE S 178 13.57 75.16 -21.73
C PHE S 178 12.47 74.12 -21.61
N ILE S 179 11.40 74.46 -20.92
CA ILE S 179 10.29 73.54 -20.73
C ILE S 179 9.64 73.19 -22.06
N LYS S 180 10.01 73.95 -23.09
CA LYS S 180 9.46 73.75 -24.44
C LYS S 180 10.49 73.19 -25.40
N ILE S 181 11.63 72.73 -24.87
CA ILE S 181 12.67 72.15 -25.72
C ILE S 181 12.34 70.69 -26.04
N ASP S 182 11.25 70.49 -26.76
CA ASP S 182 10.82 69.15 -27.12
C ASP S 182 11.44 68.67 -28.42
N GLY S 183 11.70 67.38 -28.51
CA GLY S 183 12.27 66.83 -29.73
C GLY S 183 13.65 67.35 -30.09
N ASN S 184 14.41 67.77 -29.09
CA ASN S 184 15.75 68.26 -29.34
C ASN S 184 16.57 68.12 -28.07
N PRO S 185 17.03 66.90 -27.78
CA PRO S 185 17.82 66.64 -26.58
C PRO S 185 19.08 67.50 -26.46
N ASP S 186 19.83 67.63 -27.55
CA ASP S 186 21.05 68.43 -27.51
C ASP S 186 20.83 69.81 -26.91
N GLU S 187 19.72 70.45 -27.27
CA GLU S 187 19.43 71.76 -26.73
C GLU S 187 19.17 71.66 -25.22
N LEU S 188 18.22 70.83 -24.83
CA LEU S 188 17.89 70.66 -23.42
C LEU S 188 19.16 70.50 -22.59
N ILE S 189 20.14 69.79 -23.13
CA ILE S 189 21.40 69.57 -22.42
C ILE S 189 22.20 70.87 -22.32
N LYS S 190 22.32 71.60 -23.42
CA LYS S 190 23.05 72.87 -23.40
C LYS S 190 22.41 73.80 -22.37
N ALA S 191 21.09 73.71 -22.26
CA ALA S 191 20.32 74.51 -21.31
C ALA S 191 20.66 74.05 -19.89
N GLY S 192 20.94 72.77 -19.74
CA GLY S 192 21.28 72.24 -18.45
C GLY S 192 22.68 72.65 -18.08
N VAL S 193 23.59 72.58 -19.05
CA VAL S 193 24.99 72.94 -18.80
C VAL S 193 25.13 74.42 -18.50
N GLU S 194 24.30 75.24 -19.14
CA GLU S 194 24.34 76.67 -18.91
C GLU S 194 23.82 76.98 -17.51
N ALA S 195 22.85 76.20 -17.06
CA ALA S 195 22.30 76.39 -15.72
C ALA S 195 23.31 76.04 -14.64
N ILE S 196 23.95 74.89 -14.80
CA ILE S 196 24.92 74.45 -13.81
C ILE S 196 26.14 75.36 -13.73
N SER S 197 26.50 75.98 -14.85
CA SER S 197 27.66 76.86 -14.87
C SER S 197 27.44 78.14 -14.08
N GLN S 198 26.19 78.39 -13.70
CA GLN S 198 25.84 79.56 -12.91
C GLN S 198 26.15 79.28 -11.44
N SER S 199 26.73 78.12 -11.17
CA SER S 199 27.07 77.72 -9.81
C SER S 199 28.55 77.40 -9.68
N LEU S 200 29.31 77.68 -10.74
CA LEU S 200 30.74 77.46 -10.73
C LEU S 200 31.39 78.58 -9.94
N ARG S 201 32.71 78.60 -9.87
CA ARG S 201 33.40 79.65 -9.10
C ARG S 201 34.88 79.28 -9.10
N ASP S 202 35.16 78.17 -8.44
CA ASP S 202 36.52 77.66 -8.36
C ASP S 202 37.09 77.51 -9.77
N GLU S 203 36.48 76.62 -10.56
CA GLU S 203 36.95 76.35 -11.90
C GLU S 203 35.87 76.40 -12.97
N SER S 204 36.25 75.92 -14.15
CA SER S 204 35.38 75.86 -15.32
C SER S 204 35.18 74.37 -15.63
N LEU S 205 34.02 74.01 -16.14
CA LEU S 205 33.74 72.60 -16.43
C LEU S 205 34.56 72.02 -17.59
N THR S 206 35.31 70.97 -17.26
CA THR S 206 36.18 70.27 -18.20
C THR S 206 35.55 68.95 -18.66
N VAL S 207 36.28 68.23 -19.50
CA VAL S 207 35.81 66.97 -20.05
C VAL S 207 35.80 65.81 -19.05
N ASP S 208 36.65 65.85 -18.04
CA ASP S 208 36.64 64.76 -17.07
C ASP S 208 36.12 65.23 -15.73
N ASN S 209 35.29 66.26 -15.77
CA ASN S 209 34.70 66.81 -14.56
C ASN S 209 33.20 67.08 -14.75
N LEU S 210 32.75 66.99 -16.00
CA LEU S 210 31.34 67.20 -16.32
C LEU S 210 30.65 65.86 -16.53
N SER S 211 29.47 65.70 -15.92
CA SER S 211 28.69 64.47 -16.00
C SER S 211 27.25 64.81 -16.40
N ILE S 212 26.80 64.23 -17.51
CA ILE S 212 25.43 64.47 -18.00
C ILE S 212 24.66 63.17 -18.24
N ALA S 213 23.38 63.19 -17.89
CA ALA S 213 22.51 62.03 -18.09
C ALA S 213 21.20 62.51 -18.73
N ILE S 214 20.58 61.66 -19.54
CA ILE S 214 19.32 62.00 -20.21
C ILE S 214 18.40 60.79 -20.37
N VAL S 215 17.10 61.06 -20.44
CA VAL S 215 16.09 60.04 -20.61
C VAL S 215 14.90 60.69 -21.33
N GLY S 216 14.19 59.93 -22.15
CA GLY S 216 13.05 60.52 -22.85
C GLY S 216 12.23 59.55 -23.66
N LYS S 217 11.25 60.10 -24.37
CA LYS S 217 10.33 59.35 -25.22
C LYS S 217 10.92 58.06 -25.79
N ASP S 218 11.81 58.20 -26.77
CA ASP S 218 12.43 57.03 -27.37
C ASP S 218 13.90 57.01 -26.97
N THR S 219 14.16 57.43 -25.74
CA THR S 219 15.53 57.48 -25.26
C THR S 219 15.75 56.81 -23.92
N PRO S 220 16.35 55.61 -23.91
CA PRO S 220 16.57 54.96 -22.63
C PRO S 220 17.55 55.79 -21.81
N PHE S 221 17.37 55.82 -20.50
CA PHE S 221 18.23 56.60 -19.60
C PHE S 221 19.70 56.30 -19.89
N THR S 222 20.47 57.30 -20.31
CA THR S 222 21.88 57.09 -20.63
C THR S 222 22.82 58.15 -20.02
N ILE S 223 24.02 57.74 -19.64
CA ILE S 223 25.01 58.64 -19.03
C ILE S 223 26.16 58.99 -19.96
N TYR S 224 26.61 60.23 -19.88
CA TYR S 224 27.73 60.68 -20.70
C TYR S 224 28.84 61.29 -19.84
N ASP S 225 30.06 60.81 -20.05
CA ASP S 225 31.23 61.28 -19.31
C ASP S 225 32.43 61.38 -20.23
N GLY S 226 33.41 62.18 -19.83
CA GLY S 226 34.60 62.35 -20.65
C GLY S 226 34.30 62.91 -22.01
N GLU S 227 35.02 62.42 -23.01
CA GLU S 227 34.84 62.85 -24.39
C GLU S 227 33.36 62.91 -24.77
N ALA S 228 32.56 62.06 -24.14
CA ALA S 228 31.13 62.00 -24.41
C ALA S 228 30.45 63.34 -24.18
N VAL S 229 30.93 64.12 -23.21
CA VAL S 229 30.35 65.42 -22.90
C VAL S 229 31.17 66.56 -23.50
N ALA S 230 32.19 66.22 -24.28
CA ALA S 230 33.05 67.21 -24.90
C ALA S 230 32.27 68.20 -25.75
N LYS S 231 31.38 67.68 -26.58
CA LYS S 231 30.58 68.51 -27.46
C LYS S 231 29.67 69.52 -26.76
N TYR S 232 29.72 69.56 -25.43
CA TYR S 232 28.89 70.49 -24.66
C TYR S 232 29.70 71.51 -23.87
N ILE S 233 31.02 71.44 -23.94
CA ILE S 233 31.83 72.39 -23.18
C ILE S 233 32.41 73.48 -24.09
N GLY T 1 13.48 69.17 39.33
CA GLY T 1 14.60 69.66 38.48
C GLY T 1 14.14 70.05 37.09
N THR T 2 14.89 69.65 36.06
CA THR T 2 14.53 69.94 34.66
C THR T 2 14.89 68.81 33.72
N GLY T 3 14.81 69.08 32.42
CA GLY T 3 15.13 68.08 31.42
C GLY T 3 13.99 67.12 31.19
N TYR T 4 12.80 67.50 31.64
CA TYR T 4 11.63 66.67 31.45
C TYR T 4 11.16 66.76 30.01
N ASP T 5 11.89 67.53 29.21
CA ASP T 5 11.50 67.71 27.82
C ASP T 5 12.47 67.10 26.81
N LEU T 6 13.36 66.21 27.24
CA LEU T 6 14.32 65.61 26.32
C LEU T 6 13.94 64.19 25.92
N SER T 7 13.16 63.51 26.76
CA SER T 7 12.72 62.15 26.50
C SER T 7 11.22 62.16 26.17
N ASN T 8 10.79 61.36 25.21
CA ASN T 8 9.38 61.37 24.82
C ASN T 8 8.31 60.89 25.78
N SER T 9 8.49 59.81 26.51
CA SER T 9 7.37 59.40 27.35
C SER T 9 7.36 59.94 28.76
N VAL T 10 8.15 60.99 29.02
CA VAL T 10 8.24 61.55 30.37
C VAL T 10 7.23 62.60 30.80
N PHE T 11 6.64 62.39 31.97
CA PHE T 11 5.67 63.32 32.54
C PHE T 11 6.47 64.41 33.24
N SER T 12 6.15 65.67 32.96
CA SER T 12 6.84 66.77 33.64
C SER T 12 6.15 66.85 35.01
N PRO T 13 6.73 67.59 35.96
CA PRO T 13 6.13 67.70 37.29
C PRO T 13 4.68 68.19 37.31
N ASP T 14 4.28 68.89 36.24
CA ASP T 14 2.92 69.38 36.15
C ASP T 14 2.06 68.50 35.24
N GLY T 15 2.50 67.27 35.03
CA GLY T 15 1.75 66.31 34.23
C GLY T 15 1.72 66.39 32.72
N ARG T 16 2.63 67.16 32.12
CA ARG T 16 2.63 67.27 30.67
C ARG T 16 3.71 66.41 30.01
N ASN T 17 3.69 66.40 28.69
CA ASN T 17 4.65 65.65 27.88
C ASN T 17 5.15 66.61 26.81
N PHE T 18 6.16 67.39 27.16
CA PHE T 18 6.73 68.38 26.26
C PHE T 18 7.06 67.90 24.87
N GLN T 19 7.58 66.69 24.75
CA GLN T 19 7.92 66.20 23.42
C GLN T 19 6.72 66.25 22.50
N VAL T 20 5.55 65.95 23.05
CA VAL T 20 4.32 65.99 22.26
C VAL T 20 4.03 67.45 21.92
N GLU T 21 4.21 68.31 22.91
CA GLU T 21 3.98 69.73 22.73
C GLU T 21 4.91 70.33 21.68
N TYR T 22 6.14 69.86 21.65
CA TYR T 22 7.10 70.37 20.66
C TYR T 22 6.67 69.88 19.28
N ALA T 23 6.03 68.71 19.25
CA ALA T 23 5.56 68.14 18.00
C ALA T 23 4.52 69.09 17.44
N VAL T 24 3.63 69.53 18.31
CA VAL T 24 2.59 70.46 17.92
C VAL T 24 3.20 71.68 17.23
N LYS T 25 4.33 72.15 17.73
CA LYS T 25 4.97 73.31 17.12
C LYS T 25 5.23 73.05 15.64
N ALA T 26 5.74 71.88 15.31
CA ALA T 26 6.01 71.55 13.91
C ALA T 26 4.71 71.65 13.12
N VAL T 27 3.61 71.29 13.77
CA VAL T 27 2.30 71.33 13.14
C VAL T 27 1.86 72.74 12.83
N GLU T 28 1.90 73.59 13.85
CA GLU T 28 1.49 74.97 13.71
C GLU T 28 2.31 75.69 12.66
N ASN T 29 3.51 75.22 12.43
CA ASN T 29 4.37 75.86 11.46
C ASN T 29 4.04 75.39 10.05
N GLY T 30 3.15 74.42 9.95
CA GLY T 30 2.79 73.91 8.65
C GLY T 30 1.71 74.66 7.90
N THR T 31 1.48 74.22 6.66
CA THR T 31 0.46 74.80 5.78
C THR T 31 -0.91 74.67 6.44
N THR T 32 -1.84 75.54 6.06
CA THR T 32 -3.15 75.45 6.65
C THR T 32 -4.01 74.47 5.83
N SER T 33 -4.84 73.71 6.53
CA SER T 33 -5.71 72.73 5.89
C SER T 33 -6.97 72.56 6.72
N ILE T 34 -8.09 72.33 6.05
CA ILE T 34 -9.35 72.21 6.76
C ILE T 34 -10.32 71.13 6.27
N GLY T 35 -11.41 71.00 7.03
CA GLY T 35 -12.43 70.04 6.71
C GLY T 35 -13.77 70.59 7.10
N ILE T 36 -14.76 70.45 6.21
CA ILE T 36 -16.11 70.93 6.48
C ILE T 36 -17.06 69.76 6.33
N LYS T 37 -17.84 69.51 7.37
CA LYS T 37 -18.82 68.45 7.33
C LYS T 37 -20.13 69.00 6.78
N CYS T 38 -20.54 68.54 5.60
CA CYS T 38 -21.80 68.99 5.03
C CYS T 38 -22.90 67.99 5.38
N ASN T 39 -24.12 68.26 4.92
CA ASN T 39 -25.27 67.42 5.25
C ASN T 39 -25.33 65.99 4.70
N ASP T 40 -24.40 65.62 3.82
CA ASP T 40 -24.38 64.25 3.31
C ASP T 40 -22.98 63.84 2.84
N GLY T 41 -21.97 64.39 3.48
CA GLY T 41 -20.60 64.07 3.11
C GLY T 41 -19.63 64.99 3.80
N VAL T 42 -18.41 65.06 3.28
CA VAL T 42 -17.39 65.93 3.86
C VAL T 42 -16.52 66.53 2.77
N VAL T 43 -15.99 67.71 3.04
CA VAL T 43 -15.12 68.38 2.08
C VAL T 43 -13.76 68.65 2.70
N PHE T 44 -12.71 68.44 1.93
CA PHE T 44 -11.36 68.66 2.42
C PHE T 44 -10.68 69.65 1.49
N ALA T 45 -9.89 70.54 2.07
CA ALA T 45 -9.14 71.53 1.31
C ALA T 45 -7.82 71.84 2.00
N VAL T 46 -6.82 72.23 1.21
CA VAL T 46 -5.51 72.53 1.76
C VAL T 46 -4.74 73.58 0.95
N GLU T 47 -3.88 74.31 1.66
CA GLU T 47 -3.04 75.35 1.10
C GLU T 47 -1.74 74.73 0.57
N LYS T 48 -1.40 75.01 -0.67
CA LYS T 48 -0.16 74.48 -1.25
C LYS T 48 0.73 75.67 -1.59
N LEU T 49 1.76 75.91 -0.79
CA LEU T 49 2.66 77.03 -1.06
C LEU T 49 3.54 76.85 -2.28
N ILE T 50 3.60 77.87 -3.11
CA ILE T 50 4.39 77.83 -4.33
C ILE T 50 5.78 78.37 -4.04
N THR T 51 6.64 77.51 -3.51
CA THR T 51 8.01 77.89 -3.19
C THR T 51 8.73 78.49 -4.40
N SER T 52 8.28 78.16 -5.61
CA SER T 52 8.90 78.69 -6.80
C SER T 52 8.15 78.28 -8.08
N LYS T 53 8.36 79.04 -9.15
CA LYS T 53 7.74 78.76 -10.43
C LYS T 53 8.10 77.35 -10.86
N LEU T 54 9.24 76.86 -10.38
CA LEU T 54 9.74 75.54 -10.73
C LEU T 54 8.85 74.35 -10.33
N LEU T 55 7.97 74.53 -9.36
CA LEU T 55 7.08 73.45 -8.96
C LEU T 55 6.03 73.22 -10.04
N VAL T 56 5.95 72.01 -10.57
CA VAL T 56 4.96 71.72 -11.59
C VAL T 56 3.59 71.89 -10.94
N PRO T 57 2.74 72.75 -11.52
CA PRO T 57 1.41 73.01 -10.99
C PRO T 57 0.51 71.79 -10.97
N GLN T 58 -0.30 71.67 -9.92
CA GLN T 58 -1.23 70.55 -9.75
C GLN T 58 -0.55 69.19 -9.55
N LYS T 59 0.77 69.17 -9.58
CA LYS T 59 1.48 67.90 -9.47
C LYS T 59 1.84 67.30 -8.11
N ASN T 60 2.07 68.11 -7.10
CA ASN T 60 2.44 67.52 -5.81
C ASN T 60 1.22 67.42 -4.91
N VAL T 61 0.32 66.50 -5.25
CA VAL T 61 -0.92 66.31 -4.49
C VAL T 61 -0.70 66.03 -3.00
N LYS T 62 -1.45 66.70 -2.14
CA LYS T 62 -1.31 66.50 -0.70
C LYS T 62 -2.37 65.61 -0.07
N ILE T 63 -3.63 65.81 -0.44
CA ILE T 63 -4.72 65.01 0.10
C ILE T 63 -4.63 63.54 -0.33
N GLN T 64 -4.78 62.64 0.64
CA GLN T 64 -4.71 61.21 0.37
C GLN T 64 -6.01 60.50 0.69
N VAL T 65 -6.23 59.39 0.01
CA VAL T 65 -7.42 58.59 0.24
C VAL T 65 -7.05 57.29 0.96
N VAL T 66 -7.94 56.82 1.80
CA VAL T 66 -7.77 55.57 2.52
C VAL T 66 -8.93 54.71 2.01
N ASP T 67 -8.63 53.52 1.51
CA ASP T 67 -9.64 52.63 0.97
C ASP T 67 -10.23 53.34 -0.23
N ARG T 68 -11.56 53.45 -0.27
CA ARG T 68 -12.24 54.12 -1.36
C ARG T 68 -13.19 55.22 -0.88
N HIS T 69 -13.50 55.20 0.41
CA HIS T 69 -14.41 56.17 1.00
C HIS T 69 -13.83 57.18 2.00
N ILE T 70 -12.54 57.11 2.29
CA ILE T 70 -11.97 58.02 3.27
C ILE T 70 -10.99 59.02 2.69
N GLY T 71 -11.03 60.23 3.24
CA GLY T 71 -10.14 61.28 2.78
C GLY T 71 -9.30 61.80 3.92
N CYS T 72 -8.03 62.04 3.66
CA CYS T 72 -7.10 62.53 4.68
C CYS T 72 -6.24 63.70 4.20
N VAL T 73 -6.10 64.68 5.08
CA VAL T 73 -5.28 65.85 4.83
C VAL T 73 -4.63 66.20 6.16
N TYR T 74 -3.40 66.69 6.11
CA TYR T 74 -2.69 67.05 7.34
C TYR T 74 -1.72 68.23 7.18
N SER T 75 -1.37 68.83 8.31
CA SER T 75 -0.45 69.96 8.36
C SER T 75 0.70 69.56 9.25
N GLY T 76 1.91 69.95 8.84
CA GLY T 76 3.08 69.62 9.63
C GLY T 76 4.11 68.94 8.77
N LEU T 77 4.75 67.91 9.33
CA LEU T 77 5.76 67.13 8.63
C LEU T 77 5.09 66.17 7.67
N ILE T 78 5.10 66.51 6.38
CA ILE T 78 4.46 65.68 5.36
C ILE T 78 4.84 64.20 5.47
N PRO T 79 6.14 63.89 5.44
CA PRO T 79 6.50 62.47 5.55
C PRO T 79 5.84 61.78 6.73
N ASP T 80 5.70 62.48 7.85
CA ASP T 80 5.05 61.88 9.01
C ASP T 80 3.59 61.62 8.67
N GLY T 81 3.03 62.47 7.83
CA GLY T 81 1.64 62.32 7.43
C GLY T 81 1.44 61.12 6.52
N ARG T 82 2.30 60.96 5.52
CA ARG T 82 2.19 59.82 4.62
C ARG T 82 2.27 58.56 5.46
N HIS T 83 3.29 58.50 6.31
CA HIS T 83 3.50 57.35 7.21
C HIS T 83 2.18 56.97 7.90
N LEU T 84 1.52 57.95 8.50
CA LEU T 84 0.25 57.72 9.18
C LEU T 84 -0.82 57.18 8.23
N VAL T 85 -0.89 57.69 7.01
CA VAL T 85 -1.88 57.23 6.03
C VAL T 85 -1.61 55.77 5.64
N ASN T 86 -0.33 55.44 5.47
CA ASN T 86 0.04 54.08 5.12
C ASN T 86 -0.52 53.14 6.18
N ARG T 87 -0.34 53.51 7.45
CA ARG T 87 -0.84 52.69 8.53
C ARG T 87 -2.36 52.61 8.46
N GLY T 88 -2.96 53.73 8.04
CA GLY T 88 -4.41 53.78 7.93
C GLY T 88 -4.89 52.84 6.86
N ARG T 89 -4.18 52.81 5.73
CA ARG T 89 -4.57 51.92 4.65
C ARG T 89 -4.48 50.47 5.09
N GLU T 90 -3.41 50.14 5.81
CA GLU T 90 -3.23 48.78 6.33
C GLU T 90 -4.37 48.49 7.31
N GLU T 91 -4.59 49.44 8.21
CA GLU T 91 -5.61 49.32 9.22
C GLU T 91 -7.01 49.06 8.62
N ALA T 92 -7.33 49.77 7.55
CA ALA T 92 -8.63 49.63 6.90
C ALA T 92 -8.72 48.32 6.12
N ALA T 93 -7.61 47.95 5.47
CA ALA T 93 -7.56 46.72 4.69
C ALA T 93 -7.76 45.53 5.61
N SER T 94 -7.03 45.53 6.72
CA SER T 94 -7.15 44.44 7.70
C SER T 94 -8.62 44.28 8.12
N PHE T 95 -9.22 45.39 8.55
CA PHE T 95 -10.61 45.43 9.00
C PHE T 95 -11.60 44.88 7.97
N LYS T 96 -11.47 45.32 6.73
CA LYS T 96 -12.36 44.87 5.67
C LYS T 96 -12.21 43.38 5.41
N LYS T 97 -10.95 42.92 5.40
CA LYS T 97 -10.65 41.52 5.15
C LYS T 97 -11.38 40.60 6.12
N LEU T 98 -11.52 41.02 7.37
CA LEU T 98 -12.19 40.16 8.34
C LEU T 98 -13.69 40.39 8.47
N TYR T 99 -14.13 41.65 8.38
CA TYR T 99 -15.55 41.99 8.54
C TYR T 99 -16.33 42.28 7.26
N LYS T 100 -15.62 42.24 6.13
CA LYS T 100 -16.21 42.46 4.81
C LYS T 100 -16.61 43.91 4.54
N THR T 101 -17.33 44.51 5.48
CA THR T 101 -17.76 45.88 5.29
C THR T 101 -16.58 46.85 5.35
N PRO T 102 -16.52 47.82 4.41
CA PRO T 102 -15.41 48.78 4.48
C PRO T 102 -15.46 49.49 5.84
N ILE T 103 -14.30 49.75 6.43
CA ILE T 103 -14.20 50.35 7.74
C ILE T 103 -15.02 51.61 7.97
N PRO T 104 -15.83 51.61 9.04
CA PRO T 104 -16.67 52.75 9.41
C PRO T 104 -15.71 53.90 9.75
N ILE T 105 -16.15 55.13 9.53
CA ILE T 105 -15.28 56.27 9.80
C ILE T 105 -14.90 56.36 11.28
N PRO T 106 -15.88 56.20 12.19
CA PRO T 106 -15.52 56.29 13.61
C PRO T 106 -14.46 55.23 13.98
N ALA T 107 -14.65 54.00 13.49
CA ALA T 107 -13.71 52.92 13.75
C ALA T 107 -12.33 53.29 13.22
N PHE T 108 -12.29 53.92 12.06
CA PHE T 108 -11.03 54.32 11.48
C PHE T 108 -10.34 55.35 12.37
N ALA T 109 -11.14 56.26 12.90
CA ALA T 109 -10.60 57.31 13.76
C ALA T 109 -9.85 56.68 14.91
N ASP T 110 -10.48 55.73 15.60
CA ASP T 110 -9.82 55.12 16.74
C ASP T 110 -8.59 54.31 16.35
N ARG T 111 -8.58 53.75 15.15
CA ARG T 111 -7.41 53.01 14.73
C ARG T 111 -6.25 53.99 14.66
N LEU T 112 -6.44 55.13 14.01
CA LEU T 112 -5.38 56.12 13.94
C LEU T 112 -5.06 56.64 15.33
N GLY T 113 -6.10 56.95 16.10
CA GLY T 113 -5.92 57.46 17.44
C GLY T 113 -5.03 56.58 18.29
N GLN T 114 -5.38 55.30 18.35
CA GLN T 114 -4.62 54.33 19.12
C GLN T 114 -3.18 54.27 18.62
N TYR T 115 -3.01 54.33 17.31
CA TYR T 115 -1.68 54.27 16.71
C TYR T 115 -0.87 55.49 17.12
N VAL T 116 -1.42 56.69 16.91
CA VAL T 116 -0.70 57.90 17.27
C VAL T 116 -0.45 58.00 18.77
N GLN T 117 -1.38 57.51 19.59
CA GLN T 117 -1.21 57.56 21.04
C GLN T 117 -0.06 56.66 21.44
N ALA T 118 0.15 55.61 20.67
CA ALA T 118 1.21 54.67 20.91
C ALA T 118 2.60 55.33 20.83
N HIS T 119 2.75 56.33 19.97
CA HIS T 119 4.02 57.01 19.82
C HIS T 119 4.30 58.07 20.86
N THR T 120 3.61 57.96 22.00
CA THR T 120 3.78 58.88 23.11
C THR T 120 4.00 58.06 24.38
N LEU T 121 4.11 56.74 24.21
CA LEU T 121 4.30 55.81 25.32
C LEU T 121 5.76 55.40 25.58
N TYR T 122 6.64 55.62 24.61
CA TYR T 122 8.03 55.21 24.70
C TYR T 122 8.99 56.32 24.32
N ASN T 123 10.22 56.24 24.82
CA ASN T 123 11.23 57.24 24.52
C ASN T 123 12.04 56.81 23.31
N SER T 124 11.72 55.65 22.77
CA SER T 124 12.43 55.15 21.60
C SER T 124 11.72 55.56 20.31
N VAL T 125 10.65 56.31 20.46
CA VAL T 125 9.89 56.81 19.31
C VAL T 125 9.62 58.29 19.47
N ARG T 126 9.44 58.94 18.33
CA ARG T 126 9.14 60.36 18.27
C ARG T 126 7.66 60.49 17.95
N PRO T 127 6.96 61.44 18.59
CA PRO T 127 5.53 61.60 18.28
C PRO T 127 5.36 62.09 16.85
N PHE T 128 4.15 61.97 16.32
CA PHE T 128 3.89 62.41 14.96
C PHE T 128 3.86 63.92 14.87
N GLY T 129 4.52 64.44 13.85
CA GLY T 129 4.57 65.88 13.65
C GLY T 129 3.50 66.38 12.68
N VAL T 130 2.26 65.97 12.92
CA VAL T 130 1.15 66.37 12.07
C VAL T 130 -0.18 66.29 12.77
N SER T 131 -1.11 67.12 12.34
CA SER T 131 -2.47 67.09 12.85
C SER T 131 -3.18 66.64 11.58
N THR T 132 -4.14 65.74 11.72
CA THR T 132 -4.83 65.23 10.55
C THR T 132 -6.33 65.37 10.57
N ILE T 133 -6.86 65.98 9.51
CA ILE T 133 -8.31 66.15 9.34
C ILE T 133 -8.66 65.03 8.36
N PHE T 134 -9.64 64.21 8.70
CA PHE T 134 -10.02 63.11 7.82
C PHE T 134 -11.47 62.74 8.08
N GLY T 135 -12.06 61.99 7.15
CA GLY T 135 -13.45 61.59 7.33
C GLY T 135 -14.00 60.93 6.10
N GLY T 136 -15.30 60.63 6.16
CA GLY T 136 -15.93 59.99 5.03
C GLY T 136 -17.37 59.68 5.30
N VAL T 137 -17.98 58.92 4.39
CA VAL T 137 -19.38 58.55 4.51
C VAL T 137 -19.49 57.05 4.74
N ASP T 138 -20.36 56.67 5.66
CA ASP T 138 -20.54 55.27 5.93
C ASP T 138 -22.00 54.94 6.19
N LYS T 139 -22.24 53.77 6.76
CA LYS T 139 -23.58 53.31 7.06
C LYS T 139 -24.39 54.31 7.86
N ASN T 140 -23.74 55.24 8.55
CA ASN T 140 -24.47 56.21 9.36
C ASN T 140 -24.23 57.67 9.00
N GLY T 141 -23.97 57.94 7.74
CA GLY T 141 -23.76 59.31 7.33
C GLY T 141 -22.33 59.76 7.27
N ALA T 142 -22.15 61.07 7.24
CA ALA T 142 -20.82 61.65 7.17
C ALA T 142 -20.22 61.83 8.54
N HIS T 143 -18.90 61.80 8.58
CA HIS T 143 -18.15 61.99 9.81
C HIS T 143 -16.87 62.74 9.47
N LEU T 144 -16.57 63.78 10.25
CA LEU T 144 -15.35 64.57 10.06
C LEU T 144 -14.56 64.50 11.37
N TYR T 145 -13.26 64.25 11.25
CA TYR T 145 -12.38 64.11 12.43
C TYR T 145 -11.04 64.83 12.28
N MET T 146 -10.46 65.18 13.41
CA MET T 146 -9.15 65.81 13.44
C MET T 146 -8.37 65.12 14.55
N LEU T 147 -7.15 64.67 14.21
CA LEU T 147 -6.28 63.95 15.12
C LEU T 147 -5.01 64.76 15.49
N GLU T 148 -4.73 64.82 16.79
CA GLU T 148 -3.58 65.57 17.33
C GLU T 148 -2.35 64.71 17.64
N PRO T 149 -1.15 65.29 17.56
CA PRO T 149 0.06 64.52 17.85
C PRO T 149 -0.04 63.78 19.18
N SER T 150 -0.85 64.29 20.09
CA SER T 150 -1.00 63.65 21.38
C SER T 150 -1.79 62.36 21.26
N GLY T 151 -2.50 62.22 20.15
CA GLY T 151 -3.31 61.03 19.96
C GLY T 151 -4.77 61.37 20.17
N SER T 152 -5.01 62.59 20.65
CA SER T 152 -6.37 63.05 20.89
C SER T 152 -7.09 63.37 19.58
N TYR T 153 -8.38 63.06 19.54
CA TYR T 153 -9.18 63.33 18.35
C TYR T 153 -10.66 63.36 18.75
N TRP T 154 -11.44 64.15 18.03
CA TRP T 154 -12.87 64.26 18.28
C TRP T 154 -13.58 64.44 16.94
N GLY T 155 -14.91 64.38 16.97
CA GLY T 155 -15.69 64.60 15.76
C GLY T 155 -15.92 66.09 15.64
N TYR T 156 -15.89 66.62 14.43
CA TYR T 156 -16.08 68.05 14.19
C TYR T 156 -17.14 68.38 13.15
N LYS T 157 -17.60 69.63 13.20
CA LYS T 157 -18.58 70.16 12.25
C LYS T 157 -17.68 70.81 11.19
N GLY T 158 -16.63 71.47 11.68
CA GLY T 158 -15.66 72.10 10.82
C GLY T 158 -14.34 71.97 11.54
N ALA T 159 -13.23 71.83 10.81
CA ALA T 159 -11.93 71.68 11.46
C ALA T 159 -10.82 72.33 10.67
N ALA T 160 -9.84 72.84 11.39
CA ALA T 160 -8.71 73.52 10.78
C ALA T 160 -7.43 73.35 11.60
N THR T 161 -6.31 73.32 10.90
CA THR T 161 -5.04 73.18 11.54
C THR T 161 -3.97 73.81 10.65
N GLY T 162 -2.87 74.25 11.25
CA GLY T 162 -1.80 74.85 10.47
C GLY T 162 -1.55 76.32 10.76
N LYS T 163 -0.75 76.93 9.89
CA LYS T 163 -0.38 78.33 10.00
C LYS T 163 -1.62 79.21 10.18
N GLY T 164 -2.51 79.21 9.18
CA GLY T 164 -3.70 80.04 9.24
C GLY T 164 -4.90 79.43 9.96
N ARG T 165 -4.63 78.53 10.89
CA ARG T 165 -5.69 77.86 11.61
C ARG T 165 -6.70 78.78 12.31
N GLN T 166 -6.24 79.92 12.82
CA GLN T 166 -7.14 80.85 13.52
C GLN T 166 -8.16 81.46 12.57
N SER T 167 -7.70 82.00 11.46
CA SER T 167 -8.62 82.60 10.48
C SER T 167 -9.68 81.56 10.19
N ALA T 168 -9.21 80.39 9.77
CA ALA T 168 -10.09 79.28 9.43
C ALA T 168 -11.10 79.04 10.53
N LYS T 169 -10.64 78.77 11.74
CA LYS T 169 -11.58 78.52 12.82
C LYS T 169 -12.61 79.63 12.91
N ALA T 170 -12.17 80.87 12.73
CA ALA T 170 -13.08 82.01 12.79
C ALA T 170 -14.15 81.87 11.72
N GLU T 171 -13.71 81.67 10.48
CA GLU T 171 -14.61 81.52 9.35
C GLU T 171 -15.51 80.30 9.48
N LEU T 172 -14.95 79.18 9.96
CA LEU T 172 -15.72 77.97 10.13
C LEU T 172 -16.82 78.20 11.17
N GLU T 173 -16.46 78.84 12.27
CA GLU T 173 -17.42 79.11 13.32
C GLU T 173 -18.59 79.92 12.77
N LYS T 174 -18.29 80.84 11.86
CA LYS T 174 -19.32 81.66 11.26
C LYS T 174 -20.30 80.78 10.51
N LEU T 175 -19.78 79.93 9.63
CA LEU T 175 -20.63 79.00 8.87
C LEU T 175 -21.56 78.25 9.80
N VAL T 176 -21.00 77.67 10.86
CA VAL T 176 -21.80 76.92 11.81
C VAL T 176 -23.04 77.70 12.22
N ASP T 177 -22.86 78.98 12.54
CA ASP T 177 -23.96 79.84 12.96
C ASP T 177 -24.95 80.18 11.85
N HIS T 178 -24.42 80.58 10.69
CA HIS T 178 -25.26 80.97 9.56
C HIS T 178 -25.87 79.81 8.78
N HIS T 179 -25.75 78.60 9.32
CA HIS T 179 -26.30 77.43 8.65
C HIS T 179 -26.69 76.39 9.69
N PRO T 180 -27.65 76.71 10.55
CA PRO T 180 -28.11 75.80 11.60
C PRO T 180 -28.87 74.60 11.04
N GLU T 181 -29.11 74.61 9.73
CA GLU T 181 -29.85 73.53 9.07
C GLU T 181 -28.98 72.67 8.15
N GLY T 182 -27.70 73.00 8.07
CA GLY T 182 -26.81 72.23 7.22
C GLY T 182 -26.31 72.92 5.97
N LEU T 183 -25.14 72.49 5.51
CA LEU T 183 -24.54 73.04 4.31
C LEU T 183 -24.51 71.93 3.28
N SER T 184 -24.59 72.26 2.00
CA SER T 184 -24.59 71.23 0.97
C SER T 184 -23.17 70.95 0.49
N ALA T 185 -22.97 69.79 -0.12
CA ALA T 185 -21.66 69.43 -0.63
C ALA T 185 -21.16 70.53 -1.56
N ARG T 186 -21.95 70.84 -2.58
CA ARG T 186 -21.62 71.88 -3.56
C ARG T 186 -21.19 73.19 -2.89
N GLU T 187 -21.93 73.57 -1.85
CA GLU T 187 -21.67 74.81 -1.11
C GLU T 187 -20.45 74.73 -0.22
N ALA T 188 -20.20 73.57 0.39
CA ALA T 188 -19.04 73.40 1.25
C ALA T 188 -17.77 73.53 0.42
N VAL T 189 -17.83 73.07 -0.83
CA VAL T 189 -16.68 73.18 -1.72
C VAL T 189 -16.29 74.65 -1.94
N LYS T 190 -17.28 75.49 -2.19
CA LYS T 190 -17.05 76.92 -2.41
C LYS T 190 -16.56 77.55 -1.12
N GLN T 191 -17.34 77.34 -0.06
CA GLN T 191 -17.07 77.86 1.26
C GLN T 191 -15.68 77.43 1.75
N ALA T 192 -15.24 76.26 1.28
CA ALA T 192 -13.94 75.74 1.65
C ALA T 192 -12.85 76.51 0.91
N ALA T 193 -13.05 76.72 -0.40
CA ALA T 193 -12.09 77.45 -1.20
C ALA T 193 -11.93 78.86 -0.66
N LYS T 194 -13.02 79.42 -0.13
CA LYS T 194 -12.94 80.76 0.42
C LYS T 194 -12.09 80.79 1.68
N ILE T 195 -12.44 79.95 2.65
CA ILE T 195 -11.69 79.88 3.91
C ILE T 195 -10.19 79.74 3.70
N ILE T 196 -9.78 78.96 2.72
CA ILE T 196 -8.35 78.77 2.46
C ILE T 196 -7.75 80.10 1.99
N TYR T 197 -8.44 80.78 1.07
CA TYR T 197 -7.96 82.08 0.59
C TYR T 197 -7.83 83.08 1.74
N LEU T 198 -8.82 83.11 2.62
CA LEU T 198 -8.79 84.00 3.76
C LEU T 198 -7.65 83.63 4.70
N ALA T 199 -7.55 82.35 5.03
CA ALA T 199 -6.50 81.89 5.92
C ALA T 199 -5.12 82.03 5.31
N HIS T 200 -5.06 82.34 4.02
CA HIS T 200 -3.77 82.49 3.36
C HIS T 200 -3.09 83.81 3.69
N GLU T 201 -3.80 84.70 4.40
CA GLU T 201 -3.24 86.00 4.77
C GLU T 201 -2.12 85.93 5.79
N ASP T 202 -2.13 84.89 6.61
CA ASP T 202 -1.10 84.67 7.62
C ASP T 202 0.05 83.91 6.96
N ASN T 203 0.29 84.22 5.69
CA ASN T 203 1.35 83.56 4.90
C ASN T 203 1.36 84.23 3.54
N LYS T 204 0.67 85.36 3.45
CA LYS T 204 0.52 86.15 2.23
C LYS T 204 1.80 86.43 1.43
N GLU T 205 2.94 85.99 1.94
CA GLU T 205 4.20 86.22 1.27
C GLU T 205 4.40 85.38 0.01
N LYS T 206 4.26 84.06 0.15
CA LYS T 206 4.42 83.14 -0.97
C LYS T 206 3.08 82.90 -1.65
N ASP T 207 3.10 82.74 -2.97
CA ASP T 207 1.86 82.50 -3.71
C ASP T 207 1.48 81.04 -3.48
N PHE T 208 0.19 80.71 -3.53
CA PHE T 208 -0.22 79.33 -3.27
C PHE T 208 -1.11 78.68 -4.33
N GLU T 209 -1.38 77.39 -4.12
CA GLU T 209 -2.21 76.59 -5.00
C GLU T 209 -3.25 75.85 -4.16
N LEU T 210 -4.51 76.01 -4.52
CA LEU T 210 -5.61 75.38 -3.79
C LEU T 210 -5.87 73.94 -4.22
N GLU T 211 -6.29 73.11 -3.26
CA GLU T 211 -6.59 71.72 -3.52
C GLU T 211 -7.80 71.31 -2.69
N ILE T 212 -8.82 70.76 -3.35
CA ILE T 212 -10.03 70.34 -2.66
C ILE T 212 -10.46 68.93 -3.06
N SER T 213 -11.05 68.22 -2.12
CA SER T 213 -11.56 66.88 -2.39
C SER T 213 -12.81 66.76 -1.55
N TRP T 214 -13.69 65.84 -1.91
CA TRP T 214 -14.92 65.65 -1.17
C TRP T 214 -15.44 64.23 -1.26
N CYS T 215 -16.35 63.93 -0.33
CA CYS T 215 -16.94 62.63 -0.25
C CYS T 215 -18.42 62.88 0.08
N SER T 216 -19.26 62.87 -0.94
CA SER T 216 -20.69 63.10 -0.74
C SER T 216 -21.54 61.96 -1.25
N LEU T 217 -22.54 61.62 -0.46
CA LEU T 217 -23.44 60.55 -0.78
C LEU T 217 -24.13 60.81 -2.10
N SER T 218 -24.52 62.07 -2.33
CA SER T 218 -25.22 62.45 -3.56
C SER T 218 -24.32 63.00 -4.68
N GLU T 219 -23.12 63.47 -4.34
CA GLU T 219 -22.26 64.02 -5.37
C GLU T 219 -21.15 63.08 -5.84
N THR T 220 -20.71 62.17 -4.95
CA THR T 220 -19.63 61.24 -5.29
C THR T 220 -20.02 59.78 -5.09
N ASN T 221 -21.20 59.57 -4.51
CA ASN T 221 -21.71 58.24 -4.24
C ASN T 221 -21.07 57.64 -3.00
N GLY T 222 -20.54 58.50 -2.14
CA GLY T 222 -19.90 58.02 -0.94
C GLY T 222 -18.44 57.71 -1.16
N LEU T 223 -17.97 57.85 -2.38
CA LEU T 223 -16.57 57.59 -2.67
C LEU T 223 -15.78 58.89 -2.69
N HIS T 224 -14.59 58.88 -2.12
CA HIS T 224 -13.76 60.07 -2.06
C HIS T 224 -13.22 60.44 -3.43
N LYS T 225 -13.33 61.72 -3.77
CA LYS T 225 -12.85 62.18 -5.07
C LYS T 225 -12.32 63.62 -5.01
N PHE T 226 -11.40 63.93 -5.91
CA PHE T 226 -10.83 65.27 -5.97
C PHE T 226 -11.67 66.22 -6.79
N VAL T 227 -11.87 67.43 -6.28
CA VAL T 227 -12.62 68.43 -7.03
C VAL T 227 -11.65 68.98 -8.07
N LYS T 228 -12.00 68.83 -9.34
CA LYS T 228 -11.12 69.31 -10.42
C LYS T 228 -11.93 70.04 -11.50
N GLY T 229 -11.23 70.41 -12.57
CA GLY T 229 -11.86 71.08 -13.69
C GLY T 229 -12.70 72.31 -13.38
N ASP T 230 -13.94 72.30 -13.87
CA ASP T 230 -14.85 73.43 -13.69
C ASP T 230 -15.33 73.69 -12.26
N LEU T 231 -15.87 72.68 -11.58
CA LEU T 231 -16.35 72.91 -10.23
C LEU T 231 -15.24 73.48 -9.35
N LEU T 232 -14.00 73.19 -9.73
CA LEU T 232 -12.83 73.69 -9.01
C LEU T 232 -12.60 75.17 -9.32
N GLN T 233 -12.38 75.49 -10.60
CA GLN T 233 -12.17 76.87 -11.04
C GLN T 233 -13.28 77.75 -10.51
N GLU T 234 -14.46 77.16 -10.44
CA GLU T 234 -15.66 77.80 -9.96
C GLU T 234 -15.50 78.26 -8.50
N ALA T 235 -15.04 77.36 -7.64
CA ALA T 235 -14.84 77.68 -6.24
C ALA T 235 -13.69 78.68 -6.09
N ILE T 236 -12.69 78.59 -6.96
CA ILE T 236 -11.57 79.51 -6.94
C ILE T 236 -12.10 80.91 -7.21
N ASP T 237 -13.08 81.00 -8.09
CA ASP T 237 -13.66 82.30 -8.41
C ASP T 237 -14.47 82.80 -7.22
N PHE T 238 -15.38 81.97 -6.71
CA PHE T 238 -16.17 82.38 -5.55
C PHE T 238 -15.29 82.91 -4.44
N ALA T 239 -14.09 82.34 -4.33
CA ALA T 239 -13.14 82.76 -3.30
C ALA T 239 -12.43 84.04 -3.71
N GLN T 240 -11.89 84.07 -4.92
CA GLN T 240 -11.19 85.24 -5.43
C GLN T 240 -12.07 86.48 -5.39
N LYS T 241 -13.38 86.27 -5.46
CA LYS T 241 -14.33 87.36 -5.42
C LYS T 241 -14.51 87.89 -4.00
N GLU T 242 -14.89 87.00 -3.09
CA GLU T 242 -15.11 87.37 -1.70
C GLU T 242 -13.86 87.79 -0.93
N ILE T 243 -12.72 87.80 -1.60
CA ILE T 243 -11.47 88.22 -0.97
C ILE T 243 -11.23 89.67 -1.35
N ASN T 244 -12.17 90.23 -2.12
CA ASN T 244 -12.10 91.62 -2.58
C ASN T 244 -13.43 92.33 -2.35
N ALA U 1 21.62 59.82 38.53
CA ALA U 1 21.25 60.16 39.94
C ALA U 1 19.90 60.89 40.01
N GLY U 2 19.79 62.00 39.28
CA GLY U 2 18.55 62.77 39.25
C GLY U 2 17.54 62.25 38.25
N TYR U 3 17.91 61.19 37.53
CA TYR U 3 17.02 60.60 36.55
C TYR U 3 16.03 59.68 37.22
N ASP U 4 16.01 59.71 38.55
CA ASP U 4 15.06 58.89 39.30
C ASP U 4 13.73 59.64 39.26
N ARG U 5 13.70 60.68 38.43
CA ARG U 5 12.51 61.49 38.28
C ARG U 5 11.98 61.41 36.85
N HIS U 6 12.69 60.70 36.00
CA HIS U 6 12.28 60.54 34.61
C HIS U 6 11.77 59.15 34.26
N ILE U 7 12.14 58.15 35.04
CA ILE U 7 11.68 56.79 34.78
C ILE U 7 11.18 56.21 36.08
N THR U 8 10.45 55.10 36.00
CA THR U 8 9.90 54.49 37.21
C THR U 8 10.83 53.69 38.12
N ILE U 9 11.79 54.37 38.73
CA ILE U 9 12.72 53.74 39.65
C ILE U 9 12.62 54.54 40.94
N PHE U 10 13.08 53.99 42.05
CA PHE U 10 12.95 54.68 43.32
C PHE U 10 13.80 55.93 43.49
N SER U 11 13.25 56.85 44.28
CA SER U 11 13.93 58.09 44.64
C SER U 11 14.46 57.72 46.03
N PRO U 12 15.45 58.47 46.54
CA PRO U 12 15.97 58.13 47.88
C PRO U 12 14.91 58.09 48.98
N GLU U 13 13.78 58.75 48.76
CA GLU U 13 12.70 58.76 49.73
C GLU U 13 11.81 57.53 49.56
N GLY U 14 12.10 56.73 48.54
CA GLY U 14 11.30 55.54 48.28
C GLY U 14 10.07 55.89 47.46
N ARG U 15 10.18 56.95 46.67
CA ARG U 15 9.06 57.38 45.86
C ARG U 15 9.25 57.19 44.37
N LEU U 16 8.14 57.26 43.65
CA LEU U 16 8.14 57.12 42.19
C LEU U 16 7.48 58.36 41.59
N TYR U 17 8.27 59.41 41.42
CA TYR U 17 7.76 60.66 40.88
C TYR U 17 6.92 60.54 39.62
N GLN U 18 7.38 59.75 38.65
CA GLN U 18 6.63 59.60 37.42
C GLN U 18 5.21 59.14 37.69
N VAL U 19 5.04 58.31 38.71
CA VAL U 19 3.69 57.85 39.05
C VAL U 19 2.93 59.03 39.61
N GLU U 20 3.62 59.85 40.40
CA GLU U 20 2.98 61.01 41.00
C GLU U 20 2.55 62.00 39.92
N TYR U 21 3.45 62.27 38.98
CA TYR U 21 3.13 63.20 37.92
C TYR U 21 2.02 62.65 37.04
N ALA U 22 1.94 61.34 36.90
CA ALA U 22 0.88 60.73 36.10
C ALA U 22 -0.43 61.13 36.75
N PHE U 23 -0.50 60.97 38.06
CA PHE U 23 -1.69 61.34 38.83
C PHE U 23 -2.04 62.80 38.51
N LYS U 24 -1.01 63.64 38.47
CA LYS U 24 -1.19 65.04 38.15
C LYS U 24 -1.95 65.17 36.82
N ALA U 25 -1.49 64.46 35.81
CA ALA U 25 -2.11 64.53 34.51
C ALA U 25 -3.60 64.16 34.49
N THR U 26 -4.05 63.34 35.43
CA THR U 26 -5.45 62.94 35.43
C THR U 26 -6.42 64.10 35.51
N ASN U 27 -5.96 65.24 36.02
CA ASN U 27 -6.86 66.37 36.10
C ASN U 27 -6.85 67.29 34.88
N GLN U 28 -5.96 67.03 33.94
CA GLN U 28 -5.86 67.84 32.72
C GLN U 28 -7.21 68.28 32.16
N THR U 29 -8.15 67.34 32.13
CA THR U 29 -9.48 67.58 31.59
C THR U 29 -10.34 68.51 32.43
N ASN U 30 -9.94 68.73 33.68
CA ASN U 30 -10.70 69.59 34.58
C ASN U 30 -12.16 69.16 34.61
N ILE U 31 -12.38 67.87 34.79
CA ILE U 31 -13.72 67.32 34.84
C ILE U 31 -13.87 66.43 36.06
N ASN U 32 -14.97 66.57 36.76
CA ASN U 32 -15.22 65.74 37.94
C ASN U 32 -16.25 64.67 37.59
N SER U 33 -16.28 63.62 38.39
CA SER U 33 -17.22 62.52 38.19
C SER U 33 -17.44 61.81 39.51
N LEU U 34 -18.56 61.12 39.62
CA LEU U 34 -18.85 60.40 40.84
C LEU U 34 -19.76 59.23 40.48
N ALA U 35 -19.76 58.20 41.33
CA ALA U 35 -20.59 57.04 41.08
C ALA U 35 -21.24 56.64 42.39
N VAL U 36 -22.44 56.10 42.31
CA VAL U 36 -23.16 55.65 43.50
C VAL U 36 -23.89 54.37 43.21
N ARG U 37 -24.19 53.62 44.26
CA ARG U 37 -24.88 52.36 44.13
C ARG U 37 -26.31 52.44 44.62
N GLY U 38 -27.22 51.95 43.79
CA GLY U 38 -28.63 51.94 44.14
C GLY U 38 -28.97 50.63 44.84
N LYS U 39 -30.25 50.33 44.95
CA LYS U 39 -30.67 49.08 45.60
C LYS U 39 -30.25 47.94 44.69
N ASP U 40 -30.30 48.19 43.39
CA ASP U 40 -29.89 47.18 42.43
C ASP U 40 -29.51 47.78 41.08
N CYS U 41 -28.75 48.87 41.13
CA CYS U 41 -28.26 49.55 39.93
C CYS U 41 -27.05 50.36 40.34
N THR U 42 -26.27 50.81 39.36
CA THR U 42 -25.08 51.61 39.64
C THR U 42 -25.07 52.76 38.66
N VAL U 43 -24.81 53.95 39.17
CA VAL U 43 -24.80 55.14 38.33
C VAL U 43 -23.49 55.92 38.40
N VAL U 44 -23.06 56.43 37.25
CA VAL U 44 -21.85 57.25 37.19
C VAL U 44 -22.18 58.54 36.48
N ILE U 45 -21.84 59.64 37.12
CA ILE U 45 -22.06 60.96 36.57
C ILE U 45 -20.70 61.57 36.31
N SER U 46 -20.59 62.32 35.24
CA SER U 46 -19.35 62.99 34.91
C SER U 46 -19.70 64.30 34.21
N GLN U 47 -18.92 65.33 34.48
CA GLN U 47 -19.18 66.60 33.84
C GLN U 47 -18.79 66.47 32.37
N LYS U 48 -19.38 67.32 31.53
CA LYS U 48 -19.08 67.32 30.11
C LYS U 48 -18.90 68.76 29.73
N LYS U 49 -17.72 69.11 29.22
CA LYS U 49 -17.44 70.50 28.84
C LYS U 49 -16.97 70.63 27.41
N VAL U 50 -17.89 70.98 26.52
CA VAL U 50 -17.55 71.14 25.11
C VAL U 50 -17.69 72.59 24.67
N PRO U 51 -16.67 73.39 24.94
CA PRO U 51 -16.60 74.83 24.62
C PRO U 51 -16.44 75.15 23.12
N ASP U 52 -15.62 74.41 22.40
CA ASP U 52 -15.45 74.71 20.98
C ASP U 52 -16.77 74.49 20.27
N LYS U 53 -17.16 75.45 19.43
CA LYS U 53 -18.41 75.33 18.69
C LYS U 53 -18.28 74.42 17.49
N LEU U 54 -17.06 74.27 16.99
CA LEU U 54 -16.78 73.44 15.83
C LEU U 54 -16.78 71.93 16.12
N LEU U 55 -16.86 71.57 17.39
CA LEU U 55 -16.88 70.16 17.76
C LEU U 55 -18.27 69.58 17.65
N ASP U 56 -18.33 68.28 17.40
CA ASP U 56 -19.58 67.58 17.34
C ASP U 56 -19.72 66.99 18.73
N PRO U 57 -20.43 67.70 19.62
CA PRO U 57 -20.68 67.35 21.01
C PRO U 57 -20.96 65.88 21.27
N THR U 58 -21.59 65.23 20.29
CA THR U 58 -21.94 63.83 20.45
C THR U 58 -20.76 62.87 20.37
N THR U 59 -19.63 63.34 19.84
CA THR U 59 -18.45 62.49 19.73
C THR U 59 -17.50 62.72 20.90
N VAL U 60 -17.98 63.44 21.91
CA VAL U 60 -17.18 63.75 23.08
C VAL U 60 -17.66 62.99 24.32
N SER U 61 -16.84 62.07 24.82
CA SER U 61 -17.24 61.33 26.00
C SER U 61 -16.08 60.69 26.72
N TYR U 62 -16.25 60.50 28.03
CA TYR U 62 -15.24 59.87 28.86
C TYR U 62 -15.88 58.69 29.59
N ILE U 63 -17.03 58.25 29.09
CA ILE U 63 -17.73 57.10 29.65
C ILE U 63 -17.71 56.04 28.56
N PHE U 64 -17.29 54.83 28.89
CA PHE U 64 -17.17 53.75 27.90
C PHE U 64 -17.99 52.50 28.24
N CYS U 65 -18.37 51.77 27.21
CA CYS U 65 -19.12 50.52 27.36
C CYS U 65 -18.11 49.40 27.11
N ILE U 66 -17.59 48.83 28.18
CA ILE U 66 -16.58 47.78 28.06
C ILE U 66 -17.20 46.49 27.62
N SER U 67 -18.37 46.21 28.18
CA SER U 67 -19.09 44.98 27.86
C SER U 67 -20.57 45.23 28.13
N ARG U 68 -21.39 44.23 27.81
CA ARG U 68 -22.83 44.35 28.03
C ARG U 68 -23.09 44.79 29.46
N THR U 69 -22.23 44.40 30.39
CA THR U 69 -22.42 44.72 31.80
C THR U 69 -21.46 45.71 32.45
N ILE U 70 -20.22 45.80 31.97
CA ILE U 70 -19.27 46.73 32.55
C ILE U 70 -19.21 48.08 31.84
N GLY U 71 -19.27 49.14 32.64
CA GLY U 71 -19.20 50.50 32.12
C GLY U 71 -17.98 51.13 32.77
N MET U 72 -17.27 51.98 32.03
CA MET U 72 -16.08 52.60 32.58
C MET U 72 -16.00 54.09 32.30
N VAL U 73 -15.83 54.88 33.36
CA VAL U 73 -15.67 56.32 33.21
C VAL U 73 -14.20 56.64 33.49
N VAL U 74 -13.63 57.53 32.71
CA VAL U 74 -12.23 57.88 32.85
C VAL U 74 -11.94 59.33 33.21
N ASN U 75 -11.07 59.55 34.20
CA ASN U 75 -10.66 60.89 34.58
C ASN U 75 -9.24 61.04 34.08
N GLY U 76 -9.07 61.74 32.97
CA GLY U 76 -7.75 61.93 32.40
C GLY U 76 -7.85 62.24 30.90
N PRO U 77 -6.72 62.53 30.23
CA PRO U 77 -6.64 62.85 28.80
C PRO U 77 -7.32 61.78 27.96
N ILE U 78 -8.04 62.19 26.93
CA ILE U 78 -8.75 61.22 26.10
C ILE U 78 -7.85 60.17 25.40
N PRO U 79 -6.67 60.56 24.91
CA PRO U 79 -5.88 59.52 24.26
C PRO U 79 -5.51 58.36 25.19
N ASP U 80 -5.14 58.67 26.44
CA ASP U 80 -4.82 57.59 27.38
C ASP U 80 -6.10 56.88 27.79
N ALA U 81 -7.18 57.63 27.96
CA ALA U 81 -8.47 57.06 28.33
C ALA U 81 -8.91 56.02 27.30
N ARG U 82 -8.74 56.35 26.02
CA ARG U 82 -9.12 55.43 24.94
C ARG U 82 -8.20 54.20 24.85
N ASN U 83 -6.93 54.37 25.21
CA ASN U 83 -6.00 53.25 25.21
C ASN U 83 -6.50 52.28 26.29
N ALA U 84 -6.82 52.81 27.47
CA ALA U 84 -7.32 51.99 28.57
C ALA U 84 -8.62 51.32 28.20
N ALA U 85 -9.54 52.08 27.61
CA ALA U 85 -10.84 51.54 27.22
C ALA U 85 -10.65 50.33 26.29
N LEU U 86 -9.93 50.53 25.19
CA LEU U 86 -9.71 49.45 24.24
C LEU U 86 -9.19 48.20 24.92
N ARG U 87 -8.19 48.36 25.78
CA ARG U 87 -7.58 47.24 26.48
C ARG U 87 -8.59 46.50 27.33
N ALA U 88 -9.34 47.24 28.15
CA ALA U 88 -10.36 46.63 29.01
C ALA U 88 -11.39 45.85 28.21
N LYS U 89 -11.78 46.40 27.06
CA LYS U 89 -12.76 45.76 26.20
C LYS U 89 -12.22 44.42 25.71
N ALA U 90 -10.94 44.43 25.32
CA ALA U 90 -10.27 43.22 24.85
C ALA U 90 -10.17 42.22 26.00
N GLU U 91 -9.75 42.70 27.17
CA GLU U 91 -9.62 41.84 28.33
C GLU U 91 -10.96 41.20 28.69
N ALA U 92 -12.06 41.94 28.49
CA ALA U 92 -13.39 41.40 28.80
C ALA U 92 -13.87 40.38 27.78
N ALA U 93 -13.65 40.67 26.50
CA ALA U 93 -14.05 39.77 25.43
C ALA U 93 -13.33 38.44 25.63
N GLU U 94 -12.02 38.53 25.82
CA GLU U 94 -11.19 37.36 26.02
C GLU U 94 -11.59 36.53 27.24
N PHE U 95 -11.79 37.19 28.38
CA PHE U 95 -12.16 36.50 29.61
C PHE U 95 -13.39 35.63 29.39
N ARG U 96 -14.38 36.17 28.70
CA ARG U 96 -15.61 35.43 28.45
C ARG U 96 -15.33 34.18 27.63
N TYR U 97 -14.55 34.36 26.58
CA TYR U 97 -14.20 33.28 25.68
C TYR U 97 -13.50 32.12 26.38
N LYS U 98 -12.54 32.45 27.24
CA LYS U 98 -11.77 31.45 27.96
C LYS U 98 -12.45 30.78 29.14
N TYR U 99 -13.08 31.57 30.00
CA TYR U 99 -13.70 31.03 31.22
C TYR U 99 -15.16 30.73 31.16
N GLY U 100 -15.81 31.05 30.04
CA GLY U 100 -17.22 30.74 29.88
C GLY U 100 -18.27 31.61 30.54
N TYR U 101 -17.87 32.68 31.19
CA TYR U 101 -18.83 33.58 31.81
C TYR U 101 -18.31 35.01 31.73
N ASP U 102 -19.21 35.97 31.85
CA ASP U 102 -18.87 37.38 31.76
C ASP U 102 -17.93 37.85 32.85
N MET U 103 -16.87 38.54 32.43
CA MET U 103 -15.89 39.03 33.38
C MET U 103 -16.53 39.98 34.39
N PRO U 104 -16.30 39.74 35.69
CA PRO U 104 -16.85 40.59 36.75
C PRO U 104 -16.12 41.93 36.83
N CYS U 105 -16.87 42.97 37.17
CA CYS U 105 -16.33 44.32 37.30
C CYS U 105 -15.05 44.37 38.14
N ASP U 106 -15.08 43.75 39.32
CA ASP U 106 -13.92 43.78 40.20
C ASP U 106 -12.71 43.08 39.60
N VAL U 107 -12.95 41.99 38.88
CA VAL U 107 -11.86 41.26 38.27
C VAL U 107 -11.25 42.09 37.15
N LEU U 108 -12.07 42.77 36.36
CA LEU U 108 -11.53 43.60 35.28
C LEU U 108 -10.74 44.75 35.86
N ALA U 109 -11.16 45.23 37.02
CA ALA U 109 -10.43 46.33 37.65
C ALA U 109 -9.06 45.80 38.07
N LYS U 110 -9.05 44.66 38.76
CA LYS U 110 -7.80 44.06 39.20
C LYS U 110 -6.84 43.86 38.02
N ARG U 111 -7.35 43.26 36.95
CA ARG U 111 -6.54 43.01 35.77
C ARG U 111 -5.94 44.31 35.21
N MET U 112 -6.75 45.37 35.17
CA MET U 112 -6.28 46.66 34.68
C MET U 112 -5.29 47.26 35.69
N ALA U 113 -5.62 47.14 36.97
CA ALA U 113 -4.74 47.66 38.01
C ALA U 113 -3.36 46.98 37.93
N ASN U 114 -3.37 45.67 37.68
CA ASN U 114 -2.11 44.94 37.58
C ASN U 114 -1.30 45.43 36.39
N LEU U 115 -1.99 45.66 35.28
CA LEU U 115 -1.33 46.16 34.08
C LEU U 115 -0.67 47.49 34.40
N SER U 116 -1.35 48.32 35.19
CA SER U 116 -0.78 49.62 35.58
C SER U 116 0.42 49.41 36.48
N GLN U 117 0.27 48.52 37.46
CA GLN U 117 1.36 48.22 38.38
C GLN U 117 2.64 47.95 37.60
N ILE U 118 2.54 47.26 36.48
CA ILE U 118 3.71 46.97 35.65
C ILE U 118 4.41 48.22 35.14
N TYR U 119 3.67 49.16 34.55
CA TYR U 119 4.30 50.38 34.01
C TYR U 119 5.08 51.10 35.14
N THR U 120 4.69 50.76 36.37
CA THR U 120 5.26 51.28 37.60
C THR U 120 6.65 50.65 37.87
N GLN U 121 6.83 49.41 37.41
CA GLN U 121 8.07 48.66 37.63
C GLN U 121 8.96 48.54 36.40
N ARG U 122 8.37 48.37 35.22
CA ARG U 122 9.16 48.28 34.00
C ARG U 122 9.46 49.72 33.56
N ALA U 123 10.71 49.96 33.21
CA ALA U 123 11.16 51.29 32.85
C ALA U 123 10.78 51.84 31.50
N TYR U 124 10.51 50.99 30.51
CA TYR U 124 10.18 51.55 29.21
C TYR U 124 8.70 51.88 29.00
N MET U 125 7.85 51.45 29.92
CA MET U 125 6.42 51.74 29.85
C MET U 125 6.15 52.93 30.76
N ARG U 126 5.42 53.93 30.25
CA ARG U 126 5.09 55.09 31.07
C ARG U 126 3.71 54.83 31.66
N PRO U 127 3.42 55.37 32.84
CA PRO U 127 2.08 55.09 33.36
C PRO U 127 1.07 55.86 32.49
N LEU U 128 -0.21 55.52 32.61
CA LEU U 128 -1.24 56.23 31.86
C LEU U 128 -1.82 57.28 32.81
N GLY U 129 -1.97 58.51 32.32
CA GLY U 129 -2.51 59.57 33.16
C GLY U 129 -4.00 59.46 33.30
N VAL U 130 -4.46 58.37 33.91
CA VAL U 130 -5.89 58.18 34.06
C VAL U 130 -6.26 57.42 35.30
N ILE U 131 -7.50 57.63 35.74
CA ILE U 131 -8.06 56.94 36.90
C ILE U 131 -9.34 56.34 36.36
N LEU U 132 -9.41 55.01 36.36
CA LEU U 132 -10.56 54.29 35.82
C LEU U 132 -11.58 53.83 36.84
N THR U 133 -12.83 54.22 36.62
CA THR U 133 -13.91 53.84 37.51
C THR U 133 -14.79 52.82 36.80
N PHE U 134 -14.76 51.57 37.26
CA PHE U 134 -15.56 50.52 36.65
C PHE U 134 -16.84 50.32 37.46
N VAL U 135 -17.95 50.12 36.75
CA VAL U 135 -19.24 49.92 37.40
C VAL U 135 -20.09 48.86 36.71
N SER U 136 -20.95 48.22 37.49
CA SER U 136 -21.83 47.19 36.99
C SER U 136 -22.73 46.68 38.10
N VAL U 137 -23.50 45.65 37.78
CA VAL U 137 -24.37 44.99 38.73
C VAL U 137 -23.94 43.53 38.63
N ASP U 138 -22.84 43.20 39.31
CA ASP U 138 -22.29 41.85 39.26
C ASP U 138 -23.29 40.76 39.59
N GLU U 139 -23.25 39.66 38.84
CA GLU U 139 -24.19 38.57 39.09
C GLU U 139 -23.94 37.89 40.43
N GLU U 140 -22.86 38.28 41.10
CA GLU U 140 -22.57 37.71 42.39
C GLU U 140 -22.45 38.76 43.46
N LEU U 141 -21.92 39.93 43.11
CA LEU U 141 -21.73 41.00 44.08
C LEU U 141 -22.71 42.15 44.04
N GLY U 142 -23.63 42.14 43.07
CA GLY U 142 -24.59 43.23 42.98
C GLY U 142 -23.94 44.52 42.48
N PRO U 143 -24.59 45.66 42.69
CA PRO U 143 -24.03 46.95 42.23
C PRO U 143 -22.59 47.04 42.68
N SER U 144 -21.70 47.36 41.76
CA SER U 144 -20.28 47.43 42.10
C SER U 144 -19.55 48.64 41.54
N ILE U 145 -18.64 49.19 42.34
CA ILE U 145 -17.83 50.33 41.92
C ILE U 145 -16.39 50.01 42.30
N TYR U 146 -15.50 49.96 41.32
CA TYR U 146 -14.08 49.67 41.54
C TYR U 146 -13.31 50.65 40.68
N LYS U 147 -12.38 51.37 41.30
CA LYS U 147 -11.60 52.39 40.60
C LYS U 147 -10.12 52.07 40.73
N THR U 148 -9.35 52.41 39.70
CA THR U 148 -7.92 52.13 39.69
C THR U 148 -7.15 53.38 39.29
N ASP U 149 -5.92 53.52 39.77
CA ASP U 149 -5.10 54.69 39.47
C ASP U 149 -3.75 54.35 38.83
N PRO U 150 -2.97 55.37 38.42
CA PRO U 150 -1.66 55.16 37.78
C PRO U 150 -0.67 54.42 38.64
N ALA U 151 -0.99 54.24 39.91
CA ALA U 151 -0.08 53.56 40.83
C ALA U 151 -0.28 52.05 40.83
N GLY U 152 -1.40 51.61 40.27
CA GLY U 152 -1.67 50.20 40.21
C GLY U 152 -2.54 49.82 41.39
N TYR U 153 -3.05 50.83 42.08
CA TYR U 153 -3.90 50.57 43.23
C TYR U 153 -5.34 50.46 42.78
N TYR U 154 -6.17 49.82 43.59
CA TYR U 154 -7.59 49.72 43.28
C TYR U 154 -8.34 49.20 44.47
N VAL U 155 -9.62 49.49 44.54
CA VAL U 155 -10.43 49.02 45.64
C VAL U 155 -11.89 49.28 45.29
N GLY U 156 -12.79 48.65 46.02
CA GLY U 156 -14.21 48.84 45.77
C GLY U 156 -14.74 49.92 46.70
N TYR U 157 -15.78 50.62 46.27
CA TYR U 157 -16.36 51.70 47.05
C TYR U 157 -17.87 51.59 47.20
N LYS U 158 -18.42 52.31 48.20
CA LYS U 158 -19.86 52.37 48.42
C LYS U 158 -20.36 53.37 47.37
N ALA U 159 -19.53 54.41 47.18
CA ALA U 159 -19.73 55.49 46.23
C ALA U 159 -18.35 56.12 46.09
N THR U 160 -18.12 56.89 45.03
CA THR U 160 -16.82 57.52 44.86
C THR U 160 -16.87 58.75 43.95
N ALA U 161 -15.84 59.59 44.03
CA ALA U 161 -15.76 60.79 43.22
C ALA U 161 -14.33 60.97 42.76
N THR U 162 -14.16 61.57 41.58
CA THR U 162 -12.84 61.75 41.02
C THR U 162 -12.75 63.02 40.18
N GLY U 163 -11.61 63.71 40.29
CA GLY U 163 -11.42 64.94 39.53
C GLY U 163 -10.84 66.02 40.40
N PRO U 164 -10.71 67.25 39.89
CA PRO U 164 -10.16 68.39 40.63
C PRO U 164 -10.84 68.64 41.96
N LYS U 165 -12.16 68.55 41.97
CA LYS U 165 -12.92 68.78 43.19
C LYS U 165 -13.40 67.47 43.82
N GLN U 166 -12.59 66.44 43.70
CA GLN U 166 -12.89 65.13 44.25
C GLN U 166 -13.25 65.24 45.74
N GLN U 167 -12.45 66.01 46.48
CA GLN U 167 -12.69 66.16 47.92
C GLN U 167 -14.07 66.70 48.27
N GLU U 168 -14.47 67.80 47.62
CA GLU U 168 -15.78 68.39 47.87
C GLU U 168 -16.86 67.32 47.68
N ILE U 169 -16.81 66.64 46.53
CA ILE U 169 -17.79 65.58 46.22
C ILE U 169 -17.78 64.48 47.27
N THR U 170 -16.59 64.00 47.59
CA THR U 170 -16.43 62.92 48.56
C THR U 170 -17.06 63.20 49.93
N THR U 171 -16.61 64.27 50.60
CA THR U 171 -17.14 64.60 51.91
C THR U 171 -18.66 64.79 51.89
N ASN U 172 -19.20 65.29 50.78
CA ASN U 172 -20.64 65.46 50.67
C ASN U 172 -21.26 64.08 50.81
N LEU U 173 -20.76 63.14 50.02
CA LEU U 173 -21.26 61.78 50.03
C LEU U 173 -21.01 61.11 51.38
N GLU U 174 -19.82 61.28 51.93
CA GLU U 174 -19.51 60.69 53.24
C GLU U 174 -20.64 61.04 54.19
N ASN U 175 -20.89 62.34 54.29
CA ASN U 175 -21.92 62.86 55.16
C ASN U 175 -23.24 62.16 54.95
N HIS U 176 -23.70 62.15 53.72
CA HIS U 176 -24.97 61.50 53.41
C HIS U 176 -25.06 60.07 53.93
N PHE U 177 -23.96 59.32 53.84
CA PHE U 177 -23.97 57.94 54.31
C PHE U 177 -23.91 57.88 55.83
N LYS U 178 -23.14 58.77 56.45
CA LYS U 178 -23.04 58.79 57.91
C LYS U 178 -24.46 58.93 58.44
N LYS U 179 -25.26 59.67 57.68
CA LYS U 179 -26.65 59.95 58.00
C LYS U 179 -27.55 58.73 57.77
N SER U 180 -27.64 58.29 56.51
CA SER U 180 -28.46 57.15 56.13
C SER U 180 -28.10 55.84 56.83
N LYS U 181 -26.86 55.71 57.27
CA LYS U 181 -26.40 54.49 57.96
C LYS U 181 -26.30 53.25 57.08
N ILE U 182 -26.56 53.41 55.78
CA ILE U 182 -26.47 52.29 54.87
C ILE U 182 -25.41 52.59 53.80
N ASP U 183 -24.96 51.54 53.11
CA ASP U 183 -23.93 51.67 52.09
C ASP U 183 -24.46 51.82 50.66
N HIS U 184 -25.61 52.46 50.51
CA HIS U 184 -26.18 52.64 49.18
C HIS U 184 -27.43 53.50 49.20
N ILE U 185 -27.85 53.93 48.03
CA ILE U 185 -29.03 54.75 47.88
C ILE U 185 -30.25 53.85 47.83
N ASN U 186 -31.04 53.84 48.91
CA ASN U 186 -32.23 53.00 48.99
C ASN U 186 -33.31 53.42 48.01
N GLU U 187 -33.08 53.15 46.73
CA GLU U 187 -34.03 53.51 45.70
C GLU U 187 -34.19 52.36 44.73
N GLU U 188 -35.44 52.04 44.40
CA GLU U 188 -35.73 50.94 43.50
C GLU U 188 -35.43 51.30 42.05
N SER U 189 -35.83 52.48 41.63
CA SER U 189 -35.59 52.87 40.25
C SER U 189 -34.28 53.61 40.09
N TRP U 190 -33.63 53.41 38.94
CA TRP U 190 -32.37 54.06 38.67
C TRP U 190 -32.54 55.52 38.32
N GLU U 191 -33.70 55.86 37.75
CA GLU U 191 -33.97 57.26 37.39
C GLU U 191 -33.82 58.10 38.65
N LYS U 192 -34.29 57.58 39.78
CA LYS U 192 -34.18 58.28 41.05
C LYS U 192 -32.75 58.29 41.56
N VAL U 193 -32.03 57.17 41.43
CA VAL U 193 -30.64 57.11 41.86
C VAL U 193 -29.83 58.09 41.03
N VAL U 194 -30.14 58.22 39.75
CA VAL U 194 -29.45 59.17 38.89
C VAL U 194 -29.69 60.58 39.42
N GLU U 195 -30.95 60.87 39.76
CA GLU U 195 -31.32 62.19 40.27
C GLU U 195 -30.58 62.49 41.57
N PHE U 196 -30.40 61.46 42.39
CA PHE U 196 -29.68 61.62 43.64
C PHE U 196 -28.25 62.03 43.31
N ALA U 197 -27.66 61.30 42.39
CA ALA U 197 -26.30 61.58 41.95
C ALA U 197 -26.16 63.01 41.47
N ILE U 198 -26.95 63.41 40.48
CA ILE U 198 -26.86 64.79 39.98
C ILE U 198 -27.11 65.82 41.08
N THR U 199 -28.05 65.54 41.97
CA THR U 199 -28.35 66.47 43.05
C THR U 199 -27.14 66.74 43.94
N HIS U 200 -26.54 65.69 44.48
CA HIS U 200 -25.38 65.85 45.35
C HIS U 200 -24.16 66.39 44.61
N MET U 201 -24.10 66.16 43.31
CA MET U 201 -22.99 66.68 42.52
C MET U 201 -23.16 68.21 42.53
N ILE U 202 -24.41 68.66 42.43
CA ILE U 202 -24.73 70.08 42.45
C ILE U 202 -24.44 70.70 43.81
N ASP U 203 -24.89 70.04 44.89
CA ASP U 203 -24.65 70.54 46.25
C ASP U 203 -23.16 70.69 46.54
N ALA U 204 -22.40 69.65 46.26
CA ALA U 204 -20.96 69.66 46.52
C ALA U 204 -20.19 70.67 45.68
N LEU U 205 -20.54 70.79 44.42
CA LEU U 205 -19.83 71.74 43.56
C LEU U 205 -20.46 73.13 43.58
N GLY U 206 -21.66 73.22 44.14
CA GLY U 206 -22.35 74.51 44.19
C GLY U 206 -22.62 75.01 42.78
N THR U 207 -23.01 74.12 41.89
CA THR U 207 -23.27 74.49 40.51
C THR U 207 -24.53 73.85 39.97
N GLU U 208 -25.15 74.55 39.04
CA GLU U 208 -26.37 74.10 38.38
C GLU U 208 -25.88 73.54 37.05
N PHE U 209 -26.59 72.55 36.50
CA PHE U 209 -26.19 71.95 35.23
C PHE U 209 -27.33 71.95 34.24
N SER U 210 -26.99 72.04 32.96
CA SER U 210 -27.99 71.98 31.91
C SER U 210 -27.87 70.55 31.38
N LYS U 211 -28.64 70.20 30.35
CA LYS U 211 -28.58 68.85 29.81
C LYS U 211 -27.28 68.57 29.08
N ASN U 212 -26.53 69.61 28.73
CA ASN U 212 -25.28 69.41 28.00
C ASN U 212 -24.04 69.55 28.88
N ASP U 213 -24.27 69.71 30.18
CA ASP U 213 -23.18 69.86 31.13
C ASP U 213 -22.83 68.53 31.81
N LEU U 214 -23.61 67.50 31.53
CA LEU U 214 -23.38 66.20 32.12
C LEU U 214 -23.32 65.05 31.13
N GLU U 215 -22.90 63.91 31.66
CA GLU U 215 -22.75 62.66 30.94
C GLU U 215 -23.14 61.66 32.02
N VAL U 216 -24.05 60.74 31.69
CA VAL U 216 -24.49 59.77 32.67
C VAL U 216 -24.51 58.35 32.14
N GLY U 217 -24.12 57.41 33.01
CA GLY U 217 -24.11 56.01 32.64
C GLY U 217 -24.86 55.24 33.72
N VAL U 218 -25.60 54.22 33.31
CA VAL U 218 -26.35 53.41 34.26
C VAL U 218 -26.11 51.93 34.04
N ALA U 219 -25.88 51.21 35.13
CA ALA U 219 -25.65 49.78 35.08
C ALA U 219 -26.77 49.08 35.84
N THR U 220 -27.39 48.11 35.19
CA THR U 220 -28.47 47.34 35.80
C THR U 220 -28.17 45.87 35.55
N LYS U 221 -29.04 45.01 36.05
CA LYS U 221 -28.92 43.59 35.85
C LYS U 221 -28.84 43.33 34.34
N ASP U 222 -27.71 42.80 33.91
CA ASP U 222 -27.48 42.48 32.51
C ASP U 222 -27.57 43.61 31.47
N LYS U 223 -27.03 44.78 31.83
CA LYS U 223 -26.96 45.91 30.91
C LYS U 223 -26.51 47.25 31.49
N PHE U 224 -25.53 47.83 30.82
CA PHE U 224 -24.99 49.13 31.15
C PHE U 224 -25.23 50.00 29.91
N PHE U 225 -25.79 51.18 30.13
CA PHE U 225 -26.08 52.10 29.05
C PHE U 225 -25.82 53.52 29.52
N THR U 226 -25.76 54.45 28.57
CA THR U 226 -25.55 55.84 28.90
C THR U 226 -26.81 56.61 28.52
N LEU U 227 -27.08 57.73 29.20
CA LEU U 227 -28.27 58.52 28.90
C LEU U 227 -28.01 59.52 27.76
N SER U 228 -29.08 60.04 27.18
CA SER U 228 -28.98 61.01 26.10
C SER U 228 -29.21 62.40 26.67
N ALA U 229 -28.95 63.43 25.88
CA ALA U 229 -29.16 64.80 26.37
C ALA U 229 -30.59 64.88 26.90
N GLU U 230 -31.51 64.23 26.20
CA GLU U 230 -32.90 64.24 26.59
C GLU U 230 -33.20 63.40 27.80
N ASN U 231 -32.63 62.20 27.87
CA ASN U 231 -32.85 61.32 29.01
C ASN U 231 -32.41 62.11 30.25
N ILE U 232 -31.37 62.91 30.08
CA ILE U 232 -30.80 63.74 31.14
C ILE U 232 -31.77 64.85 31.50
N GLU U 233 -32.14 65.63 30.48
CA GLU U 233 -33.07 66.74 30.67
C GLU U 233 -34.25 66.31 31.53
N GLU U 234 -34.87 65.20 31.17
CA GLU U 234 -36.00 64.67 31.92
C GLU U 234 -35.60 64.53 33.38
N ARG U 235 -34.40 63.98 33.60
CA ARG U 235 -33.88 63.78 34.94
C ARG U 235 -33.64 65.12 35.65
N LEU U 236 -33.11 66.09 34.92
CA LEU U 236 -32.83 67.42 35.45
C LEU U 236 -34.15 68.12 35.83
N VAL U 237 -35.13 68.05 34.94
CA VAL U 237 -36.44 68.65 35.17
C VAL U 237 -37.04 68.09 36.46
N ALA U 238 -36.83 66.80 36.69
CA ALA U 238 -37.36 66.15 37.89
C ALA U 238 -36.82 66.76 39.18
N ILE U 239 -35.51 66.85 39.31
CA ILE U 239 -34.93 67.40 40.54
C ILE U 239 -35.35 68.85 40.75
N ALA U 240 -35.59 69.55 39.65
CA ALA U 240 -36.01 70.95 39.72
C ALA U 240 -37.35 71.05 40.44
N GLU U 241 -38.24 70.09 40.16
CA GLU U 241 -39.56 70.05 40.78
C GLU U 241 -39.50 69.32 42.11
N GLN U 242 -38.55 69.74 42.95
CA GLN U 242 -38.36 69.16 44.26
C GLN U 242 -37.75 70.27 45.10
N ASP U 243 -37.13 71.21 44.40
CA ASP U 243 -36.50 72.40 44.97
C ASP U 243 -37.46 73.59 44.79
N THR V 1 -14.53 0.57 30.36
CA THR V 1 -14.94 1.62 31.34
C THR V 1 -16.40 1.99 31.23
N THR V 2 -17.02 2.22 32.38
CA THR V 2 -18.40 2.66 32.41
C THR V 2 -18.47 3.85 33.36
N ILE V 3 -18.79 5.02 32.82
CA ILE V 3 -18.94 6.20 33.65
C ILE V 3 -20.27 6.80 33.24
N VAL V 4 -21.00 7.33 34.20
CA VAL V 4 -22.28 7.95 33.95
C VAL V 4 -22.43 9.24 34.75
N GLY V 5 -23.47 10.00 34.39
CA GLY V 5 -23.76 11.24 35.08
C GLY V 5 -25.26 11.35 35.13
N VAL V 6 -25.80 11.77 36.27
CA VAL V 6 -27.25 11.91 36.39
C VAL V 6 -27.65 13.13 37.21
N LYS V 7 -28.52 13.95 36.65
CA LYS V 7 -29.01 15.15 37.32
C LYS V 7 -30.27 14.82 38.15
N PHE V 8 -30.38 15.43 39.33
CA PHE V 8 -31.54 15.24 40.18
C PHE V 8 -32.01 16.61 40.66
N ASN V 9 -33.25 16.70 41.12
CA ASN V 9 -33.85 17.97 41.56
C ASN V 9 -32.98 19.05 42.19
N ASN V 10 -32.04 18.68 43.05
CA ASN V 10 -31.21 19.69 43.70
C ASN V 10 -29.71 19.44 43.60
N GLY V 11 -29.28 18.80 42.51
CA GLY V 11 -27.86 18.53 42.32
C GLY V 11 -27.53 17.62 41.16
N VAL V 12 -26.39 16.95 41.26
CA VAL V 12 -25.94 16.05 40.22
C VAL V 12 -25.08 14.96 40.84
N VAL V 13 -25.08 13.78 40.21
CA VAL V 13 -24.28 12.67 40.70
C VAL V 13 -23.53 12.03 39.53
N ILE V 14 -22.29 11.59 39.77
CA ILE V 14 -21.51 10.90 38.74
C ILE V 14 -20.97 9.64 39.35
N ALA V 15 -20.98 8.55 38.58
CA ALA V 15 -20.49 7.27 39.05
C ALA V 15 -19.62 6.60 37.99
N ALA V 16 -18.88 5.57 38.40
CA ALA V 16 -18.01 4.84 37.48
C ALA V 16 -17.63 3.46 38.03
N ASP V 17 -17.16 2.59 37.14
CA ASP V 17 -16.72 1.26 37.53
C ASP V 17 -15.27 1.44 37.99
N THR V 18 -14.63 0.37 38.45
CA THR V 18 -13.27 0.49 38.94
C THR V 18 -12.24 -0.38 38.26
N ARG V 19 -12.55 -0.88 37.06
CA ARG V 19 -11.63 -1.73 36.31
C ARG V 19 -10.76 -0.99 35.30
N SER V 20 -9.46 -1.26 35.32
CA SER V 20 -8.51 -0.66 34.40
C SER V 20 -7.92 -1.80 33.57
N THR V 21 -7.93 -1.68 32.24
CA THR V 21 -7.42 -2.76 31.39
C THR V 21 -6.40 -2.39 30.33
N GLN V 22 -5.52 -3.35 30.06
CA GLN V 22 -4.50 -3.22 29.02
C GLN V 22 -4.80 -4.47 28.19
N GLY V 23 -5.45 -4.29 27.05
CA GLY V 23 -5.79 -5.43 26.24
C GLY V 23 -6.83 -6.23 27.00
N PRO V 24 -6.67 -7.56 27.07
CA PRO V 24 -7.67 -8.34 27.81
C PRO V 24 -7.25 -8.57 29.26
N ILE V 25 -6.15 -7.96 29.68
CA ILE V 25 -5.69 -8.14 31.04
C ILE V 25 -6.12 -6.99 31.93
N VAL V 26 -6.54 -7.32 33.14
CA VAL V 26 -6.97 -6.30 34.10
C VAL V 26 -5.73 -5.82 34.86
N ALA V 27 -5.23 -4.65 34.52
CA ALA V 27 -4.05 -4.10 35.19
C ALA V 27 -4.39 -3.68 36.64
N ASP V 28 -5.43 -2.88 36.79
CA ASP V 28 -5.85 -2.44 38.11
C ASP V 28 -7.29 -2.88 38.33
N LYS V 29 -7.51 -3.64 39.40
CA LYS V 29 -8.85 -4.14 39.70
C LYS V 29 -9.70 -3.14 40.46
N ASN V 30 -9.09 -2.06 40.93
CA ASN V 30 -9.84 -1.06 41.68
C ASN V 30 -9.25 0.35 41.53
N CYS V 31 -9.16 0.85 40.30
CA CYS V 31 -8.64 2.18 40.11
C CYS V 31 -9.79 3.16 40.31
N ALA V 32 -9.48 4.44 40.38
CA ALA V 32 -10.51 5.44 40.57
C ALA V 32 -10.64 6.25 39.29
N LYS V 33 -11.84 6.27 38.73
CA LYS V 33 -12.07 7.01 37.49
C LYS V 33 -12.76 8.36 37.79
N LEU V 34 -12.96 8.64 39.07
CA LEU V 34 -13.58 9.87 39.51
C LEU V 34 -12.49 10.87 39.95
N HIS V 35 -12.36 11.95 39.20
CA HIS V 35 -11.36 12.99 39.46
C HIS V 35 -11.97 14.30 39.96
N ARG V 36 -11.28 14.96 40.88
CA ARG V 36 -11.77 16.23 41.40
C ARG V 36 -11.07 17.38 40.67
N ILE V 37 -11.85 18.30 40.12
CA ILE V 37 -11.27 19.47 39.44
C ILE V 37 -11.21 20.59 40.48
N SER V 38 -12.23 20.61 41.35
CA SER V 38 -12.30 21.59 42.42
C SER V 38 -13.18 20.95 43.48
N PRO V 39 -13.21 21.51 44.70
CA PRO V 39 -14.04 20.90 45.75
C PRO V 39 -15.41 20.43 45.30
N LYS V 40 -16.10 21.27 44.54
CA LYS V 40 -17.45 20.90 44.09
C LYS V 40 -17.65 20.69 42.60
N ILE V 41 -16.58 20.37 41.90
CA ILE V 41 -16.64 20.10 40.47
C ILE V 41 -15.82 18.83 40.24
N TRP V 42 -16.52 17.71 40.12
CA TRP V 42 -15.85 16.43 39.88
C TRP V 42 -16.03 16.01 38.43
N CYS V 43 -15.28 14.99 38.05
CA CYS V 43 -15.30 14.54 36.68
C CYS V 43 -14.94 13.07 36.55
N ALA V 44 -15.66 12.36 35.68
CA ALA V 44 -15.43 10.95 35.41
C ALA V 44 -14.69 10.86 34.07
N GLY V 45 -13.66 10.01 34.01
CA GLY V 45 -12.90 9.92 32.77
C GLY V 45 -12.80 8.55 32.14
N ALA V 46 -12.72 8.54 30.81
CA ALA V 46 -12.60 7.32 30.04
C ALA V 46 -11.63 7.61 28.92
N GLY V 47 -11.04 6.57 28.33
CA GLY V 47 -10.08 6.79 27.28
C GLY V 47 -8.70 6.49 27.82
N THR V 48 -7.69 7.24 27.40
CA THR V 48 -6.32 7.04 27.87
C THR V 48 -6.23 7.52 29.32
N ALA V 49 -6.23 6.57 30.25
CA ALA V 49 -6.16 6.87 31.68
C ALA V 49 -5.15 7.96 32.07
N ALA V 50 -3.94 7.90 31.53
CA ALA V 50 -2.95 8.93 31.86
C ALA V 50 -3.48 10.29 31.44
N ASP V 51 -4.13 10.33 30.29
CA ASP V 51 -4.70 11.56 29.74
C ASP V 51 -5.86 12.10 30.55
N THR V 52 -6.76 11.24 31.01
CA THR V 52 -7.88 11.75 31.80
C THR V 52 -7.36 12.29 33.13
N GLU V 53 -6.26 11.73 33.63
CA GLU V 53 -5.68 12.17 34.88
C GLU V 53 -4.95 13.49 34.69
N ALA V 54 -4.04 13.50 33.72
CA ALA V 54 -3.24 14.67 33.41
C ALA V 54 -4.07 15.90 33.10
N VAL V 55 -5.00 15.78 32.16
CA VAL V 55 -5.80 16.92 31.77
C VAL V 55 -6.71 17.36 32.92
N THR V 56 -7.14 16.40 33.74
CA THR V 56 -8.00 16.71 34.88
C THR V 56 -7.29 17.58 35.91
N GLN V 57 -6.01 17.32 36.07
CA GLN V 57 -5.22 18.08 37.03
C GLN V 57 -4.73 19.38 36.45
N LEU V 58 -4.41 19.40 35.15
CA LEU V 58 -3.94 20.63 34.51
C LEU V 58 -5.00 21.71 34.66
N ILE V 59 -6.22 21.41 34.23
CA ILE V 59 -7.29 22.37 34.34
C ILE V 59 -7.63 22.59 35.81
N GLY V 60 -7.61 21.51 36.59
CA GLY V 60 -7.90 21.63 38.01
C GLY V 60 -7.01 22.68 38.65
N SER V 61 -5.72 22.62 38.32
CA SER V 61 -4.72 23.55 38.82
C SER V 61 -5.09 24.98 38.41
N ASN V 62 -5.36 25.15 37.12
CA ASN V 62 -5.69 26.46 36.61
C ASN V 62 -7.00 27.00 37.13
N ILE V 63 -7.96 26.12 37.40
CA ILE V 63 -9.23 26.58 37.94
C ILE V 63 -8.99 27.09 39.35
N GLU V 64 -8.11 26.40 40.07
CA GLU V 64 -7.78 26.80 41.44
C GLU V 64 -7.19 28.20 41.41
N LEU V 65 -6.14 28.38 40.62
CA LEU V 65 -5.52 29.69 40.51
C LEU V 65 -6.56 30.74 40.12
N HIS V 66 -7.38 30.44 39.12
CA HIS V 66 -8.41 31.37 38.66
C HIS V 66 -9.33 31.75 39.82
N SER V 67 -9.75 30.75 40.59
CA SER V 67 -10.61 30.98 41.73
C SER V 67 -9.98 31.97 42.69
N LEU V 68 -8.72 31.72 43.04
CA LEU V 68 -8.00 32.61 43.95
C LEU V 68 -7.88 34.02 43.39
N TYR V 69 -7.64 34.11 42.08
CA TYR V 69 -7.50 35.40 41.41
C TYR V 69 -8.79 36.21 41.36
N THR V 70 -9.90 35.53 41.12
CA THR V 70 -11.19 36.20 41.04
C THR V 70 -11.97 36.20 42.33
N SER V 71 -11.44 35.53 43.34
CA SER V 71 -12.11 35.44 44.63
C SER V 71 -13.54 34.93 44.45
N ARG V 72 -13.68 33.94 43.56
CA ARG V 72 -14.98 33.34 43.28
C ARG V 72 -14.92 31.82 43.19
N GLU V 73 -16.00 31.18 43.57
CA GLU V 73 -16.11 29.73 43.49
C GLU V 73 -15.95 29.33 42.04
N PRO V 74 -15.22 28.23 41.78
CA PRO V 74 -15.03 27.79 40.40
C PRO V 74 -16.37 27.45 39.79
N ARG V 75 -16.50 27.69 38.49
CA ARG V 75 -17.72 27.36 37.79
C ARG V 75 -17.49 26.19 36.83
N VAL V 76 -18.50 25.34 36.71
CA VAL V 76 -18.38 24.19 35.83
C VAL V 76 -18.15 24.62 34.39
N VAL V 77 -18.88 25.64 33.91
CA VAL V 77 -18.69 26.09 32.54
C VAL V 77 -17.22 26.46 32.28
N SER V 78 -16.49 26.86 33.31
CA SER V 78 -15.08 27.23 33.12
C SER V 78 -14.22 25.97 32.93
N ALA V 79 -14.42 24.98 33.79
CA ALA V 79 -13.67 23.75 33.67
C ALA V 79 -13.92 23.20 32.27
N LEU V 80 -15.17 23.33 31.82
CA LEU V 80 -15.59 22.85 30.51
C LEU V 80 -14.95 23.57 29.33
N GLN V 81 -14.92 24.89 29.40
CA GLN V 81 -14.35 25.66 28.32
C GLN V 81 -12.84 25.49 28.25
N MET V 82 -12.22 25.38 29.42
CA MET V 82 -10.77 25.23 29.50
C MET V 82 -10.38 23.86 28.95
N LEU V 83 -11.15 22.85 29.34
CA LEU V 83 -10.93 21.48 28.90
C LEU V 83 -11.05 21.30 27.40
N LYS V 84 -12.19 21.70 26.84
CA LYS V 84 -12.42 21.54 25.41
C LYS V 84 -11.45 22.31 24.52
N GLN V 85 -11.08 23.51 24.92
CA GLN V 85 -10.14 24.27 24.11
C GLN V 85 -8.76 23.62 24.12
N HIS V 86 -8.47 22.90 25.21
CA HIS V 86 -7.20 22.20 25.35
C HIS V 86 -7.23 20.96 24.46
N LEU V 87 -8.29 20.17 24.61
CA LEU V 87 -8.45 18.97 23.82
C LEU V 87 -8.47 19.30 22.33
N PHE V 88 -9.13 20.40 21.98
CA PHE V 88 -9.22 20.79 20.60
C PHE V 88 -7.87 21.21 20.06
N LYS V 89 -7.08 21.87 20.89
CA LYS V 89 -5.77 22.34 20.48
C LYS V 89 -4.90 21.14 20.09
N TYR V 90 -5.16 20.00 20.73
CA TYR V 90 -4.40 18.78 20.46
C TYR V 90 -5.03 17.82 19.45
N GLN V 91 -5.86 18.36 18.57
CA GLN V 91 -6.48 17.57 17.54
C GLN V 91 -6.87 16.15 17.92
N GLY V 92 -7.37 15.97 19.12
CA GLY V 92 -7.79 14.63 19.55
C GLY V 92 -6.71 13.65 20.01
N HIS V 93 -5.45 14.09 20.00
CA HIS V 93 -4.35 13.22 20.44
C HIS V 93 -4.31 13.01 21.95
N ILE V 94 -5.17 13.68 22.69
CA ILE V 94 -5.26 13.48 24.13
C ILE V 94 -6.53 12.67 24.29
N GLY V 95 -6.40 11.36 24.32
CA GLY V 95 -7.56 10.51 24.44
C GLY V 95 -8.37 10.65 25.72
N ALA V 96 -9.02 11.79 25.89
CA ALA V 96 -9.82 12.00 27.08
C ALA V 96 -11.29 12.10 26.73
N TYR V 97 -12.11 11.36 27.44
CA TYR V 97 -13.55 11.38 27.27
C TYR V 97 -14.03 11.57 28.70
N LEU V 98 -14.66 12.71 28.97
CA LEU V 98 -15.07 13.01 30.33
C LEU V 98 -16.52 13.39 30.53
N ILE V 99 -17.02 13.06 31.72
CA ILE V 99 -18.35 13.46 32.12
C ILE V 99 -17.99 14.44 33.23
N VAL V 100 -18.16 15.74 32.99
CA VAL V 100 -17.83 16.73 34.02
C VAL V 100 -19.10 17.30 34.64
N ALA V 101 -19.16 17.28 35.97
CA ALA V 101 -20.33 17.77 36.67
C ALA V 101 -19.95 18.54 37.93
N GLY V 102 -20.91 19.25 38.49
CA GLY V 102 -20.64 20.01 39.69
C GLY V 102 -21.67 21.08 39.99
N VAL V 103 -21.51 21.73 41.13
CA VAL V 103 -22.41 22.80 41.53
C VAL V 103 -21.58 24.04 41.80
N ASP V 104 -22.14 25.20 41.50
CA ASP V 104 -21.43 26.45 41.70
C ASP V 104 -22.48 27.58 41.88
N PRO V 105 -22.02 28.82 42.09
CA PRO V 105 -22.98 29.91 42.27
C PRO V 105 -24.15 29.93 41.28
N THR V 106 -24.00 29.31 40.11
CA THR V 106 -25.08 29.35 39.13
C THR V 106 -25.98 28.12 39.09
N GLY V 107 -25.76 27.15 39.96
CA GLY V 107 -26.60 25.96 39.95
C GLY V 107 -25.85 24.65 39.76
N SER V 108 -26.55 23.58 39.35
CA SER V 108 -25.90 22.30 39.13
C SER V 108 -25.77 22.04 37.64
N HIS V 109 -24.66 21.43 37.23
CA HIS V 109 -24.40 21.19 35.81
C HIS V 109 -23.91 19.77 35.45
N LEU V 110 -24.23 19.36 34.22
CA LEU V 110 -23.82 18.05 33.71
C LEU V 110 -23.43 18.16 32.24
N PHE V 111 -22.16 17.88 31.95
CA PHE V 111 -21.65 17.95 30.58
C PHE V 111 -20.80 16.74 30.26
N SER V 112 -20.41 16.63 29.00
CA SER V 112 -19.53 15.56 28.55
C SER V 112 -18.61 16.20 27.51
N ILE V 113 -17.35 15.77 27.51
CA ILE V 113 -16.38 16.28 26.57
C ILE V 113 -15.75 15.10 25.87
N HIS V 114 -15.55 15.23 24.57
CA HIS V 114 -14.95 14.17 23.80
C HIS V 114 -13.53 14.57 23.43
N ALA V 115 -12.68 13.56 23.24
CA ALA V 115 -11.28 13.76 22.92
C ALA V 115 -10.98 14.85 21.90
N HIS V 116 -11.81 14.98 20.87
CA HIS V 116 -11.58 16.00 19.86
C HIS V 116 -11.99 17.40 20.25
N GLY V 117 -12.78 17.54 21.31
CA GLY V 117 -13.15 18.87 21.74
C GLY V 117 -14.62 19.21 21.84
N SER V 118 -15.48 18.42 21.21
CA SER V 118 -16.91 18.74 21.27
C SER V 118 -17.46 18.50 22.66
N THR V 119 -18.47 19.27 23.06
CA THR V 119 -19.08 19.09 24.37
C THR V 119 -20.58 18.94 24.23
N ASP V 120 -21.19 18.25 25.19
CA ASP V 120 -22.63 18.02 25.20
C ASP V 120 -23.18 18.32 26.58
N VAL V 121 -24.47 18.67 26.64
CA VAL V 121 -25.12 18.94 27.91
C VAL V 121 -26.38 18.08 28.00
N GLY V 122 -26.67 17.58 29.19
CA GLY V 122 -27.85 16.76 29.35
C GLY V 122 -28.16 16.41 30.79
N TYR V 123 -29.25 15.67 31.02
CA TYR V 123 -29.65 15.27 32.37
C TYR V 123 -29.10 13.91 32.74
N TYR V 124 -28.67 13.16 31.74
CA TYR V 124 -28.08 11.84 31.96
C TYR V 124 -27.16 11.47 30.80
N LEU V 125 -25.93 11.13 31.15
CA LEU V 125 -24.92 10.79 30.16
C LEU V 125 -24.11 9.56 30.60
N SER V 126 -23.40 8.97 29.64
CA SER V 126 -22.53 7.82 29.91
C SER V 126 -21.47 7.76 28.81
N LEU V 127 -20.26 7.39 29.21
CA LEU V 127 -19.17 7.26 28.25
C LEU V 127 -18.42 6.00 28.60
N GLY V 128 -17.59 5.53 27.67
CA GLY V 128 -16.81 4.33 27.91
C GLY V 128 -17.34 3.15 27.12
N SER V 129 -16.71 1.98 27.26
CA SER V 129 -17.17 0.81 26.52
C SER V 129 -18.48 0.29 27.10
N GLY V 130 -18.74 0.57 28.37
CA GLY V 130 -19.97 0.12 29.01
C GLY V 130 -21.08 1.10 28.69
N SER V 131 -20.68 2.15 28.00
CA SER V 131 -21.58 3.22 27.60
C SER V 131 -22.98 2.73 27.25
N LEU V 132 -23.06 1.77 26.32
CA LEU V 132 -24.34 1.25 25.89
C LEU V 132 -25.12 0.47 26.93
N ALA V 133 -24.43 -0.31 27.74
CA ALA V 133 -25.14 -1.08 28.77
C ALA V 133 -25.76 -0.11 29.76
N ALA V 134 -25.00 0.91 30.14
CA ALA V 134 -25.48 1.91 31.09
C ALA V 134 -26.61 2.74 30.50
N MET V 135 -26.41 3.24 29.28
CA MET V 135 -27.42 4.06 28.63
C MET V 135 -28.75 3.34 28.53
N ALA V 136 -28.71 2.05 28.29
CA ALA V 136 -29.97 1.29 28.20
C ALA V 136 -30.73 1.45 29.52
N VAL V 137 -30.03 1.28 30.63
CA VAL V 137 -30.66 1.43 31.94
C VAL V 137 -31.20 2.86 32.13
N LEU V 138 -30.38 3.84 31.79
CA LEU V 138 -30.78 5.23 31.92
C LEU V 138 -32.00 5.54 31.06
N GLU V 139 -31.98 5.13 29.80
CA GLU V 139 -33.10 5.40 28.92
C GLU V 139 -34.33 4.69 29.46
N SER V 140 -34.11 3.69 30.29
CA SER V 140 -35.22 2.92 30.85
C SER V 140 -35.75 3.38 32.20
N HIS V 141 -35.01 4.20 32.92
CA HIS V 141 -35.48 4.62 34.23
C HIS V 141 -35.34 6.08 34.60
N TRP V 142 -34.65 6.87 33.77
CA TRP V 142 -34.52 8.27 34.10
C TRP V 142 -35.88 8.93 33.89
N LYS V 143 -36.17 9.90 34.76
CA LYS V 143 -37.40 10.65 34.69
C LYS V 143 -37.03 12.01 35.23
N GLN V 144 -37.82 13.01 34.89
CA GLN V 144 -37.55 14.35 35.37
C GLN V 144 -37.83 14.43 36.86
N ASP V 145 -37.08 15.27 37.56
CA ASP V 145 -37.25 15.44 39.00
C ASP V 145 -36.94 14.22 39.84
N LEU V 146 -35.73 13.70 39.68
CA LEU V 146 -35.34 12.54 40.48
C LEU V 146 -34.90 13.12 41.82
N THR V 147 -34.99 12.32 42.87
CA THR V 147 -34.55 12.79 44.18
C THR V 147 -33.12 12.31 44.35
N LYS V 148 -32.39 12.92 45.27
CA LYS V 148 -31.01 12.51 45.51
C LYS V 148 -30.86 10.99 45.52
N GLU V 149 -31.67 10.29 46.32
CA GLU V 149 -31.59 8.84 46.41
C GLU V 149 -31.94 8.12 45.12
N GLU V 150 -32.94 8.63 44.40
CA GLU V 150 -33.33 8.02 43.13
C GLU V 150 -32.14 8.13 42.17
N ALA V 151 -31.58 9.34 42.06
CA ALA V 151 -30.44 9.58 41.20
C ALA V 151 -29.32 8.61 41.50
N ILE V 152 -28.90 8.53 42.75
CA ILE V 152 -27.82 7.61 43.11
C ILE V 152 -28.10 6.17 42.68
N LYS V 153 -29.30 5.68 42.97
CA LYS V 153 -29.68 4.32 42.60
C LYS V 153 -29.51 4.14 41.10
N LEU V 154 -30.12 5.05 40.32
CA LEU V 154 -30.05 5.00 38.87
C LEU V 154 -28.61 4.99 38.40
N ALA V 155 -27.81 5.94 38.87
CA ALA V 155 -26.41 5.99 38.48
C ALA V 155 -25.75 4.66 38.81
N SER V 156 -25.87 4.24 40.07
CA SER V 156 -25.30 2.99 40.52
C SER V 156 -25.74 1.80 39.65
N ASP V 157 -27.01 1.75 39.28
CA ASP V 157 -27.53 0.68 38.44
C ASP V 157 -26.93 0.74 37.05
N ALA V 158 -26.85 1.94 36.49
CA ALA V 158 -26.28 2.11 35.15
C ALA V 158 -24.86 1.54 35.12
N ILE V 159 -24.05 1.90 36.12
CA ILE V 159 -22.68 1.39 36.18
C ILE V 159 -22.68 -0.14 36.26
N GLN V 160 -23.58 -0.68 37.07
CA GLN V 160 -23.67 -2.13 37.21
C GLN V 160 -23.96 -2.78 35.87
N ALA V 161 -24.81 -2.14 35.08
CA ALA V 161 -25.16 -2.66 33.76
C ALA V 161 -23.87 -2.88 33.00
N GLY V 162 -22.93 -1.96 33.16
CA GLY V 162 -21.64 -2.06 32.50
C GLY V 162 -20.78 -3.16 33.10
N ILE V 163 -20.63 -3.15 34.42
CA ILE V 163 -19.81 -4.14 35.12
C ILE V 163 -20.16 -5.58 34.72
N TRP V 164 -21.45 -5.90 34.72
CA TRP V 164 -21.86 -7.26 34.40
C TRP V 164 -21.88 -7.59 32.90
N ASN V 165 -22.26 -6.63 32.05
CA ASN V 165 -22.34 -6.90 30.62
C ASN V 165 -21.18 -6.44 29.73
N ASP V 166 -20.27 -5.63 30.25
CA ASP V 166 -19.13 -5.18 29.46
C ASP V 166 -17.83 -5.77 29.99
N LEU V 167 -17.07 -6.39 29.09
CA LEU V 167 -15.81 -7.00 29.49
C LEU V 167 -14.80 -5.94 29.86
N GLY V 168 -14.99 -4.72 29.37
CA GLY V 168 -14.04 -3.65 29.68
C GLY V 168 -14.34 -2.94 30.98
N SER V 169 -15.44 -3.35 31.63
CA SER V 169 -15.87 -2.77 32.88
C SER V 169 -16.04 -3.85 33.93
N GLY V 170 -15.83 -3.49 35.19
CA GLY V 170 -16.00 -4.45 36.27
C GLY V 170 -15.65 -3.93 37.65
N SER V 171 -15.67 -4.84 38.62
CA SER V 171 -15.34 -4.57 40.02
C SER V 171 -16.34 -3.78 40.84
N ASN V 172 -15.97 -2.56 41.22
CA ASN V 172 -16.82 -1.74 42.06
C ASN V 172 -17.50 -0.54 41.41
N VAL V 173 -18.32 0.12 42.22
CA VAL V 173 -19.03 1.31 41.79
C VAL V 173 -18.62 2.47 42.70
N ASP V 174 -18.10 3.52 42.09
CA ASP V 174 -17.70 4.73 42.81
C ASP V 174 -18.72 5.80 42.46
N VAL V 175 -19.11 6.59 43.46
CA VAL V 175 -20.08 7.64 43.24
C VAL V 175 -19.63 8.92 43.91
N CYS V 176 -20.15 10.04 43.43
CA CYS V 176 -19.86 11.35 44.02
C CYS V 176 -21.11 12.20 43.85
N VAL V 177 -21.73 12.53 44.97
CA VAL V 177 -22.93 13.33 44.95
C VAL V 177 -22.58 14.80 45.20
N MET V 178 -23.03 15.66 44.28
CA MET V 178 -22.78 17.09 44.40
C MET V 178 -24.12 17.81 44.44
N GLU V 179 -24.60 18.07 45.67
CA GLU V 179 -25.87 18.75 45.88
C GLU V 179 -25.68 20.26 46.00
N ILE V 180 -26.62 21.03 45.45
CA ILE V 180 -26.54 22.48 45.45
C ILE V 180 -26.20 23.18 46.75
N GLY V 181 -26.77 22.70 47.86
CA GLY V 181 -26.46 23.37 49.10
C GLY V 181 -25.29 22.88 49.93
N LYS V 182 -24.97 21.59 49.82
CA LYS V 182 -23.91 21.04 50.65
C LYS V 182 -22.54 20.80 50.01
N ASP V 183 -21.64 20.19 50.78
CA ASP V 183 -20.30 19.86 50.31
C ASP V 183 -20.46 18.65 49.40
N ALA V 184 -19.59 18.51 48.41
CA ALA V 184 -19.67 17.37 47.52
C ALA V 184 -19.28 16.12 48.30
N GLU V 185 -20.02 15.02 48.13
CA GLU V 185 -19.64 13.80 48.83
C GLU V 185 -19.23 12.65 47.92
N TYR V 186 -17.94 12.36 48.01
CA TYR V 186 -17.28 11.32 47.25
C TYR V 186 -17.47 9.99 47.97
N LEU V 187 -18.03 9.01 47.27
CA LEU V 187 -18.28 7.70 47.84
C LEU V 187 -17.47 6.63 47.15
N ARG V 188 -16.20 6.52 47.50
CA ARG V 188 -15.33 5.51 46.90
C ARG V 188 -15.82 4.11 47.28
N ASN V 189 -15.88 3.21 46.30
CA ASN V 189 -16.33 1.86 46.51
C ASN V 189 -17.71 1.85 47.18
N TYR V 190 -18.59 2.68 46.64
CA TYR V 190 -19.95 2.79 47.13
C TYR V 190 -20.58 1.39 47.01
N LEU V 191 -20.14 0.64 46.01
CA LEU V 191 -20.61 -0.73 45.78
C LEU V 191 -19.44 -1.67 45.53
N THR V 192 -19.45 -2.81 46.19
CA THR V 192 -18.36 -3.77 46.02
C THR V 192 -18.96 -5.17 45.88
N PRO V 193 -19.63 -5.42 44.75
CA PRO V 193 -20.29 -6.68 44.43
C PRO V 193 -19.41 -7.72 43.76
N ASN V 194 -18.10 -7.63 43.92
CA ASN V 194 -17.20 -8.58 43.28
C ASN V 194 -16.06 -9.11 44.16
N VAL V 195 -16.38 -9.48 45.40
CA VAL V 195 -15.37 -10.01 46.31
C VAL V 195 -14.97 -11.41 45.85
N ARG V 196 -13.67 -11.67 45.74
CA ARG V 196 -13.20 -12.98 45.31
C ARG V 196 -13.49 -14.01 46.41
N GLU V 197 -13.99 -15.17 46.02
CA GLU V 197 -14.29 -16.21 46.99
C GLU V 197 -13.00 -16.70 47.62
N GLU V 198 -13.11 -17.17 48.86
CA GLU V 198 -11.94 -17.67 49.58
C GLU V 198 -11.26 -18.73 48.73
N LYS V 199 -9.95 -18.58 48.53
CA LYS V 199 -9.21 -19.54 47.73
C LYS V 199 -9.35 -20.93 48.32
N GLN V 200 -9.19 -21.94 47.49
CA GLN V 200 -9.34 -23.34 47.88
C GLN V 200 -8.16 -23.90 48.69
N LYS V 201 -7.07 -23.16 48.75
CA LYS V 201 -5.88 -23.64 49.43
C LYS V 201 -4.95 -22.45 49.69
N SER V 202 -4.03 -22.60 50.64
CA SER V 202 -3.07 -21.54 50.91
C SER V 202 -1.78 -21.91 50.21
N TYR V 203 -1.11 -20.95 49.58
CA TYR V 203 0.11 -21.29 48.86
C TYR V 203 1.36 -20.76 49.53
N LYS V 204 1.23 -20.55 50.83
CA LYS V 204 2.34 -20.07 51.66
C LYS V 204 3.37 -21.21 51.61
N PHE V 205 4.56 -20.90 51.10
CA PHE V 205 5.60 -21.90 50.97
C PHE V 205 6.34 -22.13 52.28
N PRO V 206 6.99 -23.30 52.42
CA PRO V 206 7.75 -23.56 53.64
C PRO V 206 9.10 -22.84 53.41
N ARG V 207 9.55 -22.10 54.41
CA ARG V 207 10.80 -21.36 54.28
C ARG V 207 11.92 -22.27 53.85
N GLY V 208 12.77 -21.75 52.97
CA GLY V 208 13.90 -22.54 52.47
C GLY V 208 13.57 -23.15 51.12
N THR V 209 12.32 -23.00 50.68
CA THR V 209 11.88 -23.54 49.40
C THR V 209 12.61 -22.93 48.20
N THR V 210 13.08 -21.70 48.35
CA THR V 210 13.79 -21.03 47.27
C THR V 210 15.30 -21.18 47.41
N ALA V 211 15.97 -21.50 46.31
CA ALA V 211 17.42 -21.65 46.31
C ALA V 211 18.08 -20.29 46.18
N VAL V 212 18.88 -19.92 47.17
CA VAL V 212 19.57 -18.63 47.17
C VAL V 212 21.05 -18.76 46.88
N LEU V 213 21.58 -17.95 45.97
CA LEU V 213 22.99 -18.02 45.64
C LEU V 213 23.86 -17.15 46.55
N LYS V 214 23.43 -15.92 46.76
CA LYS V 214 24.19 -14.97 47.57
C LYS V 214 23.24 -14.05 48.34
N GLU V 215 23.65 -13.61 49.52
CA GLU V 215 22.82 -12.74 50.34
C GLU V 215 23.63 -11.60 50.95
N SER V 216 23.11 -10.38 50.86
CA SER V 216 23.79 -9.20 51.40
C SER V 216 22.81 -8.19 51.98
N ILE V 217 23.31 -7.32 52.85
CA ILE V 217 22.48 -6.28 53.46
C ILE V 217 22.66 -5.03 52.63
N VAL V 218 21.57 -4.29 52.42
CA VAL V 218 21.64 -3.07 51.61
C VAL V 218 21.79 -1.83 52.48
N ASN V 219 22.58 -0.86 51.98
CA ASN V 219 22.85 0.38 52.68
C ASN V 219 21.92 1.52 52.26
N ILE V 220 20.93 1.80 53.10
CA ILE V 220 19.96 2.86 52.86
C ILE V 220 20.39 4.17 53.52
N CYS V 221 21.12 4.06 54.62
CA CYS V 221 21.59 5.23 55.36
C CYS V 221 22.80 5.86 54.68
N ASP V 222 22.72 7.18 54.48
CA ASP V 222 23.79 7.92 53.83
C ASP V 222 24.86 8.37 54.83
N SER W 1 11.00 -4.71 16.53
CA SER W 1 9.83 -3.77 16.44
C SER W 1 9.48 -3.20 17.81
N ASP W 2 8.48 -3.82 18.45
CA ASP W 2 8.01 -3.43 19.76
C ASP W 2 9.20 -3.18 20.69
N PRO W 3 9.47 -1.90 21.02
CA PRO W 3 10.58 -1.51 21.88
C PRO W 3 10.60 -2.20 23.24
N SER W 4 9.41 -2.44 23.80
CA SER W 4 9.32 -3.09 25.11
C SER W 4 9.56 -4.60 25.07
N SER W 5 9.97 -5.12 23.91
CA SER W 5 10.22 -6.56 23.77
C SER W 5 11.54 -6.84 23.06
N ILE W 6 12.45 -5.88 23.10
CA ILE W 6 13.74 -6.06 22.45
C ILE W 6 14.71 -6.65 23.45
N ASN W 7 14.77 -6.05 24.62
CA ASN W 7 15.69 -6.44 25.67
C ASN W 7 15.14 -7.46 26.67
N GLY W 8 13.82 -7.46 26.85
CA GLY W 8 13.21 -8.41 27.78
C GLY W 8 13.44 -8.11 29.25
N GLY W 9 12.80 -8.89 30.12
CA GLY W 9 12.96 -8.68 31.55
C GLY W 9 11.67 -8.41 32.29
N ILE W 10 11.68 -8.69 33.60
CA ILE W 10 10.50 -8.48 34.43
C ILE W 10 10.84 -7.91 35.79
N VAL W 11 9.81 -7.36 36.45
CA VAL W 11 9.95 -6.80 37.79
C VAL W 11 8.63 -7.07 38.49
N VAL W 12 8.65 -7.14 39.82
CA VAL W 12 7.43 -7.41 40.58
C VAL W 12 7.61 -6.92 42.01
N ALA W 13 6.57 -6.28 42.55
CA ALA W 13 6.62 -5.77 43.92
C ALA W 13 5.47 -6.38 44.71
N MET W 14 5.64 -6.49 46.02
CA MET W 14 4.63 -7.10 46.89
C MET W 14 4.66 -6.56 48.30
N THR W 15 3.49 -6.41 48.91
CA THR W 15 3.41 -5.90 50.27
C THR W 15 3.26 -7.05 51.25
N GLY W 16 3.87 -6.89 52.41
CA GLY W 16 3.80 -7.89 53.46
C GLY W 16 3.47 -7.18 54.75
N LYS W 17 3.63 -7.88 55.88
CA LYS W 17 3.36 -7.27 57.17
C LYS W 17 4.50 -6.33 57.55
N ASP W 18 4.26 -5.03 57.45
CA ASP W 18 5.26 -4.02 57.79
C ASP W 18 6.51 -4.20 56.95
N CYS W 19 6.31 -4.56 55.69
CA CYS W 19 7.42 -4.74 54.76
C CYS W 19 6.92 -4.77 53.33
N VAL W 20 7.86 -4.63 52.39
CA VAL W 20 7.54 -4.66 50.97
C VAL W 20 8.72 -5.34 50.29
N ALA W 21 8.44 -6.12 49.24
CA ALA W 21 9.49 -6.80 48.52
C ALA W 21 9.44 -6.38 47.05
N ILE W 22 10.57 -6.45 46.37
CA ILE W 22 10.62 -6.10 44.96
C ILE W 22 11.74 -6.90 44.27
N ALA W 23 11.38 -7.69 43.27
CA ALA W 23 12.37 -8.52 42.57
C ALA W 23 12.39 -8.29 41.07
N CYS W 24 13.50 -8.67 40.43
CA CYS W 24 13.65 -8.52 38.99
C CYS W 24 14.60 -9.59 38.45
N ASP W 25 14.48 -9.95 37.19
CA ASP W 25 15.38 -10.94 36.61
C ASP W 25 16.69 -10.20 36.30
N LEU W 26 17.63 -10.86 35.65
CA LEU W 26 18.90 -10.20 35.35
C LEU W 26 19.26 -10.21 33.88
N ARG W 27 18.32 -10.64 33.05
CA ARG W 27 18.56 -10.71 31.63
C ARG W 27 18.52 -9.39 30.86
N LEU W 28 19.37 -9.31 29.86
CA LEU W 28 19.44 -8.17 28.96
C LEU W 28 19.80 -8.82 27.64
N GLY W 29 18.84 -8.88 26.73
CA GLY W 29 19.14 -9.50 25.46
C GLY W 29 18.89 -8.60 24.29
N SER W 30 19.16 -9.14 23.10
CA SER W 30 18.93 -8.43 21.86
C SER W 30 18.17 -9.47 21.04
N GLN W 31 16.85 -9.44 21.18
CA GLN W 31 15.99 -10.40 20.50
C GLN W 31 16.26 -11.72 21.21
N SER W 32 16.58 -12.73 20.42
CA SER W 32 16.87 -14.07 20.94
C SER W 32 18.22 -14.15 21.64
N LEU W 33 19.18 -13.36 21.17
CA LEU W 33 20.52 -13.35 21.74
C LEU W 33 20.61 -12.85 23.17
N GLY W 34 21.08 -13.70 24.07
CA GLY W 34 21.25 -13.28 25.45
C GLY W 34 22.55 -12.50 25.49
N VAL W 35 22.52 -11.25 25.97
CA VAL W 35 23.74 -10.43 26.01
C VAL W 35 24.35 -10.22 27.39
N SER W 36 23.51 -10.12 28.41
CA SER W 36 24.01 -9.94 29.75
C SER W 36 23.13 -10.57 30.82
N ASN W 37 23.78 -11.09 31.86
CA ASN W 37 23.11 -11.75 32.97
C ASN W 37 23.32 -10.95 34.24
N LYS W 38 23.71 -9.69 34.06
CA LYS W 38 23.95 -8.83 35.21
C LYS W 38 23.24 -7.50 35.08
N PHE W 39 22.19 -7.47 34.28
CA PHE W 39 21.44 -6.24 34.10
C PHE W 39 20.34 -6.16 35.14
N GLU W 40 20.67 -5.62 36.31
CA GLU W 40 19.69 -5.50 37.36
C GLU W 40 18.73 -4.39 36.96
N LYS W 41 17.49 -4.51 37.40
CA LYS W 41 16.48 -3.54 37.05
C LYS W 41 15.86 -2.88 38.26
N ILE W 42 16.49 -3.05 39.42
CA ILE W 42 16.00 -2.44 40.66
C ILE W 42 17.01 -1.42 41.17
N PHE W 43 16.54 -0.19 41.40
CA PHE W 43 17.40 0.87 41.91
C PHE W 43 16.75 1.46 43.13
N HIS W 44 17.49 2.32 43.83
CA HIS W 44 16.95 2.96 45.02
C HIS W 44 17.56 4.33 45.21
N TYR W 45 16.76 5.23 45.76
CA TYR W 45 17.16 6.60 46.05
C TYR W 45 16.71 6.73 47.49
N GLY W 46 17.66 6.70 48.40
CA GLY W 46 17.29 6.78 49.81
C GLY W 46 16.59 5.48 50.15
N HIS W 47 15.43 5.56 50.77
CA HIS W 47 14.72 4.35 51.12
C HIS W 47 13.61 4.03 50.12
N VAL W 48 13.66 4.67 48.95
CA VAL W 48 12.65 4.44 47.92
C VAL W 48 13.26 3.61 46.78
N PHE W 49 12.62 2.50 46.45
CA PHE W 49 13.11 1.63 45.40
C PHE W 49 12.35 1.75 44.09
N LEU W 50 13.08 1.63 42.99
CA LEU W 50 12.49 1.73 41.67
C LEU W 50 12.93 0.61 40.74
N GLY W 51 11.94 -0.11 40.19
CA GLY W 51 12.21 -1.16 39.24
C GLY W 51 11.72 -0.70 37.87
N ILE W 52 12.52 -0.87 36.83
CA ILE W 52 12.12 -0.43 35.50
C ILE W 52 12.35 -1.52 34.44
N THR W 53 11.27 -2.02 33.82
CA THR W 53 11.35 -3.02 32.75
C THR W 53 11.16 -2.30 31.41
N GLY W 54 11.61 -2.89 30.30
CA GLY W 54 11.44 -2.23 29.03
C GLY W 54 12.70 -2.08 28.21
N LEU W 55 12.78 -1.02 27.43
CA LEU W 55 13.95 -0.78 26.58
C LEU W 55 15.12 -0.42 27.50
N ALA W 56 16.19 -1.22 27.44
CA ALA W 56 17.37 -1.04 28.30
C ALA W 56 17.91 0.38 28.33
N THR W 57 18.16 0.95 27.15
CA THR W 57 18.68 2.31 27.07
C THR W 57 17.81 3.26 27.90
N ASP W 58 16.49 3.08 27.86
CA ASP W 58 15.59 3.93 28.62
C ASP W 58 15.63 3.59 30.09
N VAL W 59 15.77 2.32 30.41
CA VAL W 59 15.85 1.91 31.82
C VAL W 59 17.07 2.60 32.45
N THR W 60 18.17 2.63 31.71
CA THR W 60 19.39 3.26 32.19
C THR W 60 19.16 4.77 32.32
N THR W 61 18.58 5.37 31.28
CA THR W 61 18.33 6.80 31.28
C THR W 61 17.41 7.25 32.41
N LEU W 62 16.30 6.56 32.62
CA LEU W 62 15.41 6.97 33.69
C LEU W 62 16.09 6.84 35.05
N ASN W 63 16.94 5.83 35.23
CA ASN W 63 17.60 5.72 36.51
C ASN W 63 18.49 6.94 36.72
N GLU W 64 19.33 7.24 35.74
CA GLU W 64 20.21 8.39 35.84
C GLU W 64 19.43 9.67 36.11
N MET W 65 18.24 9.77 35.52
CA MET W 65 17.39 10.95 35.68
C MET W 65 16.82 11.06 37.09
N PHE W 66 16.25 9.97 37.59
CA PHE W 66 15.68 10.01 38.93
C PHE W 66 16.74 10.18 40.01
N ARG W 67 17.98 9.73 39.74
CA ARG W 67 19.03 9.93 40.71
C ARG W 67 19.21 11.44 40.77
N TYR W 68 19.43 12.02 39.60
CA TYR W 68 19.60 13.46 39.45
C TYR W 68 18.51 14.24 40.19
N LYS W 69 17.26 13.91 39.93
CA LYS W 69 16.16 14.61 40.58
C LYS W 69 16.07 14.36 42.07
N THR W 70 16.18 13.12 42.50
CA THR W 70 16.10 12.84 43.94
C THR W 70 17.25 13.52 44.69
N ASN W 71 18.38 13.70 44.03
CA ASN W 71 19.50 14.35 44.69
C ASN W 71 19.18 15.80 45.00
N LEU W 72 18.79 16.55 43.96
CA LEU W 72 18.44 17.94 44.14
C LEU W 72 17.29 18.07 45.12
N TYR W 73 16.38 17.11 45.09
CA TYR W 73 15.24 17.13 45.99
C TYR W 73 15.69 17.10 47.44
N LYS W 74 16.70 16.28 47.73
CA LYS W 74 17.22 16.15 49.08
C LYS W 74 17.94 17.44 49.49
N LEU W 75 18.71 17.99 48.56
CA LEU W 75 19.44 19.22 48.81
C LEU W 75 18.51 20.39 49.16
N LYS W 76 17.34 20.45 48.52
CA LYS W 76 16.39 21.53 48.78
C LYS W 76 15.41 21.23 49.89
N GLU W 77 14.82 20.05 49.86
CA GLU W 77 13.84 19.68 50.88
C GLU W 77 14.52 19.35 52.20
N GLU W 78 15.80 18.96 52.10
CA GLU W 78 16.59 18.58 53.26
C GLU W 78 16.05 17.35 53.96
N ARG W 79 15.55 16.42 53.15
CA ARG W 79 15.03 15.15 53.64
C ARG W 79 14.97 14.25 52.43
N ALA W 80 14.97 12.94 52.64
CA ALA W 80 14.91 12.01 51.53
C ALA W 80 13.46 11.94 51.07
N ILE W 81 13.25 11.81 49.76
CA ILE W 81 11.91 11.75 49.19
C ILE W 81 11.18 10.48 49.65
N GLU W 82 9.86 10.55 49.73
CA GLU W 82 9.05 9.42 50.14
C GLU W 82 8.48 8.66 48.95
N PRO W 83 7.96 7.45 49.19
CA PRO W 83 7.39 6.62 48.13
C PRO W 83 6.30 7.36 47.35
N GLU W 84 5.26 7.79 48.05
CA GLU W 84 4.16 8.52 47.43
C GLU W 84 4.62 9.70 46.58
N THR W 85 5.48 10.54 47.13
CA THR W 85 5.98 11.70 46.40
C THR W 85 6.73 11.25 45.15
N PHE W 86 7.64 10.31 45.32
CA PHE W 86 8.44 9.82 44.21
C PHE W 86 7.53 9.30 43.09
N THR W 87 6.49 8.58 43.50
CA THR W 87 5.53 8.03 42.53
C THR W 87 5.02 9.18 41.67
N GLN W 88 4.68 10.29 42.31
CA GLN W 88 4.19 11.45 41.62
C GLN W 88 5.24 12.02 40.69
N LEU W 89 6.48 12.02 41.14
CA LEU W 89 7.57 12.55 40.35
C LEU W 89 7.79 11.68 39.13
N VAL W 90 7.61 10.38 39.30
CA VAL W 90 7.82 9.45 38.21
C VAL W 90 6.72 9.62 37.18
N SER W 91 5.52 9.84 37.68
CA SER W 91 4.37 10.02 36.81
C SER W 91 4.49 11.28 35.96
N SER W 92 4.77 12.41 36.60
CA SER W 92 4.90 13.66 35.89
C SER W 92 6.10 13.61 34.94
N SER W 93 7.19 13.01 35.38
CA SER W 93 8.39 12.91 34.53
C SER W 93 8.07 12.15 33.25
N LEU W 94 7.31 11.08 33.37
CA LEU W 94 6.95 10.29 32.21
C LEU W 94 5.99 11.03 31.28
N TYR W 95 4.90 11.56 31.85
CA TYR W 95 3.91 12.27 31.05
C TYR W 95 4.48 13.45 30.29
N GLU W 96 5.63 13.94 30.71
CA GLU W 96 6.24 15.04 30.02
C GLU W 96 6.65 14.62 28.61
N ARG W 97 6.80 13.32 28.41
CA ARG W 97 7.19 12.79 27.11
C ARG W 97 6.01 12.05 26.51
N ARG W 98 4.82 12.57 26.75
CA ARG W 98 3.56 12.01 26.27
C ARG W 98 3.55 11.57 24.82
N PHE W 99 4.14 12.37 23.93
CA PHE W 99 4.15 12.04 22.52
C PHE W 99 5.51 11.64 21.98
N GLY W 100 6.21 10.81 22.75
CA GLY W 100 7.53 10.31 22.41
C GLY W 100 8.09 9.84 23.73
N PRO W 101 7.37 8.92 24.39
CA PRO W 101 7.69 8.34 25.69
C PRO W 101 8.85 7.37 25.72
N TYR W 102 9.32 7.12 26.93
CA TYR W 102 10.38 6.15 27.15
C TYR W 102 9.57 4.85 27.20
N PHE W 103 10.10 3.79 26.59
CA PHE W 103 9.40 2.52 26.59
C PHE W 103 9.79 1.71 27.81
N VAL W 104 9.16 2.04 28.93
CA VAL W 104 9.45 1.40 30.18
C VAL W 104 8.19 1.09 30.97
N GLY W 105 8.33 0.26 31.99
CA GLY W 105 7.20 -0.09 32.83
C GLY W 105 7.66 -0.02 34.26
N PRO W 106 7.75 1.20 34.83
CA PRO W 106 8.18 1.50 36.19
C PRO W 106 7.37 0.88 37.34
N VAL W 107 8.07 0.59 38.44
CA VAL W 107 7.45 0.03 39.63
C VAL W 107 8.12 0.66 40.85
N VAL W 108 7.32 1.19 41.75
CA VAL W 108 7.86 1.83 42.93
C VAL W 108 7.51 1.06 44.20
N ALA W 109 8.52 0.88 45.07
CA ALA W 109 8.33 0.17 46.33
C ALA W 109 9.08 0.87 47.47
N GLY W 110 8.48 0.87 48.65
CA GLY W 110 9.12 1.48 49.80
C GLY W 110 8.21 1.60 51.01
N ILE W 111 8.78 2.04 52.12
CA ILE W 111 7.99 2.22 53.33
C ILE W 111 8.11 3.67 53.74
N ASN W 112 6.97 4.31 53.95
CA ASN W 112 6.94 5.71 54.35
C ASN W 112 7.67 5.90 55.67
N SER W 113 8.78 6.62 55.64
CA SER W 113 9.57 6.86 56.84
C SER W 113 8.75 7.44 57.99
N LYS W 114 7.77 8.27 57.66
CA LYS W 114 6.95 8.89 58.69
C LYS W 114 5.77 8.01 59.12
N SER W 115 4.97 7.56 58.16
CA SER W 115 3.81 6.73 58.47
C SER W 115 4.16 5.26 58.70
N GLY W 116 5.30 4.83 58.18
CA GLY W 116 5.72 3.44 58.34
C GLY W 116 4.92 2.48 57.47
N LYS W 117 3.95 3.02 56.76
CA LYS W 117 3.09 2.22 55.89
C LYS W 117 3.80 1.75 54.62
N PRO W 118 3.65 0.46 54.29
CA PRO W 118 4.27 -0.15 53.10
C PRO W 118 3.61 0.46 51.86
N PHE W 119 4.37 0.63 50.78
CA PHE W 119 3.85 1.23 49.56
C PHE W 119 4.44 0.71 48.25
N ILE W 120 3.57 0.40 47.29
CA ILE W 120 3.98 -0.09 45.98
C ILE W 120 3.05 0.52 44.92
N ALA W 121 3.59 0.76 43.73
CA ALA W 121 2.80 1.31 42.64
C ALA W 121 3.50 1.09 41.30
N GLY W 122 2.70 0.93 40.26
CA GLY W 122 3.26 0.72 38.93
C GLY W 122 2.67 1.77 38.00
N PHE W 123 3.34 2.03 36.88
CA PHE W 123 2.85 3.03 35.94
C PHE W 123 3.08 2.52 34.53
N ASP W 124 2.30 3.03 33.57
CA ASP W 124 2.49 2.66 32.17
C ASP W 124 3.52 3.62 31.57
N LEU W 125 3.88 3.42 30.31
CA LEU W 125 4.90 4.27 29.69
C LEU W 125 4.64 5.76 29.66
N ILE W 126 3.39 6.17 29.85
CA ILE W 126 3.14 7.61 29.83
C ILE W 126 2.76 8.20 31.17
N GLY W 127 3.01 7.46 32.24
CA GLY W 127 2.75 7.99 33.55
C GLY W 127 1.54 7.54 34.33
N CYS W 128 0.58 6.88 33.71
CA CYS W 128 -0.59 6.47 34.46
C CYS W 128 -0.21 5.63 35.69
N ILE W 129 -0.58 6.12 36.87
CA ILE W 129 -0.28 5.45 38.13
C ILE W 129 -1.30 4.41 38.57
N ASP W 130 -0.80 3.24 38.95
CA ASP W 130 -1.64 2.14 39.46
C ASP W 130 -1.04 1.87 40.83
N GLU W 131 -1.81 2.16 41.86
CA GLU W 131 -1.34 1.96 43.23
C GLU W 131 -2.10 0.82 43.90
N ALA W 132 -1.57 -0.39 43.78
CA ALA W 132 -2.22 -1.55 44.37
C ALA W 132 -1.69 -1.83 45.77
N LYS W 133 -2.52 -2.50 46.56
CA LYS W 133 -2.16 -2.83 47.93
C LYS W 133 -1.48 -4.20 48.05
N ASP W 134 -1.63 -5.03 47.02
CA ASP W 134 -1.03 -6.35 47.07
C ASP W 134 0.23 -6.51 46.22
N PHE W 135 0.11 -6.37 44.92
CA PHE W 135 1.27 -6.54 44.06
C PHE W 135 1.20 -5.81 42.72
N ILE W 136 2.38 -5.52 42.16
CA ILE W 136 2.50 -4.87 40.87
C ILE W 136 3.45 -5.71 40.04
N VAL W 137 3.12 -5.92 38.78
CA VAL W 137 3.96 -6.71 37.88
C VAL W 137 4.32 -5.89 36.65
N SER W 138 5.44 -6.22 36.05
CA SER W 138 5.88 -5.48 34.87
C SER W 138 6.87 -6.32 34.09
N GLY W 139 6.90 -6.13 32.78
CA GLY W 139 7.83 -6.89 31.95
C GLY W 139 7.22 -7.85 30.96
N THR W 140 8.08 -8.42 30.12
CA THR W 140 7.67 -9.36 29.08
C THR W 140 6.99 -10.63 29.58
N ALA W 141 6.89 -10.79 30.88
CA ALA W 141 6.24 -11.98 31.44
C ALA W 141 5.22 -11.56 32.49
N SER W 142 4.64 -10.38 32.29
CA SER W 142 3.65 -9.82 33.19
C SER W 142 2.38 -10.66 33.28
N ASP W 143 2.01 -11.33 32.18
CA ASP W 143 0.81 -12.16 32.19
C ASP W 143 1.06 -13.31 33.14
N GLN W 144 2.22 -13.94 32.97
CA GLN W 144 2.61 -15.05 33.82
C GLN W 144 2.68 -14.55 35.25
N LEU W 145 3.30 -13.38 35.45
CA LEU W 145 3.41 -12.81 36.79
C LEU W 145 2.05 -12.56 37.43
N PHE W 146 1.10 -12.08 36.66
CA PHE W 146 -0.24 -11.83 37.20
C PHE W 146 -0.80 -13.16 37.68
N GLY W 147 -0.70 -14.16 36.81
CA GLY W 147 -1.21 -15.47 37.15
C GLY W 147 -0.58 -15.98 38.43
N MET W 148 0.75 -15.91 38.51
CA MET W 148 1.46 -16.37 39.69
C MET W 148 0.95 -15.65 40.94
N CYS W 149 1.08 -14.33 40.94
CA CYS W 149 0.65 -13.53 42.06
C CYS W 149 -0.77 -13.75 42.52
N GLU W 150 -1.72 -13.65 41.59
CA GLU W 150 -3.12 -13.80 41.94
C GLU W 150 -3.40 -15.06 42.77
N SER W 151 -2.65 -16.12 42.51
CA SER W 151 -2.85 -17.37 43.24
C SER W 151 -1.99 -17.44 44.50
N LEU W 152 -0.69 -17.24 44.34
CA LEU W 152 0.25 -17.32 45.46
C LEU W 152 0.07 -16.32 46.59
N TYR W 153 -0.18 -15.07 46.24
CA TYR W 153 -0.31 -14.01 47.23
C TYR W 153 -1.40 -14.13 48.30
N GLU W 154 -1.06 -13.58 49.47
CA GLU W 154 -1.98 -13.51 50.61
C GLU W 154 -1.42 -12.40 51.49
N PRO W 155 -2.31 -11.60 52.08
CA PRO W 155 -2.04 -10.47 52.96
C PRO W 155 -1.11 -10.67 54.15
N ASN W 156 -0.47 -9.58 54.55
CA ASN W 156 0.43 -9.53 55.70
C ASN W 156 1.38 -10.69 55.92
N LEU W 157 2.17 -11.03 54.90
CA LEU W 157 3.12 -12.12 55.07
C LEU W 157 4.33 -11.58 55.81
N GLU W 158 4.97 -12.42 56.62
CA GLU W 158 6.15 -11.98 57.32
C GLU W 158 7.25 -11.87 56.29
N PRO W 159 8.25 -11.01 56.54
CA PRO W 159 9.36 -10.83 55.60
C PRO W 159 9.94 -12.13 55.09
N GLU W 160 10.05 -13.12 55.96
CA GLU W 160 10.60 -14.43 55.59
C GLU W 160 9.69 -15.17 54.61
N ASP W 161 8.39 -15.05 54.83
CA ASP W 161 7.41 -15.69 53.99
C ASP W 161 7.24 -14.93 52.68
N LEU W 162 7.17 -13.61 52.77
CA LEU W 162 7.02 -12.77 51.59
C LEU W 162 8.11 -13.13 50.58
N PHE W 163 9.33 -13.31 51.10
CA PHE W 163 10.45 -13.65 50.24
C PHE W 163 10.22 -14.93 49.46
N GLU W 164 9.71 -15.97 50.13
CA GLU W 164 9.45 -17.23 49.46
C GLU W 164 8.40 -16.99 48.39
N THR W 165 7.35 -16.27 48.76
CA THR W 165 6.27 -15.97 47.84
C THR W 165 6.70 -15.13 46.65
N ILE W 166 7.25 -13.95 46.88
CA ILE W 166 7.65 -13.16 45.72
C ILE W 166 8.68 -13.88 44.84
N SER W 167 9.57 -14.66 45.44
CA SER W 167 10.60 -15.38 44.68
C SER W 167 10.03 -16.46 43.78
N GLN W 168 9.01 -17.15 44.27
CA GLN W 168 8.37 -18.21 43.50
C GLN W 168 7.55 -17.62 42.36
N ALA W 169 6.97 -16.43 42.61
CA ALA W 169 6.19 -15.74 41.60
C ALA W 169 7.11 -15.34 40.45
N LEU W 170 8.24 -14.72 40.78
CA LEU W 170 9.19 -14.28 39.77
C LEU W 170 9.76 -15.45 38.97
N LEU W 171 10.37 -16.38 39.69
CA LEU W 171 10.99 -17.57 39.11
C LEU W 171 10.13 -18.37 38.14
N ASN W 172 8.94 -18.75 38.57
CA ASN W 172 8.07 -19.55 37.73
C ASN W 172 7.54 -18.82 36.50
N ALA W 173 7.42 -17.51 36.60
CA ALA W 173 6.95 -16.71 35.47
C ALA W 173 8.08 -16.62 34.43
N ALA W 174 9.27 -16.24 34.88
CA ALA W 174 10.42 -16.10 33.99
C ALA W 174 10.73 -17.38 33.24
N ASP W 175 10.41 -18.50 33.84
CA ASP W 175 10.67 -19.78 33.20
C ASP W 175 9.73 -20.08 32.06
N ARG W 176 8.67 -19.28 31.95
CA ARG W 176 7.70 -19.43 30.87
C ARG W 176 7.87 -18.31 29.87
N ASP W 177 8.83 -17.43 30.14
CA ASP W 177 9.13 -16.31 29.26
C ASP W 177 10.51 -16.48 28.63
N ALA W 178 10.52 -16.56 27.31
CA ALA W 178 11.76 -16.73 26.56
C ALA W 178 12.70 -15.56 26.75
N LEU W 179 12.14 -14.38 26.99
CA LEU W 179 12.93 -13.17 27.15
C LEU W 179 13.29 -12.78 28.59
N SER W 180 12.96 -13.66 29.54
CA SER W 180 13.27 -13.41 30.96
C SER W 180 14.06 -14.54 31.60
N GLY W 181 14.73 -14.21 32.71
CA GLY W 181 15.54 -15.19 33.42
C GLY W 181 17.01 -14.82 33.52
N TRP W 182 17.88 -15.81 33.32
CA TRP W 182 19.32 -15.60 33.40
C TRP W 182 19.76 -15.00 34.72
N GLY W 183 19.06 -15.35 35.79
CA GLY W 183 19.40 -14.81 37.09
C GLY W 183 18.28 -13.94 37.62
N ALA W 184 18.25 -13.73 38.91
CA ALA W 184 17.22 -12.92 39.53
C ALA W 184 17.74 -12.43 40.85
N VAL W 185 17.18 -11.32 41.33
CA VAL W 185 17.56 -10.74 42.60
C VAL W 185 16.29 -10.27 43.30
N VAL W 186 16.22 -10.47 44.61
CA VAL W 186 15.03 -10.08 45.37
C VAL W 186 15.38 -9.18 46.54
N TYR W 187 14.57 -8.15 46.75
CA TYR W 187 14.80 -7.22 47.85
C TYR W 187 13.67 -7.28 48.86
N ILE W 188 14.02 -7.48 50.13
CA ILE W 188 13.02 -7.47 51.19
C ILE W 188 13.29 -6.17 51.96
N ILE W 189 12.32 -5.27 52.01
CA ILE W 189 12.47 -4.00 52.68
C ILE W 189 11.66 -3.91 53.98
N LYS W 190 12.32 -3.45 55.03
CA LYS W 190 11.71 -3.26 56.34
C LYS W 190 12.15 -1.85 56.80
N LYS W 191 11.37 -1.23 57.68
CA LYS W 191 11.70 0.11 58.16
C LYS W 191 13.15 0.30 58.62
N ASP W 192 13.75 -0.76 59.13
CA ASP W 192 15.12 -0.70 59.62
C ASP W 192 16.18 -1.29 58.69
N GLU W 193 15.94 -2.50 58.17
CA GLU W 193 16.92 -3.12 57.30
C GLU W 193 16.39 -3.58 55.95
N VAL W 194 17.30 -3.63 54.99
CA VAL W 194 17.00 -4.06 53.64
C VAL W 194 17.96 -5.19 53.26
N VAL W 195 17.40 -6.36 52.94
CA VAL W 195 18.19 -7.51 52.55
C VAL W 195 18.04 -7.77 51.05
N LYS W 196 19.15 -8.11 50.41
CA LYS W 196 19.15 -8.38 48.98
C LYS W 196 19.67 -9.79 48.72
N ARG W 197 18.85 -10.62 48.11
CA ARG W 197 19.25 -11.99 47.82
C ARG W 197 19.19 -12.31 46.34
N TYR W 198 20.19 -13.03 45.84
CA TYR W 198 20.22 -13.44 44.45
C TYR W 198 19.72 -14.89 44.43
N LEU W 199 18.80 -15.20 43.52
CA LEU W 199 18.22 -16.53 43.42
C LEU W 199 18.92 -17.45 42.42
N LYS W 200 18.74 -18.76 42.61
CA LYS W 200 19.31 -19.76 41.71
C LYS W 200 18.20 -20.24 40.78
N MET W 201 18.40 -20.06 39.48
CA MET W 201 17.41 -20.46 38.48
C MET W 201 18.08 -20.97 37.22
N ARG W 202 17.31 -21.62 36.36
CA ARG W 202 17.84 -22.18 35.12
C ARG W 202 18.55 -21.08 34.33
N GLN W 203 19.49 -21.45 33.49
CA GLN W 203 20.19 -20.45 32.69
C GLN W 203 19.97 -20.64 31.19
N ASP W 204 18.76 -21.05 30.81
CA ASP W 204 18.43 -21.27 29.41
C ASP W 204 17.28 -20.40 28.88
N MET X 1 27.04 -7.72 8.79
CA MET X 1 27.79 -6.52 9.28
C MET X 1 29.27 -6.87 9.46
N ASP X 2 30.03 -5.92 10.01
CA ASP X 2 31.45 -6.08 10.26
C ASP X 2 31.69 -6.83 11.57
N ILE X 3 32.88 -7.39 11.75
CA ILE X 3 33.20 -8.09 12.99
C ILE X 3 33.85 -7.15 13.99
N ILE X 4 33.19 -6.98 15.12
CA ILE X 4 33.68 -6.17 16.21
C ILE X 4 33.69 -7.07 17.44
N LEU X 5 34.88 -7.50 17.80
CA LEU X 5 35.09 -8.41 18.92
C LEU X 5 35.89 -7.80 20.04
N GLY X 6 35.54 -8.21 21.25
CA GLY X 6 36.25 -7.68 22.40
C GLY X 6 36.33 -8.71 23.50
N ILE X 7 37.49 -8.79 24.13
CA ILE X 7 37.69 -9.71 25.24
C ILE X 7 38.64 -9.12 26.28
N ARG X 8 38.16 -9.08 27.51
CA ARG X 8 38.93 -8.57 28.63
C ARG X 8 39.59 -9.72 29.40
N VAL X 9 40.92 -9.75 29.36
CA VAL X 9 41.66 -10.78 30.06
C VAL X 9 42.09 -10.29 31.43
N GLN X 10 43.20 -10.81 31.92
CA GLN X 10 43.72 -10.43 33.23
C GLN X 10 44.25 -9.01 33.32
N ASP X 11 45.14 -8.64 32.41
CA ASP X 11 45.74 -7.32 32.48
C ASP X 11 45.57 -6.46 31.27
N SER X 12 44.61 -6.80 30.43
CA SER X 12 44.37 -5.99 29.24
C SER X 12 43.05 -6.33 28.59
N VAL X 13 42.74 -5.57 27.53
CA VAL X 13 41.55 -5.78 26.75
C VAL X 13 42.02 -5.91 25.31
N ILE X 14 41.46 -6.89 24.61
CA ILE X 14 41.83 -7.14 23.22
C ILE X 14 40.64 -6.83 22.32
N LEU X 15 40.89 -6.06 21.26
CA LEU X 15 39.85 -5.71 20.30
C LEU X 15 40.21 -6.15 18.89
N ALA X 16 39.37 -7.00 18.32
CA ALA X 16 39.57 -7.50 16.96
C ALA X 16 38.47 -6.91 16.09
N SER X 17 38.87 -6.39 14.93
CA SER X 17 37.93 -5.74 14.01
C SER X 17 38.21 -6.11 12.57
N SER X 18 37.20 -6.63 11.87
CA SER X 18 37.39 -7.03 10.47
C SER X 18 37.97 -5.88 9.63
N LYS X 19 38.79 -6.24 8.65
CA LYS X 19 39.46 -5.24 7.81
C LYS X 19 38.78 -4.92 6.50
N ALA X 20 37.83 -5.74 6.09
CA ALA X 20 37.13 -5.54 4.83
C ALA X 20 36.15 -4.37 4.82
N VAL X 21 36.05 -3.72 3.67
CA VAL X 21 35.13 -2.60 3.46
C VAL X 21 34.47 -2.83 2.12
N THR X 22 33.26 -3.37 2.17
CA THR X 22 32.49 -3.70 0.97
C THR X 22 31.44 -2.67 0.66
N ARG X 23 31.33 -2.33 -0.61
CA ARG X 23 30.33 -1.38 -1.06
C ARG X 23 29.57 -1.99 -2.22
N GLY X 24 28.53 -2.73 -1.87
CA GLY X 24 27.69 -3.38 -2.86
C GLY X 24 28.25 -4.65 -3.45
N ILE X 25 28.66 -4.55 -4.71
CA ILE X 25 29.20 -5.66 -5.47
C ILE X 25 30.72 -5.82 -5.28
N SER X 26 31.39 -4.73 -4.93
CA SER X 26 32.84 -4.76 -4.76
C SER X 26 33.36 -4.51 -3.35
N VAL X 27 34.45 -5.18 -3.00
CA VAL X 27 35.11 -5.01 -1.72
C VAL X 27 36.17 -3.94 -2.00
N LEU X 28 35.96 -2.74 -1.48
CA LEU X 28 36.87 -1.63 -1.72
C LEU X 28 38.23 -1.66 -1.01
N LYS X 29 38.24 -2.16 0.22
CA LYS X 29 39.47 -2.18 0.99
C LYS X 29 39.55 -3.44 1.84
N ASP X 30 40.76 -3.86 2.19
CA ASP X 30 40.97 -5.07 2.99
C ASP X 30 41.93 -4.78 4.15
N SER X 31 42.13 -3.51 4.42
CA SER X 31 43.04 -3.06 5.45
C SER X 31 42.45 -1.91 6.26
N ASP X 32 41.15 -1.93 6.47
CA ASP X 32 40.51 -0.85 7.21
C ASP X 32 40.55 -1.02 8.74
N ASP X 33 41.00 0.03 9.41
CA ASP X 33 41.08 0.03 10.87
C ASP X 33 39.85 0.70 11.50
N LYS X 34 38.89 -0.12 11.91
CA LYS X 34 37.65 0.36 12.50
C LYS X 34 37.84 0.73 13.96
N THR X 35 38.81 1.59 14.22
CA THR X 35 39.13 1.98 15.58
C THR X 35 39.53 3.45 15.74
N ARG X 36 39.42 3.98 16.95
CA ARG X 36 39.84 5.35 17.29
C ARG X 36 40.35 5.32 18.72
N GLN X 37 41.46 6.00 18.95
CA GLN X 37 42.00 6.08 20.29
C GLN X 37 41.43 7.34 20.94
N LEU X 38 40.66 7.15 22.00
CA LEU X 38 40.06 8.29 22.67
C LEU X 38 41.02 8.96 23.66
N SER X 39 41.95 8.17 24.19
CA SER X 39 42.97 8.66 25.13
C SER X 39 44.03 7.57 25.23
N PRO X 40 45.26 7.92 25.67
CA PRO X 40 46.34 6.95 25.79
C PRO X 40 45.99 5.53 26.27
N HIS X 41 45.02 5.40 27.16
CA HIS X 41 44.63 4.08 27.65
C HIS X 41 43.19 3.69 27.36
N THR X 42 42.58 4.34 26.36
CA THR X 42 41.20 4.05 25.97
C THR X 42 41.08 3.96 24.45
N LEU X 43 40.56 2.84 23.98
CA LEU X 43 40.37 2.59 22.55
C LEU X 43 38.92 2.21 22.26
N MET X 44 38.40 2.72 21.15
CA MET X 44 37.02 2.40 20.77
C MET X 44 36.92 1.85 19.35
N SER X 45 36.27 0.70 19.22
CA SER X 45 36.06 0.06 17.92
C SER X 45 34.61 0.32 17.53
N PHE X 46 34.32 0.30 16.23
CA PHE X 46 32.97 0.61 15.78
C PHE X 46 32.50 -0.01 14.46
N ALA X 47 31.19 -0.09 14.32
CA ALA X 47 30.56 -0.63 13.12
C ALA X 47 29.13 -0.09 13.00
N GLY X 48 28.65 0.02 11.76
CA GLY X 48 27.31 0.51 11.53
C GLY X 48 27.17 1.25 10.21
N GLU X 49 26.20 2.18 10.17
CA GLU X 49 25.90 2.98 8.98
C GLU X 49 27.14 3.65 8.38
N ALA X 50 27.20 3.70 7.05
CA ALA X 50 28.32 4.29 6.33
C ALA X 50 28.93 5.58 6.88
N GLY X 51 28.24 6.70 6.73
CA GLY X 51 28.87 7.92 7.22
C GLY X 51 29.00 8.05 8.72
N ASP X 52 27.89 7.75 9.42
CA ASP X 52 27.77 7.85 10.87
C ASP X 52 28.90 7.24 11.69
N THR X 53 29.32 6.07 11.25
CA THR X 53 30.38 5.32 11.91
C THR X 53 31.60 6.17 12.31
N VAL X 54 32.32 6.69 11.33
CA VAL X 54 33.50 7.48 11.64
C VAL X 54 33.13 8.83 12.22
N GLN X 55 32.11 9.47 11.65
CA GLN X 55 31.69 10.78 12.14
C GLN X 55 31.49 10.75 13.63
N PHE X 56 30.88 9.68 14.13
CA PHE X 56 30.65 9.55 15.57
C PHE X 56 31.96 9.31 16.30
N ALA X 57 32.71 8.30 15.89
CA ALA X 57 33.98 8.00 16.53
C ALA X 57 34.85 9.26 16.67
N GLU X 58 35.11 9.96 15.56
CA GLU X 58 35.94 11.16 15.59
C GLU X 58 35.35 12.26 16.50
N TYR X 59 34.02 12.36 16.51
CA TYR X 59 33.39 13.37 17.36
C TYR X 59 33.68 13.05 18.82
N ILE X 60 33.59 11.77 19.18
CA ILE X 60 33.88 11.35 20.54
C ILE X 60 35.36 11.60 20.84
N GLN X 61 36.22 11.19 19.92
CA GLN X 61 37.64 11.40 20.09
C GLN X 61 37.91 12.87 20.41
N ALA X 62 37.50 13.74 19.51
CA ALA X 62 37.70 15.18 19.71
C ALA X 62 37.31 15.60 21.11
N ASN X 63 36.11 15.25 21.54
CA ASN X 63 35.66 15.64 22.87
C ASN X 63 36.48 15.08 24.02
N ILE X 64 36.87 13.81 23.95
CA ILE X 64 37.66 13.25 25.03
C ILE X 64 39.06 13.90 25.10
N GLN X 65 39.61 14.29 23.95
CA GLN X 65 40.91 14.93 23.93
C GLN X 65 40.80 16.33 24.53
N LEU X 66 39.68 17.00 24.30
CA LEU X 66 39.44 18.33 24.85
C LEU X 66 39.33 18.24 26.37
N TYR X 67 38.68 17.19 26.86
CA TYR X 67 38.55 17.03 28.30
C TYR X 67 39.93 16.81 28.91
N SER X 68 40.76 16.03 28.22
CA SER X 68 42.11 15.74 28.68
C SER X 68 42.93 17.03 28.78
N ILE X 69 43.00 17.78 27.69
CA ILE X 69 43.73 19.05 27.70
C ILE X 69 43.26 19.97 28.82
N ARG X 70 41.96 20.20 28.89
CA ARG X 70 41.37 21.09 29.90
C ARG X 70 41.63 20.71 31.35
N GLU X 71 41.42 19.45 31.70
CA GLU X 71 41.63 19.02 33.06
C GLU X 71 43.02 18.40 33.29
N ASP X 72 43.81 18.30 32.24
CA ASP X 72 45.14 17.70 32.34
C ASP X 72 44.96 16.42 33.14
N TYR X 73 44.18 15.50 32.59
CA TYR X 73 43.89 14.24 33.27
C TYR X 73 43.20 13.34 32.27
N GLU X 74 43.29 12.03 32.46
CA GLU X 74 42.64 11.08 31.56
C GLU X 74 41.46 10.41 32.29
N LEU X 75 40.26 10.69 31.80
CA LEU X 75 39.04 10.14 32.37
C LEU X 75 39.09 8.64 32.43
N SER X 76 38.54 8.07 33.49
CA SER X 76 38.52 6.63 33.65
C SER X 76 37.79 5.99 32.47
N PRO X 77 38.01 4.68 32.26
CA PRO X 77 37.34 4.02 31.15
C PRO X 77 35.84 4.10 31.38
N GLN X 78 35.43 3.91 32.62
CA GLN X 78 34.02 3.96 32.95
C GLN X 78 33.39 5.30 32.57
N ALA X 79 34.07 6.38 32.93
CA ALA X 79 33.60 7.73 32.63
C ALA X 79 33.48 7.95 31.12
N VAL X 80 34.47 7.50 30.37
CA VAL X 80 34.41 7.68 28.93
C VAL X 80 33.19 6.96 28.38
N SER X 81 33.01 5.69 28.76
CA SER X 81 31.88 4.92 28.25
C SER X 81 30.55 5.55 28.64
N SER X 82 30.47 6.19 29.81
CA SER X 82 29.21 6.81 30.22
C SER X 82 28.93 8.01 29.33
N PHE X 83 29.99 8.75 29.00
CA PHE X 83 29.82 9.89 28.13
C PHE X 83 29.30 9.40 26.79
N VAL X 84 29.97 8.39 26.25
CA VAL X 84 29.61 7.80 24.98
C VAL X 84 28.18 7.29 24.96
N ARG X 85 27.70 6.76 26.08
CA ARG X 85 26.34 6.25 26.11
C ARG X 85 25.37 7.42 26.03
N GLN X 86 25.62 8.44 26.85
CA GLN X 86 24.77 9.62 26.86
C GLN X 86 24.61 10.17 25.46
N GLU X 87 25.72 10.24 24.71
CA GLU X 87 25.66 10.75 23.35
C GLU X 87 24.80 9.87 22.44
N LEU X 88 25.00 8.56 22.48
CA LEU X 88 24.19 7.71 21.62
C LEU X 88 22.72 7.80 22.03
N ALA X 89 22.46 7.78 23.33
CA ALA X 89 21.08 7.86 23.80
C ALA X 89 20.36 9.11 23.27
N LYS X 90 21.09 10.21 23.10
CA LYS X 90 20.54 11.46 22.57
C LYS X 90 20.18 11.22 21.11
N SER X 91 21.18 10.78 20.35
CA SER X 91 21.00 10.49 18.93
C SER X 91 19.76 9.66 18.65
N ILE X 92 19.45 8.73 19.55
CA ILE X 92 18.31 7.87 19.35
C ILE X 92 16.97 8.61 19.16
N ARG X 93 16.83 9.77 19.79
CA ARG X 93 15.59 10.53 19.65
C ARG X 93 15.77 11.82 18.83
N SER X 94 16.89 11.93 18.12
CA SER X 94 17.18 13.09 17.30
C SER X 94 16.54 12.97 15.92
N ARG X 95 16.76 13.97 15.07
CA ARG X 95 16.18 13.97 13.73
C ARG X 95 16.77 12.84 12.92
N ARG X 96 18.08 12.77 12.83
CA ARG X 96 18.72 11.67 12.11
C ARG X 96 19.76 11.03 13.05
N PRO X 97 19.39 9.92 13.70
CA PRO X 97 20.22 9.16 14.64
C PRO X 97 21.45 8.48 14.06
N TYR X 98 22.53 8.53 14.82
CA TYR X 98 23.79 7.89 14.46
C TYR X 98 23.54 6.39 14.56
N GLN X 99 23.77 5.67 13.48
CA GLN X 99 23.59 4.23 13.52
C GLN X 99 24.97 3.61 13.71
N VAL X 100 25.45 3.65 14.95
CA VAL X 100 26.75 3.11 15.26
C VAL X 100 26.71 2.24 16.50
N ASN X 101 27.56 1.21 16.49
CA ASN X 101 27.68 0.29 17.61
C ASN X 101 29.15 0.30 17.99
N VAL X 102 29.42 0.32 19.29
CA VAL X 102 30.81 0.39 19.70
C VAL X 102 31.21 -0.46 20.88
N LEU X 103 32.50 -0.77 20.90
CA LEU X 103 33.13 -1.52 21.99
C LEU X 103 34.16 -0.54 22.51
N ILE X 104 34.24 -0.40 23.83
CA ILE X 104 35.25 0.47 24.38
C ILE X 104 36.15 -0.37 25.29
N GLY X 105 37.43 -0.39 24.94
CA GLY X 105 38.42 -1.12 25.71
C GLY X 105 39.39 -0.15 26.36
N GLY X 106 39.49 -0.20 27.68
CA GLY X 106 40.37 0.70 28.37
C GLY X 106 41.00 0.11 29.63
N TYR X 107 42.11 0.71 30.03
CA TYR X 107 42.82 0.29 31.22
C TYR X 107 42.72 1.42 32.24
N ASP X 108 42.04 1.18 33.35
CA ASP X 108 41.89 2.18 34.39
C ASP X 108 43.18 2.26 35.17
N LYS X 109 43.98 3.29 34.89
CA LYS X 109 45.26 3.45 35.56
C LYS X 109 45.14 3.66 37.08
N LYS X 110 43.96 4.03 37.54
CA LYS X 110 43.75 4.23 38.98
C LYS X 110 43.36 2.92 39.65
N LYS X 111 42.44 2.19 39.03
CA LYS X 111 41.98 0.89 39.57
C LYS X 111 42.98 -0.22 39.21
N ASN X 112 43.77 0.03 38.16
CA ASN X 112 44.75 -0.92 37.65
C ASN X 112 44.05 -2.20 37.24
N LYS X 113 43.01 -2.03 36.42
CA LYS X 113 42.22 -3.15 35.91
C LYS X 113 41.76 -2.83 34.51
N PRO X 114 41.65 -3.86 33.64
CA PRO X 114 41.20 -3.62 32.27
C PRO X 114 39.67 -3.64 32.23
N GLU X 115 39.08 -2.87 31.32
CA GLU X 115 37.64 -2.85 31.22
C GLU X 115 37.08 -2.84 29.79
N LEU X 116 36.05 -3.63 29.56
CA LEU X 116 35.40 -3.70 28.25
C LEU X 116 33.94 -3.26 28.33
N TYR X 117 33.59 -2.31 27.47
CA TYR X 117 32.23 -1.78 27.42
C TYR X 117 31.60 -1.97 26.03
N GLN X 118 30.36 -2.45 26.02
CA GLN X 118 29.64 -2.66 24.78
C GLN X 118 28.46 -1.69 24.79
N ILE X 119 28.31 -0.95 23.71
CA ILE X 119 27.22 0.02 23.61
C ILE X 119 26.67 0.03 22.17
N ASP X 120 25.35 -0.11 22.02
CA ASP X 120 24.75 -0.09 20.69
C ASP X 120 24.19 1.28 20.35
N TYR X 121 23.72 1.44 19.12
CA TYR X 121 23.19 2.73 18.66
C TYR X 121 22.02 3.26 19.49
N LEU X 122 21.42 2.41 20.33
CA LEU X 122 20.31 2.87 21.16
C LEU X 122 20.82 3.47 22.46
N GLY X 123 22.11 3.25 22.73
CA GLY X 123 22.69 3.73 23.96
C GLY X 123 22.58 2.65 25.02
N THR X 124 22.51 1.40 24.58
CA THR X 124 22.42 0.27 25.52
C THR X 124 23.87 -0.06 25.89
N LYS X 125 24.21 0.16 27.16
CA LYS X 125 25.57 -0.11 27.62
C LYS X 125 25.63 -1.21 28.67
N VAL X 126 26.62 -2.06 28.51
CA VAL X 126 26.84 -3.16 29.44
C VAL X 126 28.35 -3.42 29.49
N GLU X 127 28.83 -3.85 30.66
CA GLU X 127 30.26 -4.14 30.82
C GLU X 127 30.37 -5.65 30.76
N LEU X 128 31.35 -6.16 30.02
CA LEU X 128 31.47 -7.59 29.88
C LEU X 128 32.89 -8.14 29.84
N PRO X 129 33.03 -9.46 30.06
CA PRO X 129 34.31 -10.15 30.04
C PRO X 129 34.76 -10.14 28.58
N TYR X 130 33.76 -10.31 27.71
CA TYR X 130 33.93 -10.33 26.27
C TYR X 130 32.58 -9.99 25.64
N GLY X 131 32.62 -9.45 24.43
CA GLY X 131 31.40 -9.09 23.75
C GLY X 131 31.63 -8.85 22.28
N ALA X 132 30.55 -8.56 21.56
CA ALA X 132 30.63 -8.31 20.13
C ALA X 132 29.32 -7.69 19.64
N HIS X 133 29.39 -6.95 18.54
CA HIS X 133 28.19 -6.35 17.96
C HIS X 133 27.79 -7.10 16.69
N GLY X 134 26.52 -7.02 16.33
CA GLY X 134 26.08 -7.68 15.13
C GLY X 134 25.92 -9.18 15.28
N TYR X 135 26.30 -9.91 14.25
CA TYR X 135 26.18 -11.37 14.25
C TYR X 135 27.39 -12.08 14.81
N SER X 136 28.50 -11.36 14.91
CA SER X 136 29.75 -11.93 15.41
C SER X 136 29.58 -12.78 16.66
N GLY X 137 28.77 -12.32 17.62
CA GLY X 137 28.57 -13.09 18.83
C GLY X 137 27.94 -14.45 18.60
N PHE X 138 27.06 -14.54 17.62
CA PHE X 138 26.38 -15.79 17.32
C PHE X 138 27.27 -16.99 17.06
N TYR X 139 28.46 -16.76 16.50
CA TYR X 139 29.38 -17.84 16.21
C TYR X 139 30.45 -17.99 17.29
N THR X 140 30.82 -16.88 17.90
CA THR X 140 31.87 -16.87 18.90
C THR X 140 31.51 -17.06 20.38
N PHE X 141 30.38 -16.51 20.83
CA PHE X 141 30.02 -16.65 22.25
C PHE X 141 30.10 -18.04 22.86
N SER X 142 29.71 -19.06 22.12
CA SER X 142 29.76 -20.41 22.67
C SER X 142 31.21 -20.80 22.99
N LEU X 143 32.16 -20.36 22.15
CA LEU X 143 33.57 -20.66 22.39
C LEU X 143 34.07 -19.93 23.66
N LEU X 144 33.81 -18.63 23.71
CA LEU X 144 34.21 -17.82 24.85
C LEU X 144 33.52 -18.29 26.14
N ASP X 145 32.22 -18.54 26.07
CA ASP X 145 31.48 -18.99 27.25
C ASP X 145 32.17 -20.19 27.88
N HIS X 146 32.76 -21.01 27.00
CA HIS X 146 33.43 -22.25 27.38
C HIS X 146 34.84 -22.06 27.94
N HIS X 147 35.71 -21.50 27.12
CA HIS X 147 37.10 -21.31 27.50
C HIS X 147 37.51 -20.04 28.22
N TYR X 148 36.66 -19.03 28.24
CA TYR X 148 37.04 -17.80 28.91
C TYR X 148 37.28 -17.98 30.41
N ARG X 149 38.36 -17.35 30.88
CA ARG X 149 38.74 -17.36 32.29
C ARG X 149 39.26 -15.94 32.62
N PRO X 150 38.75 -15.34 33.71
CA PRO X 150 39.11 -14.00 34.18
C PRO X 150 40.59 -13.70 34.36
N ASP X 151 41.39 -14.73 34.61
CA ASP X 151 42.82 -14.55 34.81
C ASP X 151 43.66 -14.94 33.61
N MET X 152 43.02 -15.09 32.46
CA MET X 152 43.74 -15.45 31.25
C MET X 152 44.85 -14.44 31.00
N THR X 153 45.89 -14.88 30.29
CA THR X 153 46.98 -13.97 29.98
C THR X 153 46.65 -13.34 28.63
N THR X 154 47.32 -12.24 28.31
CA THR X 154 47.08 -11.58 27.04
C THR X 154 47.37 -12.57 25.93
N GLU X 155 48.27 -13.51 26.19
CA GLU X 155 48.62 -14.51 25.18
C GLU X 155 47.51 -15.55 25.03
N GLU X 156 46.97 -16.02 26.15
CA GLU X 156 45.89 -16.99 26.12
C GLU X 156 44.71 -16.30 25.42
N GLY X 157 44.52 -15.02 25.75
CA GLY X 157 43.44 -14.26 25.16
C GLY X 157 43.57 -14.32 23.66
N LEU X 158 44.67 -13.81 23.13
CA LEU X 158 44.89 -13.82 21.68
C LEU X 158 44.73 -15.22 21.07
N ASP X 159 44.82 -16.26 21.88
CA ASP X 159 44.67 -17.62 21.37
C ASP X 159 43.19 -17.95 21.25
N LEU X 160 42.45 -17.71 22.33
CA LEU X 160 41.03 -17.97 22.35
C LEU X 160 40.38 -17.12 21.24
N LEU X 161 40.99 -15.98 20.97
CA LEU X 161 40.49 -15.06 19.93
C LEU X 161 40.71 -15.67 18.56
N LYS X 162 41.94 -16.07 18.28
CA LYS X 162 42.28 -16.69 17.01
C LYS X 162 41.30 -17.84 16.77
N LEU X 163 40.97 -18.54 17.84
CA LEU X 163 40.06 -19.65 17.79
C LEU X 163 38.68 -19.17 17.33
N CYS X 164 38.26 -18.03 17.84
CA CYS X 164 36.98 -17.43 17.47
C CYS X 164 37.00 -16.99 16.01
N VAL X 165 38.04 -16.26 15.61
CA VAL X 165 38.16 -15.78 14.25
C VAL X 165 38.14 -16.92 13.25
N GLN X 166 38.57 -18.11 13.66
CA GLN X 166 38.57 -19.25 12.74
C GLN X 166 37.14 -19.74 12.52
N GLU X 167 36.36 -19.81 13.60
CA GLU X 167 34.97 -20.23 13.53
C GLU X 167 34.22 -19.28 12.61
N LEU X 168 34.58 -17.99 12.67
CA LEU X 168 33.93 -16.97 11.84
C LEU X 168 34.31 -17.14 10.37
N GLU X 169 35.52 -17.59 10.11
CA GLU X 169 35.94 -17.77 8.74
C GLU X 169 35.37 -19.06 8.16
N LYS X 170 34.94 -19.93 9.05
CA LYS X 170 34.37 -21.20 8.63
C LYS X 170 32.89 -21.11 8.33
N ARG X 171 32.11 -20.66 9.31
CA ARG X 171 30.66 -20.57 9.20
C ARG X 171 30.00 -19.28 8.70
N MET X 172 30.70 -18.16 8.73
CA MET X 172 30.10 -16.90 8.28
C MET X 172 30.19 -16.78 6.76
N PRO X 173 29.09 -16.38 6.12
CA PRO X 173 28.96 -16.21 4.66
C PRO X 173 29.90 -15.24 3.97
N MET X 174 30.14 -14.10 4.60
CA MET X 174 30.97 -13.07 3.99
C MET X 174 32.46 -13.19 4.28
N ASP X 175 33.25 -12.64 3.38
CA ASP X 175 34.70 -12.64 3.51
C ASP X 175 35.07 -11.28 4.13
N PHE X 176 35.35 -11.27 5.44
CA PHE X 176 35.67 -10.01 6.10
C PHE X 176 37.13 -9.62 6.04
N LYS X 177 37.90 -10.34 5.23
CA LYS X 177 39.32 -10.09 5.05
C LYS X 177 40.15 -10.01 6.32
N GLY X 178 39.86 -10.88 7.28
CA GLY X 178 40.60 -10.93 8.53
C GLY X 178 40.38 -9.75 9.46
N VAL X 179 40.94 -9.86 10.66
CA VAL X 179 40.79 -8.80 11.66
C VAL X 179 42.11 -8.14 12.03
N ILE X 180 42.02 -6.91 12.57
CA ILE X 180 43.19 -6.19 13.03
C ILE X 180 43.03 -6.24 14.53
N VAL X 181 44.05 -6.73 15.24
CA VAL X 181 43.94 -6.85 16.68
C VAL X 181 44.69 -5.77 17.44
N LYS X 182 44.17 -5.38 18.58
CA LYS X 182 44.78 -4.35 19.42
C LYS X 182 44.64 -4.62 20.91
N ILE X 183 45.70 -4.31 21.65
CA ILE X 183 45.70 -4.52 23.08
C ILE X 183 45.83 -3.21 23.82
N VAL X 184 45.05 -3.09 24.88
CA VAL X 184 45.06 -1.91 25.72
C VAL X 184 45.43 -2.43 27.09
N ASP X 185 46.49 -1.87 27.67
CA ASP X 185 46.93 -2.31 28.99
C ASP X 185 47.54 -1.16 29.76
N LYS X 186 48.13 -1.48 30.91
CA LYS X 186 48.74 -0.46 31.75
C LYS X 186 49.69 0.44 30.98
N ASP X 187 50.26 -0.06 29.90
CA ASP X 187 51.21 0.74 29.14
C ASP X 187 50.61 1.47 27.94
N GLY X 188 49.34 1.23 27.67
CA GLY X 188 48.71 1.91 26.56
C GLY X 188 48.08 1.02 25.50
N ILE X 189 48.11 1.50 24.27
CA ILE X 189 47.52 0.79 23.15
C ILE X 189 48.59 0.40 22.12
N ARG X 190 48.57 -0.88 21.71
CA ARG X 190 49.50 -1.38 20.71
C ARG X 190 48.77 -2.35 19.79
N GLN X 191 49.26 -2.49 18.56
CA GLN X 191 48.65 -3.38 17.57
C GLN X 191 49.43 -4.63 17.25
N VAL X 192 48.82 -5.79 17.50
CA VAL X 192 49.45 -7.08 17.21
C VAL X 192 49.59 -7.26 15.71
N ASP X 193 50.53 -6.51 15.12
CA ASP X 193 50.75 -6.54 13.68
C ASP X 193 50.92 -7.92 13.04
N ASP X 194 51.07 -8.97 13.84
CA ASP X 194 51.21 -10.32 13.28
C ASP X 194 50.15 -11.29 13.82
N PHE X 195 48.97 -11.22 13.22
CA PHE X 195 47.85 -12.08 13.60
C PHE X 195 47.35 -12.76 12.33
N GLN X 196 47.95 -12.39 11.20
CA GLN X 196 47.61 -12.96 9.88
C GLN X 196 48.17 -14.38 9.77
N ALA X 197 48.76 -14.85 10.86
CA ALA X 197 49.36 -16.18 10.96
C ALA X 197 50.04 -16.33 12.33
N GLN X 198 49.30 -16.00 13.39
CA GLN X 198 49.81 -16.07 14.77
C GLN X 198 49.30 -17.31 15.54
N THR Y 1 28.68 4.31 -16.17
CA THR Y 1 29.87 5.15 -15.82
C THR Y 1 31.02 4.33 -15.27
N THR Y 2 32.24 4.70 -15.65
CA THR Y 2 33.42 4.02 -15.15
C THR Y 2 34.51 5.03 -14.88
N THR Y 3 35.04 4.99 -13.66
CA THR Y 3 36.10 5.89 -13.26
C THR Y 3 37.03 5.17 -12.32
N LEU Y 4 38.33 5.38 -12.51
CA LEU Y 4 39.31 4.77 -11.63
C LEU Y 4 40.43 5.76 -11.34
N ALA Y 5 41.22 5.45 -10.32
CA ALA Y 5 42.34 6.28 -9.94
C ALA Y 5 43.23 5.37 -9.13
N PHE Y 6 44.49 5.24 -9.55
CA PHE Y 6 45.41 4.42 -8.80
C PHE Y 6 46.70 5.16 -8.55
N ARG Y 7 47.33 4.79 -7.44
CA ARG Y 7 48.57 5.37 -6.97
C ARG Y 7 49.74 4.50 -7.37
N PHE Y 8 50.82 5.11 -7.86
CA PHE Y 8 52.00 4.34 -8.24
C PHE Y 8 53.27 5.15 -8.05
N GLN Y 9 54.41 4.49 -8.27
CA GLN Y 9 55.71 5.13 -8.13
C GLN Y 9 55.76 6.54 -8.71
N GLY Y 10 55.11 6.74 -9.85
CA GLY Y 10 55.15 8.05 -10.50
C GLY Y 10 54.02 9.00 -10.20
N GLY Y 11 53.25 8.73 -9.14
CA GLY Y 11 52.14 9.60 -8.81
C GLY Y 11 50.79 8.92 -8.86
N ILE Y 12 49.86 9.52 -9.60
CA ILE Y 12 48.52 8.97 -9.70
C ILE Y 12 47.97 9.04 -11.12
N ILE Y 13 47.29 7.96 -11.50
CA ILE Y 13 46.65 7.90 -12.80
C ILE Y 13 45.13 7.99 -12.61
N VAL Y 14 44.50 8.79 -13.45
CA VAL Y 14 43.07 8.97 -13.38
C VAL Y 14 42.51 8.77 -14.77
N ALA Y 15 41.57 7.83 -14.88
CA ALA Y 15 40.94 7.50 -16.15
C ALA Y 15 39.45 7.35 -15.94
N VAL Y 16 38.68 7.90 -16.87
CA VAL Y 16 37.22 7.85 -16.80
C VAL Y 16 36.65 7.72 -18.20
N ASP Y 17 35.35 7.39 -18.30
CA ASP Y 17 34.69 7.30 -19.59
C ASP Y 17 33.93 8.60 -19.77
N SER Y 18 33.04 8.69 -20.73
CA SER Y 18 32.36 9.97 -20.90
C SER Y 18 30.92 9.86 -21.33
N ARG Y 19 30.31 8.72 -21.04
CA ARG Y 19 28.93 8.50 -21.42
C ARG Y 19 27.96 8.90 -20.33
N ALA Y 20 26.90 9.57 -20.76
CA ALA Y 20 25.84 10.03 -19.87
C ALA Y 20 24.57 9.39 -20.37
N THR Y 21 23.92 8.62 -19.51
CA THR Y 21 22.68 7.97 -19.89
C THR Y 21 21.50 8.32 -18.97
N ALA Y 22 20.32 8.42 -19.58
CA ALA Y 22 19.08 8.67 -18.87
C ALA Y 22 18.31 7.42 -19.25
N GLY Y 23 18.35 6.42 -18.39
CA GLY Y 23 17.68 5.17 -18.73
C GLY Y 23 18.56 4.48 -19.74
N ASN Y 24 18.00 4.15 -20.90
CA ASN Y 24 18.76 3.49 -21.97
C ASN Y 24 19.18 4.53 -23.00
N TRP Y 25 18.78 5.77 -22.76
CA TRP Y 25 19.10 6.86 -23.67
C TRP Y 25 20.49 7.39 -23.41
N VAL Y 26 21.27 7.49 -24.48
CA VAL Y 26 22.61 8.01 -24.37
C VAL Y 26 22.47 9.51 -24.64
N ALA Y 27 22.47 10.28 -23.55
CA ALA Y 27 22.35 11.72 -23.60
C ALA Y 27 23.61 12.40 -24.12
N SER Y 28 24.77 11.91 -23.68
CA SER Y 28 26.02 12.49 -24.13
C SER Y 28 27.17 11.50 -23.98
N GLN Y 29 28.19 11.69 -24.80
CA GLN Y 29 29.39 10.86 -24.74
C GLN Y 29 30.57 11.83 -24.68
N THR Y 30 30.26 13.10 -24.44
CA THR Y 30 31.25 14.17 -24.35
C THR Y 30 31.29 14.83 -22.97
N VAL Y 31 31.02 14.06 -21.93
CA VAL Y 31 31.01 14.58 -20.57
C VAL Y 31 32.40 14.52 -19.94
N LYS Y 32 32.73 15.48 -19.09
CA LYS Y 32 34.02 15.50 -18.41
C LYS Y 32 33.80 14.88 -17.03
N LYS Y 33 34.14 13.60 -16.87
CA LYS Y 33 33.95 12.96 -15.58
C LYS Y 33 35.11 13.19 -14.62
N VAL Y 34 36.08 13.99 -15.07
CA VAL Y 34 37.21 14.34 -14.23
C VAL Y 34 37.06 15.84 -13.98
N ILE Y 35 36.80 16.22 -12.73
CA ILE Y 35 36.65 17.63 -12.41
C ILE Y 35 38.00 18.17 -11.96
N GLU Y 36 38.40 19.29 -12.55
CA GLU Y 36 39.68 19.89 -12.21
C GLU Y 36 39.54 20.86 -11.03
N ILE Y 37 39.52 20.31 -9.81
CA ILE Y 37 39.39 21.10 -8.58
C ILE Y 37 40.28 22.35 -8.66
N ASN Y 38 41.54 22.13 -9.01
CA ASN Y 38 42.53 23.18 -9.20
C ASN Y 38 43.76 22.50 -9.79
N PRO Y 39 44.79 23.27 -10.16
CA PRO Y 39 46.03 22.74 -10.75
C PRO Y 39 46.69 21.54 -10.09
N PHE Y 40 46.38 21.30 -8.82
CA PHE Y 40 47.00 20.19 -8.10
C PHE Y 40 46.04 19.13 -7.61
N LEU Y 41 44.74 19.38 -7.75
CA LEU Y 41 43.73 18.44 -7.29
C LEU Y 41 42.77 18.00 -8.37
N LEU Y 42 42.40 16.71 -8.35
CA LEU Y 42 41.45 16.15 -9.31
C LEU Y 42 40.32 15.39 -8.63
N GLY Y 43 39.13 15.48 -9.21
CA GLY Y 43 37.97 14.77 -8.69
C GLY Y 43 37.32 14.01 -9.83
N THR Y 44 36.75 12.86 -9.54
CA THR Y 44 36.09 12.04 -10.56
C THR Y 44 34.57 12.15 -10.42
N MET Y 45 33.86 11.84 -11.51
CA MET Y 45 32.41 11.92 -11.51
C MET Y 45 31.71 10.58 -11.67
N ALA Y 46 30.95 10.19 -10.65
CA ALA Y 46 30.19 8.95 -10.67
C ALA Y 46 28.97 9.24 -9.82
N GLY Y 47 27.80 8.86 -10.30
CA GLY Y 47 26.57 9.14 -9.57
C GLY Y 47 25.84 10.25 -10.31
N GLY Y 48 25.50 11.33 -9.61
CA GLY Y 48 24.82 12.43 -10.28
C GLY Y 48 25.81 13.48 -10.77
N ALA Y 49 25.77 13.78 -12.07
CA ALA Y 49 26.69 14.77 -12.63
C ALA Y 49 26.66 16.10 -11.91
N ALA Y 50 25.47 16.70 -11.83
CA ALA Y 50 25.34 17.99 -11.15
C ALA Y 50 25.96 17.91 -9.77
N ASP Y 51 25.57 16.93 -8.96
CA ASP Y 51 26.11 16.82 -7.61
C ASP Y 51 27.64 16.83 -7.55
N CYS Y 52 28.29 15.99 -8.35
CA CYS Y 52 29.75 15.96 -8.35
C CYS Y 52 30.31 17.29 -8.86
N GLN Y 53 29.92 17.63 -10.07
CA GLN Y 53 30.36 18.84 -10.77
C GLN Y 53 30.25 20.11 -9.93
N PHE Y 54 29.08 20.30 -9.33
CA PHE Y 54 28.79 21.46 -8.52
C PHE Y 54 29.65 21.49 -7.25
N TRP Y 55 29.44 20.52 -6.36
CA TRP Y 55 30.15 20.49 -5.11
C TRP Y 55 31.65 20.38 -5.21
N GLU Y 56 32.16 19.85 -6.31
CA GLU Y 56 33.61 19.76 -6.42
C GLU Y 56 34.19 21.08 -6.93
N THR Y 57 33.37 21.83 -7.68
CA THR Y 57 33.80 23.14 -8.14
C THR Y 57 33.80 23.99 -6.87
N TRP Y 58 32.78 23.77 -6.04
CA TRP Y 58 32.66 24.46 -4.76
C TRP Y 58 33.88 24.14 -3.93
N LEU Y 59 34.29 22.87 -3.94
CA LEU Y 59 35.46 22.45 -3.19
C LEU Y 59 36.63 23.31 -3.64
N GLY Y 60 36.75 23.51 -4.96
CA GLY Y 60 37.82 24.32 -5.49
C GLY Y 60 37.88 25.67 -4.80
N SER Y 61 36.72 26.26 -4.56
CA SER Y 61 36.65 27.55 -3.92
C SER Y 61 37.18 27.46 -2.51
N GLN Y 62 36.75 26.45 -1.77
CA GLN Y 62 37.19 26.27 -0.39
C GLN Y 62 38.69 26.07 -0.27
N CYS Y 63 39.25 25.33 -1.22
CA CYS Y 63 40.68 25.07 -1.26
C CYS Y 63 41.47 26.34 -1.45
N ARG Y 64 41.01 27.18 -2.38
CA ARG Y 64 41.66 28.43 -2.68
C ARG Y 64 41.60 29.40 -1.49
N LEU Y 65 40.47 29.41 -0.80
CA LEU Y 65 40.28 30.27 0.37
C LEU Y 65 41.18 29.80 1.49
N HIS Y 66 41.35 28.49 1.62
CA HIS Y 66 42.19 27.94 2.65
C HIS Y 66 43.63 28.35 2.42
N GLU Y 67 44.06 28.30 1.17
CA GLU Y 67 45.43 28.64 0.83
C GLU Y 67 45.71 30.14 0.97
N LEU Y 68 44.72 30.98 0.69
CA LEU Y 68 44.94 32.43 0.85
C LEU Y 68 45.06 32.71 2.34
N ARG Y 69 44.22 32.02 3.13
CA ARG Y 69 44.19 32.19 4.57
C ARG Y 69 45.46 31.70 5.26
N GLU Y 70 45.84 30.45 4.98
CA GLU Y 70 47.02 29.82 5.58
C GLU Y 70 48.33 29.95 4.83
N LYS Y 71 48.33 30.66 3.72
CA LYS Y 71 49.54 30.82 2.94
C LYS Y 71 50.30 29.52 2.80
N GLU Y 72 49.58 28.46 2.44
CA GLU Y 72 50.17 27.15 2.25
C GLU Y 72 49.21 26.22 1.50
N ARG Y 73 49.72 25.55 0.48
CA ARG Y 73 48.95 24.62 -0.35
C ARG Y 73 48.25 23.55 0.50
N ILE Y 74 46.93 23.44 0.32
CA ILE Y 74 46.12 22.48 1.07
C ILE Y 74 46.46 21.01 0.85
N SER Y 75 46.25 20.21 1.89
CA SER Y 75 46.53 18.78 1.84
C SER Y 75 45.35 18.00 1.26
N VAL Y 76 45.65 16.90 0.56
CA VAL Y 76 44.61 16.07 -0.02
C VAL Y 76 43.70 15.58 1.09
N ALA Y 77 44.28 15.29 2.25
CA ALA Y 77 43.51 14.80 3.38
C ALA Y 77 42.43 15.80 3.76
N ALA Y 78 42.85 17.06 3.90
CA ALA Y 78 41.93 18.13 4.25
C ALA Y 78 40.93 18.46 3.14
N ALA Y 79 41.41 18.57 1.91
CA ALA Y 79 40.52 18.88 0.80
C ALA Y 79 39.40 17.84 0.75
N SER Y 80 39.76 16.58 0.94
CA SER Y 80 38.76 15.52 0.89
C SER Y 80 37.78 15.62 2.05
N LYS Y 81 38.26 15.98 3.24
CA LYS Y 81 37.36 16.06 4.38
C LYS Y 81 36.42 17.25 4.27
N ILE Y 82 36.85 18.30 3.56
CA ILE Y 82 36.00 19.46 3.36
C ILE Y 82 34.77 18.94 2.60
N LEU Y 83 35.03 18.18 1.54
CA LEU Y 83 33.97 17.63 0.72
C LEU Y 83 33.16 16.64 1.51
N SER Y 84 33.86 15.71 2.13
CA SER Y 84 33.21 14.69 2.93
C SER Y 84 32.25 15.25 3.98
N ASN Y 85 32.71 16.24 4.75
CA ASN Y 85 31.87 16.82 5.78
C ASN Y 85 30.67 17.58 5.21
N LEU Y 86 30.86 18.23 4.07
CA LEU Y 86 29.78 18.96 3.43
C LEU Y 86 28.72 17.93 3.09
N VAL Y 87 29.13 16.94 2.31
CA VAL Y 87 28.24 15.88 1.88
C VAL Y 87 27.48 15.23 3.02
N TYR Y 88 28.14 15.01 4.14
CA TYR Y 88 27.50 14.38 5.29
C TYR Y 88 26.41 15.28 5.88
N GLN Y 89 26.51 16.57 5.61
CA GLN Y 89 25.51 17.52 6.09
C GLN Y 89 24.18 17.29 5.36
N TYR Y 90 24.28 16.68 4.19
CA TYR Y 90 23.11 16.42 3.36
C TYR Y 90 22.71 14.96 3.35
N LYS Y 91 23.26 14.17 4.27
CA LYS Y 91 22.92 12.75 4.31
C LYS Y 91 21.41 12.56 4.42
N GLY Y 92 20.86 11.81 3.47
CA GLY Y 92 19.43 11.55 3.44
C GLY Y 92 18.67 12.44 2.48
N ALA Y 93 19.26 13.57 2.11
CA ALA Y 93 18.62 14.51 1.20
C ALA Y 93 18.56 14.00 -0.22
N GLY Y 94 19.39 13.02 -0.56
CA GLY Y 94 19.36 12.52 -1.91
C GLY Y 94 20.51 12.87 -2.82
N LEU Y 95 21.59 13.43 -2.28
CA LEU Y 95 22.74 13.73 -3.13
C LEU Y 95 23.25 12.39 -3.65
N SER Y 96 23.83 12.37 -4.83
CA SER Y 96 24.33 11.13 -5.36
C SER Y 96 25.70 11.30 -5.97
N MET Y 97 26.71 10.84 -5.25
CA MET Y 97 28.07 10.96 -5.74
C MET Y 97 29.05 9.96 -5.15
N GLY Y 98 29.87 9.40 -6.03
CA GLY Y 98 30.90 8.45 -5.66
C GLY Y 98 32.11 9.06 -6.33
N THR Y 99 33.03 9.59 -5.54
CA THR Y 99 34.17 10.25 -6.14
C THR Y 99 35.53 9.99 -5.51
N MET Y 100 36.59 10.15 -6.31
CA MET Y 100 37.96 9.99 -5.83
C MET Y 100 38.59 11.36 -5.82
N ILE Y 101 39.04 11.80 -4.65
CA ILE Y 101 39.71 13.09 -4.54
C ILE Y 101 41.21 12.76 -4.61
N CYS Y 102 41.85 13.21 -5.69
CA CYS Y 102 43.26 12.92 -5.95
C CYS Y 102 44.24 14.08 -5.89
N GLY Y 103 45.36 13.86 -5.18
CA GLY Y 103 46.39 14.88 -5.05
C GLY Y 103 47.78 14.33 -4.77
N TYR Y 104 48.78 15.18 -4.92
CA TYR Y 104 50.18 14.78 -4.70
C TYR Y 104 50.94 15.92 -4.00
N THR Y 105 50.99 15.88 -2.67
CA THR Y 105 51.68 16.93 -1.92
C THR Y 105 53.02 16.47 -1.37
N ARG Y 106 53.93 17.42 -1.17
CA ARG Y 106 55.25 17.12 -0.64
C ARG Y 106 55.06 16.33 0.65
N LYS Y 107 54.19 16.86 1.49
CA LYS Y 107 53.89 16.26 2.79
C LYS Y 107 53.34 14.84 2.73
N GLU Y 108 52.35 14.60 1.87
CA GLU Y 108 51.71 13.28 1.76
C GLU Y 108 52.13 12.39 0.58
N GLY Y 109 52.62 12.99 -0.49
CA GLY Y 109 53.01 12.21 -1.65
C GLY Y 109 51.76 11.90 -2.46
N PRO Y 110 51.74 10.82 -3.22
CA PRO Y 110 50.54 10.49 -4.01
C PRO Y 110 49.41 10.07 -3.07
N THR Y 111 48.23 10.65 -3.23
CA THR Y 111 47.12 10.30 -2.36
C THR Y 111 45.73 10.36 -3.01
N ILE Y 112 44.95 9.31 -2.76
CA ILE Y 112 43.59 9.20 -3.28
C ILE Y 112 42.63 8.95 -2.12
N TYR Y 113 41.53 9.68 -2.12
CA TYR Y 113 40.49 9.52 -1.10
C TYR Y 113 39.18 9.24 -1.80
N TYR Y 114 38.52 8.17 -1.42
CA TYR Y 114 37.24 7.83 -2.01
C TYR Y 114 36.18 8.49 -1.14
N VAL Y 115 35.31 9.25 -1.78
CA VAL Y 115 34.25 9.94 -1.05
C VAL Y 115 32.93 9.79 -1.77
N ASP Y 116 31.91 9.31 -1.06
CA ASP Y 116 30.58 9.18 -1.64
C ASP Y 116 29.56 9.88 -0.75
N SER Y 117 28.41 10.21 -1.34
CA SER Y 117 27.32 10.91 -0.68
C SER Y 117 26.76 10.18 0.53
N ASP Y 118 27.30 9.00 0.81
CA ASP Y 118 26.88 8.18 1.94
C ASP Y 118 27.49 8.71 3.25
N GLY Y 119 28.63 9.38 3.13
CA GLY Y 119 29.32 9.90 4.29
C GLY Y 119 30.67 9.21 4.41
N THR Y 120 30.88 8.26 3.51
CA THR Y 120 32.10 7.47 3.45
C THR Y 120 33.31 8.23 2.89
N ARG Y 121 34.44 8.08 3.54
CA ARG Y 121 35.71 8.70 3.13
C ARG Y 121 36.80 7.66 3.40
N LEU Y 122 37.45 7.20 2.34
CA LEU Y 122 38.48 6.18 2.46
C LEU Y 122 39.74 6.45 1.68
N LYS Y 123 40.89 6.23 2.33
CA LYS Y 123 42.15 6.41 1.65
C LYS Y 123 42.52 5.06 1.06
N GLY Y 124 43.04 5.08 -0.17
CA GLY Y 124 43.40 3.83 -0.83
C GLY Y 124 44.37 4.04 -1.98
N ASP Y 125 44.84 2.94 -2.55
CA ASP Y 125 45.80 3.00 -3.66
C ASP Y 125 45.09 2.82 -4.98
N ILE Y 126 43.99 2.08 -4.95
CA ILE Y 126 43.21 1.80 -6.15
C ILE Y 126 41.73 1.92 -5.83
N PHE Y 127 40.99 2.60 -6.70
CA PHE Y 127 39.54 2.76 -6.54
C PHE Y 127 38.86 2.86 -7.89
N CYS Y 128 37.81 2.08 -8.07
CA CYS Y 128 37.02 2.09 -9.31
C CYS Y 128 35.60 2.34 -8.90
N VAL Y 129 34.96 3.33 -9.50
CA VAL Y 129 33.60 3.66 -9.15
C VAL Y 129 32.73 3.77 -10.38
N GLY Y 130 31.54 3.19 -10.29
CA GLY Y 130 30.62 3.25 -11.41
C GLY Y 130 30.00 1.93 -11.79
N SER Y 131 29.04 1.96 -12.71
CA SER Y 131 28.38 0.74 -13.16
C SER Y 131 29.38 -0.18 -13.86
N GLY Y 132 30.51 0.38 -14.27
CA GLY Y 132 31.50 -0.44 -14.95
C GLY Y 132 32.71 -0.74 -14.12
N GLN Y 133 32.64 -0.42 -12.83
CA GLN Y 133 33.75 -0.63 -11.91
C GLN Y 133 34.37 -2.02 -11.86
N THR Y 134 33.55 -3.06 -11.70
CA THR Y 134 34.10 -4.41 -11.59
C THR Y 134 34.94 -4.81 -12.79
N PHE Y 135 34.62 -4.28 -13.96
CA PHE Y 135 35.39 -4.60 -15.16
C PHE Y 135 36.74 -3.91 -15.09
N ALA Y 136 36.74 -2.64 -14.69
CA ALA Y 136 37.99 -1.90 -14.57
C ALA Y 136 38.90 -2.54 -13.53
N TYR Y 137 38.31 -2.99 -12.43
CA TYR Y 137 39.04 -3.65 -11.35
C TYR Y 137 39.72 -4.93 -11.84
N GLY Y 138 39.02 -5.68 -12.69
CA GLY Y 138 39.58 -6.91 -13.22
C GLY Y 138 40.88 -6.66 -13.95
N VAL Y 139 40.89 -5.62 -14.77
CA VAL Y 139 42.07 -5.26 -15.55
C VAL Y 139 43.17 -4.81 -14.61
N LEU Y 140 42.83 -3.85 -13.76
CA LEU Y 140 43.76 -3.28 -12.80
C LEU Y 140 44.39 -4.29 -11.84
N ASP Y 141 43.54 -5.00 -11.10
CA ASP Y 141 44.02 -5.97 -10.12
C ASP Y 141 45.04 -6.97 -10.64
N SER Y 142 45.10 -7.17 -11.96
CA SER Y 142 46.06 -8.13 -12.49
C SER Y 142 47.28 -7.55 -13.19
N ASN Y 143 47.29 -6.26 -13.47
CA ASN Y 143 48.43 -5.66 -14.13
C ASN Y 143 49.05 -4.58 -13.28
N TYR Y 144 48.43 -4.27 -12.15
CA TYR Y 144 48.98 -3.23 -11.31
C TYR Y 144 50.20 -3.63 -10.50
N LYS Y 145 51.21 -2.77 -10.57
CA LYS Y 145 52.46 -2.94 -9.84
C LYS Y 145 52.89 -1.53 -9.48
N TRP Y 146 53.41 -1.33 -8.28
CA TRP Y 146 53.83 0.00 -7.86
C TRP Y 146 54.93 0.58 -8.75
N ASP Y 147 55.62 -0.29 -9.47
CA ASP Y 147 56.72 0.12 -10.31
C ASP Y 147 56.39 0.50 -11.75
N LEU Y 148 55.11 0.49 -12.12
CA LEU Y 148 54.77 0.85 -13.49
C LEU Y 148 55.42 2.16 -13.86
N SER Y 149 55.73 2.32 -15.14
CA SER Y 149 56.30 3.56 -15.63
C SER Y 149 55.13 4.47 -15.95
N VAL Y 150 55.33 5.78 -15.89
CA VAL Y 150 54.22 6.68 -16.19
C VAL Y 150 53.58 6.34 -17.54
N GLU Y 151 54.39 5.97 -18.53
CA GLU Y 151 53.85 5.62 -19.85
C GLU Y 151 53.02 4.34 -19.77
N ASP Y 152 53.52 3.36 -19.03
CA ASP Y 152 52.83 2.08 -18.86
C ASP Y 152 51.60 2.25 -17.98
N ALA Y 153 51.75 3.00 -16.90
CA ALA Y 153 50.65 3.25 -15.97
C ALA Y 153 49.47 3.90 -16.70
N LEU Y 154 49.78 4.90 -17.52
CA LEU Y 154 48.74 5.57 -18.29
C LEU Y 154 47.97 4.56 -19.12
N TYR Y 155 48.69 3.69 -19.80
CA TYR Y 155 48.03 2.69 -20.64
C TYR Y 155 47.13 1.75 -19.82
N LEU Y 156 47.64 1.23 -18.71
CA LEU Y 156 46.85 0.33 -17.85
C LEU Y 156 45.52 0.99 -17.50
N GLY Y 157 45.58 2.27 -17.12
CA GLY Y 157 44.36 3.00 -16.81
C GLY Y 157 43.47 3.03 -18.04
N LYS Y 158 44.01 3.56 -19.14
CA LYS Y 158 43.27 3.65 -20.38
C LYS Y 158 42.69 2.29 -20.77
N ARG Y 159 43.47 1.24 -20.59
CA ARG Y 159 43.02 -0.10 -20.94
C ARG Y 159 41.86 -0.54 -20.06
N SER Y 160 41.89 -0.13 -18.79
CA SER Y 160 40.82 -0.52 -17.86
C SER Y 160 39.46 0.06 -18.19
N ILE Y 161 39.45 1.26 -18.75
CA ILE Y 161 38.20 1.88 -19.12
C ILE Y 161 37.71 1.15 -20.37
N LEU Y 162 38.63 0.82 -21.28
CA LEU Y 162 38.29 0.08 -22.49
C LEU Y 162 37.52 -1.21 -22.14
N ALA Y 163 37.96 -1.90 -21.09
CA ALA Y 163 37.27 -3.13 -20.67
C ALA Y 163 35.88 -2.80 -20.15
N ALA Y 164 35.77 -1.77 -19.32
CA ALA Y 164 34.46 -1.38 -18.80
C ALA Y 164 33.55 -0.97 -19.96
N ALA Y 165 33.98 0.01 -20.75
CA ALA Y 165 33.19 0.49 -21.88
C ALA Y 165 32.64 -0.63 -22.74
N HIS Y 166 33.47 -1.64 -22.99
CA HIS Y 166 33.06 -2.78 -23.81
C HIS Y 166 31.89 -3.58 -23.26
N ARG Y 167 32.05 -4.08 -22.02
CA ARG Y 167 31.03 -4.88 -21.37
C ARG Y 167 29.84 -4.08 -20.87
N ASP Y 168 30.12 -2.95 -20.20
CA ASP Y 168 29.08 -2.10 -19.65
C ASP Y 168 28.37 -1.22 -20.67
N ALA Y 169 27.05 -1.34 -20.67
CA ALA Y 169 26.21 -0.59 -21.58
C ALA Y 169 26.17 0.88 -21.17
N TYR Y 170 26.46 1.14 -19.91
CA TYR Y 170 26.42 2.50 -19.40
C TYR Y 170 27.76 3.24 -19.41
N SER Y 171 28.80 2.59 -19.89
CA SER Y 171 30.11 3.19 -19.99
C SER Y 171 30.49 3.19 -21.47
N GLY Y 172 31.30 4.17 -21.86
CA GLY Y 172 31.73 4.27 -23.24
C GLY Y 172 31.96 5.71 -23.66
N GLY Y 173 31.97 5.95 -24.97
CA GLY Y 173 32.19 7.27 -25.49
C GLY Y 173 33.67 7.46 -25.77
N SER Y 174 34.37 8.11 -24.85
CA SER Y 174 35.78 8.33 -25.01
C SER Y 174 36.42 8.23 -23.64
N VAL Y 175 37.74 8.06 -23.63
CA VAL Y 175 38.48 7.95 -22.39
C VAL Y 175 39.28 9.24 -22.14
N ASN Y 176 39.33 9.67 -20.88
CA ASN Y 176 40.09 10.86 -20.56
C ASN Y 176 41.10 10.45 -19.52
N LEU Y 177 42.36 10.76 -19.81
CA LEU Y 177 43.50 10.40 -18.95
C LEU Y 177 44.18 11.57 -18.28
N TYR Y 178 44.63 11.34 -17.04
CA TYR Y 178 45.33 12.36 -16.28
C TYR Y 178 46.44 11.72 -15.47
N HIS Y 179 47.52 12.47 -15.30
CA HIS Y 179 48.67 12.02 -14.52
C HIS Y 179 48.85 13.08 -13.45
N VAL Y 180 48.79 12.68 -12.19
CA VAL Y 180 48.95 13.63 -11.12
C VAL Y 180 50.35 13.53 -10.54
N THR Y 181 51.08 14.66 -10.60
CA THR Y 181 52.46 14.74 -10.10
C THR Y 181 52.44 15.74 -8.94
N GLU Y 182 53.56 15.83 -8.21
CA GLU Y 182 53.63 16.76 -7.10
C GLU Y 182 53.51 18.21 -7.58
N ASP Y 183 53.86 18.45 -8.83
CA ASP Y 183 53.79 19.81 -9.39
C ASP Y 183 52.46 20.10 -10.07
N GLY Y 184 51.53 19.17 -9.94
CA GLY Y 184 50.22 19.33 -10.57
C GLY Y 184 49.90 18.14 -11.44
N TRP Y 185 48.77 18.21 -12.13
CA TRP Y 185 48.37 17.12 -13.00
C TRP Y 185 48.63 17.47 -14.45
N ILE Y 186 48.78 16.44 -15.28
CA ILE Y 186 49.02 16.64 -16.69
C ILE Y 186 47.96 15.89 -17.49
N TYR Y 187 47.19 16.62 -18.27
CA TYR Y 187 46.14 15.99 -19.07
C TYR Y 187 46.78 15.17 -20.18
N HIS Y 188 46.36 13.90 -20.30
CA HIS Y 188 46.90 13.03 -21.33
C HIS Y 188 45.89 12.63 -22.38
N GLY Y 189 45.13 13.61 -22.84
CA GLY Y 189 44.18 13.39 -23.91
C GLY Y 189 42.85 12.67 -23.75
N ASN Y 190 42.06 12.79 -24.81
CA ASN Y 190 40.74 12.20 -24.92
C ASN Y 190 40.80 11.12 -25.99
N HIS Y 191 40.52 9.88 -25.59
CA HIS Y 191 40.59 8.76 -26.51
C HIS Y 191 39.26 8.09 -26.81
N ASP Y 192 38.79 8.26 -28.04
CA ASP Y 192 37.53 7.66 -28.47
C ASP Y 192 37.57 6.16 -28.27
N VAL Y 193 36.64 5.63 -27.49
CA VAL Y 193 36.61 4.19 -27.23
C VAL Y 193 36.38 3.45 -28.53
N GLY Y 194 35.63 4.07 -29.43
CA GLY Y 194 35.36 3.45 -30.71
C GLY Y 194 36.64 3.01 -31.37
N GLU Y 195 37.48 3.99 -31.72
CA GLU Y 195 38.75 3.74 -32.39
C GLU Y 195 39.77 3.02 -31.53
N LEU Y 196 39.76 3.30 -30.23
CA LEU Y 196 40.69 2.64 -29.33
C LEU Y 196 40.48 1.13 -29.30
N PHE Y 197 39.22 0.69 -29.31
CA PHE Y 197 38.91 -0.74 -29.27
C PHE Y 197 39.57 -1.54 -30.40
N TRP Y 198 39.33 -1.11 -31.64
CA TRP Y 198 39.90 -1.80 -32.79
C TRP Y 198 41.43 -1.81 -32.74
N LYS Y 199 42.00 -0.64 -32.46
CA LYS Y 199 43.44 -0.50 -32.36
C LYS Y 199 43.92 -1.54 -31.34
N VAL Y 200 43.52 -1.34 -30.08
CA VAL Y 200 43.89 -2.25 -29.00
C VAL Y 200 43.62 -3.71 -29.36
N LYS Y 201 42.55 -3.97 -30.08
CA LYS Y 201 42.24 -5.34 -30.44
C LYS Y 201 43.36 -5.91 -31.30
N GLU Y 202 43.59 -5.31 -32.46
CA GLU Y 202 44.62 -5.77 -33.38
C GLU Y 202 46.00 -5.90 -32.74
N GLU Y 203 46.54 -4.78 -32.29
CA GLU Y 203 47.84 -4.78 -31.66
C GLU Y 203 48.02 -5.81 -30.54
N GLU Y 204 47.07 -5.83 -29.61
CA GLU Y 204 47.11 -6.72 -28.44
C GLU Y 204 46.67 -8.16 -28.69
N GLY Y 205 45.77 -8.37 -29.65
CA GLY Y 205 45.28 -9.71 -29.95
C GLY Y 205 44.07 -10.09 -29.12
N SER Y 206 43.77 -9.25 -28.13
CA SER Y 206 42.64 -9.47 -27.23
C SER Y 206 41.32 -9.14 -27.92
N PHE Y 207 40.22 -9.41 -27.22
CA PHE Y 207 38.88 -9.17 -27.77
C PHE Y 207 38.76 -10.05 -29.00
N ASN Y 208 39.31 -11.25 -28.88
CA ASN Y 208 39.31 -12.19 -29.99
C ASN Y 208 37.92 -12.55 -30.51
N ASN Y 209 37.02 -12.86 -29.59
CA ASN Y 209 35.67 -13.25 -29.96
C ASN Y 209 34.89 -12.21 -30.76
N VAL Y 210 35.29 -10.95 -30.65
CA VAL Y 210 34.61 -9.89 -31.40
C VAL Y 210 35.06 -9.99 -32.86
N ILE Y 211 34.11 -10.03 -33.79
CA ILE Y 211 34.45 -10.12 -35.20
C ILE Y 211 35.00 -8.82 -35.77
N GLY Y 212 36.20 -8.87 -36.31
CA GLY Y 212 36.80 -7.67 -36.87
C GLY Y 212 37.37 -7.88 -38.27
N GLN Z 1 -3.43 13.40 -4.77
CA GLN Z 1 -2.52 14.35 -4.08
C GLN Z 1 -2.13 15.47 -5.06
N PHE Z 2 -1.47 16.52 -4.57
CA PHE Z 2 -1.09 17.60 -5.47
C PHE Z 2 0.27 17.47 -6.11
N ASN Z 3 0.26 17.39 -7.44
CA ASN Z 3 1.49 17.28 -8.20
C ASN Z 3 1.82 18.66 -8.73
N PRO Z 4 2.93 19.25 -8.26
CA PRO Z 4 3.37 20.57 -8.65
C PRO Z 4 3.99 20.63 -10.04
N TYR Z 5 4.15 19.49 -10.69
CA TYR Z 5 4.75 19.47 -12.02
C TYR Z 5 3.82 19.11 -13.17
N GLY Z 6 4.18 19.58 -14.36
CA GLY Z 6 3.41 19.30 -15.55
C GLY Z 6 4.35 19.19 -16.74
N ASP Z 7 3.81 18.82 -17.89
CA ASP Z 7 4.62 18.70 -19.10
C ASP Z 7 3.92 19.44 -20.23
N ASN Z 8 4.60 20.42 -20.82
CA ASN Z 8 4.01 21.20 -21.92
C ASN Z 8 4.61 20.81 -23.25
N GLY Z 9 5.28 19.67 -23.28
CA GLY Z 9 5.87 19.19 -24.51
C GLY Z 9 7.02 20.04 -25.04
N GLY Z 10 7.00 20.28 -26.34
CA GLY Z 10 8.05 21.07 -26.94
C GLY Z 10 9.36 20.36 -27.17
N THR Z 11 10.14 20.88 -28.11
CA THR Z 11 11.43 20.32 -28.46
C THR Z 11 12.33 21.47 -28.94
N ILE Z 12 13.57 21.49 -28.49
CA ILE Z 12 14.49 22.54 -28.89
C ILE Z 12 15.78 21.99 -29.45
N LEU Z 13 16.46 22.81 -30.25
CA LEU Z 13 17.70 22.39 -30.87
C LEU Z 13 18.72 23.52 -30.88
N GLY Z 14 19.95 23.18 -30.52
CA GLY Z 14 21.03 24.16 -30.50
C GLY Z 14 22.23 23.69 -31.29
N ILE Z 15 22.64 24.48 -32.28
CA ILE Z 15 23.77 24.13 -33.11
C ILE Z 15 24.73 25.31 -33.18
N ALA Z 16 26.03 25.03 -33.08
CA ALA Z 16 27.04 26.08 -33.12
C ALA Z 16 27.88 26.07 -34.39
N GLY Z 17 27.92 27.20 -35.08
CA GLY Z 17 28.74 27.31 -36.28
C GLY Z 17 30.09 27.86 -35.87
N GLU Z 18 31.01 28.02 -36.82
CA GLU Z 18 32.33 28.56 -36.50
C GLU Z 18 32.29 30.01 -36.02
N ASP Z 19 31.43 30.83 -36.64
CA ASP Z 19 31.32 32.22 -36.24
C ASP Z 19 29.87 32.62 -35.98
N PHE Z 20 29.03 31.62 -35.68
CA PHE Z 20 27.62 31.87 -35.39
C PHE Z 20 27.08 30.71 -34.57
N ALA Z 21 25.81 30.79 -34.21
CA ALA Z 21 25.14 29.75 -33.43
C ALA Z 21 23.65 29.90 -33.58
N VAL Z 22 22.92 28.80 -33.46
CA VAL Z 22 21.47 28.86 -33.59
C VAL Z 22 20.76 28.07 -32.50
N LEU Z 23 19.61 28.58 -32.06
CA LEU Z 23 18.80 27.91 -31.05
C LEU Z 23 17.38 27.91 -31.61
N ALA Z 24 16.84 26.73 -31.88
CA ALA Z 24 15.50 26.64 -32.42
C ALA Z 24 14.56 25.83 -31.54
N GLY Z 25 13.26 26.02 -31.76
CA GLY Z 25 12.26 25.30 -31.00
C GLY Z 25 10.89 25.41 -31.65
N ASP Z 26 10.11 24.34 -31.62
CA ASP Z 26 8.77 24.39 -32.17
C ASP Z 26 8.00 25.39 -31.34
N THR Z 27 6.89 25.90 -31.86
CA THR Z 27 6.12 26.90 -31.12
C THR Z 27 4.82 26.35 -30.61
N ARG Z 28 4.78 25.04 -30.39
CA ARG Z 28 3.58 24.39 -29.87
C ARG Z 28 3.70 24.13 -28.36
N ASN Z 29 2.63 24.43 -27.64
CA ASN Z 29 2.60 24.23 -26.21
C ASN Z 29 1.41 23.31 -25.98
N ILE Z 30 1.62 22.23 -25.22
CA ILE Z 30 0.54 21.28 -24.98
C ILE Z 30 0.30 20.84 -23.55
N THR Z 31 -0.77 20.07 -23.36
CA THR Z 31 -1.17 19.50 -22.08
C THR Z 31 -1.91 18.22 -22.41
N ASP Z 32 -1.25 17.09 -22.20
CA ASP Z 32 -1.85 15.80 -22.51
C ASP Z 32 -2.09 15.70 -24.00
N TYR Z 33 -3.33 15.52 -24.42
CA TYR Z 33 -3.63 15.42 -25.85
C TYR Z 33 -4.26 16.68 -26.45
N SER Z 34 -4.18 17.79 -25.70
CA SER Z 34 -4.74 19.05 -26.13
C SER Z 34 -3.64 20.03 -26.48
N ILE Z 35 -3.90 20.89 -27.45
CA ILE Z 35 -2.94 21.92 -27.84
C ILE Z 35 -3.35 23.21 -27.15
N ASN Z 36 -2.44 23.81 -26.37
CA ASN Z 36 -2.76 25.05 -25.67
C ASN Z 36 -2.53 26.25 -26.57
N SER Z 37 -1.56 26.13 -27.45
CA SER Z 37 -1.26 27.21 -28.39
C SER Z 37 -0.41 26.69 -29.53
N ARG Z 38 -0.68 27.19 -30.73
CA ARG Z 38 0.08 26.80 -31.90
C ARG Z 38 1.26 27.75 -32.06
N TYR Z 39 1.24 28.84 -31.28
CA TYR Z 39 2.33 29.80 -31.29
C TYR Z 39 2.57 30.41 -29.92
N GLU Z 40 3.53 29.83 -29.20
CA GLU Z 40 3.92 30.31 -27.87
C GLU Z 40 5.45 30.23 -27.84
N PRO Z 41 6.11 31.33 -28.24
CA PRO Z 41 7.58 31.43 -28.28
C PRO Z 41 8.23 30.75 -27.10
N LYS Z 42 9.32 30.04 -27.38
CA LYS Z 42 10.01 29.27 -26.36
C LYS Z 42 11.49 29.61 -26.25
N VAL Z 43 12.05 30.18 -27.30
CA VAL Z 43 13.46 30.56 -27.34
C VAL Z 43 13.49 32.09 -27.18
N PHE Z 44 14.32 32.58 -26.25
CA PHE Z 44 14.39 34.02 -25.98
C PHE Z 44 15.77 34.70 -26.11
N ASP Z 45 15.76 35.96 -26.53
CA ASP Z 45 16.97 36.77 -26.64
C ASP Z 45 17.10 37.44 -25.27
N CYS Z 46 18.15 37.11 -24.53
CA CYS Z 46 18.34 37.66 -23.19
C CYS Z 46 19.32 38.81 -23.11
N GLY Z 47 19.76 39.31 -24.27
CA GLY Z 47 20.71 40.40 -24.29
C GLY Z 47 22.14 39.89 -24.36
N ASP Z 48 23.08 40.83 -24.48
CA ASP Z 48 24.50 40.51 -24.57
C ASP Z 48 24.75 39.34 -25.52
N ASN Z 49 23.95 39.27 -26.58
CA ASN Z 49 24.07 38.22 -27.57
C ASN Z 49 23.96 36.82 -27.01
N ILE Z 50 22.95 36.62 -26.18
CA ILE Z 50 22.71 35.32 -25.58
C ILE Z 50 21.26 34.95 -25.83
N VAL Z 51 21.05 33.75 -26.35
CA VAL Z 51 19.70 33.25 -26.58
C VAL Z 51 19.56 32.07 -25.65
N MET Z 52 18.39 31.94 -25.05
CA MET Z 52 18.12 30.88 -24.09
C MET Z 52 16.77 30.22 -24.24
N SER Z 53 16.66 28.99 -23.75
CA SER Z 53 15.41 28.26 -23.79
C SER Z 53 15.38 27.15 -22.73
N ALA Z 54 14.38 27.19 -21.88
CA ALA Z 54 14.20 26.20 -20.81
C ALA Z 54 12.98 25.38 -21.18
N ASN Z 55 13.17 24.24 -21.82
CA ASN Z 55 12.05 23.43 -22.24
C ASN Z 55 11.59 22.35 -21.25
N GLY Z 56 10.31 22.00 -21.31
CA GLY Z 56 9.74 21.01 -20.42
C GLY Z 56 8.48 21.53 -19.75
N PHE Z 57 8.57 21.84 -18.46
CA PHE Z 57 7.43 22.35 -17.70
C PHE Z 57 7.46 23.88 -17.82
N ALA Z 58 6.58 24.42 -18.65
CA ALA Z 58 6.52 25.86 -18.92
C ALA Z 58 6.55 26.84 -17.75
N ALA Z 59 5.83 26.52 -16.67
CA ALA Z 59 5.83 27.43 -15.52
C ALA Z 59 7.26 27.58 -15.02
N ASP Z 60 7.95 26.46 -14.91
CA ASP Z 60 9.34 26.46 -14.45
C ASP Z 60 10.24 27.09 -15.49
N GLY Z 61 10.07 26.72 -16.75
CA GLY Z 61 10.87 27.28 -17.82
C GLY Z 61 10.77 28.79 -17.92
N ASP Z 62 9.58 29.34 -17.71
CA ASP Z 62 9.42 30.79 -17.77
C ASP Z 62 10.09 31.44 -16.57
N ALA Z 63 9.91 30.81 -15.40
CA ALA Z 63 10.49 31.29 -14.18
C ALA Z 63 12.01 31.43 -14.34
N LEU Z 64 12.64 30.38 -14.84
CA LEU Z 64 14.08 30.39 -15.03
C LEU Z 64 14.54 31.51 -15.99
N VAL Z 65 14.04 31.51 -17.21
CA VAL Z 65 14.43 32.53 -18.18
C VAL Z 65 14.29 33.92 -17.59
N LYS Z 66 13.16 34.16 -16.95
CA LYS Z 66 12.88 35.45 -16.33
C LYS Z 66 13.98 35.76 -15.29
N ARG Z 67 14.27 34.78 -14.45
CA ARG Z 67 15.27 34.92 -13.40
C ARG Z 67 16.67 35.16 -13.96
N PHE Z 68 16.99 34.51 -15.07
CA PHE Z 68 18.30 34.70 -15.68
C PHE Z 68 18.40 36.09 -16.30
N LYS Z 69 17.40 36.49 -17.07
CA LYS Z 69 17.41 37.81 -17.69
C LYS Z 69 17.63 38.87 -16.63
N ASN Z 70 17.05 38.62 -15.45
CA ASN Z 70 17.20 39.56 -14.37
C ASN Z 70 18.63 39.53 -13.88
N SER Z 71 19.25 38.36 -13.95
CA SER Z 71 20.62 38.24 -13.52
C SER Z 71 21.51 39.05 -14.44
N VAL Z 72 21.20 39.04 -15.73
CA VAL Z 72 21.95 39.83 -16.70
C VAL Z 72 21.81 41.30 -16.36
N LYS Z 73 20.58 41.73 -16.08
CA LYS Z 73 20.28 43.12 -15.74
C LYS Z 73 21.16 43.62 -14.59
N TRP Z 74 21.25 42.85 -13.52
CA TRP Z 74 22.07 43.27 -12.38
C TRP Z 74 23.54 43.18 -12.69
N TYR Z 75 23.90 42.29 -13.61
CA TYR Z 75 25.30 42.16 -13.96
C TYR Z 75 25.74 43.48 -14.57
N HIS Z 76 24.86 44.13 -15.31
CA HIS Z 76 25.18 45.41 -15.92
C HIS Z 76 25.28 46.46 -14.80
N PHE Z 77 24.29 46.49 -13.92
CA PHE Z 77 24.33 47.45 -12.82
C PHE Z 77 25.63 47.31 -12.04
N ASP Z 78 25.90 46.11 -11.55
CA ASP Z 78 27.10 45.87 -10.76
C ASP Z 78 28.44 46.01 -11.49
N HIS Z 79 28.51 45.72 -12.78
CA HIS Z 79 29.79 45.79 -13.47
C HIS Z 79 29.84 46.72 -14.66
N ASN Z 80 29.17 47.85 -14.55
CA ASN Z 80 29.20 48.87 -15.61
C ASN Z 80 28.78 48.41 -17.00
N ASP Z 81 27.56 47.89 -17.11
CA ASP Z 81 27.06 47.42 -18.39
C ASP Z 81 28.01 46.48 -19.13
N LYS Z 82 28.92 45.86 -18.38
CA LYS Z 82 29.89 44.93 -18.98
C LYS Z 82 29.14 43.75 -19.59
N LYS Z 83 29.58 43.33 -20.77
CA LYS Z 83 28.95 42.22 -21.46
C LYS Z 83 29.13 40.91 -20.71
N LEU Z 84 28.05 40.15 -20.56
CA LEU Z 84 28.11 38.88 -19.86
C LEU Z 84 28.55 37.82 -20.86
N SER Z 85 29.70 37.21 -20.62
CA SER Z 85 30.20 36.20 -21.54
C SER Z 85 29.35 34.94 -21.46
N ILE Z 86 29.22 34.27 -22.59
CA ILE Z 86 28.42 33.05 -22.66
C ILE Z 86 28.83 32.06 -21.57
N ASN Z 87 30.14 31.89 -21.39
CA ASN Z 87 30.65 30.96 -20.38
C ASN Z 87 30.20 31.38 -18.99
N SER Z 88 30.25 32.69 -18.72
CA SER Z 88 29.84 33.19 -17.42
C SER Z 88 28.34 32.97 -17.22
N ALA Z 89 27.56 33.23 -18.26
CA ALA Z 89 26.13 33.03 -18.19
C ALA Z 89 25.87 31.57 -17.81
N ALA Z 90 26.57 30.67 -18.48
CA ALA Z 90 26.42 29.25 -18.22
C ALA Z 90 26.66 28.89 -16.76
N ARG Z 91 27.73 29.42 -16.18
CA ARG Z 91 28.03 29.13 -14.80
C ARG Z 91 26.96 29.74 -13.90
N ASN Z 92 26.48 30.90 -14.28
CA ASN Z 92 25.46 31.54 -13.47
C ASN Z 92 24.19 30.71 -13.50
N ILE Z 93 23.83 30.25 -14.69
CA ILE Z 93 22.63 29.42 -14.83
C ILE Z 93 22.76 28.16 -13.99
N GLN Z 94 23.98 27.63 -13.88
CA GLN Z 94 24.18 26.43 -13.07
C GLN Z 94 23.77 26.70 -11.63
N HIS Z 95 24.13 27.86 -11.11
CA HIS Z 95 23.79 28.16 -9.75
C HIS Z 95 22.32 28.39 -9.57
N LEU Z 96 21.69 28.99 -10.58
CA LEU Z 96 20.25 29.24 -10.55
C LEU Z 96 19.55 27.89 -10.40
N LEU Z 97 19.94 26.95 -11.25
CA LEU Z 97 19.33 25.63 -11.22
C LEU Z 97 19.64 24.85 -9.95
N TYR Z 98 20.91 24.71 -9.61
CA TYR Z 98 21.29 23.94 -8.43
C TYR Z 98 20.75 24.55 -7.16
N GLY Z 99 20.40 25.83 -7.21
CA GLY Z 99 19.85 26.50 -6.05
C GLY Z 99 18.53 25.86 -5.67
N LYS Z 100 17.90 25.18 -6.61
CA LYS Z 100 16.63 24.51 -6.34
C LYS Z 100 16.82 23.00 -6.50
N ARG Z 101 18.00 22.53 -6.13
CA ARG Z 101 18.38 21.12 -6.23
C ARG Z 101 17.38 20.13 -5.63
N PHE Z 102 16.64 20.56 -4.62
CA PHE Z 102 15.71 19.65 -3.99
C PHE Z 102 14.23 19.90 -4.25
N PHE Z 103 13.98 20.59 -5.36
CA PHE Z 103 12.66 20.96 -5.85
C PHE Z 103 13.06 21.80 -7.06
N PRO Z 104 13.62 21.14 -8.09
CA PRO Z 104 14.12 21.68 -9.36
C PRO Z 104 13.16 22.30 -10.34
N TYR Z 105 13.74 23.01 -11.28
CA TYR Z 105 13.00 23.61 -12.37
C TYR Z 105 12.93 22.43 -13.32
N TYR Z 106 11.75 21.84 -13.48
CA TYR Z 106 11.64 20.69 -14.36
C TYR Z 106 11.79 21.05 -15.83
N VAL Z 107 12.99 21.47 -16.22
CA VAL Z 107 13.24 21.85 -17.59
C VAL Z 107 14.65 21.45 -18.03
N HIS Z 108 14.81 21.32 -19.34
CA HIS Z 108 16.09 21.00 -19.95
C HIS Z 108 16.40 22.31 -20.65
N THR Z 109 17.33 23.08 -20.08
CA THR Z 109 17.65 24.36 -20.67
C THR Z 109 18.92 24.37 -21.53
N ILE Z 110 18.86 25.15 -22.61
CA ILE Z 110 19.96 25.31 -23.56
C ILE Z 110 20.11 26.79 -23.89
N ILE Z 111 21.36 27.26 -23.98
CA ILE Z 111 21.63 28.66 -24.33
C ILE Z 111 22.61 28.66 -25.48
N ALA Z 112 22.62 29.75 -26.24
CA ALA Z 112 23.53 29.85 -27.38
C ALA Z 112 24.09 31.24 -27.51
N GLY Z 113 25.30 31.33 -28.03
CA GLY Z 113 25.93 32.62 -28.22
C GLY Z 113 27.30 32.45 -28.85
N LEU Z 114 28.16 33.43 -28.62
CA LEU Z 114 29.52 33.40 -29.16
C LEU Z 114 30.48 33.47 -27.98
N ASP Z 115 31.54 32.68 -28.01
CA ASP Z 115 32.50 32.71 -26.93
C ASP Z 115 33.32 33.99 -27.05
N GLU Z 116 34.42 34.08 -26.31
CA GLU Z 116 35.23 35.28 -26.36
C GLU Z 116 36.14 35.39 -27.57
N ASP Z 117 36.16 34.35 -28.39
CA ASP Z 117 37.00 34.39 -29.58
C ASP Z 117 36.13 34.51 -30.81
N GLY Z 118 34.84 34.78 -30.58
CA GLY Z 118 33.90 34.95 -31.66
C GLY Z 118 33.37 33.64 -32.22
N LYS Z 119 33.77 32.52 -31.63
CA LYS Z 119 33.32 31.22 -32.11
C LYS Z 119 31.91 30.90 -31.60
N GLY Z 120 31.16 30.13 -32.38
CA GLY Z 120 29.82 29.76 -31.98
C GLY Z 120 29.86 28.83 -30.78
N ALA Z 121 28.88 28.97 -29.89
CA ALA Z 121 28.83 28.15 -28.69
C ALA Z 121 27.42 27.76 -28.27
N VAL Z 122 27.31 26.56 -27.71
CA VAL Z 122 26.04 26.06 -27.23
C VAL Z 122 26.30 25.34 -25.91
N TYR Z 123 25.47 25.64 -24.92
CA TYR Z 123 25.59 25.04 -23.60
C TYR Z 123 24.24 24.41 -23.27
N SER Z 124 24.26 23.19 -22.76
CA SER Z 124 23.02 22.52 -22.40
C SER Z 124 23.10 22.17 -20.93
N PHE Z 125 21.99 22.36 -20.22
CA PHE Z 125 21.93 22.08 -18.80
C PHE Z 125 21.01 20.96 -18.37
N ASP Z 126 21.18 20.61 -17.11
CA ASP Z 126 20.47 19.57 -16.40
C ASP Z 126 19.31 20.22 -15.69
N PRO Z 127 18.34 19.42 -15.22
CA PRO Z 127 17.27 20.11 -14.52
C PRO Z 127 17.87 20.59 -13.21
N VAL Z 128 18.95 19.95 -12.78
CA VAL Z 128 19.61 20.34 -11.53
C VAL Z 128 20.93 21.07 -11.68
N GLY Z 129 21.28 21.46 -12.89
CA GLY Z 129 22.49 22.24 -13.05
C GLY Z 129 23.70 21.72 -13.79
N SER Z 130 23.81 20.42 -13.99
CA SER Z 130 24.97 19.92 -14.71
C SER Z 130 24.98 20.57 -16.09
N TYR Z 131 26.13 21.03 -16.56
CA TYR Z 131 26.19 21.65 -17.88
C TYR Z 131 27.47 21.33 -18.65
N GLU Z 132 27.36 21.33 -19.98
CA GLU Z 132 28.47 21.00 -20.85
C GLU Z 132 28.41 21.88 -22.08
N ARG Z 133 29.55 22.19 -22.69
CA ARG Z 133 29.51 22.98 -23.92
C ARG Z 133 29.44 21.95 -25.03
N GLU Z 134 28.66 22.22 -26.07
CA GLU Z 134 28.53 21.26 -27.16
C GLU Z 134 28.44 21.85 -28.56
N GLN Z 135 28.68 20.99 -29.55
CA GLN Z 135 28.64 21.36 -30.95
C GLN Z 135 27.18 21.62 -31.31
N CYS Z 136 26.35 20.62 -31.07
CA CYS Z 136 24.92 20.71 -31.34
C CYS Z 136 24.24 19.82 -30.32
N ARG Z 137 23.02 20.19 -29.93
CA ARG Z 137 22.30 19.44 -28.93
C ARG Z 137 20.80 19.71 -28.98
N ALA Z 138 20.02 18.64 -28.97
CA ALA Z 138 18.57 18.76 -28.99
C ALA Z 138 18.06 18.49 -27.58
N GLY Z 139 16.96 19.13 -27.23
CA GLY Z 139 16.40 18.93 -25.91
C GLY Z 139 14.89 18.90 -26.02
N GLY Z 140 14.23 18.14 -25.16
CA GLY Z 140 12.78 18.08 -25.22
C GLY Z 140 12.23 16.74 -25.67
N ALA Z 141 10.98 16.76 -26.10
CA ALA Z 141 10.28 15.55 -26.54
C ALA Z 141 10.97 14.72 -27.63
N ALA Z 142 11.08 15.31 -28.81
CA ALA Z 142 11.70 14.62 -29.93
C ALA Z 142 13.23 14.61 -29.91
N ALA Z 143 13.83 14.77 -28.74
CA ALA Z 143 15.29 14.78 -28.64
C ALA Z 143 15.86 13.48 -29.19
N SER Z 144 15.30 12.36 -28.76
CA SER Z 144 15.75 11.05 -29.21
C SER Z 144 15.57 10.85 -30.71
N LEU Z 145 14.74 11.67 -31.34
CA LEU Z 145 14.54 11.56 -32.78
C LEU Z 145 15.51 12.43 -33.55
N ILE Z 146 15.84 13.59 -33.00
CA ILE Z 146 16.76 14.52 -33.66
C ILE Z 146 18.26 14.19 -33.50
N MET Z 147 18.70 13.96 -32.27
CA MET Z 147 20.11 13.69 -32.01
C MET Z 147 20.80 12.70 -32.95
N PRO Z 148 20.28 11.46 -33.05
CA PRO Z 148 20.95 10.51 -33.94
C PRO Z 148 21.22 11.15 -35.30
N PHE Z 149 20.23 11.87 -35.80
CA PHE Z 149 20.34 12.55 -37.09
C PHE Z 149 21.50 13.54 -37.08
N LEU Z 150 21.58 14.34 -36.02
CA LEU Z 150 22.64 15.33 -35.90
C LEU Z 150 24.03 14.71 -35.74
N ASP Z 151 24.11 13.58 -35.04
CA ASP Z 151 25.42 12.93 -34.89
C ASP Z 151 25.94 12.57 -36.27
N ASN Z 152 25.01 12.16 -37.13
CA ASN Z 152 25.32 11.74 -38.48
C ASN Z 152 25.59 12.85 -39.49
N GLN Z 153 24.74 13.87 -39.49
CA GLN Z 153 24.87 14.96 -40.46
C GLN Z 153 25.65 16.20 -40.04
N VAL Z 154 25.95 16.33 -38.75
CA VAL Z 154 26.70 17.50 -38.30
C VAL Z 154 28.11 17.13 -37.87
N ASN Z 155 28.28 15.92 -37.34
CA ASN Z 155 29.59 15.46 -36.88
C ASN Z 155 30.07 14.28 -37.69
N PHE Z 156 29.34 13.99 -38.77
CA PHE Z 156 29.66 12.89 -39.69
C PHE Z 156 29.98 11.55 -39.05
N LYS Z 157 29.28 11.20 -37.98
CA LYS Z 157 29.52 9.92 -37.31
C LYS Z 157 29.16 8.74 -38.23
N ASN Z 158 29.91 7.65 -38.10
CA ASN Z 158 29.70 6.45 -38.89
C ASN Z 158 29.82 6.65 -40.40
N GLN Z 159 30.35 7.81 -40.79
CA GLN Z 159 30.55 8.09 -42.21
C GLN Z 159 32.04 7.98 -42.53
N TYR Z 160 32.36 7.31 -43.62
CA TYR Z 160 33.74 7.13 -44.04
C TYR Z 160 33.96 7.56 -45.48
N GLU Z 161 35.23 7.59 -45.88
CA GLU Z 161 35.60 7.97 -47.23
C GLU Z 161 35.40 6.77 -48.16
N PRO Z 162 34.65 6.96 -49.24
CA PRO Z 162 34.43 5.85 -50.17
C PRO Z 162 35.77 5.29 -50.62
N GLY Z 163 35.80 4.00 -50.93
CA GLY Z 163 37.04 3.39 -51.38
C GLY Z 163 38.22 3.35 -50.43
N THR Z 164 38.12 3.97 -49.26
CA THR Z 164 39.25 3.94 -48.33
C THR Z 164 39.17 2.74 -47.42
N ASN Z 165 38.30 1.80 -47.75
CA ASN Z 165 38.15 0.59 -46.95
C ASN Z 165 37.73 0.96 -45.52
N GLY Z 166 36.84 1.93 -45.40
CA GLY Z 166 36.38 2.36 -44.09
C GLY Z 166 37.53 2.54 -43.11
N LYS Z 167 38.61 3.15 -43.59
CA LYS Z 167 39.77 3.40 -42.77
C LYS Z 167 39.98 4.90 -42.59
N VAL Z 168 39.34 5.68 -43.47
CA VAL Z 168 39.44 7.13 -43.42
C VAL Z 168 38.07 7.75 -43.12
N LYS Z 169 37.91 8.27 -41.89
CA LYS Z 169 36.66 8.89 -41.51
C LYS Z 169 36.45 10.13 -42.36
N LYS Z 170 35.21 10.43 -42.69
CA LYS Z 170 34.91 11.61 -43.49
C LYS Z 170 35.36 12.84 -42.68
N PRO Z 171 36.14 13.73 -43.30
CA PRO Z 171 36.64 14.95 -42.65
C PRO Z 171 35.54 15.83 -42.06
N LEU Z 172 35.85 16.46 -40.94
CA LEU Z 172 34.92 17.33 -40.21
C LEU Z 172 34.72 18.74 -40.77
N LYS Z 173 34.71 18.89 -42.10
CA LYS Z 173 34.50 20.22 -42.69
C LYS Z 173 33.33 20.87 -41.95
N TYR Z 174 33.33 22.19 -41.79
CA TYR Z 174 32.21 22.79 -41.08
C TYR Z 174 31.14 23.53 -41.88
N LEU Z 175 29.94 23.47 -41.34
CA LEU Z 175 28.73 24.03 -41.93
C LEU Z 175 28.56 25.53 -41.84
N SER Z 176 27.84 26.07 -42.82
CA SER Z 176 27.54 27.48 -42.91
C SER Z 176 26.15 27.65 -42.32
N VAL Z 177 25.82 28.85 -41.89
CA VAL Z 177 24.51 29.08 -41.29
C VAL Z 177 23.40 28.54 -42.21
N GLU Z 178 23.57 28.70 -43.51
CA GLU Z 178 22.57 28.23 -44.46
C GLU Z 178 22.40 26.71 -44.40
N GLU Z 179 23.52 26.00 -44.37
CA GLU Z 179 23.50 24.55 -44.32
C GLU Z 179 22.90 24.10 -42.99
N VAL Z 180 23.27 24.79 -41.92
CA VAL Z 180 22.78 24.49 -40.58
C VAL Z 180 21.26 24.67 -40.52
N ILE Z 181 20.77 25.79 -41.05
CA ILE Z 181 19.34 26.05 -41.04
C ILE Z 181 18.55 24.94 -41.75
N LYS Z 182 19.17 24.30 -42.74
CA LYS Z 182 18.50 23.23 -43.47
C LYS Z 182 18.35 22.03 -42.55
N LEU Z 183 19.46 21.60 -41.95
CA LEU Z 183 19.45 20.46 -41.04
C LEU Z 183 18.44 20.70 -39.95
N VAL Z 184 18.32 21.95 -39.52
CA VAL Z 184 17.37 22.27 -38.46
C VAL Z 184 15.95 22.01 -38.93
N ARG Z 185 15.61 22.57 -40.09
CA ARG Z 185 14.26 22.40 -40.62
C ARG Z 185 13.91 20.94 -40.86
N ASP Z 186 14.82 20.21 -41.49
CA ASP Z 186 14.57 18.80 -41.76
C ASP Z 186 14.43 18.05 -40.45
N SER Z 187 15.20 18.45 -39.45
CA SER Z 187 15.13 17.82 -38.14
C SER Z 187 13.73 17.94 -37.58
N PHE Z 188 13.17 19.14 -37.65
CA PHE Z 188 11.84 19.36 -37.13
C PHE Z 188 10.70 18.80 -37.98
N THR Z 189 10.82 18.90 -39.31
CA THR Z 189 9.75 18.37 -40.13
C THR Z 189 9.69 16.86 -39.90
N SER Z 190 10.86 16.25 -39.72
CA SER Z 190 10.90 14.81 -39.47
C SER Z 190 10.27 14.53 -38.11
N ALA Z 191 10.71 15.25 -37.09
CA ALA Z 191 10.17 15.07 -35.75
C ALA Z 191 8.66 15.27 -35.78
N THR Z 192 8.21 16.29 -36.52
CA THR Z 192 6.78 16.61 -36.63
C THR Z 192 5.98 15.42 -37.16
N GLU Z 193 6.62 14.61 -38.01
CA GLU Z 193 5.99 13.42 -38.60
C GLU Z 193 5.75 12.29 -37.61
N ARG Z 194 6.70 12.06 -36.70
CA ARG Z 194 6.59 10.95 -35.78
C ARG Z 194 6.33 11.24 -34.31
N HIS Z 195 6.33 12.52 -33.94
CA HIS Z 195 6.04 12.88 -32.56
C HIS Z 195 4.82 13.79 -32.45
N ILE Z 196 3.80 13.34 -31.72
CA ILE Z 196 2.55 14.08 -31.59
C ILE Z 196 2.64 15.39 -30.84
N GLN Z 197 3.75 15.63 -30.15
CA GLN Z 197 3.88 16.87 -29.42
C GLN Z 197 4.68 17.91 -30.18
N VAL Z 198 5.10 17.56 -31.40
CA VAL Z 198 5.88 18.48 -32.22
C VAL Z 198 5.15 18.89 -33.48
N GLY Z 199 5.03 20.21 -33.70
CA GLY Z 199 4.36 20.72 -34.89
C GLY Z 199 4.01 22.20 -34.80
N ASP Z 200 3.04 22.61 -35.61
CA ASP Z 200 2.56 24.00 -35.64
C ASP Z 200 3.53 25.02 -36.21
N GLY Z 201 4.70 25.15 -35.61
CA GLY Z 201 5.67 26.11 -36.09
C GLY Z 201 7.09 25.94 -35.53
N LEU Z 202 8.06 26.46 -36.27
CA LEU Z 202 9.46 26.38 -35.91
C LEU Z 202 10.06 27.78 -35.88
N GLU Z 203 10.54 28.19 -34.71
CA GLU Z 203 11.15 29.52 -34.57
C GLU Z 203 12.62 29.35 -34.27
N ILE Z 204 13.46 29.94 -35.12
CA ILE Z 204 14.90 29.86 -34.95
C ILE Z 204 15.52 31.23 -34.67
N LEU Z 205 16.48 31.28 -33.75
CA LEU Z 205 17.19 32.51 -33.44
C LEU Z 205 18.64 32.28 -33.84
N ILE Z 206 19.21 33.22 -34.60
CA ILE Z 206 20.60 33.10 -35.05
C ILE Z 206 21.45 34.19 -34.41
N VAL Z 207 22.55 33.77 -33.79
CA VAL Z 207 23.45 34.69 -33.12
C VAL Z 207 24.78 34.84 -33.86
N THR Z 208 25.08 36.07 -34.28
CA THR Z 208 26.32 36.36 -34.98
C THR Z 208 26.90 37.56 -34.25
N LYS Z 209 28.01 38.09 -34.75
CA LYS Z 209 28.60 39.27 -34.10
C LYS Z 209 27.73 40.50 -34.33
N ASP Z 210 26.81 40.42 -35.28
CA ASP Z 210 25.92 41.53 -35.58
C ASP Z 210 24.62 41.50 -34.78
N GLY Z 211 24.53 40.57 -33.83
CA GLY Z 211 23.32 40.50 -33.01
C GLY Z 211 22.50 39.25 -33.22
N VAL Z 212 21.25 39.31 -32.78
CA VAL Z 212 20.33 38.20 -32.88
C VAL Z 212 19.27 38.41 -33.95
N ARG Z 213 19.08 37.39 -34.78
CA ARG Z 213 18.09 37.46 -35.86
C ARG Z 213 17.09 36.30 -35.75
N LYS Z 214 15.84 36.52 -36.16
CA LYS Z 214 14.81 35.48 -36.11
C LYS Z 214 14.37 34.97 -37.47
N GLU Z 215 13.91 33.72 -37.49
CA GLU Z 215 13.38 33.10 -38.69
C GLU Z 215 12.25 32.20 -38.23
N PHE Z 216 11.18 32.13 -39.01
CA PHE Z 216 10.05 31.30 -38.63
C PHE Z 216 9.51 30.47 -39.78
N TYR Z 217 9.19 29.22 -39.49
CA TYR Z 217 8.64 28.32 -40.49
C TYR Z 217 7.48 27.56 -39.89
N GLU Z 218 6.44 27.34 -40.68
CA GLU Z 218 5.28 26.60 -40.21
C GLU Z 218 5.61 25.12 -40.16
N LEU Z 219 4.89 24.39 -39.32
CA LEU Z 219 5.03 22.95 -39.17
C LEU Z 219 3.62 22.37 -39.13
N LYS Z 220 3.44 21.19 -39.72
CA LYS Z 220 2.13 20.53 -39.76
C LYS Z 220 1.35 20.67 -38.45
N ARG Z 221 0.09 21.10 -38.56
CA ARG Z 221 -0.77 21.31 -37.40
C ARG Z 221 -1.60 20.13 -36.90
N ASP Z 222 -1.36 18.92 -37.38
CA ASP Z 222 -2.15 17.78 -36.91
C ASP Z 222 -1.59 17.12 -35.65
N THR AA 1 -1.32 21.58 -0.27
CA THR AA 1 -2.05 20.63 -1.14
C THR AA 1 -3.48 20.57 -0.66
N GLN AA 2 -4.40 20.58 -1.60
CA GLN AA 2 -5.81 20.57 -1.26
C GLN AA 2 -6.55 19.82 -2.35
N GLN AA 3 -7.86 20.00 -2.36
CA GLN AA 3 -8.71 19.39 -3.36
C GLN AA 3 -9.93 20.27 -3.47
N PRO AA 4 -10.33 20.58 -4.70
CA PRO AA 4 -11.50 21.43 -4.94
C PRO AA 4 -12.77 20.85 -4.33
N ILE AA 5 -13.69 21.72 -3.94
CA ILE AA 5 -14.96 21.27 -3.36
C ILE AA 5 -16.11 21.81 -4.22
N VAL AA 6 -16.38 23.10 -4.13
CA VAL AA 6 -17.44 23.72 -4.94
C VAL AA 6 -16.72 24.20 -6.21
N THR AA 7 -17.17 23.75 -7.37
CA THR AA 7 -16.48 24.15 -8.59
C THR AA 7 -17.27 24.70 -9.75
N GLY AA 8 -16.58 25.50 -10.55
CA GLY AA 8 -17.19 26.09 -11.73
C GLY AA 8 -16.53 25.40 -12.90
N THR AA 9 -17.28 25.15 -13.96
CA THR AA 9 -16.73 24.47 -15.12
C THR AA 9 -16.07 25.43 -16.12
N SER AA 10 -16.09 25.06 -17.39
CA SER AA 10 -15.49 25.83 -18.48
C SER AA 10 -15.62 27.34 -18.50
N VAL AA 11 -14.61 27.95 -19.10
CA VAL AA 11 -14.55 29.39 -19.34
C VAL AA 11 -13.98 29.45 -20.75
N ILE AA 12 -14.76 29.94 -21.70
CA ILE AA 12 -14.27 30.03 -23.08
C ILE AA 12 -14.08 31.46 -23.56
N SER AA 13 -13.21 31.63 -24.54
CA SER AA 13 -12.94 32.97 -25.05
C SER AA 13 -12.20 32.96 -26.38
N MET AA 14 -12.25 34.09 -27.07
CA MET AA 14 -11.57 34.26 -28.35
C MET AA 14 -11.46 35.74 -28.60
N LYS AA 15 -10.72 36.10 -29.64
CA LYS AA 15 -10.56 37.50 -29.96
C LYS AA 15 -10.99 37.79 -31.40
N TYR AA 16 -11.69 38.90 -31.60
CA TYR AA 16 -12.12 39.33 -32.93
C TYR AA 16 -11.34 40.58 -33.33
N ASP AA 17 -11.70 41.19 -34.45
CA ASP AA 17 -11.00 42.38 -34.95
C ASP AA 17 -10.80 43.59 -34.03
N ASN AA 18 -11.79 43.89 -33.18
CA ASN AA 18 -11.70 45.06 -32.31
C ASN AA 18 -11.66 44.78 -30.82
N GLY AA 19 -11.71 43.51 -30.45
CA GLY AA 19 -11.68 43.19 -29.03
C GLY AA 19 -11.61 41.71 -28.75
N VAL AA 20 -12.18 41.33 -27.61
CA VAL AA 20 -12.19 39.94 -27.17
C VAL AA 20 -13.54 39.66 -26.50
N ILE AA 21 -13.93 38.39 -26.48
CA ILE AA 21 -15.19 37.99 -25.85
C ILE AA 21 -14.86 36.86 -24.89
N ILE AA 22 -15.57 36.79 -23.77
CA ILE AA 22 -15.32 35.72 -22.80
C ILE AA 22 -16.65 35.34 -22.17
N ALA AA 23 -16.83 34.04 -21.89
CA ALA AA 23 -18.07 33.59 -21.28
C ALA AA 23 -17.87 32.39 -20.34
N ALA AA 24 -18.81 32.23 -19.42
CA ALA AA 24 -18.79 31.14 -18.44
C ALA AA 24 -20.17 31.00 -17.83
N ASP AA 25 -20.67 29.78 -17.69
CA ASP AA 25 -21.99 29.59 -17.11
C ASP AA 25 -22.03 30.01 -15.64
N ASN AA 26 -23.21 30.03 -15.05
CA ASN AA 26 -23.36 30.48 -13.67
C ASN AA 26 -23.54 29.37 -12.65
N LEU AA 27 -22.85 28.26 -12.87
CA LEU AA 27 -22.98 27.12 -11.96
C LEU AA 27 -21.82 26.92 -10.99
N GLY AA 28 -22.19 26.55 -9.77
CA GLY AA 28 -21.22 26.26 -8.73
C GLY AA 28 -21.54 24.86 -8.26
N SER AA 29 -20.93 23.86 -8.90
CA SER AA 29 -21.17 22.45 -8.57
C SER AA 29 -20.51 21.98 -7.30
N TYR AA 30 -21.04 20.90 -6.75
CA TYR AA 30 -20.53 20.27 -5.54
C TYR AA 30 -20.44 18.77 -5.87
N GLY AA 31 -19.49 18.42 -6.73
CA GLY AA 31 -19.38 17.05 -7.14
C GLY AA 31 -20.38 16.93 -8.26
N SER AA 32 -21.29 15.97 -8.17
CA SER AA 32 -22.28 15.81 -9.22
C SER AA 32 -23.55 16.59 -8.86
N LEU AA 33 -23.59 17.16 -7.67
CA LEU AA 33 -24.74 17.96 -7.26
C LEU AA 33 -24.61 19.37 -7.85
N LEU AA 34 -25.56 19.77 -8.68
CA LEU AA 34 -25.52 21.11 -9.28
C LEU AA 34 -26.08 22.05 -8.20
N ARG AA 35 -25.31 22.22 -7.15
CA ARG AA 35 -25.68 23.00 -5.97
C ARG AA 35 -26.03 24.49 -6.06
N PHE AA 36 -25.18 25.32 -6.66
CA PHE AA 36 -25.45 26.76 -6.73
C PHE AA 36 -25.59 27.29 -8.15
N ASN AA 37 -26.65 28.07 -8.38
CA ASN AA 37 -26.92 28.61 -9.71
C ASN AA 37 -26.80 30.11 -9.96
N GLY AA 38 -26.40 30.88 -8.97
CA GLY AA 38 -26.29 32.29 -9.23
C GLY AA 38 -24.84 32.72 -9.13
N VAL AA 39 -23.94 31.85 -9.60
CA VAL AA 39 -22.51 32.13 -9.51
C VAL AA 39 -21.89 32.85 -10.70
N GLU AA 40 -21.46 34.08 -10.49
CA GLU AA 40 -20.85 34.83 -11.58
C GLU AA 40 -19.37 34.53 -11.57
N ARG AA 41 -18.90 33.90 -12.63
CA ARG AA 41 -17.50 33.55 -12.72
C ARG AA 41 -16.72 34.45 -13.67
N LEU AA 42 -17.31 35.60 -14.01
CA LEU AA 42 -16.64 36.59 -14.85
C LEU AA 42 -16.43 37.84 -13.98
N ILE AA 43 -15.15 38.13 -13.71
CA ILE AA 43 -14.81 39.25 -12.87
C ILE AA 43 -14.24 40.40 -13.67
N PRO AA 44 -14.98 41.51 -13.75
CA PRO AA 44 -14.54 42.70 -14.49
C PRO AA 44 -13.60 43.51 -13.61
N VAL AA 45 -12.43 43.83 -14.14
CA VAL AA 45 -11.47 44.64 -13.40
C VAL AA 45 -11.34 45.92 -14.21
N GLY AA 46 -11.92 46.99 -13.69
CA GLY AA 46 -11.91 48.24 -14.41
C GLY AA 46 -12.97 48.08 -15.49
N ASP AA 47 -12.63 48.44 -16.72
CA ASP AA 47 -13.57 48.31 -17.82
C ASP AA 47 -12.78 48.15 -19.10
N ASN AA 48 -11.72 47.35 -19.02
CA ASN AA 48 -10.86 47.06 -20.15
C ASN AA 48 -10.30 45.65 -19.90
N THR AA 49 -10.75 45.06 -18.80
CA THR AA 49 -10.30 43.74 -18.39
C THR AA 49 -11.42 42.95 -17.71
N VAL AA 50 -11.55 41.68 -18.09
CA VAL AA 50 -12.52 40.77 -17.50
C VAL AA 50 -11.80 39.47 -17.24
N VAL AA 51 -11.82 39.02 -15.98
CA VAL AA 51 -11.14 37.80 -15.59
C VAL AA 51 -12.15 36.70 -15.37
N GLY AA 52 -12.02 35.63 -16.16
CA GLY AA 52 -12.93 34.50 -16.06
C GLY AA 52 -12.25 33.36 -15.32
N ILE AA 53 -12.88 32.90 -14.26
CA ILE AA 53 -12.29 31.87 -13.44
C ILE AA 53 -13.07 30.57 -13.37
N SER AA 54 -12.35 29.44 -13.44
CA SER AA 54 -12.97 28.13 -13.32
C SER AA 54 -12.18 27.39 -12.23
N GLY AA 55 -12.77 26.36 -11.65
CA GLY AA 55 -12.07 25.63 -10.61
C GLY AA 55 -12.72 25.81 -9.25
N ASP AA 56 -11.93 25.71 -8.19
CA ASP AA 56 -12.48 25.86 -6.86
C ASP AA 56 -13.09 27.23 -6.64
N ILE AA 57 -14.37 27.27 -6.26
CA ILE AA 57 -15.08 28.52 -6.04
C ILE AA 57 -14.58 29.33 -4.84
N SER AA 58 -14.30 28.67 -3.71
CA SER AA 58 -13.83 29.40 -2.53
C SER AA 58 -12.54 30.13 -2.90
N ASP AA 59 -11.69 29.45 -3.68
CA ASP AA 59 -10.44 30.05 -4.13
C ASP AA 59 -10.76 31.18 -5.10
N MET AA 60 -11.77 30.98 -5.94
CA MET AA 60 -12.17 32.01 -6.89
C MET AA 60 -12.59 33.26 -6.11
N GLN AA 61 -13.47 33.08 -5.11
CA GLN AA 61 -13.93 34.19 -4.31
C GLN AA 61 -12.74 34.94 -3.73
N HIS AA 62 -11.71 34.20 -3.36
CA HIS AA 62 -10.48 34.78 -2.81
C HIS AA 62 -9.76 35.64 -3.85
N ILE AA 63 -9.65 35.12 -5.08
CA ILE AA 63 -8.97 35.83 -6.16
C ILE AA 63 -9.75 37.08 -6.55
N GLU AA 64 -11.05 37.05 -6.30
CA GLU AA 64 -11.91 38.18 -6.61
C GLU AA 64 -11.58 39.31 -5.65
N ARG AA 65 -11.49 38.99 -4.37
CA ARG AA 65 -11.17 39.99 -3.35
C ARG AA 65 -9.79 40.54 -3.64
N LEU AA 66 -8.90 39.69 -4.15
CA LEU AA 66 -7.55 40.10 -4.49
C LEU AA 66 -7.58 41.15 -5.59
N LEU AA 67 -8.45 40.94 -6.57
CA LEU AA 67 -8.57 41.85 -7.70
C LEU AA 67 -9.15 43.17 -7.25
N LYS AA 68 -10.18 43.14 -6.41
CA LYS AA 68 -10.76 44.38 -5.94
C LYS AA 68 -9.73 45.18 -5.15
N ASP AA 69 -8.92 44.49 -4.36
CA ASP AA 69 -7.88 45.16 -3.57
C ASP AA 69 -6.88 45.81 -4.52
N LEU AA 70 -6.57 45.12 -5.61
CA LEU AA 70 -5.61 45.64 -6.58
C LEU AA 70 -6.09 46.99 -7.09
N VAL AA 71 -7.37 47.09 -7.39
CA VAL AA 71 -7.96 48.32 -7.89
C VAL AA 71 -7.86 49.44 -6.85
N THR AA 72 -8.26 49.15 -5.62
CA THR AA 72 -8.19 50.12 -4.53
C THR AA 72 -6.77 50.65 -4.43
N GLU AA 73 -5.80 49.73 -4.44
CA GLU AA 73 -4.38 50.04 -4.33
C GLU AA 73 -3.89 50.99 -5.40
N ASN AA 74 -4.10 50.60 -6.66
CA ASN AA 74 -3.66 51.41 -7.78
C ASN AA 74 -4.17 52.83 -7.68
N ALA AA 75 -5.23 53.01 -6.90
CA ALA AA 75 -5.82 54.33 -6.73
C ALA AA 75 -5.03 55.20 -5.76
N TYR AA 76 -4.46 54.60 -4.72
CA TYR AA 76 -3.69 55.37 -3.74
C TYR AA 76 -2.60 56.24 -4.36
N ASP AA 77 -2.56 57.51 -3.96
CA ASP AA 77 -1.56 58.45 -4.46
C ASP AA 77 -1.39 58.41 -5.98
N ASN AA 78 -2.46 58.07 -6.69
CA ASN AA 78 -2.43 57.98 -8.16
C ASN AA 78 -3.41 58.95 -8.80
N PRO AA 79 -2.94 60.17 -9.14
CA PRO AA 79 -3.80 61.18 -9.77
C PRO AA 79 -4.28 60.79 -11.18
N LEU AA 80 -3.66 59.76 -11.75
CA LEU AA 80 -4.04 59.30 -13.08
C LEU AA 80 -4.60 57.89 -13.02
N ALA AA 81 -5.26 57.58 -11.91
CA ALA AA 81 -5.83 56.24 -11.68
C ALA AA 81 -6.80 55.81 -12.75
N ASP AA 82 -7.51 56.76 -13.34
CA ASP AA 82 -8.46 56.48 -14.40
C ASP AA 82 -8.01 57.10 -15.70
N ALA AA 83 -6.69 57.07 -15.93
CA ALA AA 83 -6.13 57.63 -17.15
C ALA AA 83 -4.86 56.84 -17.49
N GLU AA 84 -3.75 57.54 -17.63
CA GLU AA 84 -2.49 56.89 -17.98
C GLU AA 84 -2.03 55.82 -17.00
N GLU AA 85 -2.40 55.94 -15.73
CA GLU AA 85 -1.97 54.95 -14.75
C GLU AA 85 -3.09 54.06 -14.19
N ALA AA 86 -3.99 53.63 -15.08
CA ALA AA 86 -5.09 52.75 -14.70
C ALA AA 86 -4.63 51.34 -15.00
N LEU AA 87 -5.19 50.37 -14.27
CA LEU AA 87 -4.81 48.98 -14.47
C LEU AA 87 -4.98 48.50 -15.91
N GLU AA 88 -3.93 47.93 -16.46
CA GLU AA 88 -3.94 47.38 -17.80
C GLU AA 88 -4.22 45.89 -17.70
N PRO AA 89 -4.84 45.29 -18.72
CA PRO AA 89 -5.09 43.86 -18.57
C PRO AA 89 -3.77 43.12 -18.30
N SER AA 90 -2.72 43.48 -19.04
CA SER AA 90 -1.42 42.84 -18.87
C SER AA 90 -0.87 42.89 -17.44
N TYR AA 91 -1.17 43.95 -16.70
CA TYR AA 91 -0.69 44.02 -15.32
C TYR AA 91 -1.47 43.00 -14.49
N ILE AA 92 -2.80 43.08 -14.56
CA ILE AA 92 -3.68 42.17 -13.83
C ILE AA 92 -3.28 40.71 -14.05
N PHE AA 93 -2.98 40.35 -15.30
CA PHE AA 93 -2.58 38.98 -15.56
C PHE AA 93 -1.24 38.66 -14.91
N GLU AA 94 -0.23 39.48 -15.21
CA GLU AA 94 1.08 39.27 -14.64
C GLU AA 94 1.02 39.10 -13.12
N TYR AA 95 0.14 39.85 -12.46
CA TYR AA 95 -0.01 39.77 -11.01
C TYR AA 95 -0.54 38.39 -10.66
N LEU AA 96 -1.69 38.03 -11.24
CA LEU AA 96 -2.31 36.74 -11.00
C LEU AA 96 -1.35 35.60 -11.31
N ALA AA 97 -0.67 35.69 -12.44
CA ALA AA 97 0.30 34.66 -12.84
C ALA AA 97 1.32 34.51 -11.73
N THR AA 98 1.84 35.64 -11.26
CA THR AA 98 2.81 35.62 -10.20
C THR AA 98 2.23 34.91 -8.99
N VAL AA 99 1.06 35.35 -8.54
CA VAL AA 99 0.45 34.73 -7.38
C VAL AA 99 0.23 33.23 -7.59
N MET AA 100 -0.33 32.87 -8.74
CA MET AA 100 -0.59 31.46 -8.99
C MET AA 100 0.65 30.57 -8.87
N TYR AA 101 1.74 30.97 -9.52
CA TYR AA 101 2.97 30.18 -9.48
C TYR AA 101 3.58 30.09 -8.09
N GLN AA 102 3.54 31.20 -7.35
CA GLN AA 102 4.08 31.19 -6.01
C GLN AA 102 3.31 30.17 -5.18
N ARG AA 103 1.99 30.23 -5.27
CA ARG AA 103 1.15 29.32 -4.52
C ARG AA 103 1.41 27.84 -4.83
N ARG AA 104 1.64 27.49 -6.10
CA ARG AA 104 1.90 26.09 -6.41
C ARG AA 104 3.29 25.74 -5.87
N SER AA 105 4.17 26.73 -5.88
CA SER AA 105 5.52 26.54 -5.42
C SER AA 105 5.57 26.34 -3.91
N LYS AA 106 4.52 26.77 -3.22
CA LYS AA 106 4.50 26.60 -1.78
C LYS AA 106 3.68 25.36 -1.47
N MET AA 107 3.33 24.63 -2.52
CA MET AA 107 2.56 23.42 -2.38
C MET AA 107 1.19 23.71 -1.76
N ASN AA 108 0.61 24.84 -2.12
CA ASN AA 108 -0.71 25.22 -1.65
C ASN AA 108 -1.28 26.08 -2.77
N PRO AA 109 -1.73 25.44 -3.86
CA PRO AA 109 -2.26 26.16 -5.00
C PRO AA 109 -3.68 26.69 -4.84
N LEU AA 110 -4.01 27.63 -5.72
CA LEU AA 110 -5.34 28.19 -5.80
C LEU AA 110 -5.86 27.29 -6.92
N TRP AA 111 -6.71 26.35 -6.56
CA TRP AA 111 -7.21 25.38 -7.51
C TRP AA 111 -8.09 25.96 -8.62
N ASN AA 112 -7.46 26.71 -9.53
CA ASN AA 112 -8.19 27.34 -10.62
C ASN AA 112 -7.50 27.36 -11.97
N ALA AA 113 -8.30 27.65 -12.99
CA ALA AA 113 -7.83 27.82 -14.36
C ALA AA 113 -8.40 29.21 -14.59
N ILE AA 114 -7.54 30.13 -15.01
CA ILE AA 114 -7.96 31.50 -15.20
C ILE AA 114 -7.64 32.06 -16.58
N ILE AA 115 -8.59 32.81 -17.12
CA ILE AA 115 -8.35 33.47 -18.41
C ILE AA 115 -8.57 34.97 -18.22
N VAL AA 116 -7.59 35.76 -18.65
CA VAL AA 116 -7.70 37.20 -18.55
C VAL AA 116 -7.92 37.72 -19.96
N ALA AA 117 -9.03 38.44 -20.15
CA ALA AA 117 -9.36 38.97 -21.46
C ALA AA 117 -9.52 40.47 -21.36
N GLY AA 118 -9.06 41.18 -22.38
CA GLY AA 118 -9.20 42.62 -22.36
C GLY AA 118 -8.55 43.36 -23.52
N VAL AA 119 -8.51 44.69 -23.37
CA VAL AA 119 -7.94 45.58 -24.37
C VAL AA 119 -6.92 46.53 -23.76
N GLN AA 120 -5.68 46.40 -24.20
CA GLN AA 120 -4.60 47.25 -23.72
C GLN AA 120 -4.88 48.69 -24.14
N SER AA 121 -4.32 49.64 -23.42
CA SER AA 121 -4.52 51.06 -23.72
C SER AA 121 -4.21 51.40 -25.17
N ASN AA 122 -3.23 50.73 -25.77
CA ASN AA 122 -2.88 51.02 -27.14
C ASN AA 122 -3.83 50.33 -28.13
N GLY AA 123 -4.95 49.82 -27.64
CA GLY AA 123 -5.90 49.16 -28.53
C GLY AA 123 -5.74 47.67 -28.71
N ASP AA 124 -4.52 47.17 -28.50
CA ASP AA 124 -4.22 45.75 -28.64
C ASP AA 124 -5.16 44.87 -27.83
N GLN AA 125 -5.42 43.67 -28.32
CA GLN AA 125 -6.28 42.74 -27.61
C GLN AA 125 -5.40 41.90 -26.69
N PHE AA 126 -5.87 41.68 -25.47
CA PHE AA 126 -5.13 40.86 -24.53
C PHE AA 126 -5.91 39.59 -24.20
N LEU AA 127 -5.23 38.46 -24.25
CA LEU AA 127 -5.84 37.20 -23.94
C LEU AA 127 -4.77 36.19 -23.53
N ARG AA 128 -4.72 35.87 -22.24
CA ARG AA 128 -3.75 34.91 -21.77
C ARG AA 128 -4.36 34.05 -20.66
N TYR AA 129 -3.84 32.84 -20.51
CA TYR AA 129 -4.33 31.87 -19.54
C TYR AA 129 -3.29 31.50 -18.49
N VAL AA 130 -3.77 31.14 -17.28
CA VAL AA 130 -2.88 30.72 -16.22
C VAL AA 130 -3.68 29.75 -15.34
N ASN AA 131 -3.02 28.71 -14.83
CA ASN AA 131 -3.72 27.74 -13.99
C ASN AA 131 -3.01 27.47 -12.67
N LEU AA 132 -3.62 26.62 -11.84
CA LEU AA 132 -3.10 26.28 -10.52
C LEU AA 132 -1.62 25.89 -10.47
N LEU AA 133 -1.04 25.51 -11.59
CA LEU AA 133 0.37 25.14 -11.62
C LEU AA 133 1.24 26.33 -11.97
N GLY AA 134 0.60 27.41 -12.43
CA GLY AA 134 1.35 28.60 -12.81
C GLY AA 134 1.68 28.63 -14.30
N VAL AA 135 1.13 27.68 -15.03
CA VAL AA 135 1.38 27.60 -16.46
C VAL AA 135 0.62 28.71 -17.20
N THR AA 136 1.25 29.25 -18.24
CA THR AA 136 0.63 30.31 -19.04
C THR AA 136 0.89 30.19 -20.53
N TYR AA 137 -0.05 30.70 -21.32
CA TYR AA 137 0.06 30.68 -22.77
C TYR AA 137 -1.03 31.55 -23.39
N SER AA 138 -0.83 31.90 -24.66
CA SER AA 138 -1.79 32.70 -25.40
C SER AA 138 -2.10 32.04 -26.73
N SER AA 139 -3.28 32.36 -27.26
CA SER AA 139 -3.75 31.83 -28.54
C SER AA 139 -4.99 32.64 -28.91
N PRO AA 140 -5.34 32.68 -30.22
CA PRO AA 140 -6.52 33.43 -30.68
C PRO AA 140 -7.77 33.01 -29.91
N THR AA 141 -7.76 31.78 -29.41
CA THR AA 141 -8.87 31.26 -28.60
C THR AA 141 -8.30 30.57 -27.37
N LEU AA 142 -9.04 30.64 -26.27
CA LEU AA 142 -8.60 30.03 -25.02
C LEU AA 142 -9.81 29.52 -24.25
N ALA AA 143 -9.69 28.31 -23.73
CA ALA AA 143 -10.76 27.72 -22.94
C ALA AA 143 -10.18 26.85 -21.83
N THR AA 144 -10.89 26.77 -20.70
CA THR AA 144 -10.46 25.95 -19.58
C THR AA 144 -11.30 24.69 -19.49
N GLY AA 145 -10.70 23.63 -18.95
CA GLY AA 145 -11.43 22.38 -18.80
C GLY AA 145 -12.10 21.88 -20.05
N PHE AA 146 -13.36 21.49 -19.91
CA PHE AA 146 -14.15 20.97 -21.02
C PHE AA 146 -14.12 21.88 -22.24
N GLY AA 147 -14.05 23.18 -22.00
CA GLY AA 147 -14.02 24.13 -23.08
C GLY AA 147 -12.84 23.88 -23.99
N ALA AA 148 -11.69 23.54 -23.40
CA ALA AA 148 -10.50 23.30 -24.19
C ALA AA 148 -10.71 22.17 -25.17
N HIS AA 149 -11.51 21.18 -24.79
CA HIS AA 149 -11.73 20.04 -25.68
C HIS AA 149 -12.80 20.25 -26.73
N MET AA 150 -13.93 20.83 -26.36
CA MET AA 150 -15.02 21.03 -27.31
C MET AA 150 -15.15 22.44 -27.86
N ALA AA 151 -14.98 23.45 -27.01
CA ALA AA 151 -15.10 24.82 -27.45
C ALA AA 151 -14.00 25.23 -28.43
N ASN AA 152 -12.75 24.95 -28.09
CA ASN AA 152 -11.65 25.34 -28.98
C ASN AA 152 -11.76 24.88 -30.42
N PRO AA 153 -12.05 23.59 -30.65
CA PRO AA 153 -12.16 23.08 -32.01
C PRO AA 153 -13.13 23.90 -32.87
N LEU AA 154 -14.20 24.39 -32.25
CA LEU AA 154 -15.19 25.20 -32.95
C LEU AA 154 -14.62 26.61 -33.15
N LEU AA 155 -14.29 27.27 -32.06
CA LEU AA 155 -13.76 28.63 -32.12
C LEU AA 155 -12.57 28.79 -33.06
N ARG AA 156 -11.74 27.76 -33.16
CA ARG AA 156 -10.57 27.82 -34.02
C ARG AA 156 -10.92 27.78 -35.49
N LYS AA 157 -12.14 27.35 -35.81
CA LYS AA 157 -12.56 27.32 -37.20
C LYS AA 157 -12.87 28.74 -37.66
N VAL AA 158 -13.11 29.62 -36.70
CA VAL AA 158 -13.40 31.02 -36.99
C VAL AA 158 -12.10 31.82 -37.04
N VAL AA 159 -11.22 31.60 -36.07
CA VAL AA 159 -9.92 32.28 -36.03
C VAL AA 159 -8.84 31.19 -35.90
N ASP AA 160 -8.54 30.54 -37.01
CA ASP AA 160 -7.56 29.47 -37.05
C ASP AA 160 -6.17 30.01 -36.81
N ARG AA 161 -5.80 31.07 -37.55
CA ARG AA 161 -4.49 31.66 -37.34
C ARG AA 161 -4.62 33.17 -37.09
N GLU AA 162 -3.50 33.81 -36.76
CA GLU AA 162 -3.49 35.23 -36.45
C GLU AA 162 -4.18 36.12 -37.49
N SER AA 163 -3.89 35.90 -38.77
CA SER AA 163 -4.47 36.70 -39.86
C SER AA 163 -5.99 36.67 -39.94
N ASP AA 164 -6.64 35.86 -39.11
CA ASP AA 164 -8.10 35.75 -39.11
C ASP AA 164 -8.79 36.74 -38.18
N ILE AA 165 -8.05 37.25 -37.19
CA ILE AA 165 -8.64 38.17 -36.23
C ILE AA 165 -9.28 39.39 -36.89
N PRO AA 166 -8.51 40.11 -37.72
CA PRO AA 166 -9.05 41.30 -38.39
C PRO AA 166 -10.28 41.01 -39.27
N LYS AA 167 -10.40 39.78 -39.74
CA LYS AA 167 -11.52 39.38 -40.58
C LYS AA 167 -12.76 38.98 -39.79
N THR AA 168 -12.59 38.74 -38.49
CA THR AA 168 -13.70 38.33 -37.65
C THR AA 168 -14.36 39.53 -37.00
N THR AA 169 -15.68 39.59 -37.04
CA THR AA 169 -16.41 40.69 -36.45
C THR AA 169 -17.03 40.27 -35.13
N VAL AA 170 -17.43 41.24 -34.33
CA VAL AA 170 -18.05 40.97 -33.04
C VAL AA 170 -19.22 40.01 -33.19
N GLN AA 171 -19.97 40.15 -34.26
CA GLN AA 171 -21.15 39.32 -34.50
C GLN AA 171 -20.76 37.88 -34.70
N VAL AA 172 -19.86 37.65 -35.65
CA VAL AA 172 -19.37 36.30 -35.93
C VAL AA 172 -18.81 35.69 -34.64
N ALA AA 173 -17.92 36.43 -33.98
CA ALA AA 173 -17.31 35.98 -32.74
C ALA AA 173 -18.36 35.66 -31.67
N GLU AA 174 -19.21 36.62 -31.30
CA GLU AA 174 -20.20 36.36 -30.26
C GLU AA 174 -21.09 35.18 -30.61
N GLU AA 175 -21.28 34.95 -31.89
CA GLU AA 175 -22.12 33.87 -32.36
C GLU AA 175 -21.40 32.55 -32.09
N ALA AA 176 -20.15 32.49 -32.50
CA ALA AA 176 -19.33 31.30 -32.29
C ALA AA 176 -19.37 30.91 -30.81
N ILE AA 177 -19.06 31.88 -29.98
CA ILE AA 177 -19.05 31.64 -28.55
C ILE AA 177 -20.40 31.20 -28.01
N VAL AA 178 -21.48 31.82 -28.45
CA VAL AA 178 -22.79 31.43 -27.95
C VAL AA 178 -23.13 30.01 -28.38
N ASN AA 179 -22.60 29.59 -29.51
CA ASN AA 179 -22.88 28.24 -29.99
C ASN AA 179 -22.08 27.22 -29.18
N ALA AA 180 -20.85 27.60 -28.83
CA ALA AA 180 -19.98 26.74 -28.05
C ALA AA 180 -20.64 26.49 -26.71
N MET AA 181 -21.14 27.55 -26.10
CA MET AA 181 -21.80 27.40 -24.81
C MET AA 181 -22.89 26.36 -24.89
N ARG AA 182 -23.59 26.32 -26.02
CA ARG AA 182 -24.67 25.36 -26.20
C ARG AA 182 -24.11 23.94 -26.30
N VAL AA 183 -23.10 23.76 -27.15
CA VAL AA 183 -22.48 22.44 -27.31
C VAL AA 183 -21.97 21.92 -25.98
N LEU AA 184 -21.39 22.81 -25.17
CA LEU AA 184 -20.91 22.43 -23.86
C LEU AA 184 -22.08 22.02 -22.97
N TYR AA 185 -23.24 22.66 -23.15
CA TYR AA 185 -24.41 22.35 -22.36
C TYR AA 185 -24.96 20.98 -22.72
N TYR AA 186 -24.65 20.53 -23.93
CA TYR AA 186 -25.11 19.22 -24.41
C TYR AA 186 -24.29 18.08 -23.86
N ARG AA 187 -22.96 18.24 -23.80
CA ARG AA 187 -22.11 17.15 -23.34
C ARG AA 187 -21.38 17.29 -22.01
N ASP AA 188 -21.36 18.47 -21.39
CA ASP AA 188 -20.68 18.61 -20.09
C ASP AA 188 -21.73 18.41 -18.99
N ALA AA 189 -21.57 17.34 -18.23
CA ALA AA 189 -22.51 17.00 -17.17
C ALA AA 189 -22.42 17.91 -15.95
N ARG AA 190 -21.57 18.92 -16.04
CA ARG AA 190 -21.38 19.87 -14.95
C ARG AA 190 -21.66 21.29 -15.43
N SER AA 191 -22.53 21.40 -16.43
CA SER AA 191 -22.86 22.70 -16.99
C SER AA 191 -24.29 23.14 -16.67
N SER AA 192 -24.49 24.45 -16.81
CA SER AA 192 -25.77 25.11 -16.57
C SER AA 192 -26.23 25.75 -17.88
N ARG AA 193 -27.54 25.94 -18.00
CA ARG AA 193 -28.12 26.54 -19.20
C ARG AA 193 -27.91 28.05 -19.18
N ASN AA 194 -27.76 28.60 -17.98
CA ASN AA 194 -27.55 30.02 -17.81
C ASN AA 194 -26.09 30.38 -17.72
N PHE AA 195 -25.71 31.44 -18.42
CA PHE AA 195 -24.34 31.86 -18.40
C PHE AA 195 -24.20 33.37 -18.54
N SER AA 196 -22.95 33.82 -18.58
CA SER AA 196 -22.64 35.23 -18.73
C SER AA 196 -21.64 35.37 -19.87
N LEU AA 197 -21.77 36.46 -20.62
CA LEU AA 197 -20.87 36.70 -21.74
C LEU AA 197 -20.49 38.16 -21.67
N ALA AA 198 -19.23 38.45 -21.93
CA ALA AA 198 -18.76 39.83 -21.89
C ALA AA 198 -17.90 40.17 -23.11
N ILE AA 199 -18.09 41.35 -23.67
CA ILE AA 199 -17.29 41.78 -24.80
C ILE AA 199 -16.47 42.96 -24.33
N ILE AA 200 -15.23 43.02 -24.80
CA ILE AA 200 -14.34 44.11 -24.47
C ILE AA 200 -13.79 44.60 -25.80
N ASP AA 201 -14.43 45.65 -26.30
CA ASP AA 201 -14.11 46.24 -27.60
C ASP AA 201 -13.31 47.51 -27.43
N LYS AA 202 -12.33 47.74 -28.30
CA LYS AA 202 -11.51 48.94 -28.22
C LYS AA 202 -12.29 50.22 -28.56
N ASN AA 203 -13.55 50.08 -28.97
CA ASN AA 203 -14.37 51.24 -29.30
C ASN AA 203 -15.59 51.31 -28.42
N THR AA 204 -16.35 50.22 -28.37
CA THR AA 204 -17.57 50.19 -27.56
C THR AA 204 -17.34 49.97 -26.07
N GLY AA 205 -16.12 49.62 -25.70
CA GLY AA 205 -15.82 49.39 -24.30
C GLY AA 205 -16.18 48.00 -23.79
N LEU AA 206 -16.68 47.94 -22.57
CA LEU AA 206 -17.04 46.68 -21.96
C LEU AA 206 -18.55 46.48 -21.86
N THR AA 207 -19.03 45.46 -22.54
CA THR AA 207 -20.45 45.13 -22.51
C THR AA 207 -20.52 43.82 -21.73
N PHE AA 208 -21.21 43.85 -20.60
CA PHE AA 208 -21.32 42.66 -19.77
C PHE AA 208 -22.74 42.12 -19.77
N LYS AA 209 -22.95 41.00 -20.47
CA LYS AA 209 -24.27 40.39 -20.57
C LYS AA 209 -24.49 39.28 -19.55
N LYS AA 210 -25.43 39.49 -18.64
CA LYS AA 210 -25.77 38.52 -17.62
C LYS AA 210 -27.09 37.82 -17.95
N ASN AA 211 -27.27 36.64 -17.38
CA ASN AA 211 -28.49 35.86 -17.57
C ASN AA 211 -28.85 35.32 -18.94
N LEU AA 212 -27.85 35.16 -19.81
CA LEU AA 212 -28.12 34.61 -21.12
C LEU AA 212 -28.57 33.18 -20.88
N GLN AA 213 -29.16 32.56 -21.89
CA GLN AA 213 -29.62 31.19 -21.77
C GLN AA 213 -29.42 30.44 -23.06
N VAL AA 214 -29.10 29.16 -22.96
CA VAL AA 214 -28.90 28.36 -24.16
C VAL AA 214 -30.25 28.19 -24.84
N GLU AA 215 -30.33 28.65 -26.09
CA GLU AA 215 -31.57 28.56 -26.86
C GLU AA 215 -31.34 27.80 -28.15
N ASN AA 216 -32.45 27.47 -28.83
CA ASN AA 216 -32.40 26.78 -30.10
C ASN AA 216 -31.71 25.43 -30.05
N MET AA 217 -32.07 24.63 -29.05
CA MET AA 217 -31.49 23.31 -28.90
C MET AA 217 -32.27 22.31 -29.75
N LYS AA 218 -31.59 21.25 -30.16
CA LYS AA 218 -32.23 20.21 -30.94
C LYS AA 218 -32.44 18.97 -30.07
N TRP AA 219 -33.70 18.63 -29.83
CA TRP AA 219 -34.05 17.47 -29.02
C TRP AA 219 -35.08 16.58 -29.68
N ASP AA 220 -35.75 17.09 -30.71
CA ASP AA 220 -36.80 16.34 -31.38
C ASP AA 220 -36.44 14.93 -31.81
N PHE AA 221 -35.28 14.75 -32.46
CA PHE AA 221 -34.86 13.43 -32.92
C PHE AA 221 -34.88 12.39 -31.80
N ALA AA 222 -34.72 12.85 -30.57
CA ALA AA 222 -34.72 11.96 -29.42
C ALA AA 222 -35.93 11.03 -29.36
N LYS AA 223 -37.06 11.46 -29.94
CA LYS AA 223 -38.28 10.66 -29.91
C LYS AA 223 -38.22 9.43 -30.81
N ASP AA 224 -37.28 9.44 -31.75
CA ASP AA 224 -37.13 8.33 -32.69
C ASP AA 224 -36.11 7.31 -32.21
N ILE AA 225 -35.50 7.57 -31.06
CA ILE AA 225 -34.52 6.65 -30.51
C ILE AA 225 -35.17 5.71 -29.50
N LYS AA 226 -35.21 4.43 -29.81
CA LYS AA 226 -35.76 3.48 -28.84
C LYS AA 226 -34.83 2.30 -28.67
N GLY AA 227 -34.77 1.79 -27.44
CA GLY AA 227 -33.90 0.66 -27.14
C GLY AA 227 -32.44 1.01 -27.33
N TYR AA 228 -31.61 -0.02 -27.31
CA TYR AA 228 -30.19 0.16 -27.47
C TYR AA 228 -29.62 -0.79 -28.52
N GLY AA 229 -30.48 -1.18 -29.46
CA GLY AA 229 -30.05 -2.09 -30.50
C GLY AA 229 -31.16 -2.79 -31.27
N THR AA 230 -31.78 -3.79 -30.64
CA THR AA 230 -32.82 -4.56 -31.29
C THR AA 230 -34.25 -4.17 -30.98
N GLN AA 231 -34.47 -3.48 -29.87
CA GLN AA 231 -35.82 -3.09 -29.48
C GLN AA 231 -36.48 -2.23 -30.56
N LYS AA 232 -37.76 -2.50 -30.84
CA LYS AA 232 -38.47 -1.76 -31.86
C LYS AA 232 -39.49 -0.75 -31.35
N ILE AA 233 -40.01 -0.92 -30.14
CA ILE AA 233 -41.00 0.03 -29.66
C ILE AA 233 -40.54 0.88 -28.48
N THR BA 1 -27.26 14.67 10.02
CA THR BA 1 -27.74 16.01 10.41
C THR BA 1 -28.55 16.69 9.30
N SER BA 2 -29.57 17.45 9.70
CA SER BA 2 -30.41 18.20 8.79
C SER BA 2 -30.69 19.57 9.41
N ILE BA 3 -30.12 20.60 8.78
CA ILE BA 3 -30.30 21.97 9.22
C ILE BA 3 -30.66 22.85 8.03
N MET BA 4 -31.42 23.92 8.28
CA MET BA 4 -31.82 24.83 7.21
C MET BA 4 -32.19 26.18 7.78
N ALA BA 5 -32.12 27.20 6.93
CA ALA BA 5 -32.48 28.54 7.34
C ALA BA 5 -33.32 29.15 6.22
N VAL BA 6 -34.46 29.74 6.58
CA VAL BA 6 -35.35 30.35 5.60
C VAL BA 6 -35.70 31.80 5.92
N THR BA 7 -35.51 32.68 4.95
CA THR BA 7 -35.84 34.09 5.14
C THR BA 7 -37.30 34.24 4.74
N PHE BA 8 -38.04 35.04 5.49
CA PHE BA 8 -39.44 35.27 5.16
C PHE BA 8 -39.80 36.73 5.41
N LYS BA 9 -41.05 37.07 5.17
CA LYS BA 9 -41.55 38.44 5.33
C LYS BA 9 -41.09 39.22 6.58
N ASP BA 10 -41.11 38.59 7.74
CA ASP BA 10 -40.74 39.29 8.97
C ASP BA 10 -39.30 39.10 9.47
N GLY BA 11 -38.54 38.27 8.78
CA GLY BA 11 -37.17 38.04 9.20
C GLY BA 11 -36.60 36.73 8.67
N VAL BA 12 -36.24 35.82 9.57
CA VAL BA 12 -35.68 34.52 9.19
C VAL BA 12 -35.88 33.47 10.28
N ILE BA 13 -35.93 32.20 9.88
CA ILE BA 13 -36.08 31.11 10.84
C ILE BA 13 -35.02 30.00 10.59
N LEU BA 14 -34.46 29.48 11.68
CA LEU BA 14 -33.46 28.41 11.58
C LEU BA 14 -34.07 27.14 12.16
N GLY BA 15 -33.82 26.02 11.48
CA GLY BA 15 -34.33 24.74 11.94
C GLY BA 15 -33.27 23.66 11.87
N ALA BA 16 -33.39 22.64 12.71
CA ALA BA 16 -32.44 21.55 12.74
C ALA BA 16 -32.98 20.32 13.47
N ASP BA 17 -32.45 19.15 13.15
CA ASP BA 17 -32.87 17.94 13.85
C ASP BA 17 -32.06 17.98 15.16
N SER BA 18 -32.10 16.94 15.97
CA SER BA 18 -31.33 16.96 17.22
C SER BA 18 -30.49 15.71 17.44
N ARG BA 19 -30.18 15.01 16.37
CA ARG BA 19 -29.40 13.79 16.47
C ARG BA 19 -27.93 13.93 16.08
N THR BA 20 -27.06 13.41 16.93
CA THR BA 20 -25.63 13.41 16.67
C THR BA 20 -25.19 11.98 16.92
N THR BA 21 -24.57 11.38 15.91
CA THR BA 21 -24.14 10.00 16.00
C THR BA 21 -22.64 9.80 15.83
N THR BA 22 -22.19 8.66 16.34
CA THR BA 22 -20.81 8.22 16.19
C THR BA 22 -21.06 6.85 15.54
N GLY BA 23 -21.01 6.82 14.22
CA GLY BA 23 -21.30 5.60 13.52
C GLY BA 23 -22.82 5.40 13.53
N ALA BA 24 -23.26 4.24 13.98
CA ALA BA 24 -24.68 3.96 14.02
C ALA BA 24 -25.28 4.24 15.39
N TYR BA 25 -24.43 4.62 16.34
CA TYR BA 25 -24.92 4.89 17.69
C TYR BA 25 -25.30 6.36 17.81
N ILE BA 26 -26.48 6.62 18.37
CA ILE BA 26 -26.91 8.00 18.55
C ILE BA 26 -26.35 8.44 19.89
N ALA BA 27 -25.26 9.19 19.82
CA ALA BA 27 -24.58 9.68 21.01
C ALA BA 27 -25.42 10.67 21.80
N ASN BA 28 -26.13 11.53 21.08
CA ASN BA 28 -26.97 12.53 21.68
C ASN BA 28 -28.24 12.61 20.82
N ARG BA 29 -29.41 12.51 21.44
CA ARG BA 29 -30.64 12.58 20.67
C ARG BA 29 -31.41 13.88 20.88
N VAL BA 30 -30.91 14.74 21.77
CA VAL BA 30 -31.57 16.01 22.04
C VAL BA 30 -30.57 17.15 21.86
N THR BA 31 -29.72 17.02 20.85
CA THR BA 31 -28.72 18.02 20.53
C THR BA 31 -29.32 19.34 20.05
N ASP BA 32 -28.64 20.45 20.37
CA ASP BA 32 -29.09 21.76 19.93
C ASP BA 32 -28.08 22.28 18.92
N LYS BA 33 -28.41 22.14 17.63
CA LYS BA 33 -27.53 22.55 16.54
C LYS BA 33 -27.74 24.00 16.11
N LEU BA 34 -28.63 24.69 16.83
CA LEU BA 34 -28.93 26.11 16.57
C LEU BA 34 -28.10 26.90 17.57
N THR BA 35 -27.01 27.48 17.09
CA THR BA 35 -26.09 28.22 17.92
C THR BA 35 -26.14 29.74 17.78
N ARG BA 36 -26.05 30.41 18.91
CA ARG BA 36 -26.10 31.87 18.96
C ARG BA 36 -24.72 32.52 18.94
N VAL BA 37 -24.46 33.39 17.97
CA VAL BA 37 -23.17 34.07 17.92
C VAL BA 37 -23.33 35.54 18.32
N HIS BA 38 -24.58 36.01 18.30
CA HIS BA 38 -24.91 37.37 18.67
C HIS BA 38 -26.40 37.40 18.95
N ASP BA 39 -26.90 38.50 19.48
CA ASP BA 39 -28.33 38.60 19.80
C ASP BA 39 -29.26 38.15 18.69
N LYS BA 40 -29.07 38.67 17.49
CA LYS BA 40 -29.93 38.25 16.41
C LYS BA 40 -29.20 37.69 15.20
N ILE BA 41 -28.12 36.98 15.48
CA ILE BA 41 -27.33 36.31 14.45
C ILE BA 41 -27.03 34.92 15.01
N TRP BA 42 -27.64 33.89 14.43
CA TRP BA 42 -27.44 32.51 14.85
C TRP BA 42 -26.90 31.70 13.68
N CYS BA 43 -26.53 30.45 13.95
CA CYS BA 43 -26.01 29.58 12.90
C CYS BA 43 -26.48 28.15 13.08
N CYS BA 44 -26.45 27.40 11.99
CA CYS BA 44 -26.82 26.00 12.00
C CYS BA 44 -25.51 25.28 11.78
N ARG BA 45 -25.21 24.32 12.65
CA ARG BA 45 -23.97 23.59 12.58
C ARG BA 45 -24.03 22.17 11.99
N SER BA 46 -23.19 21.91 10.99
CA SER BA 46 -23.09 20.59 10.35
C SER BA 46 -21.59 20.28 10.17
N GLY BA 47 -21.25 19.00 10.21
CA GLY BA 47 -19.85 18.61 10.10
C GLY BA 47 -19.35 18.16 11.46
N SER BA 48 -18.04 18.24 11.69
CA SER BA 48 -17.48 17.84 12.97
C SER BA 48 -18.02 18.73 14.09
N ALA BA 49 -18.60 18.12 15.11
CA ALA BA 49 -19.14 18.88 16.24
C ALA BA 49 -18.00 19.63 16.90
N ALA BA 50 -16.88 18.95 17.11
CA ALA BA 50 -15.72 19.57 17.73
C ALA BA 50 -15.33 20.79 16.91
N ASP BA 51 -15.24 20.60 15.60
CA ASP BA 51 -14.87 21.69 14.70
C ASP BA 51 -15.86 22.84 14.72
N THR BA 52 -17.12 22.59 14.36
CA THR BA 52 -18.10 23.67 14.33
C THR BA 52 -18.25 24.39 15.67
N GLN BA 53 -18.25 23.66 16.78
CA GLN BA 53 -18.36 24.26 18.09
C GLN BA 53 -17.19 25.23 18.33
N ALA BA 54 -15.96 24.77 18.07
CA ALA BA 54 -14.79 25.61 18.26
C ALA BA 54 -14.87 26.84 17.37
N ILE BA 55 -15.36 26.66 16.15
CA ILE BA 55 -15.50 27.77 15.21
C ILE BA 55 -16.53 28.76 15.73
N ALA BA 56 -17.72 28.27 16.04
CA ALA BA 56 -18.78 29.12 16.56
C ALA BA 56 -18.29 29.89 17.78
N ASP BA 57 -17.66 29.17 18.72
CA ASP BA 57 -17.15 29.78 19.94
C ASP BA 57 -16.23 30.96 19.64
N ILE BA 58 -15.41 30.85 18.61
CA ILE BA 58 -14.50 31.94 18.26
C ILE BA 58 -15.24 33.10 17.57
N VAL BA 59 -16.18 32.77 16.70
CA VAL BA 59 -16.94 33.82 16.03
C VAL BA 59 -17.63 34.67 17.10
N GLN BA 60 -18.31 34.01 18.02
CA GLN BA 60 -18.98 34.70 19.09
C GLN BA 60 -18.04 35.67 19.81
N TYR BA 61 -16.83 35.22 20.08
CA TYR BA 61 -15.82 36.04 20.72
C TYR BA 61 -15.53 37.24 19.83
N HIS BA 62 -15.25 36.98 18.56
CA HIS BA 62 -14.95 38.05 17.59
C HIS BA 62 -16.05 39.07 17.42
N LEU BA 63 -17.30 38.63 17.45
CA LEU BA 63 -18.40 39.57 17.32
C LEU BA 63 -18.63 40.36 18.61
N GLU BA 64 -18.40 39.73 19.77
CA GLU BA 64 -18.56 40.42 21.03
C GLU BA 64 -17.55 41.57 21.12
N LEU BA 65 -16.33 41.32 20.66
CA LEU BA 65 -15.29 42.34 20.70
C LEU BA 65 -15.62 43.40 19.68
N TYR BA 66 -16.08 42.97 18.52
CA TYR BA 66 -16.49 43.89 17.44
C TYR BA 66 -17.53 44.88 18.00
N THR BA 67 -18.47 44.35 18.77
CA THR BA 67 -19.49 45.19 19.36
C THR BA 67 -18.85 46.21 20.30
N SER BA 68 -18.03 45.75 21.24
CA SER BA 68 -17.36 46.64 22.17
C SER BA 68 -16.74 47.84 21.50
N GLN BA 69 -16.22 47.64 20.29
CA GLN BA 69 -15.56 48.72 19.59
C GLN BA 69 -16.33 49.43 18.49
N TYR BA 70 -17.11 48.71 17.69
CA TYR BA 70 -17.81 49.37 16.59
C TYR BA 70 -19.31 49.21 16.58
N GLY BA 71 -19.86 48.74 17.70
CA GLY BA 71 -21.28 48.55 17.78
C GLY BA 71 -21.76 47.24 17.18
N THR BA 72 -23.07 47.18 16.93
CA THR BA 72 -23.67 45.99 16.40
C THR BA 72 -23.15 45.63 15.02
N PRO BA 73 -22.76 44.35 14.83
CA PRO BA 73 -22.23 43.80 13.59
C PRO BA 73 -23.37 43.38 12.66
N SER BA 74 -23.16 43.47 11.35
CA SER BA 74 -24.19 43.06 10.41
C SER BA 74 -24.17 41.56 10.28
N THR BA 75 -25.18 41.00 9.62
CA THR BA 75 -25.23 39.56 9.42
C THR BA 75 -24.11 39.22 8.45
N GLU BA 76 -23.92 40.08 7.47
CA GLU BA 76 -22.88 39.90 6.47
C GLU BA 76 -21.51 39.79 7.12
N THR BA 77 -21.27 40.61 8.14
CA THR BA 77 -19.99 40.59 8.84
C THR BA 77 -19.78 39.25 9.55
N ALA BA 78 -20.83 38.75 10.21
CA ALA BA 78 -20.74 37.48 10.92
C ALA BA 78 -20.41 36.36 9.94
N ALA BA 79 -21.09 36.33 8.80
CA ALA BA 79 -20.81 35.29 7.83
C ALA BA 79 -19.36 35.44 7.37
N SER BA 80 -18.87 36.67 7.33
CA SER BA 80 -17.50 36.93 6.90
C SER BA 80 -16.48 36.33 7.86
N VAL BA 81 -16.73 36.47 9.15
CA VAL BA 81 -15.84 35.93 10.16
C VAL BA 81 -15.87 34.40 10.10
N PHE BA 82 -17.06 33.82 9.88
CA PHE BA 82 -17.17 32.38 9.79
C PHE BA 82 -16.37 31.93 8.59
N LYS BA 83 -16.60 32.58 7.45
CA LYS BA 83 -15.91 32.24 6.22
C LYS BA 83 -14.40 32.35 6.36
N GLU BA 84 -13.95 33.43 6.95
CA GLU BA 84 -12.52 33.62 7.12
C GLU BA 84 -11.94 32.39 7.83
N LEU BA 85 -12.55 31.99 8.93
CA LEU BA 85 -12.11 30.82 9.70
C LEU BA 85 -12.20 29.52 8.90
N CYS BA 86 -13.34 29.27 8.28
CA CYS BA 86 -13.55 28.05 7.52
C CYS BA 86 -12.67 27.91 6.29
N TYR BA 87 -12.34 29.02 5.65
CA TYR BA 87 -11.51 28.97 4.44
C TYR BA 87 -10.03 28.85 4.76
N GLU BA 88 -9.55 29.75 5.60
CA GLU BA 88 -8.16 29.79 6.01
C GLU BA 88 -7.71 28.48 6.68
N ASN BA 89 -8.66 27.73 7.23
CA ASN BA 89 -8.35 26.47 7.89
C ASN BA 89 -9.05 25.28 7.24
N LYS BA 90 -9.36 25.40 5.95
CA LYS BA 90 -10.07 24.36 5.22
C LYS BA 90 -9.45 22.97 5.32
N ASP BA 91 -8.13 22.91 5.44
CA ASP BA 91 -7.44 21.63 5.53
C ASP BA 91 -7.57 20.88 6.86
N ASN BA 92 -8.01 21.58 7.90
CA ASN BA 92 -8.16 20.93 9.21
C ASN BA 92 -9.56 21.06 9.78
N LEU BA 93 -10.52 21.41 8.94
CA LEU BA 93 -11.87 21.54 9.42
C LEU BA 93 -12.84 20.78 8.55
N THR BA 94 -13.93 20.38 9.17
CA THR BA 94 -15.01 19.67 8.52
C THR BA 94 -16.24 20.34 9.08
N ALA BA 95 -16.50 21.56 8.60
CA ALA BA 95 -17.63 22.34 9.06
C ALA BA 95 -18.45 22.92 7.91
N GLY BA 96 -19.75 22.68 7.96
CA GLY BA 96 -20.67 23.20 6.97
C GLY BA 96 -21.62 24.02 7.81
N ILE BA 97 -21.47 25.34 7.75
CA ILE BA 97 -22.28 26.22 8.57
C ILE BA 97 -23.29 27.11 7.84
N ILE BA 98 -24.47 27.28 8.42
CA ILE BA 98 -25.46 28.19 7.84
C ILE BA 98 -25.61 29.39 8.76
N VAL BA 99 -25.39 30.59 8.24
CA VAL BA 99 -25.53 31.81 9.04
C VAL BA 99 -26.85 32.52 8.74
N ALA BA 100 -27.64 32.78 9.78
CA ALA BA 100 -28.91 33.44 9.63
C ALA BA 100 -29.01 34.55 10.65
N GLY BA 101 -29.46 35.73 10.21
CA GLY BA 101 -29.58 36.83 11.14
C GLY BA 101 -30.68 37.80 10.74
N TYR BA 102 -31.15 38.58 11.71
CA TYR BA 102 -32.19 39.57 11.47
C TYR BA 102 -31.67 40.98 11.67
N ASP BA 103 -31.83 41.78 10.64
CA ASP BA 103 -31.39 43.16 10.62
C ASP BA 103 -32.63 43.99 10.32
N ASP BA 104 -32.78 45.11 11.00
CA ASP BA 104 -33.95 45.97 10.80
C ASP BA 104 -34.04 46.57 9.41
N LYS BA 105 -32.88 46.79 8.79
CA LYS BA 105 -32.82 47.36 7.47
C LYS BA 105 -32.97 46.27 6.40
N ASN BA 106 -32.30 45.15 6.60
CA ASN BA 106 -32.34 44.04 5.64
C ASN BA 106 -33.34 42.94 5.95
N LYS BA 107 -34.04 43.05 7.08
CA LYS BA 107 -35.02 42.02 7.45
C LYS BA 107 -34.23 40.75 7.81
N GLY BA 108 -34.42 39.68 7.05
CA GLY BA 108 -33.68 38.46 7.34
C GLY BA 108 -32.69 38.13 6.24
N GLU BA 109 -31.52 37.63 6.61
CA GLU BA 109 -30.53 37.25 5.62
C GLU BA 109 -30.02 35.85 5.91
N VAL BA 110 -29.57 35.15 4.88
CA VAL BA 110 -29.05 33.80 5.05
C VAL BA 110 -27.80 33.58 4.20
N TYR BA 111 -26.72 33.19 4.87
CA TYR BA 111 -25.44 32.90 4.22
C TYR BA 111 -25.06 31.46 4.53
N THR BA 112 -24.70 30.73 3.49
CA THR BA 112 -24.30 29.35 3.66
C THR BA 112 -22.79 29.23 3.37
N ILE BA 113 -22.07 28.60 4.29
CA ILE BA 113 -20.63 28.36 4.15
C ILE BA 113 -20.43 26.84 4.04
N PRO BA 114 -20.28 26.32 2.81
CA PRO BA 114 -20.08 24.89 2.63
C PRO BA 114 -18.64 24.47 2.93
N LEU BA 115 -18.36 23.19 2.75
CA LEU BA 115 -17.05 22.64 3.03
C LEU BA 115 -15.84 23.38 2.48
N GLY BA 116 -15.89 23.88 1.26
CA GLY BA 116 -14.69 24.57 0.78
C GLY BA 116 -14.28 25.84 1.53
N GLY BA 117 -15.24 26.53 2.14
CA GLY BA 117 -14.94 27.76 2.83
C GLY BA 117 -15.42 28.95 2.01
N SER BA 118 -16.28 28.68 1.03
CA SER BA 118 -16.84 29.74 0.20
C SER BA 118 -18.11 30.25 0.87
N VAL BA 119 -18.62 31.39 0.42
CA VAL BA 119 -19.84 31.95 1.01
C VAL BA 119 -20.88 32.12 -0.06
N HIS BA 120 -22.12 31.87 0.32
CA HIS BA 120 -23.23 32.01 -0.61
C HIS BA 120 -24.43 32.57 0.14
N LYS BA 121 -24.90 33.73 -0.32
CA LYS BA 121 -26.06 34.37 0.29
C LYS BA 121 -27.26 33.88 -0.49
N LEU BA 122 -28.27 33.40 0.20
CA LEU BA 122 -29.44 32.86 -0.47
C LEU BA 122 -30.73 33.19 0.27
N PRO BA 123 -31.89 32.94 -0.37
CA PRO BA 123 -33.20 33.21 0.22
C PRO BA 123 -33.42 32.22 1.36
N TYR BA 124 -32.81 31.05 1.20
CA TYR BA 124 -32.86 30.00 2.19
C TYR BA 124 -31.80 29.00 1.78
N ALA BA 125 -31.37 28.17 2.73
CA ALA BA 125 -30.35 27.18 2.44
C ALA BA 125 -30.58 25.97 3.28
N ILE BA 126 -30.13 24.84 2.77
CA ILE BA 126 -30.23 23.57 3.49
C ILE BA 126 -28.88 22.88 3.46
N ALA BA 127 -28.59 22.11 4.49
CA ALA BA 127 -27.32 21.41 4.56
C ALA BA 127 -27.38 20.20 5.50
N GLY BA 128 -26.26 19.50 5.63
CA GLY BA 128 -26.23 18.32 6.49
C GLY BA 128 -26.55 17.07 5.67
N SER BA 129 -26.27 15.90 6.24
CA SER BA 129 -26.51 14.65 5.53
C SER BA 129 -27.93 14.53 4.98
N GLY BA 130 -28.93 14.87 5.81
CA GLY BA 130 -30.32 14.76 5.39
C GLY BA 130 -30.78 15.71 4.29
N SER BA 131 -30.06 16.79 4.11
CA SER BA 131 -30.43 17.77 3.09
C SER BA 131 -30.59 17.21 1.67
N THR BA 132 -29.76 16.24 1.30
CA THR BA 132 -29.83 15.68 -0.06
C THR BA 132 -31.21 15.15 -0.42
N PHE BA 133 -31.91 14.62 0.59
CA PHE BA 133 -33.22 14.06 0.38
C PHE BA 133 -34.33 15.08 0.23
N ILE BA 134 -34.05 16.33 0.59
CA ILE BA 134 -35.09 17.32 0.49
C ILE BA 134 -34.82 18.45 -0.50
N TYR BA 135 -33.90 18.24 -1.43
CA TYR BA 135 -33.61 19.28 -2.42
C TYR BA 135 -34.86 19.50 -3.27
N GLY BA 136 -35.37 18.44 -3.87
CA GLY BA 136 -36.55 18.54 -4.71
C GLY BA 136 -37.72 19.12 -3.95
N TYR BA 137 -38.02 18.57 -2.77
CA TYR BA 137 -39.13 19.06 -1.96
C TYR BA 137 -39.03 20.56 -1.67
N CYS BA 138 -37.88 21.00 -1.18
CA CYS BA 138 -37.66 22.41 -0.86
C CYS BA 138 -37.70 23.34 -2.07
N ASP BA 139 -37.17 22.90 -3.19
CA ASP BA 139 -37.18 23.74 -4.38
C ASP BA 139 -38.60 23.93 -4.89
N LYS BA 140 -39.45 22.96 -4.64
CA LYS BA 140 -40.83 23.04 -5.09
C LYS BA 140 -41.80 23.65 -4.08
N ASN BA 141 -41.36 23.87 -2.85
CA ASN BA 141 -42.26 24.44 -1.84
C ASN BA 141 -41.81 25.75 -1.24
N PHE BA 142 -40.64 26.23 -1.61
CA PHE BA 142 -40.20 27.48 -1.05
C PHE BA 142 -40.78 28.63 -1.84
N ARG BA 143 -41.08 29.71 -1.12
CA ARG BA 143 -41.64 30.91 -1.71
C ARG BA 143 -41.03 32.04 -0.92
N GLU BA 144 -40.80 33.17 -1.57
CA GLU BA 144 -40.24 34.30 -0.86
C GLU BA 144 -41.31 35.08 -0.13
N ASN BA 145 -40.94 35.62 1.03
CA ASN BA 145 -41.86 36.41 1.83
C ASN BA 145 -43.09 35.69 2.35
N MET BA 146 -42.91 34.47 2.81
CA MET BA 146 -44.01 33.72 3.39
C MET BA 146 -44.21 34.35 4.77
N SER BA 147 -45.24 33.92 5.49
CA SER BA 147 -45.50 34.46 6.81
C SER BA 147 -44.84 33.54 7.82
N LYS BA 148 -44.79 33.95 9.08
CA LYS BA 148 -44.19 33.12 10.10
C LYS BA 148 -44.79 31.71 10.08
N GLU BA 149 -46.12 31.63 10.06
CA GLU BA 149 -46.80 30.33 10.05
C GLU BA 149 -46.40 29.47 8.85
N GLU BA 150 -46.48 30.06 7.65
CA GLU BA 150 -46.12 29.34 6.43
C GLU BA 150 -44.70 28.82 6.50
N THR BA 151 -43.79 29.68 6.93
CA THR BA 151 -42.37 29.33 7.03
C THR BA 151 -42.13 28.22 8.04
N VAL BA 152 -42.70 28.34 9.24
CA VAL BA 152 -42.53 27.31 10.25
C VAL BA 152 -43.03 25.98 9.69
N ASP BA 153 -44.09 26.03 8.89
CA ASP BA 153 -44.64 24.81 8.29
C ASP BA 153 -43.67 24.23 7.27
N PHE BA 154 -43.14 25.08 6.40
CA PHE BA 154 -42.20 24.67 5.37
C PHE BA 154 -41.00 23.97 5.99
N ILE BA 155 -40.45 24.56 7.04
CA ILE BA 155 -39.30 23.98 7.72
C ILE BA 155 -39.68 22.67 8.41
N LYS BA 156 -40.84 22.65 9.06
CA LYS BA 156 -41.28 21.44 9.73
C LYS BA 156 -41.49 20.27 8.77
N HIS BA 157 -41.96 20.57 7.56
CA HIS BA 157 -42.20 19.53 6.57
C HIS BA 157 -40.89 19.05 5.96
N SER BA 158 -40.05 20.00 5.58
CA SER BA 158 -38.78 19.65 4.99
C SER BA 158 -37.98 18.75 5.92
N LEU BA 159 -37.71 19.25 7.13
CA LEU BA 159 -36.93 18.48 8.09
C LEU BA 159 -37.57 17.17 8.51
N SER BA 160 -38.89 17.11 8.57
CA SER BA 160 -39.50 15.84 8.96
C SER BA 160 -39.20 14.81 7.86
N GLN BA 161 -39.09 15.28 6.62
CA GLN BA 161 -38.78 14.38 5.53
C GLN BA 161 -37.31 13.98 5.59
N ALA BA 162 -36.45 14.95 5.87
CA ALA BA 162 -35.03 14.68 5.99
C ALA BA 162 -34.88 13.62 7.09
N ILE BA 163 -35.49 13.85 8.25
CA ILE BA 163 -35.41 12.89 9.34
C ILE BA 163 -35.91 11.53 8.87
N LYS BA 164 -36.96 11.54 8.07
CA LYS BA 164 -37.55 10.30 7.59
C LYS BA 164 -36.63 9.37 6.81
N TRP BA 165 -35.86 9.95 5.91
CA TRP BA 165 -34.98 9.16 5.06
C TRP BA 165 -33.54 9.04 5.55
N ASP BA 166 -33.02 10.10 6.19
CA ASP BA 166 -31.65 10.07 6.68
C ASP BA 166 -31.48 9.54 8.11
N GLY BA 167 -30.85 8.37 8.22
CA GLY BA 167 -30.64 7.76 9.51
C GLY BA 167 -29.77 8.61 10.40
N SER BA 168 -29.06 9.56 9.80
CA SER BA 168 -28.19 10.45 10.57
C SER BA 168 -28.92 11.63 11.20
N SER BA 169 -30.21 11.76 10.90
CA SER BA 169 -31.01 12.85 11.43
C SER BA 169 -32.15 12.25 12.25
N GLY BA 170 -32.71 13.05 13.16
CA GLY BA 170 -33.80 12.56 13.97
C GLY BA 170 -33.97 13.28 15.30
N GLY BA 171 -34.82 12.71 16.16
CA GLY BA 171 -35.08 13.30 17.46
C GLY BA 171 -36.18 14.33 17.33
N VAL BA 172 -35.91 15.55 17.77
CA VAL BA 172 -36.90 16.61 17.70
C VAL BA 172 -36.45 17.63 16.67
N ILE BA 173 -37.39 18.46 16.22
CA ILE BA 173 -37.03 19.51 15.27
C ILE BA 173 -36.99 20.79 16.11
N ARG BA 174 -35.85 21.47 16.11
CA ARG BA 174 -35.71 22.72 16.84
C ARG BA 174 -35.75 23.89 15.87
N MET BA 175 -36.35 24.98 16.30
CA MET BA 175 -36.41 26.16 15.45
C MET BA 175 -36.14 27.40 16.28
N VAL BA 176 -35.64 28.43 15.61
CA VAL BA 176 -35.34 29.69 16.26
C VAL BA 176 -35.82 30.78 15.32
N VAL BA 177 -36.75 31.61 15.82
CA VAL BA 177 -37.32 32.68 15.01
C VAL BA 177 -36.66 34.01 15.28
N LEU BA 178 -36.09 34.59 14.23
CA LEU BA 178 -35.40 35.88 14.32
C LEU BA 178 -36.15 36.97 13.57
N THR BA 179 -36.75 37.87 14.34
CA THR BA 179 -37.51 38.99 13.79
C THR BA 179 -37.29 40.25 14.63
N ALA BA 180 -37.93 41.34 14.25
CA ALA BA 180 -37.80 42.58 14.99
C ALA BA 180 -38.46 42.43 16.35
N ALA BA 181 -39.37 41.47 16.46
CA ALA BA 181 -40.08 41.24 17.71
C ALA BA 181 -39.25 40.56 18.78
N GLY BA 182 -38.10 40.00 18.41
CA GLY BA 182 -37.26 39.32 19.37
C GLY BA 182 -36.77 37.98 18.86
N VAL BA 183 -36.52 37.06 19.79
CA VAL BA 183 -36.03 35.72 19.44
C VAL BA 183 -36.96 34.68 20.03
N GLU BA 184 -37.39 33.71 19.22
CA GLU BA 184 -38.29 32.69 19.70
C GLU BA 184 -37.83 31.26 19.39
N ARG BA 185 -37.85 30.44 20.43
CA ARG BA 185 -37.45 29.04 20.34
C ARG BA 185 -38.65 28.12 20.14
N LEU BA 186 -38.62 27.30 19.09
CA LEU BA 186 -39.70 26.37 18.83
C LEU BA 186 -39.15 24.95 18.96
N ILE BA 187 -40.00 24.01 19.37
CA ILE BA 187 -39.61 22.61 19.52
C ILE BA 187 -40.77 21.74 19.04
N PHE BA 188 -40.47 20.76 18.19
CA PHE BA 188 -41.51 19.86 17.67
C PHE BA 188 -41.06 18.43 17.86
N TYR BA 189 -41.92 17.65 18.50
CA TYR BA 189 -41.61 16.27 18.79
C TYR BA 189 -42.04 15.32 17.68
N PRO BA 190 -41.47 14.11 17.65
CA PRO BA 190 -41.77 13.09 16.65
C PRO BA 190 -43.25 12.93 16.38
N ASP BA 191 -44.01 12.57 17.40
CA ASP BA 191 -45.45 12.37 17.26
C ASP BA 191 -46.14 13.47 16.47
N GLU BA 192 -45.53 14.66 16.42
CA GLU BA 192 -46.15 15.71 15.64
C GLU BA 192 -45.71 15.74 14.20
N TYR BA 193 -44.41 15.94 13.97
CA TYR BA 193 -43.90 16.03 12.60
C TYR BA 193 -43.86 14.73 11.83
N GLU BA 194 -43.88 13.60 12.52
CA GLU BA 194 -43.85 12.31 11.82
C GLU BA 194 -45.06 12.09 10.93
N GLN BA 195 -46.25 12.38 11.43
CA GLN BA 195 -47.47 12.17 10.66
C GLN BA 195 -47.84 13.32 9.72
N LEU BA 196 -46.92 14.25 9.49
CA LEU BA 196 -47.17 15.38 8.61
C LEU BA 196 -47.14 14.94 7.14
C1 SLA CA . -5.20 6.03 -30.37
C2 SLA CA . -4.34 5.38 -29.23
C3 SLA CA . -5.11 4.10 -29.02
N4 SLA CA . -5.93 3.85 -30.06
C5 SLA CA . -5.91 4.85 -31.15
C6 SLA CA . -7.32 5.26 -31.54
O7 SLA CA . -8.28 4.76 -30.95
O8 SLA CA . -6.23 6.94 -29.83
C9 SLA CA . -4.23 6.25 -27.93
O10 SLA CA . -4.98 3.38 -28.03
C11 SLA CA . -5.07 4.34 -32.41
O12 SLA CA . -3.78 3.86 -31.97
C13 SLA CA . -5.80 3.22 -33.30
C14 SLA CA . -4.92 2.76 -34.50
C15 SLA CA . -6.21 1.93 -32.51
C1 SLA DA . 11.22 -22.23 17.71
C2 SLA DA . 10.20 -21.21 17.08
C3 SLA DA . 9.73 -21.99 15.88
N4 SLA DA . 10.09 -23.28 15.98
C5 SLA DA . 10.85 -23.66 17.17
C6 SLA DA . 12.12 -24.40 16.80
O7 SLA DA . 12.40 -24.60 15.62
O8 SLA DA . 12.60 -21.93 17.29
C9 SLA DA . 10.80 -19.83 16.65
O10 SLA DA . 9.09 -21.50 14.95
C11 SLA DA . 9.95 -24.48 18.21
O12 SLA DA . 8.70 -23.80 18.35
C13 SLA DA . 9.69 -26.01 17.83
C14 SLA DA . 8.77 -26.71 18.88
C15 SLA DA . 9.04 -26.23 16.45
C1 SLA EA . -11.02 0.90 29.38
C2 SLA EA . -9.85 0.68 28.36
C3 SLA EA . -9.42 2.12 28.11
N4 SLA EA . -9.91 2.92 29.07
C5 SLA EA . -10.73 2.28 30.12
C6 SLA EA . -12.04 3.02 30.34
O7 SLA EA . -12.27 4.02 29.69
O8 SLA EA . -12.31 0.99 28.70
C9 SLA EA . -10.26 -0.06 27.04
O10 SLA EA . -8.72 2.48 27.18
C11 SLA EA . -9.90 2.07 31.49
O12 SLA EA . -8.62 1.45 31.20
C13 SLA EA . -9.69 3.42 32.35
C14 SLA EA . -8.89 3.16 33.66
C15 SLA EA . -8.97 4.56 31.57
C1 SLA FA . 25.53 6.48 -15.47
C2 SLA FA . 24.04 6.55 -14.97
C3 SLA FA . 24.16 7.48 -13.81
N4 SLA FA . 25.34 8.10 -13.82
C5 SLA FA . 26.26 7.77 -14.91
C6 SLA FA . 27.62 7.38 -14.38
O7 SLA FA . 27.83 7.38 -13.17
O8 SLA FA . 26.22 5.31 -14.96
C9 SLA FA . 23.42 5.17 -14.53
O10 SLA FA . 23.27 7.65 -12.97
C11 SLA FA . 26.34 8.95 -15.99
O12 SLA FA . 25.00 9.40 -16.28
C13 SLA FA . 27.26 10.20 -15.58
C14 SLA FA . 27.24 11.29 -16.69
C15 SLA FA . 26.81 10.90 -14.26
#